data_5IKN
#
_entry.id   5IKN
#
_cell.length_a   174.866
_cell.length_b   238.091
_cell.length_c   243.466
_cell.angle_alpha   90.000
_cell.angle_beta   90.000
_cell.angle_gamma   90.000
#
_symmetry.space_group_name_H-M   'P 21 21 21'
#
loop_
_entity.id
_entity.type
_entity.pdbx_description
1 polymer 'DNA-directed DNA polymerase'
2 polymer 'DNA primase/helicase'
3 polymer Thioredoxin-1
#
loop_
_entity_poly.entity_id
_entity_poly.type
_entity_poly.pdbx_seq_one_letter_code
_entity_poly.pdbx_strand_id
1 'polypeptide(L)'
;MIVSAIAANALLESVTKFHCGVIYDYSTAEYVSYRPSDFGAYLDALEAEVARGGLIVFHNGHKYDVPALTKLAKLQLNRE
FHLPRENCIDTLVLSRLIHSNLKDTDMGLLRSGKLPGKRFGSHALEAWGYRLGEMKGEYKDDFKRMLEEQGEEYVDGMEW
WNFNEEMMDYNVQDVVVTKALLEKLLSDKHYFPPEIDFTDVGYTTFWSESLEAVDIEHRAAWLLAKQERNGFPFDTKAIE
ELYVELAARRSELLRKLTETFGSWYQPKGGTEMFCHPRTGKPLPKYPRIKTPKVGGIFKKPKNKAQREGREPCELDTREY
VAGAPYTPVEHVVFNPSSRDHIQKKLQEAGWVPTKYTDKGAPVVDDEVLEGVRVDDPEKQAAIDLIKEYLMIQKRIGQSA
EGDKAWLRYVAEDGKIHGSVNPNGAVTGRATHAFPNLAQIPGVRSPYGEQCRAAFGAEHHLDGITGKPWVQAGIDASGLE
LRCLAHFMARFDNGEYAHEILNGDIHTKNQIAAELPTRDNAKTFIYGFLYGAGDEKIGQIVGAGKERGKELKKKFLENTP
AIAALRESIQQTLVESSQWVAGEQQVKWKRRWIKGLDGRKVHVRSPHAALNTLLQSAGALICKLWIIKTEEMLVEKGLKH
GWDGDFAYMAWVHDEIQVGCRTEEIAQVVIETAQEAMRWVGDHWNFRCLLDTEGKMGPNWAICH
;
A,B,C
2 'polypeptide(L)'
;MTYNVWNFGESNGRYSALTARGISKETCQKAGYWIAKVDGVMYQVADYRDQNGNIVSQKVRDKDKNFKTTGSHKSDALFG
KHLWNGGKKIVVTEGEIDMLTVMELQDCKYPVVSLGHGASAAKKTCAANYEYFDQFEQIILMFDMDEAGRKAVEEAAQVL
PAGKVRVAVLPCKDANECHLNGHDREIMEQVWNAGPWIPDGVVSALSLRERIREHLSSEESVGLLFSGCTGINDKTLGAR
GGEVIMVTSGSGMGKSTFVRQQALQWGTAMGKKVGLAMLEESVEETAEDLIGLHNRVRLRQSDSLKREIIENGKFDQWFD
ELFGNDTFHLYDSFAEAETDRLLAKLAYMRSGLGCDVIILDHISIVVSASGESDERKMIDNLMTKLKGFAKSTGVVLVVI
CHLKNPDKGKAHEEGRPVSITDLRGSGALRQLSDTIIALERNQQGDMPNLVLVRILKCRFTGDTGIAGYMEYNKETGWLE
PSSYSG
;
D,E,F,G,H,I,J
3 'polypeptide(L)'
;KIIHLTDDSFDTDVLKADGAILVDFWAEWCGPCKMIAPILDEIADEYQGKLTVAKLNIDQNPGTAPKYGIRGIPTLLLFK
NGEVAATKVGALSKGQLKEFLDANL
;
K,L,M
#
# COMPACT_ATOMS: atom_id res chain seq x y z
N MET A 1 48.06 16.56 -72.19
CA MET A 1 46.95 16.84 -73.08
C MET A 1 47.42 17.19 -74.50
N ILE A 2 46.81 16.55 -75.50
CA ILE A 2 47.12 16.79 -76.91
C ILE A 2 45.87 17.30 -77.63
N VAL A 3 46.10 18.06 -78.71
CA VAL A 3 45.04 18.66 -79.51
C VAL A 3 45.20 18.18 -80.95
N SER A 4 44.09 17.75 -81.56
CA SER A 4 44.15 17.21 -82.92
C SER A 4 42.85 17.47 -83.67
N ALA A 5 42.90 17.20 -84.98
CA ALA A 5 41.76 17.25 -85.90
C ALA A 5 42.15 16.47 -87.15
N ILE A 6 41.16 15.81 -87.77
CA ILE A 6 41.45 14.87 -88.86
C ILE A 6 40.77 15.33 -90.15
N ALA A 7 41.08 14.60 -91.22
CA ALA A 7 40.53 14.82 -92.56
C ALA A 7 40.22 13.46 -93.17
N ALA A 8 38.96 13.25 -93.53
CA ALA A 8 38.51 12.01 -94.15
C ALA A 8 37.96 12.29 -95.55
N ASN A 9 37.50 11.23 -96.21
CA ASN A 9 36.99 11.38 -97.58
C ASN A 9 35.54 11.84 -97.62
N ALA A 10 34.76 11.49 -96.61
CA ALA A 10 33.34 11.83 -96.62
C ALA A 10 32.85 11.83 -95.18
N LEU A 11 31.53 11.68 -95.01
CA LEU A 11 30.89 11.71 -93.71
C LEU A 11 30.86 10.31 -93.10
N LEU A 12 30.29 10.22 -91.89
CA LEU A 12 30.32 8.97 -91.13
C LEU A 12 29.64 7.83 -91.87
N GLU A 13 28.71 8.13 -92.78
CA GLU A 13 27.96 7.08 -93.46
C GLU A 13 28.84 6.31 -94.43
N SER A 14 29.64 7.00 -95.22
CA SER A 14 30.37 6.37 -96.32
C SER A 14 31.85 6.75 -96.31
N VAL A 15 32.39 7.08 -95.14
CA VAL A 15 33.82 7.36 -95.03
C VAL A 15 34.59 6.08 -95.29
N THR A 16 35.62 6.17 -96.12
CA THR A 16 36.41 4.98 -96.46
C THR A 16 37.90 5.13 -96.21
N LYS A 17 38.46 6.33 -96.40
CA LYS A 17 39.89 6.52 -96.28
C LYS A 17 40.20 7.73 -95.41
N PHE A 18 41.28 7.62 -94.64
CA PHE A 18 41.80 8.70 -93.82
C PHE A 18 42.83 9.49 -94.62
N HIS A 19 42.66 10.81 -94.69
CA HIS A 19 43.63 11.63 -95.42
C HIS A 19 44.78 12.04 -94.50
N CYS A 20 44.58 13.06 -93.69
CA CYS A 20 45.64 13.59 -92.86
C CYS A 20 45.09 14.00 -91.50
N GLY A 21 46.02 14.29 -90.57
CA GLY A 21 45.69 14.68 -89.21
C GLY A 21 46.92 15.26 -88.52
N VAL A 22 46.71 16.27 -87.67
CA VAL A 22 47.80 16.95 -86.97
C VAL A 22 47.59 16.86 -85.46
N ILE A 23 48.66 16.59 -84.72
CA ILE A 23 48.60 16.46 -83.26
C ILE A 23 49.60 17.44 -82.63
N TYR A 24 49.06 18.44 -81.93
CA TYR A 24 49.85 19.37 -81.14
C TYR A 24 49.89 18.91 -79.69
N ASP A 25 51.08 18.67 -79.17
CA ASP A 25 51.26 18.23 -77.79
C ASP A 25 51.66 19.42 -76.92
N TYR A 26 50.95 19.59 -75.80
CA TYR A 26 51.23 20.70 -74.89
C TYR A 26 52.56 20.49 -74.17
N SER A 27 53.02 19.25 -74.07
CA SER A 27 54.32 18.96 -73.47
C SER A 27 55.47 19.27 -74.43
N THR A 28 55.32 18.87 -75.70
CA THR A 28 56.33 19.15 -76.71
C THR A 28 56.22 20.55 -77.30
N ALA A 29 55.03 21.15 -77.25
CA ALA A 29 54.78 22.48 -77.80
C ALA A 29 55.17 22.56 -79.27
N GLU A 30 54.82 21.51 -80.02
CA GLU A 30 55.16 21.44 -81.44
C GLU A 30 54.16 20.53 -82.16
N TYR A 31 53.82 20.90 -83.39
CA TYR A 31 52.85 20.15 -84.18
C TYR A 31 53.51 18.97 -84.87
N VAL A 32 52.69 17.99 -85.26
CA VAL A 32 53.14 16.82 -85.99
C VAL A 32 52.14 16.54 -87.11
N SER A 33 52.63 16.44 -88.34
CA SER A 33 51.79 16.23 -89.51
C SER A 33 51.81 14.77 -89.93
N TYR A 34 50.64 14.24 -90.28
CA TYR A 34 50.50 12.86 -90.72
C TYR A 34 49.87 12.84 -92.11
N ARG A 35 50.17 11.79 -92.86
CA ARG A 35 49.75 11.65 -94.25
C ARG A 35 49.11 10.28 -94.44
N PRO A 36 48.39 10.06 -95.56
CA PRO A 36 47.59 8.83 -95.72
C PRO A 36 48.33 7.52 -95.48
N SER A 37 49.66 7.53 -95.50
CA SER A 37 50.45 6.36 -95.14
C SER A 37 50.88 6.38 -93.68
N ASP A 38 50.71 7.51 -92.99
CA ASP A 38 51.04 7.66 -91.58
C ASP A 38 49.83 7.45 -90.69
N PHE A 39 48.74 6.95 -91.25
CA PHE A 39 47.53 6.67 -90.47
C PHE A 39 47.81 5.71 -89.32
N GLY A 40 48.64 4.69 -89.57
CA GLY A 40 48.96 3.74 -88.51
C GLY A 40 49.64 4.40 -87.32
N ALA A 41 50.62 5.26 -87.60
CA ALA A 41 51.31 5.96 -86.53
C ALA A 41 50.39 6.97 -85.84
N TYR A 42 49.39 7.48 -86.57
CA TYR A 42 48.45 8.42 -85.98
C TYR A 42 47.66 7.75 -84.86
N LEU A 43 47.19 6.53 -85.09
CA LEU A 43 46.43 5.81 -84.06
C LEU A 43 47.30 5.51 -82.84
N ASP A 44 48.60 5.27 -83.06
CA ASP A 44 49.50 4.99 -81.95
C ASP A 44 49.66 6.22 -81.06
N ALA A 45 49.80 7.40 -81.67
CA ALA A 45 50.02 8.63 -80.91
C ALA A 45 48.85 8.93 -79.97
N LEU A 46 47.63 8.59 -80.39
CA LEU A 46 46.47 8.82 -79.52
C LEU A 46 46.47 7.82 -78.37
N GLU A 47 46.86 6.57 -78.64
CA GLU A 47 46.94 5.57 -77.60
C GLU A 47 47.98 5.93 -76.55
N ALA A 48 49.05 6.60 -76.96
CA ALA A 48 50.09 6.98 -76.01
C ALA A 48 49.56 7.97 -74.99
N GLU A 49 48.72 8.91 -75.44
CA GLU A 49 48.08 9.85 -74.52
C GLU A 49 47.10 9.13 -73.61
N VAL A 50 46.51 8.03 -74.09
CA VAL A 50 45.64 7.23 -73.25
C VAL A 50 46.45 6.45 -72.21
N ALA A 51 47.63 5.96 -72.62
CA ALA A 51 48.48 5.22 -71.71
C ALA A 51 49.03 6.09 -70.60
N ARG A 52 49.30 7.37 -70.90
CA ARG A 52 49.79 8.29 -69.88
C ARG A 52 48.69 8.77 -68.95
N GLY A 53 47.43 8.62 -69.35
CA GLY A 53 46.33 9.16 -68.58
C GLY A 53 45.99 10.59 -68.88
N GLY A 54 46.25 11.05 -70.09
CA GLY A 54 46.03 12.43 -70.50
C GLY A 54 44.69 12.62 -71.19
N LEU A 55 44.67 13.55 -72.15
CA LEU A 55 43.44 13.94 -72.82
C LEU A 55 43.70 14.13 -74.30
N ILE A 56 42.66 13.95 -75.10
CA ILE A 56 42.71 14.11 -76.55
C ILE A 56 41.63 15.11 -76.95
N VAL A 57 42.04 16.22 -77.58
CA VAL A 57 41.16 17.34 -77.91
C VAL A 57 40.71 17.23 -79.36
N PHE A 58 39.40 17.10 -79.57
CA PHE A 58 38.80 17.13 -80.89
C PHE A 58 37.70 18.18 -80.93
N HIS A 59 37.43 18.69 -82.12
CA HIS A 59 36.22 19.48 -82.38
C HIS A 59 35.25 18.59 -83.14
N ASN A 60 34.06 18.38 -82.58
CA ASN A 60 33.05 17.48 -83.14
C ASN A 60 33.57 16.04 -83.21
N GLY A 61 34.41 15.65 -82.26
CA GLY A 61 35.01 14.33 -82.27
C GLY A 61 34.13 13.26 -81.67
N HIS A 62 33.36 13.64 -80.65
CA HIS A 62 32.45 12.67 -80.02
C HIS A 62 31.40 12.17 -81.00
N LYS A 63 31.02 13.00 -81.98
CA LYS A 63 30.00 12.62 -82.95
C LYS A 63 30.58 12.13 -84.27
N TYR A 64 31.79 12.56 -84.61
CA TYR A 64 32.35 12.24 -85.93
C TYR A 64 33.74 11.62 -85.85
N ASP A 65 34.73 12.42 -85.44
CA ASP A 65 36.13 12.03 -85.48
C ASP A 65 36.39 10.69 -84.79
N VAL A 66 36.01 10.58 -83.51
CA VAL A 66 36.32 9.36 -82.76
C VAL A 66 35.64 8.13 -83.34
N PRO A 67 34.34 8.13 -83.65
CA PRO A 67 33.76 6.93 -84.27
C PRO A 67 34.27 6.70 -85.68
N ALA A 68 34.68 7.75 -86.39
CA ALA A 68 35.26 7.55 -87.71
C ALA A 68 36.62 6.88 -87.60
N LEU A 69 37.41 7.28 -86.60
CA LEU A 69 38.69 6.62 -86.38
C LEU A 69 38.48 5.20 -85.89
N THR A 70 37.30 4.91 -85.33
CA THR A 70 36.92 3.55 -85.00
C THR A 70 36.56 2.77 -86.27
N LYS A 71 35.83 3.42 -87.17
CA LYS A 71 35.44 2.79 -88.42
C LYS A 71 36.61 2.64 -89.37
N LEU A 72 37.46 3.68 -89.48
CA LEU A 72 38.57 3.65 -90.42
C LEU A 72 39.63 2.63 -90.02
N ALA A 73 39.80 2.39 -88.72
CA ALA A 73 40.83 1.46 -88.27
C ALA A 73 40.44 0.01 -88.53
N LYS A 74 39.16 -0.26 -88.79
CA LYS A 74 38.69 -1.62 -89.00
C LYS A 74 38.84 -2.08 -90.43
N LEU A 75 38.57 -1.20 -91.40
CA LEU A 75 38.63 -1.58 -92.81
C LEU A 75 39.98 -1.29 -93.46
N GLN A 76 40.76 -0.34 -92.93
CA GLN A 76 42.04 0.03 -93.53
C GLN A 76 43.22 -0.69 -92.88
N LEU A 77 43.27 -0.72 -91.55
CA LEU A 77 44.37 -1.35 -90.83
C LEU A 77 43.93 -2.63 -90.13
N ASN A 78 42.64 -2.93 -90.17
CA ASN A 78 42.08 -4.15 -89.56
C ASN A 78 42.40 -4.24 -88.08
N ARG A 79 42.50 -3.10 -87.40
CA ARG A 79 42.80 -3.04 -85.98
C ARG A 79 41.67 -2.35 -85.24
N GLU A 80 41.43 -2.80 -84.01
CA GLU A 80 40.43 -2.20 -83.15
C GLU A 80 41.01 -0.92 -82.54
N PHE A 81 40.39 0.21 -82.83
CA PHE A 81 40.81 1.49 -82.27
C PHE A 81 39.62 2.15 -81.60
N HIS A 82 39.67 2.30 -80.27
CA HIS A 82 38.58 2.89 -79.51
C HIS A 82 39.17 3.80 -78.44
N LEU A 83 38.81 5.07 -78.49
CA LEU A 83 39.25 6.03 -77.48
C LEU A 83 38.28 6.01 -76.31
N PRO A 84 38.73 5.75 -75.08
CA PRO A 84 37.83 5.74 -73.94
C PRO A 84 37.16 7.09 -73.74
N ARG A 85 35.93 7.05 -73.21
CA ARG A 85 35.18 8.29 -72.97
C ARG A 85 35.84 9.18 -71.93
N GLU A 86 36.71 8.63 -71.08
CA GLU A 86 37.26 9.39 -69.97
C GLU A 86 38.43 10.28 -70.37
N ASN A 87 39.15 9.93 -71.44
CA ASN A 87 40.34 10.67 -71.82
C ASN A 87 40.22 11.31 -73.21
N CYS A 88 39.03 11.78 -73.55
CA CYS A 88 38.77 12.49 -74.80
C CYS A 88 37.80 13.62 -74.53
N ILE A 89 38.03 14.78 -75.13
CA ILE A 89 37.19 15.96 -74.91
C ILE A 89 36.78 16.57 -76.25
N ASP A 90 35.55 17.10 -76.29
CA ASP A 90 34.97 17.69 -77.49
C ASP A 90 34.69 19.16 -77.24
N THR A 91 35.55 20.03 -77.79
CA THR A 91 35.39 21.47 -77.61
C THR A 91 34.04 21.95 -78.12
N LEU A 92 33.52 21.31 -79.18
CA LEU A 92 32.22 21.67 -79.70
C LEU A 92 31.13 21.54 -78.64
N VAL A 93 31.22 20.50 -77.81
CA VAL A 93 30.25 20.32 -76.74
C VAL A 93 30.42 21.40 -75.68
N LEU A 94 31.67 21.70 -75.32
CA LEU A 94 31.95 22.73 -74.35
C LEU A 94 31.49 24.09 -74.84
N SER A 95 31.65 24.34 -76.15
CA SER A 95 31.18 25.60 -76.72
C SER A 95 29.67 25.75 -76.54
N ARG A 96 28.92 24.67 -76.75
CA ARG A 96 27.48 24.71 -76.58
C ARG A 96 27.10 24.83 -75.11
N LEU A 97 27.99 24.42 -74.22
CA LEU A 97 27.78 24.52 -72.78
C LEU A 97 28.17 25.88 -72.24
N ILE A 98 29.41 26.31 -72.49
CA ILE A 98 29.91 27.54 -71.87
C ILE A 98 29.31 28.77 -72.53
N HIS A 99 29.30 28.80 -73.86
CA HIS A 99 28.79 29.98 -74.56
C HIS A 99 27.50 29.66 -75.31
N SER A 100 26.50 29.14 -74.61
CA SER A 100 25.17 29.07 -75.21
C SER A 100 24.63 30.45 -75.51
N ASN A 101 25.06 31.45 -74.76
CA ASN A 101 24.69 32.85 -74.95
C ASN A 101 25.89 33.55 -75.60
N LEU A 102 25.81 33.74 -76.92
CA LEU A 102 26.92 34.31 -77.66
C LEU A 102 26.38 35.05 -78.88
N LYS A 103 25.15 34.71 -79.27
CA LYS A 103 24.56 35.30 -80.46
C LYS A 103 23.03 35.47 -80.39
N ASP A 104 22.48 36.43 -79.64
CA ASP A 104 23.06 37.23 -78.55
C ASP A 104 24.27 38.13 -78.89
N THR A 105 25.32 38.02 -78.07
CA THR A 105 26.51 38.87 -78.11
C THR A 105 27.02 39.19 -79.51
N ASP A 106 26.84 38.24 -80.43
CA ASP A 106 27.36 38.36 -81.79
C ASP A 106 26.71 39.50 -82.58
N MET A 107 25.58 40.05 -82.12
CA MET A 107 24.92 41.14 -82.84
C MET A 107 25.91 42.26 -83.19
N GLY A 108 26.72 42.69 -82.21
CA GLY A 108 27.74 43.67 -82.51
C GLY A 108 28.85 43.09 -83.36
N LEU A 109 29.19 41.82 -83.12
CA LEU A 109 30.19 41.15 -83.93
C LEU A 109 29.69 40.91 -85.35
N LEU A 110 28.38 40.72 -85.51
CA LEU A 110 27.80 40.61 -86.85
C LEU A 110 27.84 41.96 -87.55
N ARG A 111 27.43 43.02 -86.84
CA ARG A 111 27.56 44.38 -87.35
C ARG A 111 29.01 44.74 -87.64
N SER A 112 29.94 44.13 -86.92
CA SER A 112 31.34 44.48 -87.07
C SER A 112 31.87 44.11 -88.46
N GLY A 113 31.25 43.14 -89.12
CA GLY A 113 31.79 42.60 -90.34
C GLY A 113 32.93 41.62 -90.13
N LYS A 114 33.21 41.25 -88.88
CA LYS A 114 34.24 40.27 -88.55
C LYS A 114 33.73 38.84 -88.68
N LEU A 115 32.42 38.62 -88.52
CA LEU A 115 31.87 37.28 -88.44
C LEU A 115 30.89 37.03 -89.58
N PRO A 116 31.14 36.02 -90.40
CA PRO A 116 30.28 35.78 -91.58
C PRO A 116 28.83 35.55 -91.19
N GLY A 117 27.92 36.00 -92.07
CA GLY A 117 26.50 35.79 -91.86
C GLY A 117 26.06 34.36 -92.07
N LYS A 118 26.80 33.57 -92.85
CA LYS A 118 26.50 32.15 -93.01
C LYS A 118 26.94 31.33 -91.80
N ARG A 119 27.84 31.87 -90.98
CA ARG A 119 28.26 31.27 -89.72
C ARG A 119 27.66 32.01 -88.54
N PHE A 120 26.41 32.44 -88.70
CA PHE A 120 25.67 33.17 -87.66
C PHE A 120 24.87 32.16 -86.84
N GLY A 121 25.56 31.54 -85.88
CA GLY A 121 24.91 30.62 -84.97
C GLY A 121 25.64 29.30 -84.91
N SER A 122 26.67 29.18 -85.73
CA SER A 122 27.44 27.95 -85.81
C SER A 122 28.48 27.92 -84.70
N HIS A 123 28.56 26.78 -84.01
CA HIS A 123 29.66 26.50 -83.10
C HIS A 123 30.81 25.81 -83.80
N ALA A 124 30.76 25.72 -85.13
CA ALA A 124 31.74 24.99 -85.90
C ALA A 124 33.11 25.66 -85.83
N LEU A 125 34.12 24.90 -86.25
CA LEU A 125 35.50 25.38 -86.22
C LEU A 125 35.67 26.64 -87.05
N GLU A 126 35.10 26.65 -88.26
CA GLU A 126 35.22 27.82 -89.12
C GLU A 126 34.59 29.05 -88.50
N ALA A 127 33.42 28.88 -87.88
CA ALA A 127 32.77 30.01 -87.22
C ALA A 127 33.64 30.59 -86.11
N TRP A 128 34.43 29.73 -85.45
CA TRP A 128 35.27 30.17 -84.35
C TRP A 128 36.59 30.79 -84.84
N GLY A 129 37.05 30.38 -86.03
CA GLY A 129 38.30 30.91 -86.54
C GLY A 129 38.31 32.42 -86.71
N TYR A 130 37.20 32.98 -87.20
CA TYR A 130 37.12 34.43 -87.32
C TYR A 130 36.98 35.08 -85.95
N ARG A 131 36.39 34.38 -84.99
CA ARG A 131 36.22 34.94 -83.65
C ARG A 131 37.57 35.08 -82.96
N LEU A 132 38.48 34.15 -83.20
CA LEU A 132 39.81 34.19 -82.60
C LEU A 132 40.81 34.97 -83.46
N GLY A 133 40.41 35.43 -84.65
CA GLY A 133 41.35 36.08 -85.52
C GLY A 133 42.38 35.15 -86.12
N GLU A 134 42.14 33.85 -86.07
CA GLU A 134 43.05 32.84 -86.61
C GLU A 134 42.66 32.37 -88.00
N MET A 135 41.49 32.78 -88.50
CA MET A 135 41.07 32.40 -89.83
C MET A 135 41.93 33.11 -90.87
N LYS A 136 42.85 32.38 -91.48
CA LYS A 136 43.60 32.87 -92.63
C LYS A 136 42.91 32.55 -93.95
N GLY A 137 41.85 31.75 -93.92
CA GLY A 137 41.12 31.35 -95.11
C GLY A 137 40.35 30.08 -94.83
N GLU A 138 39.25 29.87 -95.55
CA GLU A 138 38.42 28.69 -95.39
C GLU A 138 38.62 27.75 -96.56
N TYR A 139 38.73 26.46 -96.27
CA TYR A 139 38.88 25.45 -97.30
C TYR A 139 37.57 25.12 -98.01
N LYS A 140 36.43 25.53 -97.45
CA LYS A 140 35.13 25.25 -98.05
C LYS A 140 34.82 26.19 -99.21
N ASP A 141 35.22 27.45 -99.10
CA ASP A 141 34.93 28.46 -100.11
C ASP A 141 36.04 28.59 -101.14
N ASP A 142 37.29 28.40 -100.72
CA ASP A 142 38.42 28.49 -101.63
C ASP A 142 38.47 27.31 -102.61
N PHE A 143 37.60 26.32 -102.41
CA PHE A 143 37.48 25.19 -103.34
C PHE A 143 36.29 25.37 -104.27
N LYS A 144 35.13 25.73 -103.71
CA LYS A 144 33.91 25.91 -104.49
C LYS A 144 34.11 26.91 -105.63
N ARG A 145 34.66 28.09 -105.31
CA ARG A 145 34.87 29.12 -106.32
C ARG A 145 35.93 28.69 -107.34
N MET A 146 36.81 27.78 -106.96
CA MET A 146 37.82 27.27 -107.87
C MET A 146 37.23 26.22 -108.79
N LEU A 147 36.08 25.65 -108.43
CA LEU A 147 35.36 24.73 -109.29
C LEU A 147 34.58 25.47 -110.36
N GLU A 148 34.08 26.66 -110.06
CA GLU A 148 33.35 27.45 -111.05
C GLU A 148 34.31 28.01 -112.10
N GLU A 149 35.30 28.77 -111.66
CA GLU A 149 36.18 29.56 -112.52
C GLU A 149 37.26 28.74 -113.22
N GLN A 150 37.86 27.77 -112.53
CA GLN A 150 38.97 27.03 -113.12
C GLN A 150 38.51 25.72 -113.75
N GLY A 151 37.23 25.60 -114.10
CA GLY A 151 36.71 24.46 -114.83
C GLY A 151 35.94 23.47 -113.99
N GLU A 152 34.85 22.93 -114.55
CA GLU A 152 34.11 21.78 -114.02
C GLU A 152 33.37 22.06 -112.71
N GLU A 153 32.04 22.02 -112.77
CA GLU A 153 31.17 22.32 -111.63
C GLU A 153 31.25 21.23 -110.57
N TYR A 154 30.28 21.22 -109.65
CA TYR A 154 30.34 20.31 -108.50
C TYR A 154 28.99 20.27 -107.81
N VAL A 155 28.77 19.17 -107.07
CA VAL A 155 27.56 18.97 -106.27
C VAL A 155 27.96 18.33 -104.95
N ASP A 156 27.90 19.11 -103.86
CA ASP A 156 28.02 18.63 -102.47
C ASP A 156 29.35 17.95 -102.16
N GLY A 157 30.25 18.70 -101.52
CA GLY A 157 31.45 18.14 -100.93
C GLY A 157 32.27 17.22 -101.79
N MET A 158 33.15 17.80 -102.60
CA MET A 158 34.13 17.03 -103.37
C MET A 158 35.56 17.40 -103.02
N GLU A 159 35.75 18.30 -102.06
CA GLU A 159 37.07 18.76 -101.63
C GLU A 159 37.74 17.81 -100.64
N TRP A 160 37.19 16.60 -100.49
CA TRP A 160 37.74 15.59 -99.60
C TRP A 160 37.95 14.26 -100.29
N TRP A 161 37.67 14.17 -101.60
CA TRP A 161 37.79 12.90 -102.30
C TRP A 161 39.22 12.35 -102.27
N ASN A 162 40.21 13.22 -102.09
CA ASN A 162 41.60 12.79 -102.07
C ASN A 162 42.45 13.87 -101.43
N PHE A 163 43.59 13.45 -100.88
CA PHE A 163 44.49 14.32 -100.15
C PHE A 163 45.15 15.33 -101.09
N ASN A 164 45.51 16.49 -100.52
CA ASN A 164 46.27 17.52 -101.22
C ASN A 164 47.05 18.33 -100.20
N GLU A 165 48.22 18.83 -100.60
CA GLU A 165 49.08 19.58 -99.67
C GLU A 165 48.39 20.80 -99.09
N GLU A 166 47.35 21.31 -99.76
CA GLU A 166 46.57 22.41 -99.19
C GLU A 166 45.62 21.90 -98.11
N MET A 167 45.14 20.66 -98.25
CA MET A 167 44.34 20.03 -97.20
C MET A 167 45.18 19.76 -95.98
N MET A 168 46.42 19.27 -96.18
CA MET A 168 47.33 19.03 -95.08
C MET A 168 47.61 20.31 -94.30
N ASP A 169 47.61 21.46 -95.00
CA ASP A 169 47.81 22.75 -94.36
C ASP A 169 46.54 23.25 -93.71
N TYR A 170 45.39 23.01 -94.34
CA TYR A 170 44.12 23.40 -93.73
C TYR A 170 43.68 22.42 -92.67
N ASN A 171 44.33 21.25 -92.60
CA ASN A 171 44.15 20.36 -91.46
C ASN A 171 44.85 20.93 -90.24
N VAL A 172 46.03 21.53 -90.45
CA VAL A 172 46.70 22.25 -89.38
C VAL A 172 45.85 23.45 -88.97
N GLN A 173 45.31 24.16 -89.96
CA GLN A 173 44.48 25.33 -89.70
C GLN A 173 43.32 24.99 -88.79
N ASP A 174 42.76 23.79 -88.95
CA ASP A 174 41.65 23.36 -88.11
C ASP A 174 42.13 23.05 -86.70
N VAL A 175 43.40 22.68 -86.54
CA VAL A 175 43.93 22.30 -85.23
C VAL A 175 44.23 23.53 -84.36
N VAL A 176 44.86 24.55 -84.94
CA VAL A 176 45.26 25.71 -84.16
C VAL A 176 44.04 26.50 -83.69
N VAL A 177 42.95 26.45 -84.46
CA VAL A 177 41.72 27.09 -83.99
C VAL A 177 41.12 26.24 -82.89
N THR A 178 41.26 24.91 -83.00
CA THR A 178 40.80 24.01 -81.96
C THR A 178 41.57 24.24 -80.66
N LYS A 179 42.90 24.41 -80.76
CA LYS A 179 43.70 24.72 -79.58
C LYS A 179 43.28 26.05 -78.97
N ALA A 180 43.16 27.08 -79.79
CA ALA A 180 42.81 28.41 -79.29
C ALA A 180 41.40 28.45 -78.73
N LEU A 181 40.48 27.66 -79.29
CA LEU A 181 39.13 27.61 -78.76
C LEU A 181 39.11 26.89 -77.41
N LEU A 182 39.94 25.85 -77.28
CA LEU A 182 40.06 25.16 -76.00
C LEU A 182 40.54 26.12 -74.91
N GLU A 183 41.61 26.87 -75.20
CA GLU A 183 42.14 27.82 -74.21
C GLU A 183 41.14 28.93 -73.92
N LYS A 184 40.30 29.28 -74.90
CA LYS A 184 39.29 30.29 -74.66
C LYS A 184 38.20 29.77 -73.73
N LEU A 185 37.94 28.47 -73.77
CA LEU A 185 36.95 27.86 -72.89
C LEU A 185 37.54 27.56 -71.51
N LEU A 186 38.83 27.22 -71.45
CA LEU A 186 39.47 26.98 -70.17
C LEU A 186 39.71 28.27 -69.39
N SER A 187 39.62 29.42 -70.05
CA SER A 187 39.80 30.71 -69.40
C SER A 187 38.51 31.26 -68.82
N ASP A 188 37.41 30.49 -68.90
CA ASP A 188 36.15 30.86 -68.27
C ASP A 188 36.10 30.18 -66.91
N LYS A 189 36.22 30.96 -65.86
CA LYS A 189 36.44 30.45 -64.51
C LYS A 189 35.15 30.01 -63.82
N HIS A 190 34.00 30.16 -64.47
CA HIS A 190 32.76 29.63 -63.92
C HIS A 190 32.73 28.11 -64.02
N TYR A 191 33.44 27.55 -65.00
CA TYR A 191 33.54 26.11 -65.20
C TYR A 191 34.91 25.58 -64.82
N PHE A 192 35.97 26.28 -65.20
CA PHE A 192 37.34 25.82 -64.95
C PHE A 192 38.03 26.72 -63.94
N PRO A 193 38.30 26.21 -62.74
CA PRO A 193 38.94 27.04 -61.71
C PRO A 193 40.32 27.51 -62.13
N PRO A 194 40.73 28.71 -61.70
CA PRO A 194 42.04 29.23 -62.11
C PRO A 194 43.19 28.48 -61.45
N GLU A 195 43.01 27.98 -60.23
CA GLU A 195 44.09 27.35 -59.49
C GLU A 195 44.66 26.13 -60.20
N ILE A 196 43.97 25.61 -61.21
CA ILE A 196 44.38 24.42 -61.94
C ILE A 196 44.54 24.79 -63.40
N ASP A 197 45.72 24.52 -63.96
CA ASP A 197 45.96 24.67 -65.40
C ASP A 197 45.55 23.36 -66.06
N PHE A 198 44.35 23.34 -66.65
CA PHE A 198 43.82 22.13 -67.26
C PHE A 198 44.56 21.73 -68.53
N THR A 199 45.41 22.59 -69.07
CA THR A 199 46.20 22.24 -70.26
C THR A 199 47.33 21.27 -69.96
N ASP A 200 47.53 20.88 -68.70
CA ASP A 200 48.68 20.06 -68.32
C ASP A 200 48.33 19.20 -67.10
N VAL A 201 47.26 18.42 -67.19
CA VAL A 201 46.82 17.56 -66.09
C VAL A 201 46.37 16.21 -66.65
N GLY A 202 46.21 15.25 -65.74
CA GLY A 202 45.70 13.95 -66.12
C GLY A 202 44.20 13.94 -66.31
N TYR A 203 43.72 12.88 -66.96
CA TYR A 203 42.29 12.78 -67.24
C TYR A 203 41.48 12.66 -65.95
N THR A 204 42.02 11.97 -64.94
CA THR A 204 41.31 11.82 -63.68
C THR A 204 41.10 13.17 -63.01
N THR A 205 42.08 14.07 -63.11
CA THR A 205 41.99 15.37 -62.49
C THR A 205 41.11 16.32 -63.29
N PHE A 206 41.10 16.18 -64.61
CA PHE A 206 40.38 17.11 -65.47
C PHE A 206 38.88 17.09 -65.17
N TRP A 207 38.30 15.88 -65.08
CA TRP A 207 36.86 15.78 -64.88
C TRP A 207 36.47 16.25 -63.49
N SER A 208 37.30 15.97 -62.49
CA SER A 208 36.94 16.21 -61.11
C SER A 208 37.15 17.66 -60.70
N GLU A 209 38.17 18.33 -61.23
CA GLU A 209 38.41 19.72 -60.91
C GLU A 209 37.55 20.66 -61.74
N SER A 210 36.81 20.13 -62.72
CA SER A 210 35.89 20.90 -63.53
C SER A 210 34.49 20.89 -62.94
N LEU A 211 33.67 21.82 -63.42
CA LEU A 211 32.27 21.85 -63.05
C LEU A 211 31.59 20.55 -63.44
N GLU A 212 30.58 20.16 -62.66
CA GLU A 212 29.91 18.89 -62.89
C GLU A 212 29.28 18.84 -64.28
N ALA A 213 28.75 19.96 -64.76
CA ALA A 213 28.15 20.00 -66.08
C ALA A 213 29.15 19.60 -67.16
N VAL A 214 30.42 19.99 -66.99
CA VAL A 214 31.47 19.66 -67.95
C VAL A 214 31.59 18.15 -68.10
N ASP A 215 31.55 17.43 -66.98
CA ASP A 215 31.70 15.98 -67.02
C ASP A 215 30.47 15.34 -67.67
N ILE A 216 29.27 15.81 -67.27
CA ILE A 216 28.03 15.26 -67.79
C ILE A 216 27.94 15.45 -69.30
N GLU A 217 28.29 16.65 -69.78
CA GLU A 217 28.11 16.98 -71.19
C GLU A 217 28.91 16.06 -72.09
N HIS A 218 30.11 15.66 -71.67
CA HIS A 218 30.91 14.76 -72.48
C HIS A 218 30.37 13.35 -72.41
N ARG A 219 29.79 12.99 -71.26
CA ARG A 219 29.11 11.71 -71.14
C ARG A 219 27.81 11.73 -71.93
N ALA A 220 27.13 12.89 -71.92
CA ALA A 220 25.87 13.02 -72.65
C ALA A 220 26.09 12.98 -74.15
N ALA A 221 27.04 13.77 -74.66
CA ALA A 221 27.29 13.81 -76.09
C ALA A 221 27.77 12.46 -76.60
N TRP A 222 28.59 11.78 -75.79
CA TRP A 222 29.07 10.45 -76.17
C TRP A 222 27.91 9.45 -76.24
N LEU A 223 27.00 9.52 -75.27
CA LEU A 223 25.87 8.60 -75.23
C LEU A 223 24.93 8.83 -76.40
N LEU A 224 24.56 10.09 -76.64
CA LEU A 224 23.60 10.41 -77.69
C LEU A 224 24.16 10.08 -79.07
N ALA A 225 25.48 10.25 -79.25
CA ALA A 225 26.11 9.88 -80.52
C ALA A 225 25.96 8.39 -80.77
N LYS A 226 26.03 7.58 -79.71
CA LYS A 226 25.82 6.15 -79.86
C LYS A 226 24.38 5.87 -80.31
N GLN A 227 23.42 6.61 -79.76
CA GLN A 227 22.02 6.42 -80.13
C GLN A 227 21.80 6.72 -81.61
N GLU A 228 22.44 7.78 -82.11
CA GLU A 228 22.33 8.08 -83.53
C GLU A 228 22.86 6.92 -84.36
N ARG A 229 24.00 6.35 -83.95
CA ARG A 229 24.55 5.21 -84.67
C ARG A 229 23.72 3.97 -84.42
N ASN A 230 23.09 3.87 -83.26
CA ASN A 230 22.12 2.81 -83.01
C ASN A 230 20.93 2.96 -83.95
N GLY A 231 20.38 4.17 -84.02
CA GLY A 231 19.28 4.42 -84.92
C GLY A 231 17.97 3.85 -84.42
N PHE A 232 16.88 4.18 -85.11
CA PHE A 232 15.57 3.68 -84.73
C PHE A 232 15.05 2.73 -85.81
N PRO A 233 14.90 1.45 -85.52
CA PRO A 233 14.38 0.49 -86.51
C PRO A 233 13.07 0.96 -87.13
N PHE A 234 12.94 0.78 -88.44
CA PHE A 234 11.86 1.40 -89.20
C PHE A 234 11.21 0.44 -90.18
N ASP A 235 9.87 0.35 -90.13
CA ASP A 235 9.11 -0.47 -91.07
C ASP A 235 8.75 0.39 -92.28
N THR A 236 9.63 0.35 -93.29
CA THR A 236 9.43 1.16 -94.49
C THR A 236 8.12 0.82 -95.19
N LYS A 237 7.85 -0.48 -95.38
CA LYS A 237 6.65 -0.92 -96.07
C LYS A 237 5.40 -0.33 -95.45
N ALA A 238 5.36 -0.24 -94.11
CA ALA A 238 4.17 0.24 -93.42
C ALA A 238 3.85 1.67 -93.78
N ILE A 239 4.84 2.57 -93.72
CA ILE A 239 4.61 3.96 -94.08
C ILE A 239 4.21 4.06 -95.55
N GLU A 240 4.85 3.25 -96.40
CA GLU A 240 4.47 3.20 -97.80
C GLU A 240 3.01 2.77 -97.95
N GLU A 241 2.58 1.79 -97.15
CA GLU A 241 1.21 1.33 -97.17
C GLU A 241 0.24 2.34 -96.59
N LEU A 242 0.74 3.44 -96.03
CA LEU A 242 -0.09 4.54 -95.55
C LEU A 242 -0.16 5.67 -96.55
N TYR A 243 0.98 5.97 -97.19
CA TYR A 243 1.00 7.00 -98.22
C TYR A 243 0.02 6.67 -99.33
N VAL A 244 -0.17 5.38 -99.60
CA VAL A 244 -1.15 4.95 -100.57
C VAL A 244 -2.56 5.29 -100.09
N GLU A 245 -2.86 4.94 -98.83
CA GLU A 245 -4.18 5.18 -98.27
C GLU A 245 -4.48 6.67 -98.06
N LEU A 246 -3.44 7.50 -97.92
CA LEU A 246 -3.62 8.93 -97.69
C LEU A 246 -3.68 9.68 -99.01
N ALA A 247 -2.76 9.39 -99.94
CA ALA A 247 -2.79 10.06 -101.23
C ALA A 247 -4.10 9.74 -101.95
N ALA A 248 -4.58 8.50 -101.85
CA ALA A 248 -5.89 8.16 -102.38
C ALA A 248 -6.98 8.95 -101.68
N ARG A 249 -6.88 9.09 -100.35
CA ARG A 249 -7.83 9.91 -99.61
C ARG A 249 -7.69 11.38 -99.99
N ARG A 250 -6.46 11.84 -100.21
CA ARG A 250 -6.25 13.22 -100.66
C ARG A 250 -6.81 13.41 -102.06
N SER A 251 -6.55 12.46 -102.95
CA SER A 251 -7.02 12.56 -104.33
C SER A 251 -8.54 12.48 -104.40
N GLU A 252 -9.14 11.56 -103.66
CA GLU A 252 -10.60 11.44 -103.65
C GLU A 252 -11.23 12.68 -103.03
N LEU A 253 -10.63 13.21 -101.97
CA LEU A 253 -11.13 14.44 -101.39
C LEU A 253 -10.92 15.62 -102.32
N LEU A 254 -9.74 15.70 -102.94
CA LEU A 254 -9.46 16.76 -103.90
C LEU A 254 -10.53 16.80 -104.99
N ARG A 255 -10.94 15.63 -105.47
CA ARG A 255 -12.03 15.57 -106.44
C ARG A 255 -13.33 16.07 -105.83
N LYS A 256 -13.67 15.57 -104.63
CA LYS A 256 -14.89 16.01 -103.95
C LYS A 256 -14.81 17.46 -103.49
N LEU A 257 -13.61 17.97 -103.17
CA LEU A 257 -13.47 19.34 -102.70
C LEU A 257 -13.41 20.35 -103.83
N THR A 258 -13.70 19.90 -105.04
CA THR A 258 -13.90 20.74 -106.20
C THR A 258 -15.35 20.66 -106.65
N GLU A 259 -16.13 19.76 -106.03
CA GLU A 259 -17.55 19.60 -106.29
C GLU A 259 -18.39 20.66 -105.60
N THR A 260 -17.96 21.16 -104.43
CA THR A 260 -18.75 22.20 -103.79
C THR A 260 -18.50 23.55 -104.46
N PHE A 261 -17.27 23.78 -104.91
CA PHE A 261 -16.92 24.99 -105.65
C PHE A 261 -15.78 24.66 -106.61
N GLY A 262 -15.72 25.31 -107.77
CA GLY A 262 -16.65 26.36 -108.14
C GLY A 262 -15.94 27.67 -108.38
N SER A 263 -14.76 27.58 -108.97
CA SER A 263 -13.98 28.78 -109.27
C SER A 263 -13.45 28.71 -110.70
N VAL A 329 -6.90 38.35 -116.91
CA VAL A 329 -5.55 37.79 -116.91
C VAL A 329 -5.42 36.67 -115.89
N GLU A 330 -6.51 35.96 -115.60
CA GLU A 330 -6.55 35.01 -114.51
C GLU A 330 -7.17 33.69 -114.95
N HIS A 331 -6.76 32.62 -114.26
CA HIS A 331 -7.39 31.31 -114.34
C HIS A 331 -7.76 30.85 -112.93
N VAL A 332 -8.14 29.58 -112.74
CA VAL A 332 -8.63 29.12 -111.44
C VAL A 332 -8.44 27.61 -111.28
N VAL A 333 -7.88 27.18 -110.14
CA VAL A 333 -7.60 25.77 -109.89
C VAL A 333 -7.52 25.41 -108.40
N PHE A 334 -8.02 26.28 -107.53
CA PHE A 334 -7.58 26.26 -106.14
C PHE A 334 -7.97 24.98 -105.41
N ASN A 335 -7.10 24.53 -104.53
CA ASN A 335 -7.26 23.35 -103.69
C ASN A 335 -6.89 23.68 -102.26
N PRO A 336 -7.31 22.86 -101.29
CA PRO A 336 -7.01 23.15 -99.88
C PRO A 336 -5.53 23.22 -99.51
N SER A 337 -4.90 24.36 -99.79
CA SER A 337 -3.54 24.68 -99.36
C SER A 337 -3.27 26.14 -99.68
N SER A 338 -2.39 26.76 -98.89
CA SER A 338 -1.97 28.15 -99.01
C SER A 338 -3.08 29.15 -98.72
N ARG A 339 -2.83 30.05 -97.76
CA ARG A 339 -3.81 30.97 -97.16
C ARG A 339 -4.82 31.59 -98.10
N ASP A 340 -4.51 31.65 -99.39
CA ASP A 340 -5.44 32.21 -100.36
C ASP A 340 -6.56 31.22 -100.72
N HIS A 341 -6.70 30.14 -99.96
CA HIS A 341 -7.67 29.09 -100.27
C HIS A 341 -8.94 29.18 -99.44
N ILE A 342 -8.85 28.83 -98.15
CA ILE A 342 -10.02 28.88 -97.26
C ILE A 342 -10.50 30.31 -97.12
N GLN A 343 -9.57 31.26 -97.12
CA GLN A 343 -9.91 32.68 -97.03
C GLN A 343 -10.74 33.13 -98.22
N LYS A 344 -10.49 32.57 -99.40
CA LYS A 344 -11.20 32.98 -100.60
C LYS A 344 -12.62 32.40 -100.67
N LYS A 345 -12.88 31.30 -100.00
CA LYS A 345 -14.19 30.66 -100.03
C LYS A 345 -15.07 31.04 -98.84
N LEU A 346 -14.47 31.14 -97.65
CA LEU A 346 -15.26 31.53 -96.48
C LEU A 346 -15.76 32.96 -96.60
N GLN A 347 -15.04 33.82 -97.32
CA GLN A 347 -15.49 35.17 -97.61
C GLN A 347 -16.44 35.20 -98.78
N GLU A 348 -17.00 34.03 -99.11
CA GLU A 348 -18.05 33.87 -100.10
C GLU A 348 -19.21 33.08 -99.51
N ALA A 349 -19.00 32.42 -98.38
CA ALA A 349 -20.03 31.73 -97.63
C ALA A 349 -20.57 32.60 -96.51
N GLY A 350 -20.05 33.82 -96.39
CA GLY A 350 -20.51 34.78 -95.40
C GLY A 350 -19.89 34.60 -94.03
N TRP A 351 -18.56 34.61 -93.95
CA TRP A 351 -17.85 34.43 -92.70
C TRP A 351 -17.11 35.71 -92.35
N VAL A 352 -17.40 36.26 -91.17
CA VAL A 352 -16.76 37.49 -90.70
C VAL A 352 -15.63 37.07 -89.75
N PRO A 353 -14.36 37.30 -90.11
CA PRO A 353 -13.25 36.88 -89.24
C PRO A 353 -13.27 37.62 -87.91
N THR A 354 -13.04 36.88 -86.83
CA THR A 354 -12.95 37.47 -85.50
C THR A 354 -11.51 37.84 -85.13
N LYS A 355 -10.62 36.86 -85.09
CA LYS A 355 -9.22 37.07 -84.73
C LYS A 355 -8.38 37.19 -85.98
N TYR A 356 -7.54 38.23 -86.04
CA TYR A 356 -6.64 38.53 -87.14
C TYR A 356 -5.19 38.28 -86.72
N THR A 357 -4.25 38.68 -87.57
CA THR A 357 -2.83 38.53 -87.30
C THR A 357 -2.12 39.87 -87.41
N ASP A 358 -0.82 39.85 -87.11
CA ASP A 358 -0.02 41.08 -87.08
C ASP A 358 0.23 41.64 -88.47
N LYS A 359 0.14 40.82 -89.51
CA LYS A 359 0.28 41.28 -90.89
C LYS A 359 -1.05 41.80 -91.48
N GLY A 360 -2.19 41.43 -90.87
CA GLY A 360 -3.50 41.82 -91.34
C GLY A 360 -4.36 40.65 -91.79
N ALA A 361 -3.73 39.58 -92.24
CA ALA A 361 -4.45 38.44 -92.78
C ALA A 361 -5.32 37.78 -91.71
N PRO A 362 -6.49 37.26 -92.06
CA PRO A 362 -7.34 36.62 -91.06
C PRO A 362 -6.77 35.28 -90.61
N VAL A 363 -7.04 34.94 -89.35
CA VAL A 363 -6.55 33.69 -88.77
C VAL A 363 -7.32 32.52 -89.35
N VAL A 364 -6.61 31.55 -89.92
CA VAL A 364 -7.23 30.34 -90.45
C VAL A 364 -6.53 29.10 -89.87
N ASP A 365 -6.66 28.89 -88.56
CA ASP A 365 -6.08 27.72 -87.91
C ASP A 365 -7.17 26.73 -87.53
N ASP A 366 -6.74 25.62 -86.91
CA ASP A 366 -7.66 24.59 -86.46
C ASP A 366 -8.68 25.14 -85.46
N GLU A 367 -8.27 26.09 -84.62
CA GLU A 367 -9.16 26.65 -83.61
C GLU A 367 -10.38 27.32 -84.25
N VAL A 368 -10.14 28.34 -85.08
CA VAL A 368 -11.24 29.11 -85.64
C VAL A 368 -12.08 28.29 -86.63
N LEU A 369 -11.45 27.37 -87.34
CA LEU A 369 -12.16 26.58 -88.35
C LEU A 369 -13.28 25.75 -87.72
N GLU A 370 -13.05 25.23 -86.51
CA GLU A 370 -14.06 24.44 -85.82
C GLU A 370 -15.31 25.26 -85.53
N GLY A 371 -15.17 26.56 -85.35
CA GLY A 371 -16.27 27.43 -85.01
C GLY A 371 -16.83 28.23 -86.17
N VAL A 372 -16.27 28.06 -87.36
CA VAL A 372 -16.76 28.74 -88.55
C VAL A 372 -18.17 28.24 -88.86
N ARG A 373 -19.15 29.13 -88.79
CA ARG A 373 -20.55 28.81 -89.08
C ARG A 373 -21.02 29.66 -90.24
N VAL A 374 -21.60 29.01 -91.25
CA VAL A 374 -22.12 29.68 -92.43
C VAL A 374 -23.53 29.19 -92.70
N ASP A 375 -24.36 30.08 -93.26
CA ASP A 375 -25.74 29.74 -93.59
C ASP A 375 -25.83 28.66 -94.67
N ASP A 376 -24.76 28.47 -95.45
CA ASP A 376 -24.77 27.48 -96.53
C ASP A 376 -24.44 26.10 -95.97
N PRO A 377 -25.41 25.19 -95.97
CA PRO A 377 -25.16 23.85 -95.42
C PRO A 377 -24.06 23.10 -96.14
N GLU A 378 -23.98 23.23 -97.47
CA GLU A 378 -22.95 22.56 -98.23
C GLU A 378 -21.57 23.10 -97.89
N LYS A 379 -21.45 24.43 -97.81
CA LYS A 379 -20.20 25.05 -97.39
C LYS A 379 -19.85 24.64 -95.95
N GLN A 380 -20.84 24.62 -95.07
CA GLN A 380 -20.61 24.26 -93.67
C GLN A 380 -20.10 22.83 -93.54
N ALA A 381 -20.77 21.89 -94.21
CA ALA A 381 -20.35 20.49 -94.16
C ALA A 381 -18.99 20.30 -94.83
N ALA A 382 -18.62 21.19 -95.76
CA ALA A 382 -17.34 21.08 -96.42
C ALA A 382 -16.18 21.48 -95.51
N ILE A 383 -16.47 22.25 -94.45
CA ILE A 383 -15.43 22.67 -93.53
C ILE A 383 -14.72 21.46 -92.93
N ASP A 384 -15.50 20.47 -92.46
CA ASP A 384 -14.92 19.28 -91.87
C ASP A 384 -14.13 18.48 -92.90
N LEU A 385 -14.47 18.61 -94.18
CA LEU A 385 -13.71 17.95 -95.23
C LEU A 385 -12.37 18.63 -95.46
N ILE A 386 -12.33 19.95 -95.29
CA ILE A 386 -11.06 20.68 -95.36
C ILE A 386 -10.21 20.36 -94.14
N LYS A 387 -10.85 20.29 -92.97
CA LYS A 387 -10.14 19.95 -91.74
C LYS A 387 -9.37 18.65 -91.90
N GLU A 388 -10.01 17.65 -92.51
CA GLU A 388 -9.31 16.39 -92.77
C GLU A 388 -8.16 16.58 -93.76
N TYR A 389 -8.39 17.33 -94.84
CA TYR A 389 -7.39 17.48 -95.88
C TYR A 389 -6.08 18.04 -95.33
N LEU A 390 -6.13 19.18 -94.62
CA LEU A 390 -4.92 19.77 -94.08
C LEU A 390 -4.18 18.78 -93.18
N MET A 391 -4.92 18.01 -92.38
CA MET A 391 -4.30 17.02 -91.51
C MET A 391 -3.65 15.91 -92.34
N ILE A 392 -4.30 15.50 -93.43
CA ILE A 392 -3.74 14.48 -94.31
C ILE A 392 -2.40 14.94 -94.88
N GLN A 393 -2.33 16.19 -95.33
CA GLN A 393 -1.08 16.74 -95.86
C GLN A 393 0.02 16.76 -94.80
N LYS A 394 -0.33 17.04 -93.55
CA LYS A 394 0.67 17.13 -92.49
C LYS A 394 1.36 15.79 -92.27
N ARG A 395 0.58 14.72 -92.12
CA ARG A 395 1.16 13.39 -91.97
C ARG A 395 1.93 13.00 -93.23
N ILE A 396 1.33 13.24 -94.40
CA ILE A 396 2.02 12.97 -95.66
C ILE A 396 3.30 13.78 -95.75
N GLY A 397 3.21 15.07 -95.45
CA GLY A 397 4.36 15.97 -95.51
C GLY A 397 5.45 15.68 -94.50
N GLN A 398 5.21 14.78 -93.55
CA GLN A 398 6.20 14.40 -92.57
C GLN A 398 6.77 13.01 -92.83
N SER A 399 5.99 12.13 -93.45
CA SER A 399 6.37 10.74 -93.65
C SER A 399 6.70 10.41 -95.09
N ALA A 400 6.43 11.31 -96.03
CA ALA A 400 6.63 11.00 -97.45
C ALA A 400 6.94 12.25 -98.26
N GLU A 401 6.04 13.24 -98.22
CA GLU A 401 6.14 14.42 -99.07
C GLU A 401 6.79 15.59 -98.34
N GLY A 402 8.01 15.35 -97.87
CA GLY A 402 8.78 16.39 -97.21
C GLY A 402 10.23 16.31 -97.63
N ASP A 403 10.90 17.46 -97.53
CA ASP A 403 12.35 17.48 -97.73
C ASP A 403 13.08 16.73 -96.64
N LYS A 404 12.48 16.61 -95.46
CA LYS A 404 13.00 15.83 -94.35
C LYS A 404 12.05 14.69 -93.99
N ALA A 405 11.39 14.12 -95.00
CA ALA A 405 10.45 13.05 -94.77
C ALA A 405 11.17 11.82 -94.22
N TRP A 406 10.42 10.99 -93.49
CA TRP A 406 11.01 9.81 -92.86
C TRP A 406 11.53 8.85 -93.92
N LEU A 407 10.73 8.59 -94.96
CA LEU A 407 11.11 7.65 -96.00
C LEU A 407 12.43 8.01 -96.67
N ARG A 408 12.85 9.27 -96.60
CA ARG A 408 14.10 9.70 -97.22
C ARG A 408 15.31 9.43 -96.34
N TYR A 409 15.13 9.21 -95.04
CA TYR A 409 16.24 9.06 -94.11
C TYR A 409 16.50 7.61 -93.71
N VAL A 410 15.65 6.69 -94.13
CA VAL A 410 15.83 5.27 -93.88
C VAL A 410 17.11 4.80 -94.57
N ALA A 411 18.11 4.40 -93.79
CA ALA A 411 19.37 3.95 -94.36
C ALA A 411 19.24 2.52 -94.86
N GLU A 412 20.36 1.93 -95.31
CA GLU A 412 20.36 0.57 -95.86
C GLU A 412 20.16 -0.50 -94.79
N ASP A 413 20.34 -0.17 -93.52
CA ASP A 413 20.12 -1.11 -92.43
C ASP A 413 18.65 -1.27 -92.06
N GLY A 414 17.78 -0.41 -92.58
CA GLY A 414 16.39 -0.39 -92.17
C GLY A 414 16.13 0.38 -90.90
N LYS A 415 16.88 1.45 -90.65
CA LYS A 415 16.72 2.27 -89.45
C LYS A 415 16.84 3.74 -89.83
N ILE A 416 16.16 4.58 -89.04
CA ILE A 416 16.22 6.02 -89.17
C ILE A 416 17.16 6.57 -88.11
N HIS A 417 18.23 7.23 -88.55
CA HIS A 417 19.27 7.75 -87.66
C HIS A 417 18.98 9.21 -87.36
N GLY A 418 18.03 9.45 -86.46
CA GLY A 418 17.68 10.82 -86.13
C GLY A 418 18.78 11.47 -85.31
N SER A 419 19.27 12.61 -85.79
CA SER A 419 20.38 13.30 -85.15
C SER A 419 19.88 14.08 -83.94
N VAL A 420 20.80 14.43 -83.05
CA VAL A 420 20.43 15.11 -81.81
C VAL A 420 21.56 16.00 -81.35
N ASN A 421 21.26 17.28 -81.12
CA ASN A 421 22.19 18.26 -80.60
C ASN A 421 22.02 18.34 -79.09
N PRO A 422 22.97 17.81 -78.29
CA PRO A 422 22.74 17.61 -76.84
C PRO A 422 22.28 18.81 -76.03
N ASN A 423 23.16 19.35 -75.18
CA ASN A 423 22.82 20.58 -74.47
C ASN A 423 23.13 21.83 -75.28
N GLY A 424 23.17 21.69 -76.60
CA GLY A 424 23.18 22.85 -77.48
C GLY A 424 21.78 23.41 -77.61
N ALA A 425 21.18 23.75 -76.46
CA ALA A 425 19.84 24.28 -76.39
C ALA A 425 19.63 25.01 -75.06
N VAL A 426 20.06 26.28 -75.02
CA VAL A 426 19.99 27.20 -73.87
C VAL A 426 20.00 26.52 -72.50
N THR A 427 18.95 25.77 -72.19
CA THR A 427 18.77 25.23 -70.84
C THR A 427 18.95 23.72 -70.81
N GLY A 428 18.00 22.97 -71.36
CA GLY A 428 17.97 21.53 -71.15
C GLY A 428 17.82 20.66 -72.37
N ARG A 429 16.58 20.29 -72.70
CA ARG A 429 16.34 19.24 -73.69
C ARG A 429 17.01 19.55 -75.02
N ALA A 430 17.58 18.51 -75.63
CA ALA A 430 18.27 18.58 -76.92
C ALA A 430 17.33 19.00 -78.05
N THR A 431 17.89 19.17 -79.25
CA THR A 431 17.10 19.47 -80.44
C THR A 431 17.26 18.32 -81.42
N HIS A 432 16.16 17.97 -82.10
CA HIS A 432 16.12 16.84 -83.00
C HIS A 432 15.70 17.29 -84.39
N ALA A 433 16.33 16.71 -85.41
CA ALA A 433 16.01 17.07 -86.78
C ALA A 433 16.55 16.01 -87.72
N PHE A 434 16.15 16.12 -88.99
CA PHE A 434 16.58 15.24 -90.07
C PHE A 434 16.54 13.73 -89.77
N PRO A 435 15.37 13.19 -89.43
CA PRO A 435 14.10 13.86 -89.14
C PRO A 435 13.97 14.15 -87.67
N ASN A 436 13.06 15.04 -87.29
CA ASN A 436 12.82 15.33 -85.89
C ASN A 436 12.13 14.13 -85.27
N LEU A 437 12.89 13.30 -84.56
CA LEU A 437 12.31 12.16 -83.86
C LEU A 437 11.41 12.56 -82.70
N ALA A 438 11.42 13.84 -82.31
CA ALA A 438 10.68 14.33 -81.15
C ALA A 438 9.43 15.10 -81.55
N GLN A 439 8.85 14.77 -82.70
CA GLN A 439 7.56 15.34 -83.08
C GLN A 439 6.76 14.37 -83.95
N ILE A 440 7.01 13.07 -83.80
CA ILE A 440 6.15 12.09 -84.46
C ILE A 440 4.78 12.11 -83.82
N PRO A 441 3.72 12.24 -84.59
CA PRO A 441 2.36 12.29 -84.02
C PRO A 441 2.09 11.17 -83.04
N GLY A 442 1.44 11.50 -81.93
CA GLY A 442 1.17 10.55 -80.88
C GLY A 442 0.04 9.58 -81.20
N VAL A 443 -0.21 8.68 -80.26
CA VAL A 443 -1.23 7.66 -80.45
C VAL A 443 -2.63 8.24 -80.36
N ARG A 444 -2.79 9.41 -79.73
CA ARG A 444 -4.09 10.03 -79.58
C ARG A 444 -4.50 10.85 -80.78
N SER A 445 -3.59 11.13 -81.70
CA SER A 445 -3.90 11.85 -82.91
C SER A 445 -4.21 10.88 -84.05
N PRO A 446 -4.98 11.33 -85.04
CA PRO A 446 -5.37 10.43 -86.14
C PRO A 446 -4.16 9.92 -86.91
N TYR A 447 -4.20 8.63 -87.25
CA TYR A 447 -3.18 7.95 -88.04
C TYR A 447 -1.85 7.89 -87.31
N GLY A 448 -1.80 8.41 -86.08
CA GLY A 448 -0.57 8.33 -85.31
C GLY A 448 -0.29 6.92 -84.83
N GLU A 449 -1.34 6.14 -84.57
CA GLU A 449 -1.17 4.75 -84.18
C GLU A 449 -0.34 3.99 -85.20
N GLN A 450 -0.67 4.16 -86.48
CA GLN A 450 0.14 3.53 -87.52
C GLN A 450 1.54 4.10 -87.54
N CYS A 451 1.67 5.42 -87.35
CA CYS A 451 2.98 6.07 -87.40
C CYS A 451 3.88 5.59 -86.29
N ARG A 452 3.41 5.63 -85.04
CA ARG A 452 4.23 5.17 -83.92
C ARG A 452 4.60 3.70 -84.06
N ALA A 453 3.71 2.91 -84.68
CA ALA A 453 3.99 1.49 -84.87
C ALA A 453 5.17 1.30 -85.82
N ALA A 454 5.43 2.26 -86.70
CA ALA A 454 6.52 2.14 -87.65
C ALA A 454 7.88 2.29 -86.97
N PHE A 455 7.92 2.88 -85.78
CA PHE A 455 9.16 3.06 -85.02
C PHE A 455 9.17 2.04 -83.89
N GLY A 456 9.76 0.89 -84.15
CA GLY A 456 9.73 -0.19 -83.18
C GLY A 456 10.92 -1.11 -83.29
N ALA A 457 11.36 -1.63 -82.15
CA ALA A 457 12.43 -2.62 -82.12
C ALA A 457 12.06 -3.88 -82.89
N GLU A 458 10.77 -4.19 -83.02
CA GLU A 458 10.34 -5.35 -83.79
C GLU A 458 10.69 -5.23 -85.27
N HIS A 459 10.88 -4.01 -85.76
CA HIS A 459 11.26 -3.80 -87.14
C HIS A 459 12.74 -4.07 -87.41
N HIS A 460 13.48 -4.54 -86.41
CA HIS A 460 14.87 -4.94 -86.56
C HIS A 460 15.02 -6.33 -85.94
N LEU A 461 15.27 -7.32 -86.76
CA LEU A 461 15.51 -8.67 -86.27
C LEU A 461 16.93 -8.79 -85.73
N ASP A 462 17.12 -9.76 -84.84
CA ASP A 462 18.43 -9.95 -84.21
C ASP A 462 19.40 -10.55 -85.22
N GLY A 463 20.59 -9.94 -85.32
CA GLY A 463 21.60 -10.44 -86.24
C GLY A 463 22.09 -11.85 -85.95
N ILE A 464 21.63 -12.46 -84.85
CA ILE A 464 22.08 -13.79 -84.45
C ILE A 464 20.87 -14.72 -84.33
N THR A 465 20.07 -14.52 -83.29
CA THR A 465 18.94 -15.41 -83.06
C THR A 465 17.89 -15.27 -84.17
N GLY A 466 17.88 -14.15 -84.86
CA GLY A 466 16.86 -13.87 -85.87
C GLY A 466 15.51 -13.47 -85.30
N LYS A 467 15.41 -13.27 -83.99
CA LYS A 467 14.15 -12.92 -83.35
C LYS A 467 13.91 -11.42 -83.43
N PRO A 468 12.64 -11.00 -83.41
CA PRO A 468 12.33 -9.57 -83.32
C PRO A 468 12.66 -9.05 -81.93
N TRP A 469 13.49 -8.02 -81.86
CA TRP A 469 13.81 -7.38 -80.58
C TRP A 469 12.56 -6.74 -79.98
N VAL A 470 12.64 -6.46 -78.68
CA VAL A 470 11.52 -5.87 -77.95
C VAL A 470 11.92 -4.47 -77.49
N GLN A 471 10.94 -3.59 -77.42
CA GLN A 471 11.15 -2.19 -77.08
C GLN A 471 10.70 -1.93 -75.65
N ALA A 472 11.47 -1.10 -74.94
CA ALA A 472 11.18 -0.71 -73.57
C ALA A 472 11.03 0.80 -73.47
N GLY A 473 9.86 1.27 -73.09
CA GLY A 473 9.59 2.68 -72.96
C GLY A 473 9.44 3.15 -71.53
N ILE A 474 10.38 3.96 -71.06
CA ILE A 474 10.38 4.47 -69.68
C ILE A 474 10.38 6.00 -69.71
N ASP A 475 9.45 6.60 -68.97
CA ASP A 475 9.33 8.06 -68.90
C ASP A 475 9.47 8.53 -67.46
N ALA A 476 9.78 9.82 -67.31
CA ALA A 476 9.93 10.43 -65.99
C ALA A 476 8.55 10.87 -65.51
N SER A 477 8.07 10.21 -64.46
CA SER A 477 6.71 10.42 -63.95
C SER A 477 6.56 11.83 -63.38
N GLY A 478 5.81 12.68 -64.07
CA GLY A 478 5.48 14.00 -63.58
C GLY A 478 6.71 14.83 -63.22
N LEU A 479 7.68 14.84 -64.14
CA LEU A 479 8.96 15.47 -63.85
C LEU A 479 8.84 16.96 -63.56
N GLU A 480 7.98 17.67 -64.29
CA GLU A 480 7.91 19.12 -64.17
C GLU A 480 7.47 19.57 -62.78
N LEU A 481 6.37 18.99 -62.27
CA LEU A 481 5.83 19.43 -60.99
C LEU A 481 6.70 19.00 -59.82
N ARG A 482 7.40 17.87 -59.96
CA ARG A 482 8.29 17.42 -58.89
C ARG A 482 9.50 18.33 -58.80
N CYS A 483 9.98 18.82 -59.94
CA CYS A 483 11.04 19.83 -59.93
C CYS A 483 10.54 21.09 -59.23
N LEU A 484 9.28 21.44 -59.46
CA LEU A 484 8.69 22.57 -58.77
C LEU A 484 8.60 22.30 -57.27
N ALA A 485 8.26 21.06 -56.90
CA ALA A 485 8.17 20.68 -55.50
C ALA A 485 9.52 20.81 -54.80
N HIS A 486 10.60 20.61 -55.56
CA HIS A 486 11.94 20.67 -54.99
C HIS A 486 12.33 22.09 -54.62
N PHE A 487 12.08 23.06 -55.50
CA PHE A 487 12.48 24.43 -55.24
C PHE A 487 11.58 25.15 -54.23
N MET A 488 10.37 24.64 -54.03
CA MET A 488 9.43 25.25 -53.09
C MET A 488 9.34 24.47 -51.77
N ALA A 489 10.02 23.32 -51.67
CA ALA A 489 10.12 22.62 -50.40
C ALA A 489 10.98 23.37 -49.41
N ARG A 490 11.66 24.43 -49.87
CA ARG A 490 12.50 25.27 -49.02
C ARG A 490 11.68 26.25 -48.19
N PHE A 491 10.40 26.43 -48.51
CA PHE A 491 9.56 27.42 -47.84
C PHE A 491 8.34 26.81 -47.16
N ASP A 492 7.97 25.58 -47.52
CA ASP A 492 6.83 24.89 -46.93
C ASP A 492 7.28 23.62 -46.23
N ASN A 493 8.58 23.39 -46.18
CA ASN A 493 9.20 22.23 -45.54
C ASN A 493 8.64 20.93 -46.12
N GLY A 494 8.76 20.80 -47.42
CA GLY A 494 8.35 19.58 -48.11
C GLY A 494 6.87 19.34 -48.15
N GLU A 495 6.06 20.39 -47.98
CA GLU A 495 4.61 20.21 -48.02
C GLU A 495 4.15 19.82 -49.41
N TYR A 496 4.40 20.69 -50.39
CA TYR A 496 3.99 20.41 -51.75
C TYR A 496 4.63 19.14 -52.29
N ALA A 497 5.87 18.86 -51.86
CA ALA A 497 6.56 17.65 -52.31
C ALA A 497 5.82 16.39 -51.86
N HIS A 498 5.32 16.39 -50.62
CA HIS A 498 4.60 15.21 -50.15
C HIS A 498 3.24 15.09 -50.83
N GLU A 499 2.68 16.22 -51.30
CA GLU A 499 1.41 16.18 -52.00
C GLU A 499 1.53 15.43 -53.32
N ILE A 500 2.71 15.47 -53.94
CA ILE A 500 2.99 14.65 -55.10
C ILE A 500 2.93 13.17 -54.71
N LEU A 501 3.71 12.81 -53.70
CA LEU A 501 3.74 11.43 -53.20
C LEU A 501 2.38 10.98 -52.70
N ASN A 502 1.69 11.84 -51.95
CA ASN A 502 0.33 11.53 -51.50
C ASN A 502 -0.61 11.30 -52.68
N GLY A 503 -0.29 11.87 -53.83
CA GLY A 503 -1.05 11.66 -55.04
C GLY A 503 -2.06 12.77 -55.28
N ASP A 504 -2.56 12.81 -56.51
CA ASP A 504 -3.59 13.75 -56.92
C ASP A 504 -3.17 15.20 -56.61
N ILE A 505 -2.00 15.57 -57.12
CA ILE A 505 -1.57 16.95 -56.97
C ILE A 505 -2.45 17.87 -57.79
N HIS A 506 -3.02 17.34 -58.89
CA HIS A 506 -3.95 18.11 -59.70
C HIS A 506 -5.25 18.35 -58.96
N THR A 507 -5.60 17.47 -58.01
CA THR A 507 -6.77 17.69 -57.19
C THR A 507 -6.54 18.82 -56.21
N LYS A 508 -5.34 18.87 -55.61
CA LYS A 508 -5.01 19.93 -54.67
C LYS A 508 -4.88 21.27 -55.36
N ASN A 509 -4.21 21.30 -56.52
CA ASN A 509 -4.10 22.53 -57.28
C ASN A 509 -5.48 23.03 -57.68
N GLN A 510 -6.41 22.12 -57.94
CA GLN A 510 -7.78 22.49 -58.26
C GLN A 510 -8.43 23.21 -57.08
N ILE A 511 -8.29 22.65 -55.88
CA ILE A 511 -8.85 23.29 -54.68
C ILE A 511 -8.13 24.59 -54.39
N ALA A 512 -6.81 24.62 -54.62
CA ALA A 512 -6.03 25.81 -54.28
C ALA A 512 -6.37 26.98 -55.19
N ALA A 513 -6.59 26.71 -56.47
CA ALA A 513 -6.94 27.75 -57.43
C ALA A 513 -8.44 27.86 -57.65
N GLU A 514 -9.21 26.98 -57.02
CA GLU A 514 -10.67 26.96 -57.10
C GLU A 514 -11.14 26.78 -58.55
N LEU A 515 -10.93 25.56 -59.05
CA LEU A 515 -11.33 25.23 -60.39
C LEU A 515 -12.47 24.20 -60.39
N PRO A 516 -13.36 24.26 -61.38
CA PRO A 516 -14.50 23.34 -61.38
C PRO A 516 -14.13 21.88 -61.57
N THR A 517 -13.15 21.57 -62.43
CA THR A 517 -12.77 20.20 -62.70
C THR A 517 -11.26 20.03 -62.53
N ARG A 518 -10.85 18.78 -62.32
CA ARG A 518 -9.42 18.50 -62.17
C ARG A 518 -8.68 18.74 -63.48
N ASP A 519 -9.35 18.47 -64.62
CA ASP A 519 -8.72 18.74 -65.91
C ASP A 519 -8.44 20.22 -66.07
N ASN A 520 -9.33 21.07 -65.54
CA ASN A 520 -9.10 22.51 -65.56
C ASN A 520 -7.89 22.89 -64.72
N ALA A 521 -7.62 22.12 -63.66
CA ALA A 521 -6.43 22.37 -62.85
C ALA A 521 -5.17 21.94 -63.58
N LYS A 522 -5.25 20.85 -64.35
CA LYS A 522 -4.09 20.36 -65.09
C LYS A 522 -3.63 21.38 -66.12
N THR A 523 -4.56 21.91 -66.92
CA THR A 523 -4.20 22.89 -67.93
C THR A 523 -3.84 24.23 -67.31
N PHE A 524 -4.22 24.46 -66.05
CA PHE A 524 -3.89 25.70 -65.36
C PHE A 524 -2.45 25.69 -64.86
N ILE A 525 -2.08 24.64 -64.12
CA ILE A 525 -0.80 24.61 -63.41
C ILE A 525 0.38 24.80 -64.36
N TYR A 526 0.33 24.23 -65.56
CA TYR A 526 1.46 24.38 -66.47
C TYR A 526 1.47 25.74 -67.15
N GLY A 527 0.31 26.23 -67.57
CA GLY A 527 0.25 27.55 -68.19
C GLY A 527 0.63 28.65 -67.24
N PHE A 528 0.10 28.59 -66.01
CA PHE A 528 0.41 29.61 -65.01
C PHE A 528 1.89 29.63 -64.69
N LEU A 529 2.51 28.46 -64.59
CA LEU A 529 3.92 28.36 -64.23
C LEU A 529 4.82 28.99 -65.29
N TYR A 530 4.40 28.98 -66.55
CA TYR A 530 5.29 29.34 -67.64
C TYR A 530 5.02 30.75 -68.15
N GLY A 531 4.28 31.55 -67.40
CA GLY A 531 4.04 32.93 -67.74
C GLY A 531 2.93 33.13 -68.75
N ALA A 532 1.70 32.85 -68.35
CA ALA A 532 0.54 33.03 -69.22
C ALA A 532 -0.25 34.27 -68.82
N GLY A 533 -0.83 34.94 -69.79
CA GLY A 533 -1.63 36.11 -69.54
C GLY A 533 -2.86 35.81 -68.69
N ASP A 534 -3.63 36.83 -68.37
CA ASP A 534 -4.81 36.63 -67.54
C ASP A 534 -6.02 36.32 -68.39
N GLU A 535 -5.96 36.68 -69.67
CA GLU A 535 -6.97 36.29 -70.63
C GLU A 535 -6.92 34.78 -70.87
N LYS A 536 -5.73 34.28 -71.24
CA LYS A 536 -5.55 32.86 -71.51
C LYS A 536 -5.91 31.99 -70.30
N ILE A 537 -5.57 32.43 -69.09
CA ILE A 537 -5.96 31.68 -67.90
C ILE A 537 -7.47 31.71 -67.74
N GLY A 538 -8.09 32.87 -67.99
CA GLY A 538 -9.54 32.98 -67.89
C GLY A 538 -10.28 32.17 -68.93
N GLN A 539 -9.67 31.98 -70.11
CA GLN A 539 -10.32 31.22 -71.17
C GLN A 539 -10.46 29.75 -70.82
N ILE A 540 -9.81 29.29 -69.75
CA ILE A 540 -9.94 27.89 -69.31
C ILE A 540 -11.36 27.61 -68.87
N VAL A 541 -11.96 28.52 -68.09
CA VAL A 541 -13.32 28.36 -67.59
C VAL A 541 -14.31 29.12 -68.45
N GLY A 542 -13.89 29.59 -69.63
CA GLY A 542 -14.76 30.34 -70.52
C GLY A 542 -14.95 31.78 -70.08
N ALA A 543 -13.86 32.46 -69.75
CA ALA A 543 -13.94 33.84 -69.28
C ALA A 543 -12.71 34.60 -69.80
N GLY A 544 -12.49 35.81 -69.28
CA GLY A 544 -11.38 36.62 -69.71
C GLY A 544 -10.37 36.91 -68.62
N LYS A 545 -9.75 38.09 -68.67
CA LYS A 545 -8.76 38.45 -67.65
C LYS A 545 -9.39 38.70 -66.29
N GLU A 546 -10.70 38.96 -66.23
CA GLU A 546 -11.38 39.15 -64.96
C GLU A 546 -11.26 37.90 -64.10
N ARG A 547 -11.80 36.79 -64.59
CA ARG A 547 -11.67 35.53 -63.87
C ARG A 547 -10.22 35.06 -63.86
N GLY A 548 -9.44 35.44 -64.87
CA GLY A 548 -8.05 35.01 -64.93
C GLY A 548 -7.20 35.60 -63.82
N LYS A 549 -7.29 36.92 -63.64
CA LYS A 549 -6.53 37.57 -62.57
C LYS A 549 -6.88 36.99 -61.21
N GLU A 550 -8.18 36.80 -60.95
CA GLU A 550 -8.63 36.30 -59.66
C GLU A 550 -8.31 34.82 -59.48
N LEU A 551 -8.19 34.08 -60.59
CA LEU A 551 -7.86 32.66 -60.50
C LEU A 551 -6.39 32.46 -60.13
N LYS A 552 -5.52 33.36 -60.61
CA LYS A 552 -4.10 33.27 -60.34
C LYS A 552 -3.78 33.81 -58.95
N LYS A 553 -4.44 34.90 -58.56
CA LYS A 553 -4.22 35.48 -57.24
C LYS A 553 -4.69 34.54 -56.15
N LYS A 554 -5.81 33.84 -56.38
CA LYS A 554 -6.32 32.89 -55.41
C LYS A 554 -5.36 31.71 -55.25
N PHE A 555 -4.79 31.25 -56.36
CA PHE A 555 -3.83 30.15 -56.31
C PHE A 555 -2.58 30.55 -55.53
N LEU A 556 -2.16 31.81 -55.66
CA LEU A 556 -0.98 32.28 -54.94
C LEU A 556 -1.24 32.36 -53.44
N GLU A 557 -2.45 32.74 -53.05
CA GLU A 557 -2.78 32.87 -51.63
C GLU A 557 -2.85 31.51 -50.95
N ASN A 558 -3.37 30.50 -51.65
CA ASN A 558 -3.45 29.16 -51.08
C ASN A 558 -2.13 28.41 -51.19
N THR A 559 -1.19 28.90 -52.00
CA THR A 559 0.13 28.28 -52.14
C THR A 559 1.21 29.34 -51.91
N PRO A 560 1.46 29.69 -50.65
CA PRO A 560 2.44 30.75 -50.34
C PRO A 560 3.83 30.45 -50.85
N ALA A 561 4.25 29.19 -50.77
CA ALA A 561 5.62 28.80 -51.13
C ALA A 561 6.01 29.23 -52.53
N ILE A 562 5.07 29.16 -53.47
CA ILE A 562 5.35 29.56 -54.84
C ILE A 562 5.75 31.02 -54.91
N ALA A 563 5.03 31.89 -54.20
CA ALA A 563 5.37 33.31 -54.20
C ALA A 563 6.70 33.54 -53.51
N ALA A 564 6.94 32.87 -52.38
CA ALA A 564 8.20 33.00 -51.67
C ALA A 564 9.37 32.50 -52.52
N LEU A 565 9.10 31.55 -53.41
CA LEU A 565 10.15 31.09 -54.31
C LEU A 565 10.64 32.24 -55.19
N ARG A 566 9.71 33.07 -55.68
CA ARG A 566 10.10 34.20 -56.51
C ARG A 566 10.76 35.31 -55.70
N GLU A 567 10.76 35.19 -54.36
CA GLU A 567 11.55 36.09 -53.53
C GLU A 567 13.01 35.67 -53.57
N SER A 568 13.28 34.42 -53.20
CA SER A 568 14.65 33.91 -53.22
C SER A 568 15.28 34.07 -54.59
N ILE A 569 14.49 33.96 -55.65
CA ILE A 569 15.00 34.16 -57.00
C ILE A 569 15.27 35.64 -57.25
N GLN A 570 14.32 36.49 -56.87
CA GLN A 570 14.48 37.94 -57.05
C GLN A 570 15.52 38.52 -56.10
N GLN A 571 15.83 37.81 -55.02
CA GLN A 571 16.82 38.22 -54.03
C GLN A 571 18.15 37.51 -54.23
N THR A 572 18.41 37.03 -55.45
CA THR A 572 19.63 36.31 -55.76
C THR A 572 20.91 37.12 -56.13
N LEU A 573 20.85 38.38 -56.59
CA LEU A 573 19.68 39.25 -56.79
C LEU A 573 19.50 39.59 -58.27
N VAL A 574 18.58 40.52 -58.53
CA VAL A 574 18.35 41.06 -59.87
C VAL A 574 18.31 42.58 -59.81
N GLU A 575 17.57 43.19 -60.73
CA GLU A 575 17.42 44.64 -60.78
C GLU A 575 16.02 45.04 -60.31
N SER A 576 15.31 45.94 -61.00
CA SER A 576 13.92 46.36 -60.76
C SER A 576 13.34 46.77 -62.11
N SER A 577 12.03 46.59 -62.29
CA SER A 577 11.36 46.86 -63.55
C SER A 577 10.45 48.09 -63.45
N GLN A 578 10.03 48.60 -64.61
CA GLN A 578 9.20 49.80 -64.68
C GLN A 578 8.46 49.81 -66.01
N TRP A 579 7.15 50.12 -65.95
CA TRP A 579 6.27 50.18 -67.10
C TRP A 579 6.11 51.62 -67.61
N VAL A 580 6.23 51.80 -68.92
CA VAL A 580 6.11 53.12 -69.56
C VAL A 580 5.05 53.02 -70.65
N ALA A 581 3.79 53.30 -70.31
CA ALA A 581 2.70 53.56 -71.26
C ALA A 581 2.43 52.35 -72.17
N GLY A 582 2.40 51.16 -71.57
CA GLY A 582 2.03 49.97 -72.31
C GLY A 582 3.17 49.19 -72.92
N GLU A 583 4.42 49.48 -72.52
CA GLU A 583 5.58 48.76 -73.02
C GLU A 583 6.24 48.03 -71.86
N GLN A 584 6.47 46.72 -72.04
CA GLN A 584 7.13 45.93 -71.01
C GLN A 584 8.61 46.24 -71.02
N GLN A 585 9.10 46.91 -69.98
CA GLN A 585 10.51 47.28 -69.87
C GLN A 585 11.23 46.48 -68.80
N VAL A 586 10.79 45.24 -68.57
CA VAL A 586 11.41 44.28 -67.67
C VAL A 586 12.93 44.20 -67.79
N LYS A 587 13.66 45.05 -67.08
CA LYS A 587 15.13 44.90 -67.06
C LYS A 587 15.55 43.93 -65.97
N TRP A 588 16.87 43.77 -65.82
CA TRP A 588 17.42 42.81 -64.87
C TRP A 588 18.91 43.09 -64.69
N LYS A 589 19.42 42.72 -63.52
CA LYS A 589 20.86 42.74 -63.26
C LYS A 589 21.52 41.39 -63.48
N ARG A 590 20.87 40.31 -63.05
CA ARG A 590 21.39 38.95 -63.21
C ARG A 590 20.55 38.23 -64.25
N ARG A 591 21.13 37.97 -65.42
CA ARG A 591 20.47 37.18 -66.44
C ARG A 591 21.15 35.82 -66.57
N TRP A 592 21.30 35.11 -65.46
CA TRP A 592 21.88 33.77 -65.48
C TRP A 592 21.54 33.07 -64.17
N ILE A 593 20.81 31.96 -64.28
CA ILE A 593 20.42 31.13 -63.15
C ILE A 593 21.38 29.95 -63.02
N LYS A 594 21.77 29.64 -61.79
CA LYS A 594 22.61 28.46 -61.56
C LYS A 594 21.76 27.20 -61.69
N GLY A 595 22.27 26.21 -62.41
CA GLY A 595 21.57 24.96 -62.61
C GLY A 595 21.85 23.98 -61.50
N LEU A 596 21.43 22.73 -61.73
CA LEU A 596 21.73 21.68 -60.78
C LEU A 596 23.19 21.24 -60.87
N ASP A 597 23.76 21.25 -62.07
CA ASP A 597 25.18 20.96 -62.28
C ASP A 597 26.05 22.20 -62.15
N GLY A 598 25.46 23.37 -61.92
CA GLY A 598 26.22 24.60 -61.76
C GLY A 598 26.45 25.40 -63.02
N ARG A 599 25.86 25.00 -64.15
CA ARG A 599 26.04 25.71 -65.40
C ARG A 599 25.27 27.03 -65.36
N LYS A 600 25.65 27.94 -66.26
CA LYS A 600 24.92 29.19 -66.42
C LYS A 600 23.73 29.02 -67.35
N VAL A 601 22.54 29.34 -66.86
CA VAL A 601 21.32 29.30 -67.64
C VAL A 601 20.85 30.74 -67.75
N HIS A 602 21.20 31.38 -68.88
CA HIS A 602 20.92 32.79 -69.10
C HIS A 602 19.46 33.19 -68.99
N VAL A 603 18.52 32.24 -69.08
CA VAL A 603 17.08 32.47 -68.95
C VAL A 603 16.65 33.73 -69.73
N ARG A 604 15.57 34.37 -69.31
CA ARG A 604 15.02 35.54 -69.99
C ARG A 604 14.65 36.58 -68.94
N SER A 605 13.62 37.38 -69.21
CA SER A 605 13.13 38.37 -68.27
C SER A 605 12.49 37.69 -67.06
N PRO A 606 12.40 38.39 -65.93
CA PRO A 606 11.75 37.81 -64.74
C PRO A 606 10.26 37.54 -64.90
N HIS A 607 9.70 37.85 -66.08
CA HIS A 607 8.26 37.66 -66.28
C HIS A 607 7.87 36.19 -66.14
N ALA A 608 8.74 35.28 -66.56
CA ALA A 608 8.54 33.85 -66.35
C ALA A 608 9.71 33.29 -65.58
N ALA A 609 10.80 32.96 -66.29
CA ALA A 609 12.03 32.43 -65.72
C ALA A 609 11.82 31.13 -64.95
N LEU A 610 10.71 31.02 -64.21
CA LEU A 610 10.38 29.79 -63.51
C LEU A 610 10.37 28.60 -64.43
N ASN A 611 9.77 28.75 -65.61
CA ASN A 611 9.74 27.68 -66.60
C ASN A 611 11.15 27.22 -66.97
N THR A 612 12.07 28.17 -67.14
CA THR A 612 13.45 27.80 -67.47
C THR A 612 14.11 27.07 -66.31
N LEU A 613 13.88 27.54 -65.08
CA LEU A 613 14.48 26.91 -63.92
C LEU A 613 14.01 25.46 -63.80
N LEU A 614 12.72 25.22 -63.95
CA LEU A 614 12.17 23.88 -63.81
C LEU A 614 12.60 23.00 -64.98
N GLN A 615 12.49 23.53 -66.21
CA GLN A 615 12.87 22.74 -67.37
C GLN A 615 14.38 22.47 -67.38
N SER A 616 15.17 23.41 -66.87
CA SER A 616 16.60 23.14 -66.71
C SER A 616 16.81 22.03 -65.72
N ALA A 617 16.10 22.10 -64.59
CA ALA A 617 16.17 21.02 -63.62
C ALA A 617 15.72 19.70 -64.22
N GLY A 618 14.54 19.70 -64.85
CA GLY A 618 13.99 18.46 -65.38
C GLY A 618 14.84 17.83 -66.47
N ALA A 619 15.29 18.63 -67.43
CA ALA A 619 16.06 18.06 -68.54
C ALA A 619 17.45 17.64 -68.10
N LEU A 620 18.10 18.42 -67.22
CA LEU A 620 19.41 18.03 -66.72
C LEU A 620 19.32 16.78 -65.85
N ILE A 621 18.19 16.58 -65.18
CA ILE A 621 17.97 15.34 -64.45
C ILE A 621 17.95 14.17 -65.42
N CYS A 622 17.21 14.33 -66.51
CA CYS A 622 17.08 13.26 -67.50
C CYS A 622 18.42 12.97 -68.16
N LYS A 623 19.23 13.99 -68.38
CA LYS A 623 20.54 13.78 -68.98
C LYS A 623 21.38 12.87 -68.08
N LEU A 624 21.44 13.18 -66.79
CA LEU A 624 22.11 12.29 -65.85
C LEU A 624 21.40 10.95 -65.76
N TRP A 625 20.07 10.97 -65.85
CA TRP A 625 19.29 9.74 -65.76
C TRP A 625 19.66 8.75 -66.87
N ILE A 626 19.64 9.21 -68.12
CA ILE A 626 19.96 8.32 -69.24
C ILE A 626 21.44 7.94 -69.23
N ILE A 627 22.28 8.74 -68.59
CA ILE A 627 23.69 8.41 -68.46
C ILE A 627 23.89 7.33 -67.40
N LYS A 628 23.29 7.51 -66.23
CA LYS A 628 23.46 6.58 -65.12
C LYS A 628 22.84 5.21 -65.44
N THR A 629 21.73 5.20 -66.15
CA THR A 629 21.09 3.94 -66.50
C THR A 629 22.01 3.07 -67.35
N GLU A 630 22.56 3.65 -68.43
CA GLU A 630 23.44 2.89 -69.31
C GLU A 630 24.72 2.50 -68.59
N GLU A 631 25.22 3.37 -67.71
CA GLU A 631 26.41 3.04 -66.94
C GLU A 631 26.14 1.82 -66.06
N MET A 632 24.96 1.76 -65.46
CA MET A 632 24.59 0.62 -64.63
C MET A 632 24.33 -0.61 -65.49
N LEU A 633 23.71 -0.44 -66.66
CA LEU A 633 23.48 -1.57 -67.55
C LEU A 633 24.81 -2.17 -68.00
N VAL A 634 25.78 -1.30 -68.30
CA VAL A 634 27.13 -1.77 -68.59
C VAL A 634 27.75 -2.37 -67.35
N GLU A 635 27.48 -1.75 -66.19
CA GLU A 635 28.01 -2.27 -64.94
C GLU A 635 27.40 -3.61 -64.61
N LYS A 636 26.10 -3.79 -64.87
CA LYS A 636 25.45 -5.07 -64.62
C LYS A 636 25.91 -6.15 -65.59
N GLY A 637 26.56 -5.77 -66.70
CA GLY A 637 27.09 -6.73 -67.65
C GLY A 637 26.46 -6.69 -69.02
N LEU A 638 25.36 -5.98 -69.19
CA LEU A 638 24.73 -5.87 -70.50
C LEU A 638 25.64 -5.12 -71.45
N LYS A 639 25.44 -5.38 -72.75
CA LYS A 639 26.24 -4.79 -73.81
C LYS A 639 25.40 -3.86 -74.66
N HIS A 640 25.95 -2.68 -74.96
CA HIS A 640 25.23 -1.68 -75.74
C HIS A 640 25.61 -1.81 -77.21
N GLY A 641 24.60 -1.83 -78.07
CA GLY A 641 24.80 -2.01 -79.50
C GLY A 641 23.96 -3.17 -79.98
N TRP A 642 23.56 -3.12 -81.25
CA TRP A 642 22.70 -4.14 -81.82
C TRP A 642 23.34 -5.53 -81.81
N ASP A 643 24.67 -5.60 -81.67
CA ASP A 643 25.35 -6.85 -81.44
C ASP A 643 25.45 -7.22 -79.96
N GLY A 644 24.88 -6.40 -79.07
CA GLY A 644 24.89 -6.67 -77.66
C GLY A 644 23.57 -7.15 -77.12
N ASP A 645 22.96 -6.38 -76.22
CA ASP A 645 21.70 -6.78 -75.59
C ASP A 645 20.65 -5.70 -75.69
N PHE A 646 21.08 -4.44 -75.75
CA PHE A 646 20.16 -3.31 -75.78
C PHE A 646 20.76 -2.18 -76.61
N ALA A 647 19.89 -1.26 -77.05
CA ALA A 647 20.34 -0.12 -77.83
C ALA A 647 19.43 1.07 -77.64
N TYR A 648 20.01 2.21 -77.26
CA TYR A 648 19.28 3.46 -77.17
C TYR A 648 18.79 3.89 -78.54
N MET A 649 17.49 4.13 -78.67
CA MET A 649 16.91 4.50 -79.95
C MET A 649 16.47 5.96 -80.04
N ALA A 650 15.91 6.53 -78.97
CA ALA A 650 15.44 7.91 -78.99
C ALA A 650 15.31 8.42 -77.57
N TRP A 651 15.70 9.67 -77.34
CA TRP A 651 15.51 10.37 -76.08
C TRP A 651 14.58 11.56 -76.28
N VAL A 652 13.42 11.54 -75.62
CA VAL A 652 12.40 12.58 -75.78
C VAL A 652 12.12 13.20 -74.41
N HIS A 653 12.80 14.31 -74.10
CA HIS A 653 12.54 15.12 -72.91
C HIS A 653 12.71 14.34 -71.62
N ASP A 654 11.68 13.58 -71.29
CA ASP A 654 11.64 12.80 -70.05
C ASP A 654 11.42 11.31 -70.30
N GLU A 655 11.31 10.89 -71.57
CA GLU A 655 11.14 9.49 -71.92
C GLU A 655 12.23 9.07 -72.91
N ILE A 656 12.55 7.78 -72.91
CA ILE A 656 13.53 7.19 -73.80
C ILE A 656 12.97 5.88 -74.36
N GLN A 657 13.44 5.51 -75.55
CA GLN A 657 13.06 4.28 -76.23
C GLN A 657 14.28 3.41 -76.40
N VAL A 658 14.31 2.25 -75.74
CA VAL A 658 15.45 1.36 -75.73
C VAL A 658 15.08 0.05 -76.43
N GLY A 659 15.86 -0.33 -77.44
CA GLY A 659 15.70 -1.63 -78.07
C GLY A 659 16.32 -2.70 -77.20
N CYS A 660 15.69 -3.87 -77.17
CA CYS A 660 16.14 -4.95 -76.30
C CYS A 660 16.05 -6.29 -77.01
N ARG A 661 17.11 -7.09 -76.88
CA ARG A 661 17.19 -8.37 -77.58
C ARG A 661 16.14 -9.37 -77.11
N THR A 662 15.89 -9.44 -75.81
CA THR A 662 14.84 -10.31 -75.29
C THR A 662 13.98 -9.53 -74.32
N GLU A 663 12.74 -10.02 -74.14
CA GLU A 663 11.84 -9.40 -73.17
C GLU A 663 12.48 -9.34 -71.80
N GLU A 664 13.27 -10.37 -71.47
CA GLU A 664 13.94 -10.44 -70.18
C GLU A 664 14.88 -9.26 -70.00
N ILE A 665 15.60 -8.89 -71.05
CA ILE A 665 16.52 -7.76 -70.98
C ILE A 665 15.77 -6.47 -70.72
N ALA A 666 14.63 -6.30 -71.40
CA ALA A 666 13.83 -5.10 -71.22
C ALA A 666 13.37 -4.94 -69.77
N GLN A 667 13.07 -6.06 -69.10
CA GLN A 667 12.63 -5.99 -67.71
C GLN A 667 13.73 -5.43 -66.82
N VAL A 668 14.98 -5.81 -67.07
CA VAL A 668 16.10 -5.26 -66.31
C VAL A 668 16.26 -3.79 -66.62
N VAL A 669 16.09 -3.41 -67.88
CA VAL A 669 16.18 -2.01 -68.30
C VAL A 669 15.20 -1.15 -67.52
N ILE A 670 13.94 -1.60 -67.42
CA ILE A 670 12.92 -0.86 -66.70
C ILE A 670 13.33 -0.64 -65.24
N GLU A 671 13.75 -1.72 -64.58
CA GLU A 671 14.18 -1.63 -63.19
C GLU A 671 15.43 -0.76 -63.06
N THR A 672 16.37 -0.92 -63.99
CA THR A 672 17.61 -0.14 -63.95
C THR A 672 17.30 1.34 -64.12
N ALA A 673 16.39 1.67 -65.03
CA ALA A 673 16.04 3.07 -65.26
C ALA A 673 15.49 3.70 -63.99
N GLN A 674 14.68 2.96 -63.23
CA GLN A 674 14.19 3.48 -61.97
C GLN A 674 15.32 3.65 -60.97
N GLU A 675 16.25 2.69 -60.93
CA GLU A 675 17.37 2.75 -60.00
C GLU A 675 18.24 3.96 -60.28
N ALA A 676 18.44 4.28 -61.56
CA ALA A 676 19.25 5.44 -61.90
C ALA A 676 18.54 6.72 -61.53
N MET A 677 17.20 6.75 -61.66
CA MET A 677 16.46 7.96 -61.35
C MET A 677 16.53 8.28 -59.86
N ARG A 678 16.64 7.25 -59.01
CA ARG A 678 16.72 7.46 -57.57
C ARG A 678 18.13 7.90 -57.18
N TRP A 679 19.12 7.34 -57.87
CA TRP A 679 20.50 7.74 -57.66
C TRP A 679 20.69 9.21 -58.02
N VAL A 680 20.10 9.64 -59.14
CA VAL A 680 20.16 11.05 -59.52
C VAL A 680 19.51 11.91 -58.44
N GLY A 681 18.34 11.49 -57.95
CA GLY A 681 17.68 12.25 -56.91
C GLY A 681 18.50 12.29 -55.62
N ASP A 682 19.22 11.21 -55.34
CA ASP A 682 20.07 11.15 -54.15
C ASP A 682 21.34 11.97 -54.36
N HIS A 683 21.92 11.91 -55.55
CA HIS A 683 23.18 12.60 -55.83
C HIS A 683 23.06 14.10 -55.60
N TRP A 684 22.03 14.73 -56.15
CA TRP A 684 21.86 16.17 -56.04
C TRP A 684 21.02 16.57 -54.84
N ASN A 685 20.76 15.63 -53.92
CA ASN A 685 19.98 15.89 -52.70
C ASN A 685 18.64 16.56 -53.02
N PHE A 686 17.87 15.91 -53.88
CA PHE A 686 16.58 16.47 -54.29
C PHE A 686 15.60 16.45 -53.12
N ARG A 687 14.89 17.57 -52.93
CA ARG A 687 13.94 17.69 -51.83
C ARG A 687 12.67 16.87 -52.06
N CYS A 688 12.37 16.52 -53.32
CA CYS A 688 11.19 15.73 -53.66
C CYS A 688 11.62 14.41 -54.30
N LEU A 689 10.71 13.44 -54.26
CA LEU A 689 11.02 12.09 -54.74
C LEU A 689 10.75 11.98 -56.23
N LEU A 690 11.68 11.34 -56.94
CA LEU A 690 11.60 11.14 -58.39
C LEU A 690 11.33 9.67 -58.68
N ASP A 691 10.53 9.40 -59.71
CA ASP A 691 10.13 8.05 -60.05
C ASP A 691 9.90 7.95 -61.55
N THR A 692 9.89 6.70 -62.04
CA THR A 692 9.65 6.41 -63.44
C THR A 692 8.71 5.22 -63.58
N GLU A 693 8.13 5.09 -64.77
CA GLU A 693 7.25 3.99 -65.12
C GLU A 693 7.66 3.42 -66.47
N GLY A 694 7.76 2.10 -66.55
CA GLY A 694 8.19 1.43 -67.77
C GLY A 694 7.06 0.65 -68.42
N LYS A 695 7.13 0.55 -69.74
CA LYS A 695 6.16 -0.20 -70.54
C LYS A 695 6.92 -1.02 -71.58
N MET A 696 6.60 -2.31 -71.63
CA MET A 696 7.26 -3.24 -72.55
C MET A 696 6.35 -3.51 -73.76
N GLY A 697 6.98 -3.68 -74.93
CA GLY A 697 6.25 -3.91 -76.14
C GLY A 697 7.10 -3.93 -77.39
N PRO A 698 6.47 -4.12 -78.54
CA PRO A 698 7.21 -4.15 -79.80
C PRO A 698 7.62 -2.78 -80.34
N ASN A 699 6.70 -1.82 -80.38
CA ASN A 699 6.97 -0.54 -81.04
C ASN A 699 6.70 0.62 -80.08
N TRP A 700 6.67 1.84 -80.64
CA TRP A 700 6.49 3.05 -79.85
C TRP A 700 5.04 3.27 -79.45
N ALA A 701 4.09 2.83 -80.28
CA ALA A 701 2.68 2.98 -79.95
C ALA A 701 2.27 2.17 -78.73
N ILE A 702 3.08 1.20 -78.32
CA ILE A 702 2.80 0.38 -77.15
C ILE A 702 3.54 0.88 -75.92
N CYS A 703 4.78 1.34 -76.10
CA CYS A 703 5.57 1.86 -75.00
C CYS A 703 5.21 3.28 -74.63
N HIS A 704 4.17 3.84 -75.26
CA HIS A 704 3.70 5.18 -74.93
C HIS A 704 2.28 5.36 -75.48
N MET B 1 -59.67 -13.14 -22.81
CA MET B 1 -60.65 -12.62 -21.86
C MET B 1 -62.08 -12.81 -22.35
N ILE B 2 -62.95 -13.36 -21.49
CA ILE B 2 -64.36 -13.55 -21.79
C ILE B 2 -65.19 -12.77 -20.78
N VAL B 3 -66.38 -12.35 -21.21
CA VAL B 3 -67.31 -11.58 -20.39
C VAL B 3 -68.64 -12.31 -20.33
N SER B 4 -69.19 -12.49 -19.12
CA SER B 4 -70.45 -13.20 -18.98
C SER B 4 -71.22 -12.72 -17.76
N ALA B 5 -72.48 -13.14 -17.69
CA ALA B 5 -73.39 -12.93 -16.57
C ALA B 5 -74.52 -13.94 -16.74
N ILE B 6 -75.05 -14.46 -15.62
CA ILE B 6 -76.00 -15.57 -15.68
C ILE B 6 -77.33 -15.17 -15.06
N ALA B 7 -78.29 -16.09 -15.19
CA ALA B 7 -79.64 -15.94 -14.65
C ALA B 7 -80.04 -17.28 -14.05
N ALA B 8 -80.35 -17.28 -12.76
CA ALA B 8 -80.77 -18.48 -12.05
C ALA B 8 -82.18 -18.29 -11.53
N ASN B 9 -82.68 -19.31 -10.82
CA ASN B 9 -84.06 -19.28 -10.34
C ASN B 9 -84.22 -18.50 -9.04
N ALA B 10 -83.16 -18.34 -8.26
CA ALA B 10 -83.28 -17.69 -6.95
C ALA B 10 -81.92 -17.17 -6.54
N LEU B 11 -81.80 -16.78 -5.28
CA LEU B 11 -80.57 -16.24 -4.72
C LEU B 11 -79.61 -17.38 -4.35
N LEU B 12 -78.40 -16.98 -3.95
CA LEU B 12 -77.32 -17.90 -3.62
C LEU B 12 -77.69 -18.89 -2.53
N GLU B 13 -78.76 -18.64 -1.78
CA GLU B 13 -79.07 -19.40 -0.59
C GLU B 13 -80.11 -20.50 -0.83
N SER B 14 -80.70 -20.56 -2.02
CA SER B 14 -81.68 -21.59 -2.33
C SER B 14 -81.86 -21.77 -3.83
N VAL B 15 -80.92 -21.22 -4.61
CA VAL B 15 -80.94 -21.43 -6.05
C VAL B 15 -80.98 -22.92 -6.35
N THR B 16 -81.74 -23.30 -7.37
CA THR B 16 -81.89 -24.72 -7.68
C THR B 16 -81.54 -25.06 -9.13
N LYS B 17 -81.80 -24.16 -10.07
CA LYS B 17 -81.65 -24.50 -11.47
C LYS B 17 -80.97 -23.37 -12.23
N PHE B 18 -80.16 -23.75 -13.22
CA PHE B 18 -79.52 -22.80 -14.11
C PHE B 18 -80.41 -22.56 -15.31
N HIS B 19 -80.73 -21.30 -15.56
CA HIS B 19 -81.52 -20.93 -16.73
C HIS B 19 -80.63 -20.66 -17.93
N CYS B 20 -80.02 -19.47 -17.98
CA CYS B 20 -79.27 -19.07 -19.15
C CYS B 20 -78.00 -18.31 -18.75
N GLY B 21 -77.14 -18.10 -19.75
CA GLY B 21 -75.88 -17.39 -19.63
C GLY B 21 -75.33 -17.05 -21.00
N VAL B 22 -74.69 -15.89 -21.15
CA VAL B 22 -74.13 -15.44 -22.42
C VAL B 22 -72.64 -15.17 -22.24
N ILE B 23 -71.83 -15.60 -23.21
CA ILE B 23 -70.38 -15.47 -23.16
C ILE B 23 -69.88 -14.73 -24.39
N TYR B 24 -69.35 -13.52 -24.18
CA TYR B 24 -68.70 -12.74 -25.23
C TYR B 24 -67.19 -12.98 -25.17
N ASP B 25 -66.63 -13.46 -26.27
CA ASP B 25 -65.19 -13.68 -26.36
C ASP B 25 -64.54 -12.54 -27.13
N TYR B 26 -63.50 -11.94 -26.55
CA TYR B 26 -62.80 -10.84 -27.20
C TYR B 26 -62.00 -11.33 -28.40
N SER B 27 -61.51 -12.56 -28.35
CA SER B 27 -60.78 -13.14 -29.47
C SER B 27 -61.70 -13.48 -30.63
N THR B 28 -62.93 -13.87 -30.33
CA THR B 28 -63.94 -14.16 -31.36
C THR B 28 -64.76 -12.94 -31.73
N ALA B 29 -64.85 -11.94 -30.85
CA ALA B 29 -65.66 -10.74 -31.06
C ALA B 29 -67.12 -11.08 -31.32
N GLU B 30 -67.60 -12.17 -30.73
CA GLU B 30 -68.96 -12.61 -30.97
C GLU B 30 -69.50 -13.31 -29.72
N TYR B 31 -70.79 -13.10 -29.45
CA TYR B 31 -71.46 -13.64 -28.29
C TYR B 31 -71.92 -15.08 -28.54
N VAL B 32 -72.14 -15.80 -27.43
CA VAL B 32 -72.66 -17.17 -27.46
C VAL B 32 -73.73 -17.29 -26.37
N SER B 33 -74.92 -17.75 -26.75
CA SER B 33 -76.05 -17.86 -25.83
C SER B 33 -76.22 -19.31 -25.36
N TYR B 34 -76.54 -19.47 -24.08
CA TYR B 34 -76.75 -20.78 -23.47
C TYR B 34 -78.15 -20.85 -22.86
N ARG B 35 -78.63 -22.10 -22.72
CA ARG B 35 -79.99 -22.37 -22.28
C ARG B 35 -79.99 -23.52 -21.27
N PRO B 36 -81.11 -23.82 -20.60
CA PRO B 36 -81.10 -24.83 -19.52
C PRO B 36 -80.50 -26.17 -19.91
N SER B 37 -80.66 -26.60 -21.16
CA SER B 37 -80.04 -27.83 -21.63
C SER B 37 -78.61 -27.63 -22.10
N ASP B 38 -78.06 -26.44 -21.88
CA ASP B 38 -76.70 -26.11 -22.29
C ASP B 38 -75.82 -25.71 -21.09
N PHE B 39 -76.31 -25.96 -19.87
CA PHE B 39 -75.56 -25.66 -18.66
C PHE B 39 -74.20 -26.36 -18.63
N GLY B 40 -74.15 -27.62 -19.07
CA GLY B 40 -72.90 -28.36 -19.03
C GLY B 40 -71.80 -27.75 -19.88
N ALA B 41 -72.13 -27.36 -21.10
CA ALA B 41 -71.13 -26.76 -21.98
C ALA B 41 -70.70 -25.40 -21.48
N TYR B 42 -71.57 -24.73 -20.71
CA TYR B 42 -71.23 -23.43 -20.15
C TYR B 42 -70.04 -23.53 -19.21
N LEU B 43 -70.04 -24.54 -18.34
CA LEU B 43 -68.93 -24.70 -17.39
C LEU B 43 -67.62 -25.03 -18.11
N ASP B 44 -67.70 -25.79 -19.19
CA ASP B 44 -66.51 -26.11 -19.97
C ASP B 44 -65.95 -24.86 -20.63
N ALA B 45 -66.84 -24.01 -21.16
CA ALA B 45 -66.39 -22.78 -21.81
C ALA B 45 -65.63 -21.90 -20.82
N LEU B 46 -66.02 -21.93 -19.55
CA LEU B 46 -65.29 -21.21 -18.53
C LEU B 46 -63.97 -21.91 -18.23
N GLU B 47 -63.98 -23.24 -18.20
CA GLU B 47 -62.77 -24.01 -17.99
C GLU B 47 -61.76 -23.78 -19.11
N ALA B 48 -62.25 -23.59 -20.34
CA ALA B 48 -61.37 -23.39 -21.48
C ALA B 48 -60.59 -22.09 -21.36
N GLU B 49 -61.24 -21.02 -20.91
CA GLU B 49 -60.54 -19.76 -20.71
C GLU B 49 -59.52 -19.88 -19.57
N VAL B 50 -59.77 -20.78 -18.62
CA VAL B 50 -58.82 -21.02 -17.55
C VAL B 50 -57.62 -21.78 -18.08
N ALA B 51 -57.84 -22.70 -19.03
CA ALA B 51 -56.74 -23.47 -19.61
C ALA B 51 -55.82 -22.57 -20.41
N ARG B 52 -56.37 -21.56 -21.08
CA ARG B 52 -55.55 -20.62 -21.83
C ARG B 52 -54.87 -19.62 -20.91
N GLY B 53 -55.22 -19.61 -19.63
CA GLY B 53 -54.74 -18.57 -18.74
C GLY B 53 -55.33 -17.21 -19.01
N GLY B 54 -56.52 -17.16 -19.58
CA GLY B 54 -57.18 -15.91 -19.86
C GLY B 54 -57.88 -15.32 -18.65
N LEU B 55 -59.04 -14.70 -18.86
CA LEU B 55 -59.77 -14.02 -17.80
C LEU B 55 -61.26 -14.22 -18.04
N ILE B 56 -62.04 -14.18 -16.96
CA ILE B 56 -63.49 -14.31 -17.01
C ILE B 56 -64.12 -13.12 -16.28
N VAL B 57 -64.92 -12.34 -16.99
CA VAL B 57 -65.51 -11.10 -16.48
C VAL B 57 -66.95 -11.35 -16.03
N PHE B 58 -67.20 -11.15 -14.73
CA PHE B 58 -68.54 -11.21 -14.14
C PHE B 58 -68.82 -9.93 -13.39
N HIS B 59 -70.10 -9.63 -13.20
CA HIS B 59 -70.53 -8.58 -12.28
C HIS B 59 -71.04 -9.21 -10.99
N ASN B 60 -70.40 -8.88 -9.88
CA ASN B 60 -70.64 -9.52 -8.59
C ASN B 60 -70.40 -11.03 -8.68
N GLY B 61 -69.47 -11.45 -9.53
CA GLY B 61 -69.23 -12.87 -9.71
C GLY B 61 -68.56 -13.49 -8.50
N HIS B 62 -67.64 -12.76 -7.88
CA HIS B 62 -66.93 -13.28 -6.71
C HIS B 62 -67.90 -13.70 -5.61
N LYS B 63 -69.00 -12.99 -5.46
CA LYS B 63 -69.91 -13.17 -4.34
C LYS B 63 -71.12 -14.04 -4.68
N TYR B 64 -71.52 -14.08 -5.95
CA TYR B 64 -72.74 -14.75 -6.35
C TYR B 64 -72.49 -15.75 -7.48
N ASP B 65 -72.14 -15.22 -8.67
CA ASP B 65 -72.01 -16.05 -9.86
C ASP B 65 -71.10 -17.26 -9.64
N VAL B 66 -69.86 -17.01 -9.21
CA VAL B 66 -68.90 -18.11 -9.06
C VAL B 66 -69.34 -19.13 -8.02
N PRO B 67 -69.76 -18.74 -6.81
CA PRO B 67 -70.23 -19.76 -5.87
C PRO B 67 -71.54 -20.42 -6.29
N ALA B 68 -72.38 -19.72 -7.05
CA ALA B 68 -73.63 -20.33 -7.51
C ALA B 68 -73.35 -21.38 -8.57
N LEU B 69 -72.42 -21.09 -9.48
CA LEU B 69 -72.05 -22.06 -10.52
C LEU B 69 -71.28 -23.23 -9.93
N THR B 70 -70.67 -23.05 -8.76
CA THR B 70 -70.09 -24.17 -8.03
C THR B 70 -71.20 -24.98 -7.38
N LYS B 71 -72.20 -24.29 -6.83
CA LYS B 71 -73.31 -24.94 -6.16
C LYS B 71 -74.23 -25.65 -7.16
N LEU B 72 -74.53 -25.00 -8.28
CA LEU B 72 -75.42 -25.59 -9.27
C LEU B 72 -74.80 -26.81 -9.94
N ALA B 73 -73.48 -26.84 -10.07
CA ALA B 73 -72.81 -27.95 -10.75
C ALA B 73 -72.82 -29.21 -9.90
N LYS B 74 -73.09 -29.09 -8.60
CA LYS B 74 -73.05 -30.23 -7.70
C LYS B 74 -74.38 -30.98 -7.67
N LEU B 75 -75.50 -30.25 -7.69
CA LEU B 75 -76.82 -30.87 -7.61
C LEU B 75 -77.44 -31.15 -8.98
N GLN B 76 -77.06 -30.40 -10.01
CA GLN B 76 -77.62 -30.56 -11.34
C GLN B 76 -76.76 -31.47 -12.22
N LEU B 77 -75.44 -31.23 -12.21
CA LEU B 77 -74.51 -31.99 -13.01
C LEU B 77 -73.63 -32.91 -12.18
N ASN B 78 -73.62 -32.74 -10.86
CA ASN B 78 -72.84 -33.56 -9.94
C ASN B 78 -71.35 -33.49 -10.26
N ARG B 79 -70.88 -32.33 -10.73
CA ARG B 79 -69.49 -32.12 -11.06
C ARG B 79 -68.92 -30.98 -10.22
N GLU B 80 -67.62 -31.02 -9.98
CA GLU B 80 -66.93 -30.02 -9.18
C GLU B 80 -66.49 -28.88 -10.08
N PHE B 81 -66.91 -27.67 -9.76
CA PHE B 81 -66.61 -26.48 -10.56
C PHE B 81 -66.13 -25.36 -9.66
N HIS B 82 -64.83 -25.05 -9.73
CA HIS B 82 -64.23 -24.01 -8.88
C HIS B 82 -63.38 -23.10 -9.76
N LEU B 83 -63.93 -21.95 -10.11
CA LEU B 83 -63.18 -20.94 -10.83
C LEU B 83 -62.01 -20.45 -9.98
N PRO B 84 -60.78 -20.58 -10.47
CA PRO B 84 -59.64 -20.05 -9.69
C PRO B 84 -59.75 -18.55 -9.49
N ARG B 85 -59.44 -18.10 -8.27
CA ARG B 85 -59.56 -16.69 -7.93
C ARG B 85 -58.73 -15.82 -8.87
N GLU B 86 -57.61 -16.35 -9.36
CA GLU B 86 -56.74 -15.59 -10.26
C GLU B 86 -57.39 -15.35 -11.62
N ASN B 87 -58.23 -16.28 -12.07
CA ASN B 87 -58.87 -16.18 -13.38
C ASN B 87 -60.28 -15.62 -13.31
N CYS B 88 -60.52 -14.65 -12.42
CA CYS B 88 -61.83 -14.04 -12.27
C CYS B 88 -61.70 -12.55 -12.06
N ILE B 89 -62.59 -11.79 -12.69
CA ILE B 89 -62.63 -10.34 -12.58
C ILE B 89 -64.05 -9.94 -12.22
N ASP B 90 -64.18 -8.98 -11.32
CA ASP B 90 -65.48 -8.51 -10.84
C ASP B 90 -65.60 -7.01 -11.10
N THR B 91 -66.40 -6.65 -12.12
CA THR B 91 -66.61 -5.25 -12.45
C THR B 91 -67.17 -4.48 -11.25
N LEU B 92 -68.00 -5.14 -10.44
CA LEU B 92 -68.55 -4.52 -9.25
C LEU B 92 -67.46 -4.07 -8.28
N VAL B 93 -66.43 -4.91 -8.11
CA VAL B 93 -65.34 -4.58 -7.19
C VAL B 93 -64.52 -3.43 -7.74
N LEU B 94 -64.21 -3.47 -9.03
CA LEU B 94 -63.47 -2.38 -9.67
C LEU B 94 -64.28 -1.10 -9.64
N SER B 95 -65.60 -1.21 -9.84
CA SER B 95 -66.46 -0.04 -9.72
C SER B 95 -66.37 0.56 -8.33
N ARG B 96 -66.38 -0.29 -7.31
CA ARG B 96 -66.23 0.19 -5.94
C ARG B 96 -64.82 0.66 -5.66
N LEU B 97 -63.84 0.18 -6.45
CA LEU B 97 -62.46 0.64 -6.30
C LEU B 97 -62.22 1.93 -7.06
N ILE B 98 -62.55 1.93 -8.35
CA ILE B 98 -62.26 3.08 -9.21
C ILE B 98 -63.23 4.23 -8.94
N HIS B 99 -64.52 3.92 -8.82
CA HIS B 99 -65.52 4.96 -8.62
C HIS B 99 -66.11 4.90 -7.21
N SER B 100 -65.24 5.04 -6.20
CA SER B 100 -65.71 5.19 -4.83
C SER B 100 -66.34 6.56 -4.59
N ASN B 101 -66.01 7.55 -5.41
CA ASN B 101 -66.54 8.91 -5.29
C ASN B 101 -67.72 9.13 -6.23
N LEU B 102 -68.66 8.19 -6.21
CA LEU B 102 -69.84 8.32 -7.06
C LEU B 102 -70.83 9.33 -6.52
N LYS B 103 -70.88 9.50 -5.19
CA LYS B 103 -71.90 10.32 -4.56
C LYS B 103 -71.92 11.74 -5.12
N ASP B 104 -70.75 12.33 -5.36
CA ASP B 104 -70.70 13.62 -6.05
C ASP B 104 -71.01 13.45 -7.53
N THR B 105 -70.35 12.48 -8.17
CA THR B 105 -70.48 12.23 -9.61
C THR B 105 -71.93 12.25 -10.08
N ASP B 106 -72.86 11.77 -9.25
CA ASP B 106 -74.26 11.66 -9.65
C ASP B 106 -74.93 13.02 -9.85
N MET B 107 -74.37 14.10 -9.29
CA MET B 107 -74.97 15.42 -9.43
C MET B 107 -75.20 15.79 -10.90
N GLY B 108 -74.16 15.63 -11.73
CA GLY B 108 -74.32 15.87 -13.16
C GLY B 108 -75.20 14.83 -13.83
N LEU B 109 -75.11 13.59 -13.36
CA LEU B 109 -75.94 12.51 -13.89
C LEU B 109 -77.41 12.75 -13.56
N LEU B 110 -77.68 13.43 -12.44
CA LEU B 110 -79.05 13.81 -12.10
C LEU B 110 -79.58 14.89 -13.02
N ARG B 111 -78.76 15.89 -13.33
CA ARG B 111 -79.19 16.98 -14.20
C ARG B 111 -79.64 16.47 -15.56
N SER B 112 -79.01 15.39 -16.05
CA SER B 112 -79.33 14.89 -17.37
C SER B 112 -80.73 14.28 -17.43
N GLY B 113 -81.19 13.71 -16.32
CA GLY B 113 -82.36 12.86 -16.38
C GLY B 113 -82.05 11.47 -16.91
N LYS B 114 -80.78 11.08 -16.90
CA LYS B 114 -80.36 9.77 -17.36
C LYS B 114 -80.31 8.73 -16.26
N LEU B 115 -80.25 9.16 -14.99
CA LEU B 115 -80.08 8.22 -13.89
C LEU B 115 -81.30 8.22 -12.99
N PRO B 116 -81.88 7.04 -12.76
CA PRO B 116 -83.07 6.94 -11.89
C PRO B 116 -82.75 7.38 -10.46
N GLY B 117 -83.79 7.87 -9.78
CA GLY B 117 -83.63 8.24 -8.38
C GLY B 117 -83.48 7.05 -7.47
N LYS B 118 -84.08 5.91 -7.82
CA LYS B 118 -83.85 4.66 -7.10
C LYS B 118 -82.48 4.07 -7.39
N ARG B 119 -81.89 4.39 -8.54
CA ARG B 119 -80.56 3.91 -8.89
C ARG B 119 -79.56 5.07 -8.89
N PHE B 120 -79.50 5.80 -7.77
CA PHE B 120 -78.51 6.84 -7.57
C PHE B 120 -77.28 6.23 -6.91
N GLY B 121 -76.11 6.45 -7.51
CA GLY B 121 -74.85 5.98 -6.96
C GLY B 121 -74.72 4.47 -6.82
N SER B 122 -75.73 3.71 -7.22
CA SER B 122 -75.67 2.27 -7.09
C SER B 122 -74.69 1.67 -8.09
N HIS B 123 -74.12 0.53 -7.71
CA HIS B 123 -73.16 -0.17 -8.55
C HIS B 123 -73.74 -1.43 -9.16
N ALA B 124 -75.07 -1.56 -9.17
CA ALA B 124 -75.71 -2.67 -9.84
C ALA B 124 -75.54 -2.55 -11.35
N LEU B 125 -75.63 -3.70 -12.02
CA LEU B 125 -75.40 -3.76 -13.46
C LEU B 125 -76.33 -2.83 -14.22
N GLU B 126 -77.62 -2.88 -13.90
CA GLU B 126 -78.60 -2.04 -14.58
C GLU B 126 -78.36 -0.56 -14.28
N ALA B 127 -77.98 -0.23 -13.04
CA ALA B 127 -77.71 1.16 -12.67
C ALA B 127 -76.62 1.77 -13.55
N TRP B 128 -75.64 0.97 -13.97
CA TRP B 128 -74.57 1.47 -14.82
C TRP B 128 -75.00 1.56 -16.28
N GLY B 129 -75.97 0.74 -16.69
CA GLY B 129 -76.45 0.81 -18.06
C GLY B 129 -76.99 2.18 -18.41
N TYR B 130 -77.68 2.82 -17.46
CA TYR B 130 -78.17 4.17 -17.69
C TYR B 130 -77.02 5.18 -17.72
N ARG B 131 -75.95 4.91 -16.97
CA ARG B 131 -74.81 5.82 -16.94
C ARG B 131 -74.07 5.80 -18.27
N LEU B 132 -73.93 4.62 -18.86
CA LEU B 132 -73.24 4.46 -20.14
C LEU B 132 -74.20 4.49 -21.32
N GLY B 133 -75.50 4.51 -21.09
CA GLY B 133 -76.46 4.52 -22.18
C GLY B 133 -76.53 3.19 -22.88
N GLU B 134 -76.88 2.15 -22.13
CA GLU B 134 -77.04 0.81 -22.70
C GLU B 134 -78.33 0.14 -22.23
N MET B 135 -79.15 0.83 -21.44
CA MET B 135 -80.36 0.26 -20.86
C MET B 135 -81.52 0.47 -21.82
N LYS B 136 -81.81 -0.54 -22.64
CA LYS B 136 -83.02 -0.56 -23.44
C LYS B 136 -84.26 -0.87 -22.61
N GLY B 137 -84.10 -1.08 -21.31
CA GLY B 137 -85.18 -1.52 -20.46
C GLY B 137 -84.62 -2.44 -19.40
N GLU B 138 -85.52 -3.04 -18.62
CA GLU B 138 -85.15 -3.94 -17.55
C GLU B 138 -86.04 -5.18 -17.59
N TYR B 139 -85.43 -6.35 -17.39
CA TYR B 139 -86.15 -7.61 -17.51
C TYR B 139 -87.36 -7.64 -16.58
N LYS B 140 -87.21 -7.12 -15.37
CA LYS B 140 -88.30 -7.19 -14.40
C LYS B 140 -89.53 -6.42 -14.86
N ASP B 141 -89.33 -5.34 -15.62
CA ASP B 141 -90.43 -4.49 -16.05
C ASP B 141 -91.04 -4.93 -17.37
N ASP B 142 -90.23 -5.47 -18.27
CA ASP B 142 -90.76 -6.03 -19.51
C ASP B 142 -91.47 -7.34 -19.24
N PHE B 143 -91.43 -7.79 -17.99
CA PHE B 143 -92.11 -8.97 -17.51
C PHE B 143 -93.45 -8.60 -16.87
N LYS B 144 -93.42 -7.63 -15.95
CA LYS B 144 -94.65 -7.20 -15.26
C LYS B 144 -95.72 -6.69 -16.23
N ARG B 145 -95.35 -5.75 -17.11
CA ARG B 145 -96.35 -5.14 -17.98
C ARG B 145 -96.86 -6.11 -19.03
N MET B 146 -96.05 -7.11 -19.40
CA MET B 146 -96.48 -8.09 -20.38
C MET B 146 -97.31 -9.19 -19.72
N LEU B 147 -97.23 -9.30 -18.39
CA LEU B 147 -98.10 -10.22 -17.67
C LEU B 147 -99.51 -9.68 -17.59
N GLU B 148 -99.66 -8.36 -17.68
CA GLU B 148 -101.01 -7.78 -17.70
C GLU B 148 -101.74 -8.25 -18.94
N GLU B 149 -101.16 -8.00 -20.11
CA GLU B 149 -101.79 -8.40 -21.37
C GLU B 149 -101.63 -9.89 -21.63
N GLN B 150 -101.44 -10.65 -20.54
CA GLN B 150 -101.57 -12.09 -20.57
C GLN B 150 -102.61 -12.63 -19.60
N GLY B 151 -103.08 -11.83 -18.65
CA GLY B 151 -104.05 -12.26 -17.67
C GLY B 151 -103.46 -12.33 -16.28
N GLU B 152 -102.78 -13.43 -15.99
CA GLU B 152 -102.27 -13.74 -14.65
C GLU B 152 -101.47 -12.61 -14.02
N GLU B 153 -101.38 -12.61 -12.70
CA GLU B 153 -100.84 -11.50 -11.92
C GLU B 153 -99.33 -11.65 -11.74
N TYR B 154 -98.79 -11.03 -10.70
CA TYR B 154 -97.37 -11.02 -10.41
C TYR B 154 -97.13 -11.22 -8.92
N VAL B 155 -96.18 -12.09 -8.59
CA VAL B 155 -95.73 -12.31 -7.22
C VAL B 155 -94.33 -11.73 -7.10
N ASP B 156 -94.04 -11.14 -5.93
CA ASP B 156 -92.75 -10.51 -5.66
C ASP B 156 -91.59 -11.43 -6.01
N GLY B 157 -90.99 -11.22 -7.18
CA GLY B 157 -89.86 -12.02 -7.60
C GLY B 157 -90.25 -13.37 -8.16
N MET B 158 -91.19 -13.39 -9.09
CA MET B 158 -91.55 -14.60 -9.81
C MET B 158 -90.99 -14.66 -11.22
N GLU B 159 -90.44 -13.55 -11.71
CA GLU B 159 -89.85 -13.50 -13.04
C GLU B 159 -88.68 -14.46 -13.20
N TRP B 160 -88.09 -14.90 -12.10
CA TRP B 160 -86.96 -15.83 -12.13
C TRP B 160 -87.38 -17.27 -11.92
N TRP B 161 -88.68 -17.53 -11.79
CA TRP B 161 -89.14 -18.90 -11.55
C TRP B 161 -88.82 -19.81 -12.74
N ASN B 162 -89.06 -19.33 -13.95
CA ASN B 162 -89.00 -20.18 -15.14
C ASN B 162 -88.23 -19.49 -16.26
N PHE B 163 -87.59 -20.31 -17.09
CA PHE B 163 -86.85 -19.82 -18.25
C PHE B 163 -87.82 -19.27 -19.29
N ASN B 164 -87.71 -17.98 -19.60
CA ASN B 164 -88.55 -17.33 -20.59
C ASN B 164 -87.69 -16.60 -21.60
N GLU B 165 -88.17 -16.57 -22.85
CA GLU B 165 -87.42 -15.95 -23.93
C GLU B 165 -87.13 -14.47 -23.68
N GLU B 166 -87.93 -13.82 -22.83
CA GLU B 166 -87.66 -12.43 -22.49
C GLU B 166 -86.50 -12.32 -21.51
N MET B 167 -86.32 -13.33 -20.66
CA MET B 167 -85.15 -13.37 -19.79
C MET B 167 -83.88 -13.61 -20.61
N MET B 168 -83.97 -14.51 -21.59
CA MET B 168 -82.83 -14.81 -22.45
C MET B 168 -82.37 -13.57 -23.21
N ASP B 169 -83.28 -12.66 -23.55
CA ASP B 169 -82.91 -11.44 -24.27
C ASP B 169 -82.32 -10.41 -23.31
N TYR B 170 -82.86 -10.32 -22.10
CA TYR B 170 -82.34 -9.43 -21.08
C TYR B 170 -81.15 -10.04 -20.36
N ASN B 171 -80.90 -11.33 -20.57
CA ASN B 171 -79.66 -11.93 -20.09
C ASN B 171 -78.49 -11.39 -20.90
N VAL B 172 -78.72 -11.18 -22.21
CA VAL B 172 -77.75 -10.50 -23.05
C VAL B 172 -77.59 -9.06 -22.58
N GLN B 173 -78.70 -8.41 -22.22
CA GLN B 173 -78.65 -7.02 -21.77
C GLN B 173 -77.71 -6.84 -20.60
N ASP B 174 -77.65 -7.81 -19.69
CA ASP B 174 -76.74 -7.71 -18.56
C ASP B 174 -75.30 -7.92 -18.99
N VAL B 175 -75.09 -8.64 -20.10
CA VAL B 175 -73.74 -8.94 -20.57
C VAL B 175 -73.13 -7.74 -21.27
N VAL B 176 -73.91 -7.08 -22.14
CA VAL B 176 -73.36 -5.95 -22.89
C VAL B 176 -73.08 -4.77 -21.97
N VAL B 177 -73.80 -4.67 -20.85
CA VAL B 177 -73.50 -3.61 -19.89
C VAL B 177 -72.24 -3.94 -19.14
N THR B 178 -72.01 -5.23 -18.86
CA THR B 178 -70.79 -5.63 -18.18
C THR B 178 -69.57 -5.34 -19.05
N LYS B 179 -69.65 -5.64 -20.34
CA LYS B 179 -68.55 -5.37 -21.27
C LYS B 179 -68.26 -3.89 -21.36
N ALA B 180 -69.28 -3.07 -21.59
CA ALA B 180 -69.06 -1.63 -21.73
C ALA B 180 -68.60 -1.02 -20.41
N LEU B 181 -69.06 -1.57 -19.29
CA LEU B 181 -68.62 -1.08 -18.00
C LEU B 181 -67.17 -1.50 -17.75
N LEU B 182 -66.80 -2.71 -18.18
CA LEU B 182 -65.41 -3.14 -18.08
C LEU B 182 -64.49 -2.19 -18.81
N GLU B 183 -64.82 -1.88 -20.07
CA GLU B 183 -64.00 -0.96 -20.85
C GLU B 183 -64.02 0.44 -20.25
N LYS B 184 -65.10 0.80 -19.56
CA LYS B 184 -65.15 2.10 -18.90
C LYS B 184 -64.19 2.13 -17.70
N LEU B 185 -64.00 0.98 -17.06
CA LEU B 185 -63.07 0.89 -15.95
C LEU B 185 -61.64 0.72 -16.45
N LEU B 186 -61.45 0.02 -17.57
CA LEU B 186 -60.14 -0.14 -18.17
C LEU B 186 -59.64 1.14 -18.83
N SER B 187 -60.52 2.12 -19.04
CA SER B 187 -60.15 3.39 -19.63
C SER B 187 -59.66 4.39 -18.60
N ASP B 188 -59.64 4.01 -17.32
CA ASP B 188 -59.04 4.82 -16.27
C ASP B 188 -57.57 4.47 -16.18
N LYS B 189 -56.72 5.39 -16.64
CA LYS B 189 -55.30 5.12 -16.77
C LYS B 189 -54.54 5.21 -15.44
N HIS B 190 -55.17 5.78 -14.41
CA HIS B 190 -54.57 5.74 -13.08
C HIS B 190 -54.45 4.31 -12.57
N TYR B 191 -55.46 3.49 -12.86
CA TYR B 191 -55.46 2.08 -12.51
C TYR B 191 -54.96 1.18 -13.63
N PHE B 192 -55.34 1.45 -14.88
CA PHE B 192 -54.96 0.60 -16.01
C PHE B 192 -54.12 1.37 -17.01
N PRO B 193 -52.82 1.12 -17.06
CA PRO B 193 -51.94 1.87 -17.95
C PRO B 193 -52.35 1.77 -19.40
N PRO B 194 -52.07 2.78 -20.21
CA PRO B 194 -52.40 2.70 -21.64
C PRO B 194 -51.52 1.74 -22.40
N GLU B 195 -50.26 1.58 -21.97
CA GLU B 195 -49.29 0.75 -22.67
C GLU B 195 -49.75 -0.70 -22.81
N ILE B 196 -50.74 -1.12 -22.02
CA ILE B 196 -51.24 -2.49 -22.05
C ILE B 196 -52.73 -2.44 -22.34
N ASP B 197 -53.13 -3.05 -23.44
CA ASP B 197 -54.55 -3.25 -23.75
C ASP B 197 -55.01 -4.48 -22.98
N PHE B 198 -55.53 -4.25 -21.76
CA PHE B 198 -55.90 -5.35 -20.88
C PHE B 198 -57.05 -6.18 -21.41
N THR B 199 -57.77 -5.71 -22.44
CA THR B 199 -58.87 -6.47 -23.00
C THR B 199 -58.43 -7.74 -23.71
N ASP B 200 -57.13 -7.98 -23.87
CA ASP B 200 -56.64 -9.11 -24.64
C ASP B 200 -55.35 -9.64 -24.02
N VAL B 201 -55.34 -9.81 -22.70
CA VAL B 201 -54.15 -10.26 -21.99
C VAL B 201 -54.49 -11.52 -21.21
N GLY B 202 -53.45 -12.23 -20.80
CA GLY B 202 -53.60 -13.30 -19.85
C GLY B 202 -53.72 -12.80 -18.43
N TYR B 203 -54.16 -13.69 -17.55
CA TYR B 203 -54.32 -13.32 -16.15
C TYR B 203 -52.98 -12.94 -15.53
N THR B 204 -51.90 -13.57 -16.00
CA THR B 204 -50.58 -13.29 -15.47
C THR B 204 -50.19 -11.82 -15.69
N THR B 205 -50.53 -11.28 -16.85
CA THR B 205 -50.21 -9.90 -17.17
C THR B 205 -51.18 -8.93 -16.53
N PHE B 206 -52.44 -9.35 -16.38
CA PHE B 206 -53.49 -8.45 -15.92
C PHE B 206 -53.21 -7.93 -14.51
N TRP B 207 -52.90 -8.83 -13.57
CA TRP B 207 -52.76 -8.41 -12.18
C TRP B 207 -51.53 -7.55 -11.96
N SER B 208 -50.43 -7.88 -12.62
CA SER B 208 -49.17 -7.19 -12.33
C SER B 208 -49.06 -5.87 -13.07
N GLU B 209 -49.62 -5.78 -14.28
CA GLU B 209 -49.56 -4.54 -15.05
C GLU B 209 -50.68 -3.60 -14.66
N SER B 210 -51.61 -4.05 -13.81
CA SER B 210 -52.63 -3.20 -13.25
C SER B 210 -52.13 -2.64 -11.93
N LEU B 211 -52.81 -1.62 -11.45
CA LEU B 211 -52.49 -1.07 -10.14
C LEU B 211 -52.66 -2.15 -9.08
N GLU B 212 -51.83 -2.06 -8.03
CA GLU B 212 -51.86 -3.07 -6.97
C GLU B 212 -53.23 -3.12 -6.31
N ALA B 213 -53.92 -1.98 -6.21
CA ALA B 213 -55.26 -1.95 -5.63
C ALA B 213 -56.22 -2.88 -6.35
N VAL B 214 -56.05 -3.03 -7.67
CA VAL B 214 -56.90 -3.93 -8.44
C VAL B 214 -56.79 -5.35 -7.91
N ASP B 215 -55.57 -5.79 -7.61
CA ASP B 215 -55.34 -7.17 -7.18
C ASP B 215 -55.90 -7.43 -5.79
N ILE B 216 -55.61 -6.54 -4.84
CA ILE B 216 -56.06 -6.74 -3.46
C ILE B 216 -57.58 -6.81 -3.39
N GLU B 217 -58.25 -5.89 -4.08
CA GLU B 217 -59.69 -5.80 -4.01
C GLU B 217 -60.35 -7.10 -4.49
N HIS B 218 -59.78 -7.73 -5.51
CA HIS B 218 -60.33 -8.99 -5.97
C HIS B 218 -59.97 -10.11 -5.02
N ARG B 219 -58.80 -10.02 -4.38
CA ARG B 219 -58.45 -10.97 -3.34
C ARG B 219 -59.28 -10.72 -2.09
N ALA B 220 -59.53 -9.44 -1.79
CA ALA B 220 -60.35 -9.11 -0.63
C ALA B 220 -61.79 -9.57 -0.84
N ALA B 221 -62.35 -9.26 -2.01
CA ALA B 221 -63.73 -9.63 -2.29
C ALA B 221 -63.93 -11.14 -2.31
N TRP B 222 -62.95 -11.88 -2.84
CA TRP B 222 -63.06 -13.33 -2.88
C TRP B 222 -63.05 -13.92 -1.48
N LEU B 223 -62.14 -13.43 -0.61
CA LEU B 223 -62.01 -13.96 0.73
C LEU B 223 -63.23 -13.64 1.58
N LEU B 224 -63.68 -12.39 1.56
CA LEU B 224 -64.82 -12.00 2.37
C LEU B 224 -66.09 -12.70 1.89
N ALA B 225 -66.20 -12.94 0.58
CA ALA B 225 -67.33 -13.69 0.06
C ALA B 225 -67.32 -15.10 0.63
N LYS B 226 -66.13 -15.67 0.81
CA LYS B 226 -66.02 -16.95 1.49
C LYS B 226 -66.47 -16.84 2.94
N GLN B 227 -66.13 -15.72 3.58
CA GLN B 227 -66.51 -15.51 4.98
C GLN B 227 -68.03 -15.49 5.15
N GLU B 228 -68.74 -14.83 4.23
CA GLU B 228 -70.19 -14.81 4.30
C GLU B 228 -70.76 -16.22 4.19
N ARG B 229 -70.21 -17.02 3.28
CA ARG B 229 -70.70 -18.40 3.11
C ARG B 229 -70.31 -19.26 4.30
N ASN B 230 -69.18 -18.96 4.93
CA ASN B 230 -68.84 -19.62 6.19
C ASN B 230 -69.83 -19.25 7.27
N GLY B 231 -70.12 -17.96 7.42
CA GLY B 231 -71.06 -17.50 8.41
C GLY B 231 -70.51 -17.50 9.81
N PHE B 232 -71.29 -16.94 10.74
CA PHE B 232 -70.90 -16.88 12.14
C PHE B 232 -71.81 -17.76 12.97
N PRO B 233 -71.29 -18.84 13.56
CA PRO B 233 -72.11 -19.73 14.40
C PRO B 233 -72.87 -18.98 15.51
N PHE B 234 -74.11 -19.38 15.72
CA PHE B 234 -75.02 -18.61 16.56
C PHE B 234 -75.79 -19.47 17.55
N ASP B 235 -75.75 -19.07 18.83
CA ASP B 235 -76.50 -19.74 19.90
C ASP B 235 -77.88 -19.10 19.99
N THR B 236 -78.83 -19.68 19.26
CA THR B 236 -80.19 -19.16 19.25
C THR B 236 -80.79 -19.17 20.65
N LYS B 237 -80.65 -20.29 21.36
CA LYS B 237 -81.21 -20.43 22.69
C LYS B 237 -80.76 -19.31 23.62
N ALA B 238 -79.49 -18.91 23.52
CA ALA B 238 -78.95 -17.90 24.41
C ALA B 238 -79.66 -16.56 24.24
N ILE B 239 -79.81 -16.12 22.98
CA ILE B 239 -80.48 -14.85 22.72
C ILE B 239 -81.93 -14.92 23.14
N GLU B 240 -82.57 -16.08 22.93
CA GLU B 240 -83.95 -16.25 23.39
C GLU B 240 -84.05 -16.07 24.89
N GLU B 241 -83.08 -16.61 25.64
CA GLU B 241 -83.07 -16.45 27.10
C GLU B 241 -82.75 -15.03 27.52
N LEU B 242 -82.45 -14.13 26.59
CA LEU B 242 -82.21 -12.72 26.89
C LEU B 242 -83.46 -11.88 26.64
N TYR B 243 -84.17 -12.14 25.54
CA TYR B 243 -85.40 -11.42 25.27
C TYR B 243 -86.39 -11.62 26.40
N VAL B 244 -86.34 -12.80 27.03
CA VAL B 244 -87.18 -13.07 28.20
C VAL B 244 -86.79 -12.16 29.35
N GLU B 245 -85.49 -12.05 29.63
CA GLU B 245 -85.03 -11.20 30.71
C GLU B 245 -85.24 -9.72 30.40
N LEU B 246 -85.32 -9.36 29.11
CA LEU B 246 -85.49 -7.98 28.70
C LEU B 246 -86.96 -7.58 28.59
N ALA B 247 -87.78 -8.41 27.93
CA ALA B 247 -89.20 -8.09 27.81
C ALA B 247 -89.85 -8.03 29.18
N ALA B 248 -89.50 -8.94 30.08
CA ALA B 248 -90.00 -8.88 31.44
C ALA B 248 -89.52 -7.60 32.13
N ARG B 249 -88.26 -7.23 31.91
CA ARG B 249 -87.74 -5.99 32.47
C ARG B 249 -88.41 -4.78 31.83
N ARG B 250 -88.68 -4.85 30.53
CA ARG B 250 -89.34 -3.74 29.85
C ARG B 250 -90.74 -3.53 30.41
N SER B 251 -91.50 -4.61 30.57
CA SER B 251 -92.85 -4.50 31.09
C SER B 251 -92.85 -4.04 32.55
N GLU B 252 -91.92 -4.57 33.35
CA GLU B 252 -91.82 -4.15 34.74
C GLU B 252 -91.40 -2.69 34.83
N LEU B 253 -90.49 -2.26 33.95
CA LEU B 253 -90.11 -0.85 33.90
C LEU B 253 -91.26 0.00 33.36
N LEU B 254 -91.93 -0.49 32.32
CA LEU B 254 -93.09 0.21 31.76
C LEU B 254 -94.15 0.44 32.83
N ARG B 255 -94.37 -0.54 33.70
CA ARG B 255 -95.36 -0.42 34.77
C ARG B 255 -94.98 0.70 35.74
N LYS B 256 -93.74 0.70 36.21
CA LYS B 256 -93.31 1.74 37.14
C LYS B 256 -93.32 3.11 36.48
N LEU B 257 -93.05 3.18 35.18
CA LEU B 257 -93.01 4.43 34.44
C LEU B 257 -94.37 4.84 33.91
N THR B 258 -95.43 4.15 34.33
CA THR B 258 -96.79 4.56 34.03
C THR B 258 -97.51 4.99 35.29
N GLU B 259 -96.91 4.73 36.45
CA GLU B 259 -97.42 5.22 37.71
C GLU B 259 -97.02 6.69 37.89
N THR B 260 -95.89 7.07 37.28
CA THR B 260 -95.38 8.43 37.33
C THR B 260 -96.12 9.38 36.38
N PHE B 261 -96.72 8.88 35.30
CA PHE B 261 -97.40 9.74 34.34
C PHE B 261 -98.69 9.09 33.85
N GLY B 262 -99.77 9.87 33.79
CA GLY B 262 -101.09 9.39 33.37
C GLY B 262 -101.33 9.56 31.87
N SER B 263 -102.60 9.77 31.52
CA SER B 263 -102.99 9.91 30.12
C SER B 263 -104.34 10.58 29.95
N TRP B 264 -105.21 9.96 29.14
CA TRP B 264 -106.55 10.48 28.89
C TRP B 264 -107.61 9.40 29.17
N VAL B 333 -100.97 7.57 27.32
CA VAL B 333 -100.34 6.26 27.23
C VAL B 333 -98.81 6.42 27.15
N PHE B 334 -98.12 5.97 28.18
CA PHE B 334 -96.66 6.11 28.22
C PHE B 334 -96.02 5.32 27.08
N ASN B 335 -95.18 6.01 26.30
CA ASN B 335 -94.59 5.36 25.13
C ASN B 335 -93.14 4.97 25.41
N PRO B 336 -92.78 3.75 25.07
CA PRO B 336 -91.38 3.31 25.22
C PRO B 336 -90.37 4.20 24.52
N SER B 337 -90.50 4.34 23.19
CA SER B 337 -89.51 5.02 22.36
C SER B 337 -90.20 6.06 21.48
N SER B 338 -90.73 7.10 22.13
CA SER B 338 -91.31 8.22 21.41
C SER B 338 -90.56 9.50 21.75
N ARG B 339 -90.53 10.41 20.78
CA ARG B 339 -89.92 11.72 20.96
C ARG B 339 -90.90 12.73 21.52
N ASP B 340 -92.21 12.48 21.35
CA ASP B 340 -93.26 13.33 21.89
C ASP B 340 -93.50 13.08 23.37
N HIS B 341 -92.60 12.35 24.02
CA HIS B 341 -92.78 11.98 25.42
C HIS B 341 -91.98 12.90 26.31
N ILE B 342 -90.64 12.82 26.23
CA ILE B 342 -89.81 13.70 27.03
C ILE B 342 -90.12 15.15 26.67
N GLN B 343 -90.54 15.39 25.43
CA GLN B 343 -90.99 16.73 25.04
C GLN B 343 -92.19 17.15 25.88
N LYS B 344 -93.08 16.21 26.17
CA LYS B 344 -94.23 16.50 27.02
C LYS B 344 -93.84 16.46 28.49
N LYS B 345 -92.81 15.73 28.83
CA LYS B 345 -92.36 15.56 30.20
C LYS B 345 -91.19 16.50 30.50
N LEU B 346 -90.53 16.26 31.63
CA LEU B 346 -89.41 17.03 32.16
C LEU B 346 -89.58 18.55 32.11
N GLN B 347 -90.18 19.08 31.05
CA GLN B 347 -90.51 20.50 31.01
C GLN B 347 -91.82 20.75 31.74
N GLU B 348 -92.22 19.78 32.55
CA GLU B 348 -93.32 19.83 33.47
C GLU B 348 -92.86 19.39 34.84
N ALA B 349 -91.67 18.79 34.94
CA ALA B 349 -91.05 18.40 36.19
C ALA B 349 -90.07 19.46 36.69
N GLY B 350 -89.91 20.55 35.94
CA GLY B 350 -89.00 21.61 36.29
C GLY B 350 -87.67 21.60 35.58
N TRP B 351 -87.63 21.19 34.31
CA TRP B 351 -86.40 21.09 33.55
C TRP B 351 -86.49 22.01 32.34
N VAL B 352 -85.57 22.96 32.25
CA VAL B 352 -85.51 23.88 31.11
C VAL B 352 -84.37 23.44 30.21
N PRO B 353 -84.63 23.04 28.98
CA PRO B 353 -83.58 22.47 28.12
C PRO B 353 -82.34 23.34 27.90
N THR B 354 -81.16 22.77 28.15
CA THR B 354 -79.90 23.47 27.86
C THR B 354 -79.63 23.53 26.37
N LYS B 355 -79.93 22.44 25.66
CA LYS B 355 -79.63 22.27 24.24
C LYS B 355 -80.88 21.77 23.53
N TYR B 356 -81.19 22.35 22.37
CA TYR B 356 -82.37 21.96 21.62
C TYR B 356 -81.97 21.11 20.42
N THR B 357 -82.97 20.68 19.64
CA THR B 357 -82.76 19.88 18.43
C THR B 357 -83.62 20.43 17.28
N ASP B 358 -83.05 21.35 16.52
CA ASP B 358 -83.53 21.76 15.18
C ASP B 358 -84.86 22.50 15.28
N LYS B 359 -85.72 22.30 14.27
CA LYS B 359 -86.82 23.23 13.97
C LYS B 359 -87.82 23.37 15.12
N GLY B 360 -87.97 22.33 15.93
CA GLY B 360 -88.93 22.39 17.01
C GLY B 360 -88.77 21.25 18.00
N ALA B 361 -88.57 21.61 19.27
CA ALA B 361 -88.47 20.70 20.41
C ALA B 361 -87.20 19.84 20.37
N PRO B 362 -86.61 19.59 21.54
CA PRO B 362 -85.40 18.76 21.59
C PRO B 362 -85.68 17.28 21.39
N VAL B 363 -84.68 16.58 20.84
CA VAL B 363 -84.75 15.14 20.61
C VAL B 363 -84.64 14.39 21.95
N VAL B 364 -84.58 13.06 21.88
CA VAL B 364 -84.43 12.22 23.08
C VAL B 364 -83.30 12.73 23.96
N ASP B 365 -82.16 13.05 23.34
CA ASP B 365 -81.00 13.61 24.03
C ASP B 365 -80.59 12.74 25.22
N ASP B 366 -79.97 11.60 24.93
CA ASP B 366 -79.46 10.73 25.98
C ASP B 366 -78.45 11.45 26.86
N GLU B 367 -77.70 12.38 26.26
CA GLU B 367 -76.64 13.13 26.96
C GLU B 367 -77.19 13.92 28.14
N VAL B 368 -78.15 14.83 27.89
CA VAL B 368 -78.62 15.72 28.93
C VAL B 368 -79.32 14.93 30.04
N LEU B 369 -79.89 13.78 29.70
CA LEU B 369 -80.65 12.99 30.67
C LEU B 369 -79.80 12.63 31.87
N GLU B 370 -78.50 12.37 31.67
CA GLU B 370 -77.61 12.09 32.78
C GLU B 370 -77.52 13.29 33.73
N GLY B 371 -77.66 14.51 33.20
CA GLY B 371 -77.55 15.72 33.97
C GLY B 371 -78.85 16.42 34.29
N VAL B 372 -79.99 15.90 33.85
CA VAL B 372 -81.29 16.51 34.13
C VAL B 372 -81.59 16.42 35.62
N ARG B 373 -81.76 17.57 36.27
CA ARG B 373 -82.10 17.65 37.68
C ARG B 373 -83.45 18.34 37.82
N VAL B 374 -84.44 17.61 38.33
CA VAL B 374 -85.76 18.16 38.59
C VAL B 374 -86.05 18.05 40.08
N ASP B 375 -86.81 19.02 40.59
CA ASP B 375 -87.14 19.06 42.00
C ASP B 375 -88.09 17.95 42.42
N ASP B 376 -88.71 17.25 41.47
CA ASP B 376 -89.61 16.15 41.81
C ASP B 376 -88.78 14.89 41.98
N PRO B 377 -88.66 14.35 43.19
CA PRO B 377 -87.82 13.15 43.39
C PRO B 377 -88.26 11.95 42.57
N GLU B 378 -89.58 11.75 42.45
CA GLU B 378 -90.11 10.64 41.68
C GLU B 378 -89.77 10.82 40.20
N LYS B 379 -90.00 12.04 39.68
CA LYS B 379 -89.64 12.34 38.30
C LYS B 379 -88.13 12.21 38.11
N GLN B 380 -87.35 12.71 39.08
CA GLN B 380 -85.90 12.62 39.00
C GLN B 380 -85.44 11.18 39.00
N ALA B 381 -85.95 10.38 39.95
CA ALA B 381 -85.60 8.97 40.02
C ALA B 381 -86.11 8.22 38.79
N ALA B 382 -87.15 8.73 38.13
CA ALA B 382 -87.67 8.08 36.94
C ALA B 382 -86.75 8.26 35.74
N ILE B 383 -85.90 9.30 35.77
CA ILE B 383 -84.98 9.57 34.66
C ILE B 383 -84.08 8.36 34.41
N ASP B 384 -83.48 7.82 35.48
CA ASP B 384 -82.62 6.67 35.33
C ASP B 384 -83.38 5.44 34.87
N LEU B 385 -84.69 5.38 35.18
CA LEU B 385 -85.52 4.29 34.67
C LEU B 385 -85.75 4.46 33.18
N ILE B 386 -85.79 5.70 32.70
CA ILE B 386 -85.90 5.97 31.28
C ILE B 386 -84.61 5.60 30.58
N LYS B 387 -83.47 5.95 31.19
CA LYS B 387 -82.16 5.60 30.64
C LYS B 387 -82.03 4.10 30.41
N GLU B 388 -82.40 3.30 31.40
CA GLU B 388 -82.35 1.85 31.24
C GLU B 388 -83.37 1.40 30.20
N TYR B 389 -84.58 1.93 30.27
CA TYR B 389 -85.65 1.49 29.38
C TYR B 389 -85.26 1.66 27.91
N LEU B 390 -84.81 2.87 27.53
CA LEU B 390 -84.42 3.12 26.15
C LEU B 390 -83.33 2.14 25.70
N MET B 391 -82.38 1.85 26.58
CA MET B 391 -81.32 0.91 26.25
C MET B 391 -81.86 -0.51 26.09
N ILE B 392 -82.83 -0.89 26.93
CA ILE B 392 -83.46 -2.20 26.80
C ILE B 392 -84.09 -2.34 25.41
N GLN B 393 -84.77 -1.29 24.96
CA GLN B 393 -85.35 -1.30 23.62
C GLN B 393 -84.27 -1.48 22.56
N LYS B 394 -83.09 -0.91 22.78
CA LYS B 394 -82.01 -0.98 21.80
C LYS B 394 -81.55 -2.41 21.56
N ARG B 395 -81.26 -3.15 22.65
CA ARG B 395 -80.85 -4.54 22.51
C ARG B 395 -81.99 -5.38 21.93
N ILE B 396 -83.20 -5.19 22.45
CA ILE B 396 -84.37 -5.89 21.94
C ILE B 396 -84.57 -5.59 20.46
N GLY B 397 -84.54 -4.31 20.09
CA GLY B 397 -84.71 -3.92 18.71
C GLY B 397 -83.59 -4.38 17.80
N GLN B 398 -82.54 -4.94 18.38
CA GLN B 398 -81.41 -5.50 17.66
C GLN B 398 -81.39 -7.03 17.74
N SER B 399 -81.96 -7.60 18.80
CA SER B 399 -81.89 -9.03 19.06
C SER B 399 -83.20 -9.77 18.85
N ALA B 400 -84.31 -9.05 18.66
CA ALA B 400 -85.61 -9.74 18.57
C ALA B 400 -86.60 -8.99 17.69
N GLU B 401 -87.01 -7.80 18.12
CA GLU B 401 -88.11 -7.09 17.48
C GLU B 401 -87.71 -6.32 16.23
N GLY B 402 -86.41 -6.14 15.99
CA GLY B 402 -86.00 -5.38 14.82
C GLY B 402 -86.30 -6.12 13.53
N ASP B 403 -86.54 -5.34 12.48
CA ASP B 403 -86.68 -5.92 11.15
C ASP B 403 -85.39 -6.59 10.70
N LYS B 404 -84.25 -6.12 11.19
CA LYS B 404 -82.95 -6.72 10.98
C LYS B 404 -82.38 -7.23 12.31
N ALA B 405 -83.24 -7.82 13.14
CA ALA B 405 -82.79 -8.43 14.37
C ALA B 405 -82.05 -9.74 14.07
N TRP B 406 -81.25 -10.17 15.04
CA TRP B 406 -80.41 -11.35 14.85
C TRP B 406 -81.26 -12.61 14.68
N LEU B 407 -82.26 -12.80 15.53
CA LEU B 407 -83.10 -14.00 15.49
C LEU B 407 -83.75 -14.22 14.12
N ARG B 408 -83.88 -13.16 13.31
CA ARG B 408 -84.48 -13.30 12.00
C ARG B 408 -83.48 -13.78 10.96
N TYR B 409 -82.18 -13.65 11.25
CA TYR B 409 -81.12 -13.90 10.30
C TYR B 409 -80.42 -15.23 10.50
N VAL B 410 -80.74 -15.96 11.57
CA VAL B 410 -80.14 -17.27 11.80
C VAL B 410 -80.54 -18.21 10.68
N ALA B 411 -79.56 -18.75 9.97
CA ALA B 411 -79.83 -19.69 8.89
C ALA B 411 -80.10 -21.08 9.45
N GLU B 412 -80.46 -22.00 8.57
CA GLU B 412 -80.79 -23.36 8.96
C GLU B 412 -79.57 -24.22 9.26
N ASP B 413 -78.37 -23.63 9.24
CA ASP B 413 -77.15 -24.29 9.69
C ASP B 413 -76.73 -23.85 11.08
N GLY B 414 -77.58 -23.10 11.79
CA GLY B 414 -77.22 -22.54 13.07
C GLY B 414 -76.18 -21.45 13.00
N LYS B 415 -76.18 -20.65 11.93
CA LYS B 415 -75.17 -19.61 11.73
C LYS B 415 -75.82 -18.34 11.20
N ILE B 416 -75.21 -17.20 11.53
CA ILE B 416 -75.61 -15.89 11.02
C ILE B 416 -74.63 -15.51 9.91
N HIS B 417 -75.14 -15.36 8.69
CA HIS B 417 -74.32 -15.04 7.51
C HIS B 417 -74.41 -13.54 7.22
N GLY B 418 -73.68 -12.76 8.01
CA GLY B 418 -73.67 -11.31 7.83
C GLY B 418 -72.83 -10.90 6.63
N SER B 419 -73.43 -10.10 5.74
CA SER B 419 -72.76 -9.64 4.52
C SER B 419 -71.79 -8.49 4.82
N VAL B 420 -70.88 -8.25 3.88
CA VAL B 420 -69.84 -7.24 4.07
C VAL B 420 -69.43 -6.67 2.72
N ASN B 421 -69.43 -5.34 2.61
CA ASN B 421 -69.02 -4.65 1.39
C ASN B 421 -67.53 -4.33 1.45
N PRO B 422 -66.71 -4.89 0.56
CA PRO B 422 -65.26 -4.68 0.60
C PRO B 422 -64.82 -3.21 0.65
N ASN B 423 -64.76 -2.56 -0.51
CA ASN B 423 -64.38 -1.16 -0.58
C ASN B 423 -65.61 -0.26 -0.64
N GLY B 424 -66.56 -0.50 0.26
CA GLY B 424 -67.74 0.35 0.32
C GLY B 424 -67.48 1.66 1.05
N ALA B 425 -66.35 2.29 0.76
CA ALA B 425 -65.97 3.52 1.43
C ALA B 425 -64.85 4.20 0.66
N VAL B 426 -64.67 5.49 0.94
CA VAL B 426 -63.57 6.24 0.34
C VAL B 426 -62.23 5.66 0.78
N THR B 427 -62.11 5.35 2.07
CA THR B 427 -60.83 4.92 2.61
C THR B 427 -60.54 3.46 2.29
N GLY B 428 -61.59 2.63 2.20
CA GLY B 428 -61.44 1.20 2.04
C GLY B 428 -61.85 0.39 3.25
N ARG B 429 -62.17 1.04 4.37
CA ARG B 429 -62.73 0.33 5.51
C ARG B 429 -64.12 -0.18 5.16
N ALA B 430 -64.37 -1.46 5.42
CA ALA B 430 -65.56 -2.10 4.91
C ALA B 430 -66.80 -1.69 5.71
N THR B 431 -67.96 -2.06 5.18
CA THR B 431 -69.25 -1.85 5.82
C THR B 431 -69.98 -3.17 5.97
N HIS B 432 -70.68 -3.36 7.09
CA HIS B 432 -71.42 -4.58 7.38
C HIS B 432 -72.88 -4.28 7.61
N ALA B 433 -73.75 -5.17 7.10
CA ALA B 433 -75.19 -4.98 7.23
C ALA B 433 -75.89 -6.31 6.97
N PHE B 434 -77.17 -6.35 7.32
CA PHE B 434 -78.03 -7.53 7.17
C PHE B 434 -77.45 -8.84 7.69
N PRO B 435 -77.17 -8.94 9.00
CA PRO B 435 -77.21 -7.87 10.00
C PRO B 435 -75.83 -7.23 10.17
N ASN B 436 -75.79 -6.00 10.65
CA ASN B 436 -74.53 -5.32 10.87
C ASN B 436 -73.72 -6.07 11.91
N LEU B 437 -72.88 -7.01 11.48
CA LEU B 437 -72.08 -7.79 12.41
C LEU B 437 -71.08 -6.93 13.17
N ALA B 438 -70.79 -5.72 12.69
CA ALA B 438 -69.73 -4.88 13.22
C ALA B 438 -70.24 -3.84 14.22
N GLN B 439 -71.47 -3.99 14.70
CA GLN B 439 -72.00 -3.10 15.73
C GLN B 439 -72.56 -3.86 16.92
N ILE B 440 -72.26 -5.16 17.04
CA ILE B 440 -72.73 -5.93 18.19
C ILE B 440 -72.19 -5.29 19.47
N PRO B 441 -73.04 -5.02 20.46
CA PRO B 441 -72.58 -4.33 21.66
C PRO B 441 -71.34 -4.96 22.28
N GLY B 442 -70.44 -4.12 22.77
CA GLY B 442 -69.25 -4.60 23.43
C GLY B 442 -69.54 -5.20 24.79
N VAL B 443 -68.59 -6.02 25.26
CA VAL B 443 -68.71 -6.62 26.58
C VAL B 443 -68.76 -5.57 27.67
N ARG B 444 -68.15 -4.40 27.44
CA ARG B 444 -68.24 -3.32 28.41
C ARG B 444 -69.62 -2.70 28.43
N SER B 445 -70.30 -2.68 27.29
CA SER B 445 -71.66 -2.15 27.26
C SER B 445 -72.63 -3.14 27.89
N PRO B 446 -73.67 -2.67 28.56
CA PRO B 446 -74.56 -3.58 29.28
C PRO B 446 -75.18 -4.64 28.37
N TYR B 447 -75.25 -5.87 28.90
CA TYR B 447 -75.79 -7.03 28.21
C TYR B 447 -74.99 -7.39 26.96
N GLY B 448 -73.92 -6.66 26.68
CA GLY B 448 -73.08 -7.00 25.55
C GLY B 448 -72.30 -8.27 25.80
N GLU B 449 -71.96 -8.53 27.06
CA GLU B 449 -71.29 -9.77 27.42
C GLU B 449 -72.10 -10.97 26.98
N GLN B 450 -73.40 -10.97 27.28
CA GLN B 450 -74.27 -12.04 26.83
C GLN B 450 -74.40 -12.01 25.31
N CYS B 451 -74.47 -10.82 24.72
CA CYS B 451 -74.60 -10.70 23.27
C CYS B 451 -73.39 -11.30 22.58
N ARG B 452 -72.19 -10.89 23.01
CA ARG B 452 -70.96 -11.42 22.41
C ARG B 452 -70.87 -12.92 22.57
N ALA B 453 -71.42 -13.46 23.67
CA ALA B 453 -71.40 -14.90 23.88
C ALA B 453 -72.25 -15.63 22.86
N ALA B 454 -73.25 -14.96 22.29
CA ALA B 454 -74.11 -15.60 21.31
C ALA B 454 -73.40 -15.81 19.98
N PHE B 455 -72.32 -15.09 19.74
CA PHE B 455 -71.53 -15.19 18.50
C PHE B 455 -70.22 -15.88 18.85
N GLY B 456 -70.14 -17.18 18.59
CA GLY B 456 -68.96 -17.93 18.93
C GLY B 456 -68.82 -19.19 18.12
N ALA B 457 -67.56 -19.56 17.83
CA ALA B 457 -67.30 -20.82 17.15
C ALA B 457 -67.79 -22.01 17.97
N GLU B 458 -67.82 -21.88 19.30
CA GLU B 458 -68.36 -22.94 20.13
C GLU B 458 -69.81 -23.25 19.79
N HIS B 459 -70.55 -22.26 19.31
CA HIS B 459 -71.92 -22.46 18.88
C HIS B 459 -72.01 -23.19 17.54
N HIS B 460 -70.90 -23.74 17.07
CA HIS B 460 -70.86 -24.59 15.90
C HIS B 460 -70.47 -26.01 16.31
N LEU B 461 -70.99 -26.99 15.57
CA LEU B 461 -70.68 -28.39 15.80
C LEU B 461 -69.27 -28.71 15.30
N ASP B 462 -69.15 -29.79 14.56
CA ASP B 462 -67.89 -30.22 13.96
C ASP B 462 -68.20 -31.33 12.97
N GLY B 463 -67.43 -31.36 11.87
CA GLY B 463 -67.65 -32.36 10.84
C GLY B 463 -67.49 -33.78 11.32
N ILE B 464 -66.76 -34.01 12.41
CA ILE B 464 -66.44 -35.37 12.84
C ILE B 464 -66.75 -35.54 14.32
N THR B 465 -65.82 -35.13 15.18
CA THR B 465 -65.96 -35.35 16.61
C THR B 465 -67.22 -34.71 17.16
N GLY B 466 -67.67 -33.61 16.56
CA GLY B 466 -68.73 -32.81 17.13
C GLY B 466 -68.27 -31.88 18.23
N LYS B 467 -67.03 -31.98 18.65
CA LYS B 467 -66.56 -31.17 19.78
C LYS B 467 -66.43 -29.73 19.33
N PRO B 468 -67.16 -28.81 19.93
CA PRO B 468 -67.18 -27.41 19.49
C PRO B 468 -65.84 -26.80 19.10
N TRP B 469 -65.83 -26.13 17.94
CA TRP B 469 -64.63 -25.46 17.47
C TRP B 469 -64.23 -24.35 18.44
N VAL B 470 -62.94 -24.02 18.44
CA VAL B 470 -62.41 -22.95 19.27
C VAL B 470 -62.22 -21.72 18.39
N GLN B 471 -62.40 -20.55 19.00
CA GLN B 471 -62.37 -19.28 18.29
C GLN B 471 -61.05 -18.56 18.58
N ALA B 472 -60.51 -17.92 17.55
CA ALA B 472 -59.28 -17.14 17.66
C ALA B 472 -59.55 -15.69 17.26
N GLY B 473 -59.38 -14.78 18.20
CA GLY B 473 -59.60 -13.37 17.95
C GLY B 473 -58.30 -12.58 17.93
N ILE B 474 -57.92 -12.05 16.78
CA ILE B 474 -56.67 -11.32 16.62
C ILE B 474 -56.97 -9.91 16.12
N ASP B 475 -56.42 -8.91 16.81
CA ASP B 475 -56.60 -7.51 16.46
C ASP B 475 -55.26 -6.84 16.18
N ALA B 476 -55.32 -5.72 15.47
CA ALA B 476 -54.14 -4.94 15.13
C ALA B 476 -53.81 -4.02 16.29
N SER B 477 -52.69 -4.27 16.95
CA SER B 477 -52.31 -3.53 18.15
C SER B 477 -52.05 -2.06 17.87
N GLY B 478 -53.01 -1.20 18.20
CA GLY B 478 -52.85 0.24 18.09
C GLY B 478 -52.49 0.70 16.69
N LEU B 479 -53.23 0.20 15.71
CA LEU B 479 -52.89 0.45 14.31
C LEU B 479 -52.90 1.94 13.98
N GLU B 480 -53.86 2.69 14.52
CA GLU B 480 -54.02 4.10 14.18
C GLU B 480 -52.76 4.90 14.51
N LEU B 481 -52.26 4.76 15.74
CA LEU B 481 -51.13 5.57 16.17
C LEU B 481 -49.85 5.17 15.44
N ARG B 482 -49.72 3.90 15.09
CA ARG B 482 -48.55 3.45 14.36
C ARG B 482 -48.60 3.92 12.92
N CYS B 483 -49.81 3.98 12.35
CA CYS B 483 -49.98 4.56 11.03
C CYS B 483 -49.58 6.03 11.04
N LEU B 484 -49.89 6.73 12.14
CA LEU B 484 -49.47 8.11 12.27
C LEU B 484 -47.96 8.21 12.33
N ALA B 485 -47.32 7.27 13.04
CA ALA B 485 -45.86 7.28 13.14
C ALA B 485 -45.21 7.06 11.78
N HIS B 486 -45.86 6.29 10.92
CA HIS B 486 -45.31 5.97 9.61
C HIS B 486 -45.26 7.20 8.71
N PHE B 487 -46.35 7.95 8.64
CA PHE B 487 -46.40 9.12 7.77
C PHE B 487 -45.62 10.28 8.35
N MET B 488 -45.36 10.28 9.65
CA MET B 488 -44.59 11.33 10.30
C MET B 488 -43.15 10.91 10.50
N ALA B 489 -42.82 9.65 10.18
CA ALA B 489 -41.42 9.25 10.13
C ALA B 489 -40.70 9.90 8.97
N ARG B 490 -41.44 10.55 8.08
CA ARG B 490 -40.91 11.31 6.96
C ARG B 490 -40.36 12.66 7.41
N PHE B 491 -40.68 13.06 8.65
CA PHE B 491 -40.26 14.36 9.18
C PHE B 491 -39.48 14.29 10.48
N ASP B 492 -39.52 13.16 11.21
CA ASP B 492 -38.81 13.07 12.48
C ASP B 492 -37.77 11.96 12.51
N ASN B 493 -37.56 11.27 11.38
CA ASN B 493 -36.56 10.21 11.28
C ASN B 493 -36.79 9.13 12.34
N GLY B 494 -38.01 8.61 12.37
CA GLY B 494 -38.34 7.52 13.28
C GLY B 494 -38.38 7.84 14.75
N GLU B 495 -38.52 9.12 15.11
CA GLU B 495 -38.58 9.49 16.53
C GLU B 495 -39.86 9.00 17.18
N TYR B 496 -41.01 9.48 16.69
CA TYR B 496 -42.29 9.09 17.25
C TYR B 496 -42.52 7.59 17.12
N ALA B 497 -42.02 6.99 16.04
CA ALA B 497 -42.21 5.55 15.82
C ALA B 497 -41.57 4.73 16.92
N HIS B 498 -40.39 5.14 17.40
CA HIS B 498 -39.72 4.40 18.45
C HIS B 498 -40.44 4.54 19.78
N GLU B 499 -41.15 5.66 19.98
CA GLU B 499 -41.91 5.84 21.21
C GLU B 499 -43.05 4.84 21.30
N ILE B 500 -43.58 4.41 20.16
CA ILE B 500 -44.57 3.33 20.13
C ILE B 500 -43.94 2.04 20.64
N LEU B 501 -42.85 1.62 19.99
CA LEU B 501 -42.17 0.37 20.37
C LEU B 501 -41.64 0.44 21.80
N ASN B 502 -40.99 1.55 22.15
CA ASN B 502 -40.52 1.71 23.52
C ASN B 502 -41.69 1.71 24.50
N GLY B 503 -42.88 2.04 24.03
CA GLY B 503 -44.10 1.97 24.83
C GLY B 503 -44.51 3.31 25.40
N ASP B 504 -45.77 3.32 25.87
CA ASP B 504 -46.39 4.47 26.52
C ASP B 504 -46.38 5.71 25.62
N ILE B 505 -46.93 5.54 24.42
CA ILE B 505 -47.08 6.67 23.52
C ILE B 505 -48.15 7.62 24.03
N HIS B 506 -49.16 7.11 24.72
CA HIS B 506 -50.16 7.99 25.32
C HIS B 506 -49.56 8.79 26.46
N THR B 507 -48.50 8.25 27.06
CA THR B 507 -47.79 8.99 28.11
C THR B 507 -47.01 10.15 27.50
N LYS B 508 -46.38 9.93 26.34
CA LYS B 508 -45.69 11.01 25.65
C LYS B 508 -46.66 12.08 25.16
N ASN B 509 -47.77 11.65 24.55
CA ASN B 509 -48.79 12.60 24.11
C ASN B 509 -49.32 13.39 25.29
N GLN B 510 -49.40 12.76 26.46
CA GLN B 510 -49.83 13.44 27.67
C GLN B 510 -48.84 14.55 28.02
N ILE B 511 -47.56 14.24 27.97
CA ILE B 511 -46.52 15.24 28.26
C ILE B 511 -46.51 16.32 27.18
N ALA B 512 -46.68 15.91 25.91
CA ALA B 512 -46.58 16.85 24.80
C ALA B 512 -47.72 17.85 24.77
N ALA B 513 -48.94 17.39 25.07
CA ALA B 513 -50.12 18.25 25.03
C ALA B 513 -50.47 18.84 26.38
N GLU B 514 -49.72 18.47 27.43
CA GLU B 514 -49.92 18.99 28.78
C GLU B 514 -51.31 18.64 29.31
N LEU B 515 -51.60 17.32 29.37
CA LEU B 515 -52.83 16.82 29.95
C LEU B 515 -52.56 16.23 31.32
N PRO B 516 -53.53 16.33 32.24
CA PRO B 516 -53.29 15.84 33.61
C PRO B 516 -53.19 14.33 33.71
N THR B 517 -54.05 13.58 33.02
CA THR B 517 -54.07 12.13 33.11
C THR B 517 -53.77 11.51 31.75
N ARG B 518 -53.31 10.26 31.79
CA ARG B 518 -53.01 9.53 30.56
C ARG B 518 -54.27 9.25 29.76
N ASP B 519 -55.39 8.99 30.45
CA ASP B 519 -56.66 8.73 29.76
C ASP B 519 -57.11 9.96 28.98
N ASN B 520 -56.86 11.16 29.52
CA ASN B 520 -57.19 12.39 28.81
C ASN B 520 -56.34 12.53 27.56
N ALA B 521 -55.13 11.97 27.56
CA ALA B 521 -54.31 11.99 26.36
C ALA B 521 -54.87 11.05 25.30
N LYS B 522 -55.44 9.92 25.73
CA LYS B 522 -56.01 8.96 24.79
C LYS B 522 -57.19 9.57 24.05
N THR B 523 -58.12 10.19 24.79
CA THR B 523 -59.27 10.80 24.13
C THR B 523 -58.87 12.05 23.36
N PHE B 524 -57.69 12.60 23.65
CA PHE B 524 -57.20 13.77 22.93
C PHE B 524 -56.65 13.39 21.56
N ILE B 525 -55.71 12.44 21.54
CA ILE B 525 -54.99 12.10 20.32
C ILE B 525 -55.94 11.69 19.20
N TYR B 526 -57.01 10.96 19.52
CA TYR B 526 -57.93 10.52 18.49
C TYR B 526 -58.84 11.65 18.03
N GLY B 527 -59.32 12.46 18.97
CA GLY B 527 -60.18 13.58 18.59
C GLY B 527 -59.43 14.62 17.77
N PHE B 528 -58.23 14.99 18.22
CA PHE B 528 -57.45 16.00 17.52
C PHE B 528 -57.09 15.58 16.10
N LEU B 529 -56.68 14.32 15.93
CA LEU B 529 -56.27 13.83 14.62
C LEU B 529 -57.42 13.84 13.62
N TYR B 530 -58.65 13.69 14.09
CA TYR B 530 -59.78 13.44 13.22
C TYR B 530 -60.64 14.67 13.00
N GLY B 531 -60.25 15.80 13.57
CA GLY B 531 -60.92 17.05 13.33
C GLY B 531 -61.96 17.46 14.35
N ALA B 532 -61.79 17.10 15.62
CA ALA B 532 -62.69 17.56 16.66
C ALA B 532 -62.41 19.02 16.99
N GLY B 533 -63.46 19.75 17.34
CA GLY B 533 -63.30 21.15 17.60
C GLY B 533 -62.58 21.44 18.90
N ASP B 534 -63.33 21.94 19.86
CA ASP B 534 -62.83 22.31 21.18
C ASP B 534 -63.80 21.96 22.28
N GLU B 535 -65.07 21.70 21.95
CA GLU B 535 -66.07 21.32 22.94
C GLU B 535 -65.75 19.96 23.56
N LYS B 536 -65.60 18.92 22.74
CA LYS B 536 -65.23 17.61 23.27
C LYS B 536 -63.90 17.72 24.02
N ILE B 537 -62.98 18.51 23.48
CA ILE B 537 -61.70 18.75 24.16
C ILE B 537 -61.91 19.55 25.44
N GLY B 538 -62.76 20.58 25.38
CA GLY B 538 -63.01 21.39 26.57
C GLY B 538 -63.77 20.65 27.65
N GLN B 539 -64.68 19.77 27.25
CA GLN B 539 -65.45 19.01 28.24
C GLN B 539 -64.58 18.01 29.00
N ILE B 540 -63.35 17.76 28.51
CA ILE B 540 -62.43 16.87 29.21
C ILE B 540 -62.06 17.48 30.56
N VAL B 541 -61.80 18.78 30.58
CA VAL B 541 -61.44 19.50 31.78
C VAL B 541 -62.63 20.22 32.40
N GLY B 542 -63.85 19.92 31.94
CA GLY B 542 -65.04 20.55 32.47
C GLY B 542 -65.30 21.95 31.95
N ALA B 543 -65.05 22.19 30.67
CA ALA B 543 -65.25 23.52 30.08
C ALA B 543 -66.06 23.44 28.80
N GLY B 544 -65.88 24.41 27.90
CA GLY B 544 -66.60 24.47 26.66
C GLY B 544 -65.65 24.61 25.48
N LYS B 545 -66.11 25.35 24.47
CA LYS B 545 -65.31 25.58 23.27
C LYS B 545 -64.11 26.47 23.56
N GLU B 546 -64.13 27.20 24.68
CA GLU B 546 -63.02 28.07 25.05
C GLU B 546 -61.72 27.29 25.21
N ARG B 547 -61.68 26.38 26.17
CA ARG B 547 -60.51 25.54 26.37
C ARG B 547 -60.40 24.52 25.23
N GLY B 548 -59.32 24.61 24.46
CA GLY B 548 -59.10 23.74 23.32
C GLY B 548 -57.95 24.23 22.48
N LYS B 549 -57.97 25.53 22.16
CA LYS B 549 -56.93 26.13 21.32
C LYS B 549 -55.54 25.96 21.94
N GLU B 550 -55.40 26.27 23.23
CA GLU B 550 -54.09 26.16 23.86
C GLU B 550 -53.69 24.70 24.06
N LEU B 551 -54.67 23.81 24.15
CA LEU B 551 -54.39 22.39 24.26
C LEU B 551 -53.90 21.82 22.94
N LYS B 552 -54.42 22.35 21.83
CA LYS B 552 -54.03 21.87 20.50
C LYS B 552 -52.70 22.48 20.06
N LYS B 553 -52.51 23.78 20.30
CA LYS B 553 -51.28 24.45 19.87
C LYS B 553 -50.07 23.96 20.66
N LYS B 554 -50.24 23.69 21.95
CA LYS B 554 -49.13 23.21 22.77
C LYS B 554 -48.66 21.84 22.30
N PHE B 555 -49.60 20.97 21.94
CA PHE B 555 -49.24 19.66 21.41
C PHE B 555 -48.48 19.80 20.10
N LEU B 556 -48.85 20.80 19.30
CA LEU B 556 -48.16 21.03 18.03
C LEU B 556 -46.72 21.49 18.24
N GLU B 557 -46.50 22.31 19.26
CA GLU B 557 -45.15 22.81 19.51
C GLU B 557 -44.25 21.70 20.04
N ASN B 558 -44.79 20.82 20.89
CA ASN B 558 -44.00 19.74 21.45
C ASN B 558 -43.86 18.55 20.49
N THR B 559 -44.68 18.47 19.46
CA THR B 559 -44.56 17.40 18.46
C THR B 559 -44.53 18.03 17.06
N PRO B 560 -43.40 18.61 16.69
CA PRO B 560 -43.29 19.28 15.37
C PRO B 560 -43.62 18.36 14.21
N ALA B 561 -43.19 17.09 14.29
CA ALA B 561 -43.38 16.16 13.18
C ALA B 561 -44.83 16.04 12.78
N ILE B 562 -45.74 16.00 13.76
CA ILE B 562 -47.16 15.94 13.45
C ILE B 562 -47.58 17.19 12.68
N ALA B 563 -47.10 18.36 13.11
CA ALA B 563 -47.39 19.59 12.40
C ALA B 563 -46.74 19.58 11.02
N ALA B 564 -45.48 19.12 10.94
CA ALA B 564 -44.79 19.01 9.67
C ALA B 564 -45.45 17.98 8.76
N LEU B 565 -46.10 16.97 9.35
CA LEU B 565 -46.81 15.97 8.56
C LEU B 565 -47.91 16.60 7.73
N ARG B 566 -48.72 17.46 8.35
CA ARG B 566 -49.78 18.15 7.63
C ARG B 566 -49.24 19.28 6.79
N GLU B 567 -47.93 19.55 6.83
CA GLU B 567 -47.38 20.62 6.01
C GLU B 567 -47.16 20.19 4.57
N SER B 568 -46.24 19.27 4.34
CA SER B 568 -45.92 18.84 2.97
C SER B 568 -47.09 18.14 2.29
N ILE B 569 -47.83 17.31 3.03
CA ILE B 569 -48.92 16.55 2.42
C ILE B 569 -50.12 17.42 2.08
N GLN B 570 -50.53 18.29 3.01
CA GLN B 570 -51.68 19.13 2.74
C GLN B 570 -51.37 20.19 1.69
N GLN B 571 -50.08 20.50 1.49
CA GLN B 571 -49.66 21.44 0.47
C GLN B 571 -49.17 20.70 -0.77
N THR B 572 -49.42 19.39 -0.83
CA THR B 572 -49.15 18.59 -2.01
C THR B 572 -50.37 18.54 -2.91
N LEU B 573 -51.54 18.89 -2.37
CA LEU B 573 -52.81 18.86 -3.09
C LEU B 573 -53.33 20.25 -3.40
N VAL B 574 -52.59 21.31 -3.06
CA VAL B 574 -53.04 22.66 -3.39
C VAL B 574 -51.92 23.42 -4.07
N GLU B 575 -52.31 24.45 -4.81
CA GLU B 575 -51.42 25.48 -5.34
C GLU B 575 -51.59 26.73 -4.50
N SER B 576 -52.80 27.26 -4.48
CA SER B 576 -53.20 28.38 -3.64
C SER B 576 -54.69 28.22 -3.34
N SER B 577 -55.10 28.68 -2.16
CA SER B 577 -56.48 28.58 -1.72
C SER B 577 -57.09 29.97 -1.70
N GLN B 578 -58.42 30.03 -1.66
CA GLN B 578 -59.11 31.30 -1.71
C GLN B 578 -60.52 31.16 -1.16
N TRP B 579 -60.93 32.12 -0.34
CA TRP B 579 -62.26 32.14 0.24
C TRP B 579 -63.17 33.02 -0.61
N VAL B 580 -64.31 32.47 -1.03
CA VAL B 580 -65.31 33.18 -1.81
C VAL B 580 -66.67 33.00 -1.15
N ALA B 581 -67.17 34.07 -0.51
CA ALA B 581 -68.49 34.08 0.11
C ALA B 581 -68.63 32.99 1.17
N GLY B 582 -67.55 32.77 1.92
CA GLY B 582 -67.55 31.77 2.96
C GLY B 582 -67.22 30.36 2.51
N GLU B 583 -67.03 30.13 1.21
CA GLU B 583 -66.67 28.84 0.69
C GLU B 583 -65.25 28.90 0.15
N GLN B 584 -64.40 28.00 0.62
CA GLN B 584 -63.01 27.94 0.18
C GLN B 584 -62.94 27.35 -1.22
N GLN B 585 -62.46 28.14 -2.17
CA GLN B 585 -62.39 27.76 -3.58
C GLN B 585 -60.97 27.34 -3.97
N VAL B 586 -60.34 26.59 -3.06
CA VAL B 586 -59.01 26.00 -3.22
C VAL B 586 -58.70 25.57 -4.64
N LYS B 587 -57.57 26.02 -5.18
CA LYS B 587 -57.09 25.54 -6.46
C LYS B 587 -56.33 24.26 -6.16
N TRP B 588 -56.89 23.13 -6.57
CA TRP B 588 -56.33 21.84 -6.24
C TRP B 588 -55.26 21.42 -7.23
N LYS B 589 -54.35 20.57 -6.75
CA LYS B 589 -53.42 19.88 -7.63
C LYS B 589 -54.00 18.53 -8.02
N ARG B 590 -54.65 17.87 -7.07
CA ARG B 590 -55.43 16.66 -7.34
C ARG B 590 -56.39 16.45 -6.18
N ARG B 591 -57.69 16.36 -6.48
CA ARG B 591 -58.71 16.11 -5.46
C ARG B 591 -58.73 14.65 -5.05
N TRP B 592 -57.57 14.08 -4.71
CA TRP B 592 -57.48 12.69 -4.28
C TRP B 592 -56.13 12.36 -3.66
N ILE B 593 -56.13 11.79 -2.45
CA ILE B 593 -54.91 11.36 -1.78
C ILE B 593 -54.61 9.93 -2.18
N LYS B 594 -53.34 9.67 -2.49
CA LYS B 594 -52.90 8.34 -2.86
C LYS B 594 -52.82 7.43 -1.62
N GLY B 595 -53.34 6.22 -1.75
CA GLY B 595 -53.31 5.25 -0.68
C GLY B 595 -52.01 4.47 -0.70
N LEU B 596 -51.99 3.39 0.08
CA LEU B 596 -50.80 2.56 0.14
C LEU B 596 -50.59 1.72 -1.11
N ASP B 597 -51.61 1.61 -1.97
CA ASP B 597 -51.52 0.81 -3.19
C ASP B 597 -51.88 1.63 -4.43
N GLY B 598 -51.75 2.95 -4.35
CA GLY B 598 -51.94 3.81 -5.51
C GLY B 598 -53.37 4.16 -5.85
N ARG B 599 -54.36 3.58 -5.18
CA ARG B 599 -55.75 3.88 -5.45
C ARG B 599 -56.05 5.34 -5.13
N LYS B 600 -57.16 5.86 -5.69
CA LYS B 600 -57.62 7.21 -5.37
C LYS B 600 -58.45 7.21 -4.09
N VAL B 601 -57.99 7.96 -3.09
CA VAL B 601 -58.73 8.15 -1.83
C VAL B 601 -59.02 9.64 -1.70
N HIS B 602 -60.19 10.08 -2.14
CA HIS B 602 -60.55 11.48 -2.02
C HIS B 602 -60.86 11.85 -0.58
N VAL B 603 -60.94 13.15 -0.32
CA VAL B 603 -61.28 13.68 1.00
C VAL B 603 -62.43 14.67 0.81
N ARG B 604 -62.21 15.94 1.14
CA ARG B 604 -63.22 16.98 0.99
C ARG B 604 -62.58 18.33 1.24
N SER B 605 -62.26 18.61 2.49
CA SER B 605 -61.62 19.84 2.88
C SER B 605 -60.16 19.60 3.26
N PRO B 606 -59.26 20.47 2.80
CA PRO B 606 -57.85 20.33 3.17
C PRO B 606 -57.55 20.76 4.59
N HIS B 607 -58.57 21.13 5.37
CA HIS B 607 -58.35 21.60 6.73
C HIS B 607 -57.81 20.49 7.64
N ALA B 608 -58.07 19.23 7.30
CA ALA B 608 -57.58 18.09 8.07
C ALA B 608 -57.06 17.01 7.13
N ALA B 609 -57.98 16.29 6.48
CA ALA B 609 -57.64 15.22 5.54
C ALA B 609 -56.84 14.09 6.19
N LEU B 610 -56.00 14.44 7.17
CA LEU B 610 -55.18 13.44 7.87
C LEU B 610 -56.00 12.25 8.34
N ASN B 611 -57.19 12.51 8.90
CA ASN B 611 -58.07 11.41 9.31
C ASN B 611 -58.34 10.46 8.15
N THR B 612 -58.57 11.01 6.95
CA THR B 612 -58.78 10.16 5.78
C THR B 612 -57.51 9.37 5.45
N LEU B 613 -56.36 10.03 5.55
CA LEU B 613 -55.09 9.38 5.24
C LEU B 613 -54.81 8.22 6.19
N LEU B 614 -55.00 8.44 7.50
CA LEU B 614 -54.67 7.42 8.49
C LEU B 614 -55.64 6.25 8.41
N GLN B 615 -56.94 6.52 8.30
CA GLN B 615 -57.92 5.44 8.21
C GLN B 615 -57.75 4.66 6.91
N SER B 616 -57.30 5.34 5.84
CA SER B 616 -57.01 4.66 4.59
C SER B 616 -55.84 3.70 4.76
N ALA B 617 -54.78 4.16 5.42
CA ALA B 617 -53.67 3.27 5.71
C ALA B 617 -54.12 2.08 6.52
N GLY B 618 -54.84 2.33 7.62
CA GLY B 618 -55.28 1.25 8.49
C GLY B 618 -56.17 0.24 7.80
N ALA B 619 -57.14 0.72 7.02
CA ALA B 619 -58.06 -0.20 6.35
C ALA B 619 -57.36 -0.99 5.26
N LEU B 620 -56.45 -0.34 4.53
CA LEU B 620 -55.66 -1.03 3.52
C LEU B 620 -54.67 -2.00 4.15
N ILE B 621 -54.17 -1.70 5.35
CA ILE B 621 -53.27 -2.63 6.03
C ILE B 621 -54.00 -3.90 6.43
N CYS B 622 -55.16 -3.77 7.07
CA CYS B 622 -55.90 -4.94 7.54
C CYS B 622 -56.42 -5.78 6.37
N LYS B 623 -56.80 -5.11 5.27
CA LYS B 623 -57.31 -5.81 4.10
C LYS B 623 -56.26 -6.78 3.55
N LEU B 624 -55.04 -6.28 3.35
CA LEU B 624 -53.95 -7.14 2.93
C LEU B 624 -53.59 -8.15 4.02
N TRP B 625 -53.69 -7.71 5.28
CA TRP B 625 -53.35 -8.56 6.41
C TRP B 625 -54.20 -9.83 6.43
N ILE B 626 -55.53 -9.67 6.37
CA ILE B 626 -56.39 -10.85 6.42
C ILE B 626 -56.25 -11.69 5.17
N ILE B 627 -55.74 -11.12 4.07
CA ILE B 627 -55.52 -11.89 2.85
C ILE B 627 -54.31 -12.78 3.00
N LYS B 628 -53.19 -12.19 3.44
CA LYS B 628 -51.95 -12.96 3.57
C LYS B 628 -52.06 -13.99 4.68
N THR B 629 -52.76 -13.68 5.76
CA THR B 629 -52.92 -14.64 6.85
C THR B 629 -53.57 -15.90 6.34
N GLU B 630 -54.69 -15.75 5.62
CA GLU B 630 -55.36 -16.90 5.02
C GLU B 630 -54.48 -17.55 3.97
N GLU B 631 -53.74 -16.74 3.21
CA GLU B 631 -52.86 -17.27 2.17
C GLU B 631 -51.76 -18.13 2.80
N MET B 632 -51.19 -17.67 3.91
CA MET B 632 -50.16 -18.46 4.58
C MET B 632 -50.75 -19.70 5.22
N LEU B 633 -51.93 -19.57 5.82
CA LEU B 633 -52.59 -20.71 6.45
C LEU B 633 -52.89 -21.79 5.42
N VAL B 634 -53.36 -21.39 4.24
CA VAL B 634 -53.58 -22.33 3.15
C VAL B 634 -52.25 -22.91 2.67
N GLU B 635 -51.22 -22.07 2.59
CA GLU B 635 -49.91 -22.55 2.13
C GLU B 635 -49.29 -23.52 3.12
N LYS B 636 -49.45 -23.27 4.42
CA LYS B 636 -48.89 -24.16 5.42
C LYS B 636 -49.55 -25.54 5.38
N GLY B 637 -50.80 -25.61 4.90
CA GLY B 637 -51.49 -26.89 4.75
C GLY B 637 -52.92 -26.90 5.24
N LEU B 638 -53.37 -25.79 5.82
CA LEU B 638 -54.71 -25.73 6.39
C LEU B 638 -55.75 -25.49 5.30
N LYS B 639 -56.90 -26.11 5.46
CA LYS B 639 -58.01 -25.98 4.52
C LYS B 639 -59.08 -25.05 5.08
N HIS B 640 -59.60 -24.18 4.22
CA HIS B 640 -60.53 -23.13 4.64
C HIS B 640 -61.98 -23.64 4.55
N GLY B 641 -62.74 -23.41 5.62
CA GLY B 641 -64.13 -23.81 5.68
C GLY B 641 -64.43 -24.57 6.96
N TRP B 642 -65.72 -24.85 7.13
CA TRP B 642 -66.16 -25.66 8.27
C TRP B 642 -65.79 -27.13 8.10
N ASP B 643 -65.51 -27.55 6.87
CA ASP B 643 -65.10 -28.91 6.57
C ASP B 643 -63.59 -29.11 6.58
N GLY B 644 -62.83 -28.05 6.83
CA GLY B 644 -61.39 -28.17 6.82
C GLY B 644 -60.77 -28.07 8.20
N ASP B 645 -60.22 -26.90 8.52
CA ASP B 645 -59.55 -26.66 9.79
C ASP B 645 -59.90 -25.31 10.42
N PHE B 646 -60.24 -24.30 9.64
CA PHE B 646 -60.54 -22.97 10.12
C PHE B 646 -61.59 -22.34 9.21
N ALA B 647 -62.27 -21.32 9.72
CA ALA B 647 -63.25 -20.60 8.92
C ALA B 647 -63.37 -19.17 9.41
N TYR B 648 -63.21 -18.22 8.49
CA TYR B 648 -63.44 -16.82 8.82
C TYR B 648 -64.90 -16.59 9.16
N MET B 649 -65.16 -16.00 10.31
CA MET B 649 -66.51 -15.75 10.76
C MET B 649 -66.89 -14.27 10.67
N ALA B 650 -65.96 -13.37 10.98
CA ALA B 650 -66.24 -11.95 10.93
C ALA B 650 -64.93 -11.18 10.84
N TRP B 651 -64.92 -10.15 10.00
CA TRP B 651 -63.82 -9.19 9.91
C TRP B 651 -64.34 -7.83 10.33
N VAL B 652 -63.78 -7.28 11.42
CA VAL B 652 -64.22 -5.98 11.91
C VAL B 652 -63.04 -5.02 11.93
N HIS B 653 -62.75 -4.41 10.78
CA HIS B 653 -61.75 -3.36 10.66
C HIS B 653 -60.37 -3.83 11.11
N ASP B 654 -60.03 -3.57 12.37
CA ASP B 654 -58.71 -3.90 12.89
C ASP B 654 -58.65 -5.19 13.68
N GLU B 655 -59.79 -5.87 13.88
CA GLU B 655 -59.83 -7.15 14.56
C GLU B 655 -60.56 -8.16 13.67
N ILE B 656 -60.23 -9.45 13.85
CA ILE B 656 -60.86 -10.53 13.11
C ILE B 656 -61.25 -11.65 14.07
N GLN B 657 -62.29 -12.38 13.70
CA GLN B 657 -62.77 -13.54 14.46
C GLN B 657 -62.71 -14.77 13.57
N VAL B 658 -61.82 -15.72 13.91
CA VAL B 658 -61.59 -16.92 13.10
C VAL B 658 -61.95 -18.16 13.90
N GLY B 659 -62.82 -19.00 13.32
CA GLY B 659 -63.14 -20.28 13.91
C GLY B 659 -62.05 -21.32 13.61
N CYS B 660 -61.80 -22.19 14.59
CA CYS B 660 -60.75 -23.19 14.47
C CYS B 660 -61.20 -24.52 15.06
N ARG B 661 -60.90 -25.61 14.34
CA ARG B 661 -61.37 -26.93 14.73
C ARG B 661 -60.73 -27.40 16.05
N THR B 662 -59.43 -27.17 16.23
CA THR B 662 -58.75 -27.54 17.47
C THR B 662 -57.93 -26.36 17.98
N GLU B 663 -57.63 -26.42 19.28
CA GLU B 663 -56.80 -25.37 19.89
C GLU B 663 -55.46 -25.24 19.17
N GLU B 664 -54.90 -26.36 18.71
CA GLU B 664 -53.62 -26.32 18.01
C GLU B 664 -53.72 -25.49 16.75
N ILE B 665 -54.83 -25.62 16.01
CA ILE B 665 -55.01 -24.83 14.79
C ILE B 665 -55.12 -23.36 15.15
N ALA B 666 -55.85 -23.05 16.22
CA ALA B 666 -56.03 -21.66 16.64
C ALA B 666 -54.70 -21.02 17.00
N GLN B 667 -53.81 -21.77 17.65
CA GLN B 667 -52.51 -21.22 18.00
C GLN B 667 -51.72 -20.87 16.74
N VAL B 668 -51.83 -21.71 15.71
CA VAL B 668 -51.16 -21.43 14.44
C VAL B 668 -51.78 -20.19 13.80
N VAL B 669 -53.12 -20.08 13.88
CA VAL B 669 -53.81 -18.92 13.34
C VAL B 669 -53.27 -17.64 13.96
N ILE B 670 -53.12 -17.62 15.29
CA ILE B 670 -52.62 -16.43 15.98
C ILE B 670 -51.20 -16.09 15.52
N GLU B 671 -50.32 -17.09 15.47
CA GLU B 671 -48.94 -16.85 15.05
C GLU B 671 -48.86 -16.40 13.60
N THR B 672 -49.64 -17.02 12.73
CA THR B 672 -49.62 -16.68 11.31
C THR B 672 -50.05 -15.24 11.09
N ALA B 673 -51.10 -14.80 11.79
CA ALA B 673 -51.58 -13.43 11.64
C ALA B 673 -50.49 -12.44 12.01
N GLN B 674 -49.71 -12.73 13.06
CA GLN B 674 -48.59 -11.85 13.39
C GLN B 674 -47.55 -11.91 12.29
N GLU B 675 -47.28 -13.11 11.77
CA GLU B 675 -46.32 -13.25 10.69
C GLU B 675 -46.78 -12.50 9.45
N ALA B 676 -48.09 -12.53 9.18
CA ALA B 676 -48.60 -11.79 8.03
C ALA B 676 -48.52 -10.29 8.28
N MET B 677 -48.73 -9.86 9.53
CA MET B 677 -48.71 -8.44 9.84
C MET B 677 -47.32 -7.83 9.69
N ARG B 678 -46.27 -8.62 9.90
CA ARG B 678 -44.91 -8.13 9.73
C ARG B 678 -44.58 -8.12 8.25
N TRP B 679 -45.13 -9.11 7.55
CA TRP B 679 -45.01 -9.21 6.10
C TRP B 679 -45.63 -8.01 5.40
N VAL B 680 -46.80 -7.57 5.85
CA VAL B 680 -47.42 -6.38 5.28
C VAL B 680 -46.52 -5.17 5.48
N GLY B 681 -45.97 -5.02 6.69
CA GLY B 681 -45.10 -3.89 6.98
C GLY B 681 -43.83 -3.87 6.16
N ASP B 682 -43.28 -5.05 5.89
CA ASP B 682 -42.10 -5.10 5.04
C ASP B 682 -42.49 -4.85 3.59
N HIS B 683 -43.66 -5.35 3.19
CA HIS B 683 -44.14 -5.20 1.82
C HIS B 683 -44.24 -3.73 1.40
N TRP B 684 -44.91 -2.91 2.21
CA TRP B 684 -45.05 -1.50 1.89
C TRP B 684 -43.96 -0.68 2.56
N ASN B 685 -42.94 -1.36 3.08
CA ASN B 685 -41.80 -0.75 3.74
C ASN B 685 -42.25 0.23 4.82
N PHE B 686 -43.22 -0.21 5.62
CA PHE B 686 -43.78 0.65 6.64
C PHE B 686 -42.70 1.09 7.61
N ARG B 687 -42.61 2.41 7.81
CA ARG B 687 -41.56 2.96 8.66
C ARG B 687 -41.71 2.52 10.12
N CYS B 688 -42.95 2.34 10.58
CA CYS B 688 -43.22 1.89 11.94
C CYS B 688 -43.44 0.39 11.97
N LEU B 689 -43.34 -0.18 13.16
CA LEU B 689 -43.47 -1.62 13.35
C LEU B 689 -44.92 -1.97 13.70
N LEU B 690 -45.46 -2.96 13.02
CA LEU B 690 -46.83 -3.41 13.23
C LEU B 690 -46.82 -4.70 14.04
N ASP B 691 -47.66 -4.76 15.08
CA ASP B 691 -47.83 -5.97 15.88
C ASP B 691 -49.32 -6.25 16.06
N THR B 692 -49.60 -7.49 16.44
CA THR B 692 -50.95 -7.94 16.69
C THR B 692 -50.98 -8.79 17.95
N GLU B 693 -52.17 -8.96 18.52
CA GLU B 693 -52.39 -9.76 19.71
C GLU B 693 -53.57 -10.68 19.51
N GLY B 694 -53.40 -11.95 19.86
CA GLY B 694 -54.44 -12.96 19.70
C GLY B 694 -54.99 -13.44 21.03
N LYS B 695 -56.24 -13.89 21.01
CA LYS B 695 -56.90 -14.44 22.18
C LYS B 695 -57.63 -15.71 21.77
N MET B 696 -57.41 -16.79 22.51
CA MET B 696 -58.05 -18.07 22.23
C MET B 696 -59.21 -18.27 23.18
N GLY B 697 -60.28 -18.88 22.69
CA GLY B 697 -61.47 -19.09 23.48
C GLY B 697 -62.65 -19.66 22.73
N PRO B 698 -63.77 -19.84 23.44
CA PRO B 698 -64.98 -20.39 22.82
C PRO B 698 -65.78 -19.43 21.96
N ASN B 699 -65.83 -18.15 22.32
CA ASN B 699 -66.70 -17.23 21.60
C ASN B 699 -66.05 -15.86 21.41
N TRP B 700 -66.89 -14.84 21.25
CA TRP B 700 -66.43 -13.48 20.94
C TRP B 700 -66.22 -12.64 22.20
N ALA B 701 -67.06 -12.82 23.23
CA ALA B 701 -66.81 -12.17 24.50
C ALA B 701 -65.44 -12.54 25.09
N ILE B 702 -64.90 -13.67 24.67
CA ILE B 702 -63.58 -14.13 25.12
C ILE B 702 -62.47 -13.54 24.26
N CYS B 703 -62.69 -13.43 22.96
CA CYS B 703 -61.67 -12.96 22.03
C CYS B 703 -61.48 -11.45 22.06
N HIS B 704 -62.08 -10.77 23.03
CA HIS B 704 -61.97 -9.32 23.13
C HIS B 704 -62.39 -8.85 24.52
N MET C 1 -27.01 33.92 30.60
CA MET C 1 -27.30 33.95 32.03
C MET C 1 -27.50 35.39 32.51
N ILE C 2 -28.58 35.60 33.27
CA ILE C 2 -28.89 36.89 33.86
C ILE C 2 -28.89 36.75 35.37
N VAL C 3 -28.60 37.86 36.07
CA VAL C 3 -28.49 37.89 37.52
C VAL C 3 -29.50 38.89 38.06
N SER C 4 -30.27 38.48 39.07
CA SER C 4 -31.32 39.34 39.61
C SER C 4 -31.55 39.09 41.10
N ALA C 5 -32.36 39.98 41.68
CA ALA C 5 -32.85 39.94 43.05
C ALA C 5 -34.06 40.87 43.11
N ILE C 6 -35.05 40.52 43.92
CA ILE C 6 -36.33 41.22 43.91
C ILE C 6 -36.62 41.85 45.26
N ALA C 7 -37.70 42.64 45.29
CA ALA C 7 -38.18 43.33 46.49
C ALA C 7 -39.70 43.24 46.53
N ALA C 8 -40.24 42.63 47.58
CA ALA C 8 -41.67 42.48 47.76
C ALA C 8 -42.11 43.20 49.02
N ASN C 9 -43.40 43.09 49.33
CA ASN C 9 -43.95 43.78 50.49
C ASN C 9 -43.73 43.01 51.78
N ALA C 10 -43.55 41.70 51.71
CA ALA C 10 -43.38 40.87 52.90
C ALA C 10 -42.76 39.55 52.48
N LEU C 11 -42.78 38.58 53.40
CA LEU C 11 -42.23 37.26 53.16
C LEU C 11 -43.13 36.47 52.21
N LEU C 12 -42.70 35.24 51.89
CA LEU C 12 -43.47 34.39 50.98
C LEU C 12 -44.82 33.98 51.57
N GLU C 13 -44.95 34.01 52.89
CA GLU C 13 -46.20 33.54 53.52
C GLU C 13 -47.38 34.44 53.19
N SER C 14 -47.16 35.75 53.12
CA SER C 14 -48.27 36.68 52.89
C SER C 14 -47.84 37.79 51.92
N VAL C 15 -47.03 37.44 50.92
CA VAL C 15 -46.64 38.43 49.92
C VAL C 15 -47.84 38.81 49.07
N THR C 16 -48.00 40.12 48.83
CA THR C 16 -49.14 40.62 48.07
C THR C 16 -48.74 41.35 46.80
N LYS C 17 -47.84 42.31 46.88
CA LYS C 17 -47.49 43.14 45.73
C LYS C 17 -45.99 43.06 45.44
N PHE C 18 -45.67 43.12 44.16
CA PHE C 18 -44.28 43.17 43.70
C PHE C 18 -43.85 44.62 43.58
N HIS C 19 -42.75 44.96 44.23
CA HIS C 19 -42.24 46.33 44.18
C HIS C 19 -41.34 46.53 42.96
N CYS C 20 -40.09 46.08 43.05
CA CYS C 20 -39.13 46.32 41.99
C CYS C 20 -38.25 45.09 41.79
N GLY C 21 -37.47 45.12 40.71
CA GLY C 21 -36.56 44.06 40.35
C GLY C 21 -35.58 44.51 39.29
N VAL C 22 -34.32 44.05 39.38
CA VAL C 22 -33.27 44.44 38.45
C VAL C 22 -32.70 43.19 37.80
N ILE C 23 -32.48 43.24 36.50
CA ILE C 23 -31.94 42.13 35.72
C ILE C 23 -30.68 42.60 35.02
N TYR C 24 -29.53 42.06 35.45
CA TYR C 24 -28.26 42.32 34.78
C TYR C 24 -27.98 41.20 33.78
N ASP C 25 -27.88 41.55 32.51
CA ASP C 25 -27.58 40.58 31.46
C ASP C 25 -26.12 40.69 31.08
N TYR C 26 -25.42 39.56 31.10
CA TYR C 26 -23.99 39.55 30.79
C TYR C 26 -23.71 39.77 29.32
N SER C 27 -24.64 39.38 28.44
CA SER C 27 -24.43 39.59 27.00
C SER C 27 -24.52 41.06 26.63
N THR C 28 -25.35 41.83 27.34
CA THR C 28 -25.44 43.27 27.18
C THR C 28 -24.60 44.04 28.19
N ALA C 29 -24.18 43.39 29.28
CA ALA C 29 -23.32 43.99 30.30
C ALA C 29 -23.93 45.26 30.88
N GLU C 30 -25.25 45.26 31.05
CA GLU C 30 -25.93 46.43 31.57
C GLU C 30 -27.17 46.01 32.33
N TYR C 31 -27.46 46.74 33.42
CA TYR C 31 -28.59 46.44 34.29
C TYR C 31 -29.88 47.02 33.71
N VAL C 32 -31.01 46.46 34.16
CA VAL C 32 -32.34 46.93 33.77
C VAL C 32 -33.21 46.98 35.01
N SER C 33 -33.84 48.12 35.27
CA SER C 33 -34.66 48.33 36.45
C SER C 33 -36.14 48.20 36.09
N TYR C 34 -36.90 47.54 36.96
CA TYR C 34 -38.33 47.33 36.77
C TYR C 34 -39.10 47.92 37.93
N ARG C 35 -40.25 48.51 37.61
CA ARG C 35 -41.08 49.23 38.58
C ARG C 35 -42.45 48.53 38.72
N PRO C 36 -43.25 48.90 39.72
CA PRO C 36 -44.55 48.22 39.91
C PRO C 36 -45.39 48.09 38.64
N SER C 37 -45.32 49.07 37.74
CA SER C 37 -46.03 49.00 36.47
C SER C 37 -45.23 48.26 35.40
N ASP C 38 -44.19 47.53 35.80
CA ASP C 38 -43.36 46.77 34.88
C ASP C 38 -43.20 45.31 35.33
N PHE C 39 -44.01 44.88 36.29
CA PHE C 39 -43.98 43.49 36.73
C PHE C 39 -44.22 42.52 35.58
N GLY C 40 -45.14 42.87 34.67
CA GLY C 40 -45.42 42.00 33.54
C GLY C 40 -44.21 41.83 32.64
N ALA C 41 -43.52 42.93 32.33
CA ALA C 41 -42.34 42.85 31.50
C ALA C 41 -41.19 42.15 32.22
N TYR C 42 -41.17 42.22 33.55
CA TYR C 42 -40.15 41.54 34.33
C TYR C 42 -40.26 40.03 34.16
N LEU C 43 -41.49 39.50 34.23
CA LEU C 43 -41.70 38.07 34.06
C LEU C 43 -41.35 37.63 32.65
N ASP C 44 -41.61 38.49 31.65
CA ASP C 44 -41.28 38.18 30.27
C ASP C 44 -39.78 38.10 30.07
N ALA C 45 -39.04 39.04 30.67
CA ALA C 45 -37.59 39.05 30.52
C ALA C 45 -36.96 37.78 31.10
N LEU C 46 -37.54 37.24 32.17
CA LEU C 46 -37.03 36.00 32.73
C LEU C 46 -37.40 34.82 31.84
N GLU C 47 -38.61 34.82 31.29
CA GLU C 47 -39.03 33.77 30.38
C GLU C 47 -38.17 33.77 29.11
N ALA C 48 -37.73 34.95 28.68
CA ALA C 48 -36.90 35.06 27.49
C ALA C 48 -35.56 34.36 27.72
N GLU C 49 -35.00 34.50 28.92
CA GLU C 49 -33.75 33.80 29.23
C GLU C 49 -33.97 32.30 29.29
N VAL C 50 -35.17 31.87 29.64
CA VAL C 50 -35.51 30.45 29.63
C VAL C 50 -35.66 29.95 28.19
N ALA C 51 -36.24 30.79 27.32
CA ALA C 51 -36.45 30.42 25.93
C ALA C 51 -35.13 30.24 25.18
N ARG C 52 -34.12 31.03 25.53
CA ARG C 52 -32.83 30.92 24.87
C ARG C 52 -32.03 29.71 25.34
N GLY C 53 -32.37 29.16 26.51
CA GLY C 53 -31.63 28.03 27.06
C GLY C 53 -30.48 28.46 27.94
N GLY C 54 -30.69 29.52 28.73
CA GLY C 54 -29.68 30.03 29.62
C GLY C 54 -29.96 29.75 31.09
N LEU C 55 -29.72 30.75 31.95
CA LEU C 55 -29.83 30.57 33.39
C LEU C 55 -30.24 31.90 34.03
N ILE C 56 -30.88 31.81 35.19
CA ILE C 56 -31.33 32.97 35.95
C ILE C 56 -30.77 32.88 37.36
N VAL C 57 -30.01 33.89 37.76
CA VAL C 57 -29.32 33.91 39.05
C VAL C 57 -30.11 34.74 40.05
N PHE C 58 -30.52 34.11 41.14
CA PHE C 58 -31.19 34.75 42.26
C PHE C 58 -30.42 34.42 43.52
N HIS C 59 -30.53 35.28 44.53
CA HIS C 59 -30.07 34.93 45.87
C HIS C 59 -31.28 34.56 46.71
N ASN C 60 -31.19 33.39 47.35
CA ASN C 60 -32.33 32.81 48.07
C ASN C 60 -33.52 32.63 47.13
N GLY C 61 -33.23 32.30 45.87
CA GLY C 61 -34.25 32.20 44.85
C GLY C 61 -35.04 30.92 44.90
N HIS C 62 -34.35 29.79 45.11
CA HIS C 62 -35.04 28.51 45.22
C HIS C 62 -36.05 28.50 46.35
N LYS C 63 -35.79 29.27 47.41
CA LYS C 63 -36.63 29.29 48.59
C LYS C 63 -37.60 30.47 48.62
N TYR C 64 -37.24 31.59 47.97
CA TYR C 64 -38.07 32.79 48.04
C TYR C 64 -38.43 33.36 46.67
N ASP C 65 -37.43 33.88 45.95
CA ASP C 65 -37.66 34.63 44.72
C ASP C 65 -38.53 33.85 43.72
N VAL C 66 -38.10 32.64 43.35
CA VAL C 66 -38.82 31.89 42.32
C VAL C 66 -40.24 31.52 42.74
N PRO C 67 -40.50 30.96 43.93
CA PRO C 67 -41.89 30.63 44.28
C PRO C 67 -42.75 31.86 44.52
N ALA C 68 -42.16 32.98 44.93
CA ALA C 68 -42.94 34.19 45.16
C ALA C 68 -43.42 34.79 43.85
N LEU C 69 -42.57 34.78 42.83
CA LEU C 69 -42.97 35.30 41.51
C LEU C 69 -44.00 34.40 40.85
N THR C 70 -44.08 33.14 41.28
CA THR C 70 -45.17 32.28 40.85
C THR C 70 -46.46 32.68 41.54
N LYS C 71 -46.36 32.99 42.83
CA LYS C 71 -47.53 33.43 43.59
C LYS C 71 -47.95 34.84 43.18
N LEU C 72 -46.98 35.74 42.99
CA LEU C 72 -47.30 37.11 42.64
C LEU C 72 -47.88 37.21 41.23
N ALA C 73 -47.45 36.34 40.31
CA ALA C 73 -47.97 36.39 38.95
C ALA C 73 -49.40 35.86 38.87
N LYS C 74 -49.85 35.15 39.90
CA LYS C 74 -51.17 34.55 39.92
C LYS C 74 -52.23 35.53 40.40
N LEU C 75 -51.90 36.35 41.41
CA LEU C 75 -52.86 37.28 41.96
C LEU C 75 -52.81 38.68 41.35
N GLN C 76 -51.66 39.08 40.78
CA GLN C 76 -51.55 40.42 40.21
C GLN C 76 -51.83 40.43 38.72
N LEU C 77 -51.23 39.51 37.98
CA LEU C 77 -51.39 39.44 36.54
C LEU C 77 -52.24 38.27 36.12
N ASN C 78 -52.51 37.34 37.04
CA ASN C 78 -53.32 36.16 36.79
C ASN C 78 -52.71 35.30 35.67
N ARG C 79 -51.41 35.06 35.78
CA ARG C 79 -50.67 34.30 34.77
C ARG C 79 -49.87 33.20 35.43
N GLU C 80 -49.70 32.09 34.71
CA GLU C 80 -49.00 30.90 35.19
C GLU C 80 -47.51 31.07 34.94
N PHE C 81 -46.80 31.64 35.92
CA PHE C 81 -45.37 31.86 35.83
C PHE C 81 -44.66 30.80 36.65
N HIS C 82 -43.88 29.93 35.99
CA HIS C 82 -43.19 28.84 36.67
C HIS C 82 -41.78 28.72 36.09
N LEU C 83 -40.78 28.96 36.92
CA LEU C 83 -39.39 28.81 36.49
C LEU C 83 -38.96 27.36 36.63
N PRO C 84 -38.51 26.70 35.57
CA PRO C 84 -38.01 25.33 35.69
C PRO C 84 -36.73 25.28 36.53
N ARG C 85 -36.57 24.18 37.28
CA ARG C 85 -35.43 24.07 38.20
C ARG C 85 -34.11 24.14 37.47
N GLU C 86 -34.05 23.56 36.27
CA GLU C 86 -32.80 23.49 35.52
C GLU C 86 -32.28 24.86 35.12
N ASN C 87 -33.18 25.82 34.89
CA ASN C 87 -32.81 27.18 34.51
C ASN C 87 -32.78 28.12 35.70
N CYS C 88 -32.35 27.64 36.86
CA CYS C 88 -32.29 28.46 38.06
C CYS C 88 -31.03 28.15 38.85
N ILE C 89 -30.40 29.21 39.36
CA ILE C 89 -29.20 29.11 40.19
C ILE C 89 -29.42 29.97 41.42
N ASP C 90 -29.00 29.46 42.57
CA ASP C 90 -29.18 30.15 43.84
C ASP C 90 -27.82 30.34 44.50
N THR C 91 -27.31 31.58 44.47
CA THR C 91 -26.01 31.88 45.08
C THR C 91 -25.97 31.50 46.54
N LEU C 92 -27.11 31.62 47.23
CA LEU C 92 -27.19 31.20 48.63
C LEU C 92 -26.85 29.73 48.79
N VAL C 93 -27.30 28.90 47.85
CA VAL C 93 -27.04 27.46 47.92
C VAL C 93 -25.56 27.17 47.69
N LEU C 94 -24.99 27.80 46.66
CA LEU C 94 -23.56 27.59 46.37
C LEU C 94 -22.69 28.11 47.50
N SER C 95 -23.08 29.22 48.12
CA SER C 95 -22.31 29.78 49.24
C SER C 95 -22.21 28.78 50.39
N ARG C 96 -23.32 28.11 50.71
CA ARG C 96 -23.31 27.11 51.78
C ARG C 96 -22.57 25.84 51.37
N LEU C 97 -22.44 25.61 50.06
CA LEU C 97 -21.71 24.45 49.55
C LEU C 97 -20.22 24.74 49.51
N ILE C 98 -19.83 25.82 48.84
CA ILE C 98 -18.42 26.14 48.68
C ILE C 98 -17.82 26.62 49.99
N HIS C 99 -18.56 27.47 50.71
CA HIS C 99 -18.10 28.00 51.99
C HIS C 99 -18.88 27.35 53.12
N SER C 100 -18.82 26.03 53.19
CA SER C 100 -19.48 25.30 54.26
C SER C 100 -18.84 25.61 55.62
N ASN C 101 -17.55 25.93 55.62
CA ASN C 101 -16.82 26.19 56.86
C ASN C 101 -16.95 27.64 57.30
N LEU C 102 -16.11 28.51 56.72
CA LEU C 102 -16.08 29.95 57.02
C LEU C 102 -15.63 30.25 58.45
N LYS C 103 -15.96 29.36 59.39
CA LYS C 103 -15.62 29.54 60.80
C LYS C 103 -14.21 30.08 60.98
N ASP C 104 -13.23 29.37 60.44
CA ASP C 104 -11.86 29.88 60.30
C ASP C 104 -11.87 31.24 59.61
N THR C 105 -11.92 31.24 58.27
CA THR C 105 -11.78 32.44 57.44
C THR C 105 -12.49 33.67 57.99
N ASP C 106 -13.66 33.49 58.60
CA ASP C 106 -14.40 34.64 59.10
C ASP C 106 -13.73 35.25 60.33
N MET C 107 -12.89 34.49 61.05
CA MET C 107 -12.17 35.03 62.21
C MET C 107 -11.35 36.25 61.83
N GLY C 108 -10.55 36.15 60.77
CA GLY C 108 -9.74 37.28 60.34
C GLY C 108 -10.59 38.41 59.80
N LEU C 109 -11.69 38.07 59.13
CA LEU C 109 -12.60 39.11 58.67
C LEU C 109 -13.25 39.79 59.87
N LEU C 110 -13.46 39.06 60.95
CA LEU C 110 -13.94 39.64 62.20
C LEU C 110 -12.86 40.49 62.85
N ARG C 111 -11.64 39.96 62.92
CA ARG C 111 -10.52 40.73 63.48
C ARG C 111 -10.31 42.01 62.69
N SER C 112 -10.55 41.97 61.37
CA SER C 112 -10.34 43.13 60.53
C SER C 112 -11.35 44.23 60.86
N GLY C 113 -12.49 43.86 61.43
CA GLY C 113 -13.57 44.81 61.55
C GLY C 113 -14.29 45.07 60.24
N LYS C 114 -14.10 44.21 59.24
CA LYS C 114 -14.80 44.32 57.96
C LYS C 114 -16.09 43.51 57.93
N LEU C 115 -16.44 42.85 59.04
CA LEU C 115 -17.65 42.06 59.12
C LEU C 115 -18.36 42.35 60.44
N PRO C 116 -19.63 42.72 60.39
CA PRO C 116 -20.40 42.90 61.63
C PRO C 116 -20.51 41.58 62.39
N GLY C 117 -20.41 41.67 63.72
CA GLY C 117 -20.54 40.48 64.55
C GLY C 117 -21.92 39.85 64.45
N LYS C 118 -22.95 40.66 64.20
CA LYS C 118 -24.27 40.12 63.91
C LYS C 118 -24.32 39.38 62.58
N ARG C 119 -23.40 39.69 61.67
CA ARG C 119 -23.29 39.03 60.37
C ARG C 119 -22.04 38.17 60.27
N PHE C 120 -21.77 37.42 61.33
CA PHE C 120 -20.69 36.45 61.34
C PHE C 120 -21.19 35.13 60.78
N GLY C 121 -20.50 34.61 59.77
CA GLY C 121 -20.86 33.33 59.19
C GLY C 121 -22.21 33.27 58.51
N SER C 122 -22.89 34.40 58.38
CA SER C 122 -24.17 34.43 57.70
C SER C 122 -23.97 34.38 56.19
N HIS C 123 -24.79 33.59 55.51
CA HIS C 123 -24.77 33.51 54.06
C HIS C 123 -25.73 34.50 53.41
N ALA C 124 -26.22 35.49 54.18
CA ALA C 124 -27.12 36.49 53.64
C ALA C 124 -26.40 37.39 52.64
N LEU C 125 -27.19 38.00 51.73
CA LEU C 125 -26.62 38.85 50.69
C LEU C 125 -25.81 39.99 51.30
N GLU C 126 -26.40 40.67 52.29
CA GLU C 126 -25.70 41.78 52.94
C GLU C 126 -24.46 41.29 53.68
N ALA C 127 -24.55 40.11 54.31
CA ALA C 127 -23.40 39.54 55.01
C ALA C 127 -22.22 39.31 54.07
N TRP C 128 -22.48 38.97 52.81
CA TRP C 128 -21.40 38.75 51.86
C TRP C 128 -20.88 40.06 51.28
N GLY C 129 -21.72 41.10 51.25
CA GLY C 129 -21.28 42.38 50.72
C GLY C 129 -20.11 42.96 51.48
N TYR C 130 -20.11 42.81 52.80
CA TYR C 130 -18.98 43.28 53.59
C TYR C 130 -17.75 42.42 53.35
N ARG C 131 -17.97 41.14 53.01
CA ARG C 131 -16.86 40.23 52.74
C ARG C 131 -16.15 40.59 51.43
N LEU C 132 -16.89 41.04 50.42
CA LEU C 132 -16.32 41.35 49.13
C LEU C 132 -16.04 42.84 48.95
N GLY C 133 -16.51 43.69 49.86
CA GLY C 133 -16.28 45.11 49.75
C GLY C 133 -17.24 45.79 48.79
N GLU C 134 -18.52 45.45 48.87
CA GLU C 134 -19.54 46.04 48.00
C GLU C 134 -20.73 46.57 48.80
N MET C 135 -20.54 46.82 50.10
CA MET C 135 -21.60 47.32 50.96
C MET C 135 -21.41 48.82 51.16
N LYS C 136 -22.13 49.61 50.37
CA LYS C 136 -22.18 51.05 50.55
C LYS C 136 -23.25 51.48 51.56
N GLY C 137 -23.94 50.53 52.15
CA GLY C 137 -25.05 50.81 53.04
C GLY C 137 -26.15 49.78 52.86
N GLU C 138 -27.10 49.81 53.78
CA GLU C 138 -28.22 48.86 53.76
C GLU C 138 -29.53 49.63 53.67
N TYR C 139 -30.48 49.06 52.92
CA TYR C 139 -31.76 49.73 52.73
C TYR C 139 -32.53 49.87 54.03
N LYS C 140 -32.38 48.90 54.94
CA LYS C 140 -33.11 48.98 56.21
C LYS C 140 -32.61 50.12 57.07
N ASP C 141 -31.32 50.46 56.98
CA ASP C 141 -30.75 51.52 57.81
C ASP C 141 -30.83 52.88 57.16
N ASP C 142 -30.71 52.95 55.84
CA ASP C 142 -30.89 54.21 55.14
C ASP C 142 -32.37 54.61 55.10
N PHE C 143 -33.25 53.74 55.59
CA PHE C 143 -34.68 53.98 55.73
C PHE C 143 -35.02 54.42 57.15
N LYS C 144 -34.53 53.68 58.15
CA LYS C 144 -34.81 54.03 59.55
C LYS C 144 -34.33 55.44 59.86
N ARG C 145 -33.07 55.74 59.55
CA ARG C 145 -32.50 57.05 59.85
C ARG C 145 -33.14 58.14 59.00
N MET C 146 -33.61 57.79 57.81
CA MET C 146 -34.23 58.77 56.93
C MET C 146 -35.69 59.01 57.32
N LEU C 147 -36.29 58.08 58.07
CA LEU C 147 -37.60 58.32 58.62
C LEU C 147 -37.49 59.32 59.76
N GLU C 148 -36.34 59.35 60.41
CA GLU C 148 -36.08 60.33 61.46
C GLU C 148 -36.04 61.72 60.85
N GLU C 149 -35.22 61.92 59.82
CA GLU C 149 -35.06 63.22 59.18
C GLU C 149 -36.25 63.60 58.32
N GLN C 150 -37.34 62.84 58.45
CA GLN C 150 -38.61 63.19 57.83
C GLN C 150 -39.72 63.36 58.86
N GLY C 151 -39.80 62.49 59.86
CA GLY C 151 -40.81 62.60 60.90
C GLY C 151 -41.30 61.27 61.44
N GLU C 152 -42.06 60.57 60.61
CA GLU C 152 -42.83 59.39 61.02
C GLU C 152 -41.96 58.36 61.74
N GLU C 153 -42.59 57.62 62.65
CA GLU C 153 -41.91 56.59 63.44
C GLU C 153 -41.68 55.35 62.57
N TYR C 154 -41.19 54.28 63.19
CA TYR C 154 -40.82 53.06 62.48
C TYR C 154 -41.56 51.86 63.07
N VAL C 155 -41.98 50.95 62.21
CA VAL C 155 -42.60 49.69 62.60
C VAL C 155 -41.66 48.56 62.20
N ASP C 156 -41.45 47.61 63.11
CA ASP C 156 -40.58 46.46 62.88
C ASP C 156 -40.97 45.72 61.60
N GLY C 157 -40.46 46.17 60.46
CA GLY C 157 -40.80 45.58 59.19
C GLY C 157 -41.82 46.42 58.43
N MET C 158 -41.43 47.66 58.10
CA MET C 158 -42.29 48.56 57.36
C MET C 158 -41.60 49.15 56.13
N GLU C 159 -40.29 48.96 55.98
CA GLU C 159 -39.53 49.49 54.86
C GLU C 159 -39.94 48.87 53.52
N TRP C 160 -40.69 47.78 53.54
CA TRP C 160 -41.16 47.12 52.33
C TRP C 160 -42.64 47.41 52.04
N TRP C 161 -43.26 48.28 52.83
CA TRP C 161 -44.69 48.54 52.65
C TRP C 161 -44.98 49.18 51.31
N ASN C 162 -44.25 50.23 50.96
CA ASN C 162 -44.53 50.98 49.73
C ASN C 162 -43.24 51.19 48.94
N PHE C 163 -43.40 51.18 47.62
CA PHE C 163 -42.27 51.32 46.71
C PHE C 163 -41.74 52.75 46.73
N ASN C 164 -40.42 52.88 46.80
CA ASN C 164 -39.75 54.18 46.79
C ASN C 164 -38.44 54.05 46.04
N GLU C 165 -38.02 55.16 45.40
CA GLU C 165 -36.82 55.16 44.56
C GLU C 165 -35.57 54.75 45.32
N GLU C 166 -35.56 54.84 46.65
CA GLU C 166 -34.41 54.37 47.41
C GLU C 166 -34.36 52.85 47.47
N MET C 167 -35.53 52.19 47.49
CA MET C 167 -35.56 50.75 47.40
C MET C 167 -35.11 50.29 46.02
N MET C 168 -35.55 51.00 44.99
CA MET C 168 -35.12 50.71 43.63
C MET C 168 -33.61 50.85 43.48
N ASP C 169 -33.00 51.76 44.24
CA ASP C 169 -31.55 51.94 44.19
C ASP C 169 -30.84 50.87 45.00
N TYR C 170 -31.42 50.46 46.13
CA TYR C 170 -30.85 49.38 46.91
C TYR C 170 -31.25 48.02 46.35
N ASN C 171 -32.21 47.99 45.43
CA ASN C 171 -32.50 46.75 44.70
C ASN C 171 -31.40 46.46 43.69
N VAL C 172 -30.88 47.51 43.03
CA VAL C 172 -29.70 47.36 42.19
C VAL C 172 -28.52 46.94 43.03
N GLN C 173 -28.38 47.56 44.21
CA GLN C 173 -27.28 47.27 45.12
C GLN C 173 -27.23 45.78 45.48
N ASP C 174 -28.39 45.15 45.67
CA ASP C 174 -28.41 43.73 46.00
C ASP C 174 -28.03 42.87 44.80
N VAL C 175 -28.22 43.38 43.58
CA VAL C 175 -27.89 42.61 42.39
C VAL C 175 -26.39 42.59 42.15
N VAL C 176 -25.74 43.74 42.31
CA VAL C 176 -24.30 43.80 42.08
C VAL C 176 -23.55 42.98 43.12
N VAL C 177 -24.13 42.83 44.32
CA VAL C 177 -23.55 41.93 45.31
C VAL C 177 -23.84 40.50 44.93
N THR C 178 -25.02 40.25 44.37
CA THR C 178 -25.35 38.91 43.88
C THR C 178 -24.42 38.55 42.73
N LYS C 179 -24.18 39.50 41.83
CA LYS C 179 -23.25 39.29 40.73
C LYS C 179 -21.84 39.03 41.22
N ALA C 180 -21.33 39.89 42.13
CA ALA C 180 -19.97 39.73 42.62
C ALA C 180 -19.81 38.47 43.44
N LEU C 181 -20.84 38.08 44.19
CA LEU C 181 -20.77 36.85 44.95
C LEU C 181 -20.84 35.64 44.03
N LEU C 182 -21.64 35.74 42.97
CA LEU C 182 -21.70 34.68 41.97
C LEU C 182 -20.32 34.46 41.35
N GLU C 183 -19.67 35.55 40.93
CA GLU C 183 -18.33 35.45 40.35
C GLU C 183 -17.31 34.99 41.39
N LYS C 184 -17.56 35.28 42.67
CA LYS C 184 -16.68 34.81 43.73
C LYS C 184 -16.80 33.30 43.90
N LEU C 185 -17.98 32.76 43.63
CA LEU C 185 -18.21 31.32 43.73
C LEU C 185 -17.71 30.59 42.49
N LEU C 186 -17.80 31.22 41.32
CA LEU C 186 -17.31 30.62 40.08
C LEU C 186 -15.79 30.61 40.02
N SER C 187 -15.11 31.38 40.86
CA SER C 187 -13.66 31.46 40.87
C SER C 187 -13.02 30.40 41.77
N ASP C 188 -13.79 29.42 42.23
CA ASP C 188 -13.27 28.30 43.01
C ASP C 188 -13.03 27.14 42.04
N LYS C 189 -11.76 26.90 41.72
CA LYS C 189 -11.39 25.96 40.67
C LYS C 189 -11.44 24.51 41.10
N HIS C 190 -12.21 24.20 42.15
CA HIS C 190 -12.46 22.81 42.53
C HIS C 190 -13.89 22.37 42.27
N TYR C 191 -14.84 23.30 42.22
CA TYR C 191 -16.19 23.04 41.78
C TYR C 191 -16.41 23.42 40.32
N PHE C 192 -15.83 24.54 39.89
CA PHE C 192 -15.88 24.97 38.50
C PHE C 192 -14.48 24.96 37.92
N PRO C 193 -14.24 24.20 36.85
CA PRO C 193 -12.90 24.13 36.24
C PRO C 193 -12.42 25.50 35.79
N PRO C 194 -11.17 25.62 35.33
CA PRO C 194 -10.71 26.89 34.77
C PRO C 194 -10.94 26.99 33.27
N GLU C 195 -12.20 26.81 32.86
CA GLU C 195 -12.53 26.82 31.44
C GLU C 195 -12.79 28.24 30.94
N ILE C 196 -14.05 28.67 30.97
CA ILE C 196 -14.41 30.00 30.47
C ILE C 196 -15.45 30.63 31.39
N ASP C 197 -16.11 31.67 30.90
CA ASP C 197 -17.24 32.26 31.60
C ASP C 197 -18.35 31.24 31.72
N PHE C 198 -18.59 30.76 32.94
CA PHE C 198 -19.70 29.85 33.21
C PHE C 198 -21.04 30.55 33.24
N THR C 199 -21.06 31.87 33.04
CA THR C 199 -22.24 32.64 32.72
C THR C 199 -22.60 32.55 31.23
N ASP C 200 -21.57 32.54 30.38
CA ASP C 200 -21.78 32.51 28.94
C ASP C 200 -22.47 31.24 28.46
N VAL C 201 -22.42 30.16 29.24
CA VAL C 201 -22.87 28.86 28.77
C VAL C 201 -24.35 28.66 29.11
N GLY C 202 -24.96 27.70 28.40
CA GLY C 202 -26.32 27.30 28.68
C GLY C 202 -26.43 26.41 29.90
N TYR C 203 -27.67 26.22 30.35
CA TYR C 203 -27.90 25.40 31.54
C TYR C 203 -27.50 23.94 31.31
N THR C 204 -27.67 23.43 30.09
CA THR C 204 -27.32 22.04 29.81
C THR C 204 -25.83 21.79 30.01
N THR C 205 -25.00 22.74 29.59
CA THR C 205 -23.57 22.61 29.77
C THR C 205 -23.18 22.94 31.20
N PHE C 206 -23.96 23.83 31.83
CA PHE C 206 -23.65 24.32 33.16
C PHE C 206 -23.64 23.21 34.20
N TRP C 207 -24.71 22.41 34.26
CA TRP C 207 -24.82 21.41 35.33
C TRP C 207 -23.82 20.27 35.14
N SER C 208 -23.61 19.83 33.90
CA SER C 208 -22.81 18.63 33.64
C SER C 208 -21.32 18.93 33.64
N GLU C 209 -20.91 20.09 33.16
CA GLU C 209 -19.50 20.45 33.12
C GLU C 209 -19.03 21.04 34.45
N SER C 210 -19.96 21.25 35.38
CA SER C 210 -19.62 21.66 36.74
C SER C 210 -19.50 20.41 37.61
N LEU C 211 -18.91 20.59 38.79
CA LEU C 211 -18.85 19.49 39.73
C LEU C 211 -20.27 19.03 40.06
N GLU C 212 -20.42 17.73 40.29
CA GLU C 212 -21.73 17.15 40.51
C GLU C 212 -22.43 17.73 41.74
N ALA C 213 -21.68 18.08 42.77
CA ALA C 213 -22.28 18.62 43.99
C ALA C 213 -23.10 19.87 43.69
N VAL C 214 -22.68 20.68 42.72
CA VAL C 214 -23.41 21.88 42.35
C VAL C 214 -24.84 21.54 41.95
N ASP C 215 -24.99 20.48 41.15
CA ASP C 215 -26.31 20.11 40.63
C ASP C 215 -27.19 19.57 41.75
N ILE C 216 -26.63 18.70 42.60
CA ILE C 216 -27.40 18.07 43.67
C ILE C 216 -27.96 19.12 44.62
N GLU C 217 -27.12 20.07 45.03
CA GLU C 217 -27.53 21.06 46.01
C GLU C 217 -28.69 21.92 45.51
N HIS C 218 -28.70 22.22 44.21
CA HIS C 218 -29.79 23.01 43.65
C HIS C 218 -31.04 22.17 43.45
N ARG C 219 -30.88 20.88 43.17
CA ARG C 219 -32.02 19.98 43.12
C ARG C 219 -32.56 19.72 44.52
N ALA C 220 -31.66 19.61 45.50
CA ALA C 220 -32.07 19.41 46.88
C ALA C 220 -32.78 20.64 47.42
N ALA C 221 -32.18 21.82 47.22
CA ALA C 221 -32.78 23.06 47.73
C ALA C 221 -34.12 23.32 47.07
N TRP C 222 -34.24 23.01 45.77
CA TRP C 222 -35.52 23.16 45.09
C TRP C 222 -36.56 22.20 45.66
N LEU C 223 -36.15 20.97 45.93
CA LEU C 223 -37.06 19.96 46.45
C LEU C 223 -37.52 20.31 47.87
N LEU C 224 -36.58 20.70 48.73
CA LEU C 224 -36.92 21.00 50.13
C LEU C 224 -37.82 22.23 50.23
N ALA C 225 -37.65 23.21 49.34
CA ALA C 225 -38.52 24.37 49.36
C ALA C 225 -39.96 23.98 49.10
N LYS C 226 -40.17 22.97 48.25
CA LYS C 226 -41.50 22.45 48.02
C LYS C 226 -42.05 21.80 49.29
N GLN C 227 -41.21 21.07 50.02
CA GLN C 227 -41.66 20.41 51.24
C GLN C 227 -42.11 21.44 52.28
N GLU C 228 -41.38 22.53 52.41
CA GLU C 228 -41.79 23.60 53.33
C GLU C 228 -43.14 24.16 52.92
N ARG C 229 -43.35 24.38 51.62
CA ARG C 229 -44.61 24.91 51.13
C ARG C 229 -45.71 23.87 51.27
N ASN C 230 -45.36 22.59 51.13
CA ASN C 230 -46.31 21.53 51.44
C ASN C 230 -46.62 21.51 52.94
N GLY C 231 -45.58 21.56 53.76
CA GLY C 231 -45.75 21.59 55.20
C GLY C 231 -46.12 20.22 55.74
N PHE C 232 -46.13 20.12 57.06
CA PHE C 232 -46.50 18.87 57.70
C PHE C 232 -47.81 19.07 58.44
N PRO C 233 -48.89 18.41 58.00
CA PRO C 233 -50.19 18.56 58.67
C PRO C 233 -50.13 18.32 60.18
N PHE C 234 -50.89 19.12 60.91
CA PHE C 234 -50.80 19.19 62.37
C PHE C 234 -52.19 19.15 62.98
N ASP C 235 -52.40 18.23 63.92
CA ASP C 235 -53.67 18.11 64.63
C ASP C 235 -53.62 18.99 65.87
N THR C 236 -54.11 20.23 65.72
CA THR C 236 -54.09 21.17 66.83
C THR C 236 -54.82 20.61 68.04
N LYS C 237 -56.03 20.07 67.82
CA LYS C 237 -56.82 19.51 68.90
C LYS C 237 -56.05 18.45 69.67
N ALA C 238 -55.34 17.58 68.97
CA ALA C 238 -54.63 16.48 69.62
C ALA C 238 -53.51 17.00 70.53
N ILE C 239 -52.68 17.90 70.01
CA ILE C 239 -51.60 18.46 70.83
C ILE C 239 -52.17 19.28 71.98
N GLU C 240 -53.24 20.04 71.71
CA GLU C 240 -53.94 20.69 72.81
C GLU C 240 -54.46 19.64 73.77
N GLU C 241 -54.97 18.53 73.25
CA GLU C 241 -55.44 17.40 74.03
C GLU C 241 -54.32 16.69 74.78
N LEU C 242 -53.09 17.15 74.65
CA LEU C 242 -51.96 16.65 75.42
C LEU C 242 -51.58 17.56 76.58
N TYR C 243 -51.72 18.88 76.39
CA TYR C 243 -51.22 19.86 77.34
C TYR C 243 -51.81 19.74 78.75
N VAL C 244 -53.11 19.45 78.89
CA VAL C 244 -53.67 19.31 80.23
C VAL C 244 -53.10 18.07 80.91
N GLU C 245 -53.01 16.97 80.16
CA GLU C 245 -52.51 15.74 80.76
C GLU C 245 -51.08 15.92 81.24
N LEU C 246 -50.37 16.91 80.69
CA LEU C 246 -49.04 17.31 81.11
C LEU C 246 -49.08 18.43 82.15
N ALA C 247 -49.86 19.50 81.89
CA ALA C 247 -49.93 20.63 82.81
C ALA C 247 -50.57 20.24 84.13
N ALA C 248 -51.65 19.46 84.10
CA ALA C 248 -52.27 19.01 85.35
C ALA C 248 -51.29 18.14 86.12
N ARG C 249 -50.56 17.28 85.43
CA ARG C 249 -49.53 16.48 86.07
C ARG C 249 -48.41 17.37 86.58
N ARG C 250 -48.08 18.43 85.83
CA ARG C 250 -47.06 19.38 86.27
C ARG C 250 -47.51 20.09 87.54
N SER C 251 -48.76 20.55 87.57
CA SER C 251 -49.27 21.28 88.72
C SER C 251 -49.41 20.38 89.94
N GLU C 252 -49.91 19.15 89.75
CA GLU C 252 -50.05 18.22 90.85
C GLU C 252 -48.70 17.81 91.43
N LEU C 253 -47.71 17.60 90.57
CA LEU C 253 -46.37 17.24 91.03
C LEU C 253 -45.70 18.41 91.75
N LEU C 254 -45.81 19.62 91.18
CA LEU C 254 -45.24 20.80 91.81
C LEU C 254 -45.74 20.97 93.23
N ARG C 255 -47.03 20.68 93.45
CA ARG C 255 -47.59 20.71 94.80
C ARG C 255 -46.89 19.71 95.70
N LYS C 256 -46.78 18.46 95.23
CA LYS C 256 -46.11 17.43 96.01
C LYS C 256 -44.62 17.71 96.19
N LEU C 257 -43.98 18.34 95.20
CA LEU C 257 -42.56 18.64 95.28
C LEU C 257 -42.27 19.96 95.99
N THR C 258 -43.28 20.56 96.61
CA THR C 258 -43.08 21.69 97.50
C THR C 258 -43.48 21.37 98.93
N GLU C 259 -44.17 20.24 99.14
CA GLU C 259 -44.44 19.75 100.47
C GLU C 259 -43.23 18.99 101.02
N THR C 260 -42.49 18.35 100.12
CA THR C 260 -41.25 17.65 100.45
C THR C 260 -40.11 18.62 100.64
N PHE C 261 -40.19 19.81 100.02
CA PHE C 261 -39.13 20.82 100.08
C PHE C 261 -39.79 22.19 100.19
N GLY C 262 -39.69 22.82 101.35
CA GLY C 262 -40.32 24.11 101.61
C GLY C 262 -39.58 25.28 101.01
N SER C 263 -39.71 26.44 101.66
CA SER C 263 -39.07 27.67 101.18
C SER C 263 -37.71 27.87 101.81
N ASN C 335 -38.00 25.55 92.96
CA ASN C 335 -38.25 25.28 91.54
C ASN C 335 -37.44 24.08 91.08
N PRO C 336 -38.15 22.97 90.75
CA PRO C 336 -37.49 21.78 90.20
C PRO C 336 -37.20 21.91 88.71
N SER C 337 -36.41 22.93 88.36
CA SER C 337 -36.14 23.17 86.95
C SER C 337 -34.76 23.78 86.71
N SER C 338 -34.14 24.34 87.74
CA SER C 338 -32.85 24.98 87.60
C SER C 338 -31.77 24.17 88.29
N ARG C 339 -30.53 24.34 87.80
CA ARG C 339 -29.39 23.63 88.39
C ARG C 339 -28.83 24.35 89.60
N ASP C 340 -29.05 25.67 89.70
CA ASP C 340 -28.61 26.43 90.87
C ASP C 340 -29.60 26.31 92.02
N HIS C 341 -30.60 25.45 91.85
CA HIS C 341 -31.64 25.21 92.84
C HIS C 341 -31.40 23.90 93.57
N ILE C 342 -31.52 22.80 92.83
CA ILE C 342 -31.34 21.47 93.40
C ILE C 342 -29.96 21.29 94.02
N GLN C 343 -28.93 21.93 93.44
CA GLN C 343 -27.60 21.86 94.03
C GLN C 343 -27.60 22.44 95.43
N LYS C 344 -28.38 23.50 95.64
CA LYS C 344 -28.50 24.12 96.95
C LYS C 344 -29.41 23.33 97.86
N LYS C 345 -30.30 22.52 97.30
CA LYS C 345 -31.28 21.74 98.05
C LYS C 345 -30.86 20.29 98.27
N LEU C 346 -30.49 19.58 97.20
CA LEU C 346 -30.15 18.16 97.29
C LEU C 346 -28.91 17.90 98.13
N GLN C 347 -28.00 18.86 98.24
CA GLN C 347 -26.81 18.71 99.06
C GLN C 347 -27.11 18.95 100.53
N GLU C 348 -28.36 18.76 100.91
CA GLU C 348 -28.82 18.82 102.29
C GLU C 348 -29.54 17.55 102.68
N ALA C 349 -29.89 16.70 101.72
CA ALA C 349 -30.52 15.41 101.96
C ALA C 349 -29.48 14.30 102.00
N GLY C 350 -28.19 14.63 101.95
CA GLY C 350 -27.14 13.65 102.07
C GLY C 350 -26.59 13.11 100.77
N TRP C 351 -26.74 13.84 99.66
CA TRP C 351 -26.22 13.39 98.38
C TRP C 351 -24.87 14.03 98.13
N VAL C 352 -23.86 13.20 97.88
CA VAL C 352 -22.50 13.66 97.62
C VAL C 352 -22.26 13.58 96.11
N PRO C 353 -22.19 14.69 95.39
CA PRO C 353 -22.00 14.63 93.93
C PRO C 353 -20.67 13.97 93.56
N THR C 354 -20.76 12.96 92.69
CA THR C 354 -19.54 12.30 92.21
C THR C 354 -18.92 13.07 91.05
N LYS C 355 -19.69 13.32 89.99
CA LYS C 355 -19.20 13.99 88.80
C LYS C 355 -19.69 15.43 88.78
N TYR C 356 -18.75 16.36 88.55
CA TYR C 356 -18.99 17.80 88.49
C TYR C 356 -18.85 18.31 87.06
N THR C 357 -18.84 19.63 86.91
CA THR C 357 -18.71 20.31 85.63
C THR C 357 -17.50 21.24 85.66
N ASP C 358 -17.14 21.75 84.48
CA ASP C 358 -15.93 22.57 84.32
C ASP C 358 -16.10 23.98 84.86
N LYS C 359 -17.18 24.25 85.61
CA LYS C 359 -17.38 25.53 86.26
C LYS C 359 -17.63 25.41 87.76
N GLY C 360 -17.54 24.20 88.32
CA GLY C 360 -17.70 24.00 89.74
C GLY C 360 -18.99 23.32 90.14
N ALA C 361 -20.07 23.65 89.44
CA ALA C 361 -21.39 23.17 89.83
C ALA C 361 -21.53 21.68 89.54
N PRO C 362 -22.22 20.93 90.41
CA PRO C 362 -22.38 19.49 90.20
C PRO C 362 -23.35 19.13 89.07
N VAL C 363 -23.09 17.98 88.45
CA VAL C 363 -23.94 17.48 87.36
C VAL C 363 -25.25 16.96 87.93
N VAL C 364 -26.37 17.44 87.39
CA VAL C 364 -27.69 16.97 87.80
C VAL C 364 -28.52 16.56 86.59
N ASP C 365 -28.02 15.63 85.79
CA ASP C 365 -28.76 15.18 84.61
C ASP C 365 -29.58 13.94 84.94
N ASP C 366 -30.22 13.36 83.92
CA ASP C 366 -31.02 12.15 84.10
C ASP C 366 -30.18 10.99 84.62
N GLU C 367 -28.90 10.92 84.22
CA GLU C 367 -28.05 9.80 84.62
C GLU C 367 -27.88 9.73 86.14
N VAL C 368 -27.35 10.80 86.75
CA VAL C 368 -27.03 10.77 88.16
C VAL C 368 -28.29 10.70 89.03
N LEU C 369 -29.39 11.33 88.58
CA LEU C 369 -30.60 11.35 89.38
C LEU C 369 -31.15 9.95 89.63
N GLU C 370 -31.03 9.07 88.63
CA GLU C 370 -31.49 7.69 88.78
C GLU C 370 -30.75 6.97 89.89
N GLY C 371 -29.50 7.34 90.13
CA GLY C 371 -28.66 6.69 91.12
C GLY C 371 -28.50 7.43 92.43
N VAL C 372 -29.11 8.60 92.58
CA VAL C 372 -29.03 9.35 93.83
C VAL C 372 -29.74 8.57 94.93
N ARG C 373 -29.01 8.22 95.98
CA ARG C 373 -29.54 7.46 97.10
C ARG C 373 -29.43 8.29 98.37
N VAL C 374 -30.56 8.49 99.05
CA VAL C 374 -30.59 9.22 100.32
C VAL C 374 -31.35 8.37 101.34
N ASP C 375 -30.92 8.48 102.60
CA ASP C 375 -31.55 7.71 103.66
C ASP C 375 -33.00 8.11 103.88
N ASP C 376 -33.33 9.37 103.64
CA ASP C 376 -34.69 9.86 103.84
C ASP C 376 -35.62 9.23 102.82
N PRO C 377 -36.56 8.38 103.24
CA PRO C 377 -37.45 7.71 102.26
C PRO C 377 -38.26 8.66 101.41
N GLU C 378 -38.75 9.75 102.00
CA GLU C 378 -39.55 10.73 101.25
C GLU C 378 -38.72 11.44 100.20
N LYS C 379 -37.51 11.87 100.57
CA LYS C 379 -36.61 12.52 99.62
C LYS C 379 -36.24 11.58 98.48
N GLN C 380 -35.95 10.31 98.79
CA GLN C 380 -35.58 9.35 97.77
C GLN C 380 -36.71 9.15 96.76
N ALA C 381 -37.93 8.92 97.27
CA ALA C 381 -39.08 8.75 96.40
C ALA C 381 -39.40 10.03 95.65
N ALA C 382 -38.99 11.19 96.16
CA ALA C 382 -39.25 12.46 95.49
C ALA C 382 -38.35 12.64 94.27
N ILE C 383 -37.24 11.92 94.20
CA ILE C 383 -36.32 12.02 93.07
C ILE C 383 -37.04 11.67 91.77
N ASP C 384 -37.77 10.56 91.77
CA ASP C 384 -38.50 10.15 90.57
C ASP C 384 -39.58 11.16 90.21
N LEU C 385 -40.09 11.88 91.21
CA LEU C 385 -41.06 12.94 90.94
C LEU C 385 -40.40 14.14 90.29
N ILE C 386 -39.13 14.40 90.63
CA ILE C 386 -38.37 15.43 89.95
C ILE C 386 -38.04 14.98 88.53
N LYS C 387 -37.67 13.70 88.38
CA LYS C 387 -37.38 13.12 87.07
C LYS C 387 -38.58 13.30 86.13
N GLU C 388 -39.78 12.99 86.62
CA GLU C 388 -40.98 13.17 85.82
C GLU C 388 -41.22 14.66 85.55
N TYR C 389 -41.02 15.50 86.57
CA TYR C 389 -41.25 16.93 86.43
C TYR C 389 -40.44 17.52 85.28
N LEU C 390 -39.12 17.27 85.28
CA LEU C 390 -38.27 17.78 84.22
C LEU C 390 -38.73 17.28 82.86
N MET C 391 -39.14 16.01 82.78
CA MET C 391 -39.62 15.45 81.52
C MET C 391 -40.95 16.08 81.12
N ILE C 392 -41.85 16.29 82.09
CA ILE C 392 -43.10 16.98 81.80
C ILE C 392 -42.81 18.37 81.26
N GLN C 393 -41.87 19.07 81.90
CA GLN C 393 -41.45 20.38 81.41
C GLN C 393 -40.87 20.26 80.01
N LYS C 394 -40.16 19.16 79.74
CA LYS C 394 -39.56 18.96 78.42
C LYS C 394 -40.62 18.85 77.33
N ARG C 395 -41.63 18.01 77.55
CA ARG C 395 -42.71 17.89 76.57
C ARG C 395 -43.47 19.20 76.45
N ILE C 396 -43.82 19.81 77.59
CA ILE C 396 -44.44 21.13 77.58
C ILE C 396 -43.51 22.12 76.90
N GLY C 397 -42.22 22.08 77.27
CA GLY C 397 -41.21 22.95 76.69
C GLY C 397 -40.93 22.69 75.23
N GLN C 398 -41.49 21.63 74.66
CA GLN C 398 -41.41 21.37 73.23
C GLN C 398 -42.75 21.52 72.53
N SER C 399 -43.86 21.24 73.22
CA SER C 399 -45.18 21.20 72.62
C SER C 399 -46.12 22.31 73.06
N ALA C 400 -45.77 23.11 74.06
CA ALA C 400 -46.71 24.11 74.55
C ALA C 400 -46.04 25.35 75.12
N GLU C 401 -44.73 25.52 74.97
CA GLU C 401 -44.00 26.66 75.52
C GLU C 401 -44.20 27.90 74.65
N GLY C 402 -43.33 28.90 74.81
CA GLY C 402 -43.41 30.12 74.04
C GLY C 402 -42.44 30.10 72.87
N ASP C 403 -42.89 30.68 71.75
CA ASP C 403 -42.06 30.95 70.58
C ASP C 403 -41.53 29.67 69.93
N LYS C 404 -42.33 28.60 69.99
CA LYS C 404 -42.02 27.34 69.32
C LYS C 404 -43.26 26.47 69.42
N ALA C 405 -43.21 25.44 70.27
CA ALA C 405 -44.38 24.73 70.80
C ALA C 405 -45.28 24.13 69.73
N TRP C 406 -44.90 24.20 68.46
CA TRP C 406 -45.71 23.70 67.35
C TRP C 406 -47.04 24.46 67.25
N LEU C 407 -47.74 24.60 68.37
CA LEU C 407 -49.06 25.25 68.38
C LEU C 407 -49.00 26.69 67.89
N ARG C 408 -47.85 27.34 68.02
CA ARG C 408 -47.69 28.72 67.56
C ARG C 408 -47.36 28.79 66.08
N TYR C 409 -46.96 27.67 65.50
CA TYR C 409 -46.50 27.58 64.12
C TYR C 409 -47.58 27.02 63.20
N VAL C 410 -48.71 26.58 63.74
CA VAL C 410 -49.83 26.09 62.95
C VAL C 410 -50.35 27.20 62.05
N ALA C 411 -50.15 27.06 60.76
CA ALA C 411 -50.71 28.00 59.81
C ALA C 411 -52.21 27.76 59.65
N GLU C 412 -52.87 28.66 58.92
CA GLU C 412 -54.31 28.59 58.76
C GLU C 412 -54.78 27.42 57.93
N ASP C 413 -53.88 26.76 57.19
CA ASP C 413 -54.22 25.55 56.45
C ASP C 413 -54.10 24.30 57.31
N GLY C 414 -53.96 24.44 58.62
CA GLY C 414 -53.80 23.31 59.52
C GLY C 414 -52.52 22.53 59.30
N LYS C 415 -51.44 23.19 58.93
CA LYS C 415 -50.16 22.54 58.67
C LYS C 415 -49.02 23.37 59.24
N ILE C 416 -47.95 22.68 59.63
CA ILE C 416 -46.73 23.31 60.12
C ILE C 416 -45.68 23.32 59.01
N HIS C 417 -45.23 24.51 58.63
CA HIS C 417 -44.25 24.69 57.56
C HIS C 417 -42.86 24.87 58.17
N GLY C 418 -42.27 23.75 58.58
CA GLY C 418 -40.95 23.78 59.20
C GLY C 418 -39.85 24.01 58.17
N SER C 419 -38.98 25.00 58.42
CA SER C 419 -37.92 25.37 57.51
C SER C 419 -36.74 24.39 57.61
N VAL C 420 -35.89 24.40 56.59
CA VAL C 420 -34.78 23.44 56.49
C VAL C 420 -33.63 24.05 55.71
N ASN C 421 -32.42 23.99 56.30
CA ASN C 421 -31.21 24.51 55.66
C ASN C 421 -30.54 23.39 54.87
N PRO C 422 -30.56 23.42 53.52
CA PRO C 422 -30.04 22.33 52.68
C PRO C 422 -28.89 21.51 53.24
N ASN C 423 -27.81 22.20 53.63
CA ASN C 423 -26.71 21.53 54.32
C ASN C 423 -25.86 22.56 55.05
N GLY C 424 -26.38 23.07 56.16
CA GLY C 424 -25.57 23.88 57.05
C GLY C 424 -24.57 23.09 57.87
N ALA C 425 -24.54 21.77 57.70
CA ALA C 425 -23.67 20.85 58.42
C ALA C 425 -22.69 20.24 57.42
N VAL C 426 -21.56 20.93 57.23
CA VAL C 426 -20.44 20.59 56.36
C VAL C 426 -20.48 19.20 55.73
N THR C 427 -20.68 18.18 56.55
CA THR C 427 -20.60 16.80 56.07
C THR C 427 -21.87 16.38 55.33
N GLY C 428 -23.01 16.52 56.00
CA GLY C 428 -24.28 16.11 55.42
C GLY C 428 -25.37 16.31 56.45
N ARG C 429 -26.58 15.94 56.05
CA ARG C 429 -27.78 16.07 56.88
C ARG C 429 -28.11 17.54 57.11
N ALA C 430 -29.25 17.98 56.59
CA ALA C 430 -29.70 19.35 56.72
C ALA C 430 -30.00 19.68 58.18
N THR C 431 -30.33 20.95 58.43
CA THR C 431 -30.75 21.39 59.76
C THR C 431 -32.17 21.92 59.66
N HIS C 432 -32.98 21.60 60.66
CA HIS C 432 -34.40 21.94 60.67
C HIS C 432 -34.71 22.82 61.87
N ALA C 433 -35.59 23.80 61.68
CA ALA C 433 -35.91 24.72 62.75
C ALA C 433 -37.22 25.43 62.43
N PHE C 434 -37.70 26.17 63.43
CA PHE C 434 -38.96 26.91 63.37
C PHE C 434 -40.15 26.11 62.84
N PRO C 435 -40.52 25.01 63.52
CA PRO C 435 -39.85 24.35 64.65
C PRO C 435 -38.95 23.22 64.16
N ASN C 436 -38.08 22.70 65.03
CA ASN C 436 -37.21 21.59 64.65
C ASN C 436 -38.07 20.34 64.49
N LEU C 437 -38.45 20.04 63.25
CA LEU C 437 -39.25 18.86 62.96
C LEU C 437 -38.46 17.56 63.11
N ALA C 438 -37.17 17.63 63.39
CA ALA C 438 -36.32 16.45 63.48
C ALA C 438 -36.01 16.03 64.91
N GLN C 439 -36.56 16.73 65.91
CA GLN C 439 -36.35 16.39 67.30
C GLN C 439 -37.64 16.02 68.01
N ILE C 440 -38.67 15.65 67.26
CA ILE C 440 -39.94 15.26 67.88
C ILE C 440 -39.73 13.96 68.64
N PRO C 441 -40.18 13.87 69.89
CA PRO C 441 -39.97 12.64 70.67
C PRO C 441 -40.46 11.39 69.97
N GLY C 442 -39.60 10.37 69.94
CA GLY C 442 -39.95 9.12 69.29
C GLY C 442 -41.05 8.38 70.02
N VAL C 443 -41.53 7.31 69.36
CA VAL C 443 -42.61 6.49 69.92
C VAL C 443 -42.15 5.66 71.12
N ARG C 444 -40.84 5.52 71.32
CA ARG C 444 -40.32 4.83 72.49
C ARG C 444 -40.21 5.75 73.71
N SER C 445 -40.18 7.06 73.50
CA SER C 445 -40.09 8.02 74.60
C SER C 445 -41.48 8.31 75.17
N PRO C 446 -41.56 8.67 76.45
CA PRO C 446 -42.86 8.92 77.08
C PRO C 446 -43.61 10.05 76.40
N TYR C 447 -44.92 9.84 76.23
CA TYR C 447 -45.84 10.80 75.61
C TYR C 447 -45.49 11.07 74.16
N GLY C 448 -44.46 10.37 73.64
CA GLY C 448 -44.11 10.51 72.24
C GLY C 448 -45.12 9.85 71.33
N GLU C 449 -45.76 8.78 71.80
CA GLU C 449 -46.80 8.12 71.02
C GLU C 449 -47.88 9.11 70.61
N GLN C 450 -48.36 9.92 71.56
CA GLN C 450 -49.31 10.97 71.25
C GLN C 450 -48.69 12.05 70.39
N CYS C 451 -47.44 12.43 70.69
CA CYS C 451 -46.76 13.47 69.92
C CYS C 451 -46.58 13.05 68.47
N ARG C 452 -46.02 11.84 68.26
CA ARG C 452 -45.81 11.35 66.90
C ARG C 452 -47.13 11.20 66.15
N ALA C 453 -48.21 10.87 66.86
CA ALA C 453 -49.51 10.72 66.22
C ALA C 453 -50.02 12.06 65.70
N ALA C 454 -49.57 13.16 66.29
CA ALA C 454 -50.02 14.49 65.87
C ALA C 454 -49.47 14.89 64.52
N PHE C 455 -48.57 14.09 63.94
CA PHE C 455 -47.95 14.39 62.66
C PHE C 455 -48.33 13.28 61.68
N GLY C 456 -49.18 13.61 60.71
CA GLY C 456 -49.60 12.64 59.73
C GLY C 456 -50.38 13.29 58.61
N ALA C 457 -50.41 12.62 57.46
CA ALA C 457 -51.19 13.09 56.32
C ALA C 457 -52.70 12.93 56.53
N GLU C 458 -53.10 12.13 57.52
CA GLU C 458 -54.51 11.94 57.88
C GLU C 458 -55.17 13.20 58.40
N HIS C 459 -54.40 14.23 58.75
CA HIS C 459 -54.98 15.48 59.23
C HIS C 459 -55.72 16.23 58.14
N HIS C 460 -55.43 15.95 56.87
CA HIS C 460 -56.18 16.51 55.76
C HIS C 460 -56.56 15.37 54.81
N LEU C 461 -57.87 15.12 54.69
CA LEU C 461 -58.40 14.09 53.80
C LEU C 461 -58.65 14.71 52.44
N ASP C 462 -57.55 14.89 51.69
CA ASP C 462 -57.56 15.42 50.32
C ASP C 462 -58.06 16.87 50.25
N GLY C 463 -57.38 17.69 49.45
CA GLY C 463 -57.74 19.08 49.34
C GLY C 463 -59.05 19.36 48.62
N ILE C 464 -59.65 18.35 47.99
CA ILE C 464 -60.90 18.55 47.25
C ILE C 464 -61.84 17.36 47.46
N THR C 465 -61.36 16.15 47.23
CA THR C 465 -62.25 15.00 47.14
C THR C 465 -62.66 14.42 48.49
N GLY C 466 -62.13 14.93 49.59
CA GLY C 466 -62.47 14.36 50.88
C GLY C 466 -61.89 12.99 51.13
N LYS C 467 -60.85 12.60 50.39
CA LYS C 467 -60.31 11.26 50.50
C LYS C 467 -59.17 11.21 51.50
N PRO C 468 -59.29 10.42 52.58
CA PRO C 468 -58.22 10.32 53.58
C PRO C 468 -56.81 10.11 53.04
N TRP C 469 -55.96 11.12 53.25
CA TRP C 469 -54.56 11.02 52.84
C TRP C 469 -53.79 10.12 53.81
N VAL C 470 -53.09 9.13 53.26
CA VAL C 470 -52.33 8.16 54.04
C VAL C 470 -50.85 8.48 53.93
N GLN C 471 -50.09 8.17 54.98
CA GLN C 471 -48.68 8.51 55.06
C GLN C 471 -47.82 7.28 54.79
N ALA C 472 -46.71 7.49 54.07
CA ALA C 472 -45.73 6.45 53.77
C ALA C 472 -44.37 6.87 54.33
N GLY C 473 -43.87 6.09 55.29
CA GLY C 473 -42.60 6.37 55.93
C GLY C 473 -41.53 5.38 55.53
N ILE C 474 -40.50 5.84 54.82
CA ILE C 474 -39.43 4.99 54.31
C ILE C 474 -38.10 5.45 54.88
N ASP C 475 -37.35 4.52 55.46
CA ASP C 475 -36.06 4.80 56.07
C ASP C 475 -34.96 3.98 55.40
N ALA C 476 -33.72 4.44 55.58
CA ALA C 476 -32.55 3.76 55.03
C ALA C 476 -32.08 2.68 56.00
N SER C 477 -32.17 1.42 55.56
CA SER C 477 -31.87 0.25 56.39
C SER C 477 -30.38 0.22 56.73
N GLY C 478 -30.04 0.57 57.98
CA GLY C 478 -28.68 0.49 58.48
C GLY C 478 -27.66 1.17 57.60
N LEU C 479 -27.99 2.40 57.17
CA LEU C 479 -27.15 3.10 56.21
C LEU C 479 -25.75 3.36 56.75
N GLU C 480 -25.65 3.64 58.05
CA GLU C 480 -24.36 4.02 58.64
C GLU C 480 -23.33 2.90 58.47
N LEU C 481 -23.71 1.66 58.81
CA LEU C 481 -22.77 0.55 58.73
C LEU C 481 -22.47 0.17 57.29
N ARG C 482 -23.44 0.37 56.38
CA ARG C 482 -23.22 0.06 54.98
C ARG C 482 -22.28 1.06 54.33
N CYS C 483 -22.32 2.33 54.76
CA CYS C 483 -21.35 3.31 54.28
C CYS C 483 -19.94 2.91 54.66
N LEU C 484 -19.77 2.33 55.86
CA LEU C 484 -18.46 1.86 56.29
C LEU C 484 -17.98 0.70 55.43
N ALA C 485 -18.89 -0.20 55.06
CA ALA C 485 -18.49 -1.35 54.24
C ALA C 485 -17.99 -0.93 52.88
N HIS C 486 -18.53 0.16 52.33
CA HIS C 486 -18.12 0.63 51.02
C HIS C 486 -16.71 1.21 51.06
N PHE C 487 -16.42 2.02 52.08
CA PHE C 487 -15.11 2.67 52.20
C PHE C 487 -14.05 1.69 52.68
N MET C 488 -14.46 0.58 53.31
CA MET C 488 -13.53 -0.44 53.73
C MET C 488 -13.50 -1.58 52.73
N ALA C 489 -14.36 -1.52 51.70
CA ALA C 489 -14.29 -2.43 50.57
C ALA C 489 -13.05 -2.17 49.74
N ARG C 490 -12.33 -1.09 50.01
CA ARG C 490 -11.07 -0.76 49.37
C ARG C 490 -9.93 -1.59 49.94
N PHE C 491 -10.16 -2.26 51.07
CA PHE C 491 -9.13 -3.04 51.75
C PHE C 491 -9.50 -4.50 51.99
N ASP C 492 -10.78 -4.88 51.91
CA ASP C 492 -11.17 -6.27 52.17
C ASP C 492 -11.87 -6.91 50.98
N ASN C 493 -11.94 -6.22 49.84
CA ASN C 493 -12.57 -6.74 48.62
C ASN C 493 -14.00 -7.20 48.85
N GLY C 494 -14.80 -6.28 49.39
CA GLY C 494 -16.22 -6.57 49.57
C GLY C 494 -16.52 -7.60 50.64
N GLU C 495 -15.58 -7.86 51.55
CA GLU C 495 -15.80 -8.84 52.59
C GLU C 495 -16.87 -8.37 53.58
N TYR C 496 -16.61 -7.24 54.24
CA TYR C 496 -17.54 -6.72 55.23
C TYR C 496 -18.89 -6.40 54.60
N ALA C 497 -18.88 -5.95 53.34
CA ALA C 497 -20.13 -5.66 52.64
C ALA C 497 -20.99 -6.91 52.52
N HIS C 498 -20.34 -8.06 52.29
CA HIS C 498 -21.07 -9.33 52.20
C HIS C 498 -21.62 -9.75 53.55
N GLU C 499 -20.95 -9.36 54.64
CA GLU C 499 -21.42 -9.69 55.97
C GLU C 499 -22.70 -8.94 56.31
N ILE C 500 -22.86 -7.74 55.74
CA ILE C 500 -24.13 -7.02 55.86
C ILE C 500 -25.25 -7.80 55.19
N LEU C 501 -25.03 -8.17 53.92
CA LEU C 501 -26.01 -8.93 53.16
C LEU C 501 -26.32 -10.27 53.83
N ASN C 502 -25.28 -10.96 54.29
CA ASN C 502 -25.49 -12.21 55.00
C ASN C 502 -26.33 -12.01 56.25
N GLY C 503 -26.32 -10.80 56.81
CA GLY C 503 -27.13 -10.47 57.96
C GLY C 503 -26.35 -10.56 59.25
N ASP C 504 -26.94 -9.98 60.29
CA ASP C 504 -26.38 -10.01 61.64
C ASP C 504 -24.94 -9.50 61.65
N ILE C 505 -24.76 -8.28 61.16
CA ILE C 505 -23.44 -7.66 61.21
C ILE C 505 -23.08 -7.33 62.65
N HIS C 506 -24.08 -7.06 63.49
CA HIS C 506 -23.82 -6.84 64.91
C HIS C 506 -23.39 -8.13 65.59
N THR C 507 -23.80 -9.27 65.04
CA THR C 507 -23.33 -10.56 65.54
C THR C 507 -21.85 -10.77 65.18
N LYS C 508 -21.47 -10.39 63.96
CA LYS C 508 -20.08 -10.52 63.55
C LYS C 508 -19.19 -9.57 64.34
N ASN C 509 -19.63 -8.31 64.48
CA ASN C 509 -18.87 -7.35 65.28
C ASN C 509 -18.77 -7.82 66.74
N GLN C 510 -19.82 -8.47 67.24
CA GLN C 510 -19.80 -9.01 68.59
C GLN C 510 -18.73 -10.09 68.71
N ILE C 511 -18.68 -10.99 67.73
CA ILE C 511 -17.66 -12.04 67.72
C ILE C 511 -16.28 -11.42 67.52
N ALA C 512 -16.20 -10.39 66.66
CA ALA C 512 -14.91 -9.78 66.34
C ALA C 512 -14.35 -9.02 67.53
N ALA C 513 -15.20 -8.32 68.27
CA ALA C 513 -14.76 -7.54 69.41
C ALA C 513 -14.92 -8.28 70.73
N GLU C 514 -15.48 -9.50 70.70
CA GLU C 514 -15.64 -10.36 71.86
C GLU C 514 -16.49 -9.68 72.95
N LEU C 515 -17.76 -9.44 72.62
CA LEU C 515 -18.71 -8.82 73.53
C LEU C 515 -19.72 -9.84 74.04
N PRO C 516 -20.29 -9.61 75.23
CA PRO C 516 -21.25 -10.57 75.78
C PRO C 516 -22.59 -10.63 75.05
N THR C 517 -23.21 -9.48 74.82
CA THR C 517 -24.53 -9.43 74.20
C THR C 517 -24.47 -8.69 72.88
N ARG C 518 -25.47 -8.97 72.03
CA ARG C 518 -25.55 -8.32 70.72
C ARG C 518 -25.85 -6.84 70.87
N ASP C 519 -26.64 -6.46 71.87
CA ASP C 519 -26.96 -5.06 72.10
C ASP C 519 -25.69 -4.27 72.45
N ASN C 520 -24.78 -4.90 73.19
CA ASN C 520 -23.50 -4.27 73.49
C ASN C 520 -22.67 -4.05 72.24
N ALA C 521 -22.83 -4.93 71.24
CA ALA C 521 -22.12 -4.74 69.97
C ALA C 521 -22.71 -3.59 69.18
N LYS C 522 -24.04 -3.41 69.26
CA LYS C 522 -24.69 -2.33 68.54
C LYS C 522 -24.23 -0.96 69.03
N THR C 523 -24.24 -0.76 70.35
CA THR C 523 -23.79 0.51 70.91
C THR C 523 -22.28 0.67 70.82
N PHE C 524 -21.55 -0.43 70.61
CA PHE C 524 -20.10 -0.37 70.47
C PHE C 524 -19.70 0.15 69.09
N ILE C 525 -20.24 -0.50 68.04
CA ILE C 525 -19.83 -0.18 66.68
C ILE C 525 -20.06 1.30 66.37
N TYR C 526 -21.13 1.88 66.89
CA TYR C 526 -21.37 3.30 66.66
C TYR C 526 -20.47 4.16 67.55
N GLY C 527 -20.31 3.77 68.82
CA GLY C 527 -19.45 4.53 69.71
C GLY C 527 -18.00 4.48 69.29
N PHE C 528 -17.51 3.29 68.94
CA PHE C 528 -16.12 3.16 68.50
C PHE C 528 -15.87 3.95 67.22
N LEU C 529 -16.81 3.89 66.27
CA LEU C 529 -16.64 4.58 65.00
C LEU C 529 -16.64 6.10 65.19
N TYR C 530 -17.35 6.61 66.19
CA TYR C 530 -17.61 8.04 66.31
C TYR C 530 -16.75 8.70 67.40
N GLY C 531 -15.61 8.09 67.75
CA GLY C 531 -14.64 8.76 68.58
C GLY C 531 -14.91 8.79 70.07
N ALA C 532 -15.39 7.68 70.64
CA ALA C 532 -15.58 7.59 72.08
C ALA C 532 -14.29 7.15 72.75
N GLY C 533 -14.03 7.70 73.94
CA GLY C 533 -12.81 7.36 74.63
C GLY C 533 -12.82 5.92 75.13
N ASP C 534 -11.67 5.50 75.68
CA ASP C 534 -11.55 4.11 76.12
C ASP C 534 -12.33 3.87 77.40
N GLU C 535 -12.60 4.93 78.17
CA GLU C 535 -13.47 4.80 79.34
C GLU C 535 -14.89 4.50 78.89
N LYS C 536 -15.43 5.34 78.00
CA LYS C 536 -16.78 5.15 77.49
C LYS C 536 -16.97 3.78 76.85
N ILE C 537 -15.95 3.31 76.13
CA ILE C 537 -16.02 1.97 75.56
C ILE C 537 -16.02 0.93 76.66
N GLY C 538 -15.18 1.12 77.69
CA GLY C 538 -15.14 0.21 78.81
C GLY C 538 -16.40 0.25 79.65
N GLN C 539 -17.02 1.42 79.77
CA GLN C 539 -18.25 1.56 80.56
C GLN C 539 -19.43 0.82 79.94
N ILE C 540 -19.29 0.33 78.71
CA ILE C 540 -20.38 -0.41 78.06
C ILE C 540 -20.68 -1.70 78.82
N VAL C 541 -19.64 -2.44 79.21
CA VAL C 541 -19.80 -3.68 79.95
C VAL C 541 -19.60 -3.46 81.45
N GLY C 542 -19.61 -2.20 81.89
CA GLY C 542 -19.40 -1.87 83.28
C GLY C 542 -17.93 -1.91 83.68
N ALA C 543 -17.12 -1.04 83.09
CA ALA C 543 -15.69 -0.98 83.40
C ALA C 543 -15.19 0.42 83.09
N GLY C 544 -13.87 0.58 83.05
CA GLY C 544 -13.26 1.86 82.76
C GLY C 544 -12.42 1.83 81.50
N LYS C 545 -11.34 2.61 81.49
CA LYS C 545 -10.47 2.65 80.32
C LYS C 545 -9.69 1.35 80.14
N GLU C 546 -9.60 0.54 81.20
CA GLU C 546 -8.88 -0.73 81.13
C GLU C 546 -9.50 -1.66 80.09
N ARG C 547 -10.77 -2.01 80.28
CA ARG C 547 -11.45 -2.88 79.32
C ARG C 547 -11.63 -2.19 77.97
N GLY C 548 -11.68 -0.86 77.96
CA GLY C 548 -11.90 -0.14 76.71
C GLY C 548 -10.79 -0.33 75.70
N LYS C 549 -9.54 -0.14 76.14
CA LYS C 549 -8.41 -0.28 75.23
C LYS C 549 -8.36 -1.67 74.61
N GLU C 550 -8.53 -2.71 75.43
CA GLU C 550 -8.47 -4.08 74.92
C GLU C 550 -9.71 -4.43 74.12
N LEU C 551 -10.84 -3.75 74.36
CA LEU C 551 -12.04 -3.99 73.58
C LEU C 551 -11.88 -3.44 72.17
N LYS C 552 -11.20 -2.29 72.05
CA LYS C 552 -10.99 -1.67 70.75
C LYS C 552 -9.83 -2.31 70.01
N LYS C 553 -8.76 -2.66 70.73
CA LYS C 553 -7.60 -3.29 70.10
C LYS C 553 -7.96 -4.66 69.55
N LYS C 554 -8.80 -5.40 70.27
CA LYS C 554 -9.24 -6.71 69.81
C LYS C 554 -10.09 -6.58 68.54
N PHE C 555 -10.96 -5.56 68.50
CA PHE C 555 -11.81 -5.34 67.34
C PHE C 555 -10.99 -4.99 66.10
N LEU C 556 -9.91 -4.23 66.27
CA LEU C 556 -9.07 -3.85 65.13
C LEU C 556 -8.32 -5.07 64.57
N GLU C 557 -7.90 -5.98 65.45
CA GLU C 557 -7.16 -7.15 65.00
C GLU C 557 -8.07 -8.12 64.25
N ASN C 558 -9.31 -8.26 64.72
CA ASN C 558 -10.25 -9.16 64.07
C ASN C 558 -10.89 -8.55 62.84
N THR C 559 -10.83 -7.22 62.69
CA THR C 559 -11.34 -6.53 61.50
C THR C 559 -10.22 -5.63 60.99
N PRO C 560 -9.22 -6.22 60.32
CA PRO C 560 -8.07 -5.43 59.85
C PRO C 560 -8.45 -4.28 58.94
N ALA C 561 -9.43 -4.49 58.06
CA ALA C 561 -9.79 -3.48 57.07
C ALA C 561 -10.16 -2.15 57.73
N ILE C 562 -10.87 -2.20 58.86
CA ILE C 562 -11.24 -0.97 59.58
C ILE C 562 -9.99 -0.24 60.06
N ALA C 563 -9.02 -0.98 60.61
CA ALA C 563 -7.81 -0.35 61.12
C ALA C 563 -6.99 0.25 59.98
N ALA C 564 -6.84 -0.48 58.87
CA ALA C 564 -6.14 0.06 57.73
C ALA C 564 -6.89 1.24 57.13
N LEU C 565 -8.23 1.23 57.25
CA LEU C 565 -9.02 2.36 56.78
C LEU C 565 -8.69 3.62 57.56
N ARG C 566 -8.56 3.51 58.88
CA ARG C 566 -8.21 4.67 59.70
C ARG C 566 -6.75 5.06 59.55
N GLU C 567 -5.94 4.25 58.86
CA GLU C 567 -4.57 4.61 58.49
C GLU C 567 -4.56 5.51 57.27
N SER C 568 -5.15 5.02 56.16
CA SER C 568 -5.17 5.80 54.93
C SER C 568 -5.79 7.17 55.15
N ILE C 569 -6.78 7.26 56.05
CA ILE C 569 -7.38 8.55 56.36
C ILE C 569 -6.42 9.41 57.17
N GLN C 570 -5.78 8.80 58.17
CA GLN C 570 -4.84 9.54 59.01
C GLN C 570 -3.61 9.96 58.24
N GLN C 571 -3.30 9.29 57.14
CA GLN C 571 -2.18 9.67 56.30
C GLN C 571 -2.63 10.43 55.06
N THR C 572 -3.91 10.78 54.97
CA THR C 572 -4.42 11.59 53.88
C THR C 572 -4.53 13.07 54.24
N LEU C 573 -4.72 13.37 55.52
CA LEU C 573 -4.84 14.74 55.99
C LEU C 573 -3.70 15.13 56.91
N VAL C 574 -2.77 14.23 57.17
CA VAL C 574 -1.61 14.51 58.00
C VAL C 574 -0.36 14.08 57.24
N GLU C 575 0.72 14.82 57.48
CA GLU C 575 2.03 14.42 57.03
C GLU C 575 2.78 13.83 58.21
N SER C 576 2.90 14.60 59.29
CA SER C 576 3.39 14.12 60.57
C SER C 576 2.77 14.99 61.66
N SER C 577 2.46 14.38 62.80
CA SER C 577 1.88 15.09 63.94
C SER C 577 2.86 15.12 65.09
N GLN C 578 2.67 16.08 66.01
CA GLN C 578 3.55 16.25 67.15
C GLN C 578 2.87 17.13 68.19
N TRP C 579 3.00 16.78 69.46
CA TRP C 579 2.43 17.58 70.55
C TRP C 579 3.46 18.59 71.06
N VAL C 580 3.06 19.86 71.08
CA VAL C 580 3.89 20.96 71.56
C VAL C 580 3.06 21.78 72.54
N ALA C 581 3.19 21.49 73.83
CA ALA C 581 2.64 22.32 74.90
C ALA C 581 1.13 22.46 74.81
N GLY C 582 0.45 21.46 74.26
CA GLY C 582 -0.99 21.36 74.33
C GLY C 582 -1.71 21.27 73.00
N GLU C 583 -1.01 21.36 71.88
CA GLU C 583 -1.66 21.41 70.57
C GLU C 583 -0.99 20.45 69.61
N GLN C 584 -1.80 19.62 68.96
CA GLN C 584 -1.31 18.70 67.94
C GLN C 584 -0.96 19.51 66.70
N GLN C 585 0.31 19.46 66.30
CA GLN C 585 0.84 20.34 65.26
C GLN C 585 0.90 19.64 63.89
N VAL C 586 -0.14 18.89 63.57
CA VAL C 586 -0.31 18.24 62.27
C VAL C 586 0.22 19.10 61.14
N LYS C 587 1.09 18.53 60.30
CA LYS C 587 1.65 19.20 59.13
C LYS C 587 0.73 19.10 57.93
N TRP C 588 -0.57 19.27 58.14
CA TRP C 588 -1.66 19.12 57.18
C TRP C 588 -1.26 18.95 55.71
N LYS C 589 -1.71 17.86 55.11
CA LYS C 589 -1.58 17.66 53.67
C LYS C 589 -2.81 18.19 52.95
N ARG C 590 -3.95 18.16 53.63
CA ARG C 590 -5.21 18.66 53.08
C ARG C 590 -6.16 18.87 54.24
N ARG C 591 -6.89 19.98 54.23
CA ARG C 591 -7.88 20.27 55.24
C ARG C 591 -9.29 20.08 54.69
N TRP C 592 -9.51 18.99 53.94
CA TRP C 592 -10.83 18.67 53.40
C TRP C 592 -10.86 17.27 52.79
N ILE C 593 -11.79 16.44 53.22
CA ILE C 593 -11.95 15.11 52.63
C ILE C 593 -12.94 15.21 51.49
N LYS C 594 -12.63 14.54 50.38
CA LYS C 594 -13.54 14.53 49.24
C LYS C 594 -14.73 13.64 49.55
N GLY C 595 -15.93 14.12 49.25
CA GLY C 595 -17.15 13.40 49.50
C GLY C 595 -17.50 12.45 48.38
N LEU C 596 -18.78 12.14 48.26
CA LEU C 596 -19.23 11.23 47.21
C LEU C 596 -19.48 11.96 45.89
N ASP C 597 -19.86 13.23 45.94
CA ASP C 597 -20.07 14.02 44.74
C ASP C 597 -18.83 14.81 44.32
N GLY C 598 -17.79 14.82 45.14
CA GLY C 598 -16.58 15.59 44.86
C GLY C 598 -16.44 16.88 45.64
N ARG C 599 -17.36 17.18 46.55
CA ARG C 599 -17.34 18.41 47.32
C ARG C 599 -16.22 18.40 48.36
N LYS C 600 -15.91 19.60 48.85
CA LYS C 600 -14.99 19.75 49.98
C LYS C 600 -15.80 19.54 51.25
N VAL C 601 -15.38 18.61 52.10
CA VAL C 601 -16.12 18.27 53.31
C VAL C 601 -15.32 18.69 54.55
N HIS C 602 -15.66 19.87 55.07
CA HIS C 602 -15.11 20.43 56.30
C HIS C 602 -13.58 20.39 56.35
N VAL C 603 -13.00 20.52 57.54
CA VAL C 603 -11.55 20.49 57.72
C VAL C 603 -11.18 19.51 58.84
N ARG C 604 -12.09 19.30 59.78
CA ARG C 604 -11.86 18.53 61.00
C ARG C 604 -10.62 19.10 61.70
N SER C 605 -9.92 18.28 62.51
CA SER C 605 -8.69 18.72 63.18
C SER C 605 -7.90 17.53 63.71
N PRO C 606 -8.45 16.69 64.62
CA PRO C 606 -7.60 15.71 65.29
C PRO C 606 -7.53 14.37 64.58
N HIS C 607 -7.43 13.30 65.36
CA HIS C 607 -7.27 11.97 64.79
C HIS C 607 -8.56 11.41 64.22
N ALA C 608 -9.70 11.75 64.82
CA ALA C 608 -10.97 11.26 64.31
C ALA C 608 -11.33 11.98 63.02
N ALA C 609 -11.95 11.24 62.11
CA ALA C 609 -12.32 11.75 60.79
C ALA C 609 -13.30 10.78 60.15
N LEU C 610 -13.14 9.49 60.48
CA LEU C 610 -14.01 8.44 59.94
C LEU C 610 -15.48 8.80 60.10
N ASN C 611 -15.88 9.32 61.27
CA ASN C 611 -17.25 9.76 61.47
C ASN C 611 -17.67 10.80 60.43
N THR C 612 -16.76 11.72 60.09
CA THR C 612 -17.07 12.73 59.08
C THR C 612 -17.30 12.07 57.73
N LEU C 613 -16.49 11.07 57.40
CA LEU C 613 -16.61 10.38 56.12
C LEU C 613 -17.94 9.64 55.99
N LEU C 614 -18.33 8.91 57.04
CA LEU C 614 -19.51 8.05 56.95
C LEU C 614 -20.79 8.87 56.90
N GLN C 615 -20.94 9.87 57.78
CA GLN C 615 -22.17 10.66 57.79
C GLN C 615 -22.31 11.49 56.52
N SER C 616 -21.18 11.89 55.92
CA SER C 616 -21.25 12.59 54.64
C SER C 616 -21.76 11.67 53.56
N ALA C 617 -21.26 10.43 53.52
CA ALA C 617 -21.70 9.47 52.51
C ALA C 617 -23.20 9.21 52.61
N GLY C 618 -23.68 8.84 53.80
CA GLY C 618 -25.08 8.50 53.96
C GLY C 618 -26.03 9.64 53.64
N ALA C 619 -25.71 10.85 54.11
CA ALA C 619 -26.59 11.99 53.89
C ALA C 619 -26.58 12.40 52.43
N LEU C 620 -25.42 12.34 51.78
CA LEU C 620 -25.36 12.60 50.35
C LEU C 620 -26.08 11.50 49.58
N ILE C 621 -26.06 10.28 50.11
CA ILE C 621 -26.85 9.21 49.53
C ILE C 621 -28.34 9.54 49.64
N CYS C 622 -28.76 9.96 50.84
CA CYS C 622 -30.16 10.28 51.08
C CYS C 622 -30.60 11.50 50.28
N LYS C 623 -29.72 12.50 50.15
CA LYS C 623 -30.07 13.69 49.39
C LYS C 623 -30.38 13.33 47.95
N LEU C 624 -29.49 12.56 47.32
CA LEU C 624 -29.76 12.08 45.97
C LEU C 624 -30.95 11.13 45.96
N TRP C 625 -31.09 10.33 47.03
CA TRP C 625 -32.18 9.37 47.12
C TRP C 625 -33.53 10.06 47.06
N ILE C 626 -33.74 11.07 47.91
CA ILE C 626 -35.04 11.75 47.94
C ILE C 626 -35.28 12.58 46.69
N ILE C 627 -34.22 12.97 45.98
CA ILE C 627 -34.39 13.70 44.73
C ILE C 627 -34.82 12.74 43.63
N LYS C 628 -34.12 11.61 43.52
CA LYS C 628 -34.45 10.62 42.50
C LYS C 628 -35.83 10.02 42.74
N THR C 629 -36.19 9.85 44.02
CA THR C 629 -37.52 9.34 44.34
C THR C 629 -38.59 10.27 43.80
N GLU C 630 -38.48 11.56 44.09
CA GLU C 630 -39.45 12.53 43.58
C GLU C 630 -39.39 12.63 42.07
N GLU C 631 -38.19 12.53 41.49
CA GLU C 631 -38.05 12.59 40.04
C GLU C 631 -38.74 11.41 39.37
N MET C 632 -38.60 10.21 39.95
CA MET C 632 -39.23 9.03 39.38
C MET C 632 -40.75 9.08 39.58
N LEU C 633 -41.20 9.56 40.74
CA LEU C 633 -42.64 9.68 40.98
C LEU C 633 -43.27 10.66 40.00
N VAL C 634 -42.59 11.77 39.73
CA VAL C 634 -43.07 12.70 38.70
C VAL C 634 -42.99 12.04 37.33
N GLU C 635 -41.93 11.27 37.09
CA GLU C 635 -41.76 10.58 35.82
C GLU C 635 -42.81 9.50 35.64
N LYS C 636 -43.32 8.95 36.73
CA LYS C 636 -44.40 7.96 36.66
C LYS C 636 -45.78 8.60 36.47
N GLY C 637 -45.88 9.93 36.54
CA GLY C 637 -47.13 10.63 36.37
C GLY C 637 -47.72 11.21 37.66
N LEU C 638 -47.21 10.80 38.81
CA LEU C 638 -47.74 11.27 40.09
C LEU C 638 -47.40 12.73 40.30
N LYS C 639 -48.43 13.56 40.48
CA LYS C 639 -48.23 14.99 40.66
C LYS C 639 -47.89 15.31 42.10
N HIS C 640 -46.91 16.20 42.28
CA HIS C 640 -46.43 16.56 43.61
C HIS C 640 -47.27 17.72 44.15
N GLY C 641 -47.84 17.52 45.34
CA GLY C 641 -48.64 18.54 45.98
C GLY C 641 -49.87 18.01 46.68
N TRP C 642 -50.52 18.85 47.50
CA TRP C 642 -51.74 18.45 48.18
C TRP C 642 -52.91 18.32 47.21
N ASP C 643 -52.89 19.08 46.12
CA ASP C 643 -53.85 18.95 45.04
C ASP C 643 -53.51 17.82 44.08
N GLY C 644 -52.46 17.05 44.38
CA GLY C 644 -52.05 15.96 43.52
C GLY C 644 -52.15 14.60 44.20
N ASP C 645 -51.10 13.80 44.05
CA ASP C 645 -51.07 12.45 44.58
C ASP C 645 -50.19 12.28 45.80
N PHE C 646 -49.13 13.08 45.93
CA PHE C 646 -48.21 12.97 47.04
C PHE C 646 -47.64 14.33 47.39
N ALA C 647 -47.12 14.45 48.60
CA ALA C 647 -46.48 15.69 49.05
C ALA C 647 -45.41 15.35 50.07
N TYR C 648 -44.19 15.82 49.82
CA TYR C 648 -43.10 15.65 50.76
C TYR C 648 -43.37 16.46 52.02
N MET C 649 -43.35 15.79 53.17
CA MET C 649 -43.65 16.43 54.44
C MET C 649 -42.43 16.63 55.33
N ALA C 650 -41.51 15.66 55.37
CA ALA C 650 -40.35 15.76 56.24
C ALA C 650 -39.24 14.85 55.76
N TRP C 651 -38.00 15.35 55.82
CA TRP C 651 -36.80 14.57 55.56
C TRP C 651 -35.97 14.51 56.84
N VAL C 652 -35.79 13.30 57.39
CA VAL C 652 -35.10 13.11 58.66
C VAL C 652 -33.92 12.15 58.43
N HIS C 653 -32.71 12.72 58.35
CA HIS C 653 -31.47 11.95 58.36
C HIS C 653 -31.41 10.90 57.25
N ASP C 654 -32.03 9.75 57.52
CA ASP C 654 -32.08 8.65 56.58
C ASP C 654 -33.49 8.18 56.29
N GLU C 655 -34.50 8.80 56.89
CA GLU C 655 -35.90 8.46 56.70
C GLU C 655 -36.67 9.66 56.20
N ILE C 656 -37.78 9.39 55.50
CA ILE C 656 -38.65 10.42 54.97
C ILE C 656 -40.09 10.06 55.28
N GLN C 657 -40.93 11.09 55.42
CA GLN C 657 -42.36 10.93 55.65
C GLN C 657 -43.10 11.58 54.48
N VAL C 658 -43.78 10.77 53.69
CA VAL C 658 -44.45 11.23 52.47
C VAL C 658 -45.95 11.03 52.60
N GLY C 659 -46.70 12.10 52.40
CA GLY C 659 -48.15 12.00 52.35
C GLY C 659 -48.58 11.43 51.02
N CYS C 660 -49.64 10.62 51.06
CA CYS C 660 -50.13 9.96 49.85
C CYS C 660 -51.66 9.98 49.86
N ARG C 661 -52.24 10.31 48.71
CA ARG C 661 -53.69 10.49 48.63
C ARG C 661 -54.44 9.19 48.85
N THR C 662 -53.94 8.08 48.31
CA THR C 662 -54.57 6.77 48.48
C THR C 662 -53.54 5.73 48.87
N GLU C 663 -54.03 4.64 49.47
CA GLU C 663 -53.17 3.51 49.83
C GLU C 663 -52.42 2.98 48.62
N GLU C 664 -53.07 2.96 47.46
CA GLU C 664 -52.43 2.49 46.24
C GLU C 664 -51.23 3.36 45.89
N ILE C 665 -51.38 4.67 46.03
CA ILE C 665 -50.28 5.60 45.77
C ILE C 665 -49.17 5.41 46.80
N ALA C 666 -49.55 5.20 48.06
CA ALA C 666 -48.56 5.01 49.11
C ALA C 666 -47.69 3.80 48.83
N GLN C 667 -48.28 2.74 48.28
CA GLN C 667 -47.49 1.56 47.91
C GLN C 667 -46.51 1.89 46.81
N VAL C 668 -46.91 2.75 45.86
CA VAL C 668 -46.03 3.16 44.78
C VAL C 668 -44.85 3.97 45.33
N VAL C 669 -45.11 4.86 46.29
CA VAL C 669 -44.05 5.65 46.90
C VAL C 669 -42.99 4.75 47.53
N ILE C 670 -43.43 3.76 48.31
CA ILE C 670 -42.49 2.85 48.96
C ILE C 670 -41.65 2.11 47.93
N GLU C 671 -42.30 1.56 46.90
CA GLU C 671 -41.57 0.84 45.86
C GLU C 671 -40.63 1.76 45.10
N THR C 672 -41.09 2.98 44.78
CA THR C 672 -40.26 3.93 44.05
C THR C 672 -39.04 4.32 44.87
N ALA C 673 -39.23 4.57 46.17
CA ALA C 673 -38.10 4.93 47.02
C ALA C 673 -37.04 3.84 47.02
N GLN C 674 -37.46 2.57 47.00
CA GLN C 674 -36.51 1.48 46.91
C GLN C 674 -35.82 1.47 45.55
N GLU C 675 -36.60 1.69 44.49
CA GLU C 675 -36.06 1.73 43.14
C GLU C 675 -35.13 2.92 42.95
N ALA C 676 -35.46 4.05 43.57
CA ALA C 676 -34.63 5.24 43.47
C ALA C 676 -33.31 5.05 44.21
N MET C 677 -33.32 4.24 45.28
CA MET C 677 -32.12 3.99 46.06
C MET C 677 -31.07 3.27 45.22
N ARG C 678 -31.50 2.59 44.14
CA ARG C 678 -30.57 1.85 43.28
C ARG C 678 -29.84 2.76 42.32
N TRP C 679 -30.48 3.81 41.81
CA TRP C 679 -29.80 4.72 40.89
C TRP C 679 -28.63 5.40 41.60
N VAL C 680 -28.89 5.89 42.82
CA VAL C 680 -27.83 6.51 43.63
C VAL C 680 -26.74 5.50 43.92
N GLY C 681 -27.12 4.28 44.33
CA GLY C 681 -26.13 3.26 44.61
C GLY C 681 -25.34 2.86 43.38
N ASP C 682 -26.01 2.86 42.22
CA ASP C 682 -25.34 2.58 40.96
C ASP C 682 -24.49 3.75 40.50
N HIS C 683 -24.99 4.97 40.68
CA HIS C 683 -24.29 6.16 40.21
C HIS C 683 -22.90 6.28 40.82
N TRP C 684 -22.80 6.13 42.14
CA TRP C 684 -21.52 6.26 42.83
C TRP C 684 -20.81 4.92 43.01
N ASN C 685 -21.30 3.87 42.34
CA ASN C 685 -20.70 2.54 42.36
C ASN C 685 -20.44 2.05 43.79
N PHE C 686 -21.49 2.12 44.61
CA PHE C 686 -21.34 1.73 46.01
C PHE C 686 -21.10 0.24 46.13
N ARG C 687 -20.00 -0.11 46.81
CA ARG C 687 -19.62 -1.51 47.00
C ARG C 687 -20.53 -2.27 47.95
N CYS C 688 -21.46 -1.58 48.62
CA CYS C 688 -22.42 -2.19 49.52
C CYS C 688 -23.83 -1.92 49.02
N LEU C 689 -24.73 -2.87 49.28
CA LEU C 689 -26.09 -2.78 48.78
C LEU C 689 -26.91 -1.82 49.63
N LEU C 690 -27.49 -0.81 48.98
CA LEU C 690 -28.35 0.15 49.66
C LEU C 690 -29.80 -0.29 49.54
N ASP C 691 -30.52 -0.28 50.67
CA ASP C 691 -31.89 -0.76 50.70
C ASP C 691 -32.72 0.17 51.56
N THR C 692 -34.05 0.08 51.40
CA THR C 692 -34.98 0.89 52.17
C THR C 692 -36.14 0.02 52.63
N GLU C 693 -36.84 0.50 53.65
CA GLU C 693 -38.05 -0.15 54.16
C GLU C 693 -39.12 0.90 54.38
N GLY C 694 -40.32 0.63 53.87
CA GLY C 694 -41.43 1.54 53.98
C GLY C 694 -42.49 0.99 54.91
N LYS C 695 -43.24 1.91 55.54
CA LYS C 695 -44.32 1.55 56.45
C LYS C 695 -45.52 2.42 56.11
N MET C 696 -46.67 1.80 55.90
CA MET C 696 -47.88 2.52 55.54
C MET C 696 -48.78 2.67 56.76
N GLY C 697 -49.44 3.82 56.85
CA GLY C 697 -50.29 4.14 57.96
C GLY C 697 -50.81 5.56 57.92
N PRO C 698 -51.57 5.95 58.93
CA PRO C 698 -52.12 7.31 58.95
C PRO C 698 -51.10 8.38 59.32
N ASN C 699 -50.32 8.17 60.38
CA ASN C 699 -49.46 9.22 60.91
C ASN C 699 -48.02 8.72 61.06
N TRP C 700 -47.23 9.47 61.83
CA TRP C 700 -45.81 9.22 61.98
C TRP C 700 -45.52 8.17 63.05
N ALA C 701 -46.39 8.04 64.05
CA ALA C 701 -46.20 6.99 65.06
C ALA C 701 -46.35 5.59 64.48
N ILE C 702 -46.90 5.46 63.28
CA ILE C 702 -47.15 4.16 62.66
C ILE C 702 -46.07 3.87 61.63
N CYS C 703 -45.61 4.90 60.93
CA CYS C 703 -44.65 4.72 59.84
C CYS C 703 -43.22 4.60 60.33
N HIS C 704 -43.01 4.45 61.64
CA HIS C 704 -41.68 4.24 62.19
C HIS C 704 -41.76 3.62 63.58
N MET D 1 99.16 16.61 4.82
CA MET D 1 98.82 15.46 5.67
C MET D 1 98.34 14.28 4.83
N THR D 2 97.87 14.56 3.62
CA THR D 2 97.42 13.52 2.72
C THR D 2 98.61 12.83 2.07
N TYR D 3 98.44 11.53 1.76
CA TYR D 3 99.52 10.72 1.23
C TYR D 3 99.91 11.17 -0.18
N ASN D 4 101.08 10.70 -0.62
CA ASN D 4 101.57 10.95 -1.97
C ASN D 4 101.10 9.84 -2.92
N VAL D 5 100.88 10.23 -4.18
CA VAL D 5 100.36 9.29 -5.17
C VAL D 5 101.35 8.16 -5.37
N TRP D 6 100.89 6.93 -5.15
CA TRP D 6 101.72 5.76 -5.40
C TRP D 6 102.06 5.65 -6.88
N ASN D 7 103.24 5.13 -7.17
CA ASN D 7 103.70 4.95 -8.54
C ASN D 7 103.64 3.47 -8.92
N PHE D 8 103.21 3.20 -10.15
CA PHE D 8 103.02 1.82 -10.62
C PHE D 8 104.35 1.08 -10.70
N GLY D 9 105.40 1.73 -11.22
CA GLY D 9 106.71 1.14 -11.34
C GLY D 9 107.59 1.32 -10.13
N GLU D 10 107.02 1.79 -9.02
CA GLU D 10 107.78 1.99 -7.78
C GLU D 10 107.19 1.28 -6.57
N SER D 11 106.01 0.67 -6.68
CA SER D 11 105.44 -0.14 -5.61
C SER D 11 104.96 -1.49 -6.18
N ASN D 12 105.90 -2.28 -6.69
CA ASN D 12 105.68 -3.63 -7.20
C ASN D 12 104.42 -3.79 -8.06
N GLY D 13 103.97 -2.70 -8.68
CA GLY D 13 102.70 -2.70 -9.38
C GLY D 13 102.61 -3.73 -10.49
N ARG D 14 101.46 -4.41 -10.57
CA ARG D 14 101.12 -5.29 -11.67
C ARG D 14 99.61 -5.31 -11.85
N TYR D 15 99.17 -5.45 -13.12
CA TYR D 15 97.74 -5.52 -13.47
C TYR D 15 97.30 -6.98 -13.45
N SER D 16 96.94 -7.46 -12.27
CA SER D 16 96.51 -8.83 -12.09
C SER D 16 94.98 -8.91 -12.04
N ALA D 17 94.47 -10.14 -12.16
CA ALA D 17 93.04 -10.39 -12.15
C ALA D 17 92.57 -10.65 -10.74
N LEU D 18 91.38 -10.14 -10.43
CA LEU D 18 90.75 -10.37 -9.12
C LEU D 18 89.92 -11.63 -9.21
N THR D 19 90.59 -12.78 -9.09
CA THR D 19 89.93 -14.06 -9.20
C THR D 19 88.86 -14.25 -8.12
N ALA D 20 89.16 -13.80 -6.90
CA ALA D 20 88.19 -13.90 -5.80
C ALA D 20 87.12 -12.81 -5.86
N ARG D 21 87.04 -12.07 -6.96
CA ARG D 21 86.02 -11.05 -7.15
C ARG D 21 85.27 -11.29 -8.46
N GLY D 22 85.91 -11.98 -9.39
CA GLY D 22 85.35 -12.24 -10.69
C GLY D 22 85.76 -11.29 -11.79
N ILE D 23 86.91 -10.62 -11.64
CA ILE D 23 87.38 -9.62 -12.60
C ILE D 23 88.70 -10.08 -13.16
N SER D 24 88.81 -10.06 -14.49
CA SER D 24 90.00 -10.49 -15.20
C SER D 24 91.03 -9.37 -15.28
N LYS D 25 92.22 -9.72 -15.78
CA LYS D 25 93.29 -8.74 -15.94
C LYS D 25 92.89 -7.64 -16.91
N GLU D 26 92.32 -8.03 -18.07
CA GLU D 26 91.96 -7.08 -19.11
C GLU D 26 91.10 -5.95 -18.57
N THR D 27 90.18 -6.27 -17.65
CA THR D 27 89.30 -5.26 -17.09
C THR D 27 90.06 -4.31 -16.17
N CYS D 28 90.87 -4.87 -15.27
CA CYS D 28 91.66 -4.06 -14.35
C CYS D 28 92.56 -3.07 -15.10
N GLN D 29 93.10 -3.49 -16.24
CA GLN D 29 94.01 -2.65 -17.01
C GLN D 29 93.32 -1.39 -17.54
N LYS D 30 92.05 -1.51 -17.92
CA LYS D 30 91.36 -0.41 -18.59
C LYS D 30 90.81 0.61 -17.61
N ALA D 31 90.38 0.17 -16.43
CA ALA D 31 89.84 1.09 -15.44
C ALA D 31 90.94 1.78 -14.64
N GLY D 32 92.14 1.19 -14.61
CA GLY D 32 93.25 1.73 -13.83
C GLY D 32 93.25 1.20 -12.42
N TYR D 33 93.05 -0.11 -12.27
CA TYR D 33 92.99 -0.78 -10.97
C TYR D 33 94.10 -1.82 -10.92
N TRP D 34 95.10 -1.58 -10.06
CA TRP D 34 96.29 -2.41 -9.98
C TRP D 34 96.55 -2.81 -8.52
N ILE D 35 97.51 -3.72 -8.34
CA ILE D 35 97.86 -4.28 -7.04
C ILE D 35 99.31 -3.93 -6.72
N ALA D 36 99.53 -3.37 -5.53
CA ALA D 36 100.86 -2.96 -5.06
C ALA D 36 101.31 -3.85 -3.92
N LYS D 37 102.59 -4.21 -3.91
CA LYS D 37 103.19 -5.08 -2.89
C LYS D 37 104.20 -4.29 -2.08
N VAL D 38 103.70 -3.50 -1.13
CA VAL D 38 104.53 -2.66 -0.27
C VAL D 38 104.63 -3.32 1.10
N ASP D 39 105.86 -3.39 1.63
CA ASP D 39 106.16 -3.98 2.92
C ASP D 39 105.78 -5.46 2.99
N GLY D 40 105.74 -6.13 1.84
CA GLY D 40 105.33 -7.51 1.75
C GLY D 40 103.83 -7.73 1.68
N VAL D 41 103.02 -6.73 2.03
CA VAL D 41 101.57 -6.82 2.03
C VAL D 41 101.07 -6.69 0.59
N MET D 42 99.76 -6.85 0.39
CA MET D 42 99.14 -6.81 -0.94
C MET D 42 98.06 -5.72 -0.95
N TYR D 43 98.38 -4.56 -1.50
CA TYR D 43 97.44 -3.44 -1.58
C TYR D 43 96.83 -3.35 -2.97
N GLN D 44 95.56 -2.95 -3.03
CA GLN D 44 94.84 -2.70 -4.28
C GLN D 44 94.63 -1.20 -4.43
N VAL D 45 95.08 -0.63 -5.54
CA VAL D 45 95.06 0.81 -5.78
C VAL D 45 94.10 1.11 -6.92
N ALA D 46 93.20 2.08 -6.70
CA ALA D 46 92.24 2.56 -7.69
C ALA D 46 92.62 3.96 -8.14
N ASP D 47 93.11 4.07 -9.38
CA ASP D 47 93.55 5.35 -9.93
C ASP D 47 92.36 6.22 -10.32
N TYR D 48 92.15 7.33 -9.60
CA TYR D 48 91.11 8.30 -9.94
C TYR D 48 91.73 9.39 -10.81
N ARG D 49 91.79 9.13 -12.11
CA ARG D 49 92.40 10.09 -13.03
C ARG D 49 91.38 11.16 -13.44
N ASP D 50 91.90 12.29 -13.91
CA ASP D 50 91.07 13.40 -14.35
C ASP D 50 90.84 13.27 -15.86
N GLN D 51 90.34 14.34 -16.49
CA GLN D 51 90.07 14.35 -17.93
C GLN D 51 91.33 14.28 -18.78
N ASN D 52 92.50 14.19 -18.18
CA ASN D 52 93.77 14.19 -18.91
C ASN D 52 94.54 12.89 -18.81
N GLY D 53 94.17 11.97 -17.91
CA GLY D 53 94.93 10.79 -17.60
C GLY D 53 95.80 10.94 -16.35
N ASN D 54 96.16 12.17 -15.99
CA ASN D 54 96.99 12.42 -14.82
C ASN D 54 96.29 11.97 -13.56
N ILE D 55 96.92 11.05 -12.83
CA ILE D 55 96.36 10.58 -11.57
C ILE D 55 96.23 11.74 -10.60
N VAL D 56 95.01 11.95 -10.11
CA VAL D 56 94.74 13.00 -9.13
C VAL D 56 94.73 12.43 -7.72
N SER D 57 94.02 11.33 -7.52
CA SER D 57 93.94 10.66 -6.23
C SER D 57 93.92 9.15 -6.45
N GLN D 58 94.11 8.41 -5.36
CA GLN D 58 94.09 6.95 -5.38
C GLN D 58 93.44 6.44 -4.10
N LYS D 59 92.72 5.33 -4.21
CA LYS D 59 92.08 4.67 -3.09
C LYS D 59 92.71 3.30 -2.89
N VAL D 60 93.44 3.13 -1.80
CA VAL D 60 94.28 1.95 -1.58
C VAL D 60 93.69 1.12 -0.44
N ARG D 61 93.49 -0.17 -0.69
CA ARG D 61 93.03 -1.10 0.32
C ARG D 61 93.88 -2.37 0.30
N ASP D 62 93.88 -3.09 1.43
CA ASP D 62 94.68 -4.29 1.57
C ASP D 62 93.82 -5.53 1.88
N LYS D 63 94.42 -6.51 2.54
CA LYS D 63 93.74 -7.76 2.83
C LYS D 63 92.55 -7.55 3.76
N ASP D 64 92.78 -6.83 4.86
CA ASP D 64 91.75 -6.61 5.87
C ASP D 64 90.71 -5.58 5.47
N LYS D 65 90.72 -5.15 4.20
CA LYS D 65 89.76 -4.17 3.68
C LYS D 65 89.82 -2.87 4.48
N ASN D 66 91.02 -2.33 4.63
CA ASN D 66 91.24 -1.03 5.24
C ASN D 66 91.47 0.01 4.15
N PHE D 67 91.08 1.25 4.42
CA PHE D 67 91.08 2.29 3.41
C PHE D 67 92.21 3.28 3.67
N LYS D 68 92.84 3.74 2.58
CA LYS D 68 93.96 4.67 2.65
C LYS D 68 93.94 5.53 1.39
N THR D 69 93.89 6.85 1.56
CA THR D 69 93.70 7.77 0.45
C THR D 69 95.00 8.53 0.17
N THR D 70 95.31 8.67 -1.12
CA THR D 70 96.47 9.42 -1.58
C THR D 70 96.04 10.49 -2.57
N GLY D 71 96.86 11.53 -2.71
CA GLY D 71 96.60 12.58 -3.68
C GLY D 71 95.51 13.55 -3.25
N SER D 72 94.78 14.06 -4.24
CA SER D 72 93.74 15.07 -4.06
C SER D 72 92.37 14.43 -4.30
N HIS D 73 91.81 13.83 -3.26
CA HIS D 73 90.51 13.16 -3.35
C HIS D 73 89.41 14.17 -3.05
N LYS D 74 89.06 14.95 -4.08
CA LYS D 74 88.08 16.00 -3.93
C LYS D 74 86.66 15.44 -3.97
N SER D 75 85.69 16.32 -3.79
CA SER D 75 84.29 15.90 -3.66
C SER D 75 83.72 15.32 -4.94
N ASP D 76 84.33 15.62 -6.10
CA ASP D 76 83.86 15.12 -7.38
C ASP D 76 84.60 13.87 -7.84
N ALA D 77 85.07 13.05 -6.90
CA ALA D 77 85.82 11.85 -7.21
C ALA D 77 84.93 10.81 -7.87
N LEU D 78 85.25 10.42 -9.09
CA LEU D 78 84.48 9.41 -9.84
C LEU D 78 85.43 8.43 -10.50
N PHE D 79 85.44 7.19 -10.02
CA PHE D 79 86.29 6.14 -10.59
C PHE D 79 85.79 5.75 -11.97
N GLY D 80 86.58 6.03 -13.00
CA GLY D 80 86.22 5.74 -14.37
C GLY D 80 85.69 6.92 -15.13
N LYS D 81 85.55 8.08 -14.48
CA LYS D 81 85.07 9.28 -15.13
C LYS D 81 85.92 9.65 -16.34
N HIS D 82 87.22 9.35 -16.28
CA HIS D 82 88.14 9.72 -17.35
C HIS D 82 87.99 8.86 -18.59
N LEU D 83 87.19 7.81 -18.53
CA LEU D 83 87.05 6.88 -19.65
C LEU D 83 85.94 7.25 -20.61
N TRP D 84 84.97 8.06 -20.18
CA TRP D 84 83.78 8.34 -20.98
C TRP D 84 83.58 9.84 -21.15
N ASN D 85 83.39 10.26 -22.40
CA ASN D 85 83.14 11.65 -22.75
C ASN D 85 81.65 11.96 -22.90
N GLY D 86 80.78 11.05 -22.49
CA GLY D 86 79.35 11.17 -22.68
C GLY D 86 78.77 9.99 -23.41
N GLY D 87 77.47 10.06 -23.65
CA GLY D 87 76.79 9.00 -24.38
C GLY D 87 75.31 8.90 -24.09
N LYS D 88 74.80 7.66 -24.00
CA LYS D 88 73.38 7.41 -23.79
C LYS D 88 73.07 7.08 -22.34
N LYS D 89 73.71 6.06 -21.77
CA LYS D 89 73.50 5.65 -20.38
C LYS D 89 74.85 5.56 -19.67
N ILE D 90 74.82 5.76 -18.35
CA ILE D 90 76.02 5.66 -17.52
C ILE D 90 75.66 4.93 -16.23
N VAL D 91 76.49 3.96 -15.85
CA VAL D 91 76.29 3.15 -14.65
C VAL D 91 77.08 3.75 -13.50
N VAL D 92 76.41 4.01 -12.39
CA VAL D 92 77.02 4.63 -11.22
C VAL D 92 76.98 3.62 -10.07
N THR D 93 78.10 2.94 -9.84
CA THR D 93 78.22 1.97 -8.76
C THR D 93 78.62 2.66 -7.46
N GLU D 94 78.69 1.89 -6.38
CA GLU D 94 79.15 2.38 -5.08
C GLU D 94 80.65 2.14 -4.89
N GLY D 95 81.07 0.87 -4.92
CA GLY D 95 82.47 0.54 -4.83
C GLY D 95 83.13 0.41 -6.19
N GLU D 96 84.46 0.39 -6.18
CA GLU D 96 85.21 0.25 -7.43
C GLU D 96 85.13 -1.18 -7.95
N ILE D 97 85.03 -2.17 -7.06
CA ILE D 97 84.92 -3.55 -7.48
C ILE D 97 83.59 -3.78 -8.20
N ASP D 98 82.52 -3.15 -7.71
CA ASP D 98 81.24 -3.21 -8.40
C ASP D 98 81.33 -2.52 -9.75
N MET D 99 82.08 -1.42 -9.82
CA MET D 99 82.34 -0.75 -11.08
C MET D 99 83.16 -1.65 -12.00
N LEU D 100 83.96 -2.56 -11.42
CA LEU D 100 84.73 -3.50 -12.20
C LEU D 100 83.88 -4.67 -12.64
N THR D 101 82.72 -4.85 -12.03
CA THR D 101 81.83 -5.94 -12.39
C THR D 101 81.09 -5.61 -13.68
N VAL D 102 80.49 -4.42 -13.74
CA VAL D 102 79.71 -4.02 -14.90
C VAL D 102 80.59 -3.96 -16.15
N MET D 103 81.80 -3.40 -16.02
CA MET D 103 82.70 -3.30 -17.16
C MET D 103 83.15 -4.67 -17.65
N GLU D 104 83.32 -5.62 -16.74
CA GLU D 104 83.70 -6.97 -17.12
C GLU D 104 82.61 -7.59 -17.99
N LEU D 105 81.35 -7.42 -17.57
CA LEU D 105 80.20 -7.96 -18.28
C LEU D 105 79.90 -7.19 -19.56
N GLN D 106 80.23 -5.91 -19.60
CA GLN D 106 79.99 -5.11 -20.79
C GLN D 106 81.24 -5.03 -21.66
N ASP D 107 82.25 -5.84 -21.33
CA ASP D 107 83.51 -5.90 -22.05
C ASP D 107 84.20 -4.54 -22.06
N CYS D 108 83.97 -3.76 -20.99
CA CYS D 108 84.59 -2.45 -20.81
C CYS D 108 84.28 -1.52 -21.97
N LYS D 109 83.07 -1.64 -22.52
CA LYS D 109 82.68 -0.87 -23.68
C LYS D 109 81.63 0.17 -23.38
N TYR D 110 81.05 0.17 -22.18
CA TYR D 110 79.97 1.08 -21.85
C TYR D 110 80.26 1.86 -20.57
N PRO D 111 79.87 3.13 -20.53
CA PRO D 111 80.20 4.01 -19.39
C PRO D 111 79.75 3.52 -18.02
N VAL D 112 80.71 3.25 -17.13
CA VAL D 112 80.46 2.82 -15.76
C VAL D 112 81.39 3.61 -14.84
N VAL D 113 80.84 4.14 -13.74
CA VAL D 113 81.62 4.91 -12.78
C VAL D 113 81.29 4.46 -11.37
N SER D 114 82.19 4.78 -10.45
CA SER D 114 82.03 4.46 -9.03
C SER D 114 82.07 5.72 -8.19
N LEU D 115 81.61 5.58 -6.94
CA LEU D 115 81.58 6.69 -5.99
C LEU D 115 82.90 6.80 -5.25
N GLY D 116 83.37 8.05 -5.11
CA GLY D 116 84.63 8.31 -4.43
C GLY D 116 84.62 7.97 -2.96
N HIS D 117 83.69 8.56 -2.21
CA HIS D 117 83.69 8.42 -0.75
C HIS D 117 82.57 7.52 -0.27
N GLY D 118 82.43 6.34 -0.88
CA GLY D 118 81.47 5.36 -0.43
C GLY D 118 80.03 5.82 -0.58
N ALA D 119 79.15 5.15 0.18
CA ALA D 119 77.73 5.46 0.16
C ALA D 119 77.38 6.70 0.98
N SER D 120 78.29 7.15 1.85
CA SER D 120 78.00 8.29 2.72
C SER D 120 77.93 9.59 1.94
N ALA D 121 78.96 9.88 1.14
CA ALA D 121 79.01 11.11 0.37
C ALA D 121 78.32 10.97 -0.97
N ALA D 122 77.47 9.96 -1.12
CA ALA D 122 76.70 9.77 -2.34
C ALA D 122 75.99 11.05 -2.77
N LYS D 123 75.34 11.72 -1.82
CA LYS D 123 74.66 12.98 -2.14
C LYS D 123 75.66 14.04 -2.61
N LYS D 124 76.75 14.21 -1.87
CA LYS D 124 77.72 15.23 -2.22
C LYS D 124 78.46 14.88 -3.51
N THR D 125 78.87 13.61 -3.66
CA THR D 125 79.61 13.21 -4.85
C THR D 125 78.76 13.39 -6.10
N CYS D 126 77.50 12.98 -6.04
CA CYS D 126 76.61 13.15 -7.18
C CYS D 126 76.34 14.63 -7.42
N ALA D 127 76.20 15.40 -6.34
CA ALA D 127 76.02 16.84 -6.47
C ALA D 127 77.25 17.48 -7.10
N ALA D 128 78.44 17.04 -6.68
CA ALA D 128 79.67 17.59 -7.23
C ALA D 128 79.82 17.25 -8.70
N ASN D 129 79.19 16.17 -9.16
CA ASN D 129 79.25 15.76 -10.55
C ASN D 129 77.89 15.82 -11.21
N TYR D 130 77.31 17.02 -11.28
CA TYR D 130 76.05 17.23 -11.96
C TYR D 130 76.30 17.60 -13.41
N GLU D 131 77.29 18.46 -13.65
CA GLU D 131 77.68 18.85 -15.00
C GLU D 131 78.06 17.63 -15.83
N TYR D 132 78.84 16.71 -15.24
CA TYR D 132 79.31 15.54 -15.97
C TYR D 132 78.19 14.56 -16.26
N PHE D 133 77.40 14.21 -15.24
CA PHE D 133 76.36 13.22 -15.41
C PHE D 133 75.25 13.67 -16.35
N ASP D 134 75.14 14.97 -16.60
CA ASP D 134 74.08 15.48 -17.46
C ASP D 134 74.45 15.35 -18.93
N GLN D 135 75.62 14.79 -19.23
CA GLN D 135 76.00 14.52 -20.61
C GLN D 135 75.40 13.21 -21.10
N PHE D 136 74.73 12.47 -20.21
CA PHE D 136 74.11 11.20 -20.49
C PHE D 136 72.60 11.33 -20.40
N GLU D 137 71.90 10.45 -21.12
CA GLU D 137 70.45 10.46 -21.08
C GLU D 137 69.89 9.76 -19.85
N GLN D 138 70.65 8.83 -19.26
CA GLN D 138 70.19 8.07 -18.12
C GLN D 138 71.34 7.87 -17.13
N ILE D 139 71.00 7.72 -15.86
CA ILE D 139 71.96 7.57 -14.76
C ILE D 139 71.55 6.35 -13.94
N ILE D 140 72.30 5.26 -14.06
CA ILE D 140 71.96 3.98 -13.44
C ILE D 140 72.54 3.94 -12.02
N LEU D 141 71.71 4.25 -11.03
CA LEU D 141 72.11 4.19 -9.61
C LEU D 141 72.03 2.76 -9.10
N MET D 142 73.15 2.03 -9.16
CA MET D 142 73.25 0.68 -8.62
C MET D 142 74.16 0.70 -7.39
N PHE D 143 73.60 1.06 -6.24
CA PHE D 143 74.36 1.05 -5.00
C PHE D 143 74.22 -0.31 -4.33
N ASP D 144 74.75 -0.43 -3.11
CA ASP D 144 74.58 -1.65 -2.34
C ASP D 144 73.10 -1.87 -2.03
N MET D 145 72.76 -3.14 -1.80
CA MET D 145 71.36 -3.53 -1.58
C MET D 145 71.07 -3.77 -0.11
N ASP D 146 71.37 -2.78 0.74
CA ASP D 146 71.11 -2.90 2.17
C ASP D 146 70.42 -1.67 2.71
N GLU D 147 70.29 -1.59 4.05
CA GLU D 147 69.67 -0.44 4.69
C GLU D 147 70.40 0.85 4.34
N ALA D 148 71.71 0.88 4.58
CA ALA D 148 72.52 2.05 4.24
C ALA D 148 72.54 2.30 2.74
N GLY D 149 72.57 1.23 1.94
CA GLY D 149 72.60 1.40 0.49
C GLY D 149 71.37 2.10 -0.06
N ARG D 150 70.18 1.72 0.43
CA ARG D 150 68.96 2.33 -0.06
C ARG D 150 68.87 3.80 0.34
N LYS D 151 69.46 4.17 1.48
CA LYS D 151 69.53 5.57 1.86
C LYS D 151 70.47 6.33 0.95
N ALA D 152 71.58 5.71 0.57
CA ALA D 152 72.50 6.33 -0.38
C ALA D 152 71.82 6.55 -1.72
N VAL D 153 71.02 5.57 -2.17
CA VAL D 153 70.20 5.75 -3.36
C VAL D 153 69.29 6.95 -3.18
N GLU D 154 68.68 7.06 -2.00
CA GLU D 154 67.79 8.17 -1.69
C GLU D 154 68.50 9.51 -1.79
N GLU D 155 69.69 9.61 -1.19
CA GLU D 155 70.41 10.87 -1.17
C GLU D 155 71.06 11.17 -2.52
N ALA D 156 71.16 10.18 -3.40
CA ALA D 156 71.68 10.38 -4.74
C ALA D 156 70.62 10.96 -5.65
N ALA D 157 69.47 10.28 -5.76
CA ALA D 157 68.37 10.71 -6.62
C ALA D 157 67.96 12.14 -6.38
N GLN D 158 68.26 12.69 -5.21
CA GLN D 158 67.84 14.05 -4.85
C GLN D 158 68.60 15.10 -5.65
N VAL D 159 69.90 14.90 -5.83
CA VAL D 159 70.74 15.94 -6.43
C VAL D 159 71.22 15.46 -7.79
N LEU D 160 70.36 14.78 -8.53
CA LEU D 160 70.72 14.29 -9.83
C LEU D 160 69.77 14.84 -10.90
N PRO D 161 70.25 14.97 -12.15
CA PRO D 161 69.39 15.50 -13.22
C PRO D 161 68.01 14.85 -13.31
N ALA D 162 66.97 15.66 -13.15
CA ALA D 162 65.61 15.15 -13.02
C ALA D 162 65.19 14.37 -14.26
N GLY D 163 64.51 13.25 -14.03
CA GLY D 163 64.02 12.40 -15.09
C GLY D 163 64.97 11.31 -15.52
N LYS D 164 66.26 11.42 -15.19
CA LYS D 164 67.26 10.45 -15.60
C LYS D 164 67.62 9.47 -14.49
N VAL D 165 66.98 9.56 -13.33
CA VAL D 165 67.29 8.67 -12.20
C VAL D 165 66.69 7.29 -12.44
N ARG D 166 67.46 6.26 -12.10
CA ARG D 166 67.05 4.87 -12.25
C ARG D 166 67.76 4.06 -11.16
N VAL D 167 67.03 3.16 -10.50
CA VAL D 167 67.55 2.39 -9.39
C VAL D 167 67.55 0.90 -9.73
N ALA D 168 68.64 0.22 -9.39
CA ALA D 168 68.77 -1.23 -9.57
C ALA D 168 68.55 -1.94 -8.24
N VAL D 169 67.84 -3.06 -8.29
CA VAL D 169 67.55 -3.87 -7.10
C VAL D 169 68.05 -5.29 -7.37
N LEU D 170 69.13 -5.66 -6.73
CA LEU D 170 69.80 -6.91 -6.99
C LEU D 170 69.37 -7.99 -6.00
N PRO D 171 69.40 -9.26 -6.43
CA PRO D 171 69.01 -10.35 -5.52
C PRO D 171 70.04 -10.67 -4.45
N CYS D 172 71.12 -9.91 -4.36
CA CYS D 172 72.19 -10.19 -3.39
C CYS D 172 72.63 -8.88 -2.73
N LYS D 173 73.85 -8.87 -2.22
CA LYS D 173 74.36 -7.69 -1.51
C LYS D 173 74.66 -6.56 -2.48
N ASP D 174 75.58 -6.78 -3.42
CA ASP D 174 75.95 -5.75 -4.37
C ASP D 174 76.16 -6.39 -5.74
N ALA D 175 76.70 -5.60 -6.67
CA ALA D 175 76.94 -6.09 -8.02
C ALA D 175 77.92 -7.25 -8.03
N ASN D 176 79.01 -7.13 -7.26
CA ASN D 176 80.01 -8.20 -7.21
C ASN D 176 79.46 -9.43 -6.51
N GLU D 177 78.61 -9.24 -5.49
CA GLU D 177 78.01 -10.36 -4.78
C GLU D 177 77.11 -11.17 -5.70
N CYS D 178 76.43 -10.51 -6.65
CA CYS D 178 75.64 -11.22 -7.64
C CYS D 178 76.54 -12.02 -8.57
N HIS D 179 77.57 -11.36 -9.11
CA HIS D 179 78.47 -11.99 -10.06
C HIS D 179 79.04 -13.32 -9.54
N LEU D 180 79.64 -13.30 -8.34
CA LEU D 180 80.12 -14.51 -7.69
C LEU D 180 79.00 -15.20 -6.90
N ASN D 181 78.15 -15.93 -7.63
CA ASN D 181 77.02 -16.63 -7.00
C ASN D 181 76.20 -17.39 -8.03
N GLY D 182 76.05 -16.81 -9.22
CA GLY D 182 75.10 -17.31 -10.17
C GLY D 182 74.64 -16.18 -11.07
N HIS D 183 74.18 -15.10 -10.44
CA HIS D 183 73.37 -14.07 -11.08
C HIS D 183 74.22 -13.10 -11.87
N ASP D 184 74.72 -13.57 -13.02
CA ASP D 184 75.10 -12.66 -14.08
C ASP D 184 73.88 -12.28 -14.89
N ARG D 185 72.79 -13.04 -14.73
CA ARG D 185 71.54 -12.86 -15.44
C ARG D 185 70.66 -11.78 -14.81
N GLU D 186 70.87 -11.48 -13.53
CA GLU D 186 70.02 -10.54 -12.80
C GLU D 186 70.55 -9.12 -12.75
N ILE D 187 71.85 -8.90 -12.97
CA ILE D 187 72.40 -7.54 -12.88
C ILE D 187 72.07 -6.70 -14.12
N MET D 188 72.44 -7.20 -15.31
CA MET D 188 72.46 -6.34 -16.50
C MET D 188 71.08 -5.86 -16.92
N GLU D 189 70.05 -6.71 -16.84
CA GLU D 189 68.72 -6.25 -17.24
C GLU D 189 68.29 -5.05 -16.40
N GLN D 190 68.63 -5.04 -15.12
CA GLN D 190 68.28 -3.94 -14.25
C GLN D 190 69.18 -2.74 -14.46
N VAL D 191 70.21 -2.90 -15.29
CA VAL D 191 70.99 -1.76 -15.73
C VAL D 191 70.24 -1.10 -16.88
N TRP D 192 69.50 -1.89 -17.65
CA TRP D 192 68.68 -1.45 -18.77
C TRP D 192 67.18 -1.45 -18.49
N ASN D 193 66.75 -1.79 -17.26
CA ASN D 193 65.33 -1.84 -16.93
C ASN D 193 65.00 -1.17 -15.60
N ALA D 194 66.00 -0.59 -14.92
CA ALA D 194 65.80 0.06 -13.64
C ALA D 194 64.68 1.09 -13.70
N GLY D 195 63.95 1.20 -12.59
CA GLY D 195 62.79 2.07 -12.51
C GLY D 195 63.14 3.54 -12.56
N PRO D 196 62.51 4.27 -13.48
CA PRO D 196 62.68 5.72 -13.60
C PRO D 196 61.69 6.47 -12.70
N TRP D 197 62.02 6.56 -11.41
CA TRP D 197 61.09 7.12 -10.43
C TRP D 197 61.72 8.25 -9.63
N ILE D 198 61.09 8.60 -8.50
CA ILE D 198 61.45 9.76 -7.69
C ILE D 198 62.33 9.34 -6.53
N PRO D 199 62.92 10.28 -5.77
CA PRO D 199 63.68 9.91 -4.56
C PRO D 199 62.85 9.15 -3.53
N ASP D 200 61.93 9.82 -2.85
CA ASP D 200 61.08 9.24 -1.81
C ASP D 200 61.87 8.76 -0.58
N GLY D 201 61.63 9.38 0.57
CA GLY D 201 60.58 10.37 0.69
C GLY D 201 60.83 11.57 1.58
N VAL D 202 62.03 11.70 2.15
CA VAL D 202 62.33 12.88 2.96
C VAL D 202 62.46 14.08 2.02
N VAL D 203 63.64 14.28 1.42
CA VAL D 203 63.91 15.38 0.50
C VAL D 203 63.41 16.71 1.07
N SER D 204 64.11 17.24 2.06
CA SER D 204 63.68 18.45 2.74
C SER D 204 64.83 19.46 2.74
N ALA D 205 64.72 20.47 3.61
CA ALA D 205 65.74 21.49 3.79
C ALA D 205 66.13 22.12 2.45
N LEU D 206 65.12 22.69 1.78
CA LEU D 206 65.24 23.31 0.47
C LEU D 206 66.10 22.48 -0.48
N SER D 207 67.33 22.94 -0.75
CA SER D 207 68.31 22.26 -1.60
C SER D 207 67.87 22.18 -3.05
N LEU D 208 66.60 22.47 -3.33
CA LEU D 208 66.07 22.45 -4.68
C LEU D 208 65.77 23.84 -5.23
N ARG D 209 66.10 24.89 -4.46
CA ARG D 209 65.85 26.26 -4.91
C ARG D 209 66.25 26.47 -6.37
N GLU D 210 67.48 26.12 -6.69
CA GLU D 210 68.00 26.38 -8.03
C GLU D 210 67.29 25.50 -9.04
N ARG D 211 66.96 24.26 -8.65
CA ARG D 211 66.22 23.38 -9.54
C ARG D 211 64.80 23.89 -9.73
N ILE D 212 64.22 24.53 -8.72
CA ILE D 212 62.92 25.15 -8.89
C ILE D 212 63.02 26.28 -9.89
N ARG D 213 64.07 27.09 -9.76
CA ARG D 213 64.42 28.06 -10.80
C ARG D 213 64.54 27.36 -12.15
N GLU D 214 65.26 26.24 -12.18
CA GLU D 214 65.35 25.46 -13.41
C GLU D 214 63.98 24.97 -13.84
N HIS D 215 63.15 24.57 -12.86
CA HIS D 215 61.80 24.12 -13.13
C HIS D 215 60.94 25.24 -13.70
N LEU D 216 60.88 26.37 -12.97
CA LEU D 216 60.04 27.50 -13.38
C LEU D 216 60.35 27.94 -14.79
N SER D 217 61.60 27.76 -15.23
CA SER D 217 62.04 28.18 -16.55
C SER D 217 61.49 27.26 -17.64
N SER D 218 61.27 25.99 -17.34
CA SER D 218 60.93 25.03 -18.37
C SER D 218 59.43 24.76 -18.49
N GLU D 219 58.69 24.72 -17.37
CA GLU D 219 57.24 24.54 -17.40
C GLU D 219 56.57 25.86 -16.99
N GLU D 220 55.93 26.50 -17.96
CA GLU D 220 55.30 27.80 -17.72
C GLU D 220 54.01 27.62 -16.93
N SER D 221 53.41 28.75 -16.57
CA SER D 221 52.14 28.77 -15.86
C SER D 221 50.94 29.01 -16.78
N VAL D 222 51.15 29.64 -17.93
CA VAL D 222 50.14 29.73 -18.97
C VAL D 222 50.39 28.60 -19.96
N GLY D 223 50.49 27.38 -19.43
CA GLY D 223 50.70 26.21 -20.26
C GLY D 223 49.55 25.96 -21.21
N LEU D 224 49.77 26.23 -22.51
CA LEU D 224 48.75 26.10 -23.55
C LEU D 224 47.61 27.09 -23.31
N LEU D 225 46.75 27.27 -24.30
CA LEU D 225 45.63 28.20 -24.19
C LEU D 225 44.43 27.61 -24.90
N PHE D 226 43.36 27.37 -24.14
CA PHE D 226 42.10 26.88 -24.71
C PHE D 226 41.53 27.89 -25.68
N SER D 227 41.51 27.57 -26.96
CA SER D 227 40.87 28.44 -27.94
C SER D 227 39.37 28.17 -27.98
N GLY D 228 38.67 29.01 -28.75
CA GLY D 228 37.23 28.99 -28.81
C GLY D 228 36.55 30.03 -27.93
N CYS D 229 37.17 30.36 -26.78
CA CYS D 229 36.62 31.39 -25.91
C CYS D 229 37.64 31.86 -24.88
N THR D 230 37.94 33.15 -24.87
CA THR D 230 38.73 33.72 -23.80
C THR D 230 37.89 33.86 -22.54
N GLY D 231 38.55 33.81 -21.39
CA GLY D 231 37.84 33.73 -20.13
C GLY D 231 38.14 32.41 -19.47
N ILE D 232 38.16 31.35 -20.28
CA ILE D 232 38.67 30.07 -19.80
C ILE D 232 40.15 30.21 -19.47
N ASN D 233 40.88 30.93 -20.31
CA ASN D 233 42.27 31.23 -20.02
C ASN D 233 42.38 32.17 -18.82
N ASP D 234 41.38 33.06 -18.63
CA ASP D 234 41.41 34.00 -17.52
C ASP D 234 41.26 33.31 -16.17
N LYS D 235 40.59 32.16 -16.14
CA LYS D 235 40.29 31.48 -14.88
C LYS D 235 41.13 30.24 -14.67
N THR D 236 41.80 29.73 -15.71
CA THR D 236 42.62 28.55 -15.61
C THR D 236 44.06 28.78 -16.03
N LEU D 237 44.31 29.80 -16.85
CA LEU D 237 45.64 30.06 -17.41
C LEU D 237 46.16 28.86 -18.19
N GLY D 238 45.26 28.21 -18.93
CA GLY D 238 45.64 27.09 -19.77
C GLY D 238 45.67 25.75 -19.06
N ALA D 239 46.50 24.83 -19.55
CA ALA D 239 46.60 23.48 -19.00
C ALA D 239 48.07 23.10 -18.88
N ARG D 240 48.57 23.06 -17.66
CA ARG D 240 49.96 22.71 -17.42
C ARG D 240 50.22 21.22 -17.67
N GLY D 241 51.48 20.89 -17.87
CA GLY D 241 51.89 19.51 -17.96
C GLY D 241 51.88 18.85 -16.59
N GLY D 242 51.15 17.74 -16.46
CA GLY D 242 50.95 17.07 -15.19
C GLY D 242 49.57 17.30 -14.58
N GLU D 243 48.83 18.28 -15.07
CA GLU D 243 47.46 18.53 -14.65
C GLU D 243 46.51 17.56 -15.34
N VAL D 244 45.26 17.53 -14.88
CA VAL D 244 44.21 16.69 -15.45
C VAL D 244 43.00 17.57 -15.75
N ILE D 245 42.74 17.83 -17.04
CA ILE D 245 41.59 18.61 -17.46
C ILE D 245 40.37 17.72 -17.58
N MET D 246 39.26 18.14 -16.95
CA MET D 246 38.01 17.39 -16.94
C MET D 246 36.96 18.18 -17.73
N VAL D 247 36.54 17.64 -18.88
CA VAL D 247 35.55 18.29 -19.75
C VAL D 247 34.25 17.48 -19.76
N THR D 248 33.12 18.17 -19.58
CA THR D 248 31.84 17.48 -19.53
C THR D 248 30.70 18.42 -19.93
N SER D 249 29.60 17.81 -20.35
CA SER D 249 28.35 18.51 -20.70
C SER D 249 27.28 17.45 -20.90
N GLY D 250 26.14 17.85 -21.46
CA GLY D 250 25.09 16.92 -21.81
C GLY D 250 25.41 16.12 -23.04
N SER D 251 24.48 15.24 -23.42
CA SER D 251 24.67 14.35 -24.56
C SER D 251 24.39 15.11 -25.85
N GLY D 252 25.36 15.11 -26.75
CA GLY D 252 25.20 15.81 -28.01
C GLY D 252 25.15 17.31 -27.86
N MET D 253 25.85 17.86 -26.86
CA MET D 253 25.94 19.29 -26.68
C MET D 253 27.29 19.87 -27.09
N GLY D 254 28.31 19.02 -27.24
CA GLY D 254 29.60 19.49 -27.70
C GLY D 254 30.74 19.13 -26.78
N LYS D 255 30.63 18.04 -26.03
CA LYS D 255 31.79 17.52 -25.32
C LYS D 255 32.90 17.20 -26.29
N SER D 256 32.58 16.38 -27.30
CA SER D 256 33.56 15.98 -28.31
C SER D 256 33.97 17.16 -29.17
N THR D 257 33.02 18.01 -29.57
CA THR D 257 33.32 19.11 -30.46
C THR D 257 34.25 20.13 -29.80
N PHE D 258 33.98 20.45 -28.54
CA PHE D 258 34.82 21.39 -27.81
C PHE D 258 36.25 20.87 -27.67
N VAL D 259 36.39 19.65 -27.15
CA VAL D 259 37.72 19.08 -26.92
C VAL D 259 38.46 18.90 -28.24
N ARG D 260 37.75 18.51 -29.29
CA ARG D 260 38.40 18.26 -30.57
C ARG D 260 38.98 19.53 -31.15
N GLN D 261 38.36 20.68 -30.85
CA GLN D 261 38.90 21.95 -31.32
C GLN D 261 40.25 22.23 -30.67
N GLN D 262 40.34 21.98 -29.36
CA GLN D 262 41.61 22.17 -28.65
C GLN D 262 42.67 21.23 -29.17
N ALA D 263 42.33 19.95 -29.38
CA ALA D 263 43.30 19.01 -29.93
C ALA D 263 43.78 19.48 -31.29
N LEU D 264 42.85 19.90 -32.15
CA LEU D 264 43.20 20.47 -33.44
C LEU D 264 44.04 21.73 -33.28
N GLN D 265 43.53 22.71 -32.54
CA GLN D 265 44.21 23.98 -32.35
C GLN D 265 45.64 23.81 -31.84
N TRP D 266 45.81 23.02 -30.78
CA TRP D 266 47.14 22.81 -30.21
C TRP D 266 48.09 22.14 -31.21
N GLY D 267 47.59 21.19 -31.99
CA GLY D 267 48.44 20.46 -32.90
C GLY D 267 48.74 21.14 -34.22
N THR D 268 48.23 22.37 -34.40
CA THR D 268 48.45 23.14 -35.62
C THR D 268 49.16 24.44 -35.29
N ALA D 269 48.49 25.37 -34.62
CA ALA D 269 49.06 26.68 -34.32
C ALA D 269 50.27 26.59 -33.39
N MET D 270 50.14 25.81 -32.31
CA MET D 270 51.23 25.64 -31.35
C MET D 270 51.98 24.34 -31.56
N GLY D 271 51.71 23.64 -32.66
CA GLY D 271 52.35 22.39 -33.03
C GLY D 271 52.76 21.43 -31.94
N LYS D 272 51.83 21.03 -31.09
CA LYS D 272 52.09 20.02 -30.07
C LYS D 272 51.65 18.65 -30.57
N LYS D 273 52.32 17.61 -30.07
CA LYS D 273 51.98 16.24 -30.44
C LYS D 273 50.79 15.78 -29.60
N VAL D 274 49.61 15.72 -30.24
CA VAL D 274 48.36 15.39 -29.56
C VAL D 274 48.05 13.92 -29.74
N GLY D 275 47.78 13.24 -28.62
CA GLY D 275 47.33 11.86 -28.63
C GLY D 275 45.83 11.81 -28.36
N LEU D 276 45.13 11.02 -29.18
CA LEU D 276 43.69 10.89 -29.11
C LEU D 276 43.29 9.48 -28.71
N ALA D 277 42.24 9.36 -27.89
CA ALA D 277 41.70 8.07 -27.47
C ALA D 277 40.17 8.11 -27.62
N MET D 278 39.73 8.04 -28.88
CA MET D 278 38.31 8.09 -29.23
C MET D 278 37.76 6.67 -29.16
N LEU D 279 37.29 6.27 -27.98
CA LEU D 279 36.90 4.89 -27.78
C LEU D 279 35.59 4.54 -28.48
N GLU D 280 34.73 5.52 -28.71
CA GLU D 280 33.40 5.29 -29.27
C GLU D 280 33.32 5.59 -30.76
N GLU D 281 34.45 5.63 -31.45
CA GLU D 281 34.45 5.88 -32.89
C GLU D 281 35.78 5.43 -33.45
N SER D 282 35.76 4.89 -34.67
CA SER D 282 36.97 4.47 -35.35
C SER D 282 37.89 5.67 -35.60
N VAL D 283 39.18 5.38 -35.76
CA VAL D 283 40.18 6.43 -35.96
C VAL D 283 39.87 7.24 -37.20
N GLU D 284 39.23 6.62 -38.19
CA GLU D 284 38.87 7.34 -39.41
C GLU D 284 37.78 8.37 -39.14
N GLU D 285 36.87 8.07 -38.22
CA GLU D 285 35.78 8.99 -37.92
C GLU D 285 36.28 10.21 -37.16
N THR D 286 37.16 10.02 -36.18
CA THR D 286 37.71 11.16 -35.46
C THR D 286 38.58 12.01 -36.39
N ALA D 287 39.34 11.35 -37.27
CA ALA D 287 40.09 12.08 -38.27
C ALA D 287 39.15 12.84 -39.20
N GLU D 288 38.05 12.21 -39.60
CA GLU D 288 37.05 12.87 -40.43
C GLU D 288 36.60 14.19 -39.81
N ASP D 289 36.31 14.18 -38.51
CA ASP D 289 35.94 15.42 -37.82
C ASP D 289 37.09 16.42 -37.85
N LEU D 290 38.30 15.97 -37.51
CA LEU D 290 39.47 16.84 -37.51
C LEU D 290 39.70 17.47 -38.87
N ILE D 291 39.58 16.66 -39.94
CA ILE D 291 39.81 17.16 -41.29
C ILE D 291 38.83 18.28 -41.63
N GLY D 292 37.53 18.03 -41.43
CA GLY D 292 36.55 19.07 -41.68
C GLY D 292 36.74 20.28 -40.78
N LEU D 293 37.05 20.03 -39.50
CA LEU D 293 37.22 21.13 -38.56
C LEU D 293 38.37 22.05 -38.98
N HIS D 294 39.48 21.47 -39.43
CA HIS D 294 40.61 22.27 -39.86
C HIS D 294 40.23 23.19 -41.02
N ASN D 295 39.48 22.67 -41.99
CA ASN D 295 39.07 23.41 -43.17
C ASN D 295 37.73 24.11 -42.96
N ARG D 296 37.33 24.36 -41.72
CA ARG D 296 36.18 25.20 -41.39
C ARG D 296 34.89 24.70 -42.05
N VAL D 297 34.75 23.38 -42.17
CA VAL D 297 33.60 22.76 -42.84
C VAL D 297 33.15 21.55 -42.03
N ARG D 298 32.01 20.99 -42.44
CA ARG D 298 31.42 19.83 -41.79
C ARG D 298 31.32 18.71 -42.82
N LEU D 299 32.28 17.78 -42.79
CA LEU D 299 32.28 16.62 -43.67
C LEU D 299 31.41 15.49 -43.13
N ARG D 300 30.27 15.85 -42.54
CA ARG D 300 29.29 14.87 -42.07
C ARG D 300 27.86 15.17 -42.52
N GLN D 301 27.57 16.37 -43.01
CA GLN D 301 26.25 16.76 -43.44
C GLN D 301 26.13 17.04 -44.93
N SER D 302 27.19 17.56 -45.57
CA SER D 302 27.18 17.84 -47.01
C SER D 302 27.62 16.58 -47.74
N ASP D 303 26.66 15.87 -48.32
CA ASP D 303 26.87 14.49 -48.76
C ASP D 303 27.33 14.38 -50.20
N SER D 304 26.92 15.32 -51.05
CA SER D 304 27.44 15.36 -52.41
C SER D 304 28.90 15.82 -52.38
N LEU D 305 29.16 16.84 -51.57
CA LEU D 305 30.49 17.41 -51.44
C LEU D 305 31.49 16.41 -50.85
N LYS D 306 31.03 15.47 -50.01
CA LYS D 306 31.93 14.49 -49.43
C LYS D 306 32.61 13.66 -50.51
N ARG D 307 31.82 13.03 -51.37
CA ARG D 307 32.38 12.19 -52.42
C ARG D 307 33.20 13.00 -53.41
N GLU D 308 32.75 14.22 -53.72
CA GLU D 308 33.41 15.11 -54.66
C GLU D 308 34.84 15.50 -54.27
N ILE D 309 34.98 16.27 -53.20
CA ILE D 309 36.27 16.86 -52.83
C ILE D 309 37.32 15.81 -52.48
N ILE D 310 36.91 14.59 -52.15
CA ILE D 310 37.87 13.58 -51.78
C ILE D 310 38.51 12.94 -53.01
N GLU D 311 37.68 12.49 -53.94
CA GLU D 311 38.14 11.80 -55.13
C GLU D 311 38.72 12.73 -56.17
N ASN D 312 38.65 14.05 -55.94
CA ASN D 312 39.12 15.03 -56.91
C ASN D 312 40.55 15.46 -56.68
N GLY D 313 40.99 15.52 -55.42
CA GLY D 313 42.34 15.95 -55.12
C GLY D 313 42.41 16.98 -54.01
N LYS D 314 41.26 17.34 -53.44
CA LYS D 314 41.23 18.24 -52.29
C LYS D 314 41.38 17.50 -50.96
N PHE D 315 41.17 16.19 -50.93
CA PHE D 315 41.43 15.42 -49.72
C PHE D 315 42.92 15.31 -49.45
N ASP D 316 43.66 14.80 -50.43
CA ASP D 316 45.12 14.68 -50.31
C ASP D 316 45.75 16.03 -49.98
N GLN D 317 45.19 17.11 -50.52
CA GLN D 317 45.68 18.46 -50.24
C GLN D 317 45.56 18.79 -48.76
N TRP D 318 44.34 18.70 -48.23
CA TRP D 318 44.09 19.02 -46.83
C TRP D 318 44.83 18.04 -45.91
N PHE D 319 44.88 16.77 -46.28
CA PHE D 319 45.50 15.76 -45.42
C PHE D 319 46.95 16.09 -45.15
N ASP D 320 47.73 16.32 -46.21
CA ASP D 320 49.12 16.73 -46.02
C ASP D 320 49.19 18.07 -45.30
N GLU D 321 48.25 18.97 -45.59
CA GLU D 321 48.19 20.26 -44.92
C GLU D 321 48.00 20.13 -43.42
N LEU D 322 47.27 19.11 -42.98
CA LEU D 322 46.95 18.98 -41.56
C LEU D 322 47.92 18.04 -40.86
N PHE D 323 47.81 16.75 -41.12
CA PHE D 323 48.56 15.74 -40.40
C PHE D 323 50.02 15.67 -40.83
N GLY D 324 50.42 16.45 -41.84
CA GLY D 324 51.79 16.37 -42.36
C GLY D 324 52.87 16.64 -41.34
N ASN D 325 52.57 17.39 -40.29
CA ASN D 325 53.56 17.69 -39.27
C ASN D 325 53.82 16.52 -38.32
N ASP D 326 53.13 15.39 -38.52
CA ASP D 326 53.30 14.20 -37.70
C ASP D 326 53.12 14.53 -36.21
N THR D 327 52.03 15.22 -35.91
CA THR D 327 51.71 15.62 -34.55
C THR D 327 50.53 14.88 -33.96
N PHE D 328 49.62 14.39 -34.79
CA PHE D 328 48.36 13.83 -34.32
C PHE D 328 48.47 12.32 -34.17
N HIS D 329 47.99 11.82 -33.02
CA HIS D 329 48.03 10.40 -32.71
C HIS D 329 46.67 10.03 -32.10
N LEU D 330 46.16 8.85 -32.48
CA LEU D 330 44.80 8.45 -32.14
C LEU D 330 44.82 7.02 -31.59
N TYR D 331 43.67 6.56 -31.12
CA TYR D 331 43.51 5.20 -30.59
C TYR D 331 42.55 4.41 -31.47
N ASP D 332 42.98 3.23 -31.91
CA ASP D 332 42.25 2.42 -32.88
C ASP D 332 41.90 1.07 -32.27
N SER D 333 40.63 0.87 -31.93
CA SER D 333 40.17 -0.43 -31.46
C SER D 333 38.65 -0.55 -31.53
N PHE D 334 37.95 0.19 -30.67
CA PHE D 334 36.50 0.11 -30.49
C PHE D 334 36.09 -1.25 -29.90
N ALA D 335 37.07 -2.11 -29.63
CA ALA D 335 36.81 -3.46 -29.10
C ALA D 335 37.07 -3.52 -27.59
N GLU D 336 36.40 -2.61 -26.88
CA GLU D 336 36.41 -2.52 -25.41
C GLU D 336 37.80 -2.68 -24.80
N ALA D 337 38.51 -1.57 -24.63
CA ALA D 337 39.85 -1.62 -24.06
C ALA D 337 39.79 -1.85 -22.55
N GLU D 338 40.76 -2.61 -22.05
CA GLU D 338 40.94 -2.79 -20.62
C GLU D 338 41.77 -1.64 -20.04
N THR D 339 41.63 -1.42 -18.73
CA THR D 339 42.28 -0.28 -18.08
C THR D 339 43.77 -0.28 -18.30
N ASP D 340 44.46 -1.36 -17.88
CA ASP D 340 45.88 -1.49 -18.18
C ASP D 340 46.10 -2.14 -19.53
N ARG D 341 45.14 -1.99 -20.45
CA ARG D 341 45.35 -2.11 -21.88
C ARG D 341 45.03 -0.80 -22.58
N LEU D 342 44.99 0.28 -21.81
CA LEU D 342 44.89 1.65 -22.32
C LEU D 342 46.03 2.49 -21.80
N LEU D 343 46.23 2.50 -20.47
CA LEU D 343 47.34 3.23 -19.86
C LEU D 343 48.68 2.82 -20.46
N ALA D 344 48.84 1.53 -20.78
CA ALA D 344 50.06 1.11 -21.46
C ALA D 344 50.20 1.83 -22.80
N LYS D 345 49.11 1.87 -23.57
CA LYS D 345 49.12 2.55 -24.85
C LYS D 345 49.19 4.06 -24.69
N LEU D 346 48.47 4.60 -23.71
CA LEU D 346 48.55 6.03 -23.43
C LEU D 346 49.96 6.45 -23.04
N ALA D 347 50.64 5.60 -22.26
CA ALA D 347 52.02 5.90 -21.89
C ALA D 347 52.93 5.77 -23.10
N TYR D 348 52.62 4.82 -23.99
CA TYR D 348 53.42 4.60 -25.18
C TYR D 348 53.48 5.85 -26.05
N MET D 349 52.38 6.61 -26.11
CA MET D 349 52.40 7.86 -26.86
C MET D 349 53.34 8.85 -26.19
N ARG D 350 52.93 9.39 -25.04
CA ARG D 350 53.77 10.20 -24.15
C ARG D 350 55.24 9.82 -24.18
N SER D 351 55.56 8.53 -24.05
CA SER D 351 56.95 8.08 -23.91
C SER D 351 57.59 7.68 -25.24
N GLY D 352 57.00 6.70 -25.93
CA GLY D 352 57.56 6.21 -27.17
C GLY D 352 57.46 7.19 -28.31
N LEU D 353 56.24 7.65 -28.59
CA LEU D 353 56.02 8.61 -29.66
C LEU D 353 56.27 10.03 -29.21
N GLY D 354 56.27 10.27 -27.89
CA GLY D 354 56.56 11.58 -27.35
C GLY D 354 55.44 12.58 -27.57
N CYS D 355 54.35 12.41 -26.84
CA CYS D 355 53.21 13.31 -26.96
C CYS D 355 53.21 14.32 -25.82
N ASP D 356 52.63 15.49 -26.10
CA ASP D 356 52.47 16.54 -25.12
C ASP D 356 51.08 16.55 -24.48
N VAL D 357 50.05 16.24 -25.25
CA VAL D 357 48.67 16.22 -24.77
C VAL D 357 48.06 14.88 -25.14
N ILE D 358 47.38 14.25 -24.18
CA ILE D 358 46.65 13.01 -24.38
C ILE D 358 45.18 13.29 -24.16
N ILE D 359 44.34 12.84 -25.09
CA ILE D 359 42.90 13.10 -25.07
C ILE D 359 42.17 11.78 -24.93
N LEU D 360 41.41 11.62 -23.84
CA LEU D 360 40.62 10.42 -23.58
C LEU D 360 39.14 10.78 -23.59
N ASP D 361 38.46 10.46 -24.69
CA ASP D 361 37.03 10.70 -24.81
C ASP D 361 36.28 9.56 -24.15
N HIS D 362 35.30 9.91 -23.32
CA HIS D 362 34.44 8.94 -22.64
C HIS D 362 35.25 8.08 -21.69
N ILE D 363 35.04 8.29 -20.40
CA ILE D 363 35.78 7.59 -19.34
C ILE D 363 34.87 6.65 -18.59
N SER D 364 33.67 6.42 -19.12
CA SER D 364 32.72 5.47 -18.57
C SER D 364 32.80 4.09 -19.23
N ILE D 365 33.60 3.94 -20.29
CA ILE D 365 33.91 2.63 -20.85
C ILE D 365 35.03 2.02 -20.01
N VAL D 366 34.66 1.34 -18.93
CA VAL D 366 35.64 0.74 -18.02
C VAL D 366 36.20 -0.53 -18.64
N VAL D 367 35.38 -1.60 -18.65
CA VAL D 367 35.75 -2.91 -19.14
C VAL D 367 37.04 -3.38 -18.47
N SER D 368 36.98 -3.67 -17.18
CA SER D 368 38.17 -4.05 -16.43
C SER D 368 37.77 -4.75 -15.15
N ALA D 369 38.37 -5.92 -14.90
CA ALA D 369 38.19 -6.68 -13.67
C ALA D 369 36.70 -6.88 -13.36
N SER D 370 36.04 -7.62 -14.24
CA SER D 370 34.60 -7.85 -14.11
C SER D 370 34.32 -8.86 -13.00
N GLY D 371 33.41 -8.50 -12.10
CA GLY D 371 33.07 -9.33 -10.96
C GLY D 371 32.93 -8.52 -9.69
N GLU D 372 33.35 -7.25 -9.74
CA GLU D 372 33.34 -6.35 -8.60
C GLU D 372 32.10 -5.47 -8.65
N SER D 373 31.31 -5.50 -7.59
CA SER D 373 30.03 -4.82 -7.56
C SER D 373 30.20 -3.31 -7.70
N ASP D 374 29.37 -2.70 -8.55
CA ASP D 374 29.36 -1.28 -8.85
C ASP D 374 30.66 -0.82 -9.49
N GLU D 375 30.58 -0.32 -10.72
CA GLU D 375 31.71 0.30 -11.38
C GLU D 375 32.07 1.65 -10.77
N ARG D 376 31.47 1.98 -9.61
CA ARG D 376 31.77 3.20 -8.90
C ARG D 376 33.21 3.23 -8.39
N LYS D 377 33.83 2.05 -8.21
CA LYS D 377 35.22 1.98 -7.78
C LYS D 377 36.15 1.98 -9.00
N MET D 378 35.73 1.33 -10.09
CA MET D 378 36.53 1.30 -11.30
C MET D 378 36.84 2.70 -11.81
N ILE D 379 35.82 3.56 -11.88
CA ILE D 379 36.04 4.93 -12.32
C ILE D 379 36.98 5.65 -11.37
N ASP D 380 36.85 5.39 -10.07
CA ASP D 380 37.75 5.99 -9.08
C ASP D 380 39.16 5.42 -9.22
N ASN D 381 39.26 4.09 -9.31
CA ASN D 381 40.56 3.44 -9.46
C ASN D 381 41.29 3.93 -10.70
N LEU D 382 40.56 4.09 -11.81
CA LEU D 382 41.17 4.55 -13.05
C LEU D 382 41.70 5.97 -12.93
N MET D 383 40.91 6.86 -12.32
CA MET D 383 41.32 8.25 -12.15
C MET D 383 42.62 8.36 -11.37
N THR D 384 42.80 7.50 -10.36
CA THR D 384 44.02 7.54 -9.57
C THR D 384 45.22 7.19 -10.43
N LYS D 385 45.10 6.13 -11.24
CA LYS D 385 46.17 5.72 -12.13
C LYS D 385 46.43 6.78 -13.21
N LEU D 386 45.36 7.41 -13.70
CA LEU D 386 45.51 8.47 -14.69
C LEU D 386 46.24 9.67 -14.13
N LYS D 387 45.93 10.07 -12.89
CA LYS D 387 46.61 11.19 -12.27
C LYS D 387 48.09 10.89 -12.04
N GLY D 388 48.40 9.68 -11.57
CA GLY D 388 49.78 9.28 -11.38
C GLY D 388 50.55 9.38 -12.67
N PHE D 389 50.08 8.68 -13.70
CA PHE D 389 50.70 8.75 -15.02
C PHE D 389 50.84 10.18 -15.51
N ALA D 390 49.81 11.01 -15.31
CA ALA D 390 49.82 12.37 -15.84
C ALA D 390 50.96 13.20 -15.24
N LYS D 391 51.11 13.16 -13.91
CA LYS D 391 52.10 14.01 -13.26
C LYS D 391 53.51 13.44 -13.39
N SER D 392 53.66 12.12 -13.24
CA SER D 392 54.97 11.50 -13.28
C SER D 392 55.66 11.63 -14.63
N THR D 393 54.91 11.96 -15.68
CA THR D 393 55.48 12.19 -17.00
C THR D 393 55.44 13.66 -17.41
N GLY D 394 54.53 14.43 -16.84
CA GLY D 394 54.42 15.84 -17.17
C GLY D 394 53.59 16.09 -18.40
N VAL D 395 52.61 15.22 -18.67
CA VAL D 395 51.80 15.27 -19.87
C VAL D 395 50.47 15.96 -19.55
N VAL D 396 49.96 16.73 -20.52
CA VAL D 396 48.65 17.34 -20.39
C VAL D 396 47.59 16.29 -20.72
N LEU D 397 46.71 16.01 -19.77
CA LEU D 397 45.70 14.96 -19.90
C LEU D 397 44.30 15.59 -19.83
N VAL D 398 43.60 15.60 -20.95
CA VAL D 398 42.22 16.08 -21.03
C VAL D 398 41.30 14.87 -21.17
N VAL D 399 40.38 14.71 -20.22
CA VAL D 399 39.51 13.54 -20.15
C VAL D 399 38.06 14.01 -20.18
N ILE D 400 37.21 13.24 -20.87
CA ILE D 400 35.78 13.52 -20.96
C ILE D 400 35.02 12.51 -20.13
N CYS D 401 34.17 12.99 -19.24
CA CYS D 401 33.23 12.19 -18.46
C CYS D 401 31.83 12.64 -18.81
N HIS D 402 30.84 11.94 -18.28
CA HIS D 402 29.44 12.27 -18.54
C HIS D 402 28.79 12.70 -17.23
N LEU D 403 27.47 12.92 -17.28
CA LEU D 403 26.73 13.46 -16.15
C LEU D 403 25.62 12.52 -15.74
N LYS D 404 25.47 12.33 -14.43
CA LYS D 404 24.35 11.58 -13.90
C LYS D 404 23.03 12.20 -14.33
N ASN D 405 22.01 11.37 -14.47
CA ASN D 405 20.70 11.87 -14.84
C ASN D 405 19.93 12.26 -13.58
N PRO D 406 19.68 13.54 -13.36
CA PRO D 406 19.06 13.96 -12.11
C PRO D 406 17.59 13.57 -11.98
N ASP D 407 16.81 13.81 -13.03
CA ASP D 407 15.36 13.53 -13.02
C ASP D 407 14.66 14.23 -11.86
N LYS D 408 15.25 15.33 -11.39
CA LYS D 408 14.70 16.10 -10.28
C LYS D 408 14.48 17.52 -10.75
N GLY D 409 13.57 17.69 -11.72
CA GLY D 409 13.42 18.94 -12.45
C GLY D 409 14.00 18.84 -13.84
N LYS D 410 13.97 19.97 -14.55
CA LYS D 410 14.51 20.03 -15.90
C LYS D 410 16.02 19.85 -15.86
N ALA D 411 16.56 19.09 -16.81
CA ALA D 411 17.91 18.55 -16.69
C ALA D 411 18.76 18.87 -17.91
N HIS D 412 19.87 19.58 -17.67
CA HIS D 412 21.03 19.64 -18.55
C HIS D 412 20.72 20.12 -19.97
N GLU D 413 19.99 19.31 -20.73
CA GLU D 413 19.67 19.69 -22.11
C GLU D 413 18.72 20.87 -22.17
N GLU D 414 17.96 21.11 -21.09
CA GLU D 414 17.05 22.24 -20.99
C GLU D 414 17.65 23.40 -20.21
N GLY D 415 18.98 23.50 -20.18
CA GLY D 415 19.65 24.46 -19.33
C GLY D 415 20.31 23.80 -18.15
N ARG D 416 19.89 24.17 -16.93
CA ARG D 416 20.35 23.59 -15.68
C ARG D 416 21.87 23.59 -15.56
N PRO D 417 22.43 24.55 -14.82
CA PRO D 417 23.87 24.52 -14.57
C PRO D 417 24.30 23.23 -13.89
N VAL D 418 25.35 22.61 -14.41
CA VAL D 418 25.86 21.36 -13.89
C VAL D 418 26.87 21.65 -12.78
N SER D 419 26.57 21.20 -11.57
CA SER D 419 27.44 21.40 -10.43
C SER D 419 28.50 20.30 -10.37
N ILE D 420 29.33 20.34 -9.32
CA ILE D 420 30.34 19.30 -9.13
C ILE D 420 29.70 17.99 -8.66
N THR D 421 28.54 18.06 -8.02
CA THR D 421 27.84 16.86 -7.58
C THR D 421 27.26 16.08 -8.76
N ASP D 422 26.85 16.79 -9.81
CA ASP D 422 26.28 16.17 -10.99
C ASP D 422 27.30 15.33 -11.78
N LEU D 423 28.56 15.31 -11.35
CA LEU D 423 29.60 14.57 -12.06
C LEU D 423 29.42 13.07 -11.88
N ARG D 424 29.52 12.34 -12.98
CA ARG D 424 29.46 10.88 -12.95
C ARG D 424 30.62 10.31 -12.13
N GLY D 425 30.45 9.07 -11.68
CA GLY D 425 31.44 8.42 -10.86
C GLY D 425 31.43 8.93 -9.43
N SER D 426 31.70 8.04 -8.48
CA SER D 426 31.77 8.42 -7.07
C SER D 426 32.85 9.48 -6.86
N GLY D 427 32.46 10.74 -7.02
CA GLY D 427 33.37 11.87 -7.18
C GLY D 427 34.78 11.74 -6.65
N ALA D 428 35.54 10.84 -7.24
CA ALA D 428 36.99 10.81 -7.06
C ALA D 428 37.65 11.65 -8.13
N LEU D 429 37.00 11.73 -9.30
CA LEU D 429 37.46 12.54 -10.41
C LEU D 429 37.40 14.02 -10.09
N ARG D 430 36.59 14.42 -9.11
CA ARG D 430 36.55 15.80 -8.66
C ARG D 430 37.74 16.13 -7.77
N GLN D 431 38.52 15.13 -7.39
CA GLN D 431 39.67 15.26 -6.50
C GLN D 431 40.98 15.11 -7.26
N LEU D 432 41.11 14.01 -8.02
CA LEU D 432 42.34 13.78 -8.77
C LEU D 432 42.52 14.78 -9.90
N SER D 433 41.43 15.18 -10.55
CA SER D 433 41.51 16.16 -11.62
C SER D 433 41.69 17.55 -11.03
N ASP D 434 42.52 18.35 -11.67
CA ASP D 434 42.81 19.70 -11.20
C ASP D 434 41.85 20.73 -11.77
N THR D 435 41.55 20.67 -13.07
CA THR D 435 40.66 21.61 -13.73
C THR D 435 39.46 20.88 -14.30
N ILE D 436 38.26 21.46 -14.13
CA ILE D 436 37.00 20.85 -14.59
C ILE D 436 36.24 21.86 -15.44
N ILE D 437 36.17 21.61 -16.75
CA ILE D 437 35.43 22.45 -17.70
C ILE D 437 34.07 21.83 -17.95
N ALA D 438 33.03 22.67 -17.94
CA ALA D 438 31.65 22.22 -18.16
C ALA D 438 30.98 23.11 -19.19
N LEU D 439 30.25 22.49 -20.12
CA LEU D 439 29.51 23.21 -21.16
C LEU D 439 28.01 23.07 -20.90
N GLU D 440 27.30 24.18 -21.04
CA GLU D 440 25.86 24.21 -20.80
C GLU D 440 25.14 24.91 -21.95
N ARG D 441 24.06 24.30 -22.45
CA ARG D 441 23.30 24.88 -23.53
C ARG D 441 21.88 24.32 -23.50
N ASN D 442 20.92 25.16 -23.89
CA ASN D 442 19.53 24.77 -23.98
C ASN D 442 19.22 24.50 -25.45
N GLN D 443 19.35 23.24 -25.86
CA GLN D 443 19.07 22.86 -27.24
C GLN D 443 17.59 22.90 -27.58
N GLN D 444 16.74 23.30 -26.63
CA GLN D 444 15.31 23.52 -26.85
C GLN D 444 14.94 24.96 -26.50
N GLY D 445 15.89 25.88 -26.65
CA GLY D 445 15.63 27.28 -26.38
C GLY D 445 15.82 28.15 -27.60
N ASP D 446 15.71 29.47 -27.43
CA ASP D 446 15.91 30.38 -28.54
C ASP D 446 17.36 30.41 -29.02
N MET D 447 18.30 29.91 -28.21
CA MET D 447 19.73 29.94 -28.54
C MET D 447 20.32 28.56 -28.24
N PRO D 448 20.04 27.57 -29.09
CA PRO D 448 20.59 26.23 -28.85
C PRO D 448 22.08 26.14 -29.14
N ASN D 449 22.53 26.77 -30.23
CA ASN D 449 23.95 26.82 -30.54
C ASN D 449 24.73 27.68 -29.56
N LEU D 450 24.04 28.42 -28.69
CA LEU D 450 24.70 29.19 -27.62
C LEU D 450 25.03 28.27 -26.47
N VAL D 451 26.31 28.25 -26.06
CA VAL D 451 26.79 27.36 -25.02
C VAL D 451 27.51 28.18 -23.95
N LEU D 452 27.21 27.91 -22.69
CA LEU D 452 27.83 28.57 -21.55
C LEU D 452 28.97 27.70 -21.04
N VAL D 453 30.13 28.32 -20.80
CA VAL D 453 31.30 27.63 -20.29
C VAL D 453 31.45 27.95 -18.81
N ARG D 454 31.57 26.90 -17.99
CA ARG D 454 31.64 27.05 -16.54
C ARG D 454 32.82 26.28 -15.98
N ILE D 455 33.67 26.97 -15.22
CA ILE D 455 34.79 26.33 -14.54
C ILE D 455 34.31 25.81 -13.19
N LEU D 456 34.38 24.49 -13.01
CA LEU D 456 33.94 23.89 -11.75
C LEU D 456 35.08 23.70 -10.77
N LYS D 457 36.32 23.72 -11.25
CA LYS D 457 37.48 23.51 -10.39
C LYS D 457 38.73 23.93 -11.15
N CYS D 458 39.70 24.49 -10.42
CA CYS D 458 41.00 24.81 -11.01
C CYS D 458 42.00 24.92 -9.87
N ARG D 459 42.63 23.79 -9.51
CA ARG D 459 43.61 23.78 -8.42
C ARG D 459 44.74 24.77 -8.68
N PHE D 460 45.02 25.06 -9.94
CA PHE D 460 46.11 25.98 -10.29
C PHE D 460 45.82 27.40 -9.79
N THR D 461 44.69 27.96 -10.23
CA THR D 461 44.34 29.33 -9.87
C THR D 461 43.40 29.40 -8.67
N GLY D 462 42.37 28.56 -8.63
CA GLY D 462 41.33 28.69 -7.64
C GLY D 462 40.22 29.66 -8.02
N ASP D 463 40.32 30.32 -9.17
CA ASP D 463 39.32 31.25 -9.65
C ASP D 463 38.26 30.47 -10.43
N THR D 464 37.07 30.32 -9.85
CA THR D 464 35.99 29.56 -10.45
C THR D 464 34.87 30.51 -10.90
N GLY D 465 33.81 29.92 -11.44
CA GLY D 465 32.66 30.64 -11.90
C GLY D 465 32.46 30.54 -13.41
N ILE D 466 31.65 31.46 -13.92
CA ILE D 466 31.32 31.48 -15.35
C ILE D 466 32.40 32.23 -16.11
N ALA D 467 32.98 31.57 -17.11
CA ALA D 467 34.01 32.19 -17.93
C ALA D 467 33.39 33.10 -18.98
N GLY D 468 32.88 32.51 -20.05
CA GLY D 468 32.26 33.27 -21.11
C GLY D 468 31.21 32.45 -21.85
N TYR D 469 30.92 32.83 -23.09
CA TYR D 469 29.95 32.14 -23.92
C TYR D 469 30.58 31.83 -25.27
N MET D 470 29.86 31.00 -26.04
CA MET D 470 30.32 30.53 -27.35
C MET D 470 29.11 30.23 -28.21
N GLU D 471 29.34 30.10 -29.50
CA GLU D 471 28.26 29.84 -30.46
C GLU D 471 28.68 28.72 -31.40
N TYR D 472 27.80 27.73 -31.54
CA TYR D 472 28.06 26.60 -32.42
C TYR D 472 27.76 27.02 -33.85
N ASN D 473 28.82 27.21 -34.64
CA ASN D 473 28.69 27.57 -36.04
C ASN D 473 28.40 26.31 -36.84
N LYS D 474 27.12 26.08 -37.13
CA LYS D 474 26.71 24.86 -37.83
C LYS D 474 27.46 24.67 -39.14
N GLU D 475 27.93 25.77 -39.74
CA GLU D 475 28.66 25.67 -41.00
C GLU D 475 30.07 25.13 -40.78
N THR D 476 30.82 25.75 -39.88
CA THR D 476 32.19 25.34 -39.63
C THR D 476 32.29 24.23 -38.58
N GLY D 477 31.24 23.99 -37.81
CA GLY D 477 31.36 23.06 -36.70
C GLY D 477 32.26 23.53 -35.60
N TRP D 478 32.51 24.83 -35.50
CA TRP D 478 33.38 25.42 -34.50
C TRP D 478 32.57 26.00 -33.35
N LEU D 479 33.27 26.31 -32.26
CA LEU D 479 32.68 26.96 -31.09
C LEU D 479 33.24 28.37 -31.02
N GLU D 480 32.68 29.25 -31.84
CA GLU D 480 33.18 30.61 -31.93
C GLU D 480 32.80 31.40 -30.67
N PRO D 481 33.69 32.26 -30.18
CA PRO D 481 33.42 32.98 -28.92
C PRO D 481 32.28 33.99 -29.10
N SER D 482 31.36 33.99 -28.15
CA SER D 482 30.17 34.83 -28.24
C SER D 482 30.27 36.03 -27.29
N SER D 483 29.35 36.97 -27.50
CA SER D 483 29.25 38.19 -26.70
C SER D 483 27.88 38.18 -26.02
N TYR D 484 27.79 37.47 -24.91
CA TYR D 484 26.52 37.29 -24.21
C TYR D 484 26.71 37.55 -22.72
N SER D 485 25.65 38.08 -22.10
CA SER D 485 25.65 38.36 -20.67
C SER D 485 24.27 38.10 -20.06
N MET E 1 69.09 -33.83 -15.43
CA MET E 1 68.58 -35.01 -16.11
C MET E 1 68.17 -34.70 -17.55
N THR E 2 68.82 -33.70 -18.15
CA THR E 2 68.55 -33.32 -19.54
C THR E 2 69.33 -34.21 -20.50
N TYR E 3 69.07 -34.02 -21.79
CA TYR E 3 69.71 -34.83 -22.82
C TYR E 3 71.12 -34.32 -23.14
N ASN E 4 71.98 -35.25 -23.56
CA ASN E 4 73.34 -34.93 -23.94
C ASN E 4 73.40 -34.55 -25.42
N VAL E 5 74.34 -33.65 -25.73
CA VAL E 5 74.45 -33.10 -27.08
C VAL E 5 74.82 -34.22 -28.06
N TRP E 6 73.99 -34.42 -29.07
CA TRP E 6 74.27 -35.42 -30.09
C TRP E 6 75.50 -35.03 -30.90
N ASN E 7 76.37 -36.00 -31.15
CA ASN E 7 77.55 -35.78 -31.95
C ASN E 7 77.25 -36.02 -33.42
N PHE E 8 77.74 -35.12 -34.27
CA PHE E 8 77.50 -35.20 -35.71
C PHE E 8 78.06 -36.50 -36.29
N GLY E 9 79.26 -36.89 -35.87
CA GLY E 9 79.89 -38.10 -36.34
C GLY E 9 79.48 -39.35 -35.60
N GLU E 10 78.55 -39.23 -34.64
CA GLU E 10 78.07 -40.38 -33.89
C GLU E 10 76.62 -40.73 -34.16
N SER E 11 75.88 -39.90 -34.90
CA SER E 11 74.49 -40.19 -35.26
C SER E 11 74.28 -39.95 -36.76
N ASN E 12 74.98 -40.73 -37.59
CA ASN E 12 74.85 -40.72 -39.05
C ASN E 12 74.75 -39.33 -39.68
N GLY E 13 75.32 -38.32 -39.01
CA GLY E 13 75.11 -36.94 -39.42
C GLY E 13 75.52 -36.66 -40.87
N ARG E 14 74.69 -35.88 -41.57
CA ARG E 14 75.02 -35.34 -42.88
C ARG E 14 74.32 -34.01 -43.07
N TYR E 15 74.99 -33.12 -43.84
CA TYR E 15 74.44 -31.79 -44.15
C TYR E 15 73.62 -31.88 -45.43
N SER E 16 72.37 -32.29 -45.27
CA SER E 16 71.47 -32.44 -46.41
C SER E 16 70.73 -31.13 -46.69
N ALA E 17 70.09 -31.09 -47.86
CA ALA E 17 69.25 -29.97 -48.25
C ALA E 17 67.80 -30.25 -47.90
N LEU E 18 67.10 -29.20 -47.43
CA LEU E 18 65.69 -29.30 -47.09
C LEU E 18 64.85 -28.94 -48.32
N THR E 19 64.64 -29.93 -49.19
CA THR E 19 63.87 -29.69 -50.41
C THR E 19 62.44 -29.29 -50.10
N ALA E 20 61.83 -29.90 -49.10
CA ALA E 20 60.45 -29.59 -48.72
C ALA E 20 60.33 -28.26 -47.99
N ARG E 21 61.42 -27.51 -47.89
CA ARG E 21 61.42 -26.21 -47.24
C ARG E 21 62.04 -25.10 -48.10
N GLY E 22 62.79 -25.43 -49.15
CA GLY E 22 63.44 -24.44 -49.97
C GLY E 22 64.82 -24.04 -49.53
N ILE E 23 65.55 -24.92 -48.84
CA ILE E 23 66.87 -24.62 -48.32
C ILE E 23 67.86 -25.63 -48.88
N SER E 24 68.96 -25.13 -49.44
CA SER E 24 69.99 -25.96 -50.03
C SER E 24 70.95 -26.47 -48.96
N LYS E 25 71.84 -27.37 -49.38
CA LYS E 25 72.85 -27.90 -48.46
C LYS E 25 73.78 -26.80 -47.96
N GLU E 26 74.24 -25.95 -48.88
CA GLU E 26 75.19 -24.89 -48.53
C GLU E 26 74.68 -24.05 -47.37
N THR E 27 73.38 -23.78 -47.32
CA THR E 27 72.84 -22.98 -46.24
C THR E 27 72.87 -23.74 -44.93
N CYS E 28 72.43 -25.01 -44.95
CA CYS E 28 72.46 -25.85 -43.76
C CYS E 28 73.86 -25.96 -43.17
N GLN E 29 74.87 -26.03 -44.03
CA GLN E 29 76.24 -26.19 -43.54
C GLN E 29 76.69 -24.96 -42.75
N LYS E 30 76.26 -23.77 -43.16
CA LYS E 30 76.73 -22.54 -42.54
C LYS E 30 75.98 -22.23 -41.24
N ALA E 31 74.71 -22.58 -41.17
CA ALA E 31 73.95 -22.33 -39.96
C ALA E 31 74.20 -23.39 -38.89
N GLY E 32 74.67 -24.57 -39.30
CA GLY E 32 74.90 -25.65 -38.37
C GLY E 32 73.64 -26.46 -38.19
N TYR E 33 72.96 -26.77 -39.30
CA TYR E 33 71.71 -27.50 -39.29
C TYR E 33 71.90 -28.78 -40.09
N TRP E 34 71.84 -29.91 -39.41
CA TRP E 34 72.14 -31.20 -40.01
C TRP E 34 71.02 -32.20 -39.73
N ILE E 35 71.13 -33.37 -40.37
CA ILE E 35 70.12 -34.42 -40.32
C ILE E 35 70.74 -35.67 -39.70
N ALA E 36 70.07 -36.22 -38.68
CA ALA E 36 70.53 -37.39 -37.95
C ALA E 36 69.62 -38.59 -38.19
N LYS E 37 70.24 -39.76 -38.35
CA LYS E 37 69.52 -41.02 -38.63
C LYS E 37 69.66 -41.98 -37.45
N VAL E 38 68.85 -41.77 -36.42
CA VAL E 38 68.85 -42.57 -35.21
C VAL E 38 67.63 -43.49 -35.21
N ASP E 39 67.85 -44.77 -34.96
CA ASP E 39 66.80 -45.78 -34.80
C ASP E 39 65.93 -45.92 -36.05
N GLY E 40 66.47 -45.60 -37.22
CA GLY E 40 65.70 -45.60 -38.44
C GLY E 40 64.85 -44.38 -38.69
N VAL E 41 64.70 -43.51 -37.69
CA VAL E 41 63.93 -42.28 -37.83
C VAL E 41 64.87 -41.15 -38.23
N MET E 42 64.31 -40.11 -38.85
CA MET E 42 65.07 -39.01 -39.43
C MET E 42 64.83 -37.74 -38.62
N TYR E 43 65.80 -37.38 -37.78
CA TYR E 43 65.70 -36.22 -36.93
C TYR E 43 66.48 -35.05 -37.56
N GLN E 44 65.98 -33.84 -37.35
CA GLN E 44 66.61 -32.61 -37.80
C GLN E 44 67.21 -31.90 -36.58
N VAL E 45 68.51 -31.61 -36.63
CA VAL E 45 69.24 -31.07 -35.50
C VAL E 45 69.68 -29.64 -35.79
N ALA E 46 69.38 -28.73 -34.86
CA ALA E 46 69.79 -27.33 -34.91
C ALA E 46 70.84 -27.12 -33.83
N ASP E 47 72.09 -26.96 -34.24
CA ASP E 47 73.21 -26.82 -33.31
C ASP E 47 73.23 -25.44 -32.67
N TYR E 48 72.97 -25.37 -31.37
CA TYR E 48 73.14 -24.13 -30.61
C TYR E 48 74.55 -24.14 -30.03
N ARG E 49 75.49 -23.73 -30.86
CA ARG E 49 76.88 -23.67 -30.45
C ARG E 49 77.12 -22.34 -29.75
N ASP E 50 78.18 -22.28 -28.95
CA ASP E 50 78.53 -21.05 -28.27
C ASP E 50 79.53 -20.27 -29.11
N GLN E 51 79.44 -18.94 -29.02
CA GLN E 51 80.25 -18.07 -29.87
C GLN E 51 81.74 -18.34 -29.73
N ASN E 52 82.18 -18.88 -28.59
CA ASN E 52 83.56 -19.31 -28.42
C ASN E 52 83.85 -20.66 -29.08
N GLY E 53 82.85 -21.30 -29.70
CA GLY E 53 83.01 -22.54 -30.43
C GLY E 53 82.42 -23.76 -29.73
N ASN E 54 82.33 -23.72 -28.40
CA ASN E 54 81.81 -24.85 -27.63
C ASN E 54 80.34 -25.12 -27.94
N ILE E 55 80.05 -26.30 -28.46
CA ILE E 55 78.64 -26.69 -28.69
C ILE E 55 77.94 -26.75 -27.34
N VAL E 56 76.88 -25.98 -27.18
CA VAL E 56 76.13 -25.94 -25.91
C VAL E 56 74.84 -26.76 -25.96
N SER E 57 73.99 -26.53 -26.95
CA SER E 57 72.71 -27.20 -27.00
C SER E 57 72.32 -27.53 -28.43
N GLN E 58 71.25 -28.33 -28.57
CA GLN E 58 70.68 -28.69 -29.85
C GLN E 58 69.16 -28.76 -29.72
N LYS E 59 68.46 -28.36 -30.78
CA LYS E 59 67.00 -28.41 -30.85
C LYS E 59 66.62 -29.36 -31.98
N VAL E 60 66.07 -30.52 -31.62
CA VAL E 60 65.87 -31.63 -32.53
C VAL E 60 64.39 -31.85 -32.78
N ARG E 61 64.02 -31.92 -34.06
CA ARG E 61 62.67 -32.27 -34.47
C ARG E 61 62.74 -33.31 -35.59
N ASP E 62 61.64 -34.04 -35.76
CA ASP E 62 61.60 -35.12 -36.74
C ASP E 62 60.51 -34.91 -37.79
N LYS E 63 59.96 -36.01 -38.29
CA LYS E 63 58.87 -35.94 -39.26
C LYS E 63 57.61 -35.38 -38.62
N ASP E 64 57.21 -35.92 -37.47
CA ASP E 64 56.01 -35.49 -36.76
C ASP E 64 56.12 -34.08 -36.19
N LYS E 65 57.25 -33.39 -36.41
CA LYS E 65 57.50 -32.06 -35.87
C LYS E 65 57.30 -32.04 -34.35
N ASN E 66 57.96 -32.97 -33.68
CA ASN E 66 58.02 -33.01 -32.24
C ASN E 66 59.37 -32.47 -31.79
N PHE E 67 59.40 -31.84 -30.62
CA PHE E 67 60.60 -31.11 -30.18
C PHE E 67 61.29 -31.88 -29.05
N LYS E 68 62.62 -31.86 -29.08
CA LYS E 68 63.43 -32.55 -28.07
C LYS E 68 64.74 -31.80 -27.91
N THR E 69 65.05 -31.39 -26.68
CA THR E 69 66.18 -30.51 -26.42
C THR E 69 67.31 -31.26 -25.74
N THR E 70 68.55 -30.96 -26.14
CA THR E 70 69.75 -31.51 -25.56
C THR E 70 70.65 -30.38 -25.08
N GLY E 71 71.51 -30.70 -24.11
CA GLY E 71 72.45 -29.70 -23.61
C GLY E 71 71.82 -28.67 -22.69
N SER E 72 72.37 -27.46 -22.73
CA SER E 72 71.93 -26.34 -21.88
C SER E 72 71.24 -25.29 -22.74
N HIS E 73 69.92 -25.41 -22.85
CA HIS E 73 69.12 -24.48 -23.64
C HIS E 73 68.69 -23.30 -22.76
N LYS E 74 69.67 -22.46 -22.43
CA LYS E 74 69.39 -21.27 -21.66
C LYS E 74 68.46 -20.34 -22.45
N SER E 75 67.84 -19.39 -21.74
CA SER E 75 66.85 -18.53 -22.36
C SER E 75 67.44 -17.58 -23.39
N ASP E 76 68.76 -17.35 -23.36
CA ASP E 76 69.43 -16.53 -24.35
C ASP E 76 69.74 -17.29 -25.64
N ALA E 77 69.01 -18.37 -25.91
CA ALA E 77 69.26 -19.18 -27.09
C ALA E 77 68.91 -18.40 -28.35
N LEU E 78 69.90 -18.21 -29.22
CA LEU E 78 69.73 -17.51 -30.49
C LEU E 78 70.40 -18.34 -31.56
N PHE E 79 69.60 -18.94 -32.44
CA PHE E 79 70.11 -19.79 -33.50
C PHE E 79 70.87 -18.93 -34.50
N GLY E 80 72.19 -19.11 -34.57
CA GLY E 80 73.03 -18.33 -35.44
C GLY E 80 73.78 -17.22 -34.74
N LYS E 81 73.55 -17.04 -33.43
CA LYS E 81 74.22 -15.99 -32.67
C LYS E 81 75.74 -16.08 -32.79
N HIS E 82 76.28 -17.30 -32.92
CA HIS E 82 77.72 -17.49 -32.98
C HIS E 82 78.31 -17.05 -34.32
N LEU E 83 77.47 -16.68 -35.29
CA LEU E 83 77.93 -16.36 -36.63
C LEU E 83 78.24 -14.88 -36.84
N TRP E 84 77.70 -13.98 -36.01
CA TRP E 84 77.83 -12.55 -36.24
C TRP E 84 78.38 -11.84 -35.01
N ASN E 85 79.28 -10.89 -35.24
CA ASN E 85 79.88 -10.05 -34.20
C ASN E 85 79.42 -8.61 -34.30
N GLY E 86 78.13 -8.40 -34.51
CA GLY E 86 77.58 -7.08 -34.78
C GLY E 86 77.41 -6.83 -36.26
N GLY E 87 76.82 -5.69 -36.58
CA GLY E 87 76.66 -5.31 -37.96
C GLY E 87 75.62 -4.22 -38.13
N LYS E 88 75.18 -4.06 -39.39
CA LYS E 88 74.20 -3.04 -39.73
C LYS E 88 72.81 -3.45 -39.25
N LYS E 89 72.29 -4.57 -39.76
CA LYS E 89 70.97 -5.06 -39.42
C LYS E 89 71.04 -6.54 -39.06
N ILE E 90 70.09 -7.00 -38.25
CA ILE E 90 69.99 -8.40 -37.87
C ILE E 90 68.53 -8.83 -37.91
N VAL E 91 68.27 -9.98 -38.54
CA VAL E 91 66.93 -10.53 -38.70
C VAL E 91 66.68 -11.55 -37.59
N VAL E 92 65.57 -11.39 -36.87
CA VAL E 92 65.21 -12.26 -35.75
C VAL E 92 63.92 -13.00 -36.12
N THR E 93 64.07 -14.25 -36.56
CA THR E 93 62.91 -15.08 -36.89
C THR E 93 62.39 -15.77 -35.64
N GLU E 94 61.38 -16.62 -35.82
CA GLU E 94 60.82 -17.43 -34.74
C GLU E 94 61.30 -18.88 -34.80
N GLY E 95 61.05 -19.56 -35.91
CA GLY E 95 61.56 -20.89 -36.11
C GLY E 95 62.87 -20.90 -36.85
N GLU E 96 63.73 -21.86 -36.49
CA GLU E 96 65.04 -21.99 -37.14
C GLU E 96 64.90 -22.20 -38.64
N ILE E 97 63.82 -22.84 -39.07
CA ILE E 97 63.61 -23.07 -40.50
C ILE E 97 63.41 -21.74 -41.21
N ASP E 98 62.68 -20.82 -40.58
CA ASP E 98 62.52 -19.48 -41.14
C ASP E 98 63.85 -18.74 -41.15
N MET E 99 64.68 -18.96 -40.14
CA MET E 99 66.01 -18.39 -40.12
C MET E 99 66.85 -18.93 -41.26
N LEU E 100 66.52 -20.13 -41.74
CA LEU E 100 67.22 -20.72 -42.87
C LEU E 100 66.72 -20.15 -44.19
N THR E 101 65.55 -19.53 -44.18
CA THR E 101 65.00 -18.94 -45.40
C THR E 101 65.68 -17.61 -45.68
N VAL E 102 65.76 -16.75 -44.67
CA VAL E 102 66.36 -15.43 -44.85
C VAL E 102 67.81 -15.57 -45.26
N MET E 103 68.53 -16.51 -44.64
CA MET E 103 69.92 -16.73 -45.00
C MET E 103 70.03 -17.26 -46.43
N GLU E 104 69.05 -18.05 -46.86
CA GLU E 104 69.06 -18.56 -48.22
C GLU E 104 68.94 -17.42 -49.23
N LEU E 105 68.03 -16.48 -48.97
CA LEU E 105 67.83 -15.37 -49.89
C LEU E 105 68.99 -14.38 -49.85
N GLN E 106 69.67 -14.27 -48.72
CA GLN E 106 70.79 -13.35 -48.58
C GLN E 106 72.13 -14.03 -48.80
N ASP E 107 72.11 -15.28 -49.26
CA ASP E 107 73.33 -16.05 -49.53
C ASP E 107 74.20 -16.18 -48.27
N CYS E 108 73.54 -16.21 -47.10
CA CYS E 108 74.22 -16.37 -45.82
C CYS E 108 75.25 -15.28 -45.59
N LYS E 109 74.96 -14.07 -46.06
CA LYS E 109 75.92 -12.97 -45.98
C LYS E 109 75.50 -11.89 -45.00
N TYR E 110 74.36 -12.02 -44.33
CA TYR E 110 73.89 -10.95 -43.47
C TYR E 110 73.25 -11.51 -42.21
N PRO E 111 73.39 -10.80 -41.08
CA PRO E 111 72.95 -11.33 -39.79
C PRO E 111 71.48 -11.76 -39.69
N VAL E 112 71.25 -13.05 -39.46
CA VAL E 112 69.92 -13.61 -39.28
C VAL E 112 69.97 -14.56 -38.09
N VAL E 113 69.00 -14.44 -37.18
CA VAL E 113 68.93 -15.29 -35.99
C VAL E 113 67.50 -15.77 -35.77
N SER E 114 67.37 -16.84 -34.99
CA SER E 114 66.10 -17.41 -34.61
C SER E 114 65.96 -17.45 -33.09
N LEU E 115 64.72 -17.64 -32.63
CA LEU E 115 64.41 -17.70 -31.21
C LEU E 115 64.56 -19.13 -30.68
N GLY E 116 65.15 -19.24 -29.50
CA GLY E 116 65.39 -20.55 -28.91
C GLY E 116 64.12 -21.28 -28.53
N HIS E 117 63.24 -20.62 -27.78
CA HIS E 117 62.10 -21.27 -27.14
C HIS E 117 60.78 -20.91 -27.81
N GLY E 118 60.80 -20.80 -29.15
CA GLY E 118 59.57 -20.55 -29.86
C GLY E 118 59.06 -19.13 -29.67
N ALA E 119 57.75 -18.97 -29.78
CA ALA E 119 57.11 -17.68 -29.63
C ALA E 119 56.67 -17.37 -28.20
N SER E 120 56.64 -18.39 -27.33
CA SER E 120 56.18 -18.17 -25.96
C SER E 120 57.18 -17.34 -25.16
N ALA E 121 58.44 -17.77 -25.13
CA ALA E 121 59.48 -17.08 -24.39
C ALA E 121 60.11 -15.96 -25.20
N ALA E 122 59.43 -15.53 -26.26
CA ALA E 122 59.91 -14.42 -27.09
C ALA E 122 60.32 -13.23 -26.24
N LYS E 123 59.50 -12.86 -25.26
CA LYS E 123 59.86 -11.76 -24.37
C LYS E 123 61.12 -12.09 -23.58
N LYS E 124 61.19 -13.29 -23.01
CA LYS E 124 62.34 -13.66 -22.19
C LYS E 124 63.61 -13.80 -23.03
N THR E 125 63.51 -14.46 -24.19
CA THR E 125 64.68 -14.66 -25.03
C THR E 125 65.25 -13.34 -25.52
N CYS E 126 64.39 -12.43 -25.98
CA CYS E 126 64.85 -11.12 -26.45
C CYS E 126 65.40 -10.30 -25.30
N ALA E 127 64.76 -10.39 -24.13
CA ALA E 127 65.29 -9.71 -22.95
C ALA E 127 66.65 -10.26 -22.57
N ALA E 128 66.82 -11.59 -22.67
CA ALA E 128 68.11 -12.21 -22.36
C ALA E 128 69.17 -11.77 -23.35
N ASN E 129 68.77 -11.40 -24.56
CA ASN E 129 69.71 -10.91 -25.56
C ASN E 129 69.41 -9.47 -25.93
N TYR E 130 69.49 -8.58 -24.96
CA TYR E 130 69.36 -7.16 -25.21
C TYR E 130 70.73 -6.59 -25.46
N GLU E 131 71.70 -7.02 -24.66
CA GLU E 131 73.10 -6.66 -24.83
C GLU E 131 73.61 -7.06 -26.21
N TYR E 132 73.26 -8.29 -26.65
CA TYR E 132 73.73 -8.78 -27.94
C TYR E 132 73.06 -8.02 -29.08
N PHE E 133 71.74 -7.89 -29.03
CA PHE E 133 71.00 -7.22 -30.08
C PHE E 133 71.33 -5.73 -30.15
N ASP E 134 71.95 -5.19 -29.10
CA ASP E 134 72.29 -3.77 -29.06
C ASP E 134 73.57 -3.48 -29.83
N GLN E 135 74.18 -4.49 -30.45
CA GLN E 135 75.34 -4.28 -31.29
C GLN E 135 74.92 -3.87 -32.70
N PHE E 136 73.65 -4.04 -33.04
CA PHE E 136 73.14 -3.74 -34.37
C PHE E 136 72.32 -2.46 -34.33
N GLU E 137 72.22 -1.82 -35.51
CA GLU E 137 71.41 -0.61 -35.63
C GLU E 137 69.92 -0.92 -35.76
N GLN E 138 69.57 -2.09 -36.31
CA GLN E 138 68.17 -2.47 -36.50
C GLN E 138 68.00 -3.94 -36.14
N ILE E 139 66.79 -4.29 -35.69
CA ILE E 139 66.44 -5.64 -35.26
C ILE E 139 65.14 -6.01 -35.98
N ILE E 140 65.22 -6.85 -37.00
CA ILE E 140 64.08 -7.17 -37.86
C ILE E 140 63.29 -8.32 -37.24
N LEU E 141 62.19 -7.99 -36.56
CA LEU E 141 61.30 -9.00 -35.97
C LEU E 141 60.43 -9.60 -37.08
N MET E 142 60.88 -10.72 -37.63
CA MET E 142 60.14 -11.45 -38.65
C MET E 142 59.55 -12.72 -38.05
N PHE E 143 58.50 -12.54 -37.24
CA PHE E 143 57.84 -13.66 -36.58
C PHE E 143 56.78 -14.25 -37.50
N ASP E 144 56.02 -15.22 -36.98
CA ASP E 144 54.89 -15.77 -37.70
C ASP E 144 53.79 -14.70 -37.83
N MET E 145 52.87 -14.94 -38.75
CA MET E 145 51.85 -13.97 -39.11
C MET E 145 50.45 -14.40 -38.65
N ASP E 146 50.36 -15.03 -37.48
CA ASP E 146 49.08 -15.49 -36.95
C ASP E 146 48.71 -14.73 -35.67
N GLU E 147 47.65 -15.18 -35.02
CA GLU E 147 47.23 -14.60 -33.74
C GLU E 147 48.36 -14.67 -32.72
N ALA E 148 48.91 -15.87 -32.51
CA ALA E 148 50.04 -16.03 -31.58
C ALA E 148 51.28 -15.28 -32.06
N GLY E 149 51.51 -15.26 -33.37
CA GLY E 149 52.69 -14.57 -33.91
C GLY E 149 52.69 -13.09 -33.59
N ARG E 150 51.54 -12.42 -33.75
CA ARG E 150 51.47 -10.99 -33.47
C ARG E 150 51.62 -10.71 -31.99
N LYS E 151 51.21 -11.64 -31.14
CA LYS E 151 51.44 -11.49 -29.70
C LYS E 151 52.93 -11.64 -29.39
N ALA E 152 53.61 -12.56 -30.07
CA ALA E 152 55.06 -12.72 -29.89
C ALA E 152 55.80 -11.46 -30.31
N VAL E 153 55.38 -10.84 -31.41
CA VAL E 153 55.94 -9.55 -31.81
C VAL E 153 55.74 -8.53 -30.71
N GLU E 154 54.54 -8.50 -30.13
CA GLU E 154 54.23 -7.57 -29.06
C GLU E 154 55.09 -7.79 -27.83
N GLU E 155 55.23 -9.05 -27.39
CA GLU E 155 55.96 -9.31 -26.16
C GLU E 155 57.48 -9.26 -26.34
N ALA E 156 57.96 -9.37 -27.58
CA ALA E 156 59.39 -9.24 -27.83
C ALA E 156 59.77 -7.77 -27.85
N ALA E 157 59.11 -7.00 -28.71
CA ALA E 157 59.38 -5.58 -28.90
C ALA E 157 59.35 -4.78 -27.61
N GLN E 158 58.68 -5.26 -26.56
CA GLN E 158 58.66 -4.51 -25.30
C GLN E 158 60.02 -4.52 -24.64
N VAL E 159 60.75 -5.63 -24.75
CA VAL E 159 62.01 -5.80 -24.05
C VAL E 159 63.14 -5.75 -25.07
N LEU E 160 62.98 -4.90 -26.08
CA LEU E 160 63.97 -4.68 -27.11
C LEU E 160 64.34 -3.21 -27.16
N PRO E 161 65.54 -2.87 -27.64
CA PRO E 161 65.95 -1.46 -27.70
C PRO E 161 64.98 -0.58 -28.48
N ALA E 162 64.45 0.47 -27.83
CA ALA E 162 63.46 1.36 -28.44
C ALA E 162 64.16 2.25 -29.46
N GLY E 163 63.99 1.92 -30.75
CA GLY E 163 64.63 2.66 -31.82
C GLY E 163 65.37 1.74 -32.75
N LYS E 164 65.25 0.44 -32.48
CA LYS E 164 65.92 -0.60 -33.25
C LYS E 164 64.97 -1.72 -33.63
N VAL E 165 63.67 -1.56 -33.39
CA VAL E 165 62.68 -2.62 -33.62
C VAL E 165 62.46 -2.82 -35.12
N ARG E 166 61.18 -2.86 -35.54
CA ARG E 166 60.64 -3.10 -36.89
C ARG E 166 59.93 -4.44 -36.94
N VAL E 167 58.76 -4.47 -37.58
CA VAL E 167 57.92 -5.66 -37.68
C VAL E 167 57.83 -6.09 -39.13
N ALA E 168 57.91 -7.40 -39.37
CA ALA E 168 57.77 -7.98 -40.71
C ALA E 168 56.37 -8.56 -40.88
N VAL E 169 55.70 -8.21 -41.97
CA VAL E 169 54.33 -8.65 -42.26
C VAL E 169 54.37 -9.41 -43.59
N LEU E 170 54.13 -10.72 -43.54
CA LEU E 170 54.24 -11.56 -44.72
C LEU E 170 52.88 -11.97 -45.25
N PRO E 171 52.75 -12.15 -46.57
CA PRO E 171 51.47 -12.57 -47.14
C PRO E 171 51.09 -14.00 -46.82
N CYS E 172 51.95 -14.75 -46.17
CA CYS E 172 51.69 -16.16 -45.87
C CYS E 172 51.89 -16.39 -44.38
N LYS E 173 52.08 -17.66 -44.00
CA LYS E 173 52.20 -18.03 -42.60
C LYS E 173 53.49 -17.47 -42.00
N ASP E 174 54.64 -17.88 -42.52
CA ASP E 174 55.93 -17.45 -41.99
C ASP E 174 56.85 -17.14 -43.17
N ALA E 175 58.15 -17.08 -42.89
CA ALA E 175 59.13 -16.79 -43.93
C ALA E 175 59.24 -17.93 -44.93
N ASN E 176 59.28 -19.17 -44.43
CA ASN E 176 59.39 -20.33 -45.31
C ASN E 176 58.14 -20.54 -46.14
N GLU E 177 56.96 -20.25 -45.56
CA GLU E 177 55.72 -20.42 -46.29
C GLU E 177 55.65 -19.48 -47.50
N CYS E 178 56.24 -18.29 -47.36
CA CYS E 178 56.32 -17.36 -48.49
C CYS E 178 57.24 -17.91 -49.56
N HIS E 179 58.45 -18.33 -49.17
CA HIS E 179 59.43 -18.86 -50.10
C HIS E 179 58.84 -19.97 -50.96
N LEU E 180 58.24 -20.98 -50.31
CA LEU E 180 57.54 -22.07 -51.01
C LEU E 180 56.14 -21.64 -51.41
N ASN E 181 56.05 -20.90 -52.50
CA ASN E 181 54.77 -20.39 -53.02
C ASN E 181 55.01 -19.46 -54.20
N GLY E 182 56.06 -18.64 -54.09
CA GLY E 182 56.21 -17.55 -55.02
C GLY E 182 56.96 -16.41 -54.36
N HIS E 183 56.53 -16.06 -53.15
CA HIS E 183 56.87 -14.78 -52.53
C HIS E 183 58.26 -14.81 -51.89
N ASP E 184 59.27 -14.87 -52.75
CA ASP E 184 60.58 -14.36 -52.39
C ASP E 184 60.62 -12.87 -52.65
N ARG E 185 59.63 -12.38 -53.40
CA ARG E 185 59.49 -10.98 -53.81
C ARG E 185 58.94 -10.13 -52.67
N GLU E 186 58.37 -10.78 -51.65
CA GLU E 186 57.85 -10.09 -50.48
C GLU E 186 58.78 -10.11 -49.26
N ILE E 187 59.74 -11.04 -49.19
CA ILE E 187 60.51 -11.24 -47.95
C ILE E 187 61.62 -10.19 -47.75
N MET E 188 62.64 -10.19 -48.62
CA MET E 188 63.84 -9.40 -48.35
C MET E 188 63.55 -7.91 -48.32
N GLU E 189 62.68 -7.47 -49.21
CA GLU E 189 62.22 -6.09 -49.35
C GLU E 189 61.58 -5.58 -48.07
N GLN E 190 60.86 -6.45 -47.36
CA GLN E 190 60.14 -6.14 -46.14
C GLN E 190 61.08 -6.04 -44.95
N VAL E 191 62.37 -6.28 -45.16
CA VAL E 191 63.37 -6.06 -44.13
C VAL E 191 63.59 -4.56 -43.99
N TRP E 192 63.30 -3.81 -45.05
CA TRP E 192 63.42 -2.35 -45.07
C TRP E 192 62.02 -1.76 -44.92
N ASN E 193 61.63 -1.47 -43.66
CA ASN E 193 60.34 -0.86 -43.33
C ASN E 193 60.24 -0.32 -41.89
N ALA E 194 60.89 0.81 -41.62
CA ALA E 194 60.61 1.69 -40.47
C ALA E 194 60.83 0.95 -39.15
N GLY E 195 59.83 0.85 -38.27
CA GLY E 195 60.02 0.46 -36.89
C GLY E 195 58.72 0.11 -36.16
N PRO E 196 57.85 1.11 -35.93
CA PRO E 196 56.62 0.96 -35.14
C PRO E 196 55.80 -0.32 -35.45
N TRP E 197 55.51 -1.22 -34.51
CA TRP E 197 55.89 -1.25 -33.07
C TRP E 197 55.18 -0.20 -32.19
N ILE E 198 54.31 -0.66 -31.28
CA ILE E 198 54.01 -2.09 -31.18
C ILE E 198 52.53 -2.35 -31.54
N PRO E 199 51.55 -2.37 -30.58
CA PRO E 199 50.20 -2.79 -30.99
C PRO E 199 49.29 -1.60 -31.20
N ASP E 200 48.06 -1.89 -31.60
CA ASP E 200 46.97 -0.91 -31.61
C ASP E 200 47.34 0.37 -32.34
N GLY E 201 48.45 0.34 -33.09
CA GLY E 201 49.00 1.55 -33.66
C GLY E 201 50.14 2.13 -32.84
N VAL E 202 49.94 3.34 -32.32
CA VAL E 202 48.67 4.06 -32.43
C VAL E 202 48.50 4.78 -33.78
N VAL E 203 49.51 4.65 -34.63
CA VAL E 203 49.56 5.23 -35.98
C VAL E 203 49.49 6.75 -35.91
N SER E 204 50.63 7.41 -36.07
CA SER E 204 50.72 8.86 -35.99
C SER E 204 49.99 9.53 -37.15
N ALA E 205 48.70 9.25 -37.29
CA ALA E 205 47.81 9.91 -38.25
C ALA E 205 48.30 9.77 -39.69
N LEU E 206 49.54 10.20 -39.95
CA LEU E 206 50.08 10.20 -41.31
C LEU E 206 49.90 8.86 -42.01
N SER E 207 50.09 7.76 -41.28
CA SER E 207 49.96 6.42 -41.83
C SER E 207 48.54 5.88 -41.71
N LEU E 208 47.55 6.76 -41.57
CA LEU E 208 46.14 6.39 -41.64
C LEU E 208 45.48 6.89 -42.91
N ARG E 209 46.25 7.52 -43.80
CA ARG E 209 45.71 8.15 -45.01
C ARG E 209 44.75 7.24 -45.75
N GLU E 210 45.19 6.01 -46.05
CA GLU E 210 44.44 5.13 -46.93
C GLU E 210 43.16 4.64 -46.27
N ARG E 211 43.20 4.34 -44.97
CA ARG E 211 41.99 3.87 -44.30
C ARG E 211 40.95 4.99 -44.20
N ILE E 212 41.41 6.24 -44.05
CA ILE E 212 40.49 7.37 -44.04
C ILE E 212 39.87 7.54 -45.42
N ARG E 213 40.69 7.49 -46.46
CA ARG E 213 40.20 7.49 -47.84
C ARG E 213 39.17 6.38 -48.04
N GLU E 214 39.49 5.17 -47.59
CA GLU E 214 38.58 4.04 -47.75
C GLU E 214 37.28 4.25 -46.97
N HIS E 215 37.37 4.81 -45.77
CA HIS E 215 36.19 5.01 -44.94
C HIS E 215 35.24 6.01 -45.59
N LEU E 216 35.73 7.22 -45.85
CA LEU E 216 34.92 8.29 -46.41
C LEU E 216 34.26 7.91 -47.73
N SER E 217 34.93 7.09 -48.54
CA SER E 217 34.36 6.74 -49.84
C SER E 217 33.20 5.75 -49.70
N SER E 218 33.30 4.83 -48.75
CA SER E 218 32.31 3.78 -48.57
C SER E 218 31.33 4.07 -47.45
N GLU E 219 31.54 5.16 -46.71
CA GLU E 219 30.66 5.48 -45.59
C GLU E 219 29.33 6.02 -46.10
N GLU E 220 28.26 5.71 -45.36
CA GLU E 220 26.94 6.18 -45.73
C GLU E 220 26.64 7.53 -45.07
N SER E 221 25.53 8.13 -45.50
CA SER E 221 25.18 9.47 -45.05
C SER E 221 23.67 9.70 -45.10
N VAL E 222 23.12 9.92 -46.30
CA VAL E 222 21.67 10.07 -46.48
C VAL E 222 21.05 8.71 -46.74
N GLY E 223 21.14 7.80 -45.77
CA GLY E 223 20.49 6.52 -45.90
C GLY E 223 19.09 6.51 -45.31
N LEU E 224 18.08 6.31 -46.16
CA LEU E 224 16.68 6.19 -45.75
C LEU E 224 16.16 7.43 -45.05
N LEU E 225 15.45 8.28 -45.80
CA LEU E 225 14.96 9.55 -45.28
C LEU E 225 13.56 9.40 -44.71
N PHE E 226 13.29 10.13 -43.63
CA PHE E 226 11.94 10.15 -43.07
C PHE E 226 11.00 10.88 -44.03
N SER E 227 9.79 10.35 -44.18
CA SER E 227 8.76 10.98 -44.96
C SER E 227 7.72 11.62 -44.04
N GLY E 228 6.64 12.11 -44.62
CA GLY E 228 5.62 12.85 -43.90
C GLY E 228 5.97 14.32 -43.69
N CYS E 229 7.26 14.64 -43.63
CA CYS E 229 7.73 16.02 -43.48
C CYS E 229 9.24 16.07 -43.61
N THR E 230 9.76 17.01 -44.40
CA THR E 230 11.19 17.27 -44.43
C THR E 230 11.57 18.10 -43.21
N GLY E 231 12.80 18.58 -43.16
CA GLY E 231 13.32 19.24 -41.98
C GLY E 231 13.80 18.22 -40.97
N ILE E 232 13.03 17.14 -40.81
CA ILE E 232 13.51 16.00 -40.05
C ILE E 232 14.72 15.41 -40.76
N ASN E 233 14.63 15.31 -42.08
CA ASN E 233 15.78 14.90 -42.89
C ASN E 233 16.86 15.97 -42.83
N ASP E 234 16.47 17.23 -42.68
CA ASP E 234 17.45 18.31 -42.60
C ASP E 234 18.27 18.22 -41.32
N LYS E 235 17.70 17.63 -40.26
CA LYS E 235 18.36 17.56 -38.96
C LYS E 235 18.89 16.18 -38.63
N THR E 236 18.49 15.15 -39.35
CA THR E 236 18.93 13.78 -39.10
C THR E 236 19.60 13.16 -40.31
N LEU E 237 19.32 13.66 -41.51
CA LEU E 237 19.82 13.09 -42.76
C LEU E 237 19.39 11.63 -42.90
N GLY E 238 18.25 11.29 -42.31
CA GLY E 238 17.69 9.97 -42.41
C GLY E 238 18.02 9.09 -41.22
N ALA E 239 17.87 7.79 -41.43
CA ALA E 239 18.10 6.78 -40.41
C ALA E 239 19.09 5.76 -40.95
N ARG E 240 20.26 5.69 -40.32
CA ARG E 240 21.33 4.83 -40.78
C ARG E 240 21.14 3.41 -40.26
N GLY E 241 21.76 2.45 -40.95
CA GLY E 241 21.78 1.08 -40.50
C GLY E 241 22.78 0.89 -39.37
N GLY E 242 22.33 0.34 -38.25
CA GLY E 242 23.13 0.23 -37.05
C GLY E 242 22.77 1.23 -35.97
N GLU E 243 22.06 2.30 -36.33
CA GLU E 243 21.55 3.27 -35.37
C GLU E 243 20.24 2.79 -34.76
N VAL E 244 19.72 3.56 -33.81
CA VAL E 244 18.46 3.25 -33.14
C VAL E 244 17.62 4.52 -33.10
N ILE E 245 16.54 4.55 -33.88
CA ILE E 245 15.62 5.68 -33.92
C ILE E 245 14.64 5.55 -32.76
N MET E 246 14.48 6.63 -31.98
CA MET E 246 13.60 6.67 -30.82
C MET E 246 12.43 7.61 -31.11
N VAL E 247 11.21 7.06 -31.23
CA VAL E 247 10.01 7.83 -31.51
C VAL E 247 9.06 7.81 -30.31
N THR E 248 8.56 8.97 -29.92
CA THR E 248 7.71 9.08 -28.74
C THR E 248 6.80 10.30 -28.84
N SER E 249 5.72 10.27 -28.05
CA SER E 249 4.76 11.36 -27.90
C SER E 249 3.83 10.99 -26.74
N GLY E 250 2.83 11.83 -26.50
CA GLY E 250 1.84 11.55 -25.47
C GLY E 250 0.93 10.39 -25.86
N SER E 251 0.00 10.08 -24.97
CA SER E 251 -0.91 8.95 -25.15
C SER E 251 -1.88 9.27 -26.28
N GLY E 252 -1.75 8.57 -27.40
CA GLY E 252 -2.63 8.79 -28.54
C GLY E 252 -2.43 10.13 -29.20
N MET E 253 -1.18 10.41 -29.57
CA MET E 253 -0.84 11.68 -30.21
C MET E 253 -0.09 11.47 -31.52
N GLY E 254 -0.01 10.25 -32.02
CA GLY E 254 0.59 9.95 -33.29
C GLY E 254 1.88 9.16 -33.27
N LYS E 255 2.20 8.49 -32.15
CA LYS E 255 3.38 7.62 -32.15
C LYS E 255 3.21 6.49 -33.13
N SER E 256 2.08 5.77 -33.03
CA SER E 256 1.85 4.63 -33.91
C SER E 256 1.66 5.07 -35.36
N THR E 257 0.92 6.16 -35.57
CA THR E 257 0.62 6.59 -36.94
C THR E 257 1.86 7.06 -37.67
N PHE E 258 2.71 7.84 -37.00
CA PHE E 258 3.93 8.35 -37.62
C PHE E 258 4.84 7.22 -38.05
N VAL E 259 5.18 6.33 -37.12
CA VAL E 259 6.09 5.23 -37.43
C VAL E 259 5.49 4.33 -38.50
N ARG E 260 4.17 4.16 -38.48
CA ARG E 260 3.51 3.30 -39.45
C ARG E 260 3.63 3.88 -40.85
N GLN E 261 3.64 5.21 -40.97
CA GLN E 261 3.83 5.84 -42.27
C GLN E 261 5.23 5.59 -42.80
N GLN E 262 6.23 5.70 -41.92
CA GLN E 262 7.61 5.44 -42.33
C GLN E 262 7.79 3.99 -42.76
N ALA E 263 7.24 3.04 -42.00
CA ALA E 263 7.33 1.64 -42.38
C ALA E 263 6.69 1.39 -43.74
N LEU E 264 5.50 1.97 -43.94
CA LEU E 264 4.82 1.86 -45.23
C LEU E 264 5.65 2.50 -46.35
N GLN E 265 5.98 3.78 -46.19
CA GLN E 265 6.69 4.53 -47.22
C GLN E 265 7.98 3.82 -47.63
N TRP E 266 8.79 3.43 -46.65
CA TRP E 266 10.05 2.74 -46.94
C TRP E 266 9.82 1.43 -47.68
N GLY E 267 8.76 0.71 -47.34
CA GLY E 267 8.51 -0.56 -47.98
C GLY E 267 7.81 -0.49 -49.31
N THR E 268 7.49 0.73 -49.78
CA THR E 268 6.82 0.93 -51.05
C THR E 268 7.68 1.76 -51.98
N ALA E 269 7.86 3.05 -51.70
CA ALA E 269 8.62 3.93 -52.59
C ALA E 269 10.08 3.52 -52.67
N MET E 270 10.72 3.34 -51.52
CA MET E 270 12.11 2.91 -51.49
C MET E 270 12.17 1.45 -51.07
N GLY E 271 11.54 0.56 -51.85
CA GLY E 271 11.38 -0.86 -51.58
C GLY E 271 12.34 -1.55 -50.63
N LYS E 272 12.32 -1.15 -49.36
CA LYS E 272 13.08 -1.81 -48.31
C LYS E 272 12.19 -2.81 -47.57
N LYS E 273 12.80 -3.90 -47.12
CA LYS E 273 12.11 -4.92 -46.32
C LYS E 273 12.01 -4.41 -44.89
N VAL E 274 10.81 -3.97 -44.50
CA VAL E 274 10.55 -3.39 -43.18
C VAL E 274 9.96 -4.45 -42.26
N GLY E 275 10.52 -4.58 -41.07
CA GLY E 275 10.00 -5.49 -40.06
C GLY E 275 9.24 -4.74 -38.98
N LEU E 276 8.06 -5.25 -38.63
CA LEU E 276 7.17 -4.65 -37.65
C LEU E 276 7.04 -5.56 -36.43
N ALA E 277 6.97 -4.95 -35.25
CA ALA E 277 6.78 -5.69 -33.98
C ALA E 277 5.66 -4.99 -33.21
N MET E 278 4.44 -5.20 -33.67
CA MET E 278 3.25 -4.59 -33.07
C MET E 278 2.81 -5.48 -31.92
N LEU E 279 3.39 -5.25 -30.75
CA LEU E 279 3.03 -6.06 -29.59
C LEU E 279 1.72 -5.62 -28.97
N GLU E 280 1.04 -4.62 -29.54
CA GLU E 280 -0.24 -4.16 -29.04
C GLU E 280 -1.36 -4.21 -30.08
N GLU E 281 -1.09 -4.78 -31.27
CA GLU E 281 -2.13 -5.02 -32.25
C GLU E 281 -1.75 -6.26 -33.03
N SER E 282 -2.74 -7.07 -33.39
CA SER E 282 -2.51 -8.28 -34.16
C SER E 282 -2.25 -7.93 -35.61
N VAL E 283 -1.62 -8.87 -36.32
CA VAL E 283 -1.09 -8.59 -37.66
C VAL E 283 -2.19 -8.20 -38.62
N GLU E 284 -3.41 -8.70 -38.42
CA GLU E 284 -4.49 -8.31 -39.30
C GLU E 284 -4.89 -6.86 -39.08
N GLU E 285 -4.77 -6.37 -37.85
CA GLU E 285 -5.13 -4.98 -37.56
C GLU E 285 -4.06 -4.01 -38.06
N THR E 286 -2.78 -4.32 -37.86
CA THR E 286 -1.74 -3.43 -38.36
C THR E 286 -1.72 -3.42 -39.88
N ALA E 287 -1.94 -4.59 -40.50
CA ALA E 287 -2.06 -4.62 -41.96
C ALA E 287 -3.24 -3.79 -42.41
N GLU E 288 -4.37 -3.90 -41.68
CA GLU E 288 -5.54 -3.08 -41.96
C GLU E 288 -5.17 -1.60 -42.02
N ASP E 289 -4.39 -1.13 -41.04
CA ASP E 289 -3.93 0.26 -41.07
C ASP E 289 -3.08 0.51 -42.30
N LEU E 290 -2.09 -0.35 -42.53
CA LEU E 290 -1.21 -0.20 -43.68
C LEU E 290 -1.99 -0.20 -44.99
N ILE E 291 -2.94 -1.13 -45.12
CA ILE E 291 -3.73 -1.21 -46.34
C ILE E 291 -4.52 0.07 -46.54
N GLY E 292 -5.26 0.49 -45.51
CA GLY E 292 -5.99 1.75 -45.60
C GLY E 292 -5.07 2.93 -45.81
N LEU E 293 -3.96 2.97 -45.08
CA LEU E 293 -3.03 4.07 -45.21
C LEU E 293 -2.47 4.15 -46.62
N HIS E 294 -2.16 2.99 -47.22
CA HIS E 294 -1.64 2.97 -48.58
C HIS E 294 -2.62 3.57 -49.59
N ASN E 295 -3.91 3.22 -49.46
CA ASN E 295 -4.92 3.68 -50.40
C ASN E 295 -5.60 4.98 -49.96
N ARG E 296 -4.92 5.79 -49.15
CA ARG E 296 -5.37 7.14 -48.79
C ARG E 296 -6.75 7.13 -48.13
N VAL E 297 -7.02 6.13 -47.30
CA VAL E 297 -8.33 5.98 -46.66
C VAL E 297 -8.15 5.47 -45.23
N ARG E 298 -9.23 5.56 -44.46
CA ARG E 298 -9.28 5.11 -43.07
C ARG E 298 -10.20 3.89 -43.01
N LEU E 299 -9.65 2.73 -43.39
CA LEU E 299 -10.43 1.51 -43.45
C LEU E 299 -10.93 1.09 -42.07
N ARG E 300 -10.23 1.51 -41.01
CA ARG E 300 -10.65 1.18 -39.65
C ARG E 300 -12.00 1.80 -39.32
N GLN E 301 -12.06 3.13 -39.39
CA GLN E 301 -13.21 3.89 -38.91
C GLN E 301 -14.48 3.63 -39.70
N SER E 302 -14.41 2.85 -40.77
CA SER E 302 -15.55 2.59 -41.64
C SER E 302 -15.76 1.09 -41.76
N ASP E 303 -16.81 0.59 -41.13
CA ASP E 303 -17.31 -0.75 -41.40
C ASP E 303 -17.96 -0.81 -42.78
N SER E 304 -18.46 0.33 -43.27
CA SER E 304 -19.06 0.40 -44.60
C SER E 304 -18.01 0.25 -45.68
N LEU E 305 -16.87 0.95 -45.53
CA LEU E 305 -15.80 0.82 -46.50
C LEU E 305 -15.28 -0.60 -46.53
N LYS E 306 -15.31 -1.27 -45.38
CA LYS E 306 -14.95 -2.69 -45.34
C LYS E 306 -15.89 -3.48 -46.25
N ARG E 307 -17.20 -3.27 -46.10
CA ARG E 307 -18.18 -3.98 -46.90
C ARG E 307 -17.97 -3.75 -48.39
N GLU E 308 -17.57 -2.53 -48.77
CA GLU E 308 -17.31 -2.17 -50.15
C GLU E 308 -16.24 -3.06 -50.78
N ILE E 309 -15.00 -2.93 -50.28
CA ILE E 309 -13.86 -3.62 -50.87
C ILE E 309 -13.99 -5.14 -50.82
N ILE E 310 -14.89 -5.65 -49.99
CA ILE E 310 -15.08 -7.10 -49.87
C ILE E 310 -15.89 -7.64 -51.03
N GLU E 311 -17.05 -7.02 -51.26
CA GLU E 311 -18.03 -7.52 -52.23
C GLU E 311 -17.64 -7.20 -53.66
N ASN E 312 -17.24 -5.94 -53.91
CA ASN E 312 -16.92 -5.54 -55.27
C ASN E 312 -15.57 -6.07 -55.75
N GLY E 313 -14.80 -6.71 -54.87
CA GLY E 313 -13.50 -7.24 -55.26
C GLY E 313 -12.37 -6.24 -55.26
N LYS E 314 -12.56 -5.06 -54.67
CA LYS E 314 -11.49 -4.07 -54.58
C LYS E 314 -10.38 -4.52 -53.65
N PHE E 315 -10.65 -5.48 -52.76
CA PHE E 315 -9.67 -5.90 -51.75
C PHE E 315 -8.43 -6.49 -52.38
N ASP E 316 -8.59 -7.56 -53.17
CA ASP E 316 -7.45 -8.21 -53.79
C ASP E 316 -6.62 -7.23 -54.61
N GLN E 317 -7.28 -6.23 -55.20
CA GLN E 317 -6.59 -5.22 -56.00
C GLN E 317 -5.60 -4.42 -55.17
N TRP E 318 -6.07 -3.77 -54.10
CA TRP E 318 -5.18 -2.96 -53.26
C TRP E 318 -4.11 -3.82 -52.62
N PHE E 319 -4.50 -5.00 -52.14
CA PHE E 319 -3.61 -5.88 -51.41
C PHE E 319 -2.41 -6.30 -52.25
N ASP E 320 -2.67 -6.82 -53.46
CA ASP E 320 -1.57 -7.24 -54.33
C ASP E 320 -0.66 -6.06 -54.65
N GLU E 321 -1.24 -4.87 -54.82
CA GLU E 321 -0.45 -3.68 -55.06
C GLU E 321 0.53 -3.36 -53.93
N LEU E 322 0.16 -3.67 -52.70
CA LEU E 322 0.98 -3.25 -51.57
C LEU E 322 1.94 -4.35 -51.14
N PHE E 323 1.42 -5.37 -50.46
CA PHE E 323 2.26 -6.41 -49.89
C PHE E 323 2.78 -7.38 -50.94
N GLY E 324 2.35 -7.24 -52.20
CA GLY E 324 2.79 -8.16 -53.24
C GLY E 324 4.29 -8.20 -53.44
N ASN E 325 4.98 -7.11 -53.12
CA ASN E 325 6.42 -7.02 -53.32
C ASN E 325 7.22 -7.57 -52.15
N ASP E 326 6.57 -8.26 -51.22
CA ASP E 326 7.25 -8.98 -50.14
C ASP E 326 8.14 -8.06 -49.33
N THR E 327 7.61 -6.88 -49.00
CA THR E 327 8.39 -5.86 -48.32
C THR E 327 7.98 -5.62 -46.88
N PHE E 328 6.82 -6.13 -46.44
CA PHE E 328 6.31 -5.86 -45.11
C PHE E 328 6.32 -7.12 -44.25
N HIS E 329 6.83 -6.96 -43.03
CA HIS E 329 7.01 -8.04 -42.07
C HIS E 329 6.53 -7.55 -40.70
N LEU E 330 5.88 -8.42 -39.95
CA LEU E 330 5.17 -8.06 -38.72
C LEU E 330 5.50 -9.04 -37.59
N TYR E 331 4.92 -8.80 -36.42
CA TYR E 331 4.98 -9.71 -35.28
C TYR E 331 3.57 -10.16 -34.90
N ASP E 332 3.39 -11.46 -34.69
CA ASP E 332 2.09 -12.01 -34.29
C ASP E 332 2.29 -13.07 -33.22
N SER E 333 1.83 -12.77 -32.02
CA SER E 333 1.73 -13.75 -30.94
C SER E 333 0.81 -13.18 -29.89
N PHE E 334 1.12 -11.96 -29.45
CA PHE E 334 0.34 -11.26 -28.44
C PHE E 334 0.22 -12.09 -27.17
N ALA E 335 1.18 -12.98 -26.96
CA ALA E 335 1.18 -13.89 -25.81
C ALA E 335 2.32 -13.58 -24.86
N GLU E 336 2.53 -12.28 -24.58
CA GLU E 336 3.60 -11.81 -23.72
C GLU E 336 4.96 -12.30 -24.20
N ALA E 337 5.55 -11.59 -25.15
CA ALA E 337 6.88 -11.93 -25.64
C ALA E 337 7.91 -11.70 -24.53
N GLU E 338 8.63 -12.76 -24.14
CA GLU E 338 9.71 -12.62 -23.19
C GLU E 338 10.89 -11.90 -23.83
N THR E 339 11.84 -11.46 -23.01
CA THR E 339 12.95 -10.63 -23.49
C THR E 339 13.78 -11.34 -24.55
N ASP E 340 14.33 -12.52 -24.23
CA ASP E 340 15.03 -13.28 -25.25
C ASP E 340 14.08 -14.16 -26.03
N ARG E 341 12.82 -13.75 -26.12
CA ARG E 341 11.82 -14.36 -26.99
C ARG E 341 11.33 -13.33 -28.00
N LEU E 342 12.07 -12.24 -28.14
CA LEU E 342 11.85 -11.23 -29.17
C LEU E 342 13.12 -11.01 -29.98
N LEU E 343 14.25 -10.77 -29.31
CA LEU E 343 15.52 -10.58 -30.00
C LEU E 343 15.85 -11.76 -30.91
N ALA E 344 15.51 -12.98 -30.47
CA ALA E 344 15.68 -14.14 -31.35
C ALA E 344 14.84 -13.98 -32.61
N LYS E 345 13.58 -13.59 -32.45
CA LYS E 345 12.68 -13.39 -33.58
C LYS E 345 13.05 -12.13 -34.37
N LEU E 346 13.46 -11.06 -33.69
CA LEU E 346 13.88 -9.85 -34.37
C LEU E 346 15.07 -10.12 -35.29
N ALA E 347 15.98 -10.99 -34.87
CA ALA E 347 17.13 -11.32 -35.69
C ALA E 347 16.73 -12.11 -36.93
N TYR E 348 15.72 -12.97 -36.80
CA TYR E 348 15.26 -13.78 -37.93
C TYR E 348 14.83 -12.91 -39.09
N MET E 349 14.26 -11.75 -38.81
CA MET E 349 13.89 -10.80 -39.86
C MET E 349 15.15 -10.28 -40.56
N ARG E 350 15.94 -9.50 -39.82
CA ARG E 350 17.23 -9.00 -40.31
C ARG E 350 18.11 -10.09 -40.92
N SER E 351 18.23 -11.24 -40.26
CA SER E 351 19.22 -12.22 -40.70
C SER E 351 18.66 -13.24 -41.70
N GLY E 352 17.61 -13.97 -41.31
CA GLY E 352 17.11 -15.03 -42.17
C GLY E 352 16.45 -14.53 -43.44
N LEU E 353 15.42 -13.72 -43.32
CA LEU E 353 14.74 -13.17 -44.48
C LEU E 353 15.38 -11.89 -44.99
N GLY E 354 16.21 -11.26 -44.16
CA GLY E 354 16.92 -10.07 -44.57
C GLY E 354 16.04 -8.84 -44.69
N CYS E 355 15.69 -8.25 -43.56
CA CYS E 355 14.92 -7.03 -43.53
C CYS E 355 15.83 -5.85 -43.25
N ASP E 356 15.57 -4.73 -43.91
CA ASP E 356 16.41 -3.56 -43.75
C ASP E 356 15.99 -2.68 -42.58
N VAL E 357 14.73 -2.79 -42.15
CA VAL E 357 14.17 -1.93 -41.10
C VAL E 357 13.39 -2.81 -40.13
N ILE E 358 13.62 -2.62 -38.83
CA ILE E 358 12.88 -3.31 -37.77
C ILE E 358 12.12 -2.26 -36.96
N ILE E 359 10.82 -2.49 -36.76
CA ILE E 359 9.94 -1.59 -36.03
C ILE E 359 9.42 -2.31 -34.80
N LEU E 360 9.71 -1.78 -33.61
CA LEU E 360 9.26 -2.33 -32.35
C LEU E 360 8.28 -1.36 -31.70
N ASP E 361 6.99 -1.68 -31.78
CA ASP E 361 5.98 -0.82 -31.19
C ASP E 361 5.88 -1.06 -29.69
N HIS E 362 5.94 0.04 -28.94
CA HIS E 362 5.84 0.04 -27.48
C HIS E 362 6.92 -0.83 -26.85
N ILE E 363 7.78 -0.22 -26.05
CA ILE E 363 8.91 -0.92 -25.46
C ILE E 363 8.73 -1.11 -23.97
N SER E 364 7.78 -0.40 -23.37
CA SER E 364 7.34 -0.64 -22.00
C SER E 364 6.47 -1.90 -21.87
N ILE E 365 6.46 -2.76 -22.87
CA ILE E 365 5.86 -4.09 -22.75
C ILE E 365 6.93 -5.06 -22.26
N VAL E 366 7.71 -4.63 -21.28
CA VAL E 366 8.61 -5.55 -20.59
C VAL E 366 7.79 -6.54 -19.77
N VAL E 367 7.08 -6.04 -18.74
CA VAL E 367 6.32 -6.84 -17.78
C VAL E 367 7.21 -7.99 -17.32
N SER E 368 8.49 -7.69 -17.12
CA SER E 368 9.54 -8.68 -16.93
C SER E 368 10.36 -8.30 -15.69
N ALA E 369 11.11 -9.25 -15.11
CA ALA E 369 11.12 -10.64 -15.54
C ALA E 369 10.68 -11.53 -14.40
N SER E 370 9.75 -11.01 -13.59
CA SER E 370 9.22 -11.70 -12.42
C SER E 370 10.33 -12.13 -11.47
N GLY E 371 10.85 -11.19 -10.67
CA GLY E 371 11.90 -11.47 -9.72
C GLY E 371 12.69 -10.24 -9.31
N GLU E 372 13.01 -9.39 -10.29
CA GLU E 372 13.83 -8.21 -10.07
C GLU E 372 12.96 -6.99 -9.80
N SER E 373 13.30 -6.24 -8.74
CA SER E 373 12.49 -5.11 -8.32
C SER E 373 12.67 -3.92 -9.26
N ASP E 374 11.55 -3.23 -9.53
CA ASP E 374 11.48 -2.09 -10.45
C ASP E 374 11.86 -2.48 -11.87
N GLU E 375 10.91 -2.37 -12.79
CA GLU E 375 11.19 -2.64 -14.19
C GLU E 375 12.01 -1.53 -14.86
N ARG E 376 12.56 -0.62 -14.06
CA ARG E 376 13.43 0.44 -14.57
C ARG E 376 14.72 -0.11 -15.17
N LYS E 377 15.13 -1.31 -14.79
CA LYS E 377 16.33 -1.92 -15.37
C LYS E 377 15.99 -2.72 -16.62
N MET E 378 14.83 -3.37 -16.63
CA MET E 378 14.41 -4.16 -17.79
C MET E 378 14.42 -3.32 -19.06
N ILE E 379 13.87 -2.11 -18.99
CA ILE E 379 13.92 -1.21 -20.13
C ILE E 379 15.36 -0.85 -20.47
N ASP E 380 16.20 -0.67 -19.45
CA ASP E 380 17.61 -0.39 -19.67
C ASP E 380 18.33 -1.62 -20.23
N ASN E 381 18.12 -2.77 -19.58
CA ASN E 381 18.75 -4.01 -20.02
C ASN E 381 18.34 -4.34 -21.46
N LEU E 382 17.06 -4.14 -21.78
CA LEU E 382 16.58 -4.42 -23.12
C LEU E 382 17.22 -3.47 -24.14
N MET E 383 17.28 -2.19 -23.82
CA MET E 383 17.86 -1.20 -24.73
C MET E 383 19.30 -1.53 -25.09
N THR E 384 20.08 -2.01 -24.12
CA THR E 384 21.46 -2.35 -24.40
C THR E 384 21.56 -3.50 -25.40
N LYS E 385 20.77 -4.55 -25.19
CA LYS E 385 20.76 -5.68 -26.11
C LYS E 385 20.21 -5.29 -27.47
N LEU E 386 19.21 -4.39 -27.50
CA LEU E 386 18.67 -3.91 -28.77
C LEU E 386 19.71 -3.12 -29.55
N LYS E 387 20.49 -2.29 -28.87
CA LYS E 387 21.53 -1.51 -29.54
C LYS E 387 22.60 -2.42 -30.12
N GLY E 388 23.01 -3.44 -29.36
CA GLY E 388 23.97 -4.42 -29.83
C GLY E 388 23.49 -5.08 -31.10
N PHE E 389 22.30 -5.70 -31.03
CA PHE E 389 21.69 -6.30 -32.20
C PHE E 389 21.63 -5.32 -33.36
N ALA E 390 21.27 -4.07 -33.09
CA ALA E 390 21.13 -3.07 -34.15
C ALA E 390 22.44 -2.83 -34.88
N LYS E 391 23.54 -2.67 -34.13
CA LYS E 391 24.82 -2.29 -34.72
C LYS E 391 25.57 -3.46 -35.36
N SER E 392 25.57 -4.63 -34.71
CA SER E 392 26.36 -5.76 -35.20
C SER E 392 25.87 -6.32 -36.52
N THR E 393 24.64 -6.02 -36.93
CA THR E 393 24.12 -6.48 -38.20
C THR E 393 23.95 -5.35 -39.21
N GLY E 394 23.81 -4.11 -38.75
CA GLY E 394 23.66 -2.98 -39.65
C GLY E 394 22.24 -2.74 -40.08
N VAL E 395 21.27 -2.97 -39.20
CA VAL E 395 19.86 -2.80 -39.51
C VAL E 395 19.39 -1.47 -38.96
N VAL E 396 18.40 -0.88 -39.63
CA VAL E 396 17.73 0.32 -39.14
C VAL E 396 16.70 -0.11 -38.10
N LEU E 397 16.84 0.38 -36.86
CA LEU E 397 16.01 -0.02 -35.74
C LEU E 397 15.23 1.19 -35.19
N VAL E 398 13.91 1.20 -35.42
CA VAL E 398 13.02 2.24 -34.92
C VAL E 398 12.15 1.67 -33.80
N VAL E 399 12.23 2.28 -32.60
CA VAL E 399 11.55 1.81 -31.40
C VAL E 399 10.68 2.93 -30.84
N ILE E 400 9.50 2.56 -30.34
CA ILE E 400 8.55 3.49 -29.71
C ILE E 400 8.50 3.22 -28.21
N CYS E 401 8.66 4.28 -27.41
CA CYS E 401 8.47 4.20 -25.98
C CYS E 401 7.32 5.13 -25.60
N HIS E 402 7.12 5.34 -24.30
CA HIS E 402 6.09 6.27 -23.85
C HIS E 402 6.68 7.30 -22.90
N LEU E 403 5.82 8.06 -22.23
CA LEU E 403 6.27 9.19 -21.42
C LEU E 403 5.69 9.07 -20.03
N LYS E 404 6.52 9.34 -19.03
CA LYS E 404 6.04 9.47 -17.66
C LYS E 404 5.05 10.63 -17.60
N ASN E 405 3.84 10.36 -17.14
CA ASN E 405 2.85 11.42 -17.06
C ASN E 405 3.23 12.38 -15.95
N PRO E 406 3.48 13.66 -16.25
CA PRO E 406 4.19 14.53 -15.31
C PRO E 406 3.43 14.85 -14.04
N ASP E 407 2.15 15.21 -14.16
CA ASP E 407 1.37 15.76 -13.04
C ASP E 407 2.07 16.98 -12.42
N LYS E 408 2.79 17.74 -13.27
CA LYS E 408 3.54 18.92 -12.85
C LYS E 408 3.33 20.01 -13.91
N GLY E 409 2.09 20.47 -14.03
CA GLY E 409 1.68 21.41 -15.05
C GLY E 409 0.73 20.77 -16.04
N LYS E 410 0.39 21.54 -17.08
CA LYS E 410 -0.50 21.06 -18.13
C LYS E 410 0.19 19.94 -18.89
N ALA E 411 -0.35 18.73 -18.78
CA ALA E 411 0.34 17.51 -19.16
C ALA E 411 0.12 17.16 -20.63
N HIS E 412 1.23 16.88 -21.33
CA HIS E 412 1.32 16.28 -22.67
C HIS E 412 0.11 16.46 -23.58
N GLU E 413 -1.07 16.02 -23.14
CA GLU E 413 -2.27 16.08 -23.95
C GLU E 413 -2.91 17.47 -23.98
N GLU E 414 -2.23 18.48 -23.43
CA GLU E 414 -2.69 19.87 -23.42
C GLU E 414 -1.55 20.80 -23.81
N GLY E 415 -0.72 20.36 -24.76
CA GLY E 415 0.46 21.10 -25.16
C GLY E 415 1.72 20.50 -24.53
N ARG E 416 2.50 21.34 -23.85
CA ARG E 416 3.67 20.98 -23.06
C ARG E 416 4.78 20.33 -23.88
N PRO E 417 5.95 20.96 -23.95
CA PRO E 417 7.08 20.35 -24.66
C PRO E 417 7.63 19.15 -23.89
N VAL E 418 7.85 18.05 -24.61
CA VAL E 418 8.39 16.84 -24.00
C VAL E 418 9.92 16.94 -23.99
N SER E 419 10.51 16.72 -22.82
CA SER E 419 11.96 16.75 -22.66
C SER E 419 12.53 15.35 -22.74
N ILE E 420 13.87 15.26 -22.64
CA ILE E 420 14.52 13.96 -22.56
C ILE E 420 14.28 13.31 -21.19
N THR E 421 14.03 14.13 -20.15
CA THR E 421 13.73 13.59 -18.84
C THR E 421 12.35 12.96 -18.78
N ASP E 422 11.40 13.50 -19.53
CA ASP E 422 10.04 12.97 -19.54
C ASP E 422 9.98 11.58 -20.17
N LEU E 423 11.09 11.08 -20.69
CA LEU E 423 11.12 9.78 -21.35
C LEU E 423 10.99 8.66 -20.33
N ARG E 424 10.13 7.70 -20.64
CA ARG E 424 10.00 6.48 -19.84
C ARG E 424 11.35 5.77 -19.74
N GLY E 425 11.49 4.96 -18.70
CA GLY E 425 12.74 4.28 -18.44
C GLY E 425 13.80 5.22 -17.89
N SER E 426 14.55 4.76 -16.88
CA SER E 426 15.57 5.57 -16.23
C SER E 426 16.64 6.00 -17.24
N GLY E 427 16.25 6.89 -18.14
CA GLY E 427 16.99 7.27 -19.34
C GLY E 427 18.26 6.53 -19.69
N ALA E 428 18.12 5.24 -20.01
CA ALA E 428 19.17 4.51 -20.69
C ALA E 428 18.94 4.55 -22.19
N LEU E 429 17.67 4.63 -22.57
CA LEU E 429 17.26 4.76 -23.96
C LEU E 429 17.69 6.11 -24.53
N ARG E 430 17.93 7.09 -23.67
CA ARG E 430 18.44 8.38 -24.10
C ARG E 430 19.93 8.33 -24.41
N GLN E 431 20.58 7.21 -24.10
CA GLN E 431 22.00 7.01 -24.29
C GLN E 431 22.29 6.03 -25.42
N LEU E 432 21.64 4.85 -25.38
CA LEU E 432 21.86 3.84 -26.41
C LEU E 432 21.32 4.28 -27.76
N SER E 433 20.19 5.00 -27.77
CA SER E 433 19.61 5.43 -29.03
C SER E 433 20.43 6.54 -29.65
N ASP E 434 20.42 6.59 -30.98
CA ASP E 434 21.17 7.61 -31.71
C ASP E 434 20.32 8.84 -32.05
N THR E 435 19.05 8.65 -32.41
CA THR E 435 18.17 9.74 -32.80
C THR E 435 16.85 9.62 -32.06
N ILE E 436 16.31 10.75 -31.60
CA ILE E 436 15.08 10.81 -30.81
C ILE E 436 14.09 11.76 -31.44
N ILE E 437 13.00 11.23 -32.00
CA ILE E 437 11.92 12.00 -32.60
C ILE E 437 10.78 12.14 -31.59
N ALA E 438 10.24 13.35 -31.45
CA ALA E 438 9.16 13.63 -30.51
C ALA E 438 8.03 14.40 -31.19
N LEU E 439 6.79 14.00 -30.92
CA LEU E 439 5.59 14.64 -31.45
C LEU E 439 4.82 15.31 -30.33
N GLU E 440 4.38 16.55 -30.56
CA GLU E 440 3.61 17.32 -29.58
C GLU E 440 2.39 17.91 -30.25
N ARG E 441 1.23 17.79 -29.60
CA ARG E 441 -0.01 18.29 -30.17
C ARG E 441 -1.01 18.57 -29.06
N ASN E 442 -1.82 19.61 -29.27
CA ASN E 442 -2.90 19.97 -28.34
C ASN E 442 -4.21 19.45 -28.93
N GLN E 443 -4.62 18.26 -28.51
CA GLN E 443 -5.88 17.66 -28.93
C GLN E 443 -7.08 18.32 -28.24
N GLN E 444 -6.86 19.39 -27.49
CA GLN E 444 -7.91 20.20 -26.88
C GLN E 444 -7.71 21.68 -27.22
N GLY E 445 -7.16 21.95 -28.40
CA GLY E 445 -6.92 23.31 -28.83
C GLY E 445 -7.54 23.64 -30.18
N ASP E 446 -7.12 24.75 -30.78
CA ASP E 446 -7.71 25.17 -32.05
C ASP E 446 -7.25 24.30 -33.21
N MET E 447 -6.07 23.68 -33.10
CA MET E 447 -5.47 22.89 -34.18
C MET E 447 -5.06 21.53 -33.62
N PRO E 448 -6.03 20.64 -33.38
CA PRO E 448 -5.68 19.32 -32.83
C PRO E 448 -4.94 18.46 -33.84
N ASN E 449 -5.28 18.58 -35.12
CA ASN E 449 -4.59 17.85 -36.17
C ASN E 449 -3.18 18.35 -36.42
N LEU E 450 -2.83 19.53 -35.89
CA LEU E 450 -1.49 20.08 -36.02
C LEU E 450 -0.56 19.43 -35.01
N VAL E 451 0.54 18.84 -35.50
CA VAL E 451 1.50 18.14 -34.65
C VAL E 451 2.90 18.69 -34.93
N LEU E 452 3.63 19.00 -33.86
CA LEU E 452 4.99 19.53 -33.94
C LEU E 452 6.00 18.40 -33.76
N VAL E 453 7.01 18.38 -34.62
CA VAL E 453 8.08 17.39 -34.57
C VAL E 453 9.30 18.02 -33.91
N ARG E 454 9.83 17.37 -32.87
CA ARG E 454 10.96 17.89 -32.14
C ARG E 454 12.05 16.83 -32.04
N ILE E 455 13.25 17.17 -32.51
CA ILE E 455 14.40 16.29 -32.40
C ILE E 455 15.04 16.54 -31.03
N LEU E 456 15.05 15.52 -30.20
CA LEU E 456 15.64 15.62 -28.87
C LEU E 456 17.09 15.18 -28.85
N LYS E 457 17.52 14.43 -29.86
CA LYS E 457 18.88 13.90 -29.94
C LYS E 457 19.12 13.39 -31.35
N CYS E 458 20.37 13.53 -31.81
CA CYS E 458 20.77 12.96 -33.10
C CYS E 458 22.30 12.80 -33.06
N ARG E 459 22.75 11.61 -32.64
CA ARG E 459 24.17 11.34 -32.52
C ARG E 459 24.92 11.65 -33.80
N PHE E 460 24.31 11.39 -34.94
CA PHE E 460 24.95 11.60 -36.24
C PHE E 460 25.21 13.08 -36.49
N THR E 461 24.14 13.86 -36.63
CA THR E 461 24.30 15.27 -36.93
C THR E 461 24.61 16.08 -35.67
N GLY E 462 23.91 15.81 -34.57
CA GLY E 462 23.97 16.64 -33.39
C GLY E 462 23.10 17.87 -33.45
N ASP E 463 22.39 18.10 -34.56
CA ASP E 463 21.51 19.25 -34.74
C ASP E 463 20.13 18.90 -34.17
N THR E 464 19.80 19.50 -33.04
CA THR E 464 18.54 19.25 -32.34
C THR E 464 17.63 20.47 -32.49
N GLY E 465 16.46 20.39 -31.88
CA GLY E 465 15.50 21.47 -31.93
C GLY E 465 14.24 21.08 -32.69
N ILE E 466 13.48 22.10 -33.08
CA ILE E 466 12.22 21.90 -33.78
C ILE E 466 12.48 21.74 -35.28
N ALA E 467 12.00 20.62 -35.84
CA ALA E 467 12.16 20.33 -37.25
C ALA E 467 11.15 21.09 -38.11
N GLY E 468 9.91 20.60 -38.14
CA GLY E 468 8.86 21.22 -38.92
C GLY E 468 7.47 21.00 -38.34
N TYR E 469 6.43 21.11 -39.17
CA TYR E 469 5.07 20.91 -38.73
C TYR E 469 4.35 19.94 -39.64
N MET E 470 3.18 19.47 -39.19
CA MET E 470 2.39 18.46 -39.89
C MET E 470 0.93 18.62 -39.51
N GLU E 471 0.05 18.01 -40.31
CA GLU E 471 -1.39 18.04 -40.11
C GLU E 471 -1.95 16.64 -40.28
N TYR E 472 -2.75 16.20 -39.32
CA TYR E 472 -3.39 14.88 -39.40
C TYR E 472 -4.60 14.97 -40.33
N ASN E 473 -4.46 14.38 -41.50
CA ASN E 473 -5.55 14.34 -42.48
C ASN E 473 -6.51 13.23 -42.07
N LYS E 474 -7.57 13.60 -41.36
CA LYS E 474 -8.53 12.60 -40.87
C LYS E 474 -9.07 11.74 -42.00
N GLU E 475 -9.09 12.27 -43.23
CA GLU E 475 -9.54 11.49 -44.38
C GLU E 475 -8.58 10.35 -44.71
N THR E 476 -7.36 10.71 -45.11
CA THR E 476 -6.38 9.70 -45.50
C THR E 476 -5.73 9.03 -44.30
N GLY E 477 -5.85 9.60 -43.10
CA GLY E 477 -5.13 9.07 -41.97
C GLY E 477 -3.62 9.27 -42.03
N TRP E 478 -3.16 10.14 -42.94
CA TRP E 478 -1.75 10.44 -43.11
C TRP E 478 -1.34 11.64 -42.27
N LEU E 479 -0.03 11.86 -42.19
CA LEU E 479 0.54 12.99 -41.46
C LEU E 479 1.12 13.95 -42.48
N GLU E 480 0.24 14.71 -43.11
CA GLU E 480 0.70 15.62 -44.16
C GLU E 480 1.40 16.82 -43.53
N PRO E 481 2.49 17.29 -44.13
CA PRO E 481 3.28 18.37 -43.52
C PRO E 481 2.59 19.72 -43.64
N SER E 482 2.74 20.54 -42.60
CA SER E 482 2.04 21.81 -42.51
C SER E 482 2.95 22.99 -42.83
N SER E 483 2.35 24.04 -43.39
CA SER E 483 3.07 25.24 -43.78
C SER E 483 3.18 26.18 -42.59
N TYR E 484 4.41 26.56 -42.26
CA TYR E 484 4.66 27.53 -41.20
C TYR E 484 6.05 28.13 -41.42
N SER E 485 6.21 29.39 -41.02
CA SER E 485 7.47 30.10 -41.16
C SER E 485 8.59 29.42 -40.38
N MET F 1 34.50 -40.80 -9.43
CA MET F 1 33.19 -41.39 -9.17
C MET F 1 32.54 -41.85 -10.46
N THR F 2 33.02 -41.31 -11.59
CA THR F 2 32.54 -41.77 -12.89
C THR F 2 33.09 -43.15 -13.20
N TYR F 3 32.30 -43.94 -13.92
CA TYR F 3 32.68 -45.30 -14.25
C TYR F 3 33.83 -45.33 -15.24
N ASN F 4 34.51 -46.49 -15.29
CA ASN F 4 35.58 -46.72 -16.24
C ASN F 4 35.01 -47.18 -17.57
N VAL F 5 35.65 -46.75 -18.66
CA VAL F 5 35.15 -47.06 -20.01
C VAL F 5 35.19 -48.56 -20.24
N TRP F 6 34.05 -49.15 -20.61
CA TRP F 6 33.98 -50.58 -20.86
C TRP F 6 34.83 -50.95 -22.07
N ASN F 7 35.63 -52.01 -21.92
CA ASN F 7 36.42 -52.54 -23.03
C ASN F 7 35.57 -53.54 -23.81
N PHE F 8 35.66 -53.45 -25.14
CA PHE F 8 34.86 -54.31 -26.01
C PHE F 8 35.16 -55.79 -25.76
N GLY F 9 36.40 -56.19 -26.00
CA GLY F 9 36.78 -57.59 -25.81
C GLY F 9 36.78 -58.07 -24.38
N GLU F 10 36.72 -57.15 -23.41
CA GLU F 10 36.66 -57.54 -22.00
C GLU F 10 35.24 -57.67 -21.47
N SER F 11 34.24 -57.18 -22.20
CA SER F 11 32.86 -57.50 -21.84
C SER F 11 32.19 -58.29 -22.96
N ASN F 12 32.74 -59.46 -23.27
CA ASN F 12 32.16 -60.40 -24.24
C ASN F 12 31.63 -59.70 -25.50
N GLY F 13 32.25 -58.59 -25.90
CA GLY F 13 31.74 -57.69 -26.93
C GLY F 13 31.34 -58.28 -28.28
N ARG F 14 30.22 -57.79 -28.81
CA ARG F 14 29.75 -58.20 -30.12
C ARG F 14 29.04 -57.06 -30.83
N TYR F 15 29.18 -57.00 -32.16
CA TYR F 15 28.45 -56.09 -33.05
C TYR F 15 27.27 -56.85 -33.66
N SER F 16 26.10 -56.74 -33.05
CA SER F 16 24.92 -57.45 -33.54
C SER F 16 23.88 -56.47 -34.09
N ALA F 17 22.79 -57.03 -34.60
CA ALA F 17 21.73 -56.27 -35.23
C ALA F 17 20.58 -56.06 -34.27
N LEU F 18 19.99 -54.86 -34.31
CA LEU F 18 18.84 -54.52 -33.49
C LEU F 18 17.56 -54.91 -34.24
N THR F 19 17.21 -56.19 -34.16
CA THR F 19 16.05 -56.70 -34.88
C THR F 19 14.77 -56.00 -34.46
N ALA F 20 14.66 -55.60 -33.20
CA ALA F 20 13.47 -54.94 -32.69
C ALA F 20 13.53 -53.42 -32.84
N ARG F 21 14.59 -52.90 -33.45
CA ARG F 21 14.70 -51.48 -33.74
C ARG F 21 14.84 -51.19 -35.23
N GLY F 22 15.07 -52.21 -36.05
CA GLY F 22 15.26 -51.99 -37.47
C GLY F 22 16.67 -51.61 -37.88
N ILE F 23 17.68 -52.05 -37.15
CA ILE F 23 19.06 -51.72 -37.45
C ILE F 23 19.85 -53.02 -37.61
N SER F 24 20.56 -53.13 -38.72
CA SER F 24 21.35 -54.30 -39.06
C SER F 24 22.72 -54.25 -38.40
N LYS F 25 23.46 -55.36 -38.52
CA LYS F 25 24.80 -55.45 -37.95
C LYS F 25 25.76 -54.46 -38.61
N GLU F 26 25.73 -54.36 -39.93
CA GLU F 26 26.65 -53.49 -40.66
C GLU F 26 26.63 -52.07 -40.13
N THR F 27 25.46 -51.58 -39.75
CA THR F 27 25.33 -50.21 -39.27
C THR F 27 25.96 -50.02 -37.89
N CYS F 28 25.66 -50.93 -36.97
CA CYS F 28 26.22 -50.84 -35.62
C CYS F 28 27.74 -50.78 -35.65
N GLN F 29 28.35 -51.51 -36.58
CA GLN F 29 29.81 -51.53 -36.67
C GLN F 29 30.35 -50.16 -37.05
N LYS F 30 29.62 -49.43 -37.89
CA LYS F 30 30.11 -48.15 -38.40
C LYS F 30 29.85 -47.02 -37.41
N ALA F 31 28.75 -47.08 -36.66
CA ALA F 31 28.47 -46.03 -35.69
C ALA F 31 29.21 -46.23 -34.39
N GLY F 32 29.63 -47.46 -34.09
CA GLY F 32 30.32 -47.77 -32.85
C GLY F 32 29.34 -48.10 -31.74
N TYR F 33 28.34 -48.92 -32.05
CA TYR F 33 27.28 -49.29 -31.12
C TYR F 33 27.31 -50.80 -30.94
N TRP F 34 27.70 -51.27 -29.75
CA TRP F 34 27.94 -52.69 -29.52
C TRP F 34 27.21 -53.17 -28.27
N ILE F 35 27.24 -54.49 -28.08
CA ILE F 35 26.53 -55.16 -26.99
C ILE F 35 27.53 -55.88 -26.09
N ALA F 36 27.41 -55.64 -24.79
CA ALA F 36 28.23 -56.24 -23.74
C ALA F 36 27.35 -57.18 -22.93
N LYS F 37 27.92 -58.30 -22.47
CA LYS F 37 27.12 -59.28 -21.76
C LYS F 37 27.42 -59.31 -20.26
N VAL F 38 27.85 -60.46 -19.76
CA VAL F 38 28.17 -60.73 -18.36
C VAL F 38 26.91 -60.75 -17.49
N ASP F 39 26.73 -61.85 -16.75
CA ASP F 39 25.69 -61.99 -15.72
C ASP F 39 24.28 -61.91 -16.31
N GLY F 40 24.07 -62.56 -17.44
CA GLY F 40 22.74 -62.68 -18.01
C GLY F 40 22.13 -61.40 -18.52
N VAL F 41 22.93 -60.35 -18.73
CA VAL F 41 22.43 -59.07 -19.24
C VAL F 41 23.15 -58.77 -20.55
N MET F 42 22.45 -58.11 -21.47
CA MET F 42 23.02 -57.59 -22.72
C MET F 42 22.86 -56.07 -22.70
N TYR F 43 23.94 -55.35 -22.45
CA TYR F 43 23.89 -53.90 -22.42
C TYR F 43 24.24 -53.35 -23.79
N GLN F 44 23.64 -52.22 -24.15
CA GLN F 44 23.88 -51.55 -25.41
C GLN F 44 24.75 -50.31 -25.18
N VAL F 45 25.91 -50.27 -25.85
CA VAL F 45 26.93 -49.25 -25.61
C VAL F 45 27.07 -48.34 -26.82
N ALA F 46 27.08 -47.03 -26.57
CA ALA F 46 27.28 -46.00 -27.60
C ALA F 46 28.66 -45.38 -27.38
N ASP F 47 29.61 -45.72 -28.26
CA ASP F 47 30.99 -45.25 -28.17
C ASP F 47 31.09 -43.80 -28.65
N TYR F 48 31.38 -42.88 -27.73
CA TYR F 48 31.60 -41.47 -28.05
C TYR F 48 33.10 -41.20 -28.23
N ARG F 49 33.59 -41.45 -29.44
CA ARG F 49 35.01 -41.28 -29.73
C ARG F 49 35.34 -39.83 -30.09
N ASP F 50 36.62 -39.49 -29.97
CA ASP F 50 37.10 -38.15 -30.33
C ASP F 50 37.60 -38.17 -31.78
N GLN F 51 38.37 -37.16 -32.18
CA GLN F 51 38.85 -37.06 -33.55
C GLN F 51 39.91 -38.11 -33.90
N ASN F 52 40.47 -38.81 -32.91
CA ASN F 52 41.55 -39.76 -33.14
C ASN F 52 41.09 -41.21 -33.01
N GLY F 53 39.79 -41.47 -32.89
CA GLY F 53 39.27 -42.80 -32.66
C GLY F 53 39.22 -43.22 -31.21
N ASN F 54 40.04 -42.59 -30.34
CA ASN F 54 40.11 -42.94 -28.93
C ASN F 54 38.76 -42.69 -28.24
N ILE F 55 38.19 -43.76 -27.67
CA ILE F 55 36.93 -43.65 -26.93
C ILE F 55 37.11 -42.74 -25.72
N VAL F 56 36.26 -41.72 -25.63
CA VAL F 56 36.28 -40.79 -24.50
C VAL F 56 35.19 -41.15 -23.48
N SER F 57 33.96 -41.34 -23.95
CA SER F 57 32.84 -41.67 -23.08
C SER F 57 31.93 -42.68 -23.75
N GLN F 58 31.01 -43.26 -22.97
CA GLN F 58 30.04 -44.23 -23.47
C GLN F 58 28.70 -44.04 -22.75
N LYS F 59 27.61 -44.27 -23.49
CA LYS F 59 26.25 -44.22 -22.96
C LYS F 59 25.63 -45.62 -23.06
N VAL F 60 25.43 -46.26 -21.90
CA VAL F 60 25.06 -47.67 -21.81
C VAL F 60 23.63 -47.81 -21.29
N ARG F 61 22.82 -48.60 -22.01
CA ARG F 61 21.46 -48.91 -21.57
C ARG F 61 21.19 -50.41 -21.72
N ASP F 62 20.18 -50.87 -20.97
CA ASP F 62 19.83 -52.29 -20.96
C ASP F 62 18.39 -52.54 -21.42
N LYS F 63 17.74 -53.54 -20.85
CA LYS F 63 16.41 -53.96 -21.31
C LYS F 63 15.34 -52.98 -20.85
N ASP F 64 15.39 -52.57 -19.59
CA ASP F 64 14.46 -51.59 -19.05
C ASP F 64 14.81 -50.17 -19.46
N LYS F 65 15.77 -50.00 -20.36
CA LYS F 65 16.22 -48.70 -20.85
C LYS F 65 16.64 -47.80 -19.69
N ASN F 66 17.53 -48.31 -18.85
CA ASN F 66 18.14 -47.52 -17.79
C ASN F 66 19.50 -47.06 -18.27
N PHE F 67 19.91 -45.88 -17.83
CA PHE F 67 21.09 -45.22 -18.39
C PHE F 67 22.27 -45.24 -17.43
N LYS F 68 23.45 -45.43 -17.99
CA LYS F 68 24.70 -45.49 -17.24
C LYS F 68 25.83 -44.95 -18.11
N THR F 69 26.53 -43.93 -17.63
CA THR F 69 27.55 -43.25 -18.43
C THR F 69 28.93 -43.60 -17.89
N THR F 70 29.88 -43.81 -18.81
CA THR F 70 31.27 -44.12 -18.46
C THR F 70 32.21 -43.11 -19.08
N GLY F 71 33.39 -42.97 -18.49
CA GLY F 71 34.39 -42.06 -19.01
C GLY F 71 34.07 -40.61 -18.74
N SER F 72 34.47 -39.74 -19.67
CA SER F 72 34.30 -38.29 -19.56
C SER F 72 33.26 -37.83 -20.58
N HIS F 73 31.99 -37.79 -20.15
CA HIS F 73 30.88 -37.38 -21.03
C HIS F 73 30.75 -35.86 -20.96
N LYS F 74 31.57 -35.18 -21.76
CA LYS F 74 31.64 -33.73 -21.73
C LYS F 74 30.42 -33.13 -22.41
N SER F 75 30.26 -31.81 -22.23
CA SER F 75 29.09 -31.11 -22.75
C SER F 75 28.97 -31.23 -24.26
N ASP F 76 30.10 -31.29 -24.97
CA ASP F 76 30.11 -31.43 -26.42
C ASP F 76 29.99 -32.88 -26.87
N ALA F 77 29.41 -33.74 -26.03
CA ALA F 77 29.24 -35.15 -26.39
C ALA F 77 28.35 -35.28 -27.62
N LEU F 78 28.90 -35.83 -28.69
CA LEU F 78 28.17 -36.01 -29.94
C LEU F 78 28.46 -37.41 -30.47
N PHE F 79 27.46 -38.29 -30.42
CA PHE F 79 27.62 -39.65 -30.91
C PHE F 79 27.73 -39.64 -32.43
N GLY F 80 28.89 -40.04 -32.94
CA GLY F 80 29.15 -40.05 -34.37
C GLY F 80 30.01 -38.89 -34.85
N LYS F 81 30.38 -37.98 -33.95
CA LYS F 81 31.19 -36.82 -34.29
C LYS F 81 32.51 -37.21 -34.98
N HIS F 82 33.08 -38.36 -34.60
CA HIS F 82 34.37 -38.79 -35.13
C HIS F 82 34.30 -39.29 -36.56
N LEU F 83 33.10 -39.42 -37.12
CA LEU F 83 32.92 -40.00 -38.44
C LEU F 83 32.95 -38.99 -39.57
N TRP F 84 32.74 -37.71 -39.29
CA TRP F 84 32.60 -36.70 -40.34
C TRP F 84 33.56 -35.55 -40.13
N ASN F 85 34.25 -35.16 -41.20
CA ASN F 85 35.14 -34.00 -41.19
C ASN F 85 34.57 -32.87 -42.04
N GLY F 86 33.28 -32.60 -41.89
CA GLY F 86 32.61 -31.58 -42.67
C GLY F 86 31.82 -32.18 -43.83
N GLY F 87 30.87 -31.41 -44.34
CA GLY F 87 30.05 -31.88 -45.44
C GLY F 87 28.94 -30.90 -45.77
N LYS F 88 28.05 -31.35 -46.64
CA LYS F 88 26.95 -30.52 -47.11
C LYS F 88 25.88 -30.35 -46.03
N LYS F 89 25.30 -31.45 -45.58
CA LYS F 89 24.24 -31.45 -44.58
C LYS F 89 24.59 -32.45 -43.48
N ILE F 90 24.08 -32.20 -42.27
CA ILE F 90 24.32 -33.08 -41.13
C ILE F 90 23.03 -33.26 -40.34
N VAL F 91 22.70 -34.51 -40.01
CA VAL F 91 21.49 -34.87 -39.26
C VAL F 91 21.83 -35.01 -37.79
N VAL F 92 21.11 -34.29 -36.94
CA VAL F 92 21.33 -34.31 -35.49
C VAL F 92 20.06 -34.85 -34.84
N THR F 93 20.06 -36.12 -34.46
CA THR F 93 18.90 -36.72 -33.80
C THR F 93 18.93 -36.41 -32.31
N GLU F 94 17.99 -36.99 -31.56
CA GLU F 94 17.93 -36.85 -30.12
C GLU F 94 18.61 -38.00 -29.39
N GLY F 95 18.09 -39.22 -29.56
CA GLY F 95 18.72 -40.40 -29.00
C GLY F 95 19.63 -41.10 -29.99
N GLU F 96 20.40 -42.04 -29.48
CA GLU F 96 21.31 -42.81 -30.34
C GLU F 96 20.54 -43.75 -31.26
N ILE F 97 19.39 -44.26 -30.80
CA ILE F 97 18.59 -45.16 -31.63
C ILE F 97 18.06 -44.42 -32.85
N ASP F 98 17.62 -43.17 -32.66
CA ASP F 98 17.26 -42.34 -33.79
C ASP F 98 18.49 -42.01 -34.62
N MET F 99 19.63 -41.82 -33.94
CA MET F 99 20.88 -41.59 -34.64
C MET F 99 21.28 -42.80 -35.45
N LEU F 100 20.83 -44.00 -35.04
CA LEU F 100 21.14 -45.24 -35.74
C LEU F 100 20.21 -45.48 -36.94
N THR F 101 19.10 -44.75 -37.03
CA THR F 101 18.12 -45.01 -38.09
C THR F 101 18.47 -44.35 -39.44
N VAL F 102 18.77 -43.05 -39.45
CA VAL F 102 18.78 -42.28 -40.69
C VAL F 102 19.84 -42.76 -41.69
N MET F 103 21.07 -42.95 -41.22
CA MET F 103 22.17 -43.32 -42.09
C MET F 103 22.02 -44.73 -42.65
N GLU F 104 21.31 -45.60 -41.92
CA GLU F 104 21.16 -46.99 -42.37
C GLU F 104 20.45 -47.08 -43.71
N LEU F 105 19.40 -46.28 -43.91
CA LEU F 105 18.73 -46.28 -45.20
C LEU F 105 19.65 -45.71 -46.25
N GLN F 106 20.59 -44.88 -45.80
CA GLN F 106 21.58 -44.17 -46.59
C GLN F 106 22.92 -44.90 -46.62
N ASP F 107 22.97 -46.13 -46.11
CA ASP F 107 24.18 -46.97 -46.07
C ASP F 107 25.33 -46.30 -45.29
N CYS F 108 24.99 -45.49 -44.30
CA CYS F 108 25.96 -44.86 -43.41
C CYS F 108 26.94 -43.97 -44.16
N LYS F 109 26.45 -43.23 -45.16
CA LYS F 109 27.35 -42.47 -46.01
C LYS F 109 27.31 -40.96 -45.83
N TYR F 110 26.29 -40.40 -45.18
CA TYR F 110 26.25 -38.95 -45.02
C TYR F 110 26.02 -38.57 -43.57
N PRO F 111 26.54 -37.40 -43.15
CA PRO F 111 26.60 -37.06 -41.71
C PRO F 111 25.34 -37.24 -40.86
N VAL F 112 25.42 -38.05 -39.81
CA VAL F 112 24.37 -38.18 -38.80
C VAL F 112 25.02 -38.27 -37.42
N VAL F 113 24.52 -37.47 -36.48
CA VAL F 113 25.04 -37.44 -35.10
C VAL F 113 23.89 -37.40 -34.10
N SER F 114 24.21 -37.72 -32.85
CA SER F 114 23.24 -37.70 -31.77
C SER F 114 23.69 -36.76 -30.66
N LEU F 115 22.74 -36.41 -29.78
CA LEU F 115 23.01 -35.55 -28.64
C LEU F 115 23.51 -36.37 -27.47
N GLY F 116 24.52 -35.86 -26.79
CA GLY F 116 25.11 -36.60 -25.69
C GLY F 116 24.18 -36.80 -24.52
N HIS F 117 23.27 -35.85 -24.28
CA HIS F 117 22.48 -35.85 -23.05
C HIS F 117 21.00 -35.65 -23.35
N GLY F 118 20.50 -36.29 -24.41
CA GLY F 118 19.08 -36.27 -24.66
C GLY F 118 18.55 -34.89 -25.05
N ALA F 119 17.24 -34.71 -24.83
CA ALA F 119 16.58 -33.47 -25.23
C ALA F 119 16.80 -32.34 -24.24
N SER F 120 17.08 -32.67 -22.98
CA SER F 120 17.24 -31.64 -21.96
C SER F 120 18.42 -30.72 -22.28
N ALA F 121 19.59 -31.29 -22.53
CA ALA F 121 20.80 -30.54 -22.80
C ALA F 121 20.95 -30.17 -24.26
N ALA F 122 19.86 -30.23 -25.04
CA ALA F 122 19.90 -29.83 -26.45
C ALA F 122 20.52 -28.45 -26.63
N LYS F 123 20.14 -27.49 -25.77
CA LYS F 123 20.65 -26.12 -25.86
C LYS F 123 22.16 -26.07 -25.62
N LYS F 124 22.63 -26.72 -24.55
CA LYS F 124 24.06 -26.66 -24.21
C LYS F 124 24.92 -27.43 -25.20
N THR F 125 24.51 -28.63 -25.59
CA THR F 125 25.31 -29.47 -26.48
C THR F 125 25.52 -28.80 -27.83
N CYS F 126 24.47 -28.21 -28.39
CA CYS F 126 24.59 -27.53 -29.67
C CYS F 126 25.45 -26.28 -29.55
N ALA F 127 25.30 -25.55 -28.44
CA ALA F 127 26.14 -24.38 -28.22
C ALA F 127 27.60 -24.78 -28.06
N ALA F 128 27.85 -25.87 -27.33
CA ALA F 128 29.21 -26.35 -27.16
C ALA F 128 29.81 -26.83 -28.47
N ASN F 129 28.95 -27.23 -29.42
CA ASN F 129 29.40 -27.67 -30.73
C ASN F 129 28.89 -26.71 -31.80
N TYR F 130 29.32 -25.45 -31.71
CA TYR F 130 29.00 -24.46 -32.72
C TYR F 130 30.10 -24.47 -33.77
N GLU F 131 31.35 -24.56 -33.30
CA GLU F 131 32.49 -24.69 -34.19
C GLU F 131 32.36 -25.90 -35.09
N TYR F 132 31.95 -27.03 -34.53
CA TYR F 132 31.83 -28.26 -35.30
C TYR F 132 30.65 -28.21 -36.27
N PHE F 133 29.48 -27.83 -35.79
CA PHE F 133 28.28 -27.84 -36.62
C PHE F 133 28.32 -26.81 -37.74
N ASP F 134 29.18 -25.79 -37.62
CA ASP F 134 29.26 -24.75 -38.64
C ASP F 134 30.15 -25.18 -39.81
N GLN F 135 30.69 -26.40 -39.76
CA GLN F 135 31.46 -26.97 -40.86
C GLN F 135 30.56 -27.57 -41.91
N PHE F 136 29.26 -27.34 -41.79
CA PHE F 136 28.26 -27.87 -42.70
C PHE F 136 27.38 -26.75 -43.20
N GLU F 137 26.82 -26.94 -44.39
CA GLU F 137 25.91 -25.93 -44.94
C GLU F 137 24.52 -26.02 -44.33
N GLN F 138 24.12 -27.20 -43.85
CA GLN F 138 22.81 -27.39 -43.23
C GLN F 138 22.92 -28.33 -42.04
N ILE F 139 22.01 -28.16 -41.08
CA ILE F 139 21.99 -28.92 -39.82
C ILE F 139 20.56 -29.45 -39.62
N ILE F 140 20.36 -30.74 -39.85
CA ILE F 140 19.04 -31.37 -39.84
C ILE F 140 18.70 -31.84 -38.42
N LEU F 141 17.93 -31.05 -37.67
CA LEU F 141 17.47 -31.41 -36.33
C LEU F 141 16.24 -32.31 -36.38
N MET F 142 16.44 -33.62 -36.30
CA MET F 142 15.33 -34.57 -36.22
C MET F 142 15.20 -35.11 -34.80
N PHE F 143 14.68 -34.25 -33.92
CA PHE F 143 14.42 -34.66 -32.54
C PHE F 143 13.11 -35.43 -32.48
N ASP F 144 12.64 -35.69 -31.26
CA ASP F 144 11.38 -36.40 -31.07
C ASP F 144 10.21 -35.55 -31.57
N MET F 145 9.06 -36.21 -31.72
CA MET F 145 7.87 -35.53 -32.22
C MET F 145 6.81 -35.42 -31.15
N ASP F 146 7.18 -34.95 -29.96
CA ASP F 146 6.26 -34.83 -28.84
C ASP F 146 6.31 -33.46 -28.18
N GLU F 147 5.72 -33.35 -27.00
CA GLU F 147 5.75 -32.10 -26.25
C GLU F 147 7.18 -31.70 -25.90
N ALA F 148 7.91 -32.60 -25.24
CA ALA F 148 9.30 -32.33 -24.88
C ALA F 148 10.20 -32.21 -26.12
N GLY F 149 9.98 -33.05 -27.12
CA GLY F 149 10.83 -33.04 -28.31
C GLY F 149 10.78 -31.72 -29.06
N ARG F 150 9.58 -31.17 -29.24
CA ARG F 150 9.45 -29.90 -29.94
C ARG F 150 10.05 -28.75 -29.13
N LYS F 151 10.10 -28.91 -27.80
CA LYS F 151 10.74 -27.91 -26.96
C LYS F 151 12.25 -27.88 -27.22
N ALA F 152 12.87 -29.06 -27.38
CA ALA F 152 14.29 -29.10 -27.73
C ALA F 152 14.53 -28.48 -29.09
N VAL F 153 13.64 -28.76 -30.05
CA VAL F 153 13.71 -28.14 -31.36
C VAL F 153 13.60 -26.62 -31.25
N GLU F 154 12.72 -26.15 -30.37
CA GLU F 154 12.45 -24.72 -30.23
C GLU F 154 13.71 -23.95 -29.86
N GLU F 155 14.46 -24.42 -28.86
CA GLU F 155 15.65 -23.69 -28.42
C GLU F 155 16.82 -23.86 -29.37
N ALA F 156 16.58 -24.28 -30.61
CA ALA F 156 17.64 -24.39 -31.60
C ALA F 156 18.01 -23.03 -32.17
N ALA F 157 17.02 -22.34 -32.77
CA ALA F 157 17.29 -21.03 -33.37
C ALA F 157 17.97 -20.09 -32.39
N GLN F 158 17.78 -20.33 -31.10
CA GLN F 158 18.37 -19.45 -30.10
C GLN F 158 19.88 -19.66 -30.00
N VAL F 159 20.33 -20.92 -30.00
CA VAL F 159 21.76 -21.19 -29.81
C VAL F 159 22.37 -22.02 -30.94
N LEU F 160 21.90 -21.87 -32.16
CA LEU F 160 22.48 -22.62 -33.27
C LEU F 160 22.91 -21.71 -34.40
N PRO F 161 23.82 -22.20 -35.29
CA PRO F 161 24.22 -21.42 -36.46
C PRO F 161 23.04 -20.92 -37.29
N ALA F 162 22.79 -19.61 -37.22
CA ALA F 162 21.59 -19.03 -37.81
C ALA F 162 21.60 -19.19 -39.32
N GLY F 163 20.59 -19.88 -39.85
CA GLY F 163 20.41 -20.06 -41.28
C GLY F 163 20.63 -21.46 -41.77
N LYS F 164 21.34 -22.29 -41.01
CA LYS F 164 21.63 -23.67 -41.40
C LYS F 164 20.84 -24.69 -40.61
N VAL F 165 20.01 -24.26 -39.67
CA VAL F 165 19.21 -25.16 -38.85
C VAL F 165 18.00 -25.65 -39.65
N ARG F 166 17.60 -26.89 -39.37
CA ARG F 166 16.52 -27.56 -40.09
C ARG F 166 15.70 -28.38 -39.11
N VAL F 167 14.38 -28.36 -39.27
CA VAL F 167 13.46 -29.06 -38.38
C VAL F 167 12.79 -30.20 -39.13
N ALA F 168 12.73 -31.36 -38.48
CA ALA F 168 12.07 -32.54 -39.03
C ALA F 168 10.69 -32.72 -38.41
N VAL F 169 9.71 -33.05 -39.26
CA VAL F 169 8.36 -33.36 -38.84
C VAL F 169 8.07 -34.80 -39.24
N LEU F 170 7.73 -35.63 -38.26
CA LEU F 170 7.56 -37.05 -38.51
C LEU F 170 6.15 -37.49 -38.17
N PRO F 171 5.62 -38.48 -38.88
CA PRO F 171 4.27 -38.97 -38.60
C PRO F 171 4.13 -39.84 -37.36
N CYS F 172 5.19 -39.97 -36.54
CA CYS F 172 5.13 -40.85 -35.39
C CYS F 172 5.75 -40.20 -34.15
N LYS F 173 6.42 -41.01 -33.33
CA LYS F 173 7.07 -40.52 -32.13
C LYS F 173 8.46 -39.97 -32.44
N ASP F 174 9.34 -40.82 -32.96
CA ASP F 174 10.68 -40.39 -33.33
C ASP F 174 11.02 -40.98 -34.69
N ALA F 175 12.32 -40.99 -35.02
CA ALA F 175 12.77 -41.53 -36.30
C ALA F 175 12.62 -43.04 -36.34
N ASN F 176 13.00 -43.73 -35.25
CA ASN F 176 12.91 -45.18 -35.23
C ASN F 176 11.45 -45.63 -35.22
N GLU F 177 10.58 -44.87 -34.54
CA GLU F 177 9.17 -45.21 -34.51
C GLU F 177 8.54 -45.16 -35.90
N CYS F 178 9.01 -44.23 -36.73
CA CYS F 178 8.57 -44.19 -38.12
C CYS F 178 9.08 -45.40 -38.88
N HIS F 179 10.39 -45.67 -38.76
CA HIS F 179 11.03 -46.77 -39.47
C HIS F 179 10.29 -48.09 -39.25
N LEU F 180 10.04 -48.45 -38.00
CA LEU F 180 9.24 -49.63 -37.68
C LEU F 180 7.76 -49.30 -37.74
N ASN F 181 7.23 -49.23 -38.97
CA ASN F 181 5.82 -48.91 -39.18
C ASN F 181 5.49 -48.84 -40.66
N GLY F 182 6.42 -48.34 -41.46
CA GLY F 182 6.11 -48.03 -42.84
C GLY F 182 7.00 -46.90 -43.33
N HIS F 183 6.99 -45.80 -42.58
CA HIS F 183 7.45 -44.50 -43.05
C HIS F 183 8.96 -44.38 -42.95
N ASP F 184 9.65 -45.06 -43.85
CA ASP F 184 11.02 -44.69 -44.16
C ASP F 184 11.05 -43.54 -45.15
N ARG F 185 9.91 -43.29 -45.81
CA ARG F 185 9.77 -42.32 -46.88
C ARG F 185 9.66 -40.89 -46.39
N GLU F 186 9.22 -40.68 -45.15
CA GLU F 186 9.07 -39.32 -44.65
C GLU F 186 10.33 -38.87 -43.95
N ILE F 187 11.16 -39.82 -43.53
CA ILE F 187 12.44 -39.50 -42.90
C ILE F 187 13.39 -38.94 -43.95
N MET F 188 13.60 -39.70 -45.02
CA MET F 188 14.59 -39.34 -46.02
C MET F 188 14.22 -38.01 -46.68
N GLU F 189 12.93 -37.78 -46.92
CA GLU F 189 12.50 -36.51 -47.50
C GLU F 189 12.92 -35.33 -46.64
N GLN F 190 12.78 -35.46 -45.33
CA GLN F 190 13.06 -34.38 -44.42
C GLN F 190 14.53 -34.25 -44.05
N VAL F 191 15.38 -35.13 -44.58
CA VAL F 191 16.81 -34.99 -44.34
C VAL F 191 17.43 -33.97 -45.28
N TRP F 192 16.93 -33.88 -46.51
CA TRP F 192 17.41 -32.93 -47.50
C TRP F 192 16.44 -31.78 -47.78
N ASN F 193 15.36 -31.68 -47.03
CA ASN F 193 14.40 -30.61 -47.28
C ASN F 193 14.02 -29.91 -45.99
N ALA F 194 12.72 -29.78 -45.74
CA ALA F 194 12.20 -28.87 -44.72
C ALA F 194 12.76 -27.50 -45.05
N GLY F 195 13.47 -26.84 -44.14
CA GLY F 195 13.91 -25.48 -44.35
C GLY F 195 13.65 -24.66 -43.10
N PRO F 196 12.47 -24.02 -43.05
CA PRO F 196 11.97 -23.37 -41.83
C PRO F 196 11.85 -24.40 -40.70
N TRP F 197 12.32 -24.15 -39.47
CA TRP F 197 12.99 -22.94 -38.95
C TRP F 197 12.14 -21.67 -38.84
N ILE F 198 11.56 -21.36 -37.68
CA ILE F 198 11.25 -22.25 -36.53
C ILE F 198 10.34 -21.51 -35.54
N PRO F 199 10.72 -20.28 -35.08
CA PRO F 199 9.95 -19.68 -33.98
C PRO F 199 8.70 -19.00 -34.52
N ASP F 200 8.33 -17.88 -33.92
CA ASP F 200 7.22 -17.08 -34.42
C ASP F 200 7.60 -16.55 -35.80
N GLY F 201 7.06 -17.18 -36.84
CA GLY F 201 7.30 -16.74 -38.20
C GLY F 201 6.15 -15.93 -38.75
N VAL F 202 6.19 -14.62 -38.53
CA VAL F 202 5.14 -13.72 -39.00
C VAL F 202 5.53 -13.24 -40.39
N VAL F 203 6.39 -13.99 -41.04
CA VAL F 203 7.15 -13.49 -42.16
C VAL F 203 7.32 -14.64 -43.16
N SER F 204 7.35 -14.32 -44.46
CA SER F 204 7.33 -12.95 -44.94
C SER F 204 5.93 -12.43 -45.25
N ALA F 205 5.02 -12.58 -44.29
CA ALA F 205 3.62 -12.15 -44.40
C ALA F 205 3.02 -12.87 -45.61
N LEU F 206 2.37 -12.16 -46.55
CA LEU F 206 1.84 -12.74 -47.79
C LEU F 206 0.90 -13.92 -47.55
N SER F 207 1.41 -14.98 -46.92
CA SER F 207 0.59 -16.11 -46.53
C SER F 207 -0.54 -15.73 -45.57
N LEU F 208 -0.47 -14.55 -44.98
CA LEU F 208 -1.57 -14.00 -44.18
C LEU F 208 -2.67 -13.40 -45.04
N ARG F 209 -2.69 -13.70 -46.35
CA ARG F 209 -3.63 -13.05 -47.26
C ARG F 209 -5.08 -13.37 -46.90
N GLU F 210 -5.41 -14.65 -46.88
CA GLU F 210 -6.81 -15.06 -46.74
C GLU F 210 -7.35 -14.77 -45.35
N ARG F 211 -6.53 -14.96 -44.32
CA ARG F 211 -7.01 -14.79 -42.95
C ARG F 211 -7.28 -13.32 -42.63
N ILE F 212 -6.43 -12.41 -43.11
CA ILE F 212 -6.69 -10.99 -42.89
C ILE F 212 -7.91 -10.58 -43.70
N ARG F 213 -7.97 -11.03 -44.96
CA ARG F 213 -9.17 -10.90 -45.75
C ARG F 213 -10.37 -11.44 -44.98
N GLU F 214 -10.21 -12.62 -44.38
CA GLU F 214 -11.27 -13.23 -43.59
C GLU F 214 -11.59 -12.42 -42.34
N HIS F 215 -10.57 -11.89 -41.66
CA HIS F 215 -10.82 -11.19 -40.40
C HIS F 215 -11.68 -9.95 -40.62
N LEU F 216 -11.20 -9.02 -41.43
CA LEU F 216 -11.94 -7.78 -41.67
C LEU F 216 -13.32 -8.04 -42.27
N SER F 217 -13.45 -9.09 -43.10
CA SER F 217 -14.70 -9.35 -43.79
C SER F 217 -15.77 -9.99 -42.90
N SER F 218 -15.38 -10.97 -42.10
CA SER F 218 -16.34 -11.68 -41.28
C SER F 218 -16.32 -11.19 -39.85
N GLU F 219 -15.49 -10.18 -39.57
CA GLU F 219 -15.46 -9.45 -38.29
C GLU F 219 -15.21 -7.98 -38.62
N GLU F 220 -16.28 -7.28 -38.98
CA GLU F 220 -16.25 -5.84 -39.21
C GLU F 220 -16.01 -5.10 -37.89
N SER F 221 -14.99 -5.53 -37.15
CA SER F 221 -14.78 -5.14 -35.76
C SER F 221 -15.92 -5.68 -34.91
N VAL F 222 -15.61 -6.59 -34.00
CA VAL F 222 -16.61 -7.43 -33.33
C VAL F 222 -17.59 -6.54 -32.54
N GLY F 223 -18.87 -6.64 -32.88
CA GLY F 223 -19.93 -6.05 -32.09
C GLY F 223 -20.05 -4.53 -32.18
N LEU F 224 -19.18 -3.82 -31.48
CA LEU F 224 -19.16 -2.36 -31.47
C LEU F 224 -20.47 -1.77 -30.98
N LEU F 225 -20.68 -0.49 -31.25
CA LEU F 225 -21.94 0.21 -30.97
C LEU F 225 -22.40 0.05 -29.53
N PHE F 226 -21.93 0.93 -28.64
CA PHE F 226 -22.43 0.97 -27.28
C PHE F 226 -23.87 1.49 -27.28
N SER F 227 -24.46 1.55 -26.08
CA SER F 227 -25.81 2.08 -25.91
C SER F 227 -25.86 2.90 -24.63
N GLY F 228 -26.92 3.69 -24.52
CA GLY F 228 -27.06 4.58 -23.39
C GLY F 228 -26.85 6.04 -23.76
N CYS F 229 -25.91 6.32 -24.66
CA CYS F 229 -25.62 7.69 -25.05
C CYS F 229 -24.80 7.70 -26.33
N THR F 230 -25.33 8.31 -27.38
CA THR F 230 -24.53 8.58 -28.56
C THR F 230 -23.50 9.67 -28.26
N GLY F 231 -22.31 9.51 -28.82
CA GLY F 231 -21.17 10.33 -28.44
C GLY F 231 -20.07 9.41 -27.97
N ILE F 232 -20.44 8.40 -27.19
CA ILE F 232 -19.51 7.32 -26.89
C ILE F 232 -19.20 6.56 -28.17
N ASN F 233 -20.23 6.29 -28.99
CA ASN F 233 -20.05 5.68 -30.29
C ASN F 233 -19.36 6.63 -31.26
N ASP F 234 -19.57 7.94 -31.09
CA ASP F 234 -18.99 8.93 -31.99
C ASP F 234 -17.47 9.03 -31.85
N LYS F 235 -16.93 8.72 -30.67
CA LYS F 235 -15.51 8.88 -30.41
C LYS F 235 -14.74 7.57 -30.36
N THR F 236 -15.43 6.44 -30.27
CA THR F 236 -14.81 5.13 -30.19
C THR F 236 -15.26 4.19 -31.30
N LEU F 237 -16.40 4.47 -31.94
CA LEU F 237 -17.01 3.63 -32.96
C LEU F 237 -17.40 2.25 -32.43
N GLY F 238 -17.11 1.97 -31.16
CA GLY F 238 -17.53 0.74 -30.53
C GLY F 238 -16.39 0.06 -29.82
N ALA F 239 -16.51 -1.27 -29.69
CA ALA F 239 -15.58 -2.09 -28.93
C ALA F 239 -15.12 -3.26 -29.79
N ARG F 240 -13.96 -3.11 -30.42
CA ARG F 240 -13.42 -4.15 -31.29
C ARG F 240 -13.20 -5.44 -30.51
N GLY F 241 -13.23 -6.56 -31.25
CA GLY F 241 -12.81 -7.83 -30.68
C GLY F 241 -11.30 -7.91 -30.70
N GLY F 242 -10.72 -8.34 -29.58
CA GLY F 242 -9.31 -8.19 -29.34
C GLY F 242 -8.96 -6.94 -28.57
N GLU F 243 -9.92 -6.04 -28.37
CA GLU F 243 -9.76 -4.86 -27.55
C GLU F 243 -10.22 -5.12 -26.12
N VAL F 244 -9.71 -4.32 -25.19
CA VAL F 244 -10.09 -4.38 -23.79
C VAL F 244 -10.67 -3.02 -23.42
N ILE F 245 -11.98 -2.97 -23.21
CA ILE F 245 -12.65 -1.74 -22.80
C ILE F 245 -12.50 -1.58 -21.29
N MET F 246 -12.07 -0.40 -20.86
CA MET F 246 -11.79 -0.09 -19.46
C MET F 246 -12.84 0.88 -18.93
N VAL F 247 -13.66 0.44 -17.98
CA VAL F 247 -14.71 1.25 -17.38
C VAL F 247 -14.35 1.53 -15.92
N THR F 248 -14.44 2.80 -15.51
CA THR F 248 -14.03 3.19 -14.16
C THR F 248 -14.75 4.46 -13.73
N SER F 249 -14.80 4.66 -12.41
CA SER F 249 -15.36 5.86 -11.77
C SER F 249 -15.01 5.80 -10.28
N GLY F 250 -15.67 6.65 -9.49
CA GLY F 250 -15.46 6.70 -8.06
C GLY F 250 -16.23 5.62 -7.30
N SER F 251 -15.55 4.49 -7.05
CA SER F 251 -16.08 3.29 -6.41
C SER F 251 -17.34 3.51 -5.57
N GLY F 252 -18.49 3.17 -6.13
CA GLY F 252 -19.74 3.35 -5.42
C GLY F 252 -20.55 4.51 -5.95
N MET F 253 -20.72 4.56 -7.26
CA MET F 253 -21.55 5.58 -7.89
C MET F 253 -22.15 5.13 -9.22
N GLY F 254 -21.87 3.90 -9.66
CA GLY F 254 -22.40 3.40 -10.92
C GLY F 254 -21.51 2.34 -11.54
N LYS F 255 -20.96 2.63 -12.72
CA LYS F 255 -20.07 1.74 -13.47
C LYS F 255 -20.70 0.40 -13.80
N SER F 256 -21.18 -0.31 -12.77
CA SER F 256 -21.76 -1.62 -12.98
C SER F 256 -23.05 -1.51 -13.78
N THR F 257 -23.86 -0.49 -13.48
CA THR F 257 -25.14 -0.32 -14.17
C THR F 257 -24.93 -0.04 -15.64
N PHE F 258 -23.96 0.82 -15.96
CA PHE F 258 -23.65 1.12 -17.35
C PHE F 258 -23.20 -0.13 -18.09
N VAL F 259 -22.23 -0.85 -17.52
CA VAL F 259 -21.72 -2.06 -18.15
C VAL F 259 -22.81 -3.11 -18.26
N ARG F 260 -23.69 -3.18 -17.26
CA ARG F 260 -24.75 -4.19 -17.26
C ARG F 260 -25.76 -3.93 -18.37
N GLN F 261 -25.97 -2.66 -18.73
CA GLN F 261 -26.85 -2.33 -19.84
C GLN F 261 -26.24 -2.79 -21.15
N GLN F 262 -24.94 -2.60 -21.32
CA GLN F 262 -24.25 -3.04 -22.53
C GLN F 262 -24.36 -4.55 -22.69
N ALA F 263 -24.14 -5.29 -21.61
CA ALA F 263 -24.29 -6.75 -21.66
C ALA F 263 -25.71 -7.12 -22.06
N LEU F 264 -26.69 -6.47 -21.44
CA LEU F 264 -28.09 -6.68 -21.79
C LEU F 264 -28.35 -6.33 -23.24
N GLN F 265 -28.03 -5.10 -23.62
CA GLN F 265 -28.29 -4.60 -24.96
C GLN F 265 -27.66 -5.50 -26.03
N TRP F 266 -26.37 -5.79 -25.88
CA TRP F 266 -25.67 -6.64 -26.85
C TRP F 266 -26.27 -8.04 -26.90
N GLY F 267 -26.66 -8.57 -25.74
CA GLY F 267 -27.19 -9.92 -25.70
C GLY F 267 -28.66 -10.02 -26.05
N THR F 268 -29.28 -8.88 -26.37
CA THR F 268 -30.69 -8.83 -26.73
C THR F 268 -30.86 -8.27 -28.14
N ALA F 269 -30.66 -6.97 -28.33
CA ALA F 269 -30.91 -6.35 -29.64
C ALA F 269 -29.94 -6.86 -30.70
N MET F 270 -28.65 -6.82 -30.41
CA MET F 270 -27.63 -7.32 -31.34
C MET F 270 -27.10 -8.67 -30.87
N GLY F 271 -28.01 -9.64 -30.79
CA GLY F 271 -27.77 -10.97 -30.26
C GLY F 271 -26.36 -11.52 -30.28
N LYS F 272 -25.57 -11.11 -29.28
CA LYS F 272 -24.25 -11.66 -29.03
C LYS F 272 -24.27 -12.52 -27.77
N LYS F 273 -23.44 -13.56 -27.76
CA LYS F 273 -23.29 -14.39 -26.56
C LYS F 273 -22.35 -13.69 -25.59
N VAL F 274 -22.91 -13.13 -24.53
CA VAL F 274 -22.16 -12.38 -23.53
C VAL F 274 -21.85 -13.29 -22.35
N GLY F 275 -20.58 -13.33 -21.96
CA GLY F 275 -20.15 -14.06 -20.78
C GLY F 275 -19.94 -13.08 -19.63
N LEU F 276 -20.48 -13.43 -18.46
CA LEU F 276 -20.42 -12.57 -17.29
C LEU F 276 -19.56 -13.20 -16.20
N ALA F 277 -18.75 -12.36 -15.55
CA ALA F 277 -17.89 -12.77 -14.44
C ALA F 277 -18.06 -11.75 -13.31
N MET F 278 -19.20 -11.82 -12.64
CA MET F 278 -19.53 -10.88 -11.57
C MET F 278 -18.96 -11.46 -10.28
N LEU F 279 -17.70 -11.15 -10.00
CA LEU F 279 -17.05 -11.69 -8.81
C LEU F 279 -17.46 -10.98 -7.53
N GLU F 280 -18.49 -10.13 -7.59
CA GLU F 280 -19.03 -9.49 -6.41
C GLU F 280 -20.51 -9.75 -6.20
N GLU F 281 -21.16 -10.49 -7.09
CA GLU F 281 -22.56 -10.85 -6.94
C GLU F 281 -22.83 -12.17 -7.64
N SER F 282 -23.50 -13.09 -6.95
CA SER F 282 -23.83 -14.38 -7.50
C SER F 282 -24.76 -14.24 -8.70
N VAL F 283 -24.73 -15.25 -9.58
CA VAL F 283 -25.45 -15.17 -10.85
C VAL F 283 -26.94 -14.93 -10.66
N GLU F 284 -27.51 -15.37 -9.54
CA GLU F 284 -28.94 -15.14 -9.33
C GLU F 284 -29.22 -13.66 -9.09
N GLU F 285 -28.32 -12.96 -8.40
CA GLU F 285 -28.50 -11.53 -8.16
C GLU F 285 -28.24 -10.74 -9.44
N THR F 286 -27.20 -11.10 -10.18
CA THR F 286 -26.92 -10.41 -11.44
C THR F 286 -28.04 -10.64 -12.45
N ALA F 287 -28.55 -11.86 -12.50
CA ALA F 287 -29.71 -12.14 -13.36
C ALA F 287 -30.91 -11.33 -12.90
N GLU F 288 -31.13 -11.25 -11.58
CA GLU F 288 -32.18 -10.42 -11.04
C GLU F 288 -32.09 -9.00 -11.58
N ASP F 289 -30.88 -8.44 -11.58
CA ASP F 289 -30.66 -7.11 -12.16
C ASP F 289 -30.97 -7.10 -13.65
N LEU F 290 -30.42 -8.08 -14.38
CA LEU F 290 -30.64 -8.15 -15.83
C LEU F 290 -32.11 -8.29 -16.16
N ILE F 291 -32.83 -9.16 -15.44
CA ILE F 291 -34.26 -9.34 -15.68
C ILE F 291 -35.01 -8.03 -15.45
N GLY F 292 -34.79 -7.41 -14.29
CA GLY F 292 -35.44 -6.14 -14.00
C GLY F 292 -35.04 -5.04 -14.97
N LEU F 293 -33.75 -4.95 -15.28
CA LEU F 293 -33.30 -3.94 -16.23
C LEU F 293 -33.93 -4.15 -17.59
N HIS F 294 -34.05 -5.41 -18.01
CA HIS F 294 -34.68 -5.72 -19.29
C HIS F 294 -36.12 -5.22 -19.32
N ASN F 295 -36.86 -5.41 -18.22
CA ASN F 295 -38.26 -5.01 -18.13
C ASN F 295 -38.43 -3.60 -17.57
N ARG F 296 -37.41 -2.74 -17.70
CA ARG F 296 -37.51 -1.31 -17.39
C ARG F 296 -37.95 -1.06 -15.94
N VAL F 297 -37.47 -1.89 -15.02
CA VAL F 297 -37.82 -1.76 -13.61
C VAL F 297 -36.59 -2.05 -12.75
N ARG F 298 -36.73 -1.78 -11.46
CA ARG F 298 -35.71 -2.05 -10.46
C ARG F 298 -36.19 -3.18 -9.57
N LEU F 299 -36.20 -4.39 -10.13
CA LEU F 299 -36.72 -5.55 -9.41
C LEU F 299 -36.02 -5.80 -8.09
N ARG F 300 -34.79 -5.31 -7.94
CA ARG F 300 -34.06 -5.52 -6.68
C ARG F 300 -34.61 -4.63 -5.57
N GLN F 301 -34.94 -3.39 -5.88
CA GLN F 301 -35.36 -2.41 -4.87
C GLN F 301 -36.87 -2.32 -4.73
N SER F 302 -37.57 -3.46 -4.78
CA SER F 302 -39.02 -3.46 -4.58
C SER F 302 -39.42 -4.83 -4.05
N ASP F 303 -39.59 -4.93 -2.72
CA ASP F 303 -40.15 -6.13 -2.14
C ASP F 303 -41.50 -6.46 -2.74
N SER F 304 -42.23 -5.44 -3.21
CA SER F 304 -43.52 -5.66 -3.84
C SER F 304 -43.37 -6.32 -5.20
N LEU F 305 -42.49 -5.80 -6.05
CA LEU F 305 -42.32 -6.34 -7.39
C LEU F 305 -41.75 -7.75 -7.39
N LYS F 306 -40.88 -8.09 -6.46
CA LYS F 306 -40.33 -9.44 -6.40
C LYS F 306 -41.43 -10.46 -6.20
N ARG F 307 -42.26 -10.24 -5.19
CA ARG F 307 -43.38 -11.13 -4.92
C ARG F 307 -44.40 -11.14 -6.05
N GLU F 308 -44.59 -9.99 -6.72
CA GLU F 308 -45.57 -9.86 -7.79
C GLU F 308 -45.35 -10.91 -8.87
N ILE F 309 -44.23 -10.82 -9.58
CA ILE F 309 -43.99 -11.71 -10.72
C ILE F 309 -43.98 -13.18 -10.30
N ILE F 310 -43.80 -13.46 -9.02
CA ILE F 310 -43.76 -14.84 -8.54
C ILE F 310 -45.16 -15.43 -8.42
N GLU F 311 -46.08 -14.70 -7.78
CA GLU F 311 -47.40 -15.26 -7.46
C GLU F 311 -48.33 -15.33 -8.67
N ASN F 312 -48.34 -14.30 -9.52
CA ASN F 312 -49.16 -14.34 -10.72
C ASN F 312 -48.39 -14.86 -11.93
N GLY F 313 -47.26 -15.56 -11.70
CA GLY F 313 -46.57 -16.24 -12.78
C GLY F 313 -45.96 -15.34 -13.83
N LYS F 314 -45.64 -14.09 -13.47
CA LYS F 314 -44.99 -13.18 -14.39
C LYS F 314 -43.48 -13.36 -14.43
N PHE F 315 -42.91 -14.12 -13.49
CA PHE F 315 -41.46 -14.35 -13.47
C PHE F 315 -41.01 -15.15 -14.67
N ASP F 316 -41.57 -16.36 -14.84
CA ASP F 316 -41.23 -17.22 -15.97
C ASP F 316 -41.45 -16.50 -17.29
N GLN F 317 -42.44 -15.62 -17.36
CA GLN F 317 -42.72 -14.85 -18.57
C GLN F 317 -41.52 -14.00 -18.97
N TRP F 318 -41.10 -13.10 -18.07
CA TRP F 318 -39.94 -12.26 -18.36
C TRP F 318 -38.69 -13.11 -18.53
N PHE F 319 -38.54 -14.15 -17.71
CA PHE F 319 -37.34 -14.99 -17.74
C PHE F 319 -37.13 -15.63 -19.11
N ASP F 320 -38.16 -16.30 -19.64
CA ASP F 320 -38.06 -16.90 -20.96
C ASP F 320 -37.86 -15.83 -22.04
N GLU F 321 -38.48 -14.66 -21.86
CA GLU F 321 -38.30 -13.57 -22.81
C GLU F 321 -36.85 -13.13 -22.94
N LEU F 322 -36.09 -13.21 -21.86
CA LEU F 322 -34.71 -12.71 -21.85
C LEU F 322 -33.75 -13.85 -22.18
N PHE F 323 -33.57 -14.76 -21.25
CA PHE F 323 -32.58 -15.82 -21.37
C PHE F 323 -32.99 -16.92 -22.35
N GLY F 324 -34.20 -16.85 -22.90
CA GLY F 324 -34.70 -17.88 -23.79
C GLY F 324 -33.84 -18.16 -25.02
N ASN F 325 -32.94 -17.25 -25.37
CA ASN F 325 -32.10 -17.43 -26.55
C ASN F 325 -30.70 -17.91 -26.22
N ASP F 326 -30.45 -18.28 -24.96
CA ASP F 326 -29.15 -18.78 -24.52
C ASP F 326 -28.03 -17.82 -24.92
N THR F 327 -28.29 -16.52 -24.77
CA THR F 327 -27.29 -15.50 -25.08
C THR F 327 -26.42 -15.14 -23.89
N PHE F 328 -26.89 -15.37 -22.66
CA PHE F 328 -26.20 -14.92 -21.46
C PHE F 328 -25.61 -16.12 -20.70
N HIS F 329 -24.33 -16.02 -20.36
CA HIS F 329 -23.60 -17.05 -19.64
C HIS F 329 -22.75 -16.38 -18.57
N LEU F 330 -22.65 -17.01 -17.40
CA LEU F 330 -22.03 -16.35 -16.25
C LEU F 330 -21.03 -17.27 -15.56
N TYR F 331 -20.32 -16.67 -14.60
CA TYR F 331 -19.39 -17.39 -13.72
C TYR F 331 -19.89 -17.29 -12.29
N ASP F 332 -19.76 -18.38 -11.54
CA ASP F 332 -20.10 -18.33 -10.13
C ASP F 332 -19.16 -19.22 -9.33
N SER F 333 -18.69 -18.66 -8.23
CA SER F 333 -17.86 -19.35 -7.24
C SER F 333 -17.86 -18.50 -5.98
N PHE F 334 -17.39 -17.26 -6.13
CA PHE F 334 -17.37 -16.26 -5.06
C PHE F 334 -16.50 -16.71 -3.88
N ALA F 335 -15.96 -17.92 -3.95
CA ALA F 335 -15.09 -18.46 -2.90
C ALA F 335 -13.65 -18.25 -3.35
N GLU F 336 -13.11 -17.07 -3.01
CA GLU F 336 -11.77 -16.59 -3.34
C GLU F 336 -11.29 -17.06 -4.71
N ALA F 337 -11.70 -16.35 -5.77
CA ALA F 337 -11.22 -16.65 -7.10
C ALA F 337 -9.71 -16.45 -7.20
N GLU F 338 -9.07 -17.23 -8.06
CA GLU F 338 -7.62 -17.17 -8.21
C GLU F 338 -7.26 -16.80 -9.64
N THR F 339 -6.03 -17.13 -10.07
CA THR F 339 -5.65 -17.07 -11.47
C THR F 339 -5.48 -18.47 -12.04
N ASP F 340 -4.63 -19.28 -11.42
CA ASP F 340 -4.46 -20.70 -11.75
C ASP F 340 -5.43 -21.57 -10.93
N ARG F 341 -6.45 -22.13 -11.57
CA ARG F 341 -6.77 -21.83 -12.96
C ARG F 341 -8.17 -21.24 -13.07
N LEU F 342 -8.20 -19.92 -13.21
CA LEU F 342 -9.40 -19.14 -13.49
C LEU F 342 -9.27 -18.48 -14.84
N LEU F 343 -8.12 -17.84 -15.10
CA LEU F 343 -7.84 -17.34 -16.43
C LEU F 343 -8.01 -18.45 -17.45
N ALA F 344 -7.70 -19.69 -17.04
CA ALA F 344 -7.97 -20.86 -17.87
C ALA F 344 -9.45 -20.95 -18.19
N LYS F 345 -10.32 -20.75 -17.20
CA LYS F 345 -11.76 -20.83 -17.44
C LYS F 345 -12.21 -19.72 -18.37
N LEU F 346 -11.69 -18.50 -18.18
CA LEU F 346 -11.99 -17.41 -19.09
C LEU F 346 -11.50 -17.72 -20.49
N ALA F 347 -10.32 -18.32 -20.60
CA ALA F 347 -9.77 -18.70 -21.90
C ALA F 347 -10.51 -19.89 -22.49
N TYR F 348 -10.93 -20.82 -21.62
CA TYR F 348 -11.63 -22.02 -22.07
C TYR F 348 -12.94 -21.66 -22.78
N MET F 349 -13.57 -20.55 -22.40
CA MET F 349 -14.76 -20.05 -23.08
C MET F 349 -14.42 -19.61 -24.50
N ARG F 350 -15.25 -18.75 -25.09
CA ARG F 350 -14.97 -18.18 -26.42
C ARG F 350 -14.98 -19.27 -27.49
N SER F 351 -14.33 -20.40 -27.20
CA SER F 351 -14.22 -21.52 -28.11
C SER F 351 -15.40 -22.46 -27.91
N GLY F 352 -15.59 -22.91 -26.67
CA GLY F 352 -16.67 -23.83 -26.35
C GLY F 352 -18.05 -23.19 -26.41
N LEU F 353 -18.25 -22.10 -25.66
CA LEU F 353 -19.55 -21.43 -25.67
C LEU F 353 -19.71 -20.45 -26.82
N GLY F 354 -18.62 -20.03 -27.44
CA GLY F 354 -18.71 -19.10 -28.55
C GLY F 354 -19.05 -17.70 -28.08
N CYS F 355 -18.48 -17.29 -26.94
CA CYS F 355 -18.81 -16.02 -26.32
C CYS F 355 -18.21 -14.88 -27.12
N ASP F 356 -19.06 -14.07 -27.75
CA ASP F 356 -18.57 -12.92 -28.50
C ASP F 356 -18.04 -11.83 -27.59
N VAL F 357 -18.58 -11.71 -26.38
CA VAL F 357 -18.23 -10.63 -25.45
C VAL F 357 -18.09 -11.22 -24.05
N ILE F 358 -17.01 -10.84 -23.36
CA ILE F 358 -16.75 -11.23 -21.98
C ILE F 358 -16.73 -9.98 -21.11
N ILE F 359 -17.46 -10.02 -19.99
CA ILE F 359 -17.60 -8.90 -19.07
C ILE F 359 -16.98 -9.28 -17.74
N LEU F 360 -15.98 -8.53 -17.31
CA LEU F 360 -15.30 -8.77 -16.03
C LEU F 360 -15.59 -7.60 -15.10
N ASP F 361 -16.52 -7.80 -14.17
CA ASP F 361 -16.81 -6.78 -13.17
C ASP F 361 -15.76 -6.88 -12.07
N HIS F 362 -15.16 -5.74 -11.72
CA HIS F 362 -14.18 -5.66 -10.64
C HIS F 362 -12.88 -6.36 -11.01
N ILE F 363 -11.75 -5.66 -10.89
CA ILE F 363 -10.47 -6.25 -11.25
C ILE F 363 -9.46 -6.10 -10.13
N SER F 364 -9.94 -6.00 -8.89
CA SER F 364 -9.05 -6.03 -7.74
C SER F 364 -9.18 -7.34 -6.96
N ILE F 365 -9.90 -8.32 -7.50
CA ILE F 365 -9.98 -9.64 -6.91
C ILE F 365 -8.62 -10.29 -7.01
N VAL F 366 -7.74 -9.95 -6.06
CA VAL F 366 -6.41 -10.52 -6.00
C VAL F 366 -6.51 -11.93 -5.45
N VAL F 367 -5.84 -12.18 -4.32
CA VAL F 367 -5.85 -13.47 -3.64
C VAL F 367 -5.43 -14.57 -4.60
N SER F 368 -4.13 -14.66 -4.86
CA SER F 368 -3.59 -15.67 -5.76
C SER F 368 -2.26 -16.17 -5.21
N ALA F 369 -1.17 -15.88 -5.92
CA ALA F 369 0.18 -16.20 -5.45
C ALA F 369 0.61 -15.17 -4.39
N SER F 370 -0.12 -15.17 -3.28
CA SER F 370 0.19 -14.28 -2.18
C SER F 370 1.54 -14.65 -1.54
N GLY F 371 2.21 -13.64 -1.00
CA GLY F 371 3.60 -13.74 -0.56
C GLY F 371 4.53 -12.83 -1.33
N GLU F 372 4.08 -12.30 -2.47
CA GLU F 372 4.81 -11.31 -3.26
C GLU F 372 4.31 -9.93 -2.86
N SER F 373 5.18 -9.14 -2.24
CA SER F 373 4.78 -7.86 -1.67
C SER F 373 4.24 -6.91 -2.73
N ASP F 374 3.22 -6.14 -2.34
CA ASP F 374 2.54 -5.16 -3.19
C ASP F 374 1.87 -5.82 -4.40
N GLU F 375 0.55 -5.75 -4.42
CA GLU F 375 -0.24 -6.29 -5.52
C GLU F 375 -0.18 -5.41 -6.77
N ARG F 376 0.75 -4.45 -6.79
CA ARG F 376 0.96 -3.56 -7.94
C ARG F 376 1.48 -4.30 -9.16
N LYS F 377 2.12 -5.46 -8.98
CA LYS F 377 2.61 -6.25 -10.10
C LYS F 377 1.54 -7.22 -10.59
N MET F 378 0.74 -7.75 -9.66
CA MET F 378 -0.33 -8.68 -10.00
C MET F 378 -1.28 -8.07 -11.01
N ILE F 379 -1.71 -6.83 -10.78
CA ILE F 379 -2.62 -6.15 -11.72
C ILE F 379 -1.96 -6.01 -13.09
N ASP F 380 -0.66 -5.74 -13.11
CA ASP F 380 0.05 -5.62 -14.38
C ASP F 380 0.15 -6.96 -15.07
N ASN F 381 0.57 -8.00 -14.33
CA ASN F 381 0.70 -9.33 -14.90
C ASN F 381 -0.66 -9.85 -15.39
N LEU F 382 -1.72 -9.61 -14.62
CA LEU F 382 -3.04 -10.06 -15.03
C LEU F 382 -3.52 -9.33 -16.29
N MET F 383 -3.32 -8.01 -16.34
CA MET F 383 -3.76 -7.24 -17.49
C MET F 383 -3.13 -7.74 -18.79
N THR F 384 -1.86 -8.13 -18.75
CA THR F 384 -1.19 -8.63 -19.95
C THR F 384 -1.82 -9.94 -20.42
N LYS F 385 -2.03 -10.87 -19.49
CA LYS F 385 -2.64 -12.14 -19.84
C LYS F 385 -4.09 -11.97 -20.30
N LEU F 386 -4.82 -11.06 -19.64
CA LEU F 386 -6.19 -10.77 -20.07
C LEU F 386 -6.21 -10.13 -21.45
N LYS F 387 -5.28 -9.19 -21.69
CA LYS F 387 -5.18 -8.56 -23.00
C LYS F 387 -4.79 -9.58 -24.04
N GLY F 388 -3.84 -10.47 -23.73
CA GLY F 388 -3.41 -11.53 -24.62
C GLY F 388 -4.50 -12.47 -25.07
N PHE F 389 -5.16 -13.14 -24.11
CA PHE F 389 -6.28 -14.02 -24.44
C PHE F 389 -7.34 -13.35 -25.30
N ALA F 390 -7.73 -12.13 -24.93
CA ALA F 390 -8.82 -11.45 -25.62
C ALA F 390 -8.51 -11.31 -27.11
N LYS F 391 -7.30 -10.88 -27.42
CA LYS F 391 -6.95 -10.61 -28.80
C LYS F 391 -6.62 -11.90 -29.55
N SER F 392 -5.90 -12.82 -28.88
CA SER F 392 -5.50 -14.07 -29.51
C SER F 392 -6.69 -14.95 -29.87
N THR F 393 -7.85 -14.70 -29.28
CA THR F 393 -9.07 -15.42 -29.59
C THR F 393 -10.09 -14.57 -30.34
N GLY F 394 -10.02 -13.24 -30.19
CA GLY F 394 -10.91 -12.35 -30.90
C GLY F 394 -12.24 -12.09 -30.22
N VAL F 395 -12.25 -11.98 -28.89
CA VAL F 395 -13.46 -11.73 -28.13
C VAL F 395 -13.35 -10.37 -27.45
N VAL F 396 -14.45 -9.63 -27.47
CA VAL F 396 -14.53 -8.33 -26.80
C VAL F 396 -14.45 -8.54 -25.29
N LEU F 397 -13.46 -7.91 -24.65
CA LEU F 397 -13.24 -8.04 -23.21
C LEU F 397 -13.48 -6.69 -22.54
N VAL F 398 -14.56 -6.59 -21.79
CA VAL F 398 -14.92 -5.37 -21.05
C VAL F 398 -14.68 -5.59 -19.57
N VAL F 399 -13.83 -4.76 -18.97
CA VAL F 399 -13.41 -4.88 -17.57
C VAL F 399 -13.72 -3.57 -16.84
N ILE F 400 -14.14 -3.68 -15.58
CA ILE F 400 -14.40 -2.55 -14.71
C ILE F 400 -13.29 -2.46 -13.67
N CYS F 401 -12.67 -1.29 -13.56
CA CYS F 401 -11.67 -1.04 -12.53
C CYS F 401 -12.12 0.10 -11.65
N HIS F 402 -11.44 0.26 -10.52
CA HIS F 402 -11.74 1.30 -9.55
C HIS F 402 -10.67 2.38 -9.61
N LEU F 403 -10.80 3.37 -8.72
CA LEU F 403 -9.90 4.51 -8.69
C LEU F 403 -9.27 4.63 -7.31
N LYS F 404 -7.98 4.95 -7.29
CA LYS F 404 -7.33 5.33 -6.05
C LYS F 404 -8.02 6.56 -5.47
N ASN F 405 -8.25 6.54 -4.16
CA ASN F 405 -8.88 7.71 -3.54
C ASN F 405 -7.84 8.80 -3.34
N PRO F 406 -8.00 9.96 -3.95
CA PRO F 406 -6.92 10.94 -4.00
C PRO F 406 -6.58 11.60 -2.68
N ASP F 407 -7.61 12.02 -1.93
CA ASP F 407 -7.42 12.80 -0.70
C ASP F 407 -6.56 14.03 -0.95
N LYS F 408 -6.71 14.62 -2.14
CA LYS F 408 -6.00 15.82 -2.56
C LYS F 408 -7.01 16.83 -3.11
N GLY F 409 -8.03 17.13 -2.31
CA GLY F 409 -9.15 17.93 -2.74
C GLY F 409 -10.47 17.19 -2.63
N LYS F 410 -11.49 17.65 -3.35
CA LYS F 410 -12.77 16.95 -3.39
C LYS F 410 -12.67 15.75 -4.30
N ALA F 411 -13.07 14.57 -3.80
CA ALA F 411 -12.72 13.30 -4.42
C ALA F 411 -13.92 12.68 -5.13
N HIS F 412 -13.78 12.46 -6.44
CA HIS F 412 -14.63 11.58 -7.24
C HIS F 412 -16.13 11.79 -7.07
N GLU F 413 -16.64 11.47 -5.88
CA GLU F 413 -18.08 11.50 -5.61
C GLU F 413 -18.61 12.92 -5.37
N GLU F 414 -17.78 13.94 -5.57
CA GLU F 414 -18.17 15.34 -5.45
C GLU F 414 -17.74 16.13 -6.67
N GLY F 415 -17.67 15.46 -7.83
CA GLY F 415 -17.14 16.06 -9.04
C GLY F 415 -15.82 15.45 -9.42
N ARG F 416 -14.84 16.28 -9.77
CA ARG F 416 -13.46 15.91 -10.07
C ARG F 416 -13.35 15.03 -11.32
N PRO F 417 -12.72 15.53 -12.38
CA PRO F 417 -12.52 14.70 -13.58
C PRO F 417 -11.39 13.69 -13.37
N VAL F 418 -11.63 12.46 -13.79
CA VAL F 418 -10.68 11.37 -13.62
C VAL F 418 -9.74 11.32 -14.82
N SER F 419 -8.44 11.38 -14.56
CA SER F 419 -7.42 11.32 -15.60
C SER F 419 -6.89 9.90 -15.72
N ILE F 420 -5.89 9.71 -16.60
CA ILE F 420 -5.27 8.40 -16.76
C ILE F 420 -4.38 8.05 -15.58
N THR F 421 -3.87 9.06 -14.87
CA THR F 421 -3.04 8.82 -13.69
C THR F 421 -3.85 8.33 -12.51
N ASP F 422 -5.10 8.77 -12.39
CA ASP F 422 -5.97 8.39 -11.27
C ASP F 422 -6.36 6.91 -11.28
N LEU F 423 -5.95 6.16 -12.30
CA LEU F 423 -6.32 4.75 -12.40
C LEU F 423 -5.54 3.89 -11.40
N ARG F 424 -6.25 2.99 -10.73
CA ARG F 424 -5.62 2.04 -9.81
C ARG F 424 -4.63 1.15 -10.56
N GLY F 425 -3.65 0.63 -9.82
CA GLY F 425 -2.60 -0.18 -10.41
C GLY F 425 -1.51 0.67 -11.03
N SER F 426 -0.29 0.12 -11.10
CA SER F 426 0.85 0.87 -11.62
C SER F 426 0.74 1.06 -13.13
N GLY F 427 -0.33 1.72 -13.56
CA GLY F 427 -0.73 1.89 -14.94
C GLY F 427 -0.11 1.00 -16.00
N ALA F 428 -0.38 -0.29 -15.93
CA ALA F 428 -0.17 -1.20 -17.05
C ALA F 428 -1.45 -1.30 -17.86
N LEU F 429 -2.57 -1.15 -17.15
CA LEU F 429 -3.90 -1.14 -17.76
C LEU F 429 -4.10 0.07 -18.66
N ARG F 430 -3.33 1.14 -18.44
CA ARG F 430 -3.38 2.30 -19.30
C ARG F 430 -2.64 2.06 -20.60
N GLN F 431 -1.92 0.94 -20.70
CA GLN F 431 -1.12 0.57 -21.86
C GLN F 431 -1.73 -0.59 -22.62
N LEU F 432 -2.04 -1.69 -21.93
CA LEU F 432 -2.58 -2.87 -22.59
C LEU F 432 -3.99 -2.60 -23.13
N SER F 433 -4.89 -2.12 -22.28
CA SER F 433 -6.26 -1.88 -22.70
C SER F 433 -6.31 -0.79 -23.77
N ASP F 434 -7.29 -0.90 -24.67
CA ASP F 434 -7.36 -0.02 -25.83
C ASP F 434 -8.25 1.19 -25.56
N THR F 435 -9.53 0.97 -25.28
CA THR F 435 -10.48 2.04 -25.01
C THR F 435 -10.75 2.11 -23.52
N ILE F 436 -10.82 3.34 -22.99
CA ILE F 436 -11.01 3.59 -21.56
C ILE F 436 -12.23 4.49 -21.36
N ILE F 437 -13.30 3.94 -20.80
CA ILE F 437 -14.52 4.67 -20.51
C ILE F 437 -14.53 5.09 -19.04
N ALA F 438 -14.86 6.35 -18.77
CA ALA F 438 -14.92 6.89 -17.41
C ALA F 438 -16.23 7.62 -17.18
N LEU F 439 -16.84 7.37 -16.03
CA LEU F 439 -18.10 7.99 -15.63
C LEU F 439 -17.86 8.94 -14.46
N GLU F 440 -18.45 10.13 -14.52
CA GLU F 440 -18.29 11.13 -13.47
C GLU F 440 -19.65 11.70 -13.08
N ARG F 441 -19.91 11.77 -11.77
CA ARG F 441 -21.17 12.31 -11.28
C ARG F 441 -20.98 12.79 -9.85
N ASN F 442 -21.80 13.77 -9.46
CA ASN F 442 -21.79 14.34 -8.11
C ASN F 442 -23.09 13.94 -7.42
N GLN F 443 -23.02 12.93 -6.55
CA GLN F 443 -24.17 12.46 -5.79
C GLN F 443 -24.53 13.37 -4.63
N GLN F 444 -23.86 14.51 -4.50
CA GLN F 444 -24.13 15.49 -3.44
C GLN F 444 -24.42 16.87 -4.03
N GLY F 445 -25.02 16.89 -5.23
CA GLY F 445 -25.31 18.14 -5.89
C GLY F 445 -26.75 18.28 -6.32
N ASP F 446 -26.99 19.17 -7.30
CA ASP F 446 -28.35 19.38 -7.79
C ASP F 446 -28.78 18.31 -8.79
N MET F 447 -27.84 17.74 -9.54
CA MET F 447 -28.13 16.73 -10.55
C MET F 447 -27.31 15.48 -10.23
N PRO F 448 -27.75 14.69 -9.25
CA PRO F 448 -27.00 13.49 -8.86
C PRO F 448 -27.13 12.36 -9.87
N ASN F 449 -28.28 12.25 -10.53
CA ASN F 449 -28.48 11.23 -11.56
C ASN F 449 -27.83 11.60 -12.89
N LEU F 450 -27.30 12.81 -13.03
CA LEU F 450 -26.60 13.23 -14.23
C LEU F 450 -25.16 12.72 -14.20
N VAL F 451 -24.76 11.97 -15.21
CA VAL F 451 -23.44 11.36 -15.29
C VAL F 451 -22.76 11.74 -16.60
N LEU F 452 -21.50 12.17 -16.50
CA LEU F 452 -20.67 12.53 -17.64
C LEU F 452 -19.80 11.34 -18.04
N VAL F 453 -19.74 11.04 -19.33
CA VAL F 453 -18.91 9.97 -19.86
C VAL F 453 -17.68 10.58 -20.51
N ARG F 454 -16.51 10.12 -20.10
CA ARG F 454 -15.24 10.66 -20.57
C ARG F 454 -14.34 9.56 -21.10
N ILE F 455 -13.89 9.71 -22.34
CA ILE F 455 -12.95 8.77 -22.96
C ILE F 455 -11.53 9.18 -22.60
N LEU F 456 -10.82 8.30 -21.89
CA LEU F 456 -9.46 8.57 -21.49
C LEU F 456 -8.43 8.01 -22.47
N LYS F 457 -8.85 7.06 -23.32
CA LYS F 457 -7.97 6.44 -24.29
C LYS F 457 -8.82 5.67 -25.29
N CYS F 458 -8.37 5.63 -26.55
CA CYS F 458 -9.02 4.82 -27.58
C CYS F 458 -8.01 4.57 -28.70
N ARG F 459 -7.37 3.41 -28.65
CA ARG F 459 -6.38 3.04 -29.67
C ARG F 459 -6.98 3.08 -31.07
N PHE F 460 -8.27 2.81 -31.20
CA PHE F 460 -8.87 2.66 -32.53
C PHE F 460 -9.03 4.01 -33.22
N THR F 461 -9.59 5.00 -32.53
CA THR F 461 -9.84 6.30 -33.11
C THR F 461 -8.81 7.35 -32.72
N GLY F 462 -8.31 7.31 -31.48
CA GLY F 462 -7.48 8.38 -30.98
C GLY F 462 -8.23 9.63 -30.56
N ASP F 463 -9.56 9.63 -30.72
CA ASP F 463 -10.41 10.76 -30.36
C ASP F 463 -10.80 10.65 -28.89
N THR F 464 -10.23 11.52 -28.05
CA THR F 464 -10.47 11.52 -26.61
C THR F 464 -11.32 12.74 -26.24
N GLY F 465 -11.60 12.87 -24.96
CA GLY F 465 -12.39 13.96 -24.43
C GLY F 465 -13.72 13.49 -23.89
N ILE F 466 -14.63 14.45 -23.74
CA ILE F 466 -15.96 14.18 -23.19
C ILE F 466 -16.88 13.69 -24.30
N ALA F 467 -17.49 12.53 -24.09
CA ALA F 467 -18.42 11.97 -25.06
C ALA F 467 -19.77 12.66 -24.97
N GLY F 468 -20.57 12.30 -23.98
CA GLY F 468 -21.88 12.90 -23.78
C GLY F 468 -22.33 12.86 -22.33
N TYR F 469 -23.63 12.97 -22.10
CA TYR F 469 -24.21 12.92 -20.77
C TYR F 469 -25.32 11.89 -20.74
N MET F 470 -25.76 11.56 -19.52
CA MET F 470 -26.79 10.56 -19.28
C MET F 470 -27.47 10.88 -17.96
N GLU F 471 -28.64 10.28 -17.75
CA GLU F 471 -29.40 10.46 -16.53
C GLU F 471 -29.91 9.11 -16.05
N TYR F 472 -29.66 8.80 -14.78
CA TYR F 472 -30.08 7.55 -14.18
C TYR F 472 -31.56 7.60 -13.82
N ASN F 473 -32.37 6.84 -14.54
CA ASN F 473 -33.81 6.77 -14.28
C ASN F 473 -34.03 5.87 -13.08
N LYS F 474 -34.29 6.48 -11.93
CA LYS F 474 -34.54 5.74 -10.70
C LYS F 474 -35.71 4.77 -10.83
N GLU F 475 -36.53 4.91 -11.87
CA GLU F 475 -37.64 3.99 -12.13
C GLU F 475 -37.17 2.77 -12.92
N THR F 476 -36.63 2.98 -14.13
CA THR F 476 -36.19 1.87 -14.96
C THR F 476 -34.79 1.38 -14.64
N GLY F 477 -34.00 2.17 -13.91
CA GLY F 477 -32.62 1.77 -13.64
C GLY F 477 -31.70 1.84 -14.83
N TRP F 478 -32.09 2.58 -15.86
CA TRP F 478 -31.33 2.70 -17.10
C TRP F 478 -30.51 3.99 -17.11
N LEU F 479 -29.60 4.08 -18.06
CA LEU F 479 -28.78 5.26 -18.28
C LEU F 479 -29.25 5.92 -19.57
N GLU F 480 -30.36 6.64 -19.48
CA GLU F 480 -30.96 7.26 -20.65
C GLU F 480 -30.17 8.50 -21.06
N PRO F 481 -30.03 8.76 -22.36
CA PRO F 481 -29.19 9.88 -22.80
C PRO F 481 -29.81 11.22 -22.43
N SER F 482 -28.98 12.11 -21.89
CA SER F 482 -29.43 13.42 -21.43
C SER F 482 -29.05 14.50 -22.44
N SER F 483 -29.62 15.69 -22.23
CA SER F 483 -29.36 16.87 -23.06
C SER F 483 -28.78 17.96 -22.16
N TYR F 484 -27.46 17.96 -21.99
CA TYR F 484 -26.81 18.86 -21.05
C TYR F 484 -25.51 19.38 -21.65
N SER F 485 -25.13 20.59 -21.24
CA SER F 485 -23.88 21.22 -21.70
C SER F 485 -23.38 22.15 -20.62
N GLY F 486 -22.34 21.74 -19.90
CA GLY F 486 -21.77 22.57 -18.85
C GLY F 486 -20.98 23.75 -19.36
N MET G 1 8.04 -55.83 -12.88
CA MET G 1 7.23 -55.71 -11.69
C MET G 1 5.74 -55.63 -12.04
N THR G 2 5.42 -54.94 -13.12
CA THR G 2 4.05 -54.84 -13.59
C THR G 2 3.58 -56.20 -14.12
N TYR G 3 2.25 -56.40 -14.09
CA TYR G 3 1.67 -57.65 -14.58
C TYR G 3 1.82 -57.75 -16.09
N ASN G 4 1.44 -58.91 -16.62
CA ASN G 4 1.60 -59.24 -18.03
C ASN G 4 0.24 -59.44 -18.70
N VAL G 5 0.18 -59.06 -19.99
CA VAL G 5 -1.01 -59.19 -20.81
C VAL G 5 -1.58 -60.59 -20.75
N TRP G 6 -2.80 -60.72 -20.23
CA TRP G 6 -3.47 -62.02 -20.17
C TRP G 6 -3.83 -62.46 -21.58
N ASN G 7 -3.38 -63.65 -21.97
CA ASN G 7 -3.72 -64.19 -23.28
C ASN G 7 -5.17 -64.66 -23.30
N PHE G 8 -5.88 -64.31 -24.38
CA PHE G 8 -7.31 -64.60 -24.46
C PHE G 8 -7.58 -66.10 -24.42
N GLY G 9 -6.84 -66.86 -25.20
CA GLY G 9 -6.96 -68.30 -25.21
C GLY G 9 -6.22 -68.99 -24.09
N GLU G 10 -5.75 -68.24 -23.09
CA GLU G 10 -5.00 -68.81 -21.97
C GLU G 10 -5.57 -68.43 -20.61
N SER G 11 -6.76 -67.85 -20.57
CA SER G 11 -7.46 -67.61 -19.31
C SER G 11 -8.97 -67.69 -19.55
N ASN G 12 -9.45 -68.88 -19.93
CA ASN G 12 -10.86 -69.17 -20.16
C ASN G 12 -11.59 -68.07 -20.92
N GLY G 13 -10.86 -67.30 -21.72
CA GLY G 13 -11.43 -66.12 -22.36
C GLY G 13 -12.64 -66.43 -23.24
N ARG G 14 -13.66 -65.57 -23.13
CA ARG G 14 -14.80 -65.59 -24.03
C ARG G 14 -15.37 -64.19 -24.19
N TYR G 15 -15.92 -63.91 -25.39
CA TYR G 15 -16.57 -62.64 -25.70
C TYR G 15 -18.07 -62.74 -25.38
N SER G 16 -18.40 -62.56 -24.10
CA SER G 16 -19.79 -62.56 -23.68
C SER G 16 -20.33 -61.13 -23.55
N ALA G 17 -21.64 -61.03 -23.36
CA ALA G 17 -22.32 -59.74 -23.34
C ALA G 17 -22.45 -59.22 -21.92
N LEU G 18 -22.32 -57.91 -21.77
CA LEU G 18 -22.49 -57.26 -20.46
C LEU G 18 -23.95 -56.91 -20.26
N THR G 19 -24.72 -57.90 -19.83
CA THR G 19 -26.15 -57.69 -19.59
C THR G 19 -26.37 -56.68 -18.48
N ALA G 20 -25.52 -56.70 -17.45
CA ALA G 20 -25.65 -55.79 -16.31
C ALA G 20 -25.23 -54.37 -16.66
N ARG G 21 -24.73 -54.13 -17.87
CA ARG G 21 -24.35 -52.80 -18.30
C ARG G 21 -25.05 -52.35 -19.58
N GLY G 22 -25.68 -53.26 -20.32
CA GLY G 22 -26.36 -52.92 -21.54
C GLY G 22 -25.55 -53.08 -22.81
N ILE G 23 -24.54 -53.93 -22.82
CA ILE G 23 -23.65 -54.10 -23.95
C ILE G 23 -23.76 -55.53 -24.45
N SER G 24 -24.00 -55.69 -25.75
CA SER G 24 -24.15 -57.00 -26.36
C SER G 24 -22.78 -57.59 -26.70
N LYS G 25 -22.81 -58.85 -27.14
CA LYS G 25 -21.57 -59.56 -27.48
C LYS G 25 -20.85 -58.88 -28.65
N GLU G 26 -21.60 -58.53 -29.70
CA GLU G 26 -21.01 -57.96 -30.91
C GLU G 26 -20.13 -56.75 -30.63
N THR G 27 -20.53 -55.89 -29.69
CA THR G 27 -19.77 -54.68 -29.41
C THR G 27 -18.44 -55.00 -28.73
N CYS G 28 -18.48 -55.85 -27.70
CA CYS G 28 -17.27 -56.22 -26.98
C CYS G 28 -16.23 -56.84 -27.89
N GLN G 29 -16.67 -57.61 -28.89
CA GLN G 29 -15.74 -58.29 -29.78
C GLN G 29 -14.92 -57.30 -30.59
N LYS G 30 -15.53 -56.18 -30.98
CA LYS G 30 -14.88 -55.21 -31.86
C LYS G 30 -13.97 -54.26 -31.08
N ALA G 31 -14.35 -53.94 -29.84
CA ALA G 31 -13.57 -53.04 -29.00
C ALA G 31 -12.43 -53.75 -28.31
N GLY G 32 -12.50 -55.08 -28.18
CA GLY G 32 -11.48 -55.84 -27.48
C GLY G 32 -11.78 -56.02 -26.00
N TYR G 33 -13.02 -56.40 -25.70
CA TYR G 33 -13.50 -56.57 -24.32
C TYR G 33 -13.95 -58.01 -24.09
N TRP G 34 -13.22 -58.76 -23.29
CA TRP G 34 -13.48 -60.16 -23.06
C TRP G 34 -13.50 -60.45 -21.55
N ILE G 35 -13.93 -61.65 -21.19
CA ILE G 35 -14.07 -62.08 -19.80
C ILE G 35 -13.13 -63.26 -19.56
N ALA G 36 -12.31 -63.16 -18.52
CA ALA G 36 -11.35 -64.20 -18.14
C ALA G 36 -11.76 -64.81 -16.81
N LYS G 37 -11.63 -66.13 -16.71
CA LYS G 37 -11.98 -66.88 -15.50
C LYS G 37 -10.73 -67.54 -14.92
N VAL G 38 -9.95 -66.74 -14.18
CA VAL G 38 -8.72 -67.20 -13.56
C VAL G 38 -8.99 -67.41 -12.07
N ASP G 39 -8.58 -68.57 -11.55
CA ASP G 39 -8.80 -68.96 -10.16
C ASP G 39 -10.29 -69.02 -9.81
N GLY G 40 -11.14 -69.20 -10.82
CA GLY G 40 -12.58 -69.21 -10.64
C GLY G 40 -13.22 -67.82 -10.64
N VAL G 41 -12.46 -66.79 -10.27
CA VAL G 41 -12.99 -65.43 -10.22
C VAL G 41 -13.26 -64.95 -11.63
N MET G 42 -13.99 -63.84 -11.77
CA MET G 42 -14.46 -63.34 -13.06
C MET G 42 -13.85 -61.97 -13.28
N TYR G 43 -12.82 -61.90 -14.12
CA TYR G 43 -12.13 -60.65 -14.41
C TYR G 43 -12.60 -60.08 -15.74
N GLN G 44 -12.63 -58.74 -15.81
CA GLN G 44 -13.01 -57.98 -17.00
C GLN G 44 -11.75 -57.36 -17.61
N VAL G 45 -11.46 -57.68 -18.88
CA VAL G 45 -10.22 -57.29 -19.52
C VAL G 45 -10.50 -56.31 -20.67
N ALA G 46 -9.77 -55.18 -20.67
CA ALA G 46 -9.81 -54.18 -21.73
C ALA G 46 -8.47 -54.19 -22.48
N ASP G 47 -8.47 -54.69 -23.71
CA ASP G 47 -7.26 -54.80 -24.53
C ASP G 47 -6.84 -53.44 -25.09
N TYR G 48 -5.71 -52.92 -24.64
CA TYR G 48 -5.12 -51.67 -25.15
C TYR G 48 -4.07 -52.00 -26.21
N ARG G 49 -4.54 -52.17 -27.45
CA ARG G 49 -3.68 -52.52 -28.57
C ARG G 49 -3.04 -51.27 -29.19
N ASP G 50 -1.94 -51.49 -29.94
CA ASP G 50 -1.21 -50.40 -30.58
C ASP G 50 -1.70 -50.19 -32.02
N GLN G 51 -0.88 -49.55 -32.85
CA GLN G 51 -1.22 -49.23 -34.24
C GLN G 51 -1.20 -50.46 -35.15
N ASN G 52 -0.70 -51.59 -34.68
CA ASN G 52 -0.61 -52.79 -35.51
C ASN G 52 -1.38 -53.97 -34.92
N GLY G 53 -2.26 -53.73 -33.94
CA GLY G 53 -3.03 -54.78 -33.30
C GLY G 53 -2.41 -55.41 -32.08
N ASN G 54 -1.07 -55.34 -31.95
CA ASN G 54 -0.36 -55.95 -30.85
C ASN G 54 -0.77 -55.34 -29.51
N ILE G 55 -1.32 -56.17 -28.62
CA ILE G 55 -1.71 -55.71 -27.30
C ILE G 55 -0.50 -55.20 -26.54
N VAL G 56 -0.58 -53.97 -26.07
CA VAL G 56 0.48 -53.35 -25.29
C VAL G 56 0.19 -53.47 -23.81
N SER G 57 -1.02 -53.10 -23.39
CA SER G 57 -1.44 -53.16 -22.00
C SER G 57 -2.89 -53.60 -21.93
N GLN G 58 -3.33 -53.93 -20.71
CA GLN G 58 -4.69 -54.31 -20.43
C GLN G 58 -5.11 -53.76 -19.08
N LYS G 59 -6.38 -53.40 -18.95
CA LYS G 59 -6.95 -52.90 -17.70
C LYS G 59 -7.99 -53.91 -17.21
N VAL G 60 -7.68 -54.58 -16.10
CA VAL G 60 -8.44 -55.72 -15.61
C VAL G 60 -9.17 -55.35 -14.33
N ARG G 61 -10.48 -55.61 -14.30
CA ARG G 61 -11.31 -55.42 -13.12
C ARG G 61 -12.16 -56.65 -12.90
N ASP G 62 -12.64 -56.81 -11.66
CA ASP G 62 -13.41 -57.99 -11.30
C ASP G 62 -14.83 -57.64 -10.86
N LYS G 63 -15.40 -58.51 -10.02
CA LYS G 63 -16.77 -58.32 -9.55
C LYS G 63 -16.85 -57.17 -8.56
N ASP G 64 -15.87 -57.07 -7.67
CA ASP G 64 -15.83 -56.02 -6.65
C ASP G 64 -15.26 -54.72 -7.19
N LYS G 65 -15.14 -54.58 -8.51
CA LYS G 65 -14.65 -53.37 -9.15
C LYS G 65 -13.29 -52.95 -8.59
N ASN G 66 -12.37 -53.91 -8.56
CA ASN G 66 -10.98 -53.65 -8.23
C ASN G 66 -10.17 -53.61 -9.51
N PHE G 67 -9.11 -52.80 -9.52
CA PHE G 67 -8.36 -52.54 -10.74
C PHE G 67 -7.00 -53.23 -10.69
N LYS G 68 -6.59 -53.76 -11.86
CA LYS G 68 -5.33 -54.47 -12.00
C LYS G 68 -4.82 -54.25 -13.41
N THR G 69 -3.59 -53.72 -13.53
CA THR G 69 -3.06 -53.32 -14.82
C THR G 69 -1.95 -54.29 -15.25
N THR G 70 -1.95 -54.63 -16.54
CA THR G 70 -0.95 -55.52 -17.12
C THR G 70 -0.24 -54.84 -18.29
N GLY G 71 0.96 -55.31 -18.59
CA GLY G 71 1.71 -54.77 -19.72
C GLY G 71 2.32 -53.42 -19.45
N SER G 72 2.39 -52.60 -20.50
CA SER G 72 2.99 -51.27 -20.45
C SER G 72 1.88 -50.23 -20.61
N HIS G 73 1.21 -49.92 -19.51
CA HIS G 73 0.15 -48.91 -19.50
C HIS G 73 0.79 -47.53 -19.47
N LYS G 74 1.27 -47.11 -20.64
CA LYS G 74 1.93 -45.83 -20.77
C LYS G 74 0.93 -44.69 -20.58
N SER G 75 1.45 -43.45 -20.59
CA SER G 75 0.61 -42.28 -20.35
C SER G 75 -0.42 -42.08 -21.46
N ASP G 76 -0.08 -42.50 -22.68
CA ASP G 76 -0.97 -42.34 -23.84
C ASP G 76 -1.92 -43.50 -24.03
N ALA G 77 -2.44 -44.06 -22.94
CA ALA G 77 -3.34 -45.21 -23.01
C ALA G 77 -4.72 -44.76 -23.45
N LEU G 78 -5.19 -45.28 -24.59
CA LEU G 78 -6.51 -44.94 -25.14
C LEU G 78 -7.19 -46.22 -25.59
N PHE G 79 -8.24 -46.63 -24.86
CA PHE G 79 -8.99 -47.84 -25.20
C PHE G 79 -9.80 -47.62 -26.48
N GLY G 80 -9.47 -48.35 -27.53
CA GLY G 80 -10.15 -48.23 -28.80
C GLY G 80 -9.42 -47.40 -29.82
N LYS G 81 -8.27 -46.83 -29.44
CA LYS G 81 -7.47 -46.00 -30.33
C LYS G 81 -7.09 -46.73 -31.61
N HIS G 82 -6.88 -48.05 -31.54
CA HIS G 82 -6.43 -48.81 -32.70
C HIS G 82 -7.54 -49.04 -33.72
N LEU G 83 -8.77 -48.65 -33.41
CA LEU G 83 -9.91 -48.90 -34.28
C LEU G 83 -10.17 -47.78 -35.28
N TRP G 84 -9.68 -46.57 -35.04
CA TRP G 84 -10.03 -45.41 -35.85
C TRP G 84 -8.78 -44.74 -36.39
N ASN G 85 -8.73 -44.58 -37.71
CA ASN G 85 -7.65 -43.87 -38.40
C ASN G 85 -8.07 -42.47 -38.79
N GLY G 86 -8.64 -41.72 -37.85
CA GLY G 86 -9.11 -40.38 -38.13
C GLY G 86 -10.59 -40.34 -38.52
N GLY G 87 -11.05 -39.14 -38.83
CA GLY G 87 -12.43 -38.97 -39.25
C GLY G 87 -12.98 -37.58 -39.05
N LYS G 88 -14.27 -37.49 -38.67
CA LYS G 88 -14.94 -36.22 -38.44
C LYS G 88 -15.02 -35.89 -36.95
N LYS G 89 -15.58 -36.79 -36.15
CA LYS G 89 -15.73 -36.61 -34.71
C LYS G 89 -15.26 -37.85 -33.99
N ILE G 90 -14.81 -37.68 -32.74
CA ILE G 90 -14.37 -38.80 -31.91
C ILE G 90 -14.89 -38.59 -30.48
N VAL G 91 -15.46 -39.65 -29.91
CA VAL G 91 -16.02 -39.61 -28.56
C VAL G 91 -14.96 -40.13 -27.58
N VAL G 92 -14.65 -39.33 -26.56
CA VAL G 92 -13.64 -39.68 -25.56
C VAL G 92 -14.34 -39.81 -24.21
N THR G 93 -14.63 -41.05 -23.80
CA THR G 93 -15.27 -41.31 -22.52
C THR G 93 -14.23 -41.39 -21.41
N GLU G 94 -14.67 -41.74 -20.20
CA GLU G 94 -13.79 -41.92 -19.05
C GLU G 94 -13.51 -43.39 -18.75
N GLY G 95 -14.55 -44.21 -18.69
CA GLY G 95 -14.38 -45.63 -18.46
C GLY G 95 -14.60 -46.46 -19.71
N GLU G 96 -14.10 -47.70 -19.71
CA GLU G 96 -14.25 -48.56 -20.88
C GLU G 96 -15.70 -48.99 -21.08
N ILE G 97 -16.44 -49.14 -19.98
CA ILE G 97 -17.85 -49.52 -20.09
C ILE G 97 -18.65 -48.41 -20.76
N ASP G 98 -18.33 -47.15 -20.42
CA ASP G 98 -18.95 -46.01 -21.08
C ASP G 98 -18.52 -45.94 -22.53
N MET G 99 -17.27 -46.31 -22.82
CA MET G 99 -16.81 -46.39 -24.20
C MET G 99 -17.57 -47.48 -24.94
N LEU G 100 -18.04 -48.49 -24.22
CA LEU G 100 -18.83 -49.55 -24.81
C LEU G 100 -20.28 -49.12 -25.00
N THR G 101 -20.68 -48.03 -24.34
CA THR G 101 -22.04 -47.51 -24.44
C THR G 101 -22.23 -46.75 -25.75
N VAL G 102 -21.32 -45.81 -26.02
CA VAL G 102 -21.43 -44.98 -27.22
C VAL G 102 -21.35 -45.84 -28.48
N MET G 103 -20.44 -46.82 -28.48
CA MET G 103 -20.29 -47.69 -29.64
C MET G 103 -21.53 -48.55 -29.84
N GLU G 104 -22.20 -48.94 -28.76
CA GLU G 104 -23.41 -49.74 -28.87
C GLU G 104 -24.50 -48.95 -29.59
N LEU G 105 -24.67 -47.68 -29.23
CA LEU G 105 -25.68 -46.84 -29.86
C LEU G 105 -25.30 -46.48 -31.28
N GLN G 106 -24.01 -46.40 -31.57
CA GLN G 106 -23.54 -46.07 -32.90
C GLN G 106 -23.23 -47.33 -33.69
N ASP G 107 -23.58 -48.49 -33.14
CA ASP G 107 -23.39 -49.80 -33.78
C ASP G 107 -21.91 -50.04 -34.11
N CYS G 108 -21.02 -49.52 -33.27
CA CYS G 108 -19.58 -49.70 -33.43
C CYS G 108 -19.11 -49.18 -34.78
N LYS G 109 -19.72 -48.07 -35.23
CA LYS G 109 -19.44 -47.52 -36.55
C LYS G 109 -18.68 -46.21 -36.50
N TYR G 110 -18.58 -45.57 -35.33
CA TYR G 110 -18.02 -44.24 -35.25
C TYR G 110 -16.96 -44.14 -34.16
N PRO G 111 -15.92 -43.33 -34.37
CA PRO G 111 -14.79 -43.27 -33.44
C PRO G 111 -15.13 -42.95 -31.99
N VAL G 112 -14.84 -43.89 -31.08
CA VAL G 112 -15.02 -43.73 -29.65
C VAL G 112 -13.80 -44.29 -28.93
N VAL G 113 -13.25 -43.54 -27.97
CA VAL G 113 -12.10 -43.97 -27.20
C VAL G 113 -12.34 -43.66 -25.72
N SER G 114 -11.58 -44.34 -24.86
CA SER G 114 -11.65 -44.16 -23.42
C SER G 114 -10.29 -43.75 -22.86
N LEU G 115 -10.31 -43.26 -21.63
CA LEU G 115 -9.09 -42.83 -20.94
C LEU G 115 -8.44 -44.00 -20.23
N GLY G 116 -7.10 -44.08 -20.34
CA GLY G 116 -6.38 -45.19 -19.74
C GLY G 116 -6.42 -45.18 -18.22
N HIS G 117 -6.03 -44.07 -17.61
CA HIS G 117 -5.86 -44.02 -16.16
C HIS G 117 -7.01 -43.27 -15.49
N GLY G 118 -8.24 -43.54 -15.91
CA GLY G 118 -9.39 -42.99 -15.20
C GLY G 118 -9.56 -41.50 -15.45
N ALA G 119 -10.10 -40.82 -14.45
CA ALA G 119 -10.33 -39.38 -14.52
C ALA G 119 -9.17 -38.57 -13.98
N SER G 120 -8.26 -39.19 -13.23
CA SER G 120 -7.16 -38.46 -12.60
C SER G 120 -6.14 -38.01 -13.62
N ALA G 121 -5.65 -38.94 -14.46
CA ALA G 121 -4.65 -38.63 -15.46
C ALA G 121 -5.28 -38.14 -16.76
N ALA G 122 -6.53 -37.71 -16.71
CA ALA G 122 -7.22 -37.16 -17.88
C ALA G 122 -6.38 -36.09 -18.56
N LYS G 123 -5.80 -35.17 -17.79
CA LYS G 123 -4.95 -34.14 -18.36
C LYS G 123 -3.72 -34.76 -19.03
N LYS G 124 -3.06 -35.69 -18.33
CA LYS G 124 -1.86 -36.31 -18.86
C LYS G 124 -2.19 -37.20 -20.07
N THR G 125 -3.28 -37.97 -19.97
CA THR G 125 -3.65 -38.87 -21.06
C THR G 125 -3.99 -38.09 -22.33
N CYS G 126 -4.76 -37.01 -22.19
CA CYS G 126 -5.13 -36.20 -23.36
C CYS G 126 -3.92 -35.44 -23.92
N ALA G 127 -3.05 -34.94 -23.04
CA ALA G 127 -1.85 -34.26 -23.51
C ALA G 127 -0.94 -35.22 -24.28
N ALA G 128 -0.79 -36.45 -23.78
CA ALA G 128 0.03 -37.43 -24.48
C ALA G 128 -0.57 -37.81 -25.82
N ASN G 129 -1.89 -37.65 -25.96
CA ASN G 129 -2.57 -37.92 -27.22
C ASN G 129 -3.17 -36.64 -27.77
N TYR G 130 -2.32 -35.66 -28.04
CA TYR G 130 -2.73 -34.43 -28.70
C TYR G 130 -2.56 -34.61 -30.19
N GLU G 131 -1.44 -35.23 -30.57
CA GLU G 131 -1.19 -35.58 -31.96
C GLU G 131 -2.30 -36.48 -32.51
N TYR G 132 -2.71 -37.47 -31.72
CA TYR G 132 -3.75 -38.39 -32.18
C TYR G 132 -5.10 -37.71 -32.24
N PHE G 133 -5.48 -37.01 -31.16
CA PHE G 133 -6.79 -36.37 -31.10
C PHE G 133 -6.93 -35.24 -32.11
N ASP G 134 -5.82 -34.73 -32.64
CA ASP G 134 -5.88 -33.65 -33.61
C ASP G 134 -6.17 -34.17 -35.01
N GLN G 135 -6.35 -35.47 -35.17
CA GLN G 135 -6.73 -36.08 -36.44
C GLN G 135 -8.23 -36.01 -36.68
N PHE G 136 -8.97 -35.45 -35.74
CA PHE G 136 -10.42 -35.35 -35.83
C PHE G 136 -10.82 -33.88 -35.76
N GLU G 137 -11.94 -33.55 -36.42
CA GLU G 137 -12.43 -32.18 -36.39
C GLU G 137 -13.07 -31.82 -35.05
N GLN G 138 -13.52 -32.82 -34.28
CA GLN G 138 -14.16 -32.59 -32.99
C GLN G 138 -13.73 -33.67 -32.01
N ILE G 139 -13.73 -33.33 -30.71
CA ILE G 139 -13.30 -34.22 -29.63
C ILE G 139 -14.37 -34.24 -28.55
N ILE G 140 -15.15 -35.32 -28.47
CA ILE G 140 -16.29 -35.41 -27.56
C ILE G 140 -15.82 -35.96 -26.22
N LEU G 141 -15.57 -35.09 -25.24
CA LEU G 141 -15.21 -35.50 -23.88
C LEU G 141 -16.47 -35.91 -23.13
N MET G 142 -16.75 -37.21 -23.09
CA MET G 142 -17.92 -37.74 -22.37
C MET G 142 -17.47 -38.43 -21.08
N PHE G 143 -17.08 -37.60 -20.09
CA PHE G 143 -16.65 -38.12 -18.81
C PHE G 143 -17.85 -38.32 -17.89
N ASP G 144 -17.59 -38.65 -16.62
CA ASP G 144 -18.65 -38.84 -15.64
C ASP G 144 -19.31 -37.50 -15.29
N MET G 145 -20.44 -37.58 -14.61
CA MET G 145 -21.26 -36.41 -14.30
C MET G 145 -21.29 -36.17 -12.80
N ASP G 146 -20.14 -35.77 -12.26
CA ASP G 146 -20.02 -35.52 -10.83
C ASP G 146 -18.84 -34.60 -10.57
N GLU G 147 -18.51 -34.41 -9.29
CA GLU G 147 -17.47 -33.47 -8.88
C GLU G 147 -16.12 -33.83 -9.50
N ALA G 148 -15.66 -35.05 -9.26
CA ALA G 148 -14.39 -35.49 -9.84
C ALA G 148 -14.46 -35.54 -11.36
N GLY G 149 -15.60 -35.99 -11.90
CA GLY G 149 -15.75 -36.07 -13.35
C GLY G 149 -15.65 -34.72 -14.03
N ARG G 150 -16.32 -33.70 -13.46
CA ARG G 150 -16.27 -32.36 -14.04
C ARG G 150 -14.88 -31.76 -13.90
N LYS G 151 -14.14 -32.15 -12.87
CA LYS G 151 -12.75 -31.71 -12.74
C LYS G 151 -11.89 -32.33 -13.83
N ALA G 152 -12.16 -33.60 -14.16
CA ALA G 152 -11.44 -34.26 -15.24
C ALA G 152 -11.71 -33.58 -16.58
N VAL G 153 -12.97 -33.18 -16.82
CA VAL G 153 -13.31 -32.46 -18.05
C VAL G 153 -12.48 -31.17 -18.16
N GLU G 154 -12.42 -30.42 -17.06
CA GLU G 154 -11.69 -29.14 -17.07
C GLU G 154 -10.20 -29.36 -17.35
N GLU G 155 -9.60 -30.36 -16.71
CA GLU G 155 -8.17 -30.59 -16.85
C GLU G 155 -7.80 -31.24 -18.18
N ALA G 156 -8.77 -31.83 -18.88
CA ALA G 156 -8.51 -32.41 -20.19
C ALA G 156 -8.48 -31.34 -21.28
N ALA G 157 -9.58 -30.59 -21.40
CA ALA G 157 -9.74 -29.57 -22.44
C ALA G 157 -8.61 -28.56 -22.48
N GLN G 158 -7.87 -28.39 -21.38
CA GLN G 158 -6.81 -27.39 -21.36
C GLN G 158 -5.64 -27.80 -22.24
N VAL G 159 -5.32 -29.10 -22.26
CA VAL G 159 -4.15 -29.57 -22.99
C VAL G 159 -4.66 -30.35 -24.19
N LEU G 160 -5.75 -29.89 -24.78
CA LEU G 160 -6.38 -30.47 -25.96
C LEU G 160 -6.46 -29.43 -27.05
N PRO G 161 -6.61 -29.85 -28.32
CA PRO G 161 -6.75 -28.88 -29.41
C PRO G 161 -7.90 -27.91 -29.19
N ALA G 162 -7.57 -26.66 -28.86
CA ALA G 162 -8.58 -25.66 -28.52
C ALA G 162 -9.44 -25.34 -29.72
N GLY G 163 -10.75 -25.54 -29.58
CA GLY G 163 -11.71 -25.33 -30.66
C GLY G 163 -12.39 -26.60 -31.13
N LYS G 164 -12.00 -27.77 -30.63
CA LYS G 164 -12.61 -29.03 -31.01
C LYS G 164 -13.12 -29.83 -29.82
N VAL G 165 -13.04 -29.28 -28.61
CA VAL G 165 -13.47 -29.98 -27.40
C VAL G 165 -15.00 -29.98 -27.32
N ARG G 166 -15.57 -31.09 -26.84
CA ARG G 166 -17.02 -31.22 -26.72
C ARG G 166 -17.35 -32.10 -25.51
N VAL G 167 -18.35 -31.68 -24.73
CA VAL G 167 -18.79 -32.39 -23.53
C VAL G 167 -20.26 -32.80 -23.72
N ALA G 168 -20.61 -33.98 -23.21
CA ALA G 168 -21.98 -34.49 -23.28
C ALA G 168 -22.73 -34.27 -21.97
N VAL G 169 -23.95 -33.76 -22.07
CA VAL G 169 -24.85 -33.63 -20.92
C VAL G 169 -25.45 -34.99 -20.62
N LEU G 170 -25.39 -35.42 -19.36
CA LEU G 170 -25.97 -36.69 -18.94
C LEU G 170 -26.85 -36.47 -17.72
N PRO G 171 -28.15 -36.74 -17.80
CA PRO G 171 -29.02 -36.67 -16.62
C PRO G 171 -28.83 -37.82 -15.63
N CYS G 172 -27.73 -38.55 -15.73
CA CYS G 172 -27.46 -39.69 -14.86
C CYS G 172 -26.03 -39.55 -14.35
N LYS G 173 -25.44 -40.68 -13.96
CA LYS G 173 -24.05 -40.67 -13.46
C LYS G 173 -23.05 -40.66 -14.62
N ASP G 174 -23.14 -41.65 -15.51
CA ASP G 174 -22.24 -41.73 -16.65
C ASP G 174 -23.03 -42.16 -17.88
N ALA G 175 -22.30 -42.45 -18.96
CA ALA G 175 -22.95 -42.87 -20.20
C ALA G 175 -23.72 -44.16 -20.02
N ASN G 176 -23.14 -45.13 -19.31
CA ASN G 176 -23.82 -46.40 -19.07
C ASN G 176 -25.03 -46.21 -18.16
N GLU G 177 -24.92 -45.30 -17.19
CA GLU G 177 -26.03 -45.06 -16.28
C GLU G 177 -27.23 -44.48 -17.01
N CYS G 178 -26.98 -43.68 -18.06
CA CYS G 178 -28.07 -43.18 -18.90
C CYS G 178 -28.70 -44.33 -19.67
N HIS G 179 -27.87 -45.11 -20.35
CA HIS G 179 -28.34 -46.24 -21.14
C HIS G 179 -29.26 -47.15 -20.33
N LEU G 180 -28.81 -47.58 -19.15
CA LEU G 180 -29.62 -48.36 -18.23
C LEU G 180 -30.52 -47.44 -17.40
N ASN G 181 -31.63 -46.99 -18.01
CA ASN G 181 -32.58 -46.10 -17.35
C ASN G 181 -33.67 -45.63 -18.31
N GLY G 182 -33.29 -45.39 -19.56
CA GLY G 182 -34.19 -44.72 -20.48
C GLY G 182 -33.44 -43.94 -21.53
N HIS G 183 -32.55 -43.05 -21.06
CA HIS G 183 -31.99 -41.96 -21.86
C HIS G 183 -30.85 -42.45 -22.73
N ASP G 184 -31.21 -43.18 -23.78
CA ASP G 184 -30.34 -43.32 -24.93
C ASP G 184 -30.49 -42.11 -25.85
N ARG G 185 -31.55 -41.33 -25.60
CA ARG G 185 -31.91 -40.18 -26.41
C ARG G 185 -31.02 -38.97 -26.15
N GLU G 186 -30.43 -38.90 -24.95
CA GLU G 186 -29.55 -37.80 -24.60
C GLU G 186 -28.10 -38.12 -24.88
N ILE G 187 -27.76 -39.41 -24.93
CA ILE G 187 -26.42 -39.83 -25.32
C ILE G 187 -26.23 -39.58 -26.80
N MET G 188 -27.19 -40.06 -27.60
CA MET G 188 -27.13 -39.99 -29.05
C MET G 188 -27.04 -38.55 -29.54
N GLU G 189 -27.64 -37.62 -28.80
CA GLU G 189 -27.73 -36.21 -29.19
C GLU G 189 -26.40 -35.60 -29.64
N GLN G 190 -25.27 -36.04 -29.10
CA GLN G 190 -24.01 -35.38 -29.46
C GLN G 190 -23.70 -35.60 -30.94
N VAL G 191 -23.85 -36.84 -31.41
CA VAL G 191 -23.71 -37.14 -32.83
C VAL G 191 -25.03 -36.96 -33.59
N TRP G 192 -26.18 -37.17 -32.93
CA TRP G 192 -27.49 -37.24 -33.56
C TRP G 192 -28.39 -35.99 -33.42
N ASN G 193 -28.30 -35.22 -32.34
CA ASN G 193 -29.22 -34.09 -32.23
C ASN G 193 -28.57 -32.82 -31.69
N ALA G 194 -27.81 -32.94 -30.61
CA ALA G 194 -27.14 -31.77 -30.03
C ALA G 194 -25.89 -31.42 -30.83
N GLY G 195 -24.76 -31.28 -30.16
CA GLY G 195 -23.55 -30.79 -30.78
C GLY G 195 -22.87 -29.72 -29.95
N PRO G 196 -23.59 -28.64 -29.62
CA PRO G 196 -22.98 -27.59 -28.79
C PRO G 196 -22.85 -27.99 -27.33
N TRP G 197 -22.67 -26.98 -26.47
CA TRP G 197 -22.47 -27.12 -25.03
C TRP G 197 -21.20 -27.92 -24.71
N ILE G 198 -20.26 -27.28 -24.03
CA ILE G 198 -19.04 -27.93 -23.57
C ILE G 198 -18.45 -27.28 -22.32
N PRO G 199 -18.38 -25.95 -22.20
CA PRO G 199 -17.70 -25.37 -21.02
C PRO G 199 -18.58 -25.41 -19.77
N ASP G 200 -18.14 -26.17 -18.77
CA ASP G 200 -18.74 -26.18 -17.44
C ASP G 200 -17.80 -25.47 -16.47
N GLY G 201 -17.94 -25.78 -15.17
CA GLY G 201 -17.08 -25.21 -14.15
C GLY G 201 -17.39 -23.74 -13.88
N VAL G 202 -17.79 -23.01 -14.92
CA VAL G 202 -18.29 -21.65 -14.78
C VAL G 202 -19.73 -21.61 -14.27
N VAL G 203 -20.34 -22.78 -14.04
CA VAL G 203 -21.69 -23.01 -13.53
C VAL G 203 -22.77 -22.42 -14.44
N SER G 204 -22.36 -21.72 -15.49
CA SER G 204 -23.34 -21.14 -16.40
C SER G 204 -24.15 -22.23 -17.08
N ALA G 205 -25.44 -22.27 -16.75
CA ALA G 205 -26.40 -23.04 -17.51
C ALA G 205 -27.47 -22.18 -18.15
N LEU G 206 -27.47 -20.87 -17.88
CA LEU G 206 -28.49 -19.93 -18.36
C LEU G 206 -29.88 -20.34 -17.90
N SER G 207 -30.30 -21.54 -18.29
CA SER G 207 -31.55 -22.12 -17.80
C SER G 207 -31.38 -22.59 -16.36
N LEU G 208 -30.57 -21.88 -15.58
CA LEU G 208 -30.52 -22.11 -14.14
C LEU G 208 -31.90 -21.94 -13.53
N ARG G 209 -32.51 -20.77 -13.70
CA ARG G 209 -33.90 -20.52 -13.37
C ARG G 209 -34.25 -20.86 -11.92
N GLU G 210 -33.96 -22.10 -11.54
CA GLU G 210 -34.42 -22.63 -10.25
C GLU G 210 -33.71 -21.95 -9.09
N ARG G 211 -32.42 -21.68 -9.22
CA ARG G 211 -31.71 -20.99 -8.15
C ARG G 211 -32.20 -19.56 -8.04
N ILE G 212 -32.55 -18.94 -9.17
CA ILE G 212 -33.14 -17.61 -9.16
C ILE G 212 -34.53 -17.67 -8.54
N ARG G 213 -35.33 -18.64 -8.99
CA ARG G 213 -36.63 -18.93 -8.39
C ARG G 213 -36.50 -19.16 -6.88
N GLU G 214 -35.54 -19.98 -6.48
CA GLU G 214 -35.32 -20.27 -5.07
C GLU G 214 -34.91 -19.01 -4.29
N HIS G 215 -34.10 -18.15 -4.90
CA HIS G 215 -33.62 -16.96 -4.20
C HIS G 215 -34.76 -16.02 -3.87
N LEU G 216 -35.47 -15.54 -4.90
CA LEU G 216 -36.53 -14.56 -4.69
C LEU G 216 -37.60 -15.09 -3.74
N SER G 217 -37.92 -16.38 -3.82
CA SER G 217 -39.00 -16.96 -3.04
C SER G 217 -38.63 -17.28 -1.60
N SER G 218 -37.42 -17.77 -1.35
CA SER G 218 -37.08 -18.27 -0.02
C SER G 218 -36.30 -17.29 0.84
N GLU G 219 -35.49 -16.43 0.23
CA GLU G 219 -34.85 -15.39 1.03
C GLU G 219 -35.91 -14.49 1.64
N GLU G 220 -35.56 -13.87 2.75
CA GLU G 220 -36.48 -12.98 3.44
C GLU G 220 -36.62 -11.63 2.73
N SER G 221 -36.21 -11.55 1.46
CA SER G 221 -36.11 -10.29 0.72
C SER G 221 -35.29 -9.30 1.52
N VAL G 222 -35.94 -8.28 2.07
CA VAL G 222 -35.32 -7.45 3.10
C VAL G 222 -35.34 -8.26 4.39
N GLY G 223 -34.22 -8.96 4.67
CA GLY G 223 -34.21 -9.91 5.77
C GLY G 223 -34.52 -9.28 7.11
N LEU G 224 -34.12 -8.03 7.29
CA LEU G 224 -34.39 -7.30 8.52
C LEU G 224 -34.24 -5.81 8.23
N LEU G 225 -34.56 -4.99 9.23
CA LEU G 225 -34.38 -3.55 9.14
C LEU G 225 -33.63 -3.07 10.37
N PHE G 226 -32.61 -2.25 10.15
CA PHE G 226 -31.78 -1.75 11.24
C PHE G 226 -32.62 -1.00 12.25
N SER G 227 -32.52 -1.39 13.52
CA SER G 227 -33.27 -0.76 14.59
C SER G 227 -32.43 0.31 15.30
N GLY G 228 -33.11 1.11 16.11
CA GLY G 228 -32.51 2.23 16.78
C GLY G 228 -32.59 3.54 16.02
N CYS G 229 -32.81 3.50 14.70
CA CYS G 229 -32.90 4.70 13.91
C CYS G 229 -33.34 4.38 12.48
N THR G 230 -34.48 4.92 12.06
CA THR G 230 -34.86 4.84 10.66
C THR G 230 -34.01 5.82 9.85
N GLY G 231 -34.26 5.89 8.55
CA GLY G 231 -33.42 6.66 7.66
C GLY G 231 -32.27 5.80 7.18
N ILE G 232 -31.71 5.00 8.08
CA ILE G 232 -30.78 3.95 7.65
C ILE G 232 -31.53 2.96 6.78
N ASN G 233 -32.75 2.63 7.19
CA ASN G 233 -33.61 1.78 6.37
C ASN G 233 -34.02 2.50 5.10
N ASP G 234 -34.14 3.82 5.15
CA ASP G 234 -34.55 4.60 3.99
C ASP G 234 -33.48 4.58 2.90
N LYS G 235 -32.22 4.42 3.28
CA LYS G 235 -31.12 4.49 2.34
C LYS G 235 -30.51 3.13 2.04
N THR G 236 -30.82 2.11 2.85
CA THR G 236 -30.26 0.79 2.69
C THR G 236 -31.32 -0.29 2.53
N LEU G 237 -32.55 -0.07 2.98
CA LEU G 237 -33.60 -1.09 2.96
C LEU G 237 -33.17 -2.33 3.73
N GLY G 238 -32.58 -2.12 4.90
CA GLY G 238 -32.13 -3.22 5.72
C GLY G 238 -30.92 -3.93 5.11
N ALA G 239 -30.72 -5.17 5.56
CA ALA G 239 -29.66 -6.01 5.06
C ALA G 239 -30.26 -7.29 4.49
N ARG G 240 -29.61 -7.82 3.46
CA ARG G 240 -30.08 -9.01 2.76
C ARG G 240 -29.18 -10.19 3.09
N GLY G 241 -29.64 -11.37 2.69
CA GLY G 241 -28.84 -12.57 2.82
C GLY G 241 -27.81 -12.70 1.72
N GLY G 242 -26.54 -12.51 2.07
CA GLY G 242 -25.47 -12.61 1.10
C GLY G 242 -24.52 -11.42 1.11
N GLU G 243 -25.02 -10.29 1.58
CA GLU G 243 -24.23 -9.06 1.65
C GLU G 243 -23.45 -9.00 2.96
N VAL G 244 -22.61 -7.97 3.08
CA VAL G 244 -21.77 -7.77 4.26
C VAL G 244 -21.89 -6.31 4.69
N ILE G 245 -22.53 -6.08 5.83
CA ILE G 245 -22.69 -4.75 6.40
C ILE G 245 -21.42 -4.38 7.16
N MET G 246 -20.89 -3.18 6.90
CA MET G 246 -19.63 -2.70 7.46
C MET G 246 -19.93 -1.60 8.48
N VAL G 247 -19.67 -1.85 9.76
CA VAL G 247 -19.91 -0.89 10.82
C VAL G 247 -18.59 -0.41 11.41
N THR G 248 -18.44 0.91 11.56
CA THR G 248 -17.21 1.49 12.07
C THR G 248 -17.49 2.86 12.68
N SER G 249 -16.56 3.28 13.57
CA SER G 249 -16.57 4.59 14.18
C SER G 249 -15.27 4.79 14.96
N GLY G 250 -15.23 5.79 15.86
CA GLY G 250 -14.07 5.97 16.69
C GLY G 250 -14.00 4.98 17.84
N SER G 251 -12.88 5.01 18.57
CA SER G 251 -12.65 4.08 19.66
C SER G 251 -13.60 4.40 20.81
N GLY G 252 -14.52 3.48 21.08
CA GLY G 252 -15.47 3.69 22.17
C GLY G 252 -16.51 4.73 21.84
N MET G 253 -17.03 4.73 20.61
CA MET G 253 -18.09 5.65 20.21
C MET G 253 -19.40 4.93 19.90
N GLY G 254 -19.48 3.64 20.17
CA GLY G 254 -20.69 2.89 19.99
C GLY G 254 -20.73 1.92 18.83
N LYS G 255 -19.58 1.49 18.32
CA LYS G 255 -19.59 0.45 17.31
C LYS G 255 -20.21 -0.82 17.87
N SER G 256 -19.72 -1.27 19.03
CA SER G 256 -20.24 -2.48 19.65
C SER G 256 -21.68 -2.27 20.11
N THR G 257 -21.98 -1.09 20.66
CA THR G 257 -23.31 -0.83 21.19
C THR G 257 -24.35 -0.85 20.09
N PHE G 258 -24.04 -0.23 18.95
CA PHE G 258 -24.96 -0.22 17.83
C PHE G 258 -25.23 -1.63 17.33
N VAL G 259 -24.17 -2.38 17.03
CA VAL G 259 -24.31 -3.73 16.51
C VAL G 259 -24.99 -4.64 17.54
N ARG G 260 -24.70 -4.42 18.81
CA ARG G 260 -25.29 -5.27 19.85
C ARG G 260 -26.80 -5.08 19.90
N GLN G 261 -27.28 -3.88 19.60
CA GLN G 261 -28.72 -3.65 19.53
C GLN G 261 -29.33 -4.42 18.38
N GLN G 262 -28.65 -4.41 17.22
CA GLN G 262 -29.13 -5.17 16.07
C GLN G 262 -29.18 -6.66 16.39
N ALA G 263 -28.13 -7.18 17.03
CA ALA G 263 -28.13 -8.59 17.41
C ALA G 263 -29.28 -8.90 18.34
N LEU G 264 -29.48 -8.07 19.36
CA LEU G 264 -30.57 -8.25 20.31
C LEU G 264 -31.94 -8.16 19.64
N GLN G 265 -32.22 -7.03 19.00
CA GLN G 265 -33.52 -6.78 18.39
C GLN G 265 -33.91 -7.88 17.41
N TRP G 266 -33.00 -8.23 16.50
CA TRP G 266 -33.27 -9.26 15.50
C TRP G 266 -33.58 -10.60 16.15
N GLY G 267 -32.87 -10.94 17.21
CA GLY G 267 -33.06 -12.22 17.87
C GLY G 267 -34.20 -12.25 18.87
N THR G 268 -34.89 -11.11 19.02
CA THR G 268 -36.00 -10.99 19.96
C THR G 268 -37.30 -10.66 19.23
N ALA G 269 -37.45 -9.44 18.70
CA ALA G 269 -38.68 -9.05 18.04
C ALA G 269 -38.91 -9.84 16.76
N MET G 270 -37.91 -9.87 15.88
CA MET G 270 -38.02 -10.61 14.63
C MET G 270 -37.21 -11.91 14.69
N GLY G 271 -37.57 -12.78 15.64
CA GLY G 271 -36.90 -14.04 15.93
C GLY G 271 -35.93 -14.65 14.93
N LYS G 272 -34.84 -13.96 14.62
CA LYS G 272 -33.78 -14.49 13.80
C LYS G 272 -32.75 -15.19 14.68
N LYS G 273 -32.12 -16.22 14.11
CA LYS G 273 -31.00 -16.90 14.79
C LYS G 273 -29.74 -16.09 14.50
N VAL G 274 -29.29 -15.34 15.51
CA VAL G 274 -28.14 -14.44 15.39
C VAL G 274 -26.88 -15.12 15.93
N GLY G 275 -25.82 -15.09 15.14
CA GLY G 275 -24.52 -15.62 15.54
C GLY G 275 -23.58 -14.49 15.95
N LEU G 276 -22.92 -14.68 17.10
CA LEU G 276 -22.01 -13.68 17.68
C LEU G 276 -20.58 -14.19 17.70
N ALA G 277 -19.63 -13.30 17.41
CA ALA G 277 -18.21 -13.60 17.47
C ALA G 277 -17.47 -12.46 18.17
N MET G 278 -17.63 -12.38 19.49
CA MET G 278 -17.01 -11.30 20.27
C MET G 278 -15.61 -11.74 20.67
N LEU G 279 -14.64 -11.46 19.79
CA LEU G 279 -13.26 -11.83 20.02
C LEU G 279 -12.58 -10.95 21.07
N GLU G 280 -13.34 -10.13 21.80
CA GLU G 280 -12.74 -9.21 22.75
C GLU G 280 -13.52 -9.14 24.07
N GLU G 281 -14.33 -10.14 24.37
CA GLU G 281 -15.07 -10.19 25.62
C GLU G 281 -15.65 -11.60 25.79
N SER G 282 -15.82 -11.99 27.05
CA SER G 282 -16.31 -13.33 27.36
C SER G 282 -17.79 -13.45 27.07
N VAL G 283 -18.20 -14.63 26.59
CA VAL G 283 -19.59 -14.86 26.20
C VAL G 283 -20.54 -14.54 27.35
N GLU G 284 -20.07 -14.67 28.59
CA GLU G 284 -20.89 -14.30 29.73
C GLU G 284 -21.06 -12.80 29.79
N GLU G 285 -20.01 -12.07 29.42
CA GLU G 285 -20.07 -10.61 29.40
C GLU G 285 -20.90 -10.11 28.23
N THR G 286 -20.75 -10.75 27.06
CA THR G 286 -21.55 -10.35 25.91
C THR G 286 -23.02 -10.61 26.17
N ALA G 287 -23.34 -11.74 26.78
CA ALA G 287 -24.71 -12.00 27.22
C ALA G 287 -25.12 -11.00 28.28
N GLU G 288 -24.22 -10.71 29.23
CA GLU G 288 -24.46 -9.71 30.25
C GLU G 288 -24.93 -8.40 29.64
N ASP G 289 -24.25 -7.95 28.59
CA ASP G 289 -24.71 -6.76 27.86
C ASP G 289 -26.08 -7.02 27.25
N LEU G 290 -26.24 -8.15 26.57
CA LEU G 290 -27.52 -8.50 25.98
C LEU G 290 -28.62 -8.57 27.03
N ILE G 291 -28.32 -9.19 28.18
CA ILE G 291 -29.30 -9.31 29.26
C ILE G 291 -29.73 -7.93 29.75
N GLY G 292 -28.76 -7.08 30.09
CA GLY G 292 -29.07 -5.72 30.52
C GLY G 292 -29.76 -4.91 29.44
N LEU G 293 -29.26 -5.02 28.21
CA LEU G 293 -29.85 -4.27 27.10
C LEU G 293 -31.31 -4.67 26.88
N HIS G 294 -31.61 -5.97 26.99
CA HIS G 294 -32.97 -6.46 26.79
C HIS G 294 -33.93 -5.85 27.80
N ASN G 295 -33.52 -5.77 29.06
CA ASN G 295 -34.36 -5.23 30.12
C ASN G 295 -34.17 -3.72 30.29
N ARG G 296 -33.64 -3.05 29.26
CA ARG G 296 -33.53 -1.59 29.23
C ARG G 296 -32.74 -1.06 30.41
N VAL G 297 -31.66 -1.75 30.78
CA VAL G 297 -30.87 -1.39 31.95
C VAL G 297 -29.38 -1.57 31.68
N ARG G 298 -28.58 -0.93 32.53
CA ARG G 298 -27.12 -1.01 32.48
C ARG G 298 -26.64 -2.02 33.51
N LEU G 299 -26.89 -3.30 33.21
CA LEU G 299 -26.53 -4.37 34.14
C LEU G 299 -25.03 -4.39 34.41
N ARG G 300 -24.23 -4.05 33.42
CA ARG G 300 -22.78 -4.13 33.57
C ARG G 300 -22.26 -3.08 34.53
N GLN G 301 -22.55 -1.81 34.26
CA GLN G 301 -22.01 -0.72 35.07
C GLN G 301 -22.49 -0.78 36.51
N SER G 302 -23.54 -1.52 36.80
CA SER G 302 -24.13 -1.59 38.13
C SER G 302 -23.71 -2.89 38.80
N ASP G 303 -22.92 -2.78 39.87
CA ASP G 303 -22.67 -3.93 40.73
C ASP G 303 -23.89 -4.24 41.61
N SER G 304 -24.71 -3.23 41.88
CA SER G 304 -25.92 -3.44 42.68
C SER G 304 -26.96 -4.26 41.90
N LEU G 305 -27.21 -3.89 40.65
CA LEU G 305 -28.19 -4.63 39.84
C LEU G 305 -27.73 -6.06 39.59
N LYS G 306 -26.43 -6.27 39.43
CA LYS G 306 -25.89 -7.62 39.33
C LYS G 306 -26.22 -8.38 40.61
N ARG G 307 -25.93 -7.75 41.74
CA ARG G 307 -26.21 -8.32 43.06
C ARG G 307 -27.71 -8.52 43.28
N GLU G 308 -28.53 -7.61 42.77
CA GLU G 308 -29.99 -7.71 42.90
C GLU G 308 -30.52 -9.00 42.31
N ILE G 309 -30.39 -9.15 40.98
CA ILE G 309 -30.98 -10.28 40.27
C ILE G 309 -30.42 -11.62 40.73
N ILE G 310 -29.29 -11.63 41.42
CA ILE G 310 -28.71 -12.89 41.89
C ILE G 310 -29.43 -13.40 43.12
N GLU G 311 -29.65 -12.53 44.11
CA GLU G 311 -30.21 -12.94 45.38
C GLU G 311 -31.70 -13.23 45.34
N ASN G 312 -32.19 -13.72 44.20
CA ASN G 312 -33.60 -14.10 44.08
C ASN G 312 -33.84 -14.95 42.85
N GLY G 313 -32.77 -15.28 42.12
CA GLY G 313 -32.91 -16.08 40.92
C GLY G 313 -33.56 -15.35 39.77
N LYS G 314 -33.53 -14.01 39.78
CA LYS G 314 -34.09 -13.22 38.69
C LYS G 314 -33.36 -13.42 37.37
N PHE G 315 -32.19 -14.06 37.38
CA PHE G 315 -31.53 -14.42 36.13
C PHE G 315 -32.46 -15.25 35.24
N ASP G 316 -32.97 -16.36 35.79
CA ASP G 316 -33.87 -17.25 35.06
C ASP G 316 -35.07 -16.51 34.47
N GLN G 317 -35.59 -15.52 35.18
CA GLN G 317 -36.74 -14.76 34.67
C GLN G 317 -36.38 -14.04 33.38
N TRP G 318 -35.40 -13.14 33.45
CA TRP G 318 -35.01 -12.38 32.28
C TRP G 318 -34.38 -13.29 31.22
N PHE G 319 -33.58 -14.27 31.65
CA PHE G 319 -32.91 -15.16 30.70
C PHE G 319 -33.89 -15.95 29.85
N ASP G 320 -34.82 -16.66 30.50
CA ASP G 320 -35.79 -17.44 29.74
C ASP G 320 -36.61 -16.53 28.84
N GLU G 321 -36.88 -15.31 29.31
CA GLU G 321 -37.58 -14.34 28.47
C GLU G 321 -36.79 -14.00 27.21
N LEU G 322 -35.46 -13.98 27.30
CA LEU G 322 -34.65 -13.56 26.17
C LEU G 322 -34.11 -14.73 25.36
N PHE G 323 -33.10 -15.42 25.90
CA PHE G 323 -32.43 -16.47 25.15
C PHE G 323 -33.27 -17.73 25.05
N GLY G 324 -34.42 -17.77 25.72
CA GLY G 324 -35.27 -18.95 25.73
C GLY G 324 -35.73 -19.40 24.36
N ASN G 325 -35.70 -18.51 23.38
CA ASN G 325 -36.08 -18.87 22.02
C ASN G 325 -34.96 -19.56 21.26
N ASP G 326 -33.82 -19.80 21.90
CA ASP G 326 -32.69 -20.49 21.29
C ASP G 326 -32.29 -19.83 19.98
N THR G 327 -32.20 -18.50 20.03
CA THR G 327 -31.87 -17.71 18.85
C THR G 327 -30.44 -17.18 18.85
N PHE G 328 -29.73 -17.24 19.97
CA PHE G 328 -28.42 -16.60 20.11
C PHE G 328 -27.32 -17.64 20.28
N HIS G 329 -26.27 -17.52 19.46
CA HIS G 329 -25.11 -18.41 19.50
C HIS G 329 -23.86 -17.57 19.29
N LEU G 330 -22.80 -17.87 20.05
CA LEU G 330 -21.62 -17.02 20.09
C LEU G 330 -20.33 -17.84 19.99
N TYR G 331 -19.20 -17.13 19.99
CA TYR G 331 -17.86 -17.71 19.93
C TYR G 331 -17.12 -17.51 21.24
N ASP G 332 -16.56 -18.60 21.77
CA ASP G 332 -15.82 -18.59 23.03
C ASP G 332 -14.44 -19.18 22.82
N SER G 333 -13.41 -18.41 23.17
CA SER G 333 -12.04 -18.92 23.20
C SER G 333 -11.10 -17.86 23.74
N PHE G 334 -11.05 -16.71 23.05
CA PHE G 334 -10.02 -15.69 23.22
C PHE G 334 -8.67 -16.19 22.73
N ALA G 335 -8.31 -17.41 23.13
CA ALA G 335 -7.05 -18.03 22.73
C ALA G 335 -6.93 -18.11 21.21
N GLU G 336 -6.36 -17.05 20.61
CA GLU G 336 -6.01 -16.92 19.19
C GLU G 336 -6.94 -17.63 18.21
N ALA G 337 -7.80 -16.86 17.56
CA ALA G 337 -8.70 -17.39 16.51
C ALA G 337 -8.00 -17.25 15.17
N GLU G 338 -7.45 -18.36 14.67
CA GLU G 338 -6.82 -18.37 13.35
C GLU G 338 -7.88 -18.22 12.26
N THR G 339 -7.42 -17.86 11.04
CA THR G 339 -8.37 -17.52 9.97
C THR G 339 -9.27 -18.69 9.61
N ASP G 340 -8.69 -19.81 9.18
CA ASP G 340 -9.50 -21.00 8.95
C ASP G 340 -9.59 -21.84 10.22
N ARG G 341 -9.47 -21.19 11.37
CA ARG G 341 -10.01 -21.67 12.63
C ARG G 341 -11.06 -20.69 13.17
N LEU G 342 -11.52 -19.79 12.31
CA LEU G 342 -12.64 -18.90 12.55
C LEU G 342 -13.70 -19.08 11.49
N LEU G 343 -13.29 -19.01 10.21
CA LEU G 343 -14.19 -19.27 9.10
C LEU G 343 -14.83 -20.65 9.23
N ALA G 344 -14.08 -21.63 9.74
CA ALA G 344 -14.66 -22.94 10.01
C ALA G 344 -15.77 -22.84 11.04
N LYS G 345 -15.53 -22.12 12.14
CA LYS G 345 -16.51 -21.99 13.20
C LYS G 345 -17.69 -21.11 12.80
N LEU G 346 -17.42 -20.01 12.08
CA LEU G 346 -18.50 -19.16 11.60
C LEU G 346 -19.42 -19.94 10.66
N ALA G 347 -18.86 -20.87 9.89
CA ALA G 347 -19.66 -21.71 9.03
C ALA G 347 -20.51 -22.69 9.83
N TYR G 348 -19.98 -23.13 10.98
CA TYR G 348 -20.71 -24.08 11.82
C TYR G 348 -22.06 -23.55 12.27
N MET G 349 -22.14 -22.25 12.55
CA MET G 349 -23.44 -21.68 12.94
C MET G 349 -24.41 -21.73 11.77
N ARG G 350 -24.20 -20.84 10.79
CA ARG G 350 -24.90 -20.83 9.51
C ARG G 350 -25.45 -22.19 9.07
N SER G 351 -24.60 -23.22 9.12
CA SER G 351 -24.95 -24.55 8.61
C SER G 351 -25.50 -25.47 9.70
N GLY G 352 -24.72 -25.71 10.75
CA GLY G 352 -25.13 -26.63 11.80
C GLY G 352 -26.24 -26.07 12.67
N LEU G 353 -26.05 -24.88 13.21
CA LEU G 353 -27.03 -24.28 14.10
C LEU G 353 -28.16 -23.62 13.34
N GLY G 354 -27.98 -23.35 12.05
CA GLY G 354 -29.03 -22.74 11.25
C GLY G 354 -29.24 -21.28 11.56
N CYS G 355 -28.16 -20.53 11.75
CA CYS G 355 -28.28 -19.11 12.06
C CYS G 355 -28.46 -18.30 10.79
N ASP G 356 -29.19 -17.20 10.91
CA ASP G 356 -29.47 -16.34 9.78
C ASP G 356 -28.57 -15.11 9.72
N VAL G 357 -28.00 -14.69 10.86
CA VAL G 357 -27.14 -13.52 10.94
C VAL G 357 -25.88 -13.89 11.72
N ILE G 358 -24.71 -13.50 11.20
CA ILE G 358 -23.43 -13.71 11.85
C ILE G 358 -22.82 -12.36 12.17
N ILE G 359 -22.35 -12.18 13.41
CA ILE G 359 -21.78 -10.92 13.89
C ILE G 359 -20.31 -11.13 14.26
N LEU G 360 -19.42 -10.42 13.58
CA LEU G 360 -17.97 -10.49 13.83
C LEU G 360 -17.46 -9.15 14.33
N ASP G 361 -17.22 -9.07 15.64
CA ASP G 361 -16.69 -7.85 16.26
C ASP G 361 -15.18 -7.79 16.12
N HIS G 362 -14.68 -6.63 15.67
CA HIS G 362 -13.25 -6.36 15.55
C HIS G 362 -12.57 -7.31 14.57
N ILE G 363 -12.16 -6.78 13.42
CA ILE G 363 -11.56 -7.59 12.36
C ILE G 363 -10.10 -7.23 12.15
N SER G 364 -9.51 -6.50 13.10
CA SER G 364 -8.07 -6.32 13.14
C SER G 364 -7.38 -7.46 13.91
N ILE G 365 -8.15 -8.39 14.47
CA ILE G 365 -7.60 -9.58 15.12
C ILE G 365 -7.46 -10.63 14.03
N VAL G 366 -6.26 -10.72 13.46
CA VAL G 366 -5.98 -11.67 12.38
C VAL G 366 -5.54 -13.01 12.95
N VAL G 367 -4.33 -13.04 13.51
CA VAL G 367 -3.69 -14.24 14.06
C VAL G 367 -3.65 -15.34 13.00
N SER G 368 -2.77 -15.21 12.01
CA SER G 368 -2.67 -16.19 10.95
C SER G 368 -1.44 -15.90 10.12
N ALA G 369 -0.71 -16.97 9.77
CA ALA G 369 0.42 -16.90 8.84
C ALA G 369 1.36 -15.74 9.18
N SER G 370 1.78 -15.71 10.44
CA SER G 370 2.71 -14.68 10.90
C SER G 370 4.10 -14.94 10.31
N GLY G 371 4.60 -13.96 9.55
CA GLY G 371 5.85 -14.08 8.81
C GLY G 371 5.76 -13.29 7.52
N GLU G 372 4.53 -12.99 7.11
CA GLU G 372 4.23 -12.18 5.94
C GLU G 372 4.12 -10.73 6.38
N SER G 373 5.11 -9.92 6.00
CA SER G 373 5.22 -8.54 6.48
C SER G 373 3.98 -7.73 6.11
N ASP G 374 3.59 -6.84 7.02
CA ASP G 374 2.43 -5.96 6.90
C ASP G 374 1.13 -6.75 6.82
N GLU G 375 0.27 -6.59 7.82
CA GLU G 375 -1.01 -7.27 7.81
C GLU G 375 -2.01 -6.61 6.86
N ARG G 376 -1.56 -5.67 6.02
CA ARG G 376 -2.42 -5.08 5.01
C ARG G 376 -2.84 -6.11 3.96
N LYS G 377 -2.07 -7.19 3.81
CA LYS G 377 -2.38 -8.28 2.90
C LYS G 377 -3.24 -9.33 3.59
N MET G 378 -2.97 -9.57 4.88
CA MET G 378 -3.74 -10.54 5.65
C MET G 378 -5.23 -10.19 5.64
N ILE G 379 -5.55 -8.93 5.90
CA ILE G 379 -6.94 -8.47 5.92
C ILE G 379 -7.59 -8.64 4.55
N ASP G 380 -6.84 -8.42 3.46
CA ASP G 380 -7.40 -8.61 2.13
C ASP G 380 -7.71 -10.08 1.89
N ASN G 381 -6.76 -10.95 2.21
CA ASN G 381 -7.03 -12.39 2.08
C ASN G 381 -8.22 -12.79 2.93
N LEU G 382 -8.30 -12.24 4.15
CA LEU G 382 -9.40 -12.54 5.07
C LEU G 382 -10.74 -12.00 4.57
N MET G 383 -10.77 -10.74 4.12
CA MET G 383 -12.01 -10.10 3.68
C MET G 383 -12.66 -10.86 2.52
N THR G 384 -11.86 -11.36 1.58
CA THR G 384 -12.45 -12.09 0.45
C THR G 384 -13.10 -13.38 0.92
N LYS G 385 -12.42 -14.14 1.78
CA LYS G 385 -12.99 -15.39 2.28
C LYS G 385 -14.21 -15.13 3.14
N LEU G 386 -14.19 -14.06 3.95
CA LEU G 386 -15.36 -13.71 4.75
C LEU G 386 -16.53 -13.31 3.87
N LYS G 387 -16.25 -12.55 2.81
CA LYS G 387 -17.28 -12.17 1.86
C LYS G 387 -17.81 -13.39 1.13
N GLY G 388 -16.90 -14.30 0.73
CA GLY G 388 -17.26 -15.53 0.06
C GLY G 388 -18.21 -16.43 0.83
N PHE G 389 -17.80 -16.83 2.03
CA PHE G 389 -18.67 -17.65 2.90
C PHE G 389 -20.04 -17.02 3.08
N ALA G 390 -20.10 -15.72 3.32
CA ALA G 390 -21.37 -15.07 3.62
C ALA G 390 -22.36 -15.22 2.47
N LYS G 391 -21.91 -14.98 1.24
CA LYS G 391 -22.81 -14.97 0.11
C LYS G 391 -23.12 -16.38 -0.39
N SER G 392 -22.11 -17.26 -0.44
CA SER G 392 -22.30 -18.60 -0.97
C SER G 392 -23.25 -19.42 -0.12
N THR G 393 -23.52 -18.98 1.11
CA THR G 393 -24.49 -19.62 1.98
C THR G 393 -25.73 -18.76 2.14
N GLY G 394 -25.61 -17.46 1.92
CA GLY G 394 -26.74 -16.56 2.04
C GLY G 394 -27.00 -16.04 3.43
N VAL G 395 -26.01 -16.11 4.31
CA VAL G 395 -26.18 -15.54 5.65
C VAL G 395 -26.01 -14.02 5.58
N VAL G 396 -26.45 -13.34 6.62
CA VAL G 396 -26.20 -11.91 6.80
C VAL G 396 -24.97 -11.76 7.67
N LEU G 397 -23.94 -11.08 7.14
CA LEU G 397 -22.66 -10.93 7.81
C LEU G 397 -22.40 -9.47 8.16
N VAL G 398 -22.46 -9.15 9.45
CA VAL G 398 -22.15 -7.81 9.95
C VAL G 398 -20.81 -7.85 10.67
N VAL G 399 -19.86 -7.05 10.19
CA VAL G 399 -18.48 -7.03 10.70
C VAL G 399 -18.11 -5.61 11.11
N ILE G 400 -17.34 -5.49 12.19
CA ILE G 400 -16.84 -4.21 12.69
C ILE G 400 -15.35 -4.11 12.41
N CYS G 401 -14.93 -3.02 11.79
CA CYS G 401 -13.52 -2.68 11.61
C CYS G 401 -13.27 -1.37 12.33
N HIS G 402 -12.00 -0.99 12.43
CA HIS G 402 -11.63 0.25 13.08
C HIS G 402 -11.19 1.27 12.03
N LEU G 403 -10.64 2.38 12.50
CA LEU G 403 -10.25 3.48 11.64
C LEU G 403 -8.79 3.83 11.84
N LYS G 404 -8.12 4.13 10.73
CA LYS G 404 -6.77 4.69 10.80
C LYS G 404 -6.81 6.00 11.57
N ASN G 405 -5.84 6.18 12.46
CA ASN G 405 -5.75 7.44 13.17
C ASN G 405 -5.15 8.47 12.23
N PRO G 406 -5.92 9.50 11.84
CA PRO G 406 -5.44 10.42 10.80
C PRO G 406 -4.23 11.23 11.20
N ASP G 407 -4.18 11.71 12.46
CA ASP G 407 -3.14 12.62 12.92
C ASP G 407 -2.96 13.80 11.95
N LYS G 408 -4.10 14.31 11.47
CA LYS G 408 -4.13 15.35 10.46
C LYS G 408 -5.35 16.25 10.71
N GLY G 409 -5.35 16.94 11.84
CA GLY G 409 -6.45 17.77 12.26
C GLY G 409 -7.07 17.28 13.56
N LYS G 410 -8.35 17.58 13.74
CA LYS G 410 -9.12 17.10 14.88
C LYS G 410 -9.73 15.75 14.51
N ALA G 411 -9.38 14.72 15.28
CA ALA G 411 -9.55 13.33 14.85
C ALA G 411 -10.70 12.65 15.59
N HIS G 412 -11.71 12.22 14.82
CA HIS G 412 -12.72 11.25 15.23
C HIS G 412 -13.39 11.54 16.57
N GLU G 413 -12.62 11.49 17.67
CA GLU G 413 -13.18 11.68 18.99
C GLU G 413 -13.68 13.11 19.22
N GLU G 414 -13.29 14.05 18.36
CA GLU G 414 -13.66 15.46 18.49
C GLU G 414 -14.34 15.96 17.21
N GLY G 415 -15.18 15.13 16.62
CA GLY G 415 -15.86 15.47 15.39
C GLY G 415 -15.35 14.67 14.20
N ARG G 416 -15.03 15.36 13.11
CA ARG G 416 -14.41 14.82 11.91
C ARG G 416 -15.29 13.77 11.22
N PRO G 417 -15.84 14.11 10.06
CA PRO G 417 -16.62 13.12 9.29
C PRO G 417 -15.70 12.06 8.69
N VAL G 418 -16.05 10.80 8.91
CA VAL G 418 -15.22 9.68 8.45
C VAL G 418 -15.63 9.32 7.03
N SER G 419 -14.64 9.19 6.15
CA SER G 419 -14.83 8.81 4.76
C SER G 419 -14.30 7.40 4.51
N ILE G 420 -14.18 7.03 3.24
CA ILE G 420 -13.78 5.67 2.86
C ILE G 420 -12.28 5.47 3.07
N THR G 421 -11.49 6.54 3.00
CA THR G 421 -10.05 6.44 3.16
C THR G 421 -9.64 6.16 4.61
N ASP G 422 -10.37 6.70 5.58
CA ASP G 422 -10.04 6.48 6.99
C ASP G 422 -10.25 5.04 7.44
N LEU G 423 -10.74 4.17 6.56
CA LEU G 423 -11.02 2.78 6.92
C LEU G 423 -9.73 1.99 7.11
N ARG G 424 -9.69 1.22 8.21
CA ARG G 424 -8.57 0.33 8.47
C ARG G 424 -8.46 -0.74 7.39
N GLY G 425 -7.24 -1.24 7.20
CA GLY G 425 -6.97 -2.23 6.18
C GLY G 425 -6.83 -1.63 4.81
N SER G 426 -6.40 -2.46 3.86
CA SER G 426 -6.21 -2.01 2.50
C SER G 426 -7.57 -1.76 1.83
N GLY G 427 -7.51 -1.23 0.61
CA GLY G 427 -8.69 -0.85 -0.12
C GLY G 427 -9.49 -2.01 -0.68
N ALA G 428 -9.53 -3.13 0.03
CA ALA G 428 -10.45 -4.21 -0.30
C ALA G 428 -11.76 -4.05 0.45
N LEU G 429 -11.70 -3.47 1.65
CA LEU G 429 -12.90 -3.23 2.44
C LEU G 429 -13.80 -2.19 1.81
N ARG G 430 -13.24 -1.32 0.96
CA ARG G 430 -14.07 -0.36 0.23
C ARG G 430 -14.81 -1.02 -0.92
N GLN G 431 -14.48 -2.27 -1.23
CA GLN G 431 -15.05 -2.99 -2.36
C GLN G 431 -15.96 -4.13 -1.93
N LEU G 432 -15.48 -5.03 -1.06
CA LEU G 432 -16.27 -6.19 -0.67
C LEU G 432 -17.52 -5.79 0.11
N SER G 433 -17.36 -4.90 1.09
CA SER G 433 -18.48 -4.52 1.93
C SER G 433 -19.60 -3.90 1.10
N ASP G 434 -20.76 -4.56 1.10
CA ASP G 434 -21.88 -4.06 0.30
C ASP G 434 -22.48 -2.79 0.88
N THR G 435 -22.54 -2.70 2.21
CA THR G 435 -23.10 -1.54 2.90
C THR G 435 -22.16 -1.15 4.03
N ILE G 436 -21.93 0.15 4.21
CA ILE G 436 -21.01 0.68 5.22
C ILE G 436 -21.73 1.69 6.10
N ILE G 437 -21.96 1.32 7.36
CA ILE G 437 -22.55 2.21 8.35
C ILE G 437 -21.43 2.82 9.18
N ALA G 438 -21.49 4.14 9.39
CA ALA G 438 -20.47 4.86 10.14
C ALA G 438 -21.12 5.76 11.19
N LEU G 439 -20.55 5.77 12.39
CA LEU G 439 -21.04 6.57 13.51
C LEU G 439 -20.04 7.67 13.83
N GLU G 440 -20.55 8.89 14.03
CA GLU G 440 -19.72 10.04 14.38
C GLU G 440 -20.35 10.77 15.56
N ARG G 441 -19.54 11.11 16.55
CA ARG G 441 -20.05 11.79 17.74
C ARG G 441 -18.92 12.55 18.41
N ASN G 442 -19.26 13.69 19.00
CA ASN G 442 -18.31 14.54 19.71
C ASN G 442 -18.50 14.33 21.20
N GLN G 443 -17.69 13.45 21.79
CA GLN G 443 -17.76 13.15 23.22
C GLN G 443 -17.05 14.19 24.08
N GLN G 444 -16.58 15.29 23.46
CA GLN G 444 -16.02 16.44 24.19
C GLN G 444 -16.78 17.70 23.84
N GLY G 445 -18.04 17.55 23.43
CA GLY G 445 -18.89 18.68 23.09
C GLY G 445 -20.19 18.70 23.87
N ASP G 446 -21.10 19.59 23.49
CA ASP G 446 -22.35 19.75 24.22
C ASP G 446 -23.29 18.56 24.05
N MET G 447 -23.11 17.76 23.01
CA MET G 447 -23.99 16.63 22.72
C MET G 447 -23.15 15.37 22.56
N PRO G 448 -22.60 14.85 23.67
CA PRO G 448 -21.77 13.64 23.57
C PRO G 448 -22.58 12.41 23.21
N ASN G 449 -23.80 12.31 23.73
CA ASN G 449 -24.67 11.18 23.43
C ASN G 449 -25.28 11.26 22.03
N LEU G 450 -25.26 12.43 21.41
CA LEU G 450 -25.75 12.57 20.04
C LEU G 450 -24.74 11.95 19.07
N VAL G 451 -25.18 11.01 18.26
CA VAL G 451 -24.33 10.29 17.32
C VAL G 451 -24.94 10.40 15.92
N LEU G 452 -24.12 10.73 14.94
CA LEU G 452 -24.54 10.88 13.55
C LEU G 452 -24.24 9.58 12.80
N VAL G 453 -25.22 9.11 12.05
CA VAL G 453 -25.08 7.90 11.23
C VAL G 453 -24.90 8.31 9.78
N ARG G 454 -23.84 7.82 9.16
CA ARG G 454 -23.50 8.17 7.78
C ARG G 454 -23.31 6.90 6.97
N ILE G 455 -24.04 6.78 5.87
CA ILE G 455 -23.88 5.65 4.95
C ILE G 455 -22.78 6.01 3.97
N LEU G 456 -21.71 5.23 3.99
CA LEU G 456 -20.57 5.47 3.13
C LEU G 456 -20.66 4.67 1.83
N LYS G 457 -21.47 3.61 1.79
CA LYS G 457 -21.60 2.78 0.60
C LYS G 457 -22.81 1.88 0.75
N CYS G 458 -23.47 1.61 -0.37
CA CYS G 458 -24.58 0.65 -0.39
C CYS G 458 -24.77 0.15 -1.82
N ARG G 459 -24.10 -0.95 -2.15
CA ARG G 459 -24.26 -1.59 -3.45
C ARG G 459 -25.73 -1.83 -3.78
N PHE G 460 -26.54 -2.12 -2.77
CA PHE G 460 -27.95 -2.41 -2.98
C PHE G 460 -28.68 -1.22 -3.55
N THR G 461 -28.61 -0.08 -2.88
CA THR G 461 -29.35 1.11 -3.29
C THR G 461 -28.48 2.15 -3.99
N GLY G 462 -27.21 2.28 -3.59
CA GLY G 462 -26.38 3.35 -4.08
C GLY G 462 -26.61 4.70 -3.44
N ASP G 463 -27.57 4.78 -2.52
CA ASP G 463 -27.90 6.03 -1.83
C ASP G 463 -27.00 6.21 -0.61
N THR G 464 -26.08 7.17 -0.69
CA THR G 464 -25.13 7.41 0.38
C THR G 464 -25.49 8.71 1.09
N GLY G 465 -24.70 9.07 2.09
CA GLY G 465 -24.90 10.29 2.83
C GLY G 465 -25.30 10.04 4.28
N ILE G 466 -25.85 11.09 4.89
CA ILE G 466 -26.27 11.06 6.29
C ILE G 466 -27.69 10.51 6.38
N ALA G 467 -27.86 9.48 7.19
CA ALA G 467 -29.16 8.86 7.41
C ALA G 467 -29.98 9.69 8.41
N GLY G 468 -29.67 9.56 9.69
CA GLY G 468 -30.35 10.29 10.74
C GLY G 468 -29.47 10.52 11.94
N TYR G 469 -30.08 10.73 13.11
CA TYR G 469 -29.36 10.95 14.35
C TYR G 469 -29.87 10.00 15.42
N MET G 470 -29.13 9.89 16.53
CA MET G 470 -29.43 8.98 17.62
C MET G 470 -28.86 9.54 18.91
N GLU G 471 -29.36 9.01 20.04
CA GLU G 471 -28.93 9.45 21.36
C GLU G 471 -28.73 8.25 22.28
N TYR G 472 -27.57 8.21 22.95
CA TYR G 472 -27.24 7.15 23.90
C TYR G 472 -27.91 7.42 25.23
N ASN G 473 -28.90 6.60 25.57
CA ASN G 473 -29.60 6.72 26.84
C ASN G 473 -28.71 6.12 27.93
N LYS G 474 -28.12 6.98 28.75
CA LYS G 474 -27.26 6.51 29.84
C LYS G 474 -27.98 5.59 30.81
N GLU G 475 -29.31 5.58 30.79
CA GLU G 475 -30.08 4.68 31.63
C GLU G 475 -30.21 3.30 31.00
N THR G 476 -30.75 3.25 29.79
CA THR G 476 -30.99 1.98 29.11
C THR G 476 -29.77 1.48 28.35
N GLY G 477 -28.84 2.37 27.98
CA GLY G 477 -27.75 1.95 27.12
C GLY G 477 -28.17 1.69 25.69
N TRP G 478 -29.35 2.14 25.29
CA TRP G 478 -29.86 1.96 23.94
C TRP G 478 -29.50 3.17 23.07
N LEU G 479 -29.70 3.03 21.76
CA LEU G 479 -29.47 4.09 20.78
C LEU G 479 -30.81 4.52 20.23
N GLU G 480 -31.53 5.34 20.99
CA GLU G 480 -32.84 5.77 20.55
C GLU G 480 -32.71 6.82 19.44
N PRO G 481 -33.59 6.79 18.45
CA PRO G 481 -33.45 7.71 17.32
C PRO G 481 -33.77 9.15 17.71
N SER G 482 -32.96 10.07 17.19
CA SER G 482 -33.09 11.49 17.53
C SER G 482 -33.81 12.26 16.43
N SER G 483 -34.18 13.49 16.76
CA SER G 483 -34.89 14.36 15.83
C SER G 483 -33.97 14.89 14.75
N TYR G 484 -33.85 16.21 14.65
CA TYR G 484 -33.08 16.89 13.61
C TYR G 484 -33.55 16.43 12.23
N MET H 1 10.33 -53.40 2.77
CA MET H 1 11.09 -53.65 3.98
C MET H 1 10.18 -54.06 5.13
N THR H 2 8.87 -54.08 4.88
CA THR H 2 7.90 -54.50 5.88
C THR H 2 7.90 -56.02 6.00
N TYR H 3 7.31 -56.49 7.11
CA TYR H 3 7.25 -57.92 7.38
C TYR H 3 6.15 -58.58 6.55
N ASN H 4 6.29 -59.89 6.38
CA ASN H 4 5.30 -60.68 5.66
C ASN H 4 4.06 -60.91 6.53
N VAL H 5 2.92 -61.07 5.88
CA VAL H 5 1.64 -61.21 6.59
C VAL H 5 1.63 -62.55 7.33
N TRP H 6 1.38 -62.50 8.64
CA TRP H 6 1.40 -63.70 9.46
C TRP H 6 0.24 -64.61 9.11
N ASN H 7 0.52 -65.90 8.98
CA ASN H 7 -0.49 -66.90 8.63
C ASN H 7 -1.07 -67.52 9.89
N PHE H 8 -2.41 -67.59 9.95
CA PHE H 8 -3.09 -68.12 11.13
C PHE H 8 -2.74 -69.58 11.37
N GLY H 9 -2.76 -70.41 10.31
CA GLY H 9 -2.46 -71.82 10.48
C GLY H 9 -0.98 -72.11 10.66
N GLU H 10 -0.12 -71.26 10.12
CA GLU H 10 1.32 -71.46 10.21
C GLU H 10 1.92 -70.82 11.45
N SER H 11 1.14 -70.11 12.25
CA SER H 11 1.61 -69.49 13.48
C SER H 11 0.82 -70.02 14.68
N ASN H 12 0.47 -71.30 14.64
CA ASN H 12 -0.28 -71.97 15.71
C ASN H 12 -1.48 -71.13 16.18
N GLY H 13 -2.00 -70.29 15.29
CA GLY H 13 -3.03 -69.35 15.67
C GLY H 13 -4.27 -70.04 16.24
N ARG H 14 -4.82 -69.43 17.28
CA ARG H 14 -6.10 -69.84 17.84
C ARG H 14 -6.85 -68.61 18.32
N TYR H 15 -8.19 -68.67 18.23
CA TYR H 15 -9.08 -67.59 18.65
C TYR H 15 -9.46 -67.77 20.12
N SER H 16 -8.54 -67.37 20.99
CA SER H 16 -8.79 -67.46 22.42
C SER H 16 -9.50 -66.20 22.93
N ALA H 17 -9.82 -66.20 24.22
CA ALA H 17 -10.53 -65.09 24.85
C ALA H 17 -9.55 -64.22 25.64
N LEU H 18 -9.79 -62.91 25.61
CA LEU H 18 -8.98 -61.95 26.35
C LEU H 18 -9.55 -61.79 27.76
N THR H 19 -9.15 -62.72 28.63
CA THR H 19 -9.66 -62.72 30.01
C THR H 19 -9.30 -61.44 30.74
N ALA H 20 -8.07 -60.96 30.57
CA ALA H 20 -7.61 -59.75 31.25
C ALA H 20 -8.09 -58.48 30.56
N ARG H 21 -8.90 -58.61 29.51
CA ARG H 21 -9.48 -57.47 28.82
C ARG H 21 -11.00 -57.49 28.81
N GLY H 22 -11.64 -58.61 29.12
CA GLY H 22 -13.09 -58.69 29.13
C GLY H 22 -13.72 -59.10 27.83
N ILE H 23 -12.96 -59.70 26.91
CA ILE H 23 -13.44 -60.07 25.59
C ILE H 23 -13.41 -61.59 25.46
N SER H 24 -14.53 -62.16 25.04
CA SER H 24 -14.66 -63.60 24.88
C SER H 24 -14.12 -64.05 23.53
N LYS H 25 -14.08 -65.38 23.35
CA LYS H 25 -13.61 -65.95 22.10
C LYS H 25 -14.49 -65.53 20.93
N GLU H 26 -15.82 -65.58 21.13
CA GLU H 26 -16.77 -65.25 20.06
C GLU H 26 -16.48 -63.88 19.44
N THR H 27 -16.10 -62.91 20.26
CA THR H 27 -15.83 -61.57 19.74
C THR H 27 -14.57 -61.57 18.90
N CYS H 28 -13.51 -62.19 19.39
CA CYS H 28 -12.25 -62.25 18.67
C CYS H 28 -12.41 -62.90 17.29
N GLN H 29 -13.27 -63.91 17.18
CA GLN H 29 -13.43 -64.62 15.91
C GLN H 29 -14.01 -63.74 14.81
N LYS H 30 -14.93 -62.83 15.17
CA LYS H 30 -15.63 -62.05 14.16
C LYS H 30 -14.84 -60.84 13.70
N ALA H 31 -14.08 -60.21 14.60
CA ALA H 31 -13.31 -59.03 14.22
C ALA H 31 -12.01 -59.40 13.52
N GLY H 32 -11.53 -60.63 13.70
CA GLY H 32 -10.28 -61.07 13.12
C GLY H 32 -9.10 -60.80 14.05
N TYR H 33 -9.25 -61.15 15.32
CA TYR H 33 -8.25 -60.91 16.36
C TYR H 33 -7.84 -62.25 16.95
N TRP H 34 -6.60 -62.67 16.69
CA TRP H 34 -6.15 -64.00 17.10
C TRP H 34 -4.81 -63.91 17.83
N ILE H 35 -4.42 -65.04 18.41
CA ILE H 35 -3.19 -65.15 19.20
C ILE H 35 -2.29 -66.19 18.54
N ALA H 36 -1.03 -65.80 18.33
CA ALA H 36 -0.01 -66.67 17.72
C ALA H 36 1.01 -67.05 18.76
N LYS H 37 1.47 -68.32 18.70
CA LYS H 37 2.43 -68.83 19.67
C LYS H 37 3.75 -69.10 18.97
N VAL H 38 4.01 -70.34 18.53
CA VAL H 38 5.27 -70.74 17.88
C VAL H 38 6.46 -70.47 18.80
N ASP H 39 6.90 -71.51 19.51
CA ASP H 39 8.03 -71.40 20.44
C ASP H 39 7.75 -70.38 21.55
N GLY H 40 6.54 -70.44 22.10
CA GLY H 40 6.19 -69.59 23.23
C GLY H 40 6.20 -68.11 22.96
N VAL H 41 6.11 -67.70 21.70
CA VAL H 41 6.27 -66.29 21.30
C VAL H 41 4.87 -65.71 21.19
N MET H 42 4.39 -65.10 22.28
CA MET H 42 2.96 -64.78 22.44
C MET H 42 2.62 -63.38 21.93
N TYR H 43 2.15 -63.30 20.69
CA TYR H 43 1.68 -62.07 20.07
C TYR H 43 0.17 -62.09 19.80
N GLN H 44 -0.44 -60.91 19.87
CA GLN H 44 -1.84 -60.69 19.53
C GLN H 44 -1.90 -59.98 18.18
N VAL H 45 -2.62 -60.57 17.22
CA VAL H 45 -2.63 -60.09 15.83
C VAL H 45 -4.01 -59.53 15.47
N ALA H 46 -4.03 -58.33 14.88
CA ALA H 46 -5.24 -57.66 14.41
C ALA H 46 -5.28 -57.67 12.88
N ASP H 47 -6.18 -58.48 12.31
CA ASP H 47 -6.32 -58.63 10.86
C ASP H 47 -7.05 -57.42 10.26
N TYR H 48 -6.34 -56.61 9.46
CA TYR H 48 -6.91 -55.47 8.75
C TYR H 48 -7.28 -55.89 7.32
N ARG H 49 -8.47 -56.46 7.18
CA ARG H 49 -8.93 -56.96 5.89
C ARG H 49 -9.54 -55.83 5.05
N ASP H 50 -9.60 -56.07 3.74
CA ASP H 50 -10.20 -55.12 2.81
C ASP H 50 -11.66 -55.50 2.58
N GLN H 51 -12.28 -54.98 1.51
CA GLN H 51 -13.70 -55.20 1.25
C GLN H 51 -14.03 -56.60 0.77
N ASN H 52 -13.05 -57.52 0.69
CA ASN H 52 -13.29 -58.86 0.20
C ASN H 52 -12.82 -59.94 1.18
N GLY H 53 -12.41 -59.56 2.40
CA GLY H 53 -11.90 -60.49 3.38
C GLY H 53 -10.40 -60.70 3.34
N ASN H 54 -9.76 -60.43 2.21
CA ASN H 54 -8.32 -60.64 2.04
C ASN H 54 -7.51 -59.76 3.00
N ILE H 55 -6.71 -60.42 3.85
CA ILE H 55 -5.85 -59.72 4.80
C ILE H 55 -4.88 -58.80 4.07
N VAL H 56 -4.89 -57.52 4.43
CA VAL H 56 -3.99 -56.53 3.83
C VAL H 56 -2.79 -56.25 4.74
N SER H 57 -3.04 -55.96 6.01
CA SER H 57 -1.99 -55.66 6.97
C SER H 57 -2.37 -56.25 8.32
N GLN H 58 -1.41 -56.22 9.25
CA GLN H 58 -1.64 -56.71 10.61
C GLN H 58 -0.92 -55.82 11.60
N LYS H 59 -1.53 -55.62 12.76
CA LYS H 59 -0.95 -54.85 13.86
C LYS H 59 -0.74 -55.82 15.02
N VAL H 60 0.52 -56.13 15.30
CA VAL H 60 0.90 -57.22 16.19
C VAL H 60 1.54 -56.65 17.46
N ARG H 61 1.05 -57.08 18.63
CA ARG H 61 1.61 -56.68 19.92
C ARG H 61 1.78 -57.90 20.83
N ASP H 62 2.65 -57.74 21.83
CA ASP H 62 3.00 -58.83 22.74
C ASP H 62 2.70 -58.52 24.21
N LYS H 63 3.44 -59.17 25.10
CA LYS H 63 3.27 -58.98 26.54
C LYS H 63 3.63 -57.56 26.95
N ASP H 64 4.78 -57.08 26.49
CA ASP H 64 5.26 -55.74 26.82
C ASP H 64 4.51 -54.64 26.05
N LYS H 65 3.46 -55.00 25.32
CA LYS H 65 2.73 -54.07 24.45
C LYS H 65 3.69 -53.30 23.54
N ASN H 66 4.52 -54.06 22.82
CA ASN H 66 5.37 -53.50 21.77
C ASN H 66 4.70 -53.76 20.44
N PHE H 67 4.89 -52.85 19.50
CA PHE H 67 4.14 -52.86 18.25
C PHE H 67 5.01 -53.30 17.08
N LYS H 68 4.41 -54.08 16.18
CA LYS H 68 5.09 -54.62 15.00
C LYS H 68 4.09 -54.75 13.88
N THR H 69 4.36 -54.11 12.74
CA THR H 69 3.41 -54.04 11.63
C THR H 69 3.87 -54.91 10.47
N THR H 70 2.92 -55.61 9.85
CA THR H 70 3.18 -56.45 8.69
C THR H 70 2.29 -56.03 7.54
N GLY H 71 2.73 -56.35 6.31
CA GLY H 71 1.94 -56.04 5.14
C GLY H 71 1.98 -54.56 4.77
N SER H 72 0.87 -54.09 4.21
CA SER H 72 0.73 -52.71 3.74
C SER H 72 -0.25 -51.96 4.65
N HIS H 73 0.28 -51.32 5.69
CA HIS H 73 -0.51 -50.54 6.63
C HIS H 73 -0.77 -49.16 6.03
N LYS H 74 -1.73 -49.11 5.12
CA LYS H 74 -2.02 -47.87 4.38
C LYS H 74 -2.66 -46.83 5.29
N SER H 75 -2.87 -45.64 4.72
CA SER H 75 -3.40 -44.52 5.48
C SER H 75 -4.84 -44.79 5.93
N ASP H 76 -5.64 -45.43 5.06
CA ASP H 76 -7.03 -45.73 5.36
C ASP H 76 -7.20 -46.98 6.21
N ALA H 77 -6.26 -47.27 7.11
CA ALA H 77 -6.31 -48.47 7.92
C ALA H 77 -7.45 -48.39 8.92
N LEU H 78 -8.41 -49.31 8.81
CA LEU H 78 -9.57 -49.34 9.70
C LEU H 78 -9.87 -50.78 10.11
N PHE H 79 -9.64 -51.10 11.39
CA PHE H 79 -9.90 -52.44 11.91
C PHE H 79 -11.40 -52.70 11.97
N GLY H 80 -11.87 -53.66 11.18
CA GLY H 80 -13.27 -54.00 11.14
C GLY H 80 -14.00 -53.43 9.95
N LYS H 81 -13.32 -52.65 9.11
CA LYS H 81 -13.93 -52.05 7.93
C LYS H 81 -14.60 -53.10 7.06
N HIS H 82 -14.06 -54.32 7.03
CA HIS H 82 -14.59 -55.37 6.18
C HIS H 82 -15.90 -55.94 6.71
N LEU H 83 -16.33 -55.53 7.90
CA LEU H 83 -17.51 -56.10 8.53
C LEU H 83 -18.80 -55.33 8.22
N TRP H 84 -18.70 -54.06 7.83
CA TRP H 84 -19.89 -53.22 7.66
C TRP H 84 -19.90 -52.59 6.28
N ASN H 85 -21.06 -52.68 5.61
CA ASN H 85 -21.26 -52.05 4.31
C ASN H 85 -22.32 -50.96 4.40
N GLY H 86 -22.14 -50.01 5.32
CA GLY H 86 -23.13 -49.00 5.59
C GLY H 86 -24.03 -49.37 6.76
N GLY H 87 -24.74 -48.37 7.26
CA GLY H 87 -25.64 -48.60 8.37
C GLY H 87 -26.13 -47.30 8.97
N LYS H 88 -26.86 -47.45 10.07
CA LYS H 88 -27.43 -46.29 10.76
C LYS H 88 -26.34 -45.49 11.47
N LYS H 89 -25.66 -46.12 12.45
CA LYS H 89 -24.60 -45.48 13.21
C LYS H 89 -23.38 -46.41 13.25
N ILE H 90 -22.20 -45.82 13.42
CA ILE H 90 -20.95 -46.59 13.47
C ILE H 90 -20.06 -46.06 14.59
N VAL H 91 -19.52 -46.97 15.40
CA VAL H 91 -18.68 -46.63 16.55
C VAL H 91 -17.21 -46.65 16.15
N VAL H 92 -16.50 -45.56 16.42
CA VAL H 92 -15.10 -45.39 16.05
C VAL H 92 -14.26 -45.27 17.32
N THR H 93 -13.62 -46.36 17.73
CA THR H 93 -12.75 -46.34 18.90
C THR H 93 -11.36 -45.86 18.49
N GLU H 94 -10.40 -45.98 19.41
CA GLU H 94 -9.01 -45.63 19.14
C GLU H 94 -8.13 -46.86 18.96
N GLY H 95 -8.07 -47.73 19.96
CA GLY H 95 -7.34 -48.98 19.86
C GLY H 95 -8.25 -50.14 19.48
N GLU H 96 -7.64 -51.22 19.00
CA GLU H 96 -8.42 -52.39 18.63
C GLU H 96 -9.11 -53.01 19.84
N ILE H 97 -8.50 -52.90 21.03
CA ILE H 97 -9.08 -53.45 22.24
C ILE H 97 -10.36 -52.72 22.60
N ASP H 98 -10.38 -51.39 22.43
CA ASP H 98 -11.60 -50.64 22.64
C ASP H 98 -12.65 -51.00 21.59
N MET H 99 -12.19 -51.27 20.36
CA MET H 99 -13.10 -51.72 19.31
C MET H 99 -13.67 -53.09 19.65
N LEU H 100 -12.94 -53.89 20.43
CA LEU H 100 -13.41 -55.20 20.86
C LEU H 100 -14.35 -55.08 22.05
N THR H 101 -14.34 -53.95 22.73
CA THR H 101 -15.21 -53.73 23.87
C THR H 101 -16.62 -53.39 23.40
N VAL H 102 -16.73 -52.43 22.48
CA VAL H 102 -18.03 -52.00 21.99
C VAL H 102 -18.73 -53.16 21.31
N MET H 103 -17.99 -53.95 20.52
CA MET H 103 -18.59 -55.10 19.85
C MET H 103 -19.05 -56.15 20.85
N GLU H 104 -18.33 -56.28 21.97
CA GLU H 104 -18.71 -57.28 22.98
C GLU H 104 -20.08 -56.98 23.56
N LEU H 105 -20.33 -55.71 23.88
CA LEU H 105 -21.61 -55.33 24.47
C LEU H 105 -22.74 -55.38 23.45
N GLN H 106 -22.43 -55.20 22.18
CA GLN H 106 -23.43 -55.19 21.11
C GLN H 106 -23.56 -56.54 20.43
N ASP H 107 -22.95 -57.58 21.01
CA ASP H 107 -22.95 -58.93 20.46
C ASP H 107 -22.33 -58.96 19.07
N CYS H 108 -21.37 -58.07 18.84
CA CYS H 108 -20.62 -58.00 17.58
C CYS H 108 -21.54 -57.83 16.38
N LYS H 109 -22.65 -57.11 16.56
CA LYS H 109 -23.66 -56.99 15.53
C LYS H 109 -23.78 -55.57 14.96
N TYR H 110 -23.24 -54.56 15.65
CA TYR H 110 -23.39 -53.19 15.20
C TYR H 110 -22.05 -52.59 14.79
N PRO H 111 -22.05 -51.66 13.84
CA PRO H 111 -20.80 -51.14 13.28
C PRO H 111 -19.84 -50.52 14.30
N VAL H 112 -18.71 -51.19 14.53
CA VAL H 112 -17.63 -50.69 15.38
C VAL H 112 -16.33 -50.86 14.62
N VAL H 113 -15.50 -49.82 14.63
CA VAL H 113 -14.21 -49.84 13.94
C VAL H 113 -13.14 -49.26 14.85
N SER H 114 -11.89 -49.56 14.52
CA SER H 114 -10.73 -49.07 15.26
C SER H 114 -9.80 -48.28 14.34
N LEU H 115 -8.91 -47.52 14.96
CA LEU H 115 -7.93 -46.71 14.24
C LEU H 115 -6.69 -47.54 13.94
N GLY H 116 -6.19 -47.41 12.71
CA GLY H 116 -5.02 -48.17 12.32
C GLY H 116 -3.77 -47.75 13.06
N HIS H 117 -3.53 -46.44 13.16
CA HIS H 117 -2.28 -45.94 13.71
C HIS H 117 -2.54 -45.12 14.97
N GLY H 118 -3.37 -45.65 15.86
CA GLY H 118 -3.62 -44.99 17.13
C GLY H 118 -4.25 -43.62 16.97
N ALA H 119 -3.98 -42.75 17.94
CA ALA H 119 -4.56 -41.42 17.99
C ALA H 119 -3.76 -40.38 17.22
N SER H 120 -2.51 -40.68 16.87
CA SER H 120 -1.67 -39.71 16.17
C SER H 120 -2.19 -39.47 14.75
N ALA H 121 -2.39 -40.55 13.99
CA ALA H 121 -2.84 -40.45 12.61
C ALA H 121 -4.37 -40.39 12.50
N ALA H 122 -5.05 -40.10 13.62
CA ALA H 122 -6.51 -39.96 13.61
C ALA H 122 -6.97 -39.01 12.51
N LYS H 123 -6.31 -37.86 12.38
CA LYS H 123 -6.67 -36.91 11.34
C LYS H 123 -6.46 -37.50 9.96
N LYS H 124 -5.30 -38.12 9.74
CA LYS H 124 -5.00 -38.69 8.42
C LYS H 124 -5.87 -39.90 8.12
N THR H 125 -6.04 -40.79 9.10
CA THR H 125 -6.83 -42.00 8.87
C THR H 125 -8.29 -41.67 8.57
N CYS H 126 -8.88 -40.75 9.33
CA CYS H 126 -10.28 -40.39 9.12
C CYS H 126 -10.48 -39.67 7.79
N ALA H 127 -9.56 -38.78 7.44
CA ALA H 127 -9.65 -38.08 6.16
C ALA H 127 -9.56 -39.09 5.01
N ALA H 128 -8.67 -40.06 5.13
CA ALA H 128 -8.53 -41.09 4.11
C ALA H 128 -9.79 -41.92 3.99
N ASN H 129 -10.58 -41.98 5.07
CA ASN H 129 -11.83 -42.72 5.07
C ASN H 129 -13.01 -41.78 5.24
N TYR H 130 -13.17 -40.86 4.29
CA TYR H 130 -14.32 -39.96 4.26
C TYR H 130 -15.43 -40.56 3.42
N GLU H 131 -15.04 -41.14 2.29
CA GLU H 131 -15.98 -41.84 1.42
C GLU H 131 -16.67 -42.98 2.16
N TYR H 132 -15.90 -43.74 2.94
CA TYR H 132 -16.45 -44.88 3.69
C TYR H 132 -17.35 -44.42 4.82
N PHE H 133 -16.86 -43.49 5.66
CA PHE H 133 -17.62 -43.05 6.83
C PHE H 133 -18.90 -42.31 6.47
N ASP H 134 -19.02 -41.83 5.23
CA ASP H 134 -20.23 -41.12 4.85
C ASP H 134 -21.36 -42.06 4.46
N GLN H 135 -21.11 -43.37 4.55
CA GLN H 135 -22.15 -44.38 4.34
C GLN H 135 -22.94 -44.63 5.61
N PHE H 136 -22.73 -43.80 6.63
CA PHE H 136 -23.43 -43.89 7.90
C PHE H 136 -24.00 -42.52 8.25
N GLU H 137 -25.18 -42.53 8.86
CA GLU H 137 -25.81 -41.27 9.26
C GLU H 137 -25.18 -40.65 10.49
N GLN H 138 -24.40 -41.40 11.27
CA GLN H 138 -23.69 -40.87 12.43
C GLN H 138 -22.35 -41.58 12.58
N ILE H 139 -21.38 -40.88 13.17
CA ILE H 139 -20.01 -41.35 13.35
C ILE H 139 -19.60 -41.14 14.81
N ILE H 140 -19.53 -42.23 15.57
CA ILE H 140 -19.31 -42.20 17.02
C ILE H 140 -17.81 -42.25 17.33
N LEU H 141 -17.22 -41.09 17.63
CA LEU H 141 -15.80 -41.00 18.03
C LEU H 141 -15.66 -41.40 19.50
N MET H 142 -15.32 -42.65 19.76
CA MET H 142 -15.07 -43.11 21.14
C MET H 142 -13.57 -43.28 21.35
N PHE H 143 -12.88 -42.15 21.39
CA PHE H 143 -11.43 -42.15 21.60
C PHE H 143 -11.11 -42.25 23.10
N ASP H 144 -9.83 -42.32 23.41
CA ASP H 144 -9.38 -42.37 24.80
C ASP H 144 -9.82 -41.11 25.54
N MET H 145 -9.80 -41.18 26.87
CA MET H 145 -10.28 -40.10 27.72
C MET H 145 -9.10 -39.50 28.48
N ASP H 146 -8.29 -38.70 27.79
CA ASP H 146 -7.13 -38.08 28.41
C ASP H 146 -6.73 -36.84 27.62
N GLU H 147 -5.54 -36.32 27.93
CA GLU H 147 -5.00 -35.16 27.23
C GLU H 147 -4.82 -35.43 25.74
N ALA H 148 -4.08 -36.50 25.41
CA ALA H 148 -3.88 -36.86 24.00
C ALA H 148 -5.20 -37.27 23.35
N GLY H 149 -6.06 -37.97 24.08
CA GLY H 149 -7.33 -38.41 23.53
C GLY H 149 -8.21 -37.26 23.06
N ARG H 150 -8.29 -36.19 23.86
CA ARG H 150 -9.13 -35.07 23.47
C ARG H 150 -8.55 -34.33 22.28
N LYS H 151 -7.23 -34.38 22.09
CA LYS H 151 -6.63 -33.79 20.90
C LYS H 151 -6.99 -34.59 19.65
N ALA H 152 -6.99 -35.92 19.76
CA ALA H 152 -7.38 -36.78 18.64
C ALA H 152 -8.84 -36.55 18.27
N VAL H 153 -9.71 -36.43 19.28
CA VAL H 153 -11.12 -36.11 19.03
C VAL H 153 -11.24 -34.80 18.28
N GLU H 154 -10.50 -33.79 18.71
CA GLU H 154 -10.54 -32.48 18.07
C GLU H 154 -10.08 -32.56 16.62
N GLU H 155 -8.96 -33.25 16.38
CA GLU H 155 -8.40 -33.32 15.05
C GLU H 155 -9.18 -34.25 14.15
N ALA H 156 -10.07 -35.07 14.73
CA ALA H 156 -10.94 -35.95 13.94
C ALA H 156 -12.13 -35.19 13.37
N ALA H 157 -12.89 -34.52 14.24
CA ALA H 157 -14.10 -33.81 13.83
C ALA H 157 -13.87 -32.84 12.67
N GLN H 158 -12.64 -32.37 12.48
CA GLN H 158 -12.39 -31.40 11.40
C GLN H 158 -12.47 -32.07 10.03
N VAL H 159 -11.96 -33.29 9.90
CA VAL H 159 -11.88 -33.91 8.59
C VAL H 159 -12.85 -35.08 8.57
N LEU H 160 -14.00 -34.91 9.22
CA LEU H 160 -15.04 -35.92 9.23
C LEU H 160 -16.34 -35.33 8.71
N PRO H 161 -17.21 -36.16 8.12
CA PRO H 161 -18.49 -35.65 7.61
C PRO H 161 -19.29 -34.87 8.64
N ALA H 162 -19.30 -33.55 8.50
CA ALA H 162 -19.88 -32.68 9.53
C ALA H 162 -21.35 -32.98 9.78
N GLY H 163 -21.77 -32.76 11.02
CA GLY H 163 -23.12 -33.01 11.46
C GLY H 163 -23.36 -34.43 11.95
N LYS H 164 -22.58 -35.39 11.46
CA LYS H 164 -22.69 -36.79 11.86
C LYS H 164 -21.62 -37.21 12.86
N VAL H 165 -20.76 -36.29 13.28
CA VAL H 165 -19.68 -36.59 14.22
C VAL H 165 -20.28 -36.72 15.62
N ARG H 166 -19.77 -37.66 16.42
CA ARG H 166 -20.23 -37.86 17.79
C ARG H 166 -19.12 -38.42 18.68
N VAL H 167 -19.02 -37.91 19.92
CA VAL H 167 -18.00 -38.30 20.88
C VAL H 167 -18.62 -38.97 22.10
N ALA H 168 -17.95 -40.03 22.60
CA ALA H 168 -18.34 -40.73 23.81
C ALA H 168 -17.50 -40.25 24.98
N VAL H 169 -18.17 -39.81 26.05
CA VAL H 169 -17.53 -39.29 27.26
C VAL H 169 -17.53 -40.40 28.29
N LEU H 170 -16.36 -40.97 28.57
CA LEU H 170 -16.29 -42.12 29.45
C LEU H 170 -15.75 -41.73 30.82
N PRO H 171 -16.20 -42.42 31.88
CA PRO H 171 -15.70 -42.11 33.23
C PRO H 171 -14.27 -42.56 33.47
N CYS H 172 -13.76 -43.51 32.67
CA CYS H 172 -12.44 -44.10 32.87
C CYS H 172 -11.48 -43.60 31.81
N LYS H 173 -10.40 -44.36 31.59
CA LYS H 173 -9.41 -44.01 30.58
C LYS H 173 -9.93 -44.30 29.17
N ASP H 174 -10.48 -45.49 28.95
CA ASP H 174 -10.95 -45.88 27.63
C ASP H 174 -12.19 -46.76 27.79
N ALA H 175 -12.66 -47.29 26.66
CA ALA H 175 -13.84 -48.17 26.67
C ALA H 175 -13.56 -49.45 27.44
N ASN H 176 -12.40 -50.06 27.21
CA ASN H 176 -12.07 -51.28 27.91
C ASN H 176 -11.86 -51.01 29.39
N GLU H 177 -11.27 -49.85 29.72
CA GLU H 177 -11.04 -49.48 31.11
C GLU H 177 -12.37 -49.33 31.84
N CYS H 178 -13.39 -48.83 31.15
CA CYS H 178 -14.74 -48.79 31.73
C CYS H 178 -15.28 -50.19 31.90
N HIS H 179 -15.20 -51.01 30.84
CA HIS H 179 -15.73 -52.37 30.87
C HIS H 179 -15.20 -53.15 32.07
N LEU H 180 -13.88 -53.17 32.26
CA LEU H 180 -13.28 -53.78 33.44
C LEU H 180 -13.31 -52.81 34.61
N ASN H 181 -14.47 -52.69 35.25
CA ASN H 181 -14.64 -51.78 36.37
C ASN H 181 -16.05 -51.82 36.95
N GLY H 182 -17.03 -51.95 36.07
CA GLY H 182 -18.41 -51.77 36.45
C GLY H 182 -19.21 -51.25 35.28
N HIS H 183 -18.68 -50.17 34.69
CA HIS H 183 -19.41 -49.29 33.79
C HIS H 183 -19.45 -49.84 32.37
N ASP H 184 -20.26 -50.87 32.17
CA ASP H 184 -20.76 -51.18 30.85
C ASP H 184 -21.98 -50.35 30.53
N ARG H 185 -22.55 -49.72 31.56
CA ARG H 185 -23.77 -48.93 31.48
C ARG H 185 -23.52 -47.56 30.88
N GLU H 186 -22.29 -47.08 30.94
CA GLU H 186 -21.94 -45.78 30.40
C GLU H 186 -21.46 -45.89 28.97
N ILE H 187 -20.96 -47.06 28.57
CA ILE H 187 -20.59 -47.29 27.18
C ILE H 187 -21.84 -47.39 26.34
N MET H 188 -22.75 -48.28 26.74
CA MET H 188 -23.93 -48.59 25.95
C MET H 188 -24.82 -47.36 25.76
N GLU H 189 -25.01 -46.57 26.82
CA GLU H 189 -25.79 -45.35 26.67
C GLU H 189 -25.18 -44.42 25.64
N GLN H 190 -23.86 -44.35 25.64
CA GLN H 190 -23.09 -43.46 24.78
C GLN H 190 -22.90 -44.01 23.38
N VAL H 191 -23.50 -45.16 23.06
CA VAL H 191 -23.40 -45.68 21.71
C VAL H 191 -24.39 -45.00 20.78
N TRP H 192 -25.67 -44.93 21.17
CA TRP H 192 -26.69 -44.28 20.35
C TRP H 192 -27.21 -42.96 20.94
N ASN H 193 -26.37 -42.18 21.61
CA ASN H 193 -26.87 -40.94 22.21
C ASN H 193 -25.91 -39.77 22.03
N ALA H 194 -25.28 -39.35 23.13
CA ALA H 194 -24.24 -38.31 23.14
C ALA H 194 -24.55 -37.09 22.29
N GLY H 195 -24.48 -37.25 20.97
CA GLY H 195 -24.71 -36.17 20.02
C GLY H 195 -23.84 -34.93 20.16
N PRO H 196 -22.51 -35.10 20.24
CA PRO H 196 -21.60 -33.94 20.15
C PRO H 196 -21.05 -33.83 18.72
N TRP H 197 -20.40 -32.77 18.21
CA TRP H 197 -20.13 -31.44 18.78
C TRP H 197 -19.69 -31.36 20.24
N ILE H 198 -18.38 -31.37 20.53
CA ILE H 198 -17.24 -30.98 19.66
C ILE H 198 -17.37 -29.69 18.84
N PRO H 199 -17.80 -28.58 19.44
CA PRO H 199 -17.47 -27.30 18.80
C PRO H 199 -16.27 -26.69 19.49
N ASP H 200 -15.92 -25.47 19.09
CA ASP H 200 -15.03 -24.67 19.91
C ASP H 200 -15.57 -24.53 21.32
N GLY H 201 -16.90 -24.50 21.45
CA GLY H 201 -17.56 -24.11 22.68
C GLY H 201 -18.50 -22.97 22.36
N VAL H 202 -19.41 -23.20 21.42
CA VAL H 202 -20.39 -22.19 21.02
C VAL H 202 -21.33 -21.95 22.19
N VAL H 203 -22.55 -22.48 22.09
CA VAL H 203 -23.54 -22.47 23.17
C VAL H 203 -24.64 -23.46 22.79
N SER H 204 -24.57 -24.75 23.17
CA SER H 204 -23.63 -25.40 24.09
C SER H 204 -23.68 -24.84 25.52
N ALA H 205 -24.83 -24.29 25.89
CA ALA H 205 -25.07 -23.85 27.26
C ALA H 205 -26.58 -23.79 27.52
N LEU H 206 -27.35 -24.32 26.58
CA LEU H 206 -28.81 -24.47 26.69
C LEU H 206 -29.60 -23.22 27.12
N SER H 207 -29.66 -22.19 26.27
CA SER H 207 -28.85 -22.09 25.06
C SER H 207 -27.56 -21.41 25.46
N LEU H 208 -27.69 -20.40 26.31
CA LEU H 208 -26.57 -19.64 26.86
C LEU H 208 -26.35 -19.88 28.35
N ARG H 209 -27.32 -20.52 29.01
CA ARG H 209 -27.50 -20.42 30.46
C ARG H 209 -26.31 -20.92 31.27
N GLU H 210 -25.76 -22.08 30.90
CA GLU H 210 -24.99 -22.88 31.84
C GLU H 210 -23.75 -22.17 32.34
N ARG H 211 -22.96 -21.59 31.44
CA ARG H 211 -21.77 -20.88 31.89
C ARG H 211 -22.12 -19.51 32.47
N ILE H 212 -23.16 -18.86 31.93
CA ILE H 212 -23.53 -17.52 32.37
C ILE H 212 -24.07 -17.52 33.79
N ARG H 213 -25.02 -18.40 34.07
CA ARG H 213 -25.47 -18.58 35.45
C ARG H 213 -24.28 -18.84 36.36
N GLU H 214 -23.40 -19.74 35.92
CA GLU H 214 -22.19 -20.02 36.68
C GLU H 214 -21.30 -18.80 36.76
N HIS H 215 -21.16 -18.07 35.66
CA HIS H 215 -20.31 -16.87 35.69
C HIS H 215 -20.95 -15.77 36.53
N LEU H 216 -22.13 -15.31 36.14
CA LEU H 216 -22.76 -14.17 36.80
C LEU H 216 -22.94 -14.39 38.30
N SER H 217 -23.17 -15.62 38.73
CA SER H 217 -23.31 -15.82 40.16
C SER H 217 -21.97 -15.68 40.85
N SER H 218 -20.91 -16.19 40.21
CA SER H 218 -19.55 -16.16 40.73
C SER H 218 -18.66 -15.14 40.01
N GLU H 219 -19.25 -14.12 39.38
CA GLU H 219 -18.46 -13.22 38.53
C GLU H 219 -17.87 -12.07 39.34
N GLU H 220 -16.60 -11.80 39.06
CA GLU H 220 -15.80 -10.70 39.62
C GLU H 220 -16.31 -10.05 40.92
N SER H 221 -16.10 -10.63 42.12
CA SER H 221 -15.39 -11.90 42.45
C SER H 221 -13.95 -12.04 41.96
N VAL H 222 -13.40 -10.91 41.51
CA VAL H 222 -12.07 -10.77 40.91
C VAL H 222 -12.08 -9.41 40.24
N GLY H 223 -13.10 -8.60 40.58
CA GLY H 223 -13.21 -7.20 40.21
C GLY H 223 -12.29 -6.27 40.94
N LEU H 224 -11.50 -6.82 41.88
CA LEU H 224 -10.42 -6.14 42.63
C LEU H 224 -10.77 -4.75 43.13
N LEU H 225 -9.73 -3.94 43.35
CA LEU H 225 -9.88 -2.65 44.02
C LEU H 225 -8.58 -1.87 43.80
N PHE H 226 -8.60 -0.95 42.84
CA PHE H 226 -7.44 -0.10 42.62
C PHE H 226 -7.28 0.86 43.79
N SER H 227 -6.18 0.71 44.52
CA SER H 227 -5.87 1.57 45.65
C SER H 227 -4.85 2.62 45.23
N GLY H 228 -4.39 3.40 46.21
CA GLY H 228 -3.50 4.52 45.97
C GLY H 228 -4.22 5.80 45.61
N CYS H 229 -5.32 5.70 44.88
CA CYS H 229 -6.09 6.89 44.49
C CYS H 229 -7.45 6.45 43.99
N THR H 230 -8.51 6.94 44.63
CA THR H 230 -9.86 6.75 44.11
C THR H 230 -10.11 7.71 42.94
N GLY H 231 -11.07 7.35 42.10
CA GLY H 231 -11.28 8.07 40.87
C GLY H 231 -10.90 7.18 39.71
N ILE H 232 -9.80 6.44 39.87
CA ILE H 232 -9.49 5.37 38.94
C ILE H 232 -10.57 4.31 39.03
N ASN H 233 -11.00 4.00 40.26
CA ASN H 233 -12.13 3.11 40.49
C ASN H 233 -13.43 3.75 40.04
N ASP H 234 -13.54 5.08 40.14
CA ASP H 234 -14.77 5.76 39.76
C ASP H 234 -15.02 5.70 38.26
N LYS H 235 -13.97 5.61 37.45
CA LYS H 235 -14.10 5.65 36.01
C LYS H 235 -13.91 4.29 35.35
N THR H 236 -13.32 3.33 36.06
CA THR H 236 -13.05 2.01 35.52
C THR H 236 -13.64 0.87 36.33
N LEU H 237 -13.94 1.09 37.61
CA LEU H 237 -14.37 0.03 38.52
C LEU H 237 -13.33 -1.07 38.63
N GLY H 238 -12.09 -0.76 38.24
CA GLY H 238 -10.99 -1.71 38.31
C GLY H 238 -10.87 -2.61 37.11
N ALA H 239 -10.45 -3.85 37.35
CA ALA H 239 -10.23 -4.86 36.32
C ALA H 239 -11.10 -6.08 36.61
N ARG H 240 -11.36 -6.84 35.55
CA ARG H 240 -12.18 -8.04 35.63
C ARG H 240 -11.33 -9.28 35.43
N GLY H 241 -11.90 -10.42 35.81
CA GLY H 241 -11.26 -11.70 35.54
C GLY H 241 -11.38 -12.07 34.08
N GLY H 242 -10.40 -11.63 33.29
CA GLY H 242 -10.43 -11.80 31.86
C GLY H 242 -9.86 -10.58 31.14
N GLU H 243 -9.90 -9.43 31.81
CA GLU H 243 -9.38 -8.20 31.25
C GLU H 243 -7.86 -8.14 31.37
N VAL H 244 -7.27 -7.16 30.69
CA VAL H 244 -5.82 -6.95 30.72
C VAL H 244 -5.56 -5.45 30.87
N ILE H 245 -5.02 -5.07 32.03
CA ILE H 245 -4.70 -3.68 32.33
C ILE H 245 -3.37 -3.29 31.70
N MET H 246 -3.34 -2.15 31.02
CA MET H 246 -2.16 -1.62 30.36
C MET H 246 -1.69 -0.40 31.15
N VAL H 247 -0.54 -0.49 31.80
CA VAL H 247 0.02 0.60 32.59
C VAL H 247 1.27 1.11 31.90
N THR H 248 1.35 2.43 31.75
CA THR H 248 2.46 3.05 31.03
C THR H 248 2.63 4.49 31.50
N SER H 249 3.83 5.03 31.24
CA SER H 249 4.16 6.41 31.55
C SER H 249 5.49 6.72 30.86
N GLY H 250 5.96 7.95 31.07
CA GLY H 250 7.30 8.29 30.64
C GLY H 250 8.33 7.38 31.29
N SER H 251 9.42 7.14 30.57
CA SER H 251 10.44 6.19 31.02
C SER H 251 10.90 6.54 32.43
N GLY H 252 10.73 5.58 33.34
CA GLY H 252 11.08 5.77 34.73
C GLY H 252 10.42 6.96 35.36
N MET H 253 9.08 6.93 35.41
CA MET H 253 8.30 7.95 36.08
C MET H 253 7.35 7.37 37.13
N GLY H 254 7.34 6.05 37.29
CA GLY H 254 6.48 5.41 38.27
C GLY H 254 5.70 4.25 37.71
N LYS H 255 6.06 3.76 36.53
CA LYS H 255 5.39 2.58 36.00
C LYS H 255 5.61 1.39 36.93
N SER H 256 6.86 1.15 37.29
CA SER H 256 7.18 0.02 38.18
C SER H 256 6.60 0.26 39.57
N THR H 257 6.67 1.50 40.06
CA THR H 257 6.25 1.81 41.42
C THR H 257 4.74 1.65 41.61
N PHE H 258 3.95 2.17 40.67
CA PHE H 258 2.49 2.11 40.81
C PHE H 258 1.97 0.69 40.84
N VAL H 259 2.32 -0.11 39.84
CA VAL H 259 1.82 -1.49 39.76
C VAL H 259 2.29 -2.29 40.95
N ARG H 260 3.50 -2.01 41.44
CA ARG H 260 4.05 -2.76 42.56
C ARG H 260 3.24 -2.55 43.83
N GLN H 261 2.63 -1.37 43.99
CA GLN H 261 1.80 -1.11 45.15
C GLN H 261 0.52 -1.94 45.11
N GLN H 262 -0.13 -2.02 43.94
CA GLN H 262 -1.35 -2.80 43.82
C GLN H 262 -1.10 -4.29 44.07
N ALA H 263 -0.02 -4.82 43.51
CA ALA H 263 0.30 -6.23 43.76
C ALA H 263 0.48 -6.48 45.24
N LEU H 264 1.21 -5.58 45.91
CA LEU H 264 1.34 -5.63 47.36
C LEU H 264 -0.02 -5.51 48.03
N GLN H 265 -0.74 -4.43 47.73
CA GLN H 265 -2.03 -4.16 48.33
C GLN H 265 -2.99 -5.34 48.17
N TRP H 266 -3.13 -5.83 46.93
CA TRP H 266 -4.03 -6.95 46.65
C TRP H 266 -3.62 -8.21 47.39
N GLY H 267 -2.32 -8.49 47.46
CA GLY H 267 -1.81 -9.71 48.05
C GLY H 267 -1.68 -9.70 49.56
N THR H 268 -2.06 -8.61 50.21
CA THR H 268 -1.93 -8.48 51.66
C THR H 268 -3.30 -8.31 52.30
N ALA H 269 -3.95 -7.16 52.11
CA ALA H 269 -5.21 -6.88 52.78
C ALA H 269 -6.33 -7.81 52.31
N MET H 270 -6.53 -7.93 51.00
CA MET H 270 -7.57 -8.81 50.47
C MET H 270 -6.98 -10.09 49.88
N GLY H 271 -6.28 -10.84 50.74
CA GLY H 271 -5.61 -12.08 50.41
C GLY H 271 -5.76 -12.69 49.03
N LYS H 272 -5.26 -12.00 48.00
CA LYS H 272 -5.22 -12.51 46.64
C LYS H 272 -3.83 -13.03 46.31
N LYS H 273 -3.77 -14.06 45.46
CA LYS H 273 -2.51 -14.67 45.05
C LYS H 273 -1.98 -13.95 43.80
N VAL H 274 -0.94 -13.14 43.99
CA VAL H 274 -0.35 -12.33 42.93
C VAL H 274 0.87 -13.03 42.35
N GLY H 275 0.91 -13.17 41.03
CA GLY H 275 2.06 -13.72 40.33
C GLY H 275 2.87 -12.61 39.70
N LEU H 276 4.20 -12.68 39.89
CA LEU H 276 5.12 -11.65 39.42
C LEU H 276 6.06 -12.18 38.34
N ALA H 277 6.30 -11.35 37.30
CA ALA H 277 7.22 -11.67 36.21
C ALA H 277 8.10 -10.45 35.88
N MET H 278 9.07 -10.16 36.75
CA MET H 278 9.96 -9.01 36.58
C MET H 278 11.15 -9.46 35.73
N LEU H 279 11.13 -9.11 34.44
CA LEU H 279 12.17 -9.55 33.52
C LEU H 279 13.37 -8.62 33.47
N GLU H 280 13.27 -7.41 34.01
CA GLU H 280 14.40 -6.49 34.05
C GLU H 280 15.12 -6.46 35.39
N GLU H 281 14.59 -7.14 36.41
CA GLU H 281 15.21 -7.17 37.72
C GLU H 281 15.08 -8.58 38.29
N SER H 282 16.13 -9.01 39.00
CA SER H 282 16.10 -10.32 39.63
C SER H 282 15.01 -10.38 40.69
N VAL H 283 14.57 -11.60 41.00
CA VAL H 283 13.52 -11.81 41.99
C VAL H 283 13.90 -11.24 43.34
N GLU H 284 15.21 -11.15 43.63
CA GLU H 284 15.67 -10.62 44.91
C GLU H 284 15.41 -9.13 45.04
N GLU H 285 15.55 -8.39 43.94
CA GLU H 285 15.35 -6.94 43.98
C GLU H 285 13.88 -6.60 44.15
N THR H 286 13.01 -7.36 43.48
CA THR H 286 11.57 -7.12 43.59
C THR H 286 11.08 -7.40 45.01
N ALA H 287 11.59 -8.46 45.64
CA ALA H 287 11.23 -8.73 47.03
C ALA H 287 11.71 -7.61 47.94
N GLU H 288 12.93 -7.14 47.72
CA GLU H 288 13.47 -6.01 48.48
C GLU H 288 12.54 -4.81 48.47
N ASP H 289 12.06 -4.43 47.29
CA ASP H 289 11.11 -3.32 47.18
C ASP H 289 9.81 -3.64 47.90
N LEU H 290 9.26 -4.83 47.64
CA LEU H 290 7.99 -5.23 48.25
C LEU H 290 8.08 -5.21 49.77
N ILE H 291 9.16 -5.76 50.33
CA ILE H 291 9.34 -5.77 51.77
C ILE H 291 9.38 -4.34 52.30
N GLY H 292 10.19 -3.48 51.69
CA GLY H 292 10.24 -2.09 52.09
C GLY H 292 8.91 -1.39 51.89
N LEU H 293 8.24 -1.64 50.77
CA LEU H 293 6.96 -0.99 50.50
C LEU H 293 5.92 -1.38 51.55
N HIS H 294 5.89 -2.65 51.95
CA HIS H 294 4.92 -3.11 52.94
C HIS H 294 5.08 -2.39 54.27
N ASN H 295 6.32 -2.20 54.72
CA ASN H 295 6.61 -1.52 55.98
C ASN H 295 6.81 -0.02 55.80
N ARG H 296 6.38 0.53 54.68
CA ARG H 296 6.37 1.99 54.43
C ARG H 296 7.77 2.58 54.48
N VAL H 297 8.76 1.88 53.93
CA VAL H 297 10.14 2.33 53.99
C VAL H 297 10.82 2.10 52.65
N ARG H 298 11.76 2.99 52.33
CA ARG H 298 12.62 2.87 51.15
C ARG H 298 13.79 1.94 51.48
N LEU H 299 13.45 0.66 51.62
CA LEU H 299 14.42 -0.34 52.07
C LEU H 299 15.66 -0.37 51.18
N ARG H 300 15.48 -0.16 49.89
CA ARG H 300 16.63 -0.05 49.00
C ARG H 300 17.45 1.20 49.32
N GLN H 301 16.80 2.36 49.28
CA GLN H 301 17.48 3.65 49.41
C GLN H 301 18.16 3.87 50.76
N SER H 302 18.74 2.83 51.36
CA SER H 302 19.37 2.98 52.67
C SER H 302 20.30 1.80 52.93
N ASP H 303 21.62 2.04 52.87
CA ASP H 303 22.59 1.05 53.32
C ASP H 303 22.49 0.81 54.82
N SER H 304 22.04 1.81 55.57
CA SER H 304 21.87 1.66 57.01
C SER H 304 20.70 0.75 57.32
N LEU H 305 19.55 0.97 56.66
CA LEU H 305 18.35 0.18 56.94
C LEU H 305 18.54 -1.30 56.57
N LYS H 306 19.27 -1.58 55.50
CA LYS H 306 19.57 -2.96 55.16
C LYS H 306 20.39 -3.60 56.27
N ARG H 307 21.43 -2.89 56.72
CA ARG H 307 22.27 -3.37 57.81
C ARG H 307 21.47 -3.47 59.10
N GLU H 308 20.55 -2.54 59.34
CA GLU H 308 19.74 -2.51 60.56
C GLU H 308 18.89 -3.75 60.78
N ILE H 309 17.90 -3.97 59.92
CA ILE H 309 16.91 -5.03 60.13
C ILE H 309 17.52 -6.42 60.13
N ILE H 310 18.72 -6.58 59.58
CA ILE H 310 19.36 -7.90 59.52
C ILE H 310 19.97 -8.26 60.87
N GLU H 311 20.73 -7.34 61.46
CA GLU H 311 21.50 -7.65 62.67
C GLU H 311 20.62 -7.77 63.91
N ASN H 312 19.53 -7.02 63.99
CA ASN H 312 18.63 -7.14 65.12
C ASN H 312 17.55 -8.19 64.90
N GLY H 313 17.58 -8.90 63.79
CA GLY H 313 16.58 -9.92 63.51
C GLY H 313 15.23 -9.34 63.15
N LYS H 314 15.20 -8.16 62.52
CA LYS H 314 13.95 -7.55 62.09
C LYS H 314 13.56 -7.92 60.67
N PHE H 315 14.47 -8.55 59.91
CA PHE H 315 14.14 -8.99 58.55
C PHE H 315 13.11 -10.11 58.57
N ASP H 316 13.42 -11.20 59.27
CA ASP H 316 12.52 -12.33 59.39
C ASP H 316 11.15 -11.89 59.90
N GLN H 317 11.12 -10.86 60.74
CA GLN H 317 9.86 -10.32 61.23
C GLN H 317 9.00 -9.81 60.09
N TRP H 318 9.52 -8.86 59.31
CA TRP H 318 8.78 -8.32 58.17
C TRP H 318 8.52 -9.39 57.12
N PHE H 319 9.49 -10.27 56.90
CA PHE H 319 9.36 -11.30 55.88
C PHE H 319 8.16 -12.19 56.14
N ASP H 320 8.06 -12.73 57.36
CA ASP H 320 6.93 -13.56 57.72
C ASP H 320 5.62 -12.78 57.67
N GLU H 321 5.65 -11.50 58.05
CA GLU H 321 4.46 -10.66 58.00
C GLU H 321 3.89 -10.51 56.60
N LEU H 322 4.75 -10.49 55.60
CA LEU H 322 4.31 -10.25 54.23
C LEU H 322 4.04 -11.56 53.51
N PHE H 323 5.11 -12.29 53.20
CA PHE H 323 5.02 -13.50 52.40
C PHE H 323 4.43 -14.68 53.18
N GLY H 324 4.16 -14.49 54.49
CA GLY H 324 3.66 -15.59 55.31
C GLY H 324 2.37 -16.20 54.80
N ASN H 325 1.45 -15.38 54.31
CA ASN H 325 0.18 -15.90 53.81
C ASN H 325 0.34 -16.75 52.56
N ASP H 326 1.54 -16.85 52.01
CA ASP H 326 1.84 -17.61 50.80
C ASP H 326 0.95 -17.14 49.64
N THR H 327 1.25 -15.92 49.20
CA THR H 327 0.49 -15.29 48.14
C THR H 327 1.34 -14.87 46.95
N PHE H 328 2.54 -14.35 47.18
CA PHE H 328 3.36 -13.76 46.14
C PHE H 328 4.24 -14.83 45.50
N HIS H 329 4.20 -14.91 44.17
CA HIS H 329 4.97 -15.91 43.43
C HIS H 329 5.58 -15.26 42.20
N LEU H 330 6.82 -15.65 41.88
CA LEU H 330 7.60 -14.99 40.84
C LEU H 330 8.23 -16.00 39.89
N TYR H 331 8.82 -15.48 38.82
CA TYR H 331 9.50 -16.25 37.78
C TYR H 331 10.98 -15.87 37.74
N ASP H 332 11.86 -16.87 37.65
CA ASP H 332 13.29 -16.66 37.48
C ASP H 332 13.73 -17.13 36.10
N SER H 333 14.36 -16.24 35.34
CA SER H 333 14.89 -16.57 34.02
C SER H 333 15.94 -15.58 33.57
N PHE H 334 15.51 -14.36 33.26
CA PHE H 334 16.34 -13.28 32.73
C PHE H 334 16.88 -13.60 31.34
N ALA H 335 17.28 -14.85 31.11
CA ALA H 335 17.83 -15.29 29.82
C ALA H 335 16.85 -15.03 28.68
N GLU H 336 16.68 -13.75 28.33
CA GLU H 336 15.83 -13.30 27.24
C GLU H 336 14.35 -13.61 27.46
N ALA H 337 14.05 -14.79 28.02
CA ALA H 337 12.68 -15.25 28.24
C ALA H 337 11.89 -15.27 26.95
N GLU H 338 11.97 -16.39 26.22
CA GLU H 338 11.25 -16.56 24.97
C GLU H 338 9.73 -16.48 25.21
N THR H 339 9.00 -16.14 24.14
CA THR H 339 7.56 -15.88 24.26
C THR H 339 6.82 -17.08 24.83
N ASP H 340 6.94 -18.26 24.21
CA ASP H 340 6.32 -19.45 24.78
C ASP H 340 7.23 -20.13 25.79
N ARG H 341 8.10 -19.35 26.44
CA ARG H 341 8.87 -19.79 27.59
C ARG H 341 8.51 -18.92 28.79
N LEU H 342 7.52 -18.05 28.61
CA LEU H 342 6.92 -17.23 29.65
C LEU H 342 5.44 -17.53 29.76
N LEU H 343 4.72 -17.48 28.63
CA LEU H 343 3.30 -17.79 28.60
C LEU H 343 3.00 -19.18 29.14
N ALA H 344 3.84 -20.16 28.85
CA ALA H 344 3.65 -21.48 29.44
C ALA H 344 3.73 -21.40 30.95
N LYS H 345 4.78 -20.75 31.46
CA LYS H 345 4.96 -20.60 32.90
C LYS H 345 3.98 -19.61 33.51
N LEU H 346 3.65 -18.53 32.79
CA LEU H 346 2.63 -17.62 33.29
C LEU H 346 1.32 -18.35 33.52
N ALA H 347 1.02 -19.32 32.66
CA ALA H 347 -0.17 -20.14 32.86
C ALA H 347 0.00 -21.07 34.06
N TYR H 348 1.23 -21.54 34.29
CA TYR H 348 1.51 -22.43 35.40
C TYR H 348 1.16 -21.78 36.74
N MET H 349 1.37 -20.47 36.86
CA MET H 349 1.01 -19.79 38.10
C MET H 349 -0.51 -19.83 38.27
N ARG H 350 -1.22 -19.06 37.47
CA ARG H 350 -2.68 -19.11 37.33
C ARG H 350 -3.26 -20.49 37.62
N SER H 351 -2.69 -21.53 37.02
CA SER H 351 -3.27 -22.88 37.09
C SER H 351 -2.68 -23.70 38.24
N GLY H 352 -1.36 -23.90 38.24
CA GLY H 352 -0.74 -24.74 39.26
C GLY H 352 -0.76 -24.11 40.64
N LEU H 353 -0.25 -22.89 40.75
CA LEU H 353 -0.18 -22.21 42.04
C LEU H 353 -1.50 -21.54 42.39
N GLY H 354 -2.36 -21.31 41.40
CA GLY H 354 -3.67 -20.74 41.64
C GLY H 354 -3.64 -19.26 41.97
N CYS H 355 -3.15 -18.44 41.05
CA CYS H 355 -3.10 -17.00 41.25
C CYS H 355 -4.33 -16.34 40.63
N ASP H 356 -4.76 -15.26 41.25
CA ASP H 356 -5.87 -14.47 40.72
C ASP H 356 -5.41 -13.31 39.84
N VAL H 357 -4.19 -12.80 40.03
CA VAL H 357 -3.65 -11.66 39.29
C VAL H 357 -2.22 -11.98 38.88
N ILE H 358 -1.88 -11.73 37.62
CA ILE H 358 -0.53 -11.91 37.09
C ILE H 358 0.00 -10.56 36.65
N ILE H 359 1.25 -10.26 37.03
CA ILE H 359 1.89 -8.97 36.76
C ILE H 359 3.10 -9.20 35.85
N LEU H 360 3.08 -8.59 34.66
CA LEU H 360 4.19 -8.68 33.70
C LEU H 360 4.80 -7.29 33.52
N ASP H 361 5.95 -7.05 34.14
CA ASP H 361 6.64 -5.78 34.03
C ASP H 361 7.49 -5.71 32.77
N HIS H 362 7.36 -4.60 32.05
CA HIS H 362 8.15 -4.30 30.85
C HIS H 362 7.89 -5.28 29.71
N ILE H 363 7.15 -4.84 28.69
CA ILE H 363 6.78 -5.71 27.59
C ILE H 363 7.44 -5.17 26.32
N SER H 364 8.76 -5.01 26.37
CA SER H 364 9.57 -4.86 25.18
C SER H 364 10.63 -5.95 25.08
N ILE H 365 10.78 -6.79 26.10
CA ILE H 365 11.68 -7.94 26.11
C ILE H 365 10.97 -9.13 25.48
N VAL H 366 10.76 -9.08 24.17
CA VAL H 366 10.08 -10.16 23.46
C VAL H 366 11.05 -11.33 23.28
N VAL H 367 11.99 -11.19 22.35
CA VAL H 367 12.99 -12.20 22.02
C VAL H 367 12.31 -13.54 21.71
N SER H 368 11.89 -13.71 20.46
CA SER H 368 11.24 -14.95 20.04
C SER H 368 11.27 -15.03 18.53
N ALA H 369 11.70 -16.18 18.00
CA ALA H 369 11.76 -16.44 16.57
C ALA H 369 12.50 -15.31 15.85
N SER H 370 13.75 -15.10 16.25
CA SER H 370 14.55 -14.00 15.73
C SER H 370 14.93 -14.26 14.28
N GLY H 371 14.51 -13.35 13.40
CA GLY H 371 14.79 -13.47 11.97
C GLY H 371 13.75 -12.79 11.10
N GLU H 372 12.75 -12.16 11.74
CA GLU H 372 11.63 -11.52 11.06
C GLU H 372 11.73 -10.01 11.25
N SER H 373 11.65 -9.27 10.14
CA SER H 373 11.87 -7.84 10.15
C SER H 373 10.82 -7.11 11.00
N ASP H 374 11.30 -6.14 11.79
CA ASP H 374 10.48 -5.32 12.68
C ASP H 374 9.81 -6.14 13.77
N GLU H 375 10.16 -5.87 15.03
CA GLU H 375 9.46 -6.45 16.16
C GLU H 375 8.09 -5.83 16.38
N ARG H 376 7.60 -5.05 15.41
CA ARG H 376 6.27 -4.48 15.48
C ARG H 376 5.19 -5.55 15.50
N LYS H 377 5.50 -6.75 15.02
CA LYS H 377 4.59 -7.88 15.05
C LYS H 377 4.75 -8.67 16.35
N MET H 378 5.99 -8.77 16.84
CA MET H 378 6.25 -9.50 18.08
C MET H 378 5.43 -8.93 19.23
N ILE H 379 5.44 -7.60 19.40
CA ILE H 379 4.64 -6.99 20.46
C ILE H 379 3.16 -7.27 20.24
N ASP H 380 2.71 -7.24 18.97
CA ASP H 380 1.33 -7.54 18.66
C ASP H 380 1.00 -9.00 18.89
N ASN H 381 1.84 -9.89 18.34
CA ASN H 381 1.62 -11.32 18.50
C ASN H 381 1.63 -11.71 19.97
N LEU H 382 2.54 -11.13 20.75
CA LEU H 382 2.60 -11.40 22.18
C LEU H 382 1.34 -10.91 22.89
N MET H 383 0.92 -9.68 22.56
CA MET H 383 -0.27 -9.10 23.19
C MET H 383 -1.51 -9.95 22.96
N THR H 384 -1.66 -10.50 21.75
CA THR H 384 -2.83 -11.32 21.45
C THR H 384 -2.83 -12.59 22.29
N LYS H 385 -1.68 -13.26 22.37
CA LYS H 385 -1.59 -14.46 23.18
C LYS H 385 -1.75 -14.13 24.66
N LEU H 386 -1.22 -12.98 25.09
CA LEU H 386 -1.39 -12.56 26.47
C LEU H 386 -2.84 -12.24 26.78
N LYS H 387 -3.52 -11.57 25.86
CA LYS H 387 -4.92 -11.22 26.08
C LYS H 387 -5.79 -12.47 26.12
N GLY H 388 -5.57 -13.39 25.19
CA GLY H 388 -6.30 -14.65 25.13
C GLY H 388 -6.22 -15.44 26.41
N PHE H 389 -5.00 -15.67 26.86
CA PHE H 389 -4.75 -16.39 28.11
C PHE H 389 -5.59 -15.83 29.27
N ALA H 390 -5.75 -14.51 29.32
CA ALA H 390 -6.41 -13.88 30.48
C ALA H 390 -7.83 -14.38 30.68
N LYS H 391 -8.65 -14.38 29.62
CA LYS H 391 -10.06 -14.72 29.79
C LYS H 391 -10.29 -16.22 29.88
N SER H 392 -9.59 -17.01 29.07
CA SER H 392 -9.81 -18.45 29.05
C SER H 392 -9.48 -19.08 30.41
N THR H 393 -8.74 -18.35 31.25
CA THR H 393 -8.45 -18.77 32.61
C THR H 393 -9.18 -17.90 33.62
N GLY H 394 -9.55 -16.67 33.24
CA GLY H 394 -10.26 -15.78 34.13
C GLY H 394 -9.37 -14.99 35.05
N VAL H 395 -8.14 -14.68 34.63
CA VAL H 395 -7.14 -14.04 35.47
C VAL H 395 -7.04 -12.56 35.11
N VAL H 396 -6.85 -11.72 36.12
CA VAL H 396 -6.55 -10.31 35.92
C VAL H 396 -5.09 -10.18 35.53
N LEU H 397 -4.83 -9.59 34.36
CA LEU H 397 -3.49 -9.46 33.81
C LEU H 397 -3.12 -7.98 33.69
N VAL H 398 -2.17 -7.54 34.51
CA VAL H 398 -1.67 -6.17 34.48
C VAL H 398 -0.28 -6.17 33.84
N VAL H 399 -0.12 -5.43 32.74
CA VAL H 399 1.12 -5.41 31.96
C VAL H 399 1.62 -3.96 31.83
N ILE H 400 2.94 -3.80 31.89
CA ILE H 400 3.61 -2.50 31.75
C ILE H 400 4.34 -2.45 30.41
N CYS H 401 4.10 -1.39 29.64
CA CYS H 401 4.81 -1.13 28.38
C CYS H 401 5.58 0.18 28.47
N HIS H 402 6.25 0.52 27.36
CA HIS H 402 7.03 1.75 27.27
C HIS H 402 6.64 2.50 26.01
N LEU H 403 6.91 3.82 26.02
CA LEU H 403 6.50 4.73 24.97
C LEU H 403 7.65 5.00 24.01
N LYS H 404 7.28 5.32 22.76
CA LYS H 404 8.26 5.84 21.82
C LYS H 404 8.68 7.25 22.23
N ASN H 405 9.90 7.64 21.86
CA ASN H 405 10.37 8.98 22.19
C ASN H 405 9.90 9.95 21.12
N PRO H 406 9.04 10.90 21.45
CA PRO H 406 8.39 11.71 20.40
C PRO H 406 9.36 12.59 19.61
N ASP H 407 10.20 13.36 20.30
CA ASP H 407 11.11 14.32 19.68
C ASP H 407 10.37 15.36 18.82
N LYS H 408 9.07 15.55 19.09
CA LYS H 408 8.27 16.56 18.42
C LYS H 408 7.79 17.58 19.44
N GLY H 409 8.72 18.10 20.24
CA GLY H 409 8.44 18.99 21.34
C GLY H 409 8.98 18.44 22.65
N LYS H 410 8.55 19.08 23.74
CA LYS H 410 8.93 18.61 25.08
C LYS H 410 8.35 17.22 25.31
N ALA H 411 9.19 16.30 25.77
CA ALA H 411 8.89 14.87 25.74
C ALA H 411 8.58 14.35 27.15
N HIS H 412 7.32 13.99 27.37
CA HIS H 412 6.86 13.14 28.48
C HIS H 412 7.40 13.52 29.86
N GLU H 413 8.71 13.42 30.05
CA GLU H 413 9.31 13.64 31.36
C GLU H 413 9.28 15.09 31.80
N GLU H 414 8.82 16.01 30.94
CA GLU H 414 8.71 17.43 31.27
C GLU H 414 7.27 17.93 31.15
N GLY H 415 6.30 17.03 31.08
CA GLY H 415 4.93 17.38 30.81
C GLY H 415 4.36 16.52 29.72
N ARG H 416 3.62 17.12 28.78
CA ARG H 416 3.09 16.46 27.58
C ARG H 416 2.10 15.36 27.92
N PRO H 417 0.82 15.56 27.61
CA PRO H 417 -0.17 14.48 27.83
C PRO H 417 0.03 13.35 26.83
N VAL H 418 -0.04 12.12 27.32
CA VAL H 418 0.14 10.94 26.47
C VAL H 418 -1.23 10.47 26.02
N SER H 419 -1.50 10.59 24.73
CA SER H 419 -2.78 10.18 24.16
C SER H 419 -2.71 8.71 23.77
N ILE H 420 -3.54 8.29 22.81
CA ILE H 420 -3.60 6.89 22.38
C ILE H 420 -2.77 6.72 21.12
N THR H 421 -2.62 7.80 20.34
CA THR H 421 -1.84 7.72 19.12
C THR H 421 -0.33 7.77 19.36
N ASP H 422 0.12 8.53 20.36
CA ASP H 422 1.55 8.71 20.58
C ASP H 422 2.29 7.48 21.11
N LEU H 423 1.59 6.42 21.51
CA LEU H 423 2.30 5.26 22.04
C LEU H 423 2.96 4.46 20.93
N ARG H 424 2.14 3.70 20.19
CA ARG H 424 2.59 2.94 19.04
C ARG H 424 1.74 3.21 17.81
N GLY H 425 0.76 4.12 17.90
CA GLY H 425 -0.10 4.44 16.79
C GLY H 425 -0.95 3.26 16.35
N SER H 426 -0.38 2.43 15.48
CA SER H 426 -1.08 1.25 15.01
C SER H 426 -0.96 0.12 16.02
N GLY H 427 -0.86 0.48 17.30
CA GLY H 427 -0.63 -0.53 18.32
C GLY H 427 -1.77 -1.54 18.37
N ALA H 428 -1.40 -2.79 18.67
CA ALA H 428 -2.38 -3.82 18.98
C ALA H 428 -2.73 -3.78 20.46
N LEU H 429 -1.79 -3.29 21.27
CA LEU H 429 -2.02 -3.16 22.70
C LEU H 429 -3.12 -2.15 23.01
N ARG H 430 -3.41 -1.22 22.08
CA ARG H 430 -4.55 -0.34 22.27
C ARG H 430 -5.86 -1.03 21.93
N GLN H 431 -5.79 -2.23 21.36
CA GLN H 431 -6.96 -2.99 20.92
C GLN H 431 -7.24 -4.17 21.84
N LEU H 432 -6.22 -4.99 22.10
CA LEU H 432 -6.42 -6.15 22.96
C LEU H 432 -6.70 -5.72 24.40
N SER H 433 -5.86 -4.84 24.95
CA SER H 433 -6.03 -4.41 26.33
C SER H 433 -7.34 -3.66 26.51
N ASP H 434 -8.03 -3.93 27.61
CA ASP H 434 -9.33 -3.31 27.89
C ASP H 434 -9.18 -1.96 28.58
N THR H 435 -8.39 -1.89 29.65
CA THR H 435 -8.16 -0.66 30.39
C THR H 435 -6.71 -0.25 30.29
N ILE H 436 -6.46 1.04 30.08
CA ILE H 436 -5.11 1.59 29.89
C ILE H 436 -4.88 2.71 30.90
N ILE H 437 -3.99 2.48 31.86
CA ILE H 437 -3.63 3.46 32.88
C ILE H 437 -2.36 4.17 32.43
N ALA H 438 -2.35 5.50 32.53
CA ALA H 438 -1.22 6.33 32.13
C ALA H 438 -0.87 7.31 33.24
N LEU H 439 0.43 7.44 33.52
CA LEU H 439 0.94 8.35 34.53
C LEU H 439 1.74 9.47 33.86
N GLU H 440 1.52 10.70 34.31
CA GLU H 440 2.23 11.87 33.78
C GLU H 440 2.77 12.71 34.92
N ARG H 441 4.03 13.12 34.82
CA ARG H 441 4.64 13.94 35.86
C ARG H 441 5.81 14.72 35.28
N ASN H 442 5.91 15.99 35.65
CA ASN H 442 7.01 16.85 35.26
C ASN H 442 8.05 16.82 36.38
N GLN H 443 9.02 15.91 36.25
CA GLN H 443 10.10 15.83 37.21
C GLN H 443 11.05 17.02 37.13
N GLN H 444 10.86 17.91 36.16
CA GLN H 444 11.61 19.15 36.05
C GLN H 444 10.75 20.36 36.40
N GLY H 445 9.64 20.14 37.10
CA GLY H 445 8.76 21.21 37.53
C GLY H 445 8.76 21.40 39.04
N ASP H 446 7.90 22.31 39.47
CA ASP H 446 7.76 22.57 40.90
C ASP H 446 7.23 21.37 41.67
N MET H 447 6.63 20.40 40.98
CA MET H 447 6.02 19.24 41.62
C MET H 447 6.46 17.98 40.87
N PRO H 448 7.71 17.55 41.05
CA PRO H 448 8.15 16.31 40.40
C PRO H 448 7.46 15.08 40.96
N ASN H 449 7.18 15.07 42.26
CA ASN H 449 6.50 13.94 42.89
C ASN H 449 5.03 13.87 42.51
N LEU H 450 4.45 14.97 42.05
CA LEU H 450 3.05 14.99 41.63
C LEU H 450 2.88 14.23 40.33
N VAL H 451 1.99 13.25 40.33
CA VAL H 451 1.75 12.41 39.16
C VAL H 451 0.27 12.43 38.82
N LEU H 452 -0.04 12.62 37.55
CA LEU H 452 -1.41 12.66 37.04
C LEU H 452 -1.76 11.27 36.50
N VAL H 453 -2.92 10.77 36.87
CA VAL H 453 -3.41 9.48 36.40
C VAL H 453 -4.47 9.73 35.32
N ARG H 454 -4.27 9.11 34.15
CA ARG H 454 -5.15 9.32 33.01
C ARG H 454 -5.62 7.98 32.46
N ILE H 455 -6.92 7.81 32.35
CA ILE H 455 -7.49 6.60 31.75
C ILE H 455 -7.55 6.80 30.25
N LEU H 456 -6.81 5.98 29.52
CA LEU H 456 -6.78 6.06 28.06
C LEU H 456 -7.79 5.12 27.42
N LYS H 457 -8.29 4.14 28.17
CA LYS H 457 -9.22 3.17 27.61
C LYS H 457 -9.89 2.40 28.75
N CYS H 458 -11.16 2.02 28.52
CA CYS H 458 -11.87 1.16 29.47
C CYS H 458 -13.03 0.51 28.70
N ARG H 459 -12.80 -0.72 28.20
CA ARG H 459 -13.86 -1.45 27.52
C ARG H 459 -15.08 -1.62 28.42
N PHE H 460 -14.85 -1.79 29.71
CA PHE H 460 -15.92 -2.05 30.67
C PHE H 460 -16.88 -0.87 30.80
N THR H 461 -16.39 0.25 31.35
CA THR H 461 -17.24 1.41 31.55
C THR H 461 -17.31 2.30 30.32
N GLY H 462 -16.18 2.52 29.64
CA GLY H 462 -16.10 3.52 28.60
C GLY H 462 -15.84 4.93 29.09
N ASP H 463 -15.73 5.12 30.40
CA ASP H 463 -15.48 6.43 30.99
C ASP H 463 -13.98 6.68 31.02
N THR H 464 -13.51 7.57 30.16
CA THR H 464 -12.09 7.90 30.03
C THR H 464 -11.86 9.30 30.57
N GLY H 465 -10.63 9.76 30.49
CA GLY H 465 -10.24 11.06 30.95
C GLY H 465 -9.30 11.02 32.14
N ILE H 466 -9.22 12.15 32.84
CA ILE H 466 -8.32 12.28 33.98
C ILE H 466 -9.01 11.72 35.22
N ALA H 467 -8.36 10.76 35.87
CA ALA H 467 -8.89 10.18 37.10
C ALA H 467 -8.62 11.08 38.29
N GLY H 468 -7.38 11.05 38.78
CA GLY H 468 -6.98 11.90 39.89
C GLY H 468 -5.50 12.19 39.90
N TYR H 469 -4.98 12.55 41.07
CA TYR H 469 -3.56 12.84 41.26
C TYR H 469 -3.03 12.03 42.45
N MET H 470 -1.71 12.03 42.60
CA MET H 470 -1.02 11.27 43.62
C MET H 470 0.29 11.97 43.93
N GLU H 471 0.91 11.58 45.04
CA GLU H 471 2.19 12.16 45.47
C GLU H 471 3.14 11.05 45.87
N TYR H 472 4.36 11.11 45.32
CA TYR H 472 5.39 10.14 45.63
C TYR H 472 6.04 10.51 46.96
N ASN H 473 5.75 9.72 47.99
CA ASN H 473 6.32 9.93 49.31
C ASN H 473 7.75 9.39 49.30
N LYS H 474 8.73 10.29 49.23
CA LYS H 474 10.13 9.89 49.23
C LYS H 474 10.53 9.12 50.49
N GLU H 475 9.70 9.15 51.53
CA GLU H 475 9.97 8.38 52.75
C GLU H 475 9.46 6.95 52.64
N THR H 476 8.17 6.79 52.30
CA THR H 476 7.58 5.46 52.22
C THR H 476 7.67 4.86 50.82
N GLY H 477 7.97 5.65 49.79
CA GLY H 477 7.96 5.14 48.45
C GLY H 477 6.59 4.81 47.91
N TRP H 478 5.55 5.31 48.55
CA TRP H 478 4.16 5.06 48.17
C TRP H 478 3.64 6.17 47.26
N LEU H 479 2.49 5.91 46.64
CA LEU H 479 1.78 6.90 45.81
C LEU H 479 0.53 7.32 46.57
N GLU H 480 0.72 8.22 47.53
CA GLU H 480 -0.40 8.66 48.35
C GLU H 480 -1.27 9.66 47.58
N PRO H 481 -2.58 9.62 47.76
CA PRO H 481 -3.47 10.49 46.98
C PRO H 481 -3.30 11.96 47.35
N SER H 482 -3.26 12.82 46.33
CA SER H 482 -2.96 14.23 46.51
C SER H 482 -4.20 15.10 46.39
N SER H 483 -3.99 16.40 46.46
CA SER H 483 -5.05 17.42 46.36
C SER H 483 -4.64 18.40 45.26
N TYR H 484 -5.23 18.25 44.07
CA TYR H 484 -4.79 19.04 42.94
C TYR H 484 -5.92 19.22 41.94
N SER H 485 -5.93 20.38 41.27
CA SER H 485 -6.92 20.68 40.23
C SER H 485 -6.38 21.84 39.40
N GLY H 486 -5.57 21.52 38.39
CA GLY H 486 -4.95 22.52 37.54
C GLY H 486 -5.95 23.33 36.72
N MET I 1 30.99 -60.28 43.55
CA MET I 1 31.86 -59.15 43.87
C MET I 1 31.29 -58.30 45.00
N THR I 2 30.06 -58.58 45.39
CA THR I 2 29.43 -57.85 46.47
C THR I 2 30.03 -58.23 47.81
N TYR I 3 30.06 -57.27 48.73
CA TYR I 3 30.51 -57.54 50.09
C TYR I 3 29.39 -58.23 50.86
N ASN I 4 29.70 -59.38 51.46
CA ASN I 4 28.69 -60.16 52.15
C ASN I 4 28.09 -59.39 53.32
N VAL I 5 26.79 -59.60 53.55
CA VAL I 5 26.03 -58.82 54.52
C VAL I 5 26.58 -59.03 55.92
N TRP I 6 26.76 -57.93 56.65
CA TRP I 6 27.29 -57.98 58.02
C TRP I 6 26.25 -58.52 58.99
N ASN I 7 26.66 -58.66 60.24
CA ASN I 7 25.80 -59.16 61.31
C ASN I 7 25.99 -58.33 62.57
N PHE I 8 24.88 -58.04 63.25
CA PHE I 8 24.92 -57.23 64.46
C PHE I 8 25.69 -57.92 65.58
N GLY I 9 25.35 -59.19 65.84
CA GLY I 9 25.99 -59.92 66.92
C GLY I 9 27.28 -60.60 66.50
N GLU I 10 27.87 -60.13 65.41
CA GLU I 10 29.14 -60.64 64.96
C GLU I 10 30.16 -59.56 64.62
N SER I 11 29.78 -58.28 64.73
CA SER I 11 30.72 -57.18 64.57
C SER I 11 30.44 -56.11 65.63
N ASN I 12 30.62 -56.48 66.90
CA ASN I 12 30.51 -55.59 68.06
C ASN I 12 29.33 -54.62 68.02
N GLY I 13 28.26 -54.98 67.31
CA GLY I 13 27.16 -54.05 67.11
C GLY I 13 26.51 -53.59 68.41
N ARG I 14 26.21 -52.29 68.46
CA ARG I 14 25.42 -51.72 69.56
C ARG I 14 24.63 -50.52 69.05
N TYR I 15 23.46 -50.30 69.65
CA TYR I 15 22.57 -49.18 69.31
C TYR I 15 22.88 -47.97 70.19
N SER I 16 23.95 -47.26 69.85
CA SER I 16 24.33 -46.09 70.62
C SER I 16 23.74 -44.82 69.98
N ALA I 17 23.87 -43.71 70.71
CA ALA I 17 23.33 -42.43 70.27
C ALA I 17 24.41 -41.59 69.59
N LEU I 18 24.01 -40.92 68.51
CA LEU I 18 24.90 -40.01 67.77
C LEU I 18 24.77 -38.60 68.34
N THR I 19 25.48 -38.36 69.45
CA THR I 19 25.40 -37.06 70.11
C THR I 19 25.89 -35.93 69.21
N ALA I 20 26.93 -36.17 68.43
CA ALA I 20 27.45 -35.15 67.52
C ALA I 20 26.56 -34.93 66.32
N ARG I 21 25.39 -35.55 66.28
CA ARG I 21 24.42 -35.38 65.20
C ARG I 21 23.08 -34.94 65.80
N GLY I 22 22.83 -35.31 67.05
CA GLY I 22 21.60 -34.96 67.73
C GLY I 22 20.57 -36.08 67.86
N ILE I 23 20.97 -37.32 67.60
CA ILE I 23 20.04 -38.46 67.55
C ILE I 23 20.26 -39.31 68.79
N SER I 24 19.17 -39.64 69.48
CA SER I 24 19.25 -40.45 70.69
C SER I 24 19.32 -41.93 70.35
N LYS I 25 19.56 -42.75 71.37
CA LYS I 25 19.64 -44.20 71.18
C LYS I 25 18.31 -44.75 70.71
N GLU I 26 17.22 -44.36 71.36
CA GLU I 26 15.89 -44.86 71.05
C GLU I 26 15.55 -44.70 69.57
N THR I 27 15.98 -43.60 68.97
CA THR I 27 15.66 -43.34 67.56
C THR I 27 16.41 -44.29 66.64
N CYS I 28 17.71 -44.44 66.85
CA CYS I 28 18.51 -45.35 66.03
C CYS I 28 17.95 -46.76 66.08
N GLN I 29 17.42 -47.17 67.23
CA GLN I 29 16.91 -48.53 67.40
C GLN I 29 15.73 -48.80 66.46
N LYS I 30 14.88 -47.79 66.25
CA LYS I 30 13.66 -48.01 65.46
C LYS I 30 13.93 -47.92 63.97
N ALA I 31 14.90 -47.10 63.55
CA ALA I 31 15.21 -46.99 62.14
C ALA I 31 16.13 -48.12 61.69
N GLY I 32 16.85 -48.76 62.62
CA GLY I 32 17.77 -49.82 62.30
C GLY I 32 19.14 -49.29 61.97
N TYR I 33 19.64 -48.36 62.80
CA TYR I 33 20.92 -47.70 62.58
C TYR I 33 21.81 -48.00 63.78
N TRP I 34 22.87 -48.77 63.55
CA TRP I 34 23.75 -49.24 64.62
C TRP I 34 25.21 -48.96 64.28
N ILE I 35 26.08 -49.19 65.26
CA ILE I 35 27.50 -48.90 65.17
C ILE I 35 28.27 -50.21 65.28
N ALA I 36 29.18 -50.44 64.33
CA ALA I 36 29.99 -51.66 64.28
C ALA I 36 31.44 -51.30 64.57
N LYS I 37 32.09 -52.15 65.37
CA LYS I 37 33.49 -51.96 65.77
C LYS I 37 34.34 -53.10 65.20
N VAL I 38 34.68 -52.97 63.92
CA VAL I 38 35.49 -53.98 63.21
C VAL I 38 36.90 -53.45 63.07
N ASP I 39 37.88 -54.28 63.42
CA ASP I 39 39.31 -53.98 63.35
C ASP I 39 39.72 -52.82 64.25
N GLY I 40 38.87 -52.43 65.21
CA GLY I 40 39.11 -51.27 66.04
C GLY I 40 38.51 -49.99 65.53
N VAL I 41 38.09 -49.95 64.25
CA VAL I 41 37.50 -48.76 63.65
C VAL I 41 36.04 -48.66 64.08
N MET I 42 35.40 -47.53 63.77
CA MET I 42 34.03 -47.25 64.21
C MET I 42 33.16 -47.02 62.98
N TYR I 43 32.38 -48.03 62.60
CA TYR I 43 31.52 -47.95 61.44
C TYR I 43 30.07 -47.68 61.84
N GLN I 44 29.37 -46.91 60.99
CA GLN I 44 27.94 -46.64 61.14
C GLN I 44 27.20 -47.39 60.04
N VAL I 45 26.26 -48.26 60.43
CA VAL I 45 25.57 -49.16 59.51
C VAL I 45 24.09 -48.79 59.43
N ALA I 46 23.57 -48.67 58.20
CA ALA I 46 22.16 -48.42 57.94
C ALA I 46 21.51 -49.67 57.34
N ASP I 47 20.66 -50.35 58.13
CA ASP I 47 19.99 -51.58 57.71
C ASP I 47 18.84 -51.28 56.76
N TYR I 48 18.98 -51.67 55.50
CA TYR I 48 17.91 -51.53 54.50
C TYR I 48 17.14 -52.85 54.41
N ARG I 49 16.15 -53.02 55.29
CA ARG I 49 15.35 -54.23 55.32
C ARG I 49 14.21 -54.18 54.31
N ASP I 50 13.67 -55.35 53.96
CA ASP I 50 12.58 -55.45 53.00
C ASP I 50 11.24 -55.44 53.75
N GLN I 51 10.16 -55.86 53.07
CA GLN I 51 8.82 -55.86 53.63
C GLN I 51 8.61 -56.93 54.70
N ASN I 52 9.60 -57.78 54.96
CA ASN I 52 9.44 -58.86 55.93
C ASN I 52 10.45 -58.79 57.08
N GLY I 53 11.27 -57.74 57.15
CA GLY I 53 12.24 -57.55 58.21
C GLY I 53 13.65 -58.00 57.86
N ASN I 54 13.78 -58.95 56.94
CA ASN I 54 15.07 -59.50 56.53
C ASN I 54 15.97 -58.43 55.93
N ILE I 55 17.15 -58.24 56.52
CA ILE I 55 18.12 -57.27 55.99
C ILE I 55 18.51 -57.66 54.57
N VAL I 56 18.35 -56.73 53.65
CA VAL I 56 18.72 -56.94 52.25
C VAL I 56 20.09 -56.35 51.94
N SER I 57 20.31 -55.10 52.34
CA SER I 57 21.58 -54.42 52.13
C SER I 57 21.89 -53.55 53.33
N GLN I 58 23.13 -53.04 53.37
CA GLN I 58 23.58 -52.15 54.43
C GLN I 58 24.47 -51.06 53.84
N LYS I 59 24.38 -49.86 54.40
CA LYS I 59 25.21 -48.73 54.00
C LYS I 59 26.08 -48.32 55.18
N VAL I 60 27.38 -48.56 55.05
CA VAL I 60 28.33 -48.44 56.17
C VAL I 60 29.26 -47.25 55.93
N ARG I 61 29.37 -46.39 56.93
CA ARG I 61 30.30 -45.26 56.90
C ARG I 61 31.06 -45.20 58.20
N ASP I 62 32.22 -44.53 58.15
CA ASP I 62 33.09 -44.41 59.30
C ASP I 62 33.29 -42.95 59.70
N LYS I 63 34.39 -42.67 60.41
CA LYS I 63 34.70 -41.32 60.86
C LYS I 63 35.21 -40.44 59.74
N ASP I 64 35.86 -41.03 58.74
CA ASP I 64 36.26 -40.29 57.55
C ASP I 64 35.11 -40.10 56.56
N LYS I 65 33.90 -40.52 56.94
CA LYS I 65 32.72 -40.44 56.10
C LYS I 65 32.97 -41.05 54.71
N ASN I 66 33.50 -42.27 54.71
CA ASN I 66 33.66 -43.06 53.51
C ASN I 66 32.52 -44.08 53.46
N PHE I 67 32.10 -44.43 52.25
CA PHE I 67 30.92 -45.26 52.07
C PHE I 67 31.31 -46.66 51.63
N LYS I 68 30.59 -47.65 52.14
CA LYS I 68 30.85 -49.06 51.81
C LYS I 68 29.54 -49.82 51.88
N THR I 69 29.17 -50.48 50.77
CA THR I 69 27.87 -51.11 50.64
C THR I 69 28.01 -52.64 50.68
N THR I 70 27.08 -53.29 51.38
CA THR I 70 27.02 -54.73 51.48
C THR I 70 25.64 -55.21 51.04
N GLY I 71 25.57 -56.48 50.63
CA GLY I 71 24.30 -57.05 50.22
C GLY I 71 23.85 -56.62 48.84
N SER I 72 22.52 -56.54 48.67
CA SER I 72 21.91 -56.22 47.38
C SER I 72 21.28 -54.82 47.44
N HIS I 73 22.10 -53.80 47.23
CA HIS I 73 21.65 -52.41 47.24
C HIS I 73 20.98 -52.09 45.91
N LYS I 74 19.72 -52.51 45.79
CA LYS I 74 18.99 -52.33 44.55
C LYS I 74 18.64 -50.86 44.33
N SER I 75 18.11 -50.57 43.14
CA SER I 75 17.80 -49.19 42.77
C SER I 75 16.70 -48.61 43.66
N ASP I 76 15.75 -49.43 44.11
CA ASP I 76 14.66 -48.99 44.95
C ASP I 76 15.02 -48.95 46.43
N ALA I 77 16.29 -48.69 46.75
CA ALA I 77 16.73 -48.67 48.14
C ALA I 77 16.13 -47.47 48.87
N LEU I 78 15.35 -47.74 49.92
CA LEU I 78 14.72 -46.69 50.72
C LEU I 78 14.88 -47.01 52.19
N PHE I 79 15.69 -46.23 52.89
CA PHE I 79 15.93 -46.43 54.31
C PHE I 79 14.68 -46.08 55.11
N GLY I 80 14.08 -47.08 55.74
CA GLY I 80 12.87 -46.90 56.52
C GLY I 80 11.61 -47.34 55.80
N LYS I 81 11.73 -47.78 54.54
CA LYS I 81 10.57 -48.22 53.77
C LYS I 81 9.80 -49.33 54.46
N HIS I 82 10.48 -50.19 55.21
CA HIS I 82 9.87 -51.32 55.86
C HIS I 82 9.03 -50.95 57.07
N LEU I 83 9.07 -49.68 57.50
CA LEU I 83 8.39 -49.26 58.71
C LEU I 83 6.97 -48.76 58.47
N TRP I 84 6.64 -48.36 57.25
CA TRP I 84 5.36 -47.72 56.97
C TRP I 84 4.63 -48.44 55.85
N ASN I 85 3.39 -48.84 56.11
CA ASN I 85 2.52 -49.50 55.14
C ASN I 85 1.49 -48.54 54.56
N GLY I 86 1.92 -47.34 54.19
CA GLY I 86 1.01 -46.30 53.73
C GLY I 86 0.60 -45.38 54.86
N GLY I 87 -0.25 -44.43 54.53
CA GLY I 87 -0.78 -43.53 55.54
C GLY I 87 -1.19 -42.20 54.90
N LYS I 88 -0.84 -41.11 55.60
CA LYS I 88 -1.17 -39.76 55.16
C LYS I 88 0.02 -39.10 54.46
N LYS I 89 1.17 -39.00 55.13
CA LYS I 89 2.32 -38.27 54.63
C LYS I 89 3.59 -39.08 54.87
N ILE I 90 4.59 -38.86 54.03
CA ILE I 90 5.90 -39.51 54.16
C ILE I 90 7.00 -38.50 53.86
N VAL I 91 7.99 -38.44 54.74
CA VAL I 91 9.13 -37.53 54.59
C VAL I 91 10.28 -38.27 53.92
N VAL I 92 10.78 -37.70 52.82
CA VAL I 92 11.84 -38.31 52.02
C VAL I 92 13.09 -37.45 52.13
N THR I 93 14.01 -37.85 53.00
CA THR I 93 15.26 -37.14 53.17
C THR I 93 16.28 -37.64 52.15
N GLU I 94 17.42 -36.95 52.09
CA GLU I 94 18.51 -37.37 51.21
C GLU I 94 19.41 -38.39 51.90
N GLY I 95 19.95 -38.04 53.07
CA GLY I 95 20.81 -38.93 53.82
C GLY I 95 20.10 -39.59 54.98
N GLU I 96 20.67 -40.69 55.45
CA GLU I 96 20.09 -41.41 56.58
C GLU I 96 20.17 -40.59 57.86
N ILE I 97 21.21 -39.77 58.01
CA ILE I 97 21.34 -38.91 59.19
C ILE I 97 20.21 -37.89 59.20
N ASP I 98 19.88 -37.35 58.03
CA ASP I 98 18.74 -36.46 57.92
C ASP I 98 17.45 -37.22 58.19
N MET I 99 17.39 -38.48 57.75
CA MET I 99 16.23 -39.33 58.02
C MET I 99 16.09 -39.57 59.52
N LEU I 100 17.20 -39.54 60.24
CA LEU I 100 17.17 -39.70 61.68
C LEU I 100 16.79 -38.41 62.39
N THR I 101 16.86 -37.28 61.68
CA THR I 101 16.54 -35.99 62.28
C THR I 101 15.04 -35.83 62.43
N VAL I 102 14.30 -36.07 61.33
CA VAL I 102 12.85 -35.91 61.34
C VAL I 102 12.21 -36.88 62.33
N MET I 103 12.71 -38.12 62.37
CA MET I 103 12.14 -39.12 63.26
C MET I 103 12.34 -38.74 64.72
N GLU I 104 13.46 -38.09 65.05
CA GLU I 104 13.69 -37.66 66.42
C GLU I 104 12.64 -36.65 66.85
N LEU I 105 12.33 -35.70 65.96
CA LEU I 105 11.37 -34.66 66.28
C LEU I 105 9.94 -35.17 66.34
N GLN I 106 9.62 -36.22 65.58
CA GLN I 106 8.28 -36.78 65.54
C GLN I 106 8.14 -37.98 66.48
N ASP I 107 9.14 -38.23 67.32
CA ASP I 107 9.15 -39.34 68.25
C ASP I 107 8.99 -40.68 67.54
N CYS I 108 9.51 -40.76 66.31
CA CYS I 108 9.48 -41.98 65.51
C CYS I 108 8.04 -42.47 65.31
N LYS I 109 7.11 -41.53 65.16
CA LYS I 109 5.70 -41.84 65.05
C LYS I 109 5.16 -41.60 63.66
N TYR I 110 5.93 -40.98 62.77
CA TYR I 110 5.41 -40.62 61.46
C TYR I 110 6.40 -40.99 60.36
N PRO I 111 5.89 -41.49 59.24
CA PRO I 111 6.76 -42.01 58.15
C PRO I 111 7.84 -41.05 57.65
N VAL I 112 9.10 -41.47 57.76
CA VAL I 112 10.24 -40.75 57.22
C VAL I 112 11.18 -41.77 56.60
N VAL I 113 11.68 -41.47 55.39
CA VAL I 113 12.58 -42.37 54.68
C VAL I 113 13.72 -41.57 54.07
N SER I 114 14.79 -42.28 53.73
CA SER I 114 15.96 -41.70 53.08
C SER I 114 16.22 -42.39 51.75
N LEU I 115 17.04 -41.74 50.94
CA LEU I 115 17.41 -42.26 49.62
C LEU I 115 18.58 -43.22 49.75
N GLY I 116 18.50 -44.34 49.02
CA GLY I 116 19.53 -45.35 49.06
C GLY I 116 20.86 -44.89 48.51
N HIS I 117 20.88 -44.52 47.24
CA HIS I 117 22.10 -44.00 46.62
C HIS I 117 22.35 -42.55 46.99
N GLY I 118 21.28 -41.77 47.15
CA GLY I 118 21.40 -40.38 47.56
C GLY I 118 21.73 -39.44 46.43
N ALA I 119 20.95 -38.36 46.31
CA ALA I 119 21.22 -37.27 45.37
C ALA I 119 21.28 -37.73 43.92
N SER I 120 22.24 -38.61 43.59
CA SER I 120 22.52 -38.93 42.21
C SER I 120 21.39 -39.76 41.59
N ALA I 121 21.02 -40.87 42.23
CA ALA I 121 19.97 -41.74 41.72
C ALA I 121 18.59 -41.31 42.19
N ALA I 122 18.46 -40.07 42.68
CA ALA I 122 17.19 -39.53 43.13
C ALA I 122 16.09 -39.75 42.10
N LYS I 123 16.38 -39.43 40.85
CA LYS I 123 15.40 -39.68 39.78
C LYS I 123 15.12 -41.17 39.64
N LYS I 124 16.19 -41.98 39.64
CA LYS I 124 16.03 -43.42 39.47
C LYS I 124 15.37 -44.07 40.69
N THR I 125 15.79 -43.68 41.89
CA THR I 125 15.24 -44.27 43.10
C THR I 125 13.74 -43.97 43.23
N CYS I 126 13.35 -42.72 42.95
CA CYS I 126 11.94 -42.36 43.02
C CYS I 126 11.16 -43.08 41.93
N ALA I 127 11.76 -43.23 40.74
CA ALA I 127 11.11 -43.97 39.67
C ALA I 127 10.93 -45.42 40.07
N ALA I 128 11.95 -46.02 40.69
CA ALA I 128 11.84 -47.38 41.16
C ALA I 128 10.81 -47.51 42.28
N ASN I 129 10.57 -46.42 43.00
CA ASN I 129 9.58 -46.41 44.08
C ASN I 129 8.43 -45.46 43.75
N TYR I 130 7.71 -45.74 42.67
CA TYR I 130 6.51 -45.00 42.32
C TYR I 130 5.31 -45.71 42.91
N GLU I 131 5.30 -47.05 42.82
CA GLU I 131 4.27 -47.87 43.42
C GLU I 131 4.18 -47.64 44.93
N TYR I 132 5.34 -47.60 45.60
CA TYR I 132 5.37 -47.44 47.05
C TYR I 132 4.91 -46.05 47.48
N PHE I 133 5.48 -45.00 46.86
CA PHE I 133 5.15 -43.64 47.23
C PHE I 133 3.70 -43.28 46.93
N ASP I 134 3.03 -44.06 46.08
CA ASP I 134 1.65 -43.80 45.73
C ASP I 134 0.69 -44.34 46.79
N GLN I 135 1.23 -44.92 47.86
CA GLN I 135 0.40 -45.35 48.98
C GLN I 135 0.13 -44.18 49.90
N PHE I 136 1.13 -43.33 50.10
CA PHE I 136 0.99 -42.13 50.91
C PHE I 136 0.38 -41.00 50.09
N GLU I 137 -0.44 -40.18 50.74
CA GLU I 137 -1.07 -39.08 50.03
C GLU I 137 -0.05 -38.01 49.64
N GLN I 138 0.94 -37.76 50.49
CA GLN I 138 1.88 -36.66 50.29
C GLN I 138 3.32 -37.17 50.27
N ILE I 139 4.18 -36.46 49.54
CA ILE I 139 5.59 -36.84 49.36
C ILE I 139 6.46 -35.61 49.63
N ILE I 140 7.12 -35.59 50.78
CA ILE I 140 7.91 -34.44 51.25
C ILE I 140 9.35 -34.58 50.77
N LEU I 141 9.70 -33.86 49.70
CA LEU I 141 11.09 -33.85 49.21
C LEU I 141 11.92 -32.91 50.08
N MET I 142 12.58 -33.47 51.10
CA MET I 142 13.47 -32.72 51.98
C MET I 142 14.92 -33.14 51.70
N PHE I 143 15.48 -32.62 50.61
CA PHE I 143 16.85 -32.95 50.24
C PHE I 143 17.81 -31.89 50.77
N ASP I 144 19.08 -31.99 50.39
CA ASP I 144 20.08 -31.02 50.80
C ASP I 144 19.76 -29.65 50.22
N MET I 145 20.33 -28.62 50.85
CA MET I 145 20.02 -27.23 50.52
C MET I 145 21.16 -26.54 49.77
N ASP I 146 21.77 -27.24 48.83
CA ASP I 146 22.87 -26.71 48.05
C ASP I 146 22.61 -26.92 46.56
N GLU I 147 23.61 -26.54 45.75
CA GLU I 147 23.52 -26.65 44.30
C GLU I 147 23.15 -28.07 43.87
N ALA I 148 23.94 -29.05 44.30
CA ALA I 148 23.65 -30.44 43.97
C ALA I 148 22.32 -30.88 44.57
N GLY I 149 22.03 -30.45 45.80
CA GLY I 149 20.78 -30.83 46.45
C GLY I 149 19.56 -30.32 45.69
N ARG I 150 19.61 -29.06 45.25
CA ARG I 150 18.49 -28.50 44.52
C ARG I 150 18.32 -29.16 43.15
N LYS I 151 19.41 -29.65 42.57
CA LYS I 151 19.32 -30.39 41.33
C LYS I 151 18.64 -31.74 41.54
N ALA I 152 18.94 -32.40 42.66
CA ALA I 152 18.31 -33.68 42.98
C ALA I 152 16.81 -33.51 43.18
N VAL I 153 16.40 -32.44 43.87
CA VAL I 153 14.97 -32.16 44.02
C VAL I 153 14.30 -32.01 42.67
N GLU I 154 14.96 -31.29 41.75
CA GLU I 154 14.40 -31.08 40.42
C GLU I 154 14.22 -32.41 39.71
N GLU I 155 15.22 -33.30 39.80
CA GLU I 155 15.14 -34.59 39.13
C GLU I 155 14.19 -35.54 39.84
N ALA I 156 13.81 -35.23 41.08
CA ALA I 156 12.83 -36.03 41.81
C ALA I 156 11.42 -35.69 41.36
N ALA I 157 11.06 -34.39 41.44
CA ALA I 157 9.73 -33.91 41.09
C ALA I 157 9.29 -34.36 39.69
N GLN I 158 10.23 -34.70 38.82
CA GLN I 158 9.88 -35.11 37.46
C GLN I 158 9.26 -36.51 37.44
N VAL I 159 9.75 -37.41 38.29
CA VAL I 159 9.39 -38.83 38.19
C VAL I 159 8.53 -39.32 39.34
N LEU I 160 8.26 -38.51 40.35
CA LEU I 160 7.43 -38.97 41.45
C LEU I 160 5.95 -38.98 41.05
N PRO I 161 5.11 -39.72 41.80
CA PRO I 161 3.67 -39.81 41.46
C PRO I 161 2.95 -38.47 41.33
N ALA I 162 3.56 -37.40 41.83
CA ALA I 162 3.01 -36.05 41.70
C ALA I 162 1.64 -35.91 42.35
N GLY I 163 0.87 -34.91 41.94
CA GLY I 163 -0.36 -34.55 42.61
C GLY I 163 -0.18 -34.08 44.03
N LYS I 164 1.07 -34.03 44.52
CA LYS I 164 1.40 -33.70 45.89
C LYS I 164 2.91 -33.49 46.00
N VAL I 165 3.52 -32.91 44.96
CA VAL I 165 4.96 -32.68 44.99
C VAL I 165 5.23 -31.55 45.97
N ARG I 166 6.27 -31.69 46.78
CA ARG I 166 6.55 -30.69 47.79
C ARG I 166 8.05 -30.56 48.04
N VAL I 167 8.51 -29.31 48.14
CA VAL I 167 9.92 -28.99 48.32
C VAL I 167 10.12 -28.33 49.69
N ALA I 168 11.18 -28.74 50.38
CA ALA I 168 11.58 -28.14 51.65
C ALA I 168 12.77 -27.22 51.41
N VAL I 169 12.77 -26.05 52.06
CA VAL I 169 13.84 -25.07 51.94
C VAL I 169 14.29 -24.69 53.35
N LEU I 170 15.35 -25.33 53.81
CA LEU I 170 15.90 -25.13 55.15
C LEU I 170 16.89 -23.98 55.17
N PRO I 171 16.96 -23.26 56.30
CA PRO I 171 17.94 -22.17 56.40
C PRO I 171 19.38 -22.65 56.51
N CYS I 172 19.60 -23.96 56.68
CA CYS I 172 20.93 -24.51 56.90
C CYS I 172 21.33 -25.39 55.71
N LYS I 173 22.35 -26.23 55.94
CA LYS I 173 22.81 -27.17 54.92
C LYS I 173 21.80 -28.30 54.72
N ASP I 174 21.45 -29.00 55.80
CA ASP I 174 20.53 -30.12 55.71
C ASP I 174 19.72 -30.19 57.00
N ALA I 175 18.89 -31.24 57.11
CA ALA I 175 18.05 -31.42 58.30
C ALA I 175 18.88 -31.53 59.56
N ASN I 176 19.98 -32.29 59.51
CA ASN I 176 20.82 -32.45 60.68
C ASN I 176 21.52 -31.15 61.04
N GLU I 177 21.92 -30.36 60.04
CA GLU I 177 22.55 -29.08 60.30
C GLU I 177 21.57 -28.12 60.97
N CYS I 178 20.28 -28.23 60.62
CA CYS I 178 19.26 -27.44 61.28
C CYS I 178 19.09 -27.89 62.73
N HIS I 179 18.91 -29.19 62.94
CA HIS I 179 18.73 -29.73 64.28
C HIS I 179 19.86 -29.28 65.20
N LEU I 180 21.11 -29.48 64.77
CA LEU I 180 22.26 -28.96 65.49
C LEU I 180 22.46 -27.49 65.14
N ASN I 181 21.62 -26.64 65.77
CA ASN I 181 21.63 -25.20 65.55
C ASN I 181 20.46 -24.57 66.31
N GLY I 182 19.27 -25.14 66.17
CA GLY I 182 18.07 -24.56 66.74
C GLY I 182 16.76 -24.85 66.03
N HIS I 183 16.83 -25.22 64.74
CA HIS I 183 15.69 -25.17 63.84
C HIS I 183 14.82 -26.43 63.86
N ASP I 184 14.01 -26.57 64.92
CA ASP I 184 12.86 -27.44 64.82
C ASP I 184 11.67 -26.69 64.21
N ARG I 185 11.75 -25.36 64.23
CA ARG I 185 10.69 -24.49 63.74
C ARG I 185 10.73 -24.34 62.23
N GLU I 186 11.88 -24.64 61.63
CA GLU I 186 12.12 -24.43 60.21
C GLU I 186 11.86 -25.64 59.33
N ILE I 187 11.80 -26.84 59.89
CA ILE I 187 11.58 -28.04 59.07
C ILE I 187 10.13 -28.16 58.61
N MET I 188 9.19 -28.17 59.56
CA MET I 188 7.82 -28.59 59.24
C MET I 188 7.10 -27.64 58.27
N GLU I 189 7.27 -26.33 58.40
CA GLU I 189 6.58 -25.41 57.48
C GLU I 189 6.97 -25.70 56.03
N GLN I 190 8.23 -26.09 55.80
CA GLN I 190 8.75 -26.40 54.48
C GLN I 190 8.31 -27.80 54.03
N VAL I 191 7.61 -28.52 54.89
CA VAL I 191 6.99 -29.78 54.56
C VAL I 191 5.67 -29.56 53.82
N TRP I 192 5.01 -28.44 54.09
CA TRP I 192 3.72 -28.07 53.50
C TRP I 192 3.86 -27.01 52.40
N ASN I 193 4.85 -27.18 51.50
CA ASN I 193 5.11 -26.24 50.41
C ASN I 193 5.46 -27.02 49.16
N ALA I 194 4.97 -26.56 48.00
CA ALA I 194 4.92 -27.38 46.80
C ALA I 194 5.58 -26.70 45.61
N GLY I 195 5.90 -27.50 44.58
CA GLY I 195 6.16 -26.98 43.25
C GLY I 195 7.59 -27.07 42.75
N PRO I 196 7.77 -27.63 41.54
CA PRO I 196 9.07 -27.52 40.84
C PRO I 196 9.04 -26.50 39.70
N TRP I 197 10.21 -26.07 39.21
CA TRP I 197 10.31 -25.03 38.18
C TRP I 197 11.10 -25.55 36.96
N ILE I 198 11.48 -24.61 36.10
CA ILE I 198 12.32 -24.91 34.94
C ILE I 198 13.54 -23.99 34.94
N ALA I 205 6.42 -16.57 50.19
CA ALA I 205 5.85 -17.74 49.54
C ALA I 205 6.90 -18.44 48.69
N LEU I 206 7.95 -18.91 49.36
CA LEU I 206 9.02 -19.69 48.73
C LEU I 206 9.85 -18.87 47.71
N SER I 207 11.13 -19.20 47.60
CA SER I 207 11.76 -20.27 48.38
C SER I 207 12.91 -19.74 49.22
N LEU I 208 12.56 -19.09 50.34
CA LEU I 208 13.53 -18.43 51.23
C LEU I 208 14.39 -17.52 50.35
N ARG I 209 15.72 -17.55 50.49
CA ARG I 209 16.59 -16.74 49.63
C ARG I 209 18.04 -17.21 49.71
N GLU I 210 18.58 -17.31 50.92
CA GLU I 210 20.00 -17.53 51.20
C GLU I 210 20.91 -16.53 50.48
N ARG I 211 20.65 -16.26 49.20
CA ARG I 211 21.47 -15.29 48.47
C ARG I 211 21.12 -13.86 48.88
N ILE I 212 19.85 -13.58 49.17
CA ILE I 212 19.43 -12.24 49.58
C ILE I 212 20.02 -11.89 50.94
N ARG I 213 19.98 -12.83 51.88
CA ARG I 213 20.66 -12.64 53.16
C ARG I 213 22.10 -12.21 52.95
N GLU I 214 22.82 -12.93 52.10
CA GLU I 214 24.19 -12.57 51.75
C GLU I 214 24.26 -11.23 51.01
N HIS I 215 23.31 -11.00 50.10
CA HIS I 215 23.33 -9.79 49.27
C HIS I 215 23.08 -8.54 50.11
N LEU I 216 21.94 -8.49 50.81
CA LEU I 216 21.55 -7.29 51.56
C LEU I 216 22.61 -6.86 52.57
N SER I 217 23.33 -7.81 53.17
CA SER I 217 24.30 -7.46 54.20
C SER I 217 25.57 -6.84 53.60
N SER I 218 25.99 -7.32 52.43
CA SER I 218 27.26 -6.90 51.84
C SER I 218 27.06 -5.85 50.76
N GLU I 219 26.30 -6.16 49.72
CA GLU I 219 26.11 -5.23 48.61
C GLU I 219 25.31 -4.01 49.05
N GLU I 220 25.70 -2.85 48.54
CA GLU I 220 25.20 -1.57 49.00
C GLU I 220 23.96 -1.17 48.20
N SER I 221 23.57 0.10 48.28
CA SER I 221 22.40 0.61 47.56
C SER I 221 22.45 2.12 47.37
N VAL I 222 23.06 2.85 48.30
CA VAL I 222 23.18 4.31 48.18
C VAL I 222 24.60 4.77 48.44
N GLY I 223 25.58 4.05 47.90
CA GLY I 223 26.94 4.52 47.94
C GLY I 223 27.29 5.37 46.72
N LEU I 224 28.30 6.23 46.90
CA LEU I 224 28.84 7.09 45.84
C LEU I 224 27.78 7.61 44.89
N LEU I 225 27.09 8.69 45.26
CA LEU I 225 26.03 9.24 44.44
C LEU I 225 26.62 10.15 43.36
N PHE I 226 26.13 10.01 42.13
CA PHE I 226 26.60 10.85 41.03
C PHE I 226 26.36 12.33 41.35
N SER I 227 27.28 13.17 40.89
CA SER I 227 27.28 14.58 41.25
C SER I 227 27.22 15.45 40.02
N GLY I 228 26.30 16.42 40.03
CA GLY I 228 26.09 17.31 38.91
C GLY I 228 24.62 17.55 38.66
N CYS I 229 23.79 16.55 39.00
CA CYS I 229 22.35 16.66 38.80
C CYS I 229 21.67 15.57 39.63
N THR I 230 21.10 15.97 40.77
CA THR I 230 20.25 15.06 41.53
C THR I 230 19.07 14.64 40.68
N GLY I 231 19.10 13.41 40.18
CA GLY I 231 18.15 12.91 39.22
C GLY I 231 18.77 11.66 38.63
N ILE I 232 20.07 11.77 38.35
CA ILE I 232 20.86 10.58 38.04
C ILE I 232 20.87 9.67 39.26
N ASN I 233 21.04 10.26 40.44
CA ASN I 233 20.96 9.52 41.69
C ASN I 233 19.55 9.02 41.95
N ASP I 234 18.55 9.79 41.51
CA ASP I 234 17.16 9.39 41.71
C ASP I 234 16.81 8.19 40.85
N LYS I 235 17.50 8.01 39.72
CA LYS I 235 17.18 6.96 38.77
C LYS I 235 18.17 5.80 38.81
N THR I 236 19.33 5.98 39.44
CA THR I 236 20.36 4.96 39.49
C THR I 236 20.79 4.57 40.90
N LEU I 237 20.58 5.43 41.89
CA LEU I 237 21.05 5.20 43.26
C LEU I 237 22.57 5.02 43.31
N GLY I 238 23.27 5.68 42.41
CA GLY I 238 24.72 5.57 42.35
C GLY I 238 25.19 4.29 41.69
N ALA I 239 26.49 4.26 41.40
CA ALA I 239 27.13 3.15 40.70
C ALA I 239 27.27 1.96 41.65
N ARG I 240 26.16 1.25 41.83
CA ARG I 240 26.04 0.28 42.93
C ARG I 240 26.27 -1.14 42.40
N GLY I 241 27.53 -1.57 42.43
CA GLY I 241 27.91 -2.94 42.15
C GLY I 241 27.38 -3.51 40.85
N GLY I 242 26.98 -2.64 39.94
CA GLY I 242 26.40 -3.08 38.70
C GLY I 242 27.42 -3.36 37.62
N GLU I 243 26.96 -4.06 36.59
CA GLU I 243 27.77 -4.39 35.43
C GLU I 243 28.28 -3.15 34.69
N VAL I 244 29.34 -2.52 35.20
CA VAL I 244 30.10 -1.52 34.43
C VAL I 244 29.27 -0.28 34.11
N ILE I 245 29.62 0.86 34.70
CA ILE I 245 28.90 2.08 34.39
C ILE I 245 29.39 2.58 33.03
N MET I 246 28.45 2.81 32.13
CA MET I 246 28.75 3.25 30.77
C MET I 246 28.30 4.68 30.58
N VAL I 247 29.25 5.56 30.31
CA VAL I 247 28.98 6.98 30.00
C VAL I 247 29.29 7.15 28.52
N THR I 248 28.37 7.79 27.80
CA THR I 248 28.31 7.84 26.33
C THR I 248 27.51 9.03 25.83
N SER I 249 27.98 9.84 24.83
CA SER I 249 27.33 11.08 24.24
C SER I 249 27.73 11.32 22.78
N GLY I 250 26.85 12.08 22.14
CA GLY I 250 27.03 12.43 20.74
C GLY I 250 28.29 13.22 20.52
N SER I 251 28.32 13.85 19.39
CA SER I 251 29.46 14.58 18.93
C SER I 251 30.10 15.44 20.02
N GLY I 252 29.28 16.02 20.90
CA GLY I 252 29.79 16.66 22.08
C GLY I 252 30.49 15.65 22.96
N MET I 253 31.73 15.30 22.61
CA MET I 253 32.50 14.30 23.32
C MET I 253 32.96 14.82 24.69
N GLY I 254 32.35 15.90 25.15
CA GLY I 254 32.68 16.51 26.42
C GLY I 254 32.26 15.68 27.61
N LYS I 255 31.88 14.44 27.36
CA LYS I 255 31.64 13.50 28.45
C LYS I 255 32.81 13.28 29.34
N SER I 256 34.00 13.48 28.80
CA SER I 256 35.18 13.27 29.60
C SER I 256 35.11 14.15 30.82
N THR I 257 34.58 15.37 30.64
CA THR I 257 34.46 16.31 31.73
C THR I 257 33.47 15.82 32.79
N PHE I 258 32.35 15.25 32.34
CA PHE I 258 31.34 14.74 33.27
C PHE I 258 31.91 13.67 34.20
N VAL I 259 32.53 12.64 33.62
CA VAL I 259 33.13 11.59 34.43
C VAL I 259 34.22 12.17 35.31
N ARG I 260 34.95 13.16 34.79
CA ARG I 260 36.04 13.78 35.54
C ARG I 260 35.50 14.53 36.75
N GLN I 261 34.27 15.03 36.65
CA GLN I 261 33.62 15.71 37.77
C GLN I 261 33.35 14.75 38.92
N GLN I 262 32.92 13.52 38.60
CA GLN I 262 32.68 12.51 39.63
C GLN I 262 33.94 12.21 40.43
N ALA I 263 35.08 12.12 39.73
CA ALA I 263 36.35 11.88 40.40
C ALA I 263 36.66 12.95 41.42
N LEU I 264 36.42 14.22 41.08
CA LEU I 264 36.66 15.31 42.02
C LEU I 264 35.81 15.13 43.28
N GLN I 265 34.49 15.03 43.12
CA GLN I 265 33.59 14.86 44.25
C GLN I 265 33.97 13.66 45.12
N TRP I 266 34.11 12.48 44.51
CA TRP I 266 34.43 11.28 45.27
C TRP I 266 35.77 11.41 45.97
N GLY I 267 36.75 12.06 45.33
CA GLY I 267 38.05 12.18 45.95
C GLY I 267 38.19 13.33 46.94
N THR I 268 37.12 14.11 47.12
CA THR I 268 37.11 15.23 48.07
C THR I 268 36.01 15.03 49.10
N ALA I 269 34.73 15.12 48.69
CA ALA I 269 33.62 14.97 49.62
C ALA I 269 33.60 13.57 50.21
N MET I 270 33.81 12.56 49.38
CA MET I 270 33.83 11.17 49.82
C MET I 270 35.28 10.73 50.02
N GLY I 271 35.46 9.51 50.48
CA GLY I 271 36.80 8.99 50.71
C GLY I 271 37.09 7.73 49.92
N LYS I 272 36.86 7.78 48.61
CA LYS I 272 37.00 6.62 47.75
C LYS I 272 38.20 6.78 46.83
N LYS I 273 39.07 5.78 46.80
CA LYS I 273 40.22 5.74 45.91
C LYS I 273 39.74 5.60 44.46
N VAL I 274 39.85 6.67 43.69
CA VAL I 274 39.39 6.65 42.30
C VAL I 274 40.56 6.30 41.40
N GLY I 275 40.36 5.30 40.54
CA GLY I 275 41.37 4.90 39.57
C GLY I 275 41.02 5.44 38.20
N LEU I 276 42.02 6.02 37.54
CA LEU I 276 41.85 6.64 36.23
C LEU I 276 42.66 5.89 35.19
N ALA I 277 42.07 5.70 34.00
CA ALA I 277 42.75 5.05 32.87
C ALA I 277 42.48 5.84 31.58
N MET I 278 43.13 6.99 31.46
CA MET I 278 42.96 7.85 30.28
C MET I 278 43.96 7.42 29.21
N LEU I 279 43.56 6.43 28.41
CA LEU I 279 44.34 6.10 27.22
C LEU I 279 44.34 7.25 26.22
N GLU I 280 43.38 8.16 26.34
CA GLU I 280 43.20 9.26 25.42
C GLU I 280 44.17 10.40 25.68
N GLU I 281 44.38 10.76 26.94
CA GLU I 281 45.23 11.89 27.31
C GLU I 281 46.33 11.45 28.26
N SER I 282 47.44 12.19 28.23
CA SER I 282 48.59 11.85 29.04
C SER I 282 48.26 11.99 30.52
N VAL I 283 49.03 11.29 31.36
CA VAL I 283 48.78 11.31 32.80
C VAL I 283 49.02 12.71 33.36
N GLU I 284 49.92 13.48 32.76
CA GLU I 284 50.16 14.84 33.22
C GLU I 284 48.99 15.76 32.86
N GLU I 285 48.36 15.53 31.71
CA GLU I 285 47.27 16.40 31.27
C GLU I 285 45.99 16.19 32.08
N THR I 286 45.63 14.94 32.37
CA THR I 286 44.40 14.68 33.11
C THR I 286 44.49 15.25 34.52
N ALA I 287 45.66 15.15 35.16
CA ALA I 287 45.83 15.75 36.47
C ALA I 287 45.66 17.27 36.40
N GLU I 288 46.24 17.91 35.39
CA GLU I 288 46.06 19.35 35.18
C GLU I 288 44.59 19.72 35.12
N ASP I 289 43.80 18.95 34.36
CA ASP I 289 42.36 19.19 34.31
C ASP I 289 41.73 19.02 35.69
N LEU I 290 42.09 17.93 36.39
CA LEU I 290 41.55 17.69 37.72
C LEU I 290 41.86 18.85 38.66
N ILE I 291 43.10 19.34 38.62
CA ILE I 291 43.48 20.48 39.44
C ILE I 291 42.62 21.69 39.09
N GLY I 292 42.53 22.00 37.80
CA GLY I 292 41.66 23.09 37.37
C GLY I 292 40.21 22.84 37.75
N LEU I 293 39.76 21.60 37.59
CA LEU I 293 38.38 21.26 37.95
C LEU I 293 38.14 21.45 39.44
N HIS I 294 39.11 21.02 40.27
CA HIS I 294 38.98 21.19 41.72
C HIS I 294 38.94 22.66 42.11
N ASN I 295 39.80 23.47 41.50
CA ASN I 295 39.87 24.89 41.80
C ASN I 295 38.98 25.72 40.88
N ARG I 296 37.97 25.08 40.28
CA ARG I 296 37.01 25.67 39.36
C ARG I 296 37.62 26.74 38.46
N VAL I 297 38.66 26.37 37.71
CA VAL I 297 39.34 27.30 36.81
C VAL I 297 39.83 26.54 35.58
N ARG I 298 39.81 27.22 34.43
CA ARG I 298 40.35 26.69 33.18
C ARG I 298 41.88 26.73 33.27
N LEU I 299 42.43 25.72 33.93
CA LEU I 299 43.86 25.70 34.24
C LEU I 299 44.73 25.68 32.98
N ARG I 300 44.80 24.54 32.32
CA ARG I 300 45.65 24.38 31.13
C ARG I 300 45.07 25.04 29.89
N GLN I 301 44.00 25.80 30.02
CA GLN I 301 43.38 26.51 28.91
C GLN I 301 43.79 27.97 28.83
N SER I 302 44.66 28.43 29.74
CA SER I 302 45.11 29.81 29.76
C SER I 302 46.58 29.85 30.13
N ASP I 303 47.33 30.71 29.43
CA ASP I 303 48.78 30.82 29.65
C ASP I 303 49.11 31.69 30.85
N SER I 304 48.24 32.65 31.18
CA SER I 304 48.49 33.54 32.32
C SER I 304 48.36 32.81 33.65
N LEU I 305 47.26 32.07 33.83
CA LEU I 305 47.03 31.38 35.10
C LEU I 305 48.07 30.29 35.36
N LYS I 306 48.55 29.64 34.30
CA LYS I 306 49.58 28.60 34.45
C LYS I 306 50.86 29.17 35.04
N ARG I 307 51.36 30.27 34.47
CA ARG I 307 52.58 30.90 34.98
C ARG I 307 52.40 31.41 36.41
N GLU I 308 51.20 31.91 36.72
CA GLU I 308 50.86 32.45 38.04
C GLU I 308 51.05 31.46 39.19
N ILE I 309 50.24 30.39 39.19
CA ILE I 309 50.19 29.47 40.33
C ILE I 309 51.54 28.81 40.60
N ILE I 310 52.45 28.84 39.63
CA ILE I 310 53.77 28.24 39.82
C ILE I 310 54.64 29.13 40.69
N GLU I 311 54.65 30.42 40.40
CA GLU I 311 55.57 31.36 41.07
C GLU I 311 55.12 31.67 42.50
N ASN I 312 53.86 32.06 42.67
CA ASN I 312 53.38 32.41 44.01
C ASN I 312 53.25 31.18 44.92
N GLY I 313 53.37 29.98 44.38
CA GLY I 313 53.29 28.77 45.17
C GLY I 313 51.92 28.14 45.27
N LYS I 314 50.90 28.70 44.60
CA LYS I 314 49.58 28.10 44.62
C LYS I 314 49.53 26.75 43.90
N PHE I 315 50.55 26.45 43.09
CA PHE I 315 50.64 25.12 42.47
C PHE I 315 50.77 24.04 43.53
N ASP I 316 51.82 24.13 44.36
CA ASP I 316 52.02 23.17 45.44
C ASP I 316 50.83 23.14 46.37
N GLN I 317 50.20 24.30 46.59
CA GLN I 317 49.02 24.38 47.46
C GLN I 317 47.86 23.56 46.91
N TRP I 318 47.43 23.87 45.68
CA TRP I 318 46.29 23.17 45.09
C TRP I 318 46.59 21.69 44.91
N PHE I 319 47.82 21.37 44.49
CA PHE I 319 48.21 19.98 44.26
C PHE I 319 48.08 19.16 45.53
N ASP I 320 48.72 19.63 46.60
CA ASP I 320 48.63 18.95 47.90
C ASP I 320 47.20 18.96 48.43
N GLU I 321 46.48 20.05 48.19
CA GLU I 321 45.09 20.14 48.63
C GLU I 321 44.24 19.05 48.01
N LEU I 322 44.58 18.63 46.80
CA LEU I 322 43.79 17.64 46.07
C LEU I 322 44.35 16.23 46.30
N PHE I 323 45.51 15.95 45.71
CA PHE I 323 46.10 14.62 45.74
C PHE I 323 46.75 14.28 47.08
N GLY I 324 46.79 15.22 48.03
CA GLY I 324 47.45 15.04 49.31
C GLY I 324 46.95 13.88 50.15
N ASN I 325 45.89 13.21 49.74
CA ASN I 325 45.38 12.05 50.45
C ASN I 325 45.60 10.75 49.69
N ASP I 326 46.34 10.78 48.59
CA ASP I 326 46.63 9.59 47.79
C ASP I 326 45.34 8.91 47.34
N THR I 327 44.26 9.67 47.22
CA THR I 327 42.98 9.15 46.79
C THR I 327 42.86 9.05 45.28
N PHE I 328 43.87 9.48 44.53
CA PHE I 328 43.83 9.48 43.06
C PHE I 328 45.01 8.69 42.51
N HIS I 329 44.70 7.75 41.60
CA HIS I 329 45.68 6.91 40.95
C HIS I 329 45.30 6.80 39.49
N LEU I 330 46.30 6.79 38.60
CA LEU I 330 46.03 6.90 37.18
C LEU I 330 46.80 5.83 36.40
N TYR I 331 46.51 5.79 35.10
CA TYR I 331 47.22 4.94 34.15
C TYR I 331 47.91 5.83 33.12
N ASP I 332 49.05 5.37 32.63
CA ASP I 332 49.80 6.09 31.61
C ASP I 332 49.72 5.33 30.29
N SER I 333 49.61 6.08 29.20
CA SER I 333 49.56 5.49 27.86
C SER I 333 50.84 4.72 27.57
N PHE I 334 51.85 5.42 27.05
CA PHE I 334 53.15 4.83 26.75
C PHE I 334 53.04 3.62 25.84
N ALA I 335 52.49 2.52 26.36
CA ALA I 335 52.32 1.30 25.60
C ALA I 335 50.87 0.99 25.24
N GLU I 336 49.90 1.52 25.99
CA GLU I 336 48.47 1.23 25.85
C GLU I 336 48.18 -0.24 26.16
N ALA I 337 49.11 -1.13 25.83
CA ALA I 337 49.21 -2.46 26.41
C ALA I 337 48.03 -3.37 26.10
N GLU I 338 47.76 -3.59 24.81
CA GLU I 338 46.84 -4.62 24.32
C GLU I 338 45.47 -4.58 25.00
N THR I 339 44.96 -5.77 25.34
CA THR I 339 43.67 -5.99 25.98
C THR I 339 43.87 -6.78 27.26
N ASP I 340 44.65 -7.87 27.17
CA ASP I 340 45.00 -8.72 28.30
C ASP I 340 46.19 -8.20 29.09
N ARG I 341 46.91 -7.19 28.59
CA ARG I 341 47.98 -6.57 29.35
C ARG I 341 47.59 -5.13 29.70
N LEU I 342 46.29 -4.87 29.68
CA LEU I 342 45.64 -3.65 30.14
C LEU I 342 44.69 -3.98 31.27
N LEU I 343 43.84 -4.99 31.07
CA LEU I 343 43.02 -5.52 32.14
C LEU I 343 43.88 -5.90 33.32
N ALA I 344 45.09 -6.38 33.05
CA ALA I 344 46.08 -6.63 34.11
C ALA I 344 46.38 -5.35 34.87
N LYS I 345 46.54 -4.24 34.15
CA LYS I 345 46.86 -2.97 34.82
C LYS I 345 45.68 -2.51 35.67
N LEU I 346 44.46 -2.64 35.15
CA LEU I 346 43.27 -2.32 35.92
C LEU I 346 43.13 -3.25 37.12
N ALA I 347 43.50 -4.52 36.95
CA ALA I 347 43.40 -5.46 38.07
C ALA I 347 44.40 -5.12 39.16
N TYR I 348 45.58 -4.65 38.78
CA TYR I 348 46.58 -4.26 39.77
C TYR I 348 46.09 -3.12 40.66
N MET I 349 45.31 -2.21 40.10
CA MET I 349 44.84 -1.07 40.89
C MET I 349 43.89 -1.54 41.99
N ARG I 350 42.67 -1.94 41.61
CA ARG I 350 41.70 -2.60 42.50
C ARG I 350 42.31 -3.39 43.65
N SER I 351 43.30 -4.24 43.36
CA SER I 351 43.85 -5.17 44.34
C SER I 351 45.06 -4.57 45.08
N GLY I 352 46.09 -4.17 44.33
CA GLY I 352 47.28 -3.64 44.97
C GLY I 352 47.06 -2.29 45.62
N LEU I 353 46.50 -1.34 44.86
CA LEU I 353 46.27 0.00 45.37
C LEU I 353 44.99 0.08 46.20
N GLY I 354 44.09 -0.86 46.03
CA GLY I 354 42.85 -0.89 46.80
C GLY I 354 41.89 0.20 46.36
N CYS I 355 41.68 0.31 45.06
CA CYS I 355 40.83 1.35 44.50
C CYS I 355 39.40 0.83 44.33
N ASP I 356 38.45 1.52 44.93
CA ASP I 356 37.05 1.11 44.85
C ASP I 356 36.35 1.59 43.57
N VAL I 357 36.92 2.57 42.87
CA VAL I 357 36.38 3.04 41.60
C VAL I 357 37.51 3.11 40.58
N ILE I 358 37.28 2.50 39.41
CA ILE I 358 38.22 2.53 38.29
C ILE I 358 37.53 3.20 37.10
N ILE I 359 38.22 4.15 36.47
CA ILE I 359 37.69 4.91 35.34
C ILE I 359 38.55 4.64 34.10
N LEU I 360 37.93 4.11 33.05
CA LEU I 360 38.58 3.83 31.78
C LEU I 360 37.98 4.74 30.72
N ASP I 361 38.70 5.81 30.37
CA ASP I 361 38.25 6.71 29.32
C ASP I 361 38.59 6.10 27.97
N HIS I 362 37.60 6.05 27.08
CA HIS I 362 37.73 5.49 25.74
C HIS I 362 38.00 3.99 25.82
N ILE I 363 37.08 3.20 25.25
CA ILE I 363 37.16 1.75 25.34
C ILE I 363 37.42 1.10 23.98
N SER I 364 37.01 1.74 22.88
CA SER I 364 37.40 1.25 21.56
C SER I 364 38.90 1.33 21.34
N ILE I 365 39.62 2.10 22.16
CA ILE I 365 41.08 2.07 22.18
C ILE I 365 41.51 0.67 22.63
N VAL I 366 41.55 -0.27 21.69
CA VAL I 366 42.05 -1.61 21.98
C VAL I 366 43.57 -1.59 21.91
N VAL I 367 44.10 -1.47 20.68
CA VAL I 367 45.51 -1.20 20.42
C VAL I 367 46.39 -2.39 20.80
N SER I 368 47.50 -2.57 20.07
CA SER I 368 48.58 -3.47 20.45
C SER I 368 48.16 -4.93 20.42
N ALA I 369 47.23 -5.29 19.52
CA ALA I 369 46.86 -6.68 19.31
C ALA I 369 46.62 -6.96 17.84
N SER I 370 47.35 -6.28 16.96
CA SER I 370 47.14 -6.35 15.52
C SER I 370 47.40 -7.75 14.98
N GLY I 371 46.32 -8.47 14.67
CA GLY I 371 46.41 -9.79 14.11
C GLY I 371 45.06 -10.24 13.59
N GLU I 372 44.00 -9.69 14.18
CA GLU I 372 42.63 -9.99 13.77
C GLU I 372 42.16 -9.00 12.70
N SER I 373 40.85 -8.74 12.66
CA SER I 373 40.29 -7.79 11.70
C SER I 373 38.99 -7.20 12.24
N ASP I 374 37.88 -7.88 12.02
CA ASP I 374 36.58 -7.40 12.49
C ASP I 374 36.48 -7.64 13.99
N GLU I 375 36.60 -6.57 14.77
CA GLU I 375 36.57 -6.62 16.23
C GLU I 375 35.18 -6.91 16.76
N ARG I 376 34.29 -7.47 15.93
CA ARG I 376 32.93 -7.77 16.39
C ARG I 376 32.94 -8.73 17.56
N LYS I 377 33.97 -9.57 17.67
CA LYS I 377 34.10 -10.43 18.84
C LYS I 377 34.97 -9.74 19.89
N MET I 378 36.01 -9.04 19.42
CA MET I 378 36.90 -8.29 20.29
C MET I 378 36.15 -7.23 21.09
N ILE I 379 35.32 -6.44 20.41
CA ILE I 379 34.56 -5.39 21.10
C ILE I 379 33.64 -6.00 22.16
N ASP I 380 33.06 -7.16 21.86
CA ASP I 380 32.24 -7.85 22.85
C ASP I 380 33.12 -8.42 23.97
N ASN I 381 34.21 -9.10 23.57
CA ASN I 381 35.12 -9.73 24.51
C ASN I 381 35.73 -8.75 25.51
N LEU I 382 36.12 -7.57 25.06
CA LEU I 382 36.72 -6.61 25.99
C LEU I 382 35.73 -6.23 27.07
N MET I 383 34.49 -5.97 26.67
CA MET I 383 33.43 -5.67 27.65
C MET I 383 33.25 -6.82 28.63
N THR I 384 33.38 -8.06 28.16
CA THR I 384 33.26 -9.21 29.06
C THR I 384 34.37 -9.22 30.09
N LYS I 385 35.60 -8.97 29.66
CA LYS I 385 36.73 -8.93 30.59
C LYS I 385 36.59 -7.78 31.57
N LEU I 386 36.08 -6.64 31.10
CA LEU I 386 35.81 -5.53 32.01
C LEU I 386 34.74 -5.90 33.00
N LYS I 387 33.69 -6.58 32.54
CA LYS I 387 32.63 -7.05 33.42
C LYS I 387 33.13 -8.10 34.40
N GLY I 388 33.94 -9.05 33.94
CA GLY I 388 34.46 -10.06 34.82
C GLY I 388 35.24 -9.49 36.00
N PHE I 389 36.28 -8.73 35.68
CA PHE I 389 37.07 -8.05 36.71
C PHE I 389 36.20 -7.18 37.63
N ALA I 390 35.26 -6.42 37.03
CA ALA I 390 34.45 -5.49 37.82
C ALA I 390 33.60 -6.21 38.85
N LYS I 391 32.91 -7.27 38.43
CA LYS I 391 31.95 -7.95 39.30
C LYS I 391 32.65 -8.89 40.29
N SER I 392 33.63 -9.66 39.82
CA SER I 392 34.33 -10.62 40.66
C SER I 392 35.13 -9.96 41.77
N THR I 393 35.40 -8.67 41.63
CA THR I 393 36.08 -7.89 42.65
C THR I 393 35.15 -6.93 43.37
N GLY I 394 34.04 -6.56 42.73
CA GLY I 394 33.11 -5.63 43.33
C GLY I 394 33.48 -4.19 43.12
N VAL I 395 34.48 -3.93 42.29
CA VAL I 395 34.94 -2.57 42.06
C VAL I 395 33.94 -1.81 41.21
N VAL I 396 33.83 -0.51 41.46
CA VAL I 396 33.03 0.38 40.61
C VAL I 396 33.82 0.66 39.34
N LEU I 397 33.26 0.26 38.19
CA LEU I 397 33.95 0.39 36.91
C LEU I 397 33.15 1.32 35.99
N VAL I 398 33.68 2.51 35.74
CA VAL I 398 33.08 3.50 34.84
C VAL I 398 33.89 3.52 33.55
N VAL I 399 33.23 3.27 32.42
CA VAL I 399 33.89 3.14 31.12
C VAL I 399 33.29 4.14 30.13
N ILE I 400 34.15 4.68 29.27
CA ILE I 400 33.80 5.63 28.22
C ILE I 400 33.84 4.91 26.88
N CYS I 401 32.82 5.10 26.07
CA CYS I 401 32.75 4.52 24.74
C CYS I 401 32.77 5.61 23.67
N HIS I 402 33.40 5.30 22.54
CA HIS I 402 33.62 6.24 21.46
C HIS I 402 32.36 6.55 20.66
N LEU I 403 31.21 6.00 21.07
CA LEU I 403 29.92 6.20 20.41
C LEU I 403 29.86 5.50 19.06
N LYS I 404 28.65 5.18 18.62
CA LYS I 404 28.47 4.50 17.35
C LYS I 404 28.57 5.46 16.17
N ASN I 405 27.74 5.25 15.16
CA ASN I 405 27.81 6.06 13.96
C ASN I 405 26.43 6.14 13.32
N PRO I 406 25.83 7.32 13.30
CA PRO I 406 24.50 7.48 12.69
C PRO I 406 24.55 7.33 11.18
N ASP I 407 23.36 7.33 10.57
CA ASP I 407 23.21 7.08 9.14
C ASP I 407 22.84 8.33 8.34
N LYS I 408 21.79 9.05 8.72
CA LYS I 408 21.37 10.22 7.97
C LYS I 408 20.59 11.14 8.90
N GLY I 409 20.10 12.26 8.35
CA GLY I 409 19.30 13.19 9.11
C GLY I 409 20.13 14.07 10.00
N LYS I 410 19.49 14.59 11.05
CA LYS I 410 20.20 15.41 12.03
C LYS I 410 21.13 14.52 12.85
N ALA I 411 22.42 14.84 12.82
CA ALA I 411 23.43 14.03 13.48
C ALA I 411 23.35 14.16 15.00
N HIS I 412 24.37 13.67 15.70
CA HIS I 412 24.51 13.99 17.11
C HIS I 412 24.66 15.48 17.34
N GLU I 413 24.99 16.24 16.29
CA GLU I 413 25.06 17.70 16.35
C GLU I 413 23.77 18.31 16.86
N GLU I 414 22.66 18.04 16.16
CA GLU I 414 21.37 18.62 16.54
C GLU I 414 20.79 17.93 17.76
N GLY I 415 21.61 17.72 18.79
CA GLY I 415 21.18 16.96 19.95
C GLY I 415 20.71 15.58 19.55
N ARG I 416 19.41 15.33 19.73
CA ARG I 416 18.71 14.14 19.26
C ARG I 416 19.19 12.87 19.95
N PRO I 417 18.29 12.18 20.65
CA PRO I 417 18.65 10.88 21.23
C PRO I 417 18.70 9.80 20.16
N VAL I 418 19.64 8.86 20.33
CA VAL I 418 19.70 7.65 19.51
C VAL I 418 19.06 6.52 20.30
N SER I 419 18.48 5.55 19.58
CA SER I 419 17.82 4.43 20.24
C SER I 419 18.83 3.60 21.02
N ILE I 420 18.30 2.80 21.96
CA ILE I 420 19.16 1.92 22.76
C ILE I 420 19.89 0.93 21.86
N THR I 421 19.33 0.62 20.69
CA THR I 421 19.98 -0.26 19.73
C THR I 421 21.15 0.42 19.04
N ASP I 422 21.08 1.74 18.86
CA ASP I 422 22.12 2.53 18.19
C ASP I 422 23.43 2.57 18.96
N LEU I 423 23.52 1.95 20.15
CA LEU I 423 24.77 1.98 20.90
C LEU I 423 25.80 1.10 20.20
N ARG I 424 27.08 1.42 20.44
CA ARG I 424 28.15 0.87 19.63
C ARG I 424 28.36 -0.63 19.91
N GLY I 425 29.36 -1.19 19.25
CA GLY I 425 29.70 -2.58 19.41
C GLY I 425 28.78 -3.50 18.62
N SER I 426 29.05 -4.80 18.73
CA SER I 426 28.17 -5.80 18.16
C SER I 426 27.00 -6.14 19.08
N GLY I 427 27.08 -5.77 20.35
CA GLY I 427 25.93 -5.91 21.24
C GLY I 427 26.23 -6.48 22.60
N ALA I 428 27.46 -6.29 23.08
CA ALA I 428 27.75 -6.62 24.47
C ALA I 428 27.60 -5.41 25.39
N LEU I 429 27.91 -4.21 24.90
CA LEU I 429 27.82 -3.01 25.74
C LEU I 429 26.37 -2.63 26.03
N ARG I 430 25.44 -2.97 25.15
CA ARG I 430 24.04 -2.70 25.45
C ARG I 430 23.43 -3.74 26.38
N GLN I 431 24.13 -4.84 26.63
CA GLN I 431 23.65 -5.92 27.47
C GLN I 431 24.46 -6.02 28.76
N LEU I 432 25.78 -6.16 28.65
CA LEU I 432 26.71 -6.28 29.77
C LEU I 432 26.84 -4.99 30.57
N SER I 433 25.98 -3.99 30.40
CA SER I 433 26.10 -2.72 31.09
C SER I 433 24.89 -2.53 31.99
N ASP I 434 25.11 -2.49 33.30
CA ASP I 434 24.06 -2.21 34.26
C ASP I 434 23.48 -0.81 34.02
N THR I 435 24.19 0.21 34.50
CA THR I 435 23.75 1.59 34.34
C THR I 435 24.40 2.20 33.11
N ILE I 436 23.59 2.90 32.30
CA ILE I 436 24.05 3.55 31.09
C ILE I 436 23.56 5.00 31.14
N ILE I 437 24.49 5.93 31.37
CA ILE I 437 24.19 7.35 31.40
C ILE I 437 24.50 7.94 30.04
N ALA I 438 23.57 8.75 29.52
CA ALA I 438 23.73 9.37 28.21
C ALA I 438 23.47 10.87 28.33
N LEU I 439 24.31 11.67 27.74
CA LEU I 439 24.30 13.12 27.68
C LEU I 439 24.01 13.56 26.24
N GLU I 440 23.18 14.57 26.14
CA GLU I 440 22.76 15.12 24.86
C GLU I 440 22.98 16.62 24.89
N ARG I 441 23.58 17.14 23.82
CA ARG I 441 23.90 18.56 23.73
C ARG I 441 23.96 18.95 22.27
N ASN I 442 23.29 20.05 21.93
CA ASN I 442 23.10 20.48 20.53
C ASN I 442 24.26 21.37 20.08
N GLN I 443 25.48 20.82 20.09
CA GLN I 443 26.68 21.63 19.91
C GLN I 443 26.73 22.44 18.62
N GLN I 444 25.61 22.49 17.90
CA GLN I 444 25.43 23.41 16.77
C GLN I 444 24.03 23.98 16.85
N GLY I 445 23.92 25.29 16.61
CA GLY I 445 22.65 25.99 16.69
C GLY I 445 22.68 27.06 17.78
N ASP I 446 21.60 27.13 18.57
CA ASP I 446 21.47 28.12 19.62
C ASP I 446 21.55 27.54 21.03
N MET I 447 21.37 26.23 21.19
CA MET I 447 21.48 25.52 22.47
C MET I 447 22.92 25.22 22.91
N PRO I 448 23.83 24.76 22.00
CA PRO I 448 25.03 24.02 22.39
C PRO I 448 25.29 23.71 23.87
N ASN I 449 25.55 24.74 24.67
CA ASN I 449 25.96 24.51 26.06
C ASN I 449 24.91 23.78 26.88
N LEU I 450 23.65 23.76 26.42
CA LEU I 450 22.61 22.97 27.06
C LEU I 450 22.94 21.49 26.99
N VAL I 451 22.95 20.81 28.14
CA VAL I 451 23.24 19.39 28.17
C VAL I 451 22.09 18.68 28.87
N LEU I 452 21.55 17.66 28.19
CA LEU I 452 20.46 16.83 28.67
C LEU I 452 21.03 15.51 29.15
N VAL I 453 20.61 15.05 30.32
CA VAL I 453 21.04 13.76 30.87
C VAL I 453 19.92 12.74 30.69
N ARG I 454 20.24 11.62 30.06
CA ARG I 454 19.27 10.56 29.78
C ARG I 454 19.81 9.23 30.29
N ILE I 455 19.04 8.58 31.14
CA ILE I 455 19.38 7.25 31.66
C ILE I 455 18.82 6.22 30.69
N LEU I 456 19.70 5.43 30.08
CA LEU I 456 19.26 4.42 29.11
C LEU I 456 19.03 3.05 29.73
N LYS I 457 19.60 2.79 30.90
CA LYS I 457 19.46 1.49 31.55
C LYS I 457 19.94 1.59 32.99
N CYS I 458 19.28 0.87 33.89
CA CYS I 458 19.74 0.77 35.28
C CYS I 458 19.18 -0.47 35.97
N ARG I 459 19.74 -1.64 35.68
CA ARG I 459 19.26 -2.89 36.29
C ARG I 459 19.21 -2.82 37.81
N PHE I 460 20.07 -2.00 38.41
CA PHE I 460 20.07 -1.87 39.86
C PHE I 460 18.81 -1.19 40.37
N THR I 461 18.23 -0.28 39.58
CA THR I 461 16.99 0.37 39.92
C THR I 461 15.89 0.13 38.91
N GLY I 462 16.22 0.12 37.61
CA GLY I 462 15.23 0.03 36.55
C GLY I 462 14.50 1.31 36.24
N ASP I 463 14.75 2.37 37.01
CA ASP I 463 14.12 3.68 36.79
C ASP I 463 15.00 4.47 35.81
N THR I 464 14.52 4.63 34.59
CA THR I 464 15.26 5.30 33.52
C THR I 464 14.62 6.64 33.19
N GLY I 465 15.14 7.30 32.17
CA GLY I 465 14.59 8.55 31.67
C GLY I 465 15.49 9.76 31.84
N ILE I 466 14.88 10.93 31.71
CA ILE I 466 15.57 12.21 31.78
C ILE I 466 15.70 12.64 33.23
N ALA I 467 16.92 12.92 33.67
CA ALA I 467 17.13 13.37 35.03
C ALA I 467 16.83 14.86 35.14
N GLY I 468 17.78 15.71 34.76
CA GLY I 468 17.60 17.13 34.78
C GLY I 468 18.52 17.80 33.78
N TYR I 469 18.78 19.09 34.00
CA TYR I 469 19.73 19.82 33.18
C TYR I 469 20.72 20.56 34.07
N MET I 470 21.84 20.98 33.47
CA MET I 470 22.90 21.67 34.19
C MET I 470 24.05 21.94 33.23
N GLU I 471 24.88 22.92 33.60
CA GLU I 471 26.12 23.27 32.91
C GLU I 471 26.77 24.45 33.63
N TYR I 472 28.04 24.30 34.00
CA TYR I 472 28.81 25.37 34.64
C TYR I 472 29.38 26.26 33.56
N ASN I 473 28.90 27.51 33.49
CA ASN I 473 29.29 28.54 32.54
C ASN I 473 30.74 28.43 32.03
N LYS I 474 30.93 28.76 30.75
CA LYS I 474 32.19 28.57 30.03
C LYS I 474 33.35 29.35 30.63
N GLU I 475 33.07 30.14 31.68
CA GLU I 475 34.11 30.96 32.28
C GLU I 475 35.09 30.13 33.10
N THR I 476 34.63 29.02 33.70
CA THR I 476 35.46 28.32 34.66
C THR I 476 35.29 26.79 34.63
N GLY I 477 34.80 26.24 33.53
CA GLY I 477 34.84 24.79 33.35
C GLY I 477 33.67 24.02 33.92
N TRP I 478 33.95 22.85 34.51
CA TRP I 478 32.94 21.93 35.03
C TRP I 478 31.83 21.64 34.01
N MET J 1 60.42 -46.78 35.19
CA MET J 1 60.11 -46.00 36.39
C MET J 1 61.05 -44.80 36.52
N THR J 2 60.57 -43.74 37.18
CA THR J 2 61.37 -42.55 37.37
C THR J 2 62.48 -42.82 38.40
N TYR J 3 63.33 -41.82 38.60
CA TYR J 3 64.37 -41.91 39.62
C TYR J 3 63.75 -42.06 41.00
N ASN J 4 64.13 -43.13 41.69
CA ASN J 4 63.62 -43.36 43.04
C ASN J 4 64.18 -42.33 44.02
N VAL J 5 63.30 -41.84 44.90
CA VAL J 5 63.70 -40.82 45.86
C VAL J 5 64.74 -41.38 46.82
N TRP J 6 65.79 -40.59 47.07
CA TRP J 6 66.88 -41.03 47.92
C TRP J 6 66.42 -41.15 49.37
N ASN J 7 66.78 -42.27 50.02
CA ASN J 7 66.34 -42.58 51.37
C ASN J 7 67.44 -42.21 52.37
N PHE J 8 67.05 -41.49 53.42
CA PHE J 8 67.95 -41.19 54.53
C PHE J 8 68.25 -42.48 55.29
N GLY J 9 69.49 -42.94 55.21
CA GLY J 9 69.86 -44.21 55.80
C GLY J 9 70.56 -45.11 54.80
N GLU J 10 69.92 -45.33 53.66
CA GLU J 10 70.61 -45.98 52.54
C GLU J 10 71.79 -45.13 52.09
N SER J 11 71.52 -43.87 51.73
CA SER J 11 72.57 -42.85 51.64
C SER J 11 72.96 -42.45 53.04
N ASN J 12 74.27 -42.47 53.33
CA ASN J 12 74.79 -42.09 54.66
C ASN J 12 74.45 -40.65 55.04
N GLY J 13 73.17 -40.32 54.94
CA GLY J 13 72.72 -38.94 55.16
C GLY J 13 73.10 -38.38 56.53
N ARG J 14 73.45 -37.10 56.55
CA ARG J 14 73.67 -36.34 57.77
C ARG J 14 73.20 -34.91 57.57
N TYR J 15 72.65 -34.31 58.63
CA TYR J 15 72.19 -32.93 58.61
C TYR J 15 73.33 -31.99 59.01
N SER J 16 74.31 -31.90 58.13
CA SER J 16 75.50 -31.11 58.42
C SER J 16 75.33 -29.66 57.97
N ALA J 17 76.16 -28.79 58.54
CA ALA J 17 76.11 -27.37 58.27
C ALA J 17 76.86 -27.03 57.00
N LEU J 18 76.34 -26.04 56.27
CA LEU J 18 76.98 -25.56 55.04
C LEU J 18 78.00 -24.49 55.40
N THR J 19 79.20 -24.95 55.77
CA THR J 19 80.26 -24.05 56.21
C THR J 19 80.69 -23.08 55.12
N ALA J 20 80.50 -23.44 53.85
CA ALA J 20 80.89 -22.57 52.75
C ALA J 20 79.81 -21.55 52.38
N ARG J 21 78.56 -21.81 52.75
CA ARG J 21 77.47 -20.87 52.48
C ARG J 21 77.18 -19.93 53.64
N GLY J 22 77.48 -20.33 54.86
CA GLY J 22 77.07 -19.60 56.03
C GLY J 22 75.79 -20.07 56.67
N ILE J 23 75.34 -21.28 56.33
CA ILE J 23 74.09 -21.85 56.82
C ILE J 23 74.43 -22.80 57.97
N SER J 24 73.73 -22.65 59.08
CA SER J 24 74.02 -23.49 60.24
C SER J 24 73.33 -24.84 60.11
N LYS J 25 73.68 -25.75 61.02
CA LYS J 25 73.12 -27.09 61.02
C LYS J 25 71.61 -27.09 61.28
N GLU J 26 71.19 -26.35 62.31
CA GLU J 26 69.77 -26.34 62.71
C GLU J 26 68.85 -25.94 61.56
N THR J 27 69.28 -25.00 60.71
CA THR J 27 68.42 -24.52 59.63
C THR J 27 68.21 -25.59 58.57
N CYS J 28 69.30 -26.21 58.12
CA CYS J 28 69.19 -27.31 57.16
C CYS J 28 68.30 -28.42 57.70
N GLN J 29 68.38 -28.65 59.01
CA GLN J 29 67.62 -29.73 59.65
C GLN J 29 66.12 -29.52 59.53
N LYS J 30 65.66 -28.26 59.62
CA LYS J 30 64.23 -27.99 59.64
C LYS J 30 63.63 -27.93 58.25
N ALA J 31 64.39 -27.44 57.27
CA ALA J 31 63.88 -27.34 55.90
C ALA J 31 63.99 -28.66 55.16
N GLY J 32 64.87 -29.56 55.61
CA GLY J 32 65.09 -30.83 54.94
C GLY J 32 66.17 -30.81 53.87
N TYR J 33 67.33 -30.23 54.20
CA TYR J 33 68.46 -30.13 53.28
C TYR J 33 69.62 -30.87 53.91
N TRP J 34 70.00 -32.01 53.33
CA TRP J 34 70.99 -32.91 53.90
C TRP J 34 72.04 -33.29 52.86
N ILE J 35 73.09 -33.98 53.32
CA ILE J 35 74.24 -34.35 52.50
C ILE J 35 74.34 -35.87 52.45
N ALA J 36 74.40 -36.42 51.24
CA ALA J 36 74.48 -37.86 51.00
C ALA J 36 75.80 -38.24 50.33
N LYS J 37 76.41 -39.34 50.78
CA LYS J 37 77.66 -39.89 50.24
C LYS J 37 77.38 -41.29 49.67
N VAL J 38 76.90 -41.35 48.44
CA VAL J 38 76.52 -42.62 47.81
C VAL J 38 77.64 -43.07 46.87
N ASP J 39 78.12 -44.29 47.09
CA ASP J 39 79.17 -44.91 46.29
C ASP J 39 80.46 -44.10 46.27
N GLY J 40 80.62 -43.19 47.21
CA GLY J 40 81.81 -42.36 47.29
C GLY J 40 81.53 -40.87 47.26
N VAL J 41 80.99 -40.38 46.15
CA VAL J 41 80.83 -38.94 45.95
C VAL J 41 79.84 -38.37 46.97
N MET J 42 80.17 -37.18 47.48
CA MET J 42 79.42 -36.51 48.54
C MET J 42 78.42 -35.53 47.90
N TYR J 43 77.15 -35.91 47.88
CA TYR J 43 76.07 -35.12 47.31
C TYR J 43 75.27 -34.38 48.38
N GLN J 44 74.75 -33.21 48.02
CA GLN J 44 73.85 -32.43 48.86
C GLN J 44 72.44 -32.54 48.29
N VAL J 45 71.48 -32.96 49.13
CA VAL J 45 70.13 -33.30 48.69
C VAL J 45 69.12 -32.29 49.25
N ALA J 46 68.25 -31.77 48.38
CA ALA J 46 67.16 -30.85 48.73
C ALA J 46 65.83 -31.58 48.59
N ASP J 47 65.19 -31.89 49.73
CA ASP J 47 63.92 -32.62 49.78
C ASP J 47 62.75 -31.70 49.48
N TYR J 48 62.06 -31.92 48.34
CA TYR J 48 60.84 -31.18 48.01
C TYR J 48 59.60 -31.96 48.42
N ARG J 49 59.22 -31.83 49.69
CA ARG J 49 57.99 -32.45 50.16
C ARG J 49 56.81 -31.51 49.88
N ASP J 50 55.60 -32.06 49.94
CA ASP J 50 54.40 -31.26 49.63
C ASP J 50 53.81 -30.58 50.86
N GLN J 51 53.15 -31.33 51.75
CA GLN J 51 52.54 -30.73 52.93
C GLN J 51 52.47 -31.71 54.10
N ASN J 52 51.74 -32.80 53.92
CA ASN J 52 51.60 -33.79 55.00
C ASN J 52 52.95 -34.43 55.33
N GLY J 53 53.83 -34.55 54.34
CA GLY J 53 55.12 -35.18 54.55
C GLY J 53 55.58 -36.05 53.40
N ASN J 54 54.62 -36.54 52.59
CA ASN J 54 54.94 -37.45 51.50
C ASN J 54 55.88 -36.82 50.48
N ILE J 55 57.08 -37.39 50.38
CA ILE J 55 58.10 -36.94 49.42
C ILE J 55 57.65 -37.15 47.99
N VAL J 56 57.68 -36.08 47.19
CA VAL J 56 57.40 -36.18 45.77
C VAL J 56 58.69 -36.17 44.95
N SER J 57 59.58 -35.20 45.20
CA SER J 57 60.83 -35.10 44.45
C SER J 57 61.98 -34.61 45.33
N GLN J 58 63.20 -34.71 44.78
CA GLN J 58 64.43 -34.25 45.42
C GLN J 58 65.37 -33.69 44.36
N LYS J 59 66.15 -32.66 44.75
CA LYS J 59 67.15 -32.03 43.89
C LYS J 59 68.53 -32.23 44.49
N VAL J 60 69.37 -33.04 43.82
CA VAL J 60 70.65 -33.50 44.32
C VAL J 60 71.77 -32.88 43.49
N ARG J 61 72.77 -32.31 44.17
CA ARG J 61 73.93 -31.74 43.50
C ARG J 61 75.23 -32.19 44.17
N ASP J 62 76.32 -32.12 43.40
CA ASP J 62 77.65 -32.52 43.83
C ASP J 62 78.63 -31.33 43.74
N LYS J 63 79.90 -31.61 44.00
CA LYS J 63 80.90 -30.55 44.14
C LYS J 63 81.11 -29.79 42.84
N ASP J 64 81.08 -30.50 41.71
CA ASP J 64 81.28 -29.89 40.40
C ASP J 64 80.01 -29.20 39.88
N LYS J 65 79.05 -28.93 40.76
CA LYS J 65 77.80 -28.24 40.45
C LYS J 65 77.02 -28.93 39.33
N ASN J 66 76.85 -30.24 39.46
CA ASN J 66 75.98 -31.00 38.58
C ASN J 66 74.68 -31.34 39.32
N PHE J 67 73.59 -31.42 38.58
CA PHE J 67 72.25 -31.57 39.14
C PHE J 67 71.68 -32.97 38.86
N LYS J 68 70.92 -33.49 39.82
CA LYS J 68 70.30 -34.81 39.72
C LYS J 68 68.98 -34.77 40.46
N THR J 69 67.90 -35.09 39.75
CA THR J 69 66.55 -35.04 40.30
C THR J 69 65.99 -36.44 40.48
N THR J 70 65.29 -36.66 41.59
CA THR J 70 64.66 -37.93 41.90
C THR J 70 63.16 -37.73 42.11
N GLY J 71 62.40 -38.81 41.90
CA GLY J 71 60.96 -38.78 42.13
C GLY J 71 60.22 -38.04 41.01
N SER J 72 59.12 -37.40 41.39
CA SER J 72 58.25 -36.68 40.46
C SER J 72 58.33 -35.18 40.74
N HIS J 73 59.21 -34.49 40.02
CA HIS J 73 59.40 -33.06 40.18
C HIS J 73 58.30 -32.31 39.44
N LYS J 74 57.14 -32.23 40.09
CA LYS J 74 55.99 -31.58 39.50
C LYS J 74 56.26 -30.10 39.24
N SER J 75 55.44 -29.52 38.37
CA SER J 75 55.60 -28.12 37.97
C SER J 75 55.26 -27.14 39.09
N ASP J 76 54.66 -27.61 40.19
CA ASP J 76 54.36 -26.77 41.35
C ASP J 76 55.36 -27.00 42.47
N ALA J 77 56.62 -27.23 42.11
CA ALA J 77 57.65 -27.56 43.09
C ALA J 77 58.06 -26.33 43.89
N LEU J 78 57.87 -26.38 45.21
CA LEU J 78 58.21 -25.29 46.12
C LEU J 78 58.97 -25.84 47.32
N PHE J 79 60.26 -25.51 47.40
CA PHE J 79 61.11 -25.94 48.52
C PHE J 79 60.69 -25.21 49.78
N GLY J 80 60.22 -25.97 50.77
CA GLY J 80 59.76 -25.40 52.02
C GLY J 80 58.26 -25.28 52.12
N LYS J 81 57.53 -25.65 51.08
CA LYS J 81 56.08 -25.58 51.07
C LYS J 81 55.45 -26.31 52.25
N HIS J 82 56.05 -27.43 52.67
CA HIS J 82 55.46 -28.23 53.73
C HIS J 82 55.60 -27.61 55.11
N LEU J 83 56.37 -26.53 55.23
CA LEU J 83 56.61 -25.89 56.51
C LEU J 83 55.59 -24.80 56.82
N TRP J 84 54.94 -24.25 55.80
CA TRP J 84 54.06 -23.10 55.94
C TRP J 84 52.69 -23.40 55.34
N ASN J 85 51.66 -23.31 56.18
CA ASN J 85 50.26 -23.37 55.75
C ASN J 85 49.50 -22.18 56.32
N GLY J 86 50.14 -21.03 56.32
CA GLY J 86 49.57 -19.82 56.89
C GLY J 86 50.67 -18.90 57.41
N GLY J 87 50.34 -17.64 57.54
CA GLY J 87 51.28 -16.65 58.02
C GLY J 87 50.89 -15.26 57.56
N LYS J 88 51.70 -14.29 57.98
CA LYS J 88 51.48 -12.90 57.61
C LYS J 88 52.30 -12.46 56.39
N LYS J 89 53.23 -13.28 55.92
CA LYS J 89 54.16 -12.88 54.87
C LYS J 89 54.90 -14.12 54.40
N ILE J 90 55.31 -14.13 53.13
CA ILE J 90 56.08 -15.24 52.58
C ILE J 90 57.16 -14.72 51.63
N VAL J 91 58.38 -15.21 51.83
CA VAL J 91 59.54 -14.86 51.00
C VAL J 91 59.74 -15.96 49.97
N VAL J 92 59.83 -15.58 48.69
CA VAL J 92 59.98 -16.53 47.59
C VAL J 92 61.32 -16.29 46.93
N THR J 93 62.31 -17.14 47.25
CA THR J 93 63.62 -17.04 46.65
C THR J 93 63.67 -17.80 45.33
N GLU J 94 64.84 -17.79 44.69
CA GLU J 94 65.04 -18.48 43.41
C GLU J 94 65.61 -19.89 43.61
N GLY J 95 66.80 -19.98 44.21
CA GLY J 95 67.42 -21.26 44.49
C GLY J 95 67.22 -21.69 45.94
N GLU J 96 67.38 -23.01 46.16
CA GLU J 96 67.23 -23.54 47.51
C GLU J 96 68.26 -22.95 48.46
N ILE J 97 69.44 -22.60 47.94
CA ILE J 97 70.49 -22.01 48.77
C ILE J 97 70.06 -20.65 49.28
N ASP J 98 69.38 -19.87 48.43
CA ASP J 98 68.84 -18.59 48.86
C ASP J 98 67.75 -18.77 49.90
N MET J 99 66.93 -19.81 49.75
CA MET J 99 65.86 -20.10 50.71
C MET J 99 66.40 -20.49 52.08
N LEU J 100 67.60 -21.05 52.14
CA LEU J 100 68.16 -21.45 53.42
C LEU J 100 68.76 -20.27 54.17
N THR J 101 68.97 -19.15 53.48
CA THR J 101 69.55 -17.96 54.11
C THR J 101 68.51 -17.21 54.92
N VAL J 102 67.35 -16.94 54.32
CA VAL J 102 66.32 -16.15 54.99
C VAL J 102 65.86 -16.85 56.27
N MET J 103 65.70 -18.16 56.22
CA MET J 103 65.30 -18.90 57.41
C MET J 103 66.38 -18.81 58.48
N GLU J 104 67.64 -18.77 58.07
CA GLU J 104 68.74 -18.64 59.02
C GLU J 104 68.65 -17.32 59.77
N LEU J 105 68.38 -16.22 59.03
CA LEU J 105 68.31 -14.89 59.63
C LEU J 105 67.05 -14.70 60.46
N GLN J 106 65.96 -15.37 60.10
CA GLN J 106 64.70 -15.27 60.84
C GLN J 106 64.57 -16.41 61.82
N ASP J 107 65.64 -17.16 62.04
CA ASP J 107 65.69 -18.30 62.96
C ASP J 107 64.69 -19.39 62.56
N CYS J 108 64.47 -19.53 61.25
CA CYS J 108 63.57 -20.55 60.70
C CYS J 108 62.17 -20.41 61.29
N LYS J 109 61.75 -19.17 61.52
CA LYS J 109 60.50 -18.90 62.18
C LYS J 109 59.47 -18.27 61.26
N TYR J 110 59.89 -17.77 60.08
CA TYR J 110 58.98 -17.08 59.20
C TYR J 110 59.01 -17.68 57.80
N PRO J 111 57.86 -17.73 57.12
CA PRO J 111 57.74 -18.43 55.84
C PRO J 111 58.73 -18.03 54.76
N VAL J 112 59.49 -19.00 54.24
CA VAL J 112 60.43 -18.80 53.15
C VAL J 112 60.33 -19.99 52.21
N VAL J 113 60.23 -19.72 50.90
CA VAL J 113 60.14 -20.78 49.89
C VAL J 113 61.07 -20.44 48.72
N SER J 114 61.39 -21.47 47.95
CA SER J 114 62.23 -21.35 46.76
C SER J 114 61.48 -21.85 45.53
N LEU J 115 62.02 -21.51 44.37
CA LEU J 115 61.43 -21.91 43.10
C LEU J 115 61.92 -23.29 42.70
N GLY J 116 60.99 -24.13 42.24
CA GLY J 116 61.34 -25.49 41.86
C GLY J 116 62.25 -25.53 40.64
N HIS J 117 61.82 -24.91 39.55
CA HIS J 117 62.59 -24.86 38.32
C HIS J 117 63.38 -23.56 38.20
N GLY J 118 63.31 -22.69 39.21
CA GLY J 118 64.24 -21.57 39.28
C GLY J 118 63.86 -20.46 38.33
N ALA J 119 64.87 -19.96 37.61
CA ALA J 119 64.74 -18.70 36.90
C ALA J 119 63.79 -18.81 35.70
N SER J 120 63.83 -19.94 35.01
CA SER J 120 63.16 -20.05 33.71
C SER J 120 61.65 -20.25 33.86
N ALA J 121 61.24 -21.25 34.63
CA ALA J 121 59.84 -21.60 34.81
C ALA J 121 59.16 -20.81 35.94
N ALA J 122 59.76 -19.68 36.33
CA ALA J 122 59.20 -18.84 37.39
C ALA J 122 57.71 -18.56 37.20
N LYS J 123 57.30 -18.21 35.97
CA LYS J 123 55.88 -17.97 35.72
C LYS J 123 55.05 -19.23 35.94
N LYS J 124 55.52 -20.37 35.42
CA LYS J 124 54.78 -21.62 35.53
C LYS J 124 54.66 -22.10 36.99
N THR J 125 55.77 -22.03 37.73
CA THR J 125 55.75 -22.50 39.11
C THR J 125 54.79 -21.69 39.98
N CYS J 126 54.80 -20.37 39.83
CA CYS J 126 53.94 -19.50 40.62
C CYS J 126 52.47 -19.66 40.23
N ALA J 127 52.21 -19.85 38.94
CA ALA J 127 50.83 -19.97 38.48
C ALA J 127 50.13 -21.18 39.06
N ALA J 128 50.82 -22.32 39.14
CA ALA J 128 50.21 -23.54 39.63
C ALA J 128 49.82 -23.46 41.11
N ASN J 129 50.48 -22.63 41.90
CA ASN J 129 50.24 -22.57 43.35
C ASN J 129 49.77 -21.19 43.80
N TYR J 130 48.58 -20.78 43.36
CA TYR J 130 48.02 -19.54 43.89
C TYR J 130 47.11 -19.75 45.08
N GLU J 131 46.25 -20.77 45.02
CA GLU J 131 45.33 -21.06 46.13
C GLU J 131 46.11 -21.27 47.43
N TYR J 132 47.23 -21.98 47.35
CA TYR J 132 48.05 -22.25 48.52
C TYR J 132 48.74 -20.98 49.01
N PHE J 133 49.31 -20.20 48.09
CA PHE J 133 50.01 -18.98 48.46
C PHE J 133 49.07 -17.95 49.06
N ASP J 134 47.75 -18.10 48.87
CA ASP J 134 46.78 -17.16 49.41
C ASP J 134 46.48 -17.42 50.88
N GLN J 135 47.18 -18.38 51.50
CA GLN J 135 47.05 -18.60 52.93
C GLN J 135 47.88 -17.62 53.72
N PHE J 136 48.72 -16.83 53.05
CA PHE J 136 49.49 -15.75 53.65
C PHE J 136 48.82 -14.42 53.35
N GLU J 137 49.54 -13.32 53.55
CA GLU J 137 49.04 -11.98 53.26
C GLU J 137 49.75 -11.37 52.06
N GLN J 138 51.08 -11.27 52.10
CA GLN J 138 51.89 -10.69 51.03
C GLN J 138 52.97 -11.68 50.62
N ILE J 139 53.45 -11.54 49.39
CA ILE J 139 54.40 -12.49 48.79
C ILE J 139 55.63 -11.72 48.29
N ILE J 140 56.74 -11.83 49.01
CA ILE J 140 57.96 -11.07 48.72
C ILE J 140 58.83 -11.86 47.75
N LEU J 141 58.80 -11.48 46.48
CA LEU J 141 59.63 -12.09 45.43
C LEU J 141 61.07 -11.58 45.51
N MET J 142 61.94 -12.34 46.17
CA MET J 142 63.36 -12.00 46.28
C MET J 142 64.16 -12.94 45.36
N PHE J 143 64.15 -12.62 44.07
CA PHE J 143 64.91 -13.40 43.10
C PHE J 143 66.31 -12.81 42.94
N ASP J 144 67.03 -13.30 41.94
CA ASP J 144 68.35 -12.76 41.62
C ASP J 144 68.21 -11.32 41.12
N MET J 145 69.35 -10.65 41.02
CA MET J 145 69.37 -9.24 40.60
C MET J 145 70.11 -9.05 39.29
N ASP J 146 69.79 -9.85 38.28
CA ASP J 146 70.43 -9.75 36.97
C ASP J 146 69.37 -9.63 35.89
N GLU J 147 69.74 -10.00 34.67
CA GLU J 147 68.80 -9.93 33.55
C GLU J 147 67.69 -10.95 33.69
N ALA J 148 68.05 -12.23 33.81
CA ALA J 148 67.06 -13.28 33.95
C ALA J 148 66.29 -13.15 35.27
N GLY J 149 66.98 -12.83 36.36
CA GLY J 149 66.32 -12.71 37.64
C GLY J 149 65.26 -11.63 37.68
N ARG J 150 65.60 -10.44 37.18
CA ARG J 150 64.63 -9.36 37.16
C ARG J 150 63.53 -9.62 36.14
N LYS J 151 63.86 -10.33 35.07
CA LYS J 151 62.85 -10.73 34.09
C LYS J 151 61.95 -11.80 34.69
N ALA J 152 62.53 -12.71 35.48
CA ALA J 152 61.75 -13.75 36.14
C ALA J 152 60.74 -13.16 37.11
N VAL J 153 61.13 -12.11 37.85
CA VAL J 153 60.19 -11.43 38.73
C VAL J 153 59.00 -10.92 37.93
N GLU J 154 59.26 -10.33 36.77
CA GLU J 154 58.20 -9.82 35.92
C GLU J 154 57.26 -10.92 35.47
N GLU J 155 57.81 -12.06 35.05
CA GLU J 155 56.95 -13.14 34.59
C GLU J 155 56.25 -13.81 35.75
N ALA J 156 56.74 -13.57 36.97
CA ALA J 156 56.06 -14.02 38.18
C ALA J 156 54.91 -13.07 38.50
N ALA J 157 55.23 -11.77 38.61
CA ALA J 157 54.25 -10.74 38.96
C ALA J 157 53.00 -10.77 38.09
N GLN J 158 53.07 -11.36 36.89
CA GLN J 158 51.90 -11.39 36.03
C GLN J 158 50.86 -12.39 36.50
N VAL J 159 51.29 -13.57 36.94
CA VAL J 159 50.35 -14.64 37.30
C VAL J 159 50.40 -15.00 38.77
N LEU J 160 49.69 -14.24 39.62
CA LEU J 160 49.56 -14.53 41.04
C LEU J 160 48.44 -13.67 41.63
N PRO J 161 47.19 -14.02 41.35
CA PRO J 161 46.05 -13.11 41.57
C PRO J 161 45.96 -12.44 42.94
N ALA J 162 46.98 -11.68 43.34
CA ALA J 162 46.97 -11.02 44.64
C ALA J 162 47.78 -9.74 44.54
N GLY J 163 47.16 -8.61 44.88
CA GLY J 163 47.84 -7.33 44.88
C GLY J 163 48.69 -7.12 46.11
N LYS J 164 49.42 -8.17 46.51
CA LYS J 164 50.27 -8.15 47.68
C LYS J 164 51.68 -8.62 47.38
N VAL J 165 52.01 -8.90 46.11
CA VAL J 165 53.33 -9.37 45.73
C VAL J 165 54.32 -8.21 45.82
N ARG J 166 55.54 -8.51 46.25
CA ARG J 166 56.52 -7.46 46.52
C ARG J 166 57.93 -7.95 46.16
N VAL J 167 58.75 -7.03 45.65
CA VAL J 167 60.08 -7.34 45.13
C VAL J 167 61.15 -6.78 46.04
N ALA J 168 62.18 -7.58 46.27
CA ALA J 168 63.35 -7.19 47.06
C ALA J 168 64.48 -6.80 46.13
N VAL J 169 65.06 -5.63 46.36
CA VAL J 169 66.17 -5.11 45.57
C VAL J 169 67.43 -5.28 46.41
N LEU J 170 68.24 -6.31 46.08
CA LEU J 170 69.44 -6.61 46.86
C LEU J 170 70.68 -6.06 46.17
N PRO J 171 71.59 -5.48 46.97
CA PRO J 171 72.82 -4.92 46.39
C PRO J 171 73.72 -5.96 45.73
N CYS J 172 73.53 -7.24 46.04
CA CYS J 172 74.32 -8.32 45.45
C CYS J 172 73.46 -9.09 44.45
N LYS J 173 74.00 -10.20 43.95
CA LYS J 173 73.32 -11.00 42.93
C LYS J 173 72.03 -11.61 43.48
N ASP J 174 72.15 -12.50 44.47
CA ASP J 174 70.98 -13.12 45.06
C ASP J 174 71.04 -13.04 46.59
N ALA J 175 70.15 -13.78 47.25
CA ALA J 175 70.16 -13.80 48.71
C ALA J 175 71.45 -14.36 49.25
N ASN J 176 71.97 -15.42 48.63
CA ASN J 176 73.19 -16.05 49.14
C ASN J 176 74.39 -15.14 49.01
N GLU J 177 74.48 -14.35 47.94
CA GLU J 177 75.64 -13.49 47.74
C GLU J 177 75.75 -12.40 48.80
N CYS J 178 74.62 -11.89 49.31
CA CYS J 178 74.68 -10.82 50.31
C CYS J 178 75.23 -11.33 51.63
N HIS J 179 74.53 -12.28 52.26
CA HIS J 179 74.92 -12.77 53.58
C HIS J 179 76.32 -13.40 53.58
N LEU J 180 76.58 -14.29 52.62
CA LEU J 180 77.89 -14.91 52.44
C LEU J 180 79.02 -13.89 52.50
N ASN J 181 79.78 -13.91 53.60
CA ASN J 181 80.87 -12.99 53.85
C ASN J 181 80.45 -11.55 53.52
N GLY J 182 79.51 -11.05 54.32
CA GLY J 182 78.88 -9.79 54.00
C GLY J 182 77.57 -9.55 54.73
N HIS J 183 76.67 -8.83 54.06
CA HIS J 183 75.54 -8.12 54.69
C HIS J 183 74.30 -8.98 54.91
N ASP J 184 74.30 -9.73 56.01
CA ASP J 184 73.05 -10.25 56.55
C ASP J 184 71.99 -9.16 56.73
N ARG J 185 72.42 -7.90 56.71
CA ARG J 185 71.59 -6.74 56.97
C ARG J 185 70.76 -6.28 55.76
N GLU J 186 71.17 -6.62 54.54
CA GLU J 186 70.45 -6.14 53.37
C GLU J 186 69.36 -7.10 52.94
N ILE J 187 69.48 -8.38 53.31
CA ILE J 187 68.37 -9.30 53.13
C ILE J 187 67.28 -8.95 54.13
N MET J 188 67.67 -8.84 55.39
CA MET J 188 66.72 -8.62 56.47
C MET J 188 65.99 -7.29 56.30
N GLU J 189 66.70 -6.25 55.87
CA GLU J 189 66.03 -4.97 55.60
C GLU J 189 64.89 -5.14 54.60
N GLN J 190 65.06 -6.04 53.64
CA GLN J 190 64.04 -6.32 52.64
C GLN J 190 62.96 -7.25 53.18
N VAL J 191 63.12 -7.72 54.42
CA VAL J 191 62.07 -8.48 55.09
C VAL J 191 61.03 -7.49 55.61
N TRP J 192 61.46 -6.26 55.90
CA TRP J 192 60.53 -5.19 56.22
C TRP J 192 60.19 -4.50 54.91
N ASN J 193 59.61 -3.30 55.01
CA ASN J 193 59.25 -2.40 53.92
C ASN J 193 59.53 -2.93 52.51
N ALA J 194 58.56 -3.61 51.92
CA ALA J 194 58.66 -4.09 50.55
C ALA J 194 57.77 -3.21 49.66
N GLY J 195 57.29 -3.75 48.55
CA GLY J 195 56.55 -2.95 47.60
C GLY J 195 55.61 -3.72 46.69
N PRO J 196 54.30 -3.49 46.85
CA PRO J 196 53.33 -4.18 46.01
C PRO J 196 53.07 -3.50 44.67
N TRP J 197 53.74 -3.92 43.60
CA TRP J 197 53.54 -3.22 42.33
C TRP J 197 54.04 -4.06 41.16
N ILE J 198 53.47 -3.75 39.99
CA ILE J 198 54.01 -4.14 38.70
C ILE J 198 54.62 -2.90 38.05
N PRO J 199 55.67 -3.03 37.25
CA PRO J 199 56.28 -1.84 36.61
C PRO J 199 55.35 -1.00 35.75
N ASP J 200 54.05 -1.06 35.99
CA ASP J 200 53.12 -0.11 35.39
C ASP J 200 53.43 1.27 35.96
N GLY J 201 54.53 1.87 35.52
CA GLY J 201 55.08 3.06 36.14
C GLY J 201 54.14 4.24 36.19
N VAL J 202 53.01 4.06 36.85
CA VAL J 202 51.97 5.09 36.93
C VAL J 202 50.91 4.64 37.92
N VAL J 203 51.02 5.10 39.17
CA VAL J 203 50.06 4.75 40.22
C VAL J 203 49.89 5.92 41.17
N SER J 204 50.87 6.81 41.20
CA SER J 204 50.87 7.95 42.11
C SER J 204 51.01 9.24 41.31
N ALA J 205 50.10 10.19 41.56
CA ALA J 205 50.19 11.50 40.93
C ALA J 205 51.20 12.40 41.62
N LEU J 206 51.57 12.08 42.85
CA LEU J 206 52.50 12.92 43.60
C LEU J 206 53.88 12.96 42.95
N SER J 207 54.32 11.83 42.38
CA SER J 207 55.62 11.75 41.74
C SER J 207 55.67 12.47 40.40
N LEU J 208 54.58 13.12 39.99
CA LEU J 208 54.52 13.88 38.75
C LEU J 208 54.47 15.38 38.99
N ARG J 209 54.84 15.84 40.19
CA ARG J 209 54.95 17.28 40.41
C ARG J 209 55.90 17.91 39.41
N GLU J 210 57.10 17.33 39.27
CA GLU J 210 58.15 17.93 38.47
C GLU J 210 57.82 17.89 36.97
N ARG J 211 57.21 16.79 36.51
CA ARG J 211 56.88 16.71 35.09
C ARG J 211 55.77 17.67 34.71
N ILE J 212 54.80 17.88 35.60
CA ILE J 212 53.74 18.86 35.32
C ILE J 212 54.30 20.27 35.34
N ARG J 213 55.11 20.58 36.35
CA ARG J 213 55.82 21.87 36.38
C ARG J 213 56.57 22.11 35.08
N GLU J 214 57.34 21.11 34.64
CA GLU J 214 58.04 21.21 33.35
C GLU J 214 57.02 21.29 32.22
N HIS J 215 55.93 20.55 32.35
CA HIS J 215 54.88 20.57 31.34
C HIS J 215 54.25 21.96 31.29
N LEU J 216 53.75 22.43 32.43
CA LEU J 216 53.08 23.73 32.48
C LEU J 216 53.98 24.87 32.01
N SER J 217 55.29 24.79 32.26
CA SER J 217 56.18 25.90 31.94
C SER J 217 56.48 26.00 30.45
N SER J 218 56.65 24.85 29.78
CA SER J 218 57.06 24.83 28.38
C SER J 218 55.93 24.59 27.40
N GLU J 219 54.88 23.90 27.82
CA GLU J 219 53.86 23.39 26.89
C GLU J 219 53.27 24.50 26.05
N GLU J 220 53.47 24.40 24.74
CA GLU J 220 52.89 25.35 23.81
C GLU J 220 51.39 25.11 23.68
N SER J 221 50.65 25.37 24.77
CA SER J 221 49.20 25.22 24.76
C SER J 221 48.53 26.30 23.92
N VAL J 222 49.05 27.53 23.98
CA VAL J 222 48.71 28.56 23.01
C VAL J 222 49.64 28.52 21.80
N GLY J 223 50.53 27.53 21.75
CA GLY J 223 51.54 27.42 20.73
C GLY J 223 51.01 27.38 19.32
N LEU J 224 51.43 28.36 18.52
CA LEU J 224 51.04 28.47 17.11
C LEU J 224 49.54 28.64 17.00
N LEU J 225 49.08 29.89 17.12
CA LEU J 225 47.67 30.20 17.02
C LEU J 225 47.26 30.28 15.55
N PHE J 226 46.05 29.83 15.26
CA PHE J 226 45.56 29.79 13.89
C PHE J 226 45.43 31.20 13.33
N SER J 227 46.19 31.48 12.28
CA SER J 227 46.15 32.78 11.61
C SER J 227 45.23 32.74 10.41
N GLY J 228 45.03 33.90 9.80
CA GLY J 228 44.07 34.08 8.74
C GLY J 228 42.68 34.47 9.22
N CYS J 229 42.29 34.01 10.41
CA CYS J 229 41.02 34.40 11.01
C CYS J 229 41.07 34.00 12.47
N THR J 230 40.24 34.67 13.26
CA THR J 230 40.12 34.37 14.68
C THR J 230 38.65 34.19 15.04
N GLY J 231 38.42 33.80 16.28
CA GLY J 231 37.19 33.09 16.61
C GLY J 231 37.54 31.63 16.62
N ILE J 232 38.39 31.24 15.67
CA ILE J 232 38.99 29.90 15.70
C ILE J 232 39.88 29.79 16.93
N ASN J 233 40.67 30.83 17.20
CA ASN J 233 41.47 30.87 18.42
C ASN J 233 40.59 31.02 19.64
N ASP J 234 39.46 31.72 19.48
CA ASP J 234 38.53 31.92 20.59
C ASP J 234 37.86 30.63 21.01
N LYS J 235 37.70 29.68 20.09
CA LYS J 235 36.99 28.45 20.35
C LYS J 235 37.90 27.24 20.50
N THR J 236 39.17 27.34 20.09
CA THR J 236 40.11 26.24 20.17
C THR J 236 41.36 26.57 20.99
N LEU J 237 41.70 27.85 21.15
CA LEU J 237 42.91 28.26 21.85
C LEU J 237 44.17 27.69 21.20
N GLY J 238 44.23 27.74 19.86
CA GLY J 238 45.41 27.30 19.16
C GLY J 238 45.44 25.81 18.92
N ALA J 239 46.66 25.28 18.77
CA ALA J 239 46.87 23.86 18.48
C ALA J 239 47.92 23.31 19.42
N ARG J 240 47.50 22.46 20.35
CA ARG J 240 48.41 21.87 21.32
C ARG J 240 49.29 20.81 20.66
N GLY J 241 50.44 20.57 21.27
CA GLY J 241 51.31 19.50 20.87
C GLY J 241 50.80 18.15 21.36
N GLY J 242 50.63 17.19 20.44
CA GLY J 242 49.99 15.93 20.73
C GLY J 242 48.58 15.81 20.20
N GLU J 243 47.97 16.93 19.81
CA GLU J 243 46.65 16.94 19.19
C GLU J 243 46.76 16.74 17.69
N VAL J 244 45.69 16.21 17.10
CA VAL J 244 45.59 16.01 15.66
C VAL J 244 44.52 16.96 15.14
N ILE J 245 44.95 17.99 14.42
CA ILE J 245 44.05 18.96 13.82
C ILE J 245 43.52 18.42 12.50
N MET J 246 42.20 18.46 12.32
CA MET J 246 41.50 17.94 11.14
C MET J 246 40.93 19.10 10.34
N VAL J 247 41.46 19.33 9.13
CA VAL J 247 41.02 20.40 8.24
C VAL J 247 40.32 19.79 7.03
N THR J 248 39.14 20.31 6.70
CA THR J 248 38.35 19.73 5.62
C THR J 248 37.40 20.76 5.00
N SER J 249 37.00 20.47 3.77
CA SER J 249 36.03 21.22 2.99
C SER J 249 35.71 20.40 1.74
N GLY J 250 35.02 21.02 0.79
CA GLY J 250 34.81 20.41 -0.51
C GLY J 250 36.04 20.51 -1.40
N SER J 251 35.92 19.93 -2.59
CA SER J 251 37.04 19.92 -3.52
C SER J 251 37.22 21.30 -4.14
N GLY J 252 38.40 21.88 -3.99
CA GLY J 252 38.68 23.19 -4.53
C GLY J 252 37.92 24.29 -3.83
N MET J 253 38.09 24.39 -2.51
CA MET J 253 37.42 25.42 -1.73
C MET J 253 38.41 26.12 -0.79
N GLY J 254 39.45 25.41 -0.38
CA GLY J 254 40.49 26.03 0.42
C GLY J 254 41.13 25.16 1.48
N LYS J 255 40.97 23.85 1.39
CA LYS J 255 41.65 22.96 2.33
C LYS J 255 43.15 23.18 2.30
N SER J 256 43.73 23.13 1.11
CA SER J 256 45.17 23.29 0.95
C SER J 256 45.60 24.72 1.30
N THR J 257 44.83 25.72 0.86
CA THR J 257 45.22 27.10 1.05
C THR J 257 45.21 27.50 2.53
N PHE J 258 44.17 27.09 3.26
CA PHE J 258 44.11 27.41 4.69
C PHE J 258 45.30 26.79 5.42
N VAL J 259 45.51 25.50 5.22
CA VAL J 259 46.62 24.80 5.88
C VAL J 259 47.96 25.38 5.44
N ARG J 260 48.06 25.81 4.19
CA ARG J 260 49.32 26.34 3.67
C ARG J 260 49.67 27.66 4.36
N GLN J 261 48.67 28.47 4.71
CA GLN J 261 48.94 29.70 5.43
C GLN J 261 49.46 29.41 6.84
N GLN J 262 48.84 28.44 7.52
CA GLN J 262 49.27 28.07 8.87
C GLN J 262 50.70 27.55 8.86
N ALA J 263 51.04 26.67 7.91
CA ALA J 263 52.40 26.16 7.83
C ALA J 263 53.41 27.27 7.61
N LEU J 264 53.11 28.18 6.67
CA LEU J 264 53.97 29.33 6.42
C LEU J 264 54.08 30.20 7.65
N GLN J 265 52.94 30.66 8.17
CA GLN J 265 52.90 31.57 9.32
C GLN J 265 53.67 31.02 10.52
N TRP J 266 53.40 29.75 10.89
CA TRP J 266 54.05 29.16 12.05
C TRP J 266 55.55 29.08 11.90
N GLY J 267 56.05 28.76 10.71
CA GLY J 267 57.47 28.61 10.51
C GLY J 267 58.20 29.90 10.28
N THR J 268 57.48 31.03 10.31
CA THR J 268 58.06 32.35 10.09
C THR J 268 57.84 33.24 11.30
N ALA J 269 56.59 33.67 11.57
CA ALA J 269 56.30 34.63 12.64
C ALA J 269 56.65 34.06 14.00
N MET J 270 56.23 32.83 14.27
CA MET J 270 56.57 32.17 15.52
C MET J 270 57.71 31.19 15.31
N GLY J 271 58.26 31.15 14.09
CA GLY J 271 59.37 30.32 13.68
C GLY J 271 59.44 28.92 14.24
N LYS J 272 58.85 27.96 13.53
CA LYS J 272 58.86 26.58 13.95
C LYS J 272 59.26 25.69 12.78
N LYS J 273 59.87 24.55 13.10
CA LYS J 273 60.25 23.58 12.08
C LYS J 273 59.00 22.83 11.67
N VAL J 274 58.47 23.17 10.49
CA VAL J 274 57.22 22.60 9.98
C VAL J 274 57.57 21.49 9.00
N GLY J 275 56.94 20.33 9.19
CA GLY J 275 57.09 19.20 8.26
C GLY J 275 55.89 19.12 7.35
N LEU J 276 56.16 18.99 6.06
CA LEU J 276 55.13 18.98 5.02
C LEU J 276 55.08 17.62 4.32
N ALA J 277 53.86 17.16 4.02
CA ALA J 277 53.63 15.92 3.27
C ALA J 277 52.55 16.17 2.20
N MET J 278 52.94 16.88 1.14
CA MET J 278 52.03 17.24 0.05
C MET J 278 52.06 16.10 -0.98
N LEU J 279 51.30 15.05 -0.69
CA LEU J 279 51.38 13.85 -1.52
C LEU J 279 50.73 14.02 -2.89
N GLU J 280 49.99 15.11 -3.12
CA GLU J 280 49.33 15.36 -4.39
C GLU J 280 50.10 16.32 -5.30
N GLU J 281 51.25 16.82 -4.86
CA GLU J 281 51.99 17.80 -5.64
C GLU J 281 53.47 17.73 -5.30
N SER J 282 54.29 17.89 -6.33
CA SER J 282 55.74 17.89 -6.16
C SER J 282 56.17 19.04 -5.24
N VAL J 283 57.28 18.82 -4.52
CA VAL J 283 57.74 19.78 -3.51
C VAL J 283 58.09 21.12 -4.13
N GLU J 284 58.52 21.12 -5.40
CA GLU J 284 58.83 22.39 -6.05
C GLU J 284 57.58 23.22 -6.25
N GLU J 285 56.45 22.56 -6.50
CA GLU J 285 55.19 23.27 -6.65
C GLU J 285 54.71 23.79 -5.29
N THR J 286 54.85 22.98 -4.23
CA THR J 286 54.44 23.42 -2.91
C THR J 286 55.33 24.55 -2.41
N ALA J 287 56.63 24.45 -2.65
CA ALA J 287 57.54 25.55 -2.30
C ALA J 287 57.20 26.79 -3.10
N GLU J 288 56.88 26.61 -4.39
CA GLU J 288 56.47 27.70 -5.26
C GLU J 288 55.34 28.52 -4.62
N ASP J 289 54.33 27.84 -4.08
CA ASP J 289 53.24 28.53 -3.40
C ASP J 289 53.74 29.30 -2.17
N LEU J 290 54.52 28.65 -1.32
CA LEU J 290 55.01 29.28 -0.10
C LEU J 290 55.79 30.56 -0.40
N ILE J 291 56.66 30.51 -1.41
CA ILE J 291 57.45 31.68 -1.76
C ILE J 291 56.53 32.84 -2.16
N GLY J 292 55.61 32.58 -3.10
CA GLY J 292 54.64 33.59 -3.48
C GLY J 292 53.74 33.99 -2.34
N LEU J 293 53.28 33.02 -1.56
CA LEU J 293 52.40 33.32 -0.44
C LEU J 293 53.11 34.20 0.58
N HIS J 294 54.38 33.91 0.86
CA HIS J 294 55.16 34.73 1.79
C HIS J 294 55.30 36.16 1.28
N ASN J 295 55.56 36.33 -0.01
CA ASN J 295 55.73 37.65 -0.60
C ASN J 295 54.41 38.21 -1.14
N ARG J 296 53.28 37.63 -0.70
CA ARG J 296 51.95 38.17 -0.97
C ARG J 296 51.65 38.26 -2.46
N VAL J 297 52.05 37.23 -3.21
CA VAL J 297 51.83 37.21 -4.66
C VAL J 297 51.42 35.81 -5.10
N ARG J 298 50.65 35.76 -6.18
CA ARG J 298 50.27 34.50 -6.82
C ARG J 298 51.31 34.13 -7.87
N LEU J 299 52.50 33.81 -7.37
CA LEU J 299 53.64 33.57 -8.26
C LEU J 299 53.37 32.44 -9.23
N ARG J 300 52.65 31.40 -8.78
CA ARG J 300 52.30 30.31 -9.67
C ARG J 300 51.40 30.77 -10.80
N GLN J 301 50.63 31.83 -10.59
CA GLN J 301 49.63 32.29 -11.56
C GLN J 301 50.15 33.44 -12.42
N SER J 302 51.41 33.36 -12.85
CA SER J 302 51.99 34.41 -13.68
C SER J 302 53.29 33.94 -14.34
N ASP J 303 53.35 34.04 -15.67
CA ASP J 303 54.62 33.85 -16.37
C ASP J 303 55.50 35.08 -16.26
N SER J 304 54.90 36.27 -16.12
CA SER J 304 55.68 37.49 -15.99
C SER J 304 56.38 37.53 -14.63
N LEU J 305 55.64 37.26 -13.55
CA LEU J 305 56.25 37.29 -12.22
C LEU J 305 57.32 36.21 -12.09
N LYS J 306 57.09 35.03 -12.68
CA LYS J 306 58.12 34.00 -12.67
C LYS J 306 59.35 34.47 -13.45
N ARG J 307 59.14 34.97 -14.66
CA ARG J 307 60.25 35.44 -15.49
C ARG J 307 60.96 36.62 -14.83
N GLU J 308 60.21 37.49 -14.15
CA GLU J 308 60.78 38.66 -13.48
C GLU J 308 61.82 38.25 -12.45
N ILE J 309 61.39 37.55 -11.40
CA ILE J 309 62.26 37.24 -10.27
C ILE J 309 63.45 36.38 -10.69
N ILE J 310 63.35 35.71 -11.84
CA ILE J 310 64.46 34.89 -12.32
C ILE J 310 65.54 35.76 -12.97
N GLU J 311 65.13 36.68 -13.85
CA GLU J 311 66.08 37.45 -14.62
C GLU J 311 66.75 38.55 -13.81
N ASN J 312 66.01 39.19 -12.90
CA ASN J 312 66.58 40.24 -12.07
C ASN J 312 67.10 39.71 -10.74
N GLY J 313 67.15 38.40 -10.57
CA GLY J 313 67.74 37.83 -9.37
C GLY J 313 66.99 38.13 -8.09
N LYS J 314 65.70 38.44 -8.18
CA LYS J 314 64.86 38.59 -7.00
C LYS J 314 64.42 37.26 -6.42
N PHE J 315 64.56 36.16 -7.16
CA PHE J 315 64.16 34.85 -6.68
C PHE J 315 65.00 34.44 -5.48
N ASP J 316 66.33 34.45 -5.64
CA ASP J 316 67.24 34.15 -4.55
C ASP J 316 66.97 35.04 -3.33
N GLN J 317 66.59 36.30 -3.57
CA GLN J 317 66.32 37.24 -2.50
C GLN J 317 65.17 36.76 -1.60
N TRP J 318 64.01 36.50 -2.19
CA TRP J 318 62.86 36.06 -1.41
C TRP J 318 63.14 34.73 -0.72
N PHE J 319 63.79 33.82 -1.44
CA PHE J 319 63.99 32.46 -0.94
C PHE J 319 64.79 32.47 0.36
N ASP J 320 65.94 33.16 0.35
CA ASP J 320 66.76 33.25 1.56
C ASP J 320 65.98 33.89 2.70
N GLU J 321 65.15 34.88 2.38
CA GLU J 321 64.32 35.53 3.38
C GLU J 321 63.37 34.53 4.04
N LEU J 322 62.94 33.51 3.30
CA LEU J 322 61.95 32.56 3.82
C LEU J 322 62.63 31.32 4.42
N PHE J 323 63.19 30.47 3.56
CA PHE J 323 63.73 29.19 3.99
C PHE J 323 65.08 29.32 4.69
N GLY J 324 65.64 30.54 4.78
CA GLY J 324 66.95 30.75 5.36
C GLY J 324 67.12 30.27 6.78
N ASN J 325 66.01 30.08 7.51
CA ASN J 325 66.10 29.54 8.86
C ASN J 325 66.23 28.04 8.89
N ASP J 326 66.09 27.37 7.74
CA ASP J 326 65.96 25.92 7.69
C ASP J 326 64.83 25.47 8.62
N THR J 327 63.72 26.21 8.56
CA THR J 327 62.53 25.89 9.33
C THR J 327 61.50 25.11 8.54
N PHE J 328 61.78 24.79 7.27
CA PHE J 328 60.80 24.13 6.41
C PHE J 328 61.39 22.83 5.88
N HIS J 329 60.64 21.74 6.07
CA HIS J 329 61.02 20.39 5.69
C HIS J 329 59.79 19.74 5.07
N LEU J 330 59.98 18.98 4.00
CA LEU J 330 58.86 18.47 3.21
C LEU J 330 59.04 16.98 2.93
N TYR J 331 58.01 16.41 2.29
CA TYR J 331 57.99 15.04 1.80
C TYR J 331 57.87 15.08 0.28
N ASP J 332 58.74 14.37 -0.43
CA ASP J 332 58.74 14.39 -1.89
C ASP J 332 58.69 12.96 -2.42
N SER J 333 57.58 12.61 -3.06
CA SER J 333 57.45 11.32 -3.73
C SER J 333 56.28 11.32 -4.71
N PHE J 334 55.08 11.64 -4.21
CA PHE J 334 53.84 11.64 -4.97
C PHE J 334 53.40 10.23 -5.36
N ALA J 335 54.34 9.39 -5.78
CA ALA J 335 54.03 8.05 -6.32
C ALA J 335 53.84 7.06 -5.18
N GLU J 336 52.62 7.11 -4.61
CA GLU J 336 52.13 6.10 -3.66
C GLU J 336 52.96 6.00 -2.39
N ALA J 337 52.50 6.60 -1.30
CA ALA J 337 53.14 6.48 -0.01
C ALA J 337 52.47 5.38 0.80
N GLU J 338 53.20 4.31 1.09
CA GLU J 338 52.69 3.25 1.94
C GLU J 338 52.53 3.75 3.38
N THR J 339 51.62 3.11 4.12
CA THR J 339 51.25 3.59 5.45
C THR J 339 52.46 3.72 6.36
N ASP J 340 53.18 2.63 6.60
CA ASP J 340 54.40 2.72 7.39
C ASP J 340 55.62 3.00 6.52
N ARG J 341 55.42 3.66 5.37
CA ARG J 341 56.51 4.27 4.63
C ARG J 341 56.29 5.78 4.55
N LEU J 342 55.41 6.27 5.42
CA LEU J 342 55.15 7.68 5.67
C LEU J 342 55.35 7.99 7.15
N LEU J 343 54.72 7.19 8.02
CA LEU J 343 54.88 7.36 9.46
C LEU J 343 56.34 7.32 9.89
N ALA J 344 57.15 6.49 9.25
CA ALA J 344 58.58 6.50 9.51
C ALA J 344 59.18 7.85 9.16
N LYS J 345 58.86 8.36 7.97
CA LYS J 345 59.38 9.64 7.52
C LYS J 345 58.77 10.81 8.29
N LEU J 346 57.47 10.73 8.60
CA LEU J 346 56.86 11.75 9.43
C LEU J 346 57.54 11.81 10.79
N ALA J 347 57.92 10.64 11.33
CA ALA J 347 58.65 10.60 12.58
C ALA J 347 60.08 11.08 12.37
N TYR J 348 60.66 10.77 11.21
CA TYR J 348 62.03 11.22 10.92
C TYR J 348 62.11 12.73 10.95
N MET J 349 61.04 13.41 10.52
CA MET J 349 60.99 14.86 10.61
C MET J 349 60.96 15.24 12.09
N ARG J 350 59.83 14.96 12.75
CA ARG J 350 59.69 15.11 14.20
C ARG J 350 60.92 14.75 15.01
N SER J 351 61.50 13.57 14.77
CA SER J 351 62.60 13.10 15.61
C SER J 351 63.97 13.47 15.05
N GLY J 352 64.27 13.05 13.83
CA GLY J 352 65.57 13.33 13.23
C GLY J 352 65.76 14.80 12.90
N LEU J 353 64.82 15.36 12.14
CA LEU J 353 64.92 16.76 11.73
C LEU J 353 64.46 17.72 12.83
N GLY J 354 63.72 17.22 13.81
CA GLY J 354 63.28 18.02 14.94
C GLY J 354 62.20 19.02 14.61
N CYS J 355 61.10 18.53 14.05
CA CYS J 355 59.99 19.41 13.70
C CYS J 355 59.03 19.56 14.87
N ASP J 356 58.32 20.67 14.88
CA ASP J 356 57.27 20.92 15.87
C ASP J 356 55.87 20.69 15.33
N VAL J 357 55.68 20.83 14.02
CA VAL J 357 54.39 20.64 13.36
C VAL J 357 54.61 19.80 12.11
N ILE J 358 53.75 18.80 11.93
CA ILE J 358 53.75 17.95 10.74
C ILE J 358 52.44 18.20 9.99
N ILE J 359 52.55 18.43 8.69
CA ILE J 359 51.40 18.75 7.84
C ILE J 359 51.21 17.63 6.83
N LEU J 360 50.06 16.97 6.89
CA LEU J 360 49.75 15.86 5.99
C LEU J 360 48.57 16.23 5.09
N ASP J 361 48.86 16.56 3.83
CA ASP J 361 47.82 16.88 2.87
C ASP J 361 47.27 15.58 2.29
N HIS J 362 45.94 15.46 2.27
CA HIS J 362 45.22 14.31 1.72
C HIS J 362 45.53 13.05 2.53
N ILE J 363 44.48 12.45 3.11
CA ILE J 363 44.66 11.31 3.99
C ILE J 363 44.04 10.10 3.31
N SER J 364 44.45 9.84 2.07
CA SER J 364 43.88 8.76 1.28
C SER J 364 44.96 7.82 0.78
N ILE J 365 45.61 8.19 -0.33
CA ILE J 365 46.52 7.31 -1.07
C ILE J 365 45.77 6.01 -1.36
N VAL J 366 44.73 6.10 -2.19
CA VAL J 366 43.84 4.97 -2.44
C VAL J 366 44.51 4.01 -3.42
N VAL J 367 44.30 4.21 -4.73
CA VAL J 367 44.87 3.41 -5.82
C VAL J 367 44.82 1.91 -5.53
N SER J 368 45.62 1.45 -4.58
CA SER J 368 45.83 0.03 -4.33
C SER J 368 44.52 -0.66 -3.97
N ALA J 369 44.48 -1.98 -4.19
CA ALA J 369 43.26 -2.76 -4.00
C ALA J 369 42.75 -2.81 -2.54
N SER J 370 43.57 -3.19 -1.54
CA SER J 370 44.97 -3.58 -1.67
C SER J 370 45.13 -5.07 -1.33
N GLY J 371 44.02 -5.80 -1.38
CA GLY J 371 43.91 -7.13 -0.80
C GLY J 371 42.94 -7.21 0.37
N GLU J 372 42.41 -6.06 0.80
CA GLU J 372 41.46 -5.96 1.90
C GLU J 372 40.31 -5.08 1.44
N SER J 373 39.12 -5.69 1.30
CA SER J 373 37.97 -4.99 0.75
C SER J 373 37.55 -3.82 1.62
N ASP J 374 37.03 -2.78 0.98
CA ASP J 374 36.59 -1.54 1.62
C ASP J 374 37.72 -0.88 2.40
N GLU J 375 38.31 0.16 1.82
CA GLU J 375 39.36 0.90 2.49
C GLU J 375 38.84 1.75 3.64
N ARG J 376 37.60 1.51 4.08
CA ARG J 376 37.03 2.20 5.23
C ARG J 376 37.79 1.88 6.51
N LYS J 377 38.51 0.76 6.54
CA LYS J 377 39.32 0.38 7.69
C LYS J 377 40.72 0.97 7.57
N MET J 378 41.24 1.05 6.34
CA MET J 378 42.57 1.63 6.12
C MET J 378 42.64 3.04 6.69
N ILE J 379 41.64 3.88 6.38
CA ILE J 379 41.61 5.23 6.93
C ILE J 379 41.48 5.18 8.45
N ASP J 380 40.70 4.23 8.97
CA ASP J 380 40.56 4.11 10.42
C ASP J 380 41.86 3.63 11.06
N ASN J 381 42.45 2.58 10.50
CA ASN J 381 43.70 2.04 11.03
C ASN J 381 44.81 3.09 10.98
N LEU J 382 44.88 3.86 9.89
CA LEU J 382 45.91 4.88 9.74
C LEU J 382 45.74 6.03 10.74
N MET J 383 44.51 6.51 10.91
CA MET J 383 44.26 7.64 11.81
C MET J 383 44.71 7.34 13.24
N THR J 384 44.52 6.09 13.69
CA THR J 384 44.91 5.72 15.05
C THR J 384 46.41 5.83 15.25
N LYS J 385 47.19 5.28 14.30
CA LYS J 385 48.64 5.36 14.41
C LYS J 385 49.12 6.79 14.32
N LEU J 386 48.46 7.61 13.51
CA LEU J 386 48.81 9.02 13.42
C LEU J 386 48.54 9.72 14.74
N LYS J 387 47.42 9.38 15.40
CA LYS J 387 47.15 9.94 16.72
C LYS J 387 48.19 9.44 17.72
N GLY J 388 48.54 8.15 17.64
CA GLY J 388 49.58 7.59 18.47
C GLY J 388 50.89 8.34 18.28
N PHE J 389 51.37 8.39 17.04
CA PHE J 389 52.58 9.15 16.73
C PHE J 389 52.50 10.58 17.24
N ALA J 390 51.36 11.23 17.06
CA ALA J 390 51.20 12.62 17.47
C ALA J 390 51.41 12.77 18.97
N LYS J 391 50.80 11.88 19.76
CA LYS J 391 50.84 12.00 21.21
C LYS J 391 52.16 11.52 21.82
N SER J 392 52.70 10.40 21.33
CA SER J 392 53.91 9.84 21.93
C SER J 392 55.12 10.76 21.76
N THR J 393 55.05 11.70 20.82
CA THR J 393 56.11 12.68 20.63
C THR J 393 55.67 14.08 21.02
N GLY J 394 54.38 14.36 21.00
CA GLY J 394 53.88 15.67 21.35
C GLY J 394 53.92 16.66 20.21
N VAL J 395 53.81 16.18 18.97
CA VAL J 395 53.89 17.03 17.80
C VAL J 395 52.49 17.42 17.36
N VAL J 396 52.33 18.70 17.03
CA VAL J 396 51.09 19.17 16.42
C VAL J 396 50.95 18.51 15.06
N LEU J 397 49.86 17.78 14.86
CA LEU J 397 49.63 17.03 13.62
C LEU J 397 48.41 17.60 12.91
N VAL J 398 48.64 18.26 11.78
CA VAL J 398 47.58 18.82 10.94
C VAL J 398 47.42 17.96 9.70
N VAL J 399 46.22 17.40 9.52
CA VAL J 399 45.91 16.50 8.42
C VAL J 399 44.70 17.04 7.67
N ILE J 400 44.71 16.89 6.34
CA ILE J 400 43.61 17.32 5.48
C ILE J 400 42.87 16.09 4.96
N CYS J 401 41.55 16.07 5.14
CA CYS J 401 40.68 15.04 4.59
C CYS J 401 39.67 15.68 3.65
N HIS J 402 39.03 14.85 2.84
CA HIS J 402 37.99 15.30 1.93
C HIS J 402 36.61 14.92 2.47
N LEU J 403 35.57 15.33 1.75
CA LEU J 403 34.19 15.14 2.18
C LEU J 403 33.47 14.14 1.29
N LYS J 404 32.54 13.40 1.89
CA LYS J 404 31.72 12.44 1.17
C LYS J 404 30.80 13.16 0.18
N ASN J 405 30.20 12.39 -0.72
CA ASN J 405 29.29 12.94 -1.71
C ASN J 405 27.85 12.66 -1.30
N PRO J 406 27.10 13.64 -0.84
CA PRO J 406 25.72 13.39 -0.42
C PRO J 406 24.78 13.10 -1.59
N ASP J 407 24.89 13.90 -2.65
CA ASP J 407 23.96 13.83 -3.80
C ASP J 407 22.51 13.88 -3.32
N LYS J 408 22.28 14.60 -2.22
CA LYS J 408 20.98 14.69 -1.56
C LYS J 408 20.64 16.16 -1.32
N GLY J 409 20.55 16.90 -2.42
CA GLY J 409 20.35 18.34 -2.39
C GLY J 409 21.60 19.09 -2.83
N LYS J 410 21.52 20.42 -2.73
CA LYS J 410 22.67 21.25 -3.04
C LYS J 410 23.77 21.01 -2.03
N ALA J 411 25.01 20.89 -2.51
CA ALA J 411 26.06 20.31 -1.69
C ALA J 411 27.37 21.07 -1.77
N HIS J 412 27.93 21.36 -0.58
CA HIS J 412 29.33 21.76 -0.40
C HIS J 412 29.73 22.98 -1.19
N GLU J 413 29.99 22.78 -2.48
CA GLU J 413 30.49 23.86 -3.31
C GLU J 413 29.45 24.94 -3.56
N GLU J 414 28.17 24.60 -3.40
CA GLU J 414 27.07 25.55 -3.54
C GLU J 414 26.55 26.06 -2.20
N GLY J 415 27.33 25.86 -1.14
CA GLY J 415 26.89 26.20 0.20
C GLY J 415 26.85 24.98 1.10
N ARG J 416 25.75 24.79 1.83
CA ARG J 416 25.49 23.63 2.69
C ARG J 416 26.51 23.53 3.82
N PRO J 417 26.06 23.61 5.07
CA PRO J 417 26.97 23.38 6.19
C PRO J 417 27.45 21.94 6.20
N VAL J 418 28.70 21.74 6.63
CA VAL J 418 29.30 20.42 6.69
C VAL J 418 29.29 19.94 8.13
N SER J 419 28.54 18.86 8.39
CA SER J 419 28.55 18.21 9.70
C SER J 419 29.61 17.11 9.72
N ILE J 420 29.82 16.54 10.92
CA ILE J 420 30.81 15.50 11.08
C ILE J 420 30.45 14.25 10.30
N THR J 421 29.16 14.03 10.01
CA THR J 421 28.79 12.87 9.22
C THR J 421 29.27 12.99 7.79
N ASP J 422 29.34 14.22 7.28
CA ASP J 422 29.81 14.45 5.91
C ASP J 422 31.30 14.12 5.74
N LEU J 423 32.00 13.77 6.82
CA LEU J 423 33.42 13.45 6.75
C LEU J 423 33.64 12.10 6.09
N ARG J 424 34.59 12.05 5.16
CA ARG J 424 34.97 10.79 4.52
C ARG J 424 35.52 9.81 5.54
N GLY J 425 35.30 8.52 5.28
CA GLY J 425 35.70 7.46 6.19
C GLY J 425 34.63 7.12 7.21
N SER J 426 34.76 5.94 7.81
CA SER J 426 33.80 5.44 8.80
C SER J 426 34.00 6.13 10.15
N GLY J 427 33.95 7.46 10.11
CA GLY J 427 34.26 8.35 11.20
C GLY J 427 35.10 7.82 12.35
N ALA J 428 36.35 7.44 12.04
CA ALA J 428 37.35 7.22 13.08
C ALA J 428 38.13 8.50 13.31
N LEU J 429 38.27 9.30 12.24
CA LEU J 429 38.93 10.59 12.31
C LEU J 429 38.15 11.57 13.17
N ARG J 430 36.85 11.32 13.35
CA ARG J 430 36.02 12.14 14.23
C ARG J 430 36.25 11.80 15.70
N GLN J 431 37.02 10.74 15.96
CA GLN J 431 37.30 10.25 17.31
C GLN J 431 38.74 10.51 17.73
N LEU J 432 39.71 10.08 16.91
CA LEU J 432 41.12 10.25 17.25
C LEU J 432 41.52 11.72 17.23
N SER J 433 41.03 12.48 16.27
CA SER J 433 41.38 13.89 16.19
C SER J 433 40.79 14.66 17.36
N ASP J 434 41.52 15.68 17.78
CA ASP J 434 41.10 16.52 18.90
C ASP J 434 40.34 17.77 18.49
N THR J 435 40.68 18.35 17.33
CA THR J 435 40.05 19.57 16.82
C THR J 435 39.76 19.39 15.33
N ILE J 436 38.60 19.84 14.89
CA ILE J 436 38.16 19.68 13.50
C ILE J 436 37.78 21.04 12.92
N ILE J 437 38.59 21.54 11.99
CA ILE J 437 38.33 22.80 11.29
C ILE J 437 37.67 22.49 9.95
N ALA J 438 36.59 23.20 9.63
CA ALA J 438 35.86 23.03 8.38
C ALA J 438 35.63 24.37 7.71
N LEU J 439 35.84 24.42 6.40
CA LEU J 439 35.66 25.63 5.61
C LEU J 439 34.47 25.48 4.67
N GLU J 440 33.64 26.51 4.59
CA GLU J 440 32.44 26.51 3.75
C GLU J 440 32.37 27.79 2.94
N ARG J 441 32.10 27.66 1.64
CA ARG J 441 31.99 28.80 0.75
C ARG J 441 31.15 28.42 -0.46
N ASN J 442 30.52 29.43 -1.06
CA ASN J 442 29.67 29.26 -2.24
C ASN J 442 30.38 29.89 -3.42
N GLN J 443 31.14 29.08 -4.16
CA GLN J 443 31.88 29.55 -5.32
C GLN J 443 30.99 29.91 -6.49
N GLN J 444 29.68 29.68 -6.39
CA GLN J 444 28.70 30.17 -7.35
C GLN J 444 27.88 31.33 -6.79
N GLY J 445 28.18 31.79 -5.59
CA GLY J 445 27.46 32.89 -4.99
C GLY J 445 27.99 34.23 -5.44
N ASP J 446 27.40 35.27 -4.86
CA ASP J 446 27.85 36.64 -5.15
C ASP J 446 29.17 36.97 -4.47
N MET J 447 29.64 36.12 -3.55
CA MET J 447 30.96 36.28 -2.94
C MET J 447 31.62 34.91 -2.88
N PRO J 448 32.10 34.41 -4.01
CA PRO J 448 32.79 33.11 -4.01
C PRO J 448 34.05 33.09 -3.18
N ASN J 449 34.64 34.26 -2.93
CA ASN J 449 35.84 34.36 -2.10
C ASN J 449 35.54 34.40 -0.61
N LEU J 450 34.27 34.55 -0.22
CA LEU J 450 33.88 34.55 1.18
C LEU J 450 33.78 33.10 1.68
N VAL J 451 34.51 32.78 2.74
CA VAL J 451 34.57 31.42 3.27
C VAL J 451 34.23 31.45 4.75
N LEU J 452 33.34 30.54 5.16
CA LEU J 452 32.88 30.41 6.54
C LEU J 452 33.67 29.29 7.24
N VAL J 453 34.13 29.58 8.46
CA VAL J 453 34.85 28.61 9.28
C VAL J 453 33.92 28.06 10.36
N ARG J 454 33.81 26.74 10.45
CA ARG J 454 32.94 26.07 11.39
C ARG J 454 33.74 25.05 12.17
N ILE J 455 33.71 25.15 13.50
CA ILE J 455 34.37 24.17 14.35
C ILE J 455 33.40 23.02 14.60
N LEU J 456 33.78 21.83 14.15
CA LEU J 456 32.96 20.65 14.33
C LEU J 456 33.34 19.87 15.59
N LYS J 457 34.53 20.12 16.13
CA LYS J 457 35.01 19.41 17.31
C LYS J 457 36.22 20.15 17.88
N CYS J 458 36.34 20.13 19.21
CA CYS J 458 37.51 20.69 19.87
C CYS J 458 37.62 20.02 21.25
N ARG J 459 38.34 18.89 21.28
CA ARG J 459 38.52 18.13 22.51
C ARG J 459 39.05 19.00 23.64
N PHE J 460 39.91 19.95 23.31
CA PHE J 460 40.50 20.82 24.32
C PHE J 460 39.44 21.70 24.97
N THR J 461 38.74 22.49 24.18
CA THR J 461 37.75 23.42 24.72
C THR J 461 36.37 22.79 24.80
N GLY J 462 35.91 22.15 23.73
CA GLY J 462 34.53 21.76 23.61
C GLY J 462 33.62 22.85 23.07
N ASP J 463 34.16 24.03 22.78
CA ASP J 463 33.39 25.15 22.25
C ASP J 463 33.30 25.01 20.74
N THR J 464 32.12 24.67 20.25
CA THR J 464 31.90 24.42 18.83
C THR J 464 31.07 25.55 18.23
N GLY J 465 30.78 25.41 16.94
CA GLY J 465 29.99 26.36 16.20
C GLY J 465 30.80 27.08 15.14
N ILE J 466 30.24 28.19 14.66
CA ILE J 466 30.87 29.00 13.62
C ILE J 466 31.80 30.01 14.26
N ALA J 467 33.05 30.02 13.83
CA ALA J 467 34.04 30.94 14.33
C ALA J 467 33.88 32.31 13.70
N GLY J 468 34.33 32.46 12.46
CA GLY J 468 34.22 33.73 11.75
C GLY J 468 34.17 33.57 10.25
N TYR J 469 34.54 34.63 9.52
CA TYR J 469 34.58 34.63 8.07
C TYR J 469 35.94 35.08 7.58
N MET J 470 36.16 34.90 6.27
CA MET J 470 37.42 35.20 5.62
C MET J 470 37.12 35.52 4.17
N GLU J 471 38.09 36.14 3.50
CA GLU J 471 37.96 36.49 2.10
C GLU J 471 39.24 36.16 1.37
N TYR J 472 39.11 35.44 0.26
CA TYR J 472 40.25 35.02 -0.55
C TYR J 472 40.72 36.17 -1.42
N ASN J 473 41.89 36.71 -1.09
CA ASN J 473 42.49 37.77 -1.86
C ASN J 473 43.13 37.17 -3.11
N LYS J 474 42.49 37.37 -4.27
CA LYS J 474 43.01 36.84 -5.52
C LYS J 474 44.35 37.46 -5.91
N GLU J 475 44.82 38.48 -5.20
CA GLU J 475 46.11 39.12 -5.45
C GLU J 475 47.24 38.49 -4.64
N THR J 476 47.07 38.41 -3.32
CA THR J 476 48.08 37.82 -2.45
C THR J 476 47.91 36.31 -2.28
N GLY J 477 46.74 35.76 -2.61
CA GLY J 477 46.49 34.36 -2.34
C GLY J 477 46.26 34.02 -0.88
N TRP J 478 45.96 35.03 -0.06
CA TRP J 478 45.77 34.88 1.38
C TRP J 478 44.30 34.80 1.73
N LEU J 479 44.03 34.41 2.98
CA LEU J 479 42.68 34.36 3.54
C LEU J 479 42.57 35.43 4.60
N GLU J 480 42.32 36.66 4.16
CA GLU J 480 42.25 37.77 5.10
C GLU J 480 40.93 37.72 5.88
N PRO J 481 40.97 37.94 7.19
CA PRO J 481 39.73 37.91 7.99
C PRO J 481 38.88 39.14 7.71
N SER J 482 37.60 38.91 7.43
CA SER J 482 36.64 39.97 7.15
C SER J 482 37.12 40.84 5.98
N SER J 483 36.38 41.92 5.70
CA SER J 483 36.78 42.95 4.74
C SER J 483 35.68 44.00 4.64
N LYS K 1 -29.76 48.08 -123.47
CA LYS K 1 -29.84 47.29 -124.70
C LYS K 1 -28.72 46.26 -124.78
N ILE K 2 -28.27 45.76 -123.63
CA ILE K 2 -27.18 44.79 -123.54
C ILE K 2 -27.69 43.52 -122.87
N ILE K 3 -27.28 42.37 -123.39
CA ILE K 3 -27.73 41.07 -122.90
C ILE K 3 -26.75 40.55 -121.86
N HIS K 4 -27.26 40.18 -120.69
CA HIS K 4 -26.48 39.56 -119.63
C HIS K 4 -26.63 38.05 -119.75
N LEU K 5 -25.50 37.35 -119.78
CA LEU K 5 -25.48 35.92 -120.07
C LEU K 5 -25.13 35.09 -118.84
N THR K 6 -25.67 33.88 -118.80
CA THR K 6 -25.28 32.82 -117.87
C THR K 6 -24.60 31.70 -118.65
N ASP K 7 -24.15 30.68 -117.92
CA ASP K 7 -23.49 29.54 -118.57
C ASP K 7 -24.48 28.70 -119.37
N ASP K 8 -25.71 28.54 -118.85
CA ASP K 8 -26.73 27.75 -119.53
C ASP K 8 -27.26 28.49 -120.75
N SER K 9 -27.44 29.81 -120.63
CA SER K 9 -28.00 30.63 -121.69
C SER K 9 -26.93 31.21 -122.61
N PHE K 10 -25.73 30.63 -122.61
CA PHE K 10 -24.69 31.05 -123.54
C PHE K 10 -24.72 30.25 -124.84
N ASP K 11 -25.23 29.02 -124.78
CA ASP K 11 -25.26 28.17 -125.97
C ASP K 11 -26.29 28.67 -126.97
N THR K 12 -27.43 29.18 -126.50
CA THR K 12 -28.52 29.60 -127.37
C THR K 12 -28.47 31.08 -127.71
N ASP K 13 -28.17 31.94 -126.73
CA ASP K 13 -28.19 33.38 -126.96
C ASP K 13 -27.01 33.86 -127.80
N VAL K 14 -25.92 33.10 -127.87
CA VAL K 14 -24.72 33.54 -128.57
C VAL K 14 -24.41 32.61 -129.75
N LEU K 15 -24.23 31.32 -129.46
CA LEU K 15 -23.83 30.38 -130.50
C LEU K 15 -24.94 30.13 -131.50
N LYS K 16 -26.20 30.22 -131.07
CA LYS K 16 -27.35 29.99 -131.93
C LYS K 16 -28.08 31.28 -132.25
N ALA K 17 -27.41 32.42 -132.06
CA ALA K 17 -28.08 33.71 -132.23
C ALA K 17 -28.31 34.05 -133.70
N ASP K 18 -27.46 33.54 -134.60
CA ASP K 18 -27.53 33.86 -136.03
C ASP K 18 -27.49 35.39 -136.25
N GLY K 19 -26.30 35.92 -136.01
CA GLY K 19 -26.08 37.35 -136.12
C GLY K 19 -24.75 37.71 -135.49
N ALA K 20 -24.48 39.01 -135.42
CA ALA K 20 -23.25 39.51 -134.83
C ALA K 20 -23.43 39.64 -133.32
N ILE K 21 -22.63 38.89 -132.56
CA ILE K 21 -22.67 38.89 -131.10
C ILE K 21 -21.30 39.24 -130.56
N LEU K 22 -21.20 40.37 -129.87
CA LEU K 22 -19.98 40.81 -129.22
C LEU K 22 -20.10 40.54 -127.73
N VAL K 23 -19.36 39.57 -127.22
CA VAL K 23 -19.45 39.15 -125.83
C VAL K 23 -18.25 39.71 -125.08
N ASP K 24 -18.52 40.44 -124.00
CA ASP K 24 -17.48 40.96 -123.12
C ASP K 24 -17.32 39.99 -121.94
N PHE K 25 -16.17 39.33 -121.90
CA PHE K 25 -15.81 38.48 -120.76
C PHE K 25 -15.16 39.40 -119.72
N TRP K 26 -15.96 39.86 -118.76
CA TRP K 26 -15.54 40.88 -117.82
C TRP K 26 -15.56 40.35 -116.39
N ALA K 27 -15.22 41.23 -115.45
CA ALA K 27 -15.19 40.88 -114.04
C ALA K 27 -15.34 42.16 -113.22
N GLU K 28 -15.74 41.99 -111.96
CA GLU K 28 -15.97 43.13 -111.08
C GLU K 28 -14.66 43.73 -110.57
N TRP K 29 -13.61 42.92 -110.43
CA TRP K 29 -12.35 43.36 -109.81
C TRP K 29 -11.29 43.74 -110.84
N CYS K 30 -11.67 43.94 -112.09
CA CYS K 30 -10.72 44.32 -113.13
C CYS K 30 -10.79 45.82 -113.39
N GLY K 31 -9.64 46.43 -113.60
CA GLY K 31 -9.56 47.85 -113.85
C GLY K 31 -9.94 48.24 -115.27
N PRO K 32 -9.34 47.59 -116.27
CA PRO K 32 -9.69 47.93 -117.66
C PRO K 32 -11.12 47.56 -118.04
N CYS K 33 -11.76 46.64 -117.31
CA CYS K 33 -13.15 46.29 -117.64
C CYS K 33 -14.11 47.38 -117.23
N LYS K 34 -13.87 48.00 -116.08
CA LYS K 34 -14.70 49.12 -115.63
C LYS K 34 -14.61 50.28 -116.61
N MET K 35 -13.51 50.37 -117.37
CA MET K 35 -13.30 51.47 -118.31
C MET K 35 -14.04 51.26 -119.62
N ILE K 36 -14.17 50.00 -120.08
CA ILE K 36 -14.87 49.73 -121.34
C ILE K 36 -16.36 49.54 -121.11
N ALA K 37 -16.80 49.44 -119.86
CA ALA K 37 -18.22 49.30 -119.56
C ALA K 37 -19.08 50.48 -120.00
N PRO K 38 -18.70 51.74 -119.81
CA PRO K 38 -19.53 52.83 -120.36
C PRO K 38 -19.52 52.83 -121.88
N ILE K 39 -18.41 52.41 -122.49
CA ILE K 39 -18.29 52.41 -123.94
C ILE K 39 -19.25 51.40 -124.56
N LEU K 40 -19.37 50.22 -123.97
CA LEU K 40 -20.25 49.19 -124.50
C LEU K 40 -21.72 49.59 -124.43
N ASP K 41 -22.07 50.44 -123.45
CA ASP K 41 -23.46 50.88 -123.32
C ASP K 41 -23.86 51.73 -124.53
N GLU K 42 -22.95 52.58 -124.99
CA GLU K 42 -23.21 53.44 -126.15
C GLU K 42 -23.12 52.65 -127.45
N ILE K 43 -22.26 51.63 -127.48
CA ILE K 43 -22.11 50.79 -128.67
C ILE K 43 -23.41 50.04 -128.94
N ALA K 44 -24.06 49.56 -127.86
CA ALA K 44 -25.32 48.84 -128.01
C ALA K 44 -26.42 49.70 -128.64
N ASP K 45 -26.40 51.00 -128.37
CA ASP K 45 -27.43 51.88 -128.92
C ASP K 45 -27.20 52.17 -130.39
N GLU K 46 -25.95 52.47 -130.76
CA GLU K 46 -25.63 52.83 -132.14
C GLU K 46 -25.67 51.62 -133.06
N TYR K 47 -25.11 50.49 -132.62
CA TYR K 47 -25.07 49.27 -133.42
C TYR K 47 -26.34 48.44 -133.31
N GLN K 48 -27.43 49.04 -132.84
CA GLN K 48 -28.69 48.34 -132.63
C GLN K 48 -29.34 48.06 -133.99
N GLY K 49 -28.89 46.99 -134.63
CA GLY K 49 -29.45 46.59 -135.91
C GLY K 49 -28.58 45.62 -136.66
N LYS K 50 -27.26 45.83 -136.61
CA LYS K 50 -26.30 44.94 -137.27
C LYS K 50 -25.34 44.28 -136.28
N LEU K 51 -25.58 44.42 -134.99
CA LEU K 51 -24.70 43.85 -133.97
C LEU K 51 -25.43 43.87 -132.62
N THR K 52 -25.16 42.84 -131.81
CA THR K 52 -25.76 42.69 -130.48
C THR K 52 -24.66 42.62 -129.44
N VAL K 53 -24.75 43.47 -128.41
CA VAL K 53 -23.78 43.52 -127.33
C VAL K 53 -24.23 42.62 -126.19
N ALA K 54 -23.30 41.82 -125.66
CA ALA K 54 -23.56 40.90 -124.57
C ALA K 54 -22.36 40.87 -123.63
N LYS K 55 -22.62 40.61 -122.36
CA LYS K 55 -21.58 40.58 -121.33
C LYS K 55 -21.70 39.33 -120.47
N LEU K 56 -20.55 38.71 -120.17
CA LEU K 56 -20.49 37.53 -119.31
C LEU K 56 -19.55 37.79 -118.14
N ASN K 57 -20.11 37.84 -116.94
CA ASN K 57 -19.34 37.97 -115.70
C ASN K 57 -18.76 36.61 -115.35
N ILE K 58 -17.43 36.49 -115.37
CA ILE K 58 -16.75 35.21 -115.20
C ILE K 58 -16.75 34.74 -113.75
N ASP K 59 -17.26 35.55 -112.83
CA ASP K 59 -17.32 35.14 -111.44
C ASP K 59 -18.58 34.37 -111.11
N GLN K 60 -19.73 34.82 -111.62
CA GLN K 60 -20.99 34.12 -111.45
C GLN K 60 -21.21 33.05 -112.53
N ASN K 61 -20.38 33.02 -113.56
CA ASN K 61 -20.48 32.04 -114.65
C ASN K 61 -19.08 31.57 -115.00
N PRO K 62 -18.51 30.66 -114.20
CA PRO K 62 -17.11 30.25 -114.37
C PRO K 62 -16.88 29.11 -115.35
N GLY K 63 -17.86 28.76 -116.19
CA GLY K 63 -17.72 27.61 -117.07
C GLY K 63 -17.53 27.92 -118.54
N THR K 64 -17.91 29.13 -118.97
CA THR K 64 -17.82 29.49 -120.38
C THR K 64 -16.41 29.94 -120.76
N ALA K 65 -15.83 30.84 -119.98
CA ALA K 65 -14.50 31.39 -120.26
C ALA K 65 -13.41 30.36 -120.53
N PRO K 66 -13.27 29.27 -119.76
CA PRO K 66 -12.21 28.30 -120.08
C PRO K 66 -12.29 27.73 -121.49
N LYS K 67 -13.50 27.45 -121.97
CA LYS K 67 -13.66 26.88 -123.30
C LYS K 67 -13.19 27.80 -124.41
N TYR K 68 -12.89 29.07 -124.09
CA TYR K 68 -12.35 30.02 -125.05
C TYR K 68 -10.97 30.49 -124.65
N GLY K 69 -10.34 29.85 -123.66
CA GLY K 69 -8.99 30.16 -123.23
C GLY K 69 -8.75 31.62 -122.93
N ILE K 70 -9.30 32.10 -121.82
CA ILE K 70 -9.19 33.52 -121.46
C ILE K 70 -7.88 33.74 -120.73
N ARG K 71 -6.92 34.37 -121.42
CA ARG K 71 -5.64 34.72 -120.84
C ARG K 71 -5.56 36.19 -120.41
N GLY K 72 -6.64 36.95 -120.61
CA GLY K 72 -6.69 38.36 -120.25
C GLY K 72 -8.06 38.96 -120.46
N ILE K 73 -8.43 39.91 -119.61
CA ILE K 73 -9.72 40.58 -119.73
C ILE K 73 -9.51 42.10 -119.65
N PRO K 74 -10.44 42.89 -120.23
CA PRO K 74 -11.68 42.52 -120.93
C PRO K 74 -11.42 41.82 -122.26
N THR K 75 -12.21 40.79 -122.57
CA THR K 75 -12.03 39.98 -123.78
C THR K 75 -13.27 40.12 -124.64
N LEU K 76 -13.11 40.78 -125.79
CA LEU K 76 -14.21 41.00 -126.72
C LEU K 76 -14.17 39.93 -127.81
N LEU K 77 -15.28 39.20 -127.96
CA LEU K 77 -15.40 38.13 -128.94
C LEU K 77 -16.60 38.42 -129.82
N LEU K 78 -16.35 38.68 -131.11
CA LEU K 78 -17.40 38.96 -132.07
C LEU K 78 -17.86 37.63 -132.66
N PHE K 79 -18.91 37.07 -132.08
CA PHE K 79 -19.46 35.80 -132.53
C PHE K 79 -20.23 35.97 -133.83
N LYS K 80 -19.98 35.10 -134.80
CA LYS K 80 -20.70 35.09 -136.08
C LYS K 80 -21.22 33.69 -136.36
N ASN K 81 -22.47 33.42 -135.93
CA ASN K 81 -23.15 32.14 -136.16
C ASN K 81 -22.40 30.97 -135.51
N GLY K 82 -22.26 31.04 -134.19
CA GLY K 82 -21.63 29.98 -133.44
C GLY K 82 -20.13 29.85 -133.63
N GLU K 83 -19.51 30.77 -134.37
CA GLU K 83 -18.07 30.77 -134.61
C GLU K 83 -17.47 32.08 -134.12
N VAL K 84 -16.22 32.03 -133.71
CA VAL K 84 -15.50 33.22 -133.25
C VAL K 84 -14.87 33.90 -134.45
N ALA K 85 -15.39 35.09 -134.80
CA ALA K 85 -14.90 35.80 -135.96
C ALA K 85 -13.61 36.55 -135.64
N ALA K 86 -13.66 37.44 -134.66
CA ALA K 86 -12.48 38.20 -134.24
C ALA K 86 -12.46 38.35 -132.72
N THR K 87 -11.26 38.38 -132.15
CA THR K 87 -11.08 38.52 -130.71
C THR K 87 -10.07 39.63 -130.42
N LYS K 88 -10.36 40.44 -129.41
CA LYS K 88 -9.43 41.47 -128.96
C LYS K 88 -9.53 41.64 -127.44
N VAL K 89 -8.38 41.75 -126.79
CA VAL K 89 -8.28 41.81 -125.33
C VAL K 89 -7.80 43.19 -124.91
N GLY K 90 -8.43 43.75 -123.89
CA GLY K 90 -8.03 45.02 -123.32
C GLY K 90 -9.06 46.12 -123.58
N ALA K 91 -9.01 47.14 -122.71
CA ALA K 91 -9.97 48.24 -122.73
C ALA K 91 -9.76 49.09 -123.98
N LEU K 92 -10.57 48.87 -125.00
CA LEU K 92 -10.55 49.70 -126.18
C LEU K 92 -11.36 50.96 -125.94
N SER K 93 -10.99 52.04 -126.63
CA SER K 93 -11.72 53.29 -126.52
C SER K 93 -12.95 53.24 -127.42
N LYS K 94 -13.76 54.31 -127.36
CA LYS K 94 -14.94 54.38 -128.22
C LYS K 94 -14.55 54.46 -129.69
N GLY K 95 -13.51 55.22 -130.00
CA GLY K 95 -13.01 55.25 -131.37
C GLY K 95 -12.39 53.93 -131.82
N GLN K 96 -11.78 53.20 -130.89
CA GLN K 96 -11.15 51.93 -131.23
C GLN K 96 -12.16 50.80 -131.35
N LEU K 97 -13.20 50.81 -130.52
CA LEU K 97 -14.26 49.81 -130.66
C LEU K 97 -15.03 50.00 -131.95
N LYS K 98 -15.35 51.26 -132.30
CA LYS K 98 -16.03 51.54 -133.56
C LYS K 98 -15.25 51.00 -134.75
N GLU K 99 -13.94 51.27 -134.78
CA GLU K 99 -13.09 50.76 -135.86
C GLU K 99 -13.13 49.23 -135.92
N PHE K 100 -13.07 48.56 -134.77
CA PHE K 100 -13.12 47.11 -134.73
C PHE K 100 -14.42 46.57 -135.33
N LEU K 101 -15.56 47.10 -134.88
CA LEU K 101 -16.86 46.57 -135.30
C LEU K 101 -17.14 46.83 -136.77
N ASP K 102 -16.88 48.05 -137.24
CA ASP K 102 -17.15 48.36 -138.65
C ASP K 102 -16.28 47.55 -139.61
N ALA K 103 -15.16 47.01 -139.13
CA ALA K 103 -14.28 46.21 -139.98
C ALA K 103 -14.75 44.76 -140.12
N ASN K 104 -15.37 44.19 -139.09
CA ASN K 104 -15.76 42.79 -139.10
C ASN K 104 -17.20 42.56 -139.53
N LEU K 105 -18.00 43.62 -139.68
CA LEU K 105 -19.38 43.49 -140.11
C LEU K 105 -19.49 43.68 -141.61
N LYS L 1 -120.73 25.44 45.76
CA LYS L 1 -121.67 24.34 45.88
C LYS L 1 -121.30 23.20 44.93
N ILE L 2 -120.00 23.09 44.66
CA ILE L 2 -119.45 22.10 43.73
C ILE L 2 -118.42 21.23 44.45
N ILE L 3 -118.46 19.92 44.18
CA ILE L 3 -117.59 18.93 44.82
C ILE L 3 -116.40 18.60 43.93
N HIS L 4 -115.19 18.65 44.48
CA HIS L 4 -113.99 18.19 43.78
C HIS L 4 -113.67 16.76 44.18
N LEU L 5 -113.49 15.90 43.19
CA LEU L 5 -113.22 14.48 43.43
C LEU L 5 -111.78 14.19 43.04
N THR L 6 -111.13 13.31 43.80
CA THR L 6 -109.85 12.74 43.39
C THR L 6 -110.10 11.31 42.91
N ASP L 7 -109.05 10.51 42.89
CA ASP L 7 -109.22 9.08 42.69
C ASP L 7 -109.58 8.39 44.00
N ASP L 8 -108.98 8.86 45.11
CA ASP L 8 -109.26 8.24 46.40
C ASP L 8 -110.64 8.64 46.90
N SER L 9 -111.02 9.91 46.73
CA SER L 9 -112.28 10.42 47.22
C SER L 9 -113.39 10.29 46.19
N PHE L 10 -113.20 9.43 45.19
CA PHE L 10 -114.25 9.14 44.24
C PHE L 10 -115.08 7.96 44.76
N ASP L 11 -114.45 7.12 45.58
CA ASP L 11 -115.14 5.97 46.16
C ASP L 11 -116.14 6.40 47.24
N THR L 12 -115.79 7.42 48.02
CA THR L 12 -116.64 7.82 49.14
C THR L 12 -117.63 8.90 48.76
N ASP L 13 -117.19 9.90 47.99
CA ASP L 13 -118.07 11.00 47.63
C ASP L 13 -119.09 10.60 46.58
N VAL L 14 -118.81 9.55 45.80
CA VAL L 14 -119.68 9.16 44.70
C VAL L 14 -120.25 7.75 44.87
N LEU L 15 -119.37 6.75 44.96
CA LEU L 15 -119.81 5.37 44.97
C LEU L 15 -120.55 4.97 46.25
N LYS L 16 -120.23 5.62 47.37
CA LYS L 16 -120.87 5.33 48.65
C LYS L 16 -121.86 6.40 49.05
N ALA L 17 -122.17 7.31 48.14
CA ALA L 17 -123.05 8.44 48.40
C ALA L 17 -124.45 8.11 47.93
N ASP L 18 -125.41 8.18 48.85
CA ASP L 18 -126.81 8.01 48.48
C ASP L 18 -127.29 9.27 47.77
N GLY L 19 -128.06 9.07 46.71
CA GLY L 19 -128.60 10.18 45.97
C GLY L 19 -127.88 10.42 44.66
N ALA L 20 -128.55 11.18 43.79
CA ALA L 20 -128.04 11.48 42.45
C ALA L 20 -126.76 12.30 42.54
N ILE L 21 -125.70 11.81 41.90
CA ILE L 21 -124.41 12.47 41.87
C ILE L 21 -124.07 12.76 40.41
N LEU L 22 -123.95 14.04 40.06
CA LEU L 22 -123.64 14.46 38.70
C LEU L 22 -122.16 14.85 38.63
N VAL L 23 -121.37 14.03 37.93
CA VAL L 23 -119.93 14.19 37.84
C VAL L 23 -119.55 14.74 36.47
N ASP L 24 -118.79 15.82 36.46
CA ASP L 24 -118.24 16.38 35.22
C ASP L 24 -116.82 15.85 35.03
N PHE L 25 -116.63 14.97 34.05
CA PHE L 25 -115.31 14.48 33.67
C PHE L 25 -114.72 15.48 32.68
N TRP L 26 -113.96 16.43 33.21
CA TRP L 26 -113.44 17.57 32.46
C TRP L 26 -111.91 17.59 32.54
N ALA L 27 -111.32 18.65 31.98
CA ALA L 27 -109.87 18.79 31.98
C ALA L 27 -109.51 20.27 31.88
N GLU L 28 -108.24 20.55 32.22
CA GLU L 28 -107.75 21.91 32.25
C GLU L 28 -107.94 22.61 30.91
N TRP L 29 -107.43 22.01 29.83
CA TRP L 29 -107.43 22.63 28.51
C TRP L 29 -108.42 21.91 27.60
N CYS L 30 -109.70 22.17 27.80
CA CYS L 30 -110.74 21.70 26.90
C CYS L 30 -111.83 22.76 26.81
N GLY L 31 -112.56 22.73 25.69
CA GLY L 31 -113.40 23.84 25.30
C GLY L 31 -114.86 23.78 25.72
N PRO L 32 -115.56 22.69 25.41
CA PRO L 32 -116.98 22.61 25.79
C PRO L 32 -117.19 22.52 27.30
N CYS L 33 -116.18 22.09 28.05
CA CYS L 33 -116.30 22.05 29.51
C CYS L 33 -116.19 23.44 30.12
N LYS L 34 -115.30 24.27 29.56
CA LYS L 34 -115.14 25.62 30.07
C LYS L 34 -116.44 26.42 29.95
N MET L 35 -117.31 26.03 29.00
CA MET L 35 -118.58 26.74 28.82
C MET L 35 -119.64 26.25 29.80
N ILE L 36 -119.65 24.96 30.13
CA ILE L 36 -120.70 24.41 30.99
C ILE L 36 -120.37 24.53 32.46
N ALA L 37 -119.13 24.90 32.81
CA ALA L 37 -118.80 25.08 34.22
C ALA L 37 -119.68 26.13 34.89
N PRO L 38 -120.03 27.25 34.26
CA PRO L 38 -121.03 28.13 34.89
C PRO L 38 -122.40 27.48 34.96
N ILE L 39 -122.74 26.59 34.02
CA ILE L 39 -124.04 25.93 34.04
C ILE L 39 -124.20 25.04 35.26
N LEU L 40 -123.17 24.25 35.59
CA LEU L 40 -123.30 23.36 36.73
C LEU L 40 -123.41 24.14 38.04
N ASP L 41 -122.82 25.34 38.09
CA ASP L 41 -122.85 26.13 39.31
C ASP L 41 -124.27 26.53 39.69
N GLU L 42 -125.07 26.92 38.71
CA GLU L 42 -126.44 27.28 39.03
C GLU L 42 -127.29 26.03 39.26
N ILE L 43 -127.04 24.96 38.50
CA ILE L 43 -127.78 23.72 38.70
C ILE L 43 -127.46 23.12 40.06
N ALA L 44 -126.19 23.17 40.49
CA ALA L 44 -125.84 22.68 41.81
C ALA L 44 -126.57 23.49 42.87
N ASP L 45 -126.80 24.77 42.60
CA ASP L 45 -127.48 25.66 43.53
C ASP L 45 -128.98 25.39 43.55
N GLU L 46 -129.58 25.17 42.37
CA GLU L 46 -131.02 24.93 42.29
C GLU L 46 -131.38 23.56 42.83
N TYR L 47 -130.68 22.52 42.38
CA TYR L 47 -130.92 21.16 42.89
C TYR L 47 -130.25 20.90 44.22
N GLN L 48 -130.31 21.85 45.15
CA GLN L 48 -129.78 21.63 46.49
C GLN L 48 -130.74 20.74 47.27
N GLY L 49 -130.19 19.66 47.83
CA GLY L 49 -131.02 18.64 48.45
C GLY L 49 -131.22 17.47 47.51
N LYS L 50 -131.59 17.76 46.27
CA LYS L 50 -131.76 16.70 45.27
C LYS L 50 -130.42 16.15 44.80
N LEU L 51 -129.61 17.00 44.18
CA LEU L 51 -128.44 16.60 43.41
C LEU L 51 -127.17 17.07 44.10
N THR L 52 -126.13 16.25 43.99
CA THR L 52 -124.78 16.67 44.37
C THR L 52 -123.97 16.79 43.08
N VAL L 53 -123.45 17.98 42.83
CA VAL L 53 -122.63 18.25 41.65
C VAL L 53 -121.16 18.12 42.02
N ALA L 54 -120.40 17.44 41.17
CA ALA L 54 -119.00 17.17 41.41
C ALA L 54 -118.22 17.30 40.11
N LYS L 55 -116.94 17.66 40.24
CA LYS L 55 -116.07 17.88 39.09
C LYS L 55 -114.81 17.04 39.28
N LEU L 56 -114.40 16.35 38.21
CA LEU L 56 -113.18 15.54 38.23
C LEU L 56 -112.28 15.96 37.08
N ASN L 57 -111.14 16.55 37.40
CA ASN L 57 -110.16 16.90 36.37
C ASN L 57 -109.34 15.66 36.03
N ILE L 58 -109.53 15.14 34.81
CA ILE L 58 -108.89 13.88 34.42
C ILE L 58 -107.43 14.05 34.04
N ASP L 59 -106.88 15.27 34.07
CA ASP L 59 -105.44 15.43 33.91
C ASP L 59 -104.70 15.16 35.22
N GLN L 60 -105.36 15.42 36.35
CA GLN L 60 -104.82 15.13 37.67
C GLN L 60 -105.46 13.92 38.33
N ASN L 61 -106.64 13.49 37.86
CA ASN L 61 -107.32 12.31 38.35
C ASN L 61 -107.60 11.40 37.16
N PRO L 62 -106.54 10.83 36.57
CA PRO L 62 -106.66 10.14 35.27
C PRO L 62 -106.88 8.63 35.37
N GLY L 63 -107.19 8.10 36.54
CA GLY L 63 -107.32 6.68 36.69
C GLY L 63 -108.78 6.31 36.77
N THR L 64 -109.59 7.30 37.13
CA THR L 64 -111.03 7.08 37.27
C THR L 64 -111.71 7.11 35.91
N ALA L 65 -111.42 8.14 35.11
CA ALA L 65 -112.03 8.29 33.80
C ALA L 65 -111.95 7.03 32.92
N PRO L 66 -110.81 6.36 32.80
CA PRO L 66 -110.80 5.12 32.00
C PRO L 66 -111.79 4.08 32.50
N LYS L 67 -111.98 3.98 33.82
CA LYS L 67 -112.84 2.95 34.39
C LYS L 67 -114.27 3.06 33.90
N TYR L 68 -114.77 4.28 33.73
CA TYR L 68 -116.14 4.51 33.27
C TYR L 68 -116.19 4.79 31.78
N GLY L 69 -115.15 4.40 31.04
CA GLY L 69 -115.19 4.49 29.58
C GLY L 69 -115.43 5.88 29.05
N ILE L 70 -114.80 6.89 29.66
CA ILE L 70 -114.95 8.27 29.22
C ILE L 70 -114.44 8.42 27.79
N ARG L 71 -115.37 8.66 26.85
CA ARG L 71 -115.05 8.79 25.43
C ARG L 71 -114.68 10.22 25.07
N GLY L 72 -115.57 11.17 25.35
CA GLY L 72 -115.30 12.57 25.10
C GLY L 72 -115.63 13.39 26.33
N ILE L 73 -115.11 14.61 26.35
CA ILE L 73 -115.30 15.46 27.52
C ILE L 73 -115.88 16.80 27.09
N PRO L 74 -116.67 17.43 27.96
CA PRO L 74 -117.06 16.99 29.31
C PRO L 74 -118.07 15.85 29.27
N THR L 75 -117.94 14.91 30.20
CA THR L 75 -118.80 13.74 30.29
C THR L 75 -119.55 13.78 31.62
N LEU L 76 -120.86 13.92 31.56
CA LEU L 76 -121.69 14.00 32.77
C LEU L 76 -122.23 12.62 33.09
N LEU L 77 -121.99 12.17 34.33
CA LEU L 77 -122.38 10.84 34.80
C LEU L 77 -123.27 10.96 36.02
N LEU L 78 -124.53 10.55 35.88
CA LEU L 78 -125.49 10.60 36.98
C LEU L 78 -125.42 9.29 37.78
N PHE L 79 -124.64 9.30 38.86
CA PHE L 79 -124.51 8.13 39.71
C PHE L 79 -125.75 7.98 40.60
N LYS L 80 -126.27 6.75 40.66
CA LYS L 80 -127.40 6.40 41.54
C LYS L 80 -127.03 5.16 42.32
N ASN L 81 -126.54 5.35 43.55
CA ASN L 81 -126.10 4.28 44.44
C ASN L 81 -124.91 3.52 43.84
N GLY L 82 -123.85 4.28 43.58
CA GLY L 82 -122.63 3.72 43.02
C GLY L 82 -122.75 3.36 41.55
N GLU L 83 -123.97 3.17 41.07
CA GLU L 83 -124.23 2.81 39.68
C GLU L 83 -124.47 4.07 38.86
N VAL L 84 -124.10 4.02 37.58
CA VAL L 84 -124.31 5.15 36.68
C VAL L 84 -125.69 5.01 36.04
N ALA L 85 -126.59 5.94 36.36
CA ALA L 85 -127.96 5.88 35.86
C ALA L 85 -128.05 6.41 34.44
N ALA L 86 -127.63 7.64 34.21
CA ALA L 86 -127.65 8.23 32.88
C ALA L 86 -126.38 9.05 32.66
N THR L 87 -125.91 9.06 31.41
CA THR L 87 -124.68 9.74 31.04
C THR L 87 -124.92 10.65 29.85
N LYS L 88 -124.24 11.80 29.84
CA LYS L 88 -124.28 12.71 28.72
C LYS L 88 -122.88 13.28 28.52
N VAL L 89 -122.44 13.32 27.26
CA VAL L 89 -121.09 13.74 26.89
C VAL L 89 -121.20 15.06 26.13
N GLY L 90 -120.37 16.02 26.51
CA GLY L 90 -120.28 17.29 25.80
C GLY L 90 -120.89 18.44 26.58
N ALA L 91 -121.19 19.51 25.84
CA ALA L 91 -121.88 20.66 26.39
C ALA L 91 -123.38 20.39 26.41
N LEU L 92 -124.14 21.32 26.99
CA LEU L 92 -125.57 21.09 27.21
C LEU L 92 -126.21 22.43 27.57
N SER L 93 -127.50 22.36 27.91
CA SER L 93 -128.29 23.51 28.33
C SER L 93 -128.95 23.20 29.68
N LYS L 94 -129.52 24.23 30.29
CA LYS L 94 -130.13 24.06 31.60
C LYS L 94 -131.56 23.54 31.49
N GLY L 95 -132.34 24.05 30.53
CA GLY L 95 -133.69 23.55 30.35
C GLY L 95 -133.71 22.12 29.87
N GLN L 96 -132.72 21.72 29.07
CA GLN L 96 -132.65 20.36 28.59
C GLN L 96 -132.14 19.42 29.68
N LEU L 97 -131.25 19.92 30.54
CA LEU L 97 -130.84 19.18 31.71
C LEU L 97 -132.00 18.98 32.68
N LYS L 98 -132.78 20.04 32.89
CA LYS L 98 -133.97 19.95 33.75
C LYS L 98 -134.91 18.85 33.28
N GLU L 99 -135.22 18.84 31.99
CA GLU L 99 -136.04 17.77 31.42
C GLU L 99 -135.38 16.42 31.64
N PHE L 100 -134.06 16.36 31.44
CA PHE L 100 -133.30 15.13 31.60
C PHE L 100 -133.40 14.58 33.02
N LEU L 101 -133.09 15.39 34.03
CA LEU L 101 -133.03 14.91 35.40
C LEU L 101 -134.41 14.57 35.96
N ASP L 102 -135.38 15.47 35.78
CA ASP L 102 -136.72 15.24 36.31
C ASP L 102 -137.36 14.01 35.68
N ALA L 103 -136.83 13.56 34.54
CA ALA L 103 -137.29 12.32 33.96
C ALA L 103 -136.71 11.15 34.73
N ASN L 104 -135.51 11.32 35.28
CA ASN L 104 -134.85 10.30 36.08
C ASN L 104 -135.11 10.49 37.55
N LEU L 105 -135.71 11.61 37.95
CA LEU L 105 -136.00 11.92 39.34
C LEU L 105 -137.44 11.53 39.68
N LYS M 1 -37.59 30.80 129.72
CA LYS M 1 -39.01 31.09 129.85
C LYS M 1 -39.61 31.63 128.55
N ILE M 2 -39.05 31.20 127.42
CA ILE M 2 -39.46 31.64 126.09
C ILE M 2 -39.90 30.43 125.28
N ILE M 3 -40.99 30.59 124.53
CA ILE M 3 -41.56 29.51 123.73
C ILE M 3 -41.00 29.60 122.32
N HIS M 4 -40.43 28.49 121.84
CA HIS M 4 -39.94 28.39 120.47
C HIS M 4 -41.01 27.75 119.59
N LEU M 5 -41.32 28.41 118.48
CA LEU M 5 -42.43 28.04 117.63
C LEU M 5 -41.96 27.46 116.30
N THR M 6 -42.79 26.58 115.73
CA THR M 6 -42.66 26.09 114.37
C THR M 6 -43.84 26.59 113.54
N ASP M 7 -43.85 26.23 112.25
CA ASP M 7 -45.00 26.56 111.41
C ASP M 7 -46.26 25.84 111.88
N ASP M 8 -46.09 24.59 112.32
CA ASP M 8 -47.23 23.77 112.76
C ASP M 8 -47.74 24.23 114.13
N SER M 9 -46.84 24.56 115.05
CA SER M 9 -47.23 24.93 116.40
C SER M 9 -47.42 26.43 116.57
N PHE M 10 -47.62 27.15 115.47
CA PHE M 10 -47.91 28.58 115.52
C PHE M 10 -49.41 28.85 115.59
N ASP M 11 -50.22 27.93 115.08
CA ASP M 11 -51.67 28.14 115.04
C ASP M 11 -52.28 28.06 116.44
N THR M 12 -51.79 27.15 117.28
CA THR M 12 -52.37 26.94 118.60
C THR M 12 -51.68 27.77 119.69
N ASP M 13 -50.35 27.87 119.64
CA ASP M 13 -49.59 28.54 120.69
C ASP M 13 -49.72 30.07 120.65
N VAL M 14 -50.05 30.66 119.49
CA VAL M 14 -50.07 32.11 119.36
C VAL M 14 -51.47 32.65 119.07
N LEU M 15 -52.07 32.19 117.96
CA LEU M 15 -53.37 32.71 117.55
C LEU M 15 -54.46 32.28 118.51
N LYS M 16 -54.27 31.14 119.18
CA LYS M 16 -55.24 30.59 120.12
C LYS M 16 -54.76 30.78 121.56
N ALA M 17 -53.79 31.66 121.78
CA ALA M 17 -53.19 31.81 123.10
C ALA M 17 -54.05 32.59 124.07
N ASP M 18 -54.84 33.56 123.56
CA ASP M 18 -55.67 34.43 124.39
C ASP M 18 -54.83 35.20 125.41
N GLY M 19 -54.26 36.33 124.99
CA GLY M 19 -53.41 37.14 125.82
C GLY M 19 -52.44 37.93 124.96
N ALA M 20 -51.41 38.48 125.60
CA ALA M 20 -50.37 39.23 124.90
C ALA M 20 -49.24 38.29 124.51
N ILE M 21 -48.99 38.16 123.21
CA ILE M 21 -47.93 37.29 122.67
C ILE M 21 -47.00 38.11 121.80
N LEU M 22 -45.73 38.17 122.19
CA LEU M 22 -44.69 38.89 121.44
C LEU M 22 -43.83 37.88 120.68
N VAL M 23 -43.96 37.85 119.36
CA VAL M 23 -43.25 36.90 118.51
C VAL M 23 -42.11 37.61 117.79
N ASP M 24 -40.89 37.07 117.94
CA ASP M 24 -39.72 37.58 117.24
C ASP M 24 -39.46 36.79 115.97
N PHE M 25 -39.64 37.44 114.82
CA PHE M 25 -39.27 36.87 113.53
C PHE M 25 -37.79 37.18 113.33
N TRP M 26 -36.93 36.23 113.68
CA TRP M 26 -35.49 36.47 113.70
C TRP M 26 -34.77 35.56 112.71
N ALA M 27 -33.45 35.67 112.68
CA ALA M 27 -32.62 34.89 111.78
C ALA M 27 -31.22 34.79 112.36
N GLU M 28 -30.58 33.64 112.13
CA GLU M 28 -29.24 33.41 112.66
C GLU M 28 -28.19 34.24 111.93
N TRP M 29 -28.40 34.51 110.64
CA TRP M 29 -27.45 35.26 109.83
C TRP M 29 -27.68 36.77 109.90
N CYS M 30 -28.55 37.23 110.80
CA CYS M 30 -28.90 38.64 110.91
C CYS M 30 -28.23 39.25 112.15
N GLY M 31 -27.55 40.37 111.96
CA GLY M 31 -26.84 41.04 113.01
C GLY M 31 -27.73 41.66 114.07
N PRO M 32 -28.74 42.45 113.67
CA PRO M 32 -29.63 43.06 114.67
C PRO M 32 -30.45 42.05 115.44
N CYS M 33 -30.60 40.83 114.93
CA CYS M 33 -31.34 39.81 115.67
C CYS M 33 -30.50 39.29 116.82
N LYS M 34 -29.19 39.16 116.62
CA LYS M 34 -28.29 38.75 117.69
C LYS M 34 -28.28 39.76 118.83
N MET M 35 -28.62 41.02 118.55
CA MET M 35 -28.58 42.07 119.56
C MET M 35 -29.82 42.05 120.44
N ILE M 36 -30.99 41.74 119.86
CA ILE M 36 -32.23 41.75 120.63
C ILE M 36 -32.50 40.41 121.29
N ALA M 37 -31.76 39.37 120.94
CA ALA M 37 -31.93 38.07 121.58
C ALA M 37 -31.63 38.09 123.07
N PRO M 38 -30.56 38.74 123.56
CA PRO M 38 -30.41 38.84 125.02
C PRO M 38 -31.44 39.74 125.66
N ILE M 39 -31.89 40.77 124.94
CA ILE M 39 -32.88 41.70 125.47
C ILE M 39 -34.21 41.00 125.71
N LEU M 40 -34.62 40.15 124.76
CA LEU M 40 -35.88 39.42 124.90
C LEU M 40 -35.81 38.42 126.05
N ASP M 41 -34.61 37.94 126.37
CA ASP M 41 -34.44 36.97 127.46
C ASP M 41 -34.80 37.59 128.80
N GLU M 42 -34.41 38.85 129.02
CA GLU M 42 -34.72 39.54 130.27
C GLU M 42 -36.17 40.00 130.30
N ILE M 43 -36.75 40.31 129.13
CA ILE M 43 -38.14 40.73 129.05
C ILE M 43 -39.06 39.60 129.50
N ALA M 44 -38.73 38.36 129.14
CA ALA M 44 -39.55 37.22 129.53
C ALA M 44 -39.62 37.03 131.04
N ASP M 45 -38.55 37.38 131.77
CA ASP M 45 -38.53 37.19 133.21
C ASP M 45 -39.34 38.26 133.93
N GLU M 46 -39.16 39.52 133.54
CA GLU M 46 -39.83 40.63 134.21
C GLU M 46 -41.31 40.70 133.87
N TYR M 47 -41.69 40.33 132.64
CA TYR M 47 -43.07 40.37 132.19
C TYR M 47 -43.76 39.02 132.29
N GLN M 48 -43.19 38.10 133.06
CA GLN M 48 -43.76 36.76 133.23
C GLN M 48 -45.06 36.84 134.01
N GLY M 49 -46.17 37.09 133.32
CA GLY M 49 -47.46 37.18 133.96
C GLY M 49 -48.49 37.93 133.13
N LYS M 50 -48.06 39.00 132.47
CA LYS M 50 -48.94 39.78 131.60
C LYS M 50 -48.54 39.73 130.14
N LEU M 51 -47.48 38.99 129.79
CA LEU M 51 -47.02 38.92 128.40
C LEU M 51 -46.10 37.71 128.26
N THR M 52 -46.22 37.01 127.13
CA THR M 52 -45.44 35.83 126.83
C THR M 52 -44.51 36.09 125.65
N VAL M 53 -43.22 35.83 125.83
CA VAL M 53 -42.23 36.02 124.79
C VAL M 53 -42.05 34.73 123.99
N ALA M 54 -42.02 34.84 122.66
CA ALA M 54 -41.89 33.71 121.76
C ALA M 54 -41.02 34.10 120.57
N LYS M 55 -40.29 33.13 120.01
CA LYS M 55 -39.39 33.36 118.89
C LYS M 55 -39.62 32.33 117.77
N LEU M 56 -39.61 32.82 116.53
CA LEU M 56 -39.75 31.98 115.35
C LEU M 56 -38.55 32.18 114.43
N ASN M 57 -37.74 31.15 114.26
CA ASN M 57 -36.61 31.18 113.33
C ASN M 57 -37.15 30.97 111.92
N ILE M 58 -37.01 32.01 111.08
CA ILE M 58 -37.59 31.98 109.74
C ILE M 58 -36.82 31.10 108.78
N ASP M 59 -35.66 30.57 109.17
CA ASP M 59 -34.95 29.60 108.37
C ASP M 59 -35.43 28.17 108.63
N GLN M 60 -35.88 27.88 109.85
CA GLN M 60 -36.44 26.59 110.18
C GLN M 60 -37.95 26.52 109.93
N ASN M 61 -38.62 27.66 109.78
CA ASN M 61 -40.06 27.70 109.61
C ASN M 61 -40.40 28.79 108.60
N PRO M 62 -40.34 28.48 107.31
CA PRO M 62 -40.48 29.50 106.26
C PRO M 62 -41.90 29.74 105.77
N GLY M 63 -42.92 29.27 106.48
CA GLY M 63 -44.28 29.39 106.00
C GLY M 63 -45.11 30.42 106.76
N THR M 64 -44.69 30.74 107.99
CA THR M 64 -45.41 31.70 108.80
C THR M 64 -45.05 33.13 108.42
N ALA M 65 -43.75 33.41 108.33
CA ALA M 65 -43.27 34.75 107.99
C ALA M 65 -43.93 35.37 106.77
N PRO M 66 -44.10 34.66 105.64
CA PRO M 66 -44.81 35.29 104.51
C PRO M 66 -46.22 35.75 104.87
N LYS M 67 -46.94 34.96 105.67
CA LYS M 67 -48.30 35.25 106.10
C LYS M 67 -48.40 36.47 107.01
N TYR M 68 -47.30 37.20 107.16
CA TYR M 68 -47.31 38.46 107.89
C TYR M 68 -46.48 39.53 107.20
N GLY M 69 -45.94 39.26 106.01
CA GLY M 69 -45.21 40.23 105.23
C GLY M 69 -43.93 40.69 105.89
N ILE M 70 -42.99 39.78 106.09
CA ILE M 70 -41.72 40.11 106.71
C ILE M 70 -40.84 40.78 105.66
N ARG M 71 -40.70 42.11 105.76
CA ARG M 71 -39.81 42.86 104.89
C ARG M 71 -38.47 43.16 105.54
N GLY M 72 -38.39 43.16 106.86
CA GLY M 72 -37.13 43.41 107.55
C GLY M 72 -37.07 42.65 108.86
N ILE M 73 -35.85 42.37 109.30
CA ILE M 73 -35.61 41.59 110.52
C ILE M 73 -34.66 42.35 111.45
N PRO M 74 -34.86 42.21 112.78
CA PRO M 74 -35.87 41.44 113.51
C PRO M 74 -37.25 42.07 113.51
N THR M 75 -38.32 41.27 113.42
CA THR M 75 -39.68 41.78 113.31
C THR M 75 -40.47 41.32 114.53
N LEU M 76 -40.85 42.27 115.40
CA LEU M 76 -41.58 41.97 116.63
C LEU M 76 -43.08 42.21 116.43
N LEU M 77 -43.88 41.20 116.73
CA LEU M 77 -45.33 41.25 116.58
C LEU M 77 -46.00 40.91 117.91
N LEU M 78 -46.69 41.88 118.51
CA LEU M 78 -47.38 41.70 119.78
C LEU M 78 -48.79 41.19 119.50
N PHE M 79 -48.97 39.88 119.56
CA PHE M 79 -50.26 39.26 119.31
C PHE M 79 -51.18 39.45 120.53
N LYS M 80 -52.42 39.85 120.26
CA LYS M 80 -53.44 40.00 121.30
C LYS M 80 -54.70 39.26 120.85
N ASN M 81 -54.82 37.99 121.26
CA ASN M 81 -55.97 37.13 120.94
C ASN M 81 -56.11 36.91 119.42
N GLY M 82 -55.08 36.29 118.85
CA GLY M 82 -55.09 35.96 117.44
C GLY M 82 -54.99 37.14 116.49
N GLU M 83 -54.85 38.36 117.00
CA GLU M 83 -54.77 39.55 116.19
C GLU M 83 -53.43 40.24 116.42
N VAL M 84 -52.95 40.95 115.41
CA VAL M 84 -51.71 41.70 115.51
C VAL M 84 -52.03 43.08 116.06
N ALA M 85 -51.61 43.34 117.30
CA ALA M 85 -51.92 44.61 117.94
C ALA M 85 -50.98 45.72 117.46
N ALA M 86 -49.68 45.51 117.61
CA ALA M 86 -48.68 46.47 117.16
C ALA M 86 -47.49 45.73 116.57
N THR M 87 -46.81 46.37 115.61
CA THR M 87 -45.65 45.80 114.94
C THR M 87 -44.49 46.78 114.98
N LYS M 88 -43.29 46.27 115.23
CA LYS M 88 -42.07 47.09 115.26
C LYS M 88 -40.90 46.32 114.67
N VAL M 89 -40.13 47.00 113.82
CA VAL M 89 -39.01 46.39 113.09
C VAL M 89 -37.69 47.01 113.55
N GLY M 90 -36.69 46.17 113.77
CA GLY M 90 -35.35 46.61 114.10
C GLY M 90 -34.94 46.23 115.51
N ALA M 91 -33.64 46.31 115.75
CA ALA M 91 -33.03 45.91 117.02
C ALA M 91 -33.25 47.01 118.05
N LEU M 92 -34.30 46.86 118.86
CA LEU M 92 -34.56 47.79 119.94
C LEU M 92 -33.68 47.47 121.14
N SER M 93 -33.66 48.38 122.11
CA SER M 93 -32.95 48.18 123.35
C SER M 93 -33.92 47.70 124.42
N LYS M 94 -33.39 47.51 125.64
CA LYS M 94 -34.23 47.07 126.74
C LYS M 94 -35.20 48.16 127.17
N GLY M 95 -34.75 49.42 127.18
CA GLY M 95 -35.63 50.53 127.50
C GLY M 95 -36.68 50.80 126.44
N GLN M 96 -36.35 50.56 125.17
CA GLN M 96 -37.30 50.78 124.10
C GLN M 96 -38.34 49.67 124.02
N LEU M 97 -37.92 48.44 124.31
CA LEU M 97 -38.88 47.34 124.39
C LEU M 97 -39.83 47.52 125.58
N LYS M 98 -39.29 47.93 126.72
CA LYS M 98 -40.11 48.20 127.91
C LYS M 98 -41.18 49.25 127.62
N GLU M 99 -40.79 50.37 127.01
CA GLU M 99 -41.75 51.40 126.64
C GLU M 99 -42.80 50.86 125.67
N PHE M 100 -42.38 50.07 124.69
CA PHE M 100 -43.29 49.49 123.72
C PHE M 100 -44.34 48.59 124.37
N LEU M 101 -43.89 47.64 125.19
CA LEU M 101 -44.81 46.65 125.76
C LEU M 101 -45.80 47.29 126.73
N ASP M 102 -45.32 48.17 127.62
CA ASP M 102 -46.20 48.82 128.58
C ASP M 102 -47.24 49.72 127.93
N ALA M 103 -47.00 50.14 126.68
CA ALA M 103 -47.95 51.00 125.97
C ALA M 103 -49.11 50.23 125.35
N ASN M 104 -48.87 48.99 124.89
CA ASN M 104 -49.89 48.22 124.19
C ASN M 104 -50.67 47.26 125.10
N LEU M 105 -50.25 47.07 126.33
CA LEU M 105 -50.94 46.17 127.25
C LEU M 105 -51.92 46.94 128.13
#